data_7YLW
#
_entry.id   7YLW
#
loop_
_entity.id
_entity.type
_entity.pdbx_description
1 polymer 'T-complex protein 1 subunit alpha'
2 polymer 'T-complex protein 1 subunit beta'
3 polymer 'T-complex protein 1 subunit delta'
4 polymer 'T-complex protein 1 subunit epsilon'
5 polymer 'T-complex protein 1 subunit gamma'
6 polymer 'T-complex protein 1 subunit eta'
7 polymer 'T-complex protein 1 subunit theta'
8 polymer 'Tubulin beta chain'
9 polymer 'T-complex protein 1 subunit zeta'
10 polymer 'Phosducin-like protein 2'
11 non-polymer "ADENOSINE-5'-DIPHOSPHATE"
12 non-polymer 'MAGNESIUM ION'
13 non-polymer 'ALUMINUM FLUORIDE'
14 non-polymer "GUANOSINE-5'-TRIPHOSPHATE"
15 water water
#
loop_
_entity_poly.entity_id
_entity_poly.type
_entity_poly.pdbx_seq_one_letter_code
_entity_poly.pdbx_strand_id
1 'polypeptide(L)'
;MSQLFNNSRSDTLFLGGEKISGDDIRNQNVLATMAVANVVKSSLGPVGLDKMLVDDIGDFTVTNDGATILSLLDVQHPAG
KILVELAQQQDREIGDGTTSVVIIASELLKRANELVKNKIHPTTIITGFRVALREAIRFINEVLSTSVDTLGKETLINIA
KTSMSSKIIGADSDFFSNMVVDALLAVKTQNSKGEIKYPVKAVNVLKAHGKSATESLLVPGYALNCTVASQAMPKRIAGG
NVKIACLDLNLQKARMAMGVQINIDDPEQLEQIRKREAGIVLERVKKIIDAGAQVVLTTKGIDDLCLKEFVEAKIMGVRR
CKKEDLRRIARATGATLVSSMSNLEGEETFESSYLGLCDEVVQAKFSDDECILIKGTSKHSSSSIILRGANDYSLDEMER
SLHDSLSVVKRTLESGNVVPGGGCVEAALNIYLDNFATTVGSREQLAIAEFAAALLIIPKTLAVNAAKDSSELVAKLRSY
HAASQMAKPEDVKRRSYRNYGLDLIRGKIVDEIHAGVLEPTISKVKSLKSALEACVAILRIDTMITVDPEPPKEDPHDH
;
A,a
2 'polypeptide(L)'
;MSVQIFGDQVTEERAENARLSAFVGAIAVGDLVKSTLGPKGMDKLLQSASSNTCMVTNDGATILKSIPLDNPAAKVLVNI
SKVQDDEVGDGTTSVTVLSAELLREAEKLIDQSKIHPQTIIEGYRLASAAALDALTKAAVDNSHDKTMFREDLIHIAKTT
LSSKILSQDKDHFAELATNAILRLKGSTNLEHIQIIKILGGKLSDSFLDEGFILAKKFGNNQPKRIENAKILIANTTLDT
DKVKIFGTKFKVDSTAKLAQLEKAEREKMKNKIAKISKFGINTFINRQLIYDYPEQLFTDLGINSIEHADFEGVERLALV
TGGEVVSTFDEPSKCKLGECDVIEEIMLGEQPFLKFSGCKAGEACTIVLRGATDQTLDEAERSLHDALSVLSQTTKETRT
VLGGGCAEMVMSKAVDTEAQNIDGKKSLAVEAFARALRQLPTILADNAGFDSSELVSKLRSSIYNGISTSGLDLNNGTIA
DMRQLGIVESYKLKRAVVSSASEAAEVLLRVDNIIRARPRTANRQHM
;
B,b
3 'polypeptide(L)'
;MSAKVPSNATFKNKEKPQEVRKANIIAARSVADAIRTSLGPKGMDKMIKTSRGEIIISNDGHTILKQMAILHPVARMLVE
VSAAQDSEAGDGTTSVVILTGALLGAAERLLNKGIHPTIIADSFQSAAKRSVDILLEMCHKVSLSDREQLVRAASTSLSS
KIVSQYSSFLAPLAVDSVLKISDENSKNVDLNDIRLVKKVGGTIDDTEMIDGVVLTQTAIKSAGGPTRKEKAKIGLIQFQ
ISPPKPDTENNIIVNDYRQMDKILKEERAYLLNICKKIKKAKCNVLLIQKSILRDAVNDLALHFLSKLNIMVVKDIEREE
IEFLSKGLGCKPIADIELFTEDRLGSADLVEEIDSDGSKIVRVTGIRNNNARPTVSVVIRGANNMIIDETERSLHDALCV
IRCLVKERGLIAGGGAPEIEISRRLSKEARSMEGVQAFIWQEFASALEVIPTTLAENAGLNSIKVVTELRSKHENGELND
GISVRRSGTTNTYEEHILQPVLVSTSAITLASECVKSILRIDDIAFSR
;
D,d
4 'polypeptide(L)'
;MAARPQQPPMEMPDLSNAIVAQDEMGRPFIIVKDQGNKKRQHGLEAKKSHILAARSVASIIKTSLGPRGLDKILISPDGE
ITITNDGATILSQMELDNEIAKLLVQLSKSQDDEIGDGTTGVVVLASALLDQALELIQKGIHPIKIANGFDEAAKLAISK
LEETCDDISASNDELFRDFLLRAAKTSLGSKIVSKDHDRFAEMAVEAVINVMDKDRKDVDFDLIKMQGRVGGSISDSKLI
NGVILDKDFSHPQMPKCVLPKEGSDGVKLAILTCPFEPPKPKTKHKLDISSVEEYQKLQTYEQDKFKEMIDDVKKAGADV
VICQWGFDDEANHLLLQNDLPAVRWVGGQELEHIAISTNGRIVPRFQDLSKDKLGTCSRIYEQEFGTTKDRMLIIEQSKE
TKTVTCFVRGSNKMIVDEAERALHDSLCVVRNLVKDSRVVYGGGAAEVTMSLAVSEEADKQRGIDQYAFRGFAQALDTIP
MTLAENSGLDPIGTLSTLKSKQLKEKISNIGVDCLGYGSNDMKELFVVDPFIGKKQQILLATQLCRMILKIDNVIISGKD
EY
;
E,e
5 'polypeptide(L)'
;MQAPVVFMNASQERTTGRQAQISNITAAKAVADVIRTCLGPKAMLKMLLDPMGGLVLTNDGHAILREIDVAHPAAKSMLE
LSRTQDEEVGDGTTTVIILAGEILAQCAPYLIEKNIHPVIIIQALKKALTDALEVIKQVSKPVDVENDAAMKKLIQASIG
TKYVIHWSEKMCELALDAVKTVRKDLGQTVEGEPNFEIDIKRYVRVEKIPGGDVLDSRVLKGVLLNKDVVHPKMSRHIEN
PRVVLLDCPLEYKKGESQTNIEIEKEEDWNRILQIEEEQVQLMCEQILAVRPTLVITEKGVSDLAQHYLLKGGCSVLRRV
KKSDNNRIARVTGATIVNRVEDLKESDVGTNCGLFKVEMIGDEYFSFLDNCKEPLEGSGSGWSHPQFEKGSGKRRWKKNF
IAVSAANRFKKISSSGALGSGHHHHHHHHGSGLQKACTIMLRGGSKDILNEIDRNLQDAMAVARNVMLSPSLSPGGGATE
MAVSVKLAEKAKQLEGIQQWPYQAVADAMECIPRTLIQNAGGDPIRLLSQLRAKHAQGNFTTGIDGDKGKIVDMVSYGIW
EPEVIKQQSVKTAIESACLLLRVDDIVSGVRKQE
;
G,g
6 'polypeptide(L)'
;MNFGSQTPTIVVLKEGTDASQGKGQIISNINACVAVQEALKPTLGPLGSDILIVTSNQKTTISNDGATILKLLDVVHPAA
KTLVDISRAQDAEVGDGTTSVTILAGELMKEAKPFLEEGISSHLIMKGYRKAVSLAVEKINELAVDITSEKSSGRELLER
CARTAMSSKLIHNNADFFVKMCVDAVLSLDRNDLDDKLIGIKKIPGGAMEESLFINGVAFKKTFSYAGFEQQPKKFNNPK
ILSLNVELELKAEKDNAEVRVEHVEDYQAIVDAEWQLIFEKLRQVEETGANIVLSKLPIGDLATQFFADRNIFCAGRVSA
DDMNRVIQAVGGSIQSTTSDIKPEHLGTCALFEEMQIGSERYNLFQGCPQAKTCTLLLRGGAEQVIAEVERSLHDAIMIV
KRALQNKLIVAGGGATEMEVSKCLRDYSKTIAGKQQMIINAFAKALEVIPRQLCENAGFDAIEILNKLRLAHSKGEKWYG
VVFETENIGDNFAKFVWEPALVKINALNSATEATNLILSVDETITNKGSESANAGMMPPQGAGRGRGMPM
;
H,h
7 'polypeptide(L)'
;MSLRLPQNPNAGLFKQGYNSYSNADGQIIKSIAAIRELHQMCLTSMGPCGRNKIIVNHLGKIIITNDAATMLRELDIVHP
AVKVLVMATEQQKIDMGDGTNLVMILAGELLNVSEKLISMGLSAVEIIQGYNMARKFTLKELDEMVVGEITDKNDKNELL
KMIKPVISSKKYGSEDILSELVSEAVSHVLPVAQQAGEIPYFNVDSIRVVKIMGGSLSNSTVIKGMVFNREPEGHVKSLS
EDKKHKVAVFTCPLDIANTETKGTVLLHNAQEMLDFSKGEEKQIDAMMKEIADMGVECIVAGAGVGELALHYLNRYGILV
LKVPSKFELRRLCRVCGATPLPRLGAPTPEELGLVETVKTMEIGGDRVTVFKQEQGEISRTSTIILRGATQNNLDDIERA
IDDGVAAVKGLMKPSGGKLLPGAGATEIELISRITKYGERTPGLLQLAIKQFAVAFEVVPRTLAETAGLDVNEVLPNLYA
AHNVTEPGAVKTDHLYKGVDIDGESDEGVKDIREENIYDMLATKKFAINVATEAATTVLSIDQIIMAKKAGGPRAPQGPR
PGNWDQED
;
Q,q
8 'polypeptide(L)'
;MREIIHISTGQCGNQIGAAFWETICGEHGLDFNGTYHGHDDIQKERLNVYFNEASSGKWVPRSINVDLEPGTIDAVRNSA
IGNLFRPDNYIFGQSSAGNVWAKGHYTEGAELVDSVMDVIRREAEGCDSLQGFQITHSLGGGTGSGMGTLLISKIREEFP
DRMMATFSVLPSPKTSDTVVEPYNATLSVHQLVEHSDETFCIDNEALYDICQRTLKLNQPSYGDLNNLVSSVMSGVTTSL
RYPGQLNSDLRKLAVNLVPFPRLHFFMVGYAPLTAIGSQSFRSLTVPELTQQMFDAKNMMAAADPRNGRYLTVAAFFRGK
VSVKEVEDEMHKVQSKNSDYFVEWIPNNVQTAVCSVAPQGLDMAATFIANSTSIQELFKRVGDQFSAMFKRKAFLHWYTS
EGMDELEFSEAESNMNDLVSEYQQYQEATVEDDEEVDENGDFGAPQNQDEPITENFE
;
T
9 'polypeptide(L)'
;MSLQLLNPKAESLRRDAALKVNVTSAEGLQSVLETNLGPKGTLKMLVDGAGNIKLTKDGKVLLTEMQIQSPTAVLIARAA
AAQDEITGDGTTTVVCLVGELLRQAHRFIQEGVHPRIITDGFEIARKESMKFLDEFKISKTNLSNDREFLLQVARSSLLT
KVDADLTEVLTPIVTDAVLSVYDAQADNLDLHMVEIMQMQHLSPKDTTFIKGLVLDHGGRHPDMPTRVKNAYVLILNVSL
EYEKTEVNSGFFYSSADQRDKLAASERKFVDAKLKKIIDLKNEVCGMDPDKGFVIINQKGIDPMSLDVFAKHNILALRRA
KRRNMERLQLVTGGEAQNSVEDLSPQILGFSGLVYQETIGEEKFTYVTENTDPKSCTILIKGSTHYALAQTKDAVRDGLR
AVANVLKDKNIIPGAGAFYIALSRYLRSANMNKLGAKGKTKTGIEAFAEALLVIPKTLVKNSGFDPLDVLAMVEDELDDA
QDSDETRYVGVDLNIGDSCDPTIEGIWDSYRVLRNAITGATGIASNLLLCDELLRAGRSTLKETPQ
;
Z,z
10 'polypeptide(L)'
;MQNEPMFQVQVDESEDSEWNDILRAKGVIPERAPSPTAKLEEALEEAIAKQHENRLEDKDLSDLEELEDDEDEDFLEAYK
IKRLNEIRKLQERSKFGEVFHINKPEYNKEVTLASQGKKYEGAQTNDNGEEDDGGVYVFVHLSLQSKLQSRILSHLFQSA
ACKFREIKFVEIPANRAIENYPESNCPTLIVYYRGEVIKNMITLLELGGNNSKMEDFEDFMVKVGAVAEGDNRLIMNRDD
EESREERKLHYGEKKSIRSGIRGKFNVGIGGNDDGNINDDDDGFFD
;
p
#
loop_
_chem_comp.id
_chem_comp.type
_chem_comp.name
_chem_comp.formula
ADP non-polymer ADENOSINE-5'-DIPHOSPHATE 'C10 H15 N5 O10 P2'
AF3 non-polymer 'ALUMINUM FLUORIDE' 'Al F3'
GTP non-polymer GUANOSINE-5'-TRIPHOSPHATE 'C10 H16 N5 O14 P3'
MG non-polymer 'MAGNESIUM ION' 'Mg 2'
#
# COMPACT_ATOMS: atom_id res chain seq x y z
N MET A 1 26.82 9.64 -28.04
CA MET A 1 28.28 9.67 -27.77
C MET A 1 28.60 10.27 -26.39
N SER A 2 27.72 11.14 -25.89
CA SER A 2 27.91 11.77 -24.59
C SER A 2 27.56 10.78 -23.49
N GLN A 3 28.45 10.68 -22.49
CA GLN A 3 28.27 9.84 -21.32
C GLN A 3 28.65 10.63 -20.08
N LEU A 4 28.37 10.05 -18.91
CA LEU A 4 28.76 10.61 -17.61
C LEU A 4 28.19 12.00 -17.39
N PHE A 5 26.90 12.13 -17.11
CA PHE A 5 26.06 13.35 -17.24
C PHE A 5 26.69 14.47 -16.39
N ASN A 6 26.41 15.74 -16.72
CA ASN A 6 27.08 16.85 -16.07
C ASN A 6 26.60 16.97 -14.64
N ASN A 7 27.53 17.32 -13.75
CA ASN A 7 27.24 17.39 -12.32
C ASN A 7 26.42 18.62 -11.99
N SER A 8 25.48 18.47 -11.06
CA SER A 8 24.73 19.62 -10.56
C SER A 8 25.67 20.55 -9.80
N ARG A 9 25.71 21.81 -10.22
CA ARG A 9 26.68 22.77 -9.72
C ARG A 9 26.04 23.63 -8.65
N SER A 10 26.77 23.84 -7.56
CA SER A 10 26.31 24.64 -6.43
C SER A 10 26.68 26.12 -6.54
N ASP A 11 27.71 26.46 -7.32
CA ASP A 11 28.12 27.85 -7.48
C ASP A 11 27.23 28.62 -8.46
N THR A 12 26.62 27.93 -9.43
CA THR A 12 25.73 28.52 -10.43
C THR A 12 24.34 27.93 -10.21
N LEU A 13 23.47 28.70 -9.56
CA LEU A 13 22.10 28.29 -9.22
C LEU A 13 21.13 29.04 -10.12
N PHE A 14 20.58 28.33 -11.11
CA PHE A 14 19.52 28.83 -11.97
C PHE A 14 18.28 27.96 -11.79
N LEU A 15 17.12 28.60 -11.74
CA LEU A 15 15.85 27.90 -11.59
C LEU A 15 15.59 27.05 -12.84
N GLY A 16 14.99 25.89 -12.64
CA GLY A 16 14.64 24.99 -13.73
C GLY A 16 15.71 23.94 -13.97
N GLY A 17 15.98 23.66 -15.25
CA GLY A 17 16.97 22.66 -15.59
C GLY A 17 18.39 23.15 -15.38
N GLU A 18 19.30 22.19 -15.31
CA GLU A 18 20.72 22.49 -15.11
C GLU A 18 21.34 23.00 -16.41
N LYS A 19 22.37 23.83 -16.26
CA LYS A 19 23.12 24.38 -17.39
C LYS A 19 24.23 23.40 -17.74
N ILE A 20 24.50 23.28 -19.04
CA ILE A 20 25.58 22.45 -19.56
C ILE A 20 26.24 23.20 -20.71
N SER A 21 27.57 23.12 -20.79
CA SER A 21 28.38 23.85 -21.76
C SER A 21 29.47 22.95 -22.30
N GLY A 22 30.31 23.52 -23.15
CA GLY A 22 31.42 22.82 -23.77
C GLY A 22 31.06 22.22 -25.10
N ASP A 23 31.90 21.29 -25.54
CA ASP A 23 31.68 20.60 -26.81
C ASP A 23 30.57 19.57 -26.76
N ASP A 24 30.04 19.25 -25.57
CA ASP A 24 28.96 18.26 -25.48
C ASP A 24 27.68 18.76 -26.12
N ILE A 25 27.47 20.08 -26.18
CA ILE A 25 26.24 20.62 -26.77
C ILE A 25 26.23 20.38 -28.27
N ARG A 26 27.30 20.80 -28.96
CA ARG A 26 27.41 20.56 -30.39
C ARG A 26 27.50 19.08 -30.73
N ASN A 27 28.00 18.25 -29.80
CA ASN A 27 27.93 16.80 -29.98
C ASN A 27 26.49 16.31 -29.83
N GLN A 28 25.76 16.85 -28.85
CA GLN A 28 24.37 16.47 -28.68
C GLN A 28 23.49 16.99 -29.80
N ASN A 29 23.80 18.19 -30.31
CA ASN A 29 23.02 18.74 -31.42
C ASN A 29 23.23 17.92 -32.69
N VAL A 30 24.47 17.51 -32.96
CA VAL A 30 24.73 16.63 -34.09
C VAL A 30 24.11 15.27 -33.86
N LEU A 31 24.15 14.76 -32.62
CA LEU A 31 23.53 13.48 -32.32
C LEU A 31 22.02 13.55 -32.49
N ALA A 32 21.41 14.68 -32.14
CA ALA A 32 19.99 14.88 -32.43
C ALA A 32 19.72 14.99 -33.92
N THR A 33 20.69 15.49 -34.70
CA THR A 33 20.51 15.59 -36.13
C THR A 33 20.60 14.23 -36.81
N MET A 34 21.51 13.37 -36.33
CA MET A 34 21.60 12.01 -36.85
C MET A 34 20.38 11.18 -36.50
N ALA A 35 19.66 11.52 -35.43
CA ALA A 35 18.45 10.79 -35.09
C ALA A 35 17.36 11.00 -36.15
N VAL A 36 17.33 12.18 -36.78
CA VAL A 36 16.38 12.48 -37.86
C VAL A 36 16.98 12.28 -39.24
N ALA A 37 18.29 12.44 -39.40
CA ALA A 37 18.91 12.27 -40.70
C ALA A 37 18.95 10.81 -41.14
N ASN A 38 19.18 9.89 -40.20
CA ASN A 38 19.14 8.47 -40.53
C ASN A 38 17.74 8.00 -40.90
N VAL A 39 16.70 8.67 -40.40
CA VAL A 39 15.33 8.30 -40.75
C VAL A 39 15.07 8.57 -42.23
N VAL A 40 15.42 9.78 -42.69
CA VAL A 40 15.18 10.18 -44.08
C VAL A 40 16.28 9.75 -45.04
N LYS A 41 17.37 9.16 -44.55
CA LYS A 41 18.47 8.80 -45.45
C LYS A 41 18.10 7.63 -46.36
N SER A 42 17.26 6.71 -45.88
CA SER A 42 16.94 5.50 -46.64
C SER A 42 15.91 5.73 -47.73
N SER A 43 15.03 6.73 -47.58
CA SER A 43 13.92 6.95 -48.51
C SER A 43 14.26 7.99 -49.58
N LEU A 44 15.53 8.05 -50.00
CA LEU A 44 16.01 9.00 -50.99
C LEU A 44 16.16 8.31 -52.34
N GLY A 45 15.63 8.94 -53.39
CA GLY A 45 15.84 8.48 -54.74
C GLY A 45 14.86 7.38 -55.16
N PRO A 46 14.98 6.91 -56.40
CA PRO A 46 14.14 5.78 -56.83
C PRO A 46 14.41 4.50 -56.07
N VAL A 47 15.68 4.14 -55.86
CA VAL A 47 16.03 2.94 -55.11
C VAL A 47 15.73 3.06 -53.62
N GLY A 48 15.53 4.28 -53.11
CA GLY A 48 15.23 4.45 -51.70
C GLY A 48 13.89 3.86 -51.32
N LEU A 49 13.81 3.43 -50.06
CA LEU A 49 12.64 2.78 -49.48
C LEU A 49 12.23 3.53 -48.22
N ASP A 50 10.93 3.59 -47.98
CA ASP A 50 10.33 4.37 -46.90
C ASP A 50 9.87 3.45 -45.78
N LYS A 51 9.32 4.06 -44.72
CA LYS A 51 8.91 3.38 -43.50
C LYS A 51 7.49 3.80 -43.14
N MET A 52 6.95 3.16 -42.10
CA MET A 52 5.59 3.37 -41.62
C MET A 52 5.62 3.95 -40.22
N LEU A 53 4.59 4.74 -39.89
CA LEU A 53 4.44 5.35 -38.57
C LEU A 53 2.99 5.21 -38.14
N VAL A 54 2.77 4.55 -37.01
CA VAL A 54 1.43 4.34 -36.48
C VAL A 54 1.01 5.57 -35.68
N ASP A 55 -0.31 5.81 -35.64
CA ASP A 55 -0.91 6.94 -34.91
C ASP A 55 -1.50 6.53 -33.56
N ASP A 56 -1.13 5.35 -33.03
CA ASP A 56 -1.57 4.87 -31.72
C ASP A 56 -3.09 4.65 -31.61
N ILE A 57 -3.80 4.58 -32.73
CA ILE A 57 -5.24 4.29 -32.75
C ILE A 57 -5.57 3.26 -33.82
N GLY A 58 -4.57 2.49 -34.27
CA GLY A 58 -4.70 1.58 -35.39
C GLY A 58 -4.32 2.18 -36.72
N ASP A 59 -4.55 3.48 -36.89
CA ASP A 59 -4.20 4.15 -38.14
C ASP A 59 -2.69 4.32 -38.24
N PHE A 60 -2.20 4.44 -39.48
CA PHE A 60 -0.80 4.65 -39.76
C PHE A 60 -0.67 5.46 -41.04
N THR A 61 0.58 5.79 -41.40
CA THR A 61 0.86 6.63 -42.55
C THR A 61 2.20 6.20 -43.15
N VAL A 62 2.15 5.67 -44.37
CA VAL A 62 3.34 5.31 -45.14
C VAL A 62 3.72 6.54 -45.97
N THR A 63 4.82 7.18 -45.59
CA THR A 63 5.18 8.52 -46.06
C THR A 63 6.53 8.48 -46.76
N ASN A 64 6.60 9.10 -47.94
CA ASN A 64 7.84 9.31 -48.68
C ASN A 64 8.41 10.71 -48.49
N ASP A 65 7.56 11.70 -48.26
CA ASP A 65 7.99 13.10 -48.20
C ASP A 65 8.72 13.37 -46.89
N GLY A 66 9.71 14.26 -46.93
CA GLY A 66 10.44 14.62 -45.74
C GLY A 66 9.64 15.52 -44.80
N ALA A 67 8.76 16.35 -45.38
CA ALA A 67 7.94 17.23 -44.55
C ALA A 67 6.90 16.45 -43.78
N THR A 68 6.33 15.41 -44.38
CA THR A 68 5.28 14.64 -43.73
C THR A 68 5.86 13.74 -42.65
N ILE A 69 6.99 13.08 -42.93
CA ILE A 69 7.57 12.15 -41.97
C ILE A 69 8.11 12.89 -40.75
N LEU A 70 8.60 14.11 -40.92
CA LEU A 70 9.05 14.94 -39.81
C LEU A 70 7.91 15.66 -39.10
N SER A 71 6.78 15.88 -39.77
CA SER A 71 5.64 16.52 -39.12
C SER A 71 5.07 15.61 -38.03
N LEU A 72 4.94 14.31 -38.33
CA LEU A 72 4.48 13.35 -37.34
C LEU A 72 5.52 13.03 -36.28
N LEU A 73 6.80 13.22 -36.57
CA LEU A 73 7.87 13.04 -35.58
C LEU A 73 8.02 14.34 -34.81
N ASP A 74 7.25 14.48 -33.74
CA ASP A 74 7.34 15.66 -32.88
C ASP A 74 8.63 15.59 -32.07
N VAL A 75 9.63 16.36 -32.50
CA VAL A 75 10.96 16.32 -31.90
C VAL A 75 10.97 17.22 -30.67
N GLN A 76 11.22 16.63 -29.51
CA GLN A 76 11.31 17.41 -28.27
C GLN A 76 12.60 18.22 -28.18
N HIS A 77 13.66 17.79 -28.87
CA HIS A 77 14.93 18.50 -28.78
C HIS A 77 14.81 19.84 -29.52
N PRO A 78 15.48 20.92 -29.05
CA PRO A 78 15.35 22.20 -29.77
C PRO A 78 16.01 22.21 -31.13
N ALA A 79 17.18 21.61 -31.28
CA ALA A 79 17.90 21.65 -32.55
C ALA A 79 17.16 20.90 -33.66
N GLY A 80 16.47 19.82 -33.31
CA GLY A 80 15.70 19.09 -34.30
C GLY A 80 14.48 19.83 -34.80
N LYS A 81 13.88 20.68 -33.97
CA LYS A 81 12.73 21.46 -34.39
C LYS A 81 13.06 22.46 -35.49
N ILE A 82 14.32 22.88 -35.62
CA ILE A 82 14.70 23.77 -36.70
C ILE A 82 14.56 23.05 -38.04
N LEU A 83 15.05 21.81 -38.13
CA LEU A 83 14.93 21.06 -39.37
C LEU A 83 13.50 20.60 -39.63
N VAL A 84 12.71 20.38 -38.58
CA VAL A 84 11.32 20.00 -38.76
C VAL A 84 10.55 21.15 -39.39
N GLU A 85 10.74 22.36 -38.88
CA GLU A 85 10.08 23.54 -39.45
C GLU A 85 10.68 23.94 -40.80
N LEU A 86 11.92 23.56 -41.07
CA LEU A 86 12.51 23.87 -42.38
C LEU A 86 11.83 23.06 -43.48
N ALA A 87 11.56 21.78 -43.21
CA ALA A 87 10.86 20.96 -44.19
C ALA A 87 9.43 21.45 -44.41
N GLN A 88 8.78 21.94 -43.35
CA GLN A 88 7.47 22.56 -43.51
C GLN A 88 7.57 23.87 -44.28
N GLN A 89 8.72 24.56 -44.20
CA GLN A 89 8.97 25.73 -45.03
C GLN A 89 9.35 25.33 -46.45
N GLN A 90 10.05 24.19 -46.60
CA GLN A 90 10.53 23.79 -47.92
C GLN A 90 9.38 23.33 -48.80
N ASP A 91 8.52 22.45 -48.30
CA ASP A 91 7.46 21.87 -49.12
C ASP A 91 6.40 22.89 -49.50
N ARG A 92 6.17 23.89 -48.66
CA ARG A 92 5.17 24.92 -48.99
C ARG A 92 5.68 25.86 -50.06
N GLU A 93 6.97 26.19 -50.03
CA GLU A 93 7.54 27.14 -50.99
C GLU A 93 7.75 26.47 -52.35
N ILE A 94 8.58 25.44 -52.39
CA ILE A 94 9.05 24.83 -53.64
C ILE A 94 8.43 23.46 -53.89
N GLY A 95 8.20 22.65 -52.85
CA GLY A 95 7.63 21.34 -53.04
C GLY A 95 8.58 20.31 -53.62
N ASP A 96 9.88 20.48 -53.45
CA ASP A 96 10.87 19.58 -54.02
C ASP A 96 12.17 19.69 -53.22
N GLY A 97 12.90 18.59 -53.16
CA GLY A 97 14.14 18.58 -52.41
C GLY A 97 13.99 18.65 -50.92
N THR A 98 12.86 18.16 -50.38
CA THR A 98 12.63 18.21 -48.95
C THR A 98 13.55 17.21 -48.22
N THR A 99 13.85 16.08 -48.85
CA THR A 99 14.75 15.10 -48.26
C THR A 99 16.21 15.53 -48.37
N SER A 100 16.56 16.17 -49.49
CA SER A 100 17.96 16.54 -49.72
C SER A 100 18.38 17.71 -48.84
N VAL A 101 17.49 18.67 -48.58
CA VAL A 101 17.86 19.84 -47.79
C VAL A 101 18.12 19.45 -46.33
N VAL A 102 17.42 18.43 -45.83
CA VAL A 102 17.70 17.93 -44.48
C VAL A 102 19.00 17.13 -44.49
N ILE A 103 19.26 16.39 -45.57
CA ILE A 103 20.48 15.59 -45.65
C ILE A 103 21.69 16.50 -45.84
N ILE A 104 21.52 17.61 -46.58
CA ILE A 104 22.60 18.57 -46.73
C ILE A 104 22.92 19.23 -45.41
N ALA A 105 21.88 19.62 -44.66
CA ALA A 105 22.08 20.28 -43.37
C ALA A 105 22.71 19.33 -42.35
N SER A 106 22.38 18.05 -42.40
CA SER A 106 22.97 17.08 -41.48
C SER A 106 24.44 16.88 -41.76
N GLU A 107 24.81 16.78 -43.05
CA GLU A 107 26.22 16.62 -43.41
C GLU A 107 27.02 17.88 -43.10
N LEU A 108 26.40 19.06 -43.21
CA LEU A 108 27.10 20.29 -42.87
C LEU A 108 27.40 20.35 -41.38
N LEU A 109 26.42 20.01 -40.53
CA LEU A 109 26.64 20.03 -39.08
C LEU A 109 27.63 18.95 -38.65
N LYS A 110 27.72 17.85 -39.41
CA LYS A 110 28.75 16.84 -39.14
C LYS A 110 30.14 17.43 -39.32
N ARG A 111 30.43 17.93 -40.53
CA ARG A 111 31.75 18.44 -40.83
C ARG A 111 32.03 19.78 -40.16
N ALA A 112 30.99 20.58 -39.89
CA ALA A 112 31.19 21.82 -39.14
C ALA A 112 31.63 21.54 -37.72
N ASN A 113 31.04 20.52 -37.08
CA ASN A 113 31.48 20.14 -35.74
C ASN A 113 32.89 19.57 -35.76
N GLU A 114 33.27 18.87 -36.84
CA GLU A 114 34.64 18.39 -36.97
C GLU A 114 35.61 19.55 -37.15
N LEU A 115 35.20 20.61 -37.84
CA LEU A 115 36.06 21.77 -38.03
C LEU A 115 36.21 22.58 -36.75
N VAL A 116 35.16 22.64 -35.91
CA VAL A 116 35.28 23.32 -34.63
C VAL A 116 36.26 22.57 -33.73
N LYS A 117 36.27 21.24 -33.81
CA LYS A 117 37.26 20.46 -33.09
C LYS A 117 38.66 20.62 -33.67
N ASN A 118 38.79 21.03 -34.94
CA ASN A 118 40.07 21.37 -35.54
C ASN A 118 40.55 22.79 -35.19
N LYS A 119 39.86 23.50 -34.28
CA LYS A 119 40.32 24.76 -33.71
C LYS A 119 40.35 25.91 -34.72
N ILE A 120 39.30 26.01 -35.57
CA ILE A 120 38.99 27.22 -36.32
C ILE A 120 37.64 27.73 -35.85
N HIS A 121 37.47 29.07 -35.84
CA HIS A 121 36.28 29.62 -35.22
C HIS A 121 35.06 29.38 -36.10
N PRO A 122 33.84 29.29 -35.54
CA PRO A 122 32.66 29.14 -36.43
C PRO A 122 32.40 30.35 -37.31
N THR A 123 32.83 31.55 -36.90
CA THR A 123 32.64 32.73 -37.73
C THR A 123 33.43 32.64 -39.02
N THR A 124 34.65 32.11 -38.97
CA THR A 124 35.42 31.88 -40.19
C THR A 124 34.82 30.75 -41.01
N ILE A 125 34.21 29.76 -40.34
CA ILE A 125 33.58 28.66 -41.05
C ILE A 125 32.34 29.15 -41.79
N ILE A 126 31.56 30.02 -41.15
CA ILE A 126 30.36 30.54 -41.79
C ILE A 126 30.73 31.47 -42.95
N THR A 127 31.81 32.23 -42.80
CA THR A 127 32.28 33.08 -43.90
C THR A 127 32.77 32.23 -45.06
N GLY A 128 33.33 31.06 -44.78
CA GLY A 128 33.77 30.18 -45.84
C GLY A 128 32.61 29.58 -46.63
N PHE A 129 31.48 29.32 -45.95
CA PHE A 129 30.32 28.77 -46.63
C PHE A 129 29.61 29.83 -47.46
N ARG A 130 29.54 31.07 -46.97
CA ARG A 130 28.82 32.11 -47.68
C ARG A 130 29.54 32.53 -48.96
N VAL A 131 30.86 32.69 -48.91
CA VAL A 131 31.62 32.99 -50.13
C VAL A 131 31.58 31.81 -51.09
N ALA A 132 31.51 30.58 -50.55
CA ALA A 132 31.42 29.41 -51.41
C ALA A 132 30.04 29.30 -52.06
N LEU A 133 28.99 29.60 -51.30
CA LEU A 133 27.64 29.52 -51.85
C LEU A 133 27.38 30.63 -52.86
N ARG A 134 27.98 31.80 -52.66
CA ARG A 134 27.84 32.89 -53.63
C ARG A 134 28.48 32.52 -54.96
N GLU A 135 29.58 31.77 -54.92
CA GLU A 135 30.17 31.23 -56.15
C GLU A 135 29.39 30.05 -56.69
N ALA A 136 28.71 29.30 -55.80
CA ALA A 136 27.92 28.16 -56.26
C ALA A 136 26.72 28.61 -57.07
N ILE A 137 26.00 29.63 -56.59
CA ILE A 137 24.86 30.17 -57.33
C ILE A 137 25.33 30.80 -58.64
N ARG A 138 26.52 31.40 -58.62
CA ARG A 138 27.10 31.91 -59.87
C ARG A 138 27.43 30.76 -60.82
N PHE A 139 27.83 29.61 -60.29
CA PHE A 139 28.10 28.45 -61.14
C PHE A 139 26.82 27.78 -61.61
N ILE A 140 25.75 27.86 -60.83
CA ILE A 140 24.46 27.30 -61.25
C ILE A 140 23.95 28.08 -62.47
N ASN A 141 24.20 29.39 -62.51
CA ASN A 141 23.81 30.19 -63.66
C ASN A 141 24.58 29.80 -64.92
N GLU A 142 25.81 29.29 -64.76
CA GLU A 142 26.62 28.92 -65.91
C GLU A 142 26.11 27.64 -66.57
N VAL A 143 25.64 26.68 -65.78
CA VAL A 143 25.28 25.35 -66.26
C VAL A 143 23.79 25.27 -66.62
N LEU A 144 23.12 26.40 -66.81
CA LEU A 144 21.73 26.39 -67.23
C LEU A 144 21.63 25.90 -68.67
N SER A 145 20.44 25.42 -69.04
CA SER A 145 20.16 24.91 -70.38
C SER A 145 18.73 25.29 -70.74
N THR A 146 18.59 26.07 -71.82
CA THR A 146 17.29 26.51 -72.31
C THR A 146 16.69 25.42 -73.19
N SER A 147 15.40 25.13 -72.99
CA SER A 147 14.72 24.14 -73.79
C SER A 147 14.55 24.65 -75.21
N VAL A 148 15.08 23.88 -76.18
CA VAL A 148 15.02 24.27 -77.59
C VAL A 148 15.14 23.01 -78.43
N ASP A 149 14.48 23.02 -79.59
CA ASP A 149 14.48 21.89 -80.53
C ASP A 149 13.90 20.64 -79.88
N THR A 150 12.79 20.81 -79.15
CA THR A 150 12.08 19.73 -78.48
C THR A 150 10.69 19.59 -79.08
N LEU A 151 10.31 18.34 -79.37
CA LEU A 151 9.05 18.04 -80.05
C LEU A 151 7.92 18.00 -79.02
N GLY A 152 7.05 19.01 -79.05
CA GLY A 152 5.87 19.02 -78.22
C GLY A 152 6.16 19.20 -76.74
N LYS A 153 5.45 18.44 -75.92
CA LYS A 153 5.52 18.56 -74.46
C LYS A 153 6.50 17.57 -73.85
N GLU A 154 7.56 17.20 -74.58
CA GLU A 154 8.49 16.20 -74.09
C GLU A 154 9.32 16.71 -72.92
N THR A 155 9.66 18.00 -72.93
CA THR A 155 10.47 18.56 -71.84
C THR A 155 9.67 18.60 -70.54
N LEU A 156 8.35 18.80 -70.63
CA LEU A 156 7.51 18.79 -69.44
C LEU A 156 7.20 17.35 -68.99
N ILE A 157 7.23 16.39 -69.93
CA ILE A 157 6.96 15.00 -69.58
C ILE A 157 8.14 14.41 -68.80
N ASN A 158 9.33 14.42 -69.42
CA ASN A 158 10.50 13.77 -68.82
C ASN A 158 10.96 14.43 -67.53
N ILE A 159 10.74 15.74 -67.37
CA ILE A 159 11.08 16.40 -66.11
C ILE A 159 10.12 16.01 -64.99
N ALA A 160 8.88 15.65 -65.33
CA ALA A 160 7.94 15.16 -64.32
C ALA A 160 8.31 13.77 -63.85
N LYS A 161 8.95 12.96 -64.70
CA LYS A 161 9.37 11.62 -64.31
C LYS A 161 10.39 11.65 -63.18
N THR A 162 11.22 12.69 -63.11
CA THR A 162 12.18 12.80 -62.02
C THR A 162 11.47 13.01 -60.69
N SER A 163 10.45 13.86 -60.67
CA SER A 163 9.63 14.05 -59.47
C SER A 163 8.68 12.90 -59.22
N MET A 164 8.18 12.27 -60.29
CA MET A 164 7.29 11.11 -60.13
C MET A 164 8.03 9.91 -59.56
N SER A 165 9.34 9.81 -59.76
CA SER A 165 10.11 8.70 -59.22
C SER A 165 10.22 8.84 -57.70
N SER A 166 10.85 7.84 -57.08
CA SER A 166 10.95 7.71 -55.63
C SER A 166 9.60 7.57 -54.95
N LYS A 167 8.59 7.03 -55.65
CA LYS A 167 7.24 6.83 -55.16
C LYS A 167 6.78 5.44 -55.59
N ILE A 168 5.54 5.09 -55.21
CA ILE A 168 4.94 3.85 -55.69
C ILE A 168 4.49 3.97 -57.15
N ILE A 169 4.16 5.18 -57.62
CA ILE A 169 3.62 5.39 -58.95
C ILE A 169 4.72 5.76 -59.96
N GLY A 170 5.99 5.52 -59.64
CA GLY A 170 7.05 5.76 -60.60
C GLY A 170 7.04 4.78 -61.76
N ALA A 171 6.55 3.56 -61.54
CA ALA A 171 6.43 2.60 -62.64
C ALA A 171 5.38 3.05 -63.64
N ASP A 172 4.30 3.67 -63.16
CA ASP A 172 3.24 4.22 -64.01
C ASP A 172 3.52 5.67 -64.42
N SER A 173 4.78 6.11 -64.38
CA SER A 173 5.09 7.50 -64.73
C SER A 173 4.82 7.79 -66.21
N ASP A 174 4.86 6.76 -67.05
CA ASP A 174 4.55 6.95 -68.47
C ASP A 174 3.09 7.38 -68.67
N PHE A 175 2.18 6.91 -67.80
CA PHE A 175 0.77 7.26 -67.90
C PHE A 175 0.42 8.55 -67.17
N PHE A 176 1.00 8.77 -65.99
CA PHE A 176 0.68 9.95 -65.20
C PHE A 176 1.39 11.22 -65.66
N SER A 177 2.49 11.09 -66.40
CA SER A 177 3.22 12.28 -66.83
C SER A 177 2.42 13.09 -67.85
N ASN A 178 1.61 12.41 -68.68
CA ASN A 178 0.81 13.13 -69.67
C ASN A 178 -0.30 13.92 -68.98
N MET A 179 -1.11 13.27 -68.14
CA MET A 179 -2.23 13.94 -67.49
C MET A 179 -1.79 15.01 -66.50
N VAL A 180 -0.62 14.87 -65.88
CA VAL A 180 -0.14 15.89 -64.95
C VAL A 180 0.22 17.16 -65.70
N VAL A 181 0.87 17.02 -66.86
CA VAL A 181 1.21 18.18 -67.67
C VAL A 181 -0.05 18.79 -68.27
N ASP A 182 -0.98 17.95 -68.75
CA ASP A 182 -2.23 18.43 -69.30
C ASP A 182 -3.11 19.10 -68.25
N ALA A 183 -2.96 18.74 -66.97
CA ALA A 183 -3.79 19.34 -65.93
C ALA A 183 -3.41 20.78 -65.67
N LEU A 184 -2.10 21.07 -65.58
CA LEU A 184 -1.65 22.43 -65.30
C LEU A 184 -1.87 23.39 -66.47
N LEU A 185 -1.82 22.90 -67.71
CA LEU A 185 -2.16 23.71 -68.87
C LEU A 185 -3.66 24.00 -68.96
N ALA A 186 -4.51 23.24 -68.27
CA ALA A 186 -5.95 23.48 -68.26
C ALA A 186 -6.36 24.57 -67.29
N VAL A 187 -5.59 24.81 -66.23
CA VAL A 187 -5.91 25.82 -65.22
C VAL A 187 -5.07 27.10 -65.42
N LYS A 188 -4.60 27.35 -66.64
CA LYS A 188 -3.83 28.55 -66.91
C LYS A 188 -4.71 29.78 -66.80
N THR A 189 -4.14 30.67 -65.95
CA THR A 189 -4.83 31.89 -65.62
C THR A 189 -3.84 33.02 -65.60
N GLN A 190 -4.29 34.22 -65.91
CA GLN A 190 -3.43 35.39 -65.93
C GLN A 190 -3.83 36.20 -64.76
N ASN A 191 -2.90 36.50 -63.89
CA ASN A 191 -3.27 37.18 -62.70
C ASN A 191 -2.23 38.21 -62.40
N SER A 192 -2.57 39.17 -61.56
CA SER A 192 -1.59 40.16 -61.15
C SER A 192 -0.94 40.84 -62.32
N LYS A 193 -1.76 41.36 -63.20
CA LYS A 193 -1.22 42.08 -64.33
C LYS A 193 -0.27 41.31 -65.20
N GLY A 194 -0.74 40.23 -65.78
CA GLY A 194 0.07 39.52 -66.75
C GLY A 194 0.88 38.38 -66.23
N GLU A 195 0.71 38.02 -64.99
CA GLU A 195 1.55 36.98 -64.49
C GLU A 195 0.81 35.70 -64.67
N ILE A 196 1.36 34.82 -65.48
CA ILE A 196 0.74 33.56 -65.66
C ILE A 196 1.27 32.71 -64.57
N LYS A 197 0.44 32.40 -63.60
CA LYS A 197 0.87 31.51 -62.58
C LYS A 197 -0.05 30.35 -62.65
N TYR A 198 0.48 29.18 -62.91
CA TYR A 198 -0.33 28.04 -62.88
C TYR A 198 -0.56 27.80 -61.41
N PRO A 199 -1.73 27.32 -61.00
CA PRO A 199 -2.03 27.02 -59.60
C PRO A 199 -2.39 25.57 -59.36
N VAL A 200 -2.48 25.14 -58.09
CA VAL A 200 -2.87 23.76 -57.69
C VAL A 200 -3.82 23.96 -56.55
N LYS A 201 -4.43 22.88 -56.03
CA LYS A 201 -5.50 22.97 -55.00
C LYS A 201 -6.57 23.47 -55.92
N ALA A 202 -6.30 23.38 -57.22
CA ALA A 202 -7.20 23.85 -58.21
C ALA A 202 -7.39 22.56 -58.89
N VAL A 203 -6.34 21.70 -58.86
CA VAL A 203 -6.65 20.45 -59.44
C VAL A 203 -7.08 19.66 -58.23
N ASN A 204 -7.97 18.69 -58.36
CA ASN A 204 -8.48 18.00 -57.18
C ASN A 204 -8.04 16.53 -56.95
N VAL A 205 -8.31 15.97 -55.77
CA VAL A 205 -7.94 14.58 -55.56
C VAL A 205 -9.10 13.89 -54.86
N LEU A 206 -9.58 12.80 -55.46
CA LEU A 206 -10.71 12.01 -54.97
C LEU A 206 -10.23 10.61 -54.67
N LYS A 207 -10.49 10.16 -53.45
CA LYS A 207 -10.01 8.87 -52.96
C LYS A 207 -11.06 7.83 -53.32
N ALA A 208 -10.78 7.07 -54.39
CA ALA A 208 -11.66 6.02 -54.89
C ALA A 208 -10.82 4.77 -55.11
N HIS A 209 -10.61 3.98 -54.05
CA HIS A 209 -9.99 2.67 -54.17
C HIS A 209 -10.84 1.80 -55.08
N GLY A 210 -10.20 1.06 -55.97
CA GLY A 210 -10.91 0.35 -57.01
C GLY A 210 -9.99 -0.38 -57.96
N LYS A 211 -10.17 -0.09 -59.25
CA LYS A 211 -9.64 -0.89 -60.37
C LYS A 211 -8.11 -0.90 -60.34
N SER A 212 -7.43 0.22 -60.58
CA SER A 212 -5.97 0.27 -60.62
C SER A 212 -5.53 1.70 -60.86
N ALA A 213 -4.24 1.96 -60.64
CA ALA A 213 -3.65 3.25 -60.97
C ALA A 213 -3.44 3.45 -62.47
N THR A 214 -3.35 2.36 -63.24
CA THR A 214 -3.12 2.49 -64.68
C THR A 214 -4.33 3.10 -65.38
N GLU A 215 -5.54 2.76 -64.94
CA GLU A 215 -6.79 3.20 -65.56
C GLU A 215 -7.34 4.47 -64.93
N SER A 216 -6.48 5.34 -64.40
CA SER A 216 -6.94 6.62 -63.87
C SER A 216 -7.44 7.50 -65.01
N LEU A 217 -8.71 7.89 -64.93
CA LEU A 217 -9.38 8.64 -65.99
C LEU A 217 -9.17 10.13 -65.77
N LEU A 218 -8.66 10.81 -66.79
CA LEU A 218 -8.53 12.26 -66.79
C LEU A 218 -9.82 12.87 -67.31
N VAL A 219 -10.64 13.38 -66.39
CA VAL A 219 -11.90 14.05 -66.76
C VAL A 219 -11.56 15.50 -67.10
N PRO A 220 -11.68 15.92 -68.39
CA PRO A 220 -11.32 17.32 -68.70
C PRO A 220 -12.34 18.31 -68.15
N GLY A 221 -12.22 18.60 -66.87
CA GLY A 221 -13.14 19.53 -66.23
C GLY A 221 -13.03 19.43 -64.72
N TYR A 222 -13.96 20.10 -64.05
CA TYR A 222 -13.97 20.17 -62.59
C TYR A 222 -14.75 19.00 -62.01
N ALA A 223 -14.27 18.51 -60.87
CA ALA A 223 -14.91 17.43 -60.12
C ALA A 223 -15.11 17.88 -58.68
N LEU A 224 -16.22 17.45 -58.08
CA LEU A 224 -16.60 17.84 -56.73
C LEU A 224 -17.17 16.62 -56.00
N ASN A 225 -16.72 16.42 -54.76
CA ASN A 225 -17.14 15.30 -53.93
C ASN A 225 -18.28 15.78 -53.04
N CYS A 226 -19.50 15.49 -53.45
CA CYS A 226 -20.70 15.88 -52.72
C CYS A 226 -21.81 14.87 -52.98
N THR A 227 -22.65 14.68 -51.97
CA THR A 227 -23.80 13.80 -52.03
C THR A 227 -25.01 14.57 -52.54
N VAL A 228 -25.88 13.87 -53.25
CA VAL A 228 -27.11 14.47 -53.77
C VAL A 228 -28.03 14.82 -52.60
N ALA A 229 -28.75 15.93 -52.74
CA ALA A 229 -29.67 16.35 -51.69
C ALA A 229 -30.85 15.39 -51.57
N SER A 230 -31.61 15.26 -52.66
CA SER A 230 -32.74 14.34 -52.75
C SER A 230 -32.44 13.29 -53.81
N GLN A 231 -32.71 12.03 -53.48
CA GLN A 231 -32.43 10.92 -54.39
C GLN A 231 -33.37 10.86 -55.58
N ALA A 232 -34.51 11.56 -55.54
CA ALA A 232 -35.42 11.62 -56.67
C ALA A 232 -34.94 12.54 -57.79
N MET A 233 -33.91 13.35 -57.56
CA MET A 233 -33.44 14.27 -58.58
C MET A 233 -32.76 13.49 -59.72
N PRO A 234 -32.69 14.07 -60.92
CA PRO A 234 -32.03 13.35 -62.02
C PRO A 234 -30.51 13.44 -61.91
N LYS A 235 -29.85 12.31 -62.13
CA LYS A 235 -28.40 12.21 -62.03
C LYS A 235 -27.67 12.54 -63.33
N ARG A 236 -28.39 12.90 -64.40
CA ARG A 236 -27.77 13.25 -65.67
C ARG A 236 -28.63 14.30 -66.36
N ILE A 237 -28.05 15.47 -66.60
CA ILE A 237 -28.72 16.58 -67.28
C ILE A 237 -28.27 16.57 -68.73
N ALA A 238 -29.21 16.33 -69.63
CA ALA A 238 -28.94 16.28 -71.06
C ALA A 238 -29.02 17.67 -71.68
N GLY A 239 -28.43 17.81 -72.85
CA GLY A 239 -28.44 19.07 -73.58
C GLY A 239 -27.26 19.95 -73.19
N GLY A 240 -26.73 20.65 -74.18
CA GLY A 240 -25.61 21.54 -73.94
C GLY A 240 -26.02 22.86 -73.33
N ASN A 241 -25.01 23.66 -72.99
CA ASN A 241 -25.18 24.98 -72.38
C ASN A 241 -25.94 24.87 -71.06
N VAL A 242 -25.42 24.01 -70.18
CA VAL A 242 -25.99 23.82 -68.85
C VAL A 242 -25.54 24.99 -67.97
N LYS A 243 -26.50 25.71 -67.39
CA LYS A 243 -26.22 26.87 -66.58
C LYS A 243 -26.01 26.47 -65.12
N ILE A 244 -24.90 26.94 -64.54
CA ILE A 244 -24.50 26.64 -63.17
C ILE A 244 -24.63 27.92 -62.36
N ALA A 245 -25.31 27.83 -61.22
CA ALA A 245 -25.53 28.95 -60.32
C ALA A 245 -24.78 28.69 -59.01
N CYS A 246 -23.73 29.48 -58.76
CA CYS A 246 -22.93 29.39 -57.54
C CYS A 246 -23.46 30.41 -56.53
N LEU A 247 -23.70 29.95 -55.31
CA LEU A 247 -24.26 30.77 -54.23
C LEU A 247 -23.57 30.43 -52.93
N ASP A 248 -23.82 31.29 -51.96
CA ASP A 248 -23.29 31.12 -50.62
C ASP A 248 -24.48 31.30 -49.73
N LEU A 249 -25.63 31.54 -50.33
CA LEU A 249 -26.81 31.76 -49.57
C LEU A 249 -27.33 30.58 -48.87
N ASN A 250 -28.06 30.79 -47.77
CA ASN A 250 -28.68 29.68 -47.06
C ASN A 250 -30.15 29.52 -47.45
N LEU A 251 -30.51 28.34 -47.93
CA LEU A 251 -31.90 28.09 -48.33
C LEU A 251 -32.72 27.46 -47.20
N GLN A 252 -32.10 27.30 -46.04
CA GLN A 252 -32.82 26.76 -44.89
C GLN A 252 -33.88 27.74 -44.42
N LYS A 253 -34.97 27.23 -43.83
CA LYS A 253 -36.05 28.11 -43.29
C LYS A 253 -35.58 29.37 -42.58
N ALA A 254 -36.03 30.55 -43.00
CA ALA A 254 -35.62 31.83 -42.41
C ALA A 254 -36.04 32.12 -41.01
N ARG A 255 -35.20 32.82 -40.27
CA ARG A 255 -35.50 33.16 -38.89
C ARG A 255 -35.05 34.54 -38.90
N MET A 256 -35.77 35.39 -38.21
CA MET A 256 -35.43 36.78 -38.26
C MET A 256 -34.23 37.06 -37.36
N ALA A 257 -33.58 38.19 -37.47
CA ALA A 257 -32.35 38.47 -36.71
C ALA A 257 -32.48 38.50 -35.20
N MET A 258 -31.43 38.19 -34.49
CA MET A 258 -31.50 38.07 -33.04
C MET A 258 -32.25 39.10 -32.27
N GLY A 259 -31.80 40.32 -32.30
CA GLY A 259 -32.41 41.39 -31.53
C GLY A 259 -33.88 41.65 -31.81
N VAL A 260 -34.58 40.68 -32.39
CA VAL A 260 -36.00 40.79 -32.72
C VAL A 260 -36.78 39.87 -31.78
N GLN A 261 -37.71 40.45 -31.02
CA GLN A 261 -38.63 39.73 -30.15
C GLN A 261 -40.05 40.09 -30.58
N ILE A 262 -40.74 39.15 -31.21
CA ILE A 262 -42.10 39.37 -31.70
C ILE A 262 -43.02 39.46 -30.50
N ASN A 263 -43.92 40.44 -30.50
CA ASN A 263 -44.95 40.60 -29.48
C ASN A 263 -46.21 41.13 -30.15
N ILE A 264 -47.29 40.33 -30.12
CA ILE A 264 -48.54 40.65 -30.79
C ILE A 264 -49.70 40.51 -29.81
N ASP A 265 -50.71 41.35 -29.98
CA ASP A 265 -51.94 41.30 -29.20
C ASP A 265 -53.06 40.54 -29.90
N ASP A 266 -53.01 40.42 -31.23
CA ASP A 266 -54.07 39.79 -32.00
C ASP A 266 -53.73 38.32 -32.23
N PRO A 267 -54.63 37.36 -31.93
CA PRO A 267 -54.25 35.96 -32.17
C PRO A 267 -54.13 35.59 -33.64
N GLU A 268 -54.87 36.23 -34.53
CA GLU A 268 -54.93 35.81 -35.93
C GLU A 268 -53.66 36.09 -36.71
N GLN A 269 -52.71 36.84 -36.16
CA GLN A 269 -51.48 37.16 -36.89
C GLN A 269 -50.51 35.98 -36.98
N LEU A 270 -50.72 34.90 -36.20
CA LEU A 270 -49.80 33.77 -36.25
C LEU A 270 -49.87 33.03 -37.57
N GLU A 271 -50.93 33.16 -38.30
CA GLU A 271 -50.93 32.41 -39.50
C GLU A 271 -49.97 33.15 -40.34
N GLN A 272 -50.21 34.42 -40.39
CA GLN A 272 -49.43 35.19 -41.30
C GLN A 272 -47.93 35.31 -41.11
N ILE A 273 -47.45 35.39 -39.89
CA ILE A 273 -46.04 35.43 -39.66
C ILE A 273 -45.34 34.18 -40.12
N ARG A 274 -46.01 33.10 -39.85
CA ARG A 274 -45.45 31.87 -40.19
C ARG A 274 -45.36 31.83 -41.68
N LYS A 275 -46.38 32.26 -42.35
CA LYS A 275 -46.34 32.19 -43.75
C LYS A 275 -45.24 33.04 -44.25
N ARG A 276 -45.03 34.22 -43.73
CA ARG A 276 -44.02 35.10 -44.27
C ARG A 276 -42.66 34.53 -44.13
N GLU A 277 -42.41 33.82 -43.04
CA GLU A 277 -41.12 33.18 -42.83
C GLU A 277 -40.84 32.23 -43.99
N ALA A 278 -41.73 31.28 -44.24
CA ALA A 278 -41.47 30.33 -45.30
C ALA A 278 -41.41 31.03 -46.62
N GLY A 279 -42.19 32.06 -46.74
CA GLY A 279 -42.28 32.77 -47.97
C GLY A 279 -41.09 33.50 -48.40
N ILE A 280 -40.40 34.12 -47.49
CA ILE A 280 -39.18 34.75 -47.85
C ILE A 280 -38.32 33.68 -48.41
N VAL A 281 -38.26 32.53 -47.72
CA VAL A 281 -37.38 31.55 -48.42
C VAL A 281 -37.81 31.15 -49.83
N LEU A 282 -39.09 30.94 -50.01
CA LEU A 282 -39.56 30.59 -51.33
C LEU A 282 -39.42 31.63 -52.39
N GLU A 283 -39.56 32.90 -52.08
CA GLU A 283 -39.36 33.90 -53.05
C GLU A 283 -37.96 33.82 -53.41
N ARG A 284 -37.12 33.64 -52.41
CA ARG A 284 -35.74 33.64 -52.77
C ARG A 284 -35.49 32.56 -53.74
N VAL A 285 -36.10 31.40 -53.56
CA VAL A 285 -35.88 30.42 -54.63
C VAL A 285 -36.69 30.63 -55.91
N LYS A 286 -37.85 31.26 -55.85
CA LYS A 286 -38.76 31.36 -57.00
C LYS A 286 -38.12 32.15 -58.15
N LYS A 287 -37.22 33.08 -57.84
CA LYS A 287 -36.59 33.89 -58.87
C LYS A 287 -35.48 33.13 -59.60
N ILE A 288 -34.72 32.28 -58.91
CA ILE A 288 -33.67 31.50 -59.54
C ILE A 288 -34.19 30.28 -60.27
N ILE A 289 -35.34 29.74 -59.86
CA ILE A 289 -35.97 28.65 -60.60
C ILE A 289 -36.47 29.15 -61.95
N ASP A 290 -37.09 30.33 -61.97
CA ASP A 290 -37.55 30.91 -63.23
C ASP A 290 -36.40 31.31 -64.14
N ALA A 291 -35.21 31.58 -63.60
CA ALA A 291 -34.05 31.88 -64.41
C ALA A 291 -33.52 30.67 -65.17
N GLY A 292 -33.92 29.46 -64.80
CA GLY A 292 -33.51 28.26 -65.53
C GLY A 292 -32.22 27.64 -65.04
N ALA A 293 -31.88 27.81 -63.77
CA ALA A 293 -30.68 27.21 -63.21
C ALA A 293 -30.87 25.70 -63.15
N GLN A 294 -30.23 24.97 -64.07
CA GLN A 294 -30.42 23.53 -64.15
C GLN A 294 -29.76 22.83 -62.96
N VAL A 295 -28.61 23.34 -62.51
CA VAL A 295 -27.86 22.77 -61.38
C VAL A 295 -27.38 23.93 -60.52
N VAL A 296 -27.91 24.03 -59.31
CA VAL A 296 -27.57 25.09 -58.36
C VAL A 296 -26.45 24.57 -57.45
N LEU A 297 -25.51 25.46 -57.14
CA LEU A 297 -24.43 25.20 -56.19
C LEU A 297 -24.55 26.17 -55.03
N THR A 298 -24.28 25.68 -53.82
CA THR A 298 -24.39 26.50 -52.62
C THR A 298 -23.45 25.97 -51.55
N THR A 299 -23.11 26.76 -50.55
CA THR A 299 -22.29 26.23 -49.48
C THR A 299 -23.13 25.88 -48.27
N LYS A 300 -23.92 26.84 -47.78
CA LYS A 300 -24.85 26.52 -46.70
C LYS A 300 -25.90 25.53 -47.22
N GLY A 301 -26.39 24.64 -46.36
CA GLY A 301 -27.32 23.59 -46.81
C GLY A 301 -28.76 23.89 -47.16
N ILE A 302 -29.41 22.95 -47.83
CA ILE A 302 -30.83 23.13 -48.19
C ILE A 302 -31.74 22.15 -47.44
N ASP A 303 -32.79 22.67 -46.80
CA ASP A 303 -33.74 21.83 -46.08
C ASP A 303 -34.82 21.32 -47.05
N ASP A 304 -35.60 20.35 -46.56
CA ASP A 304 -36.59 19.67 -47.38
C ASP A 304 -37.74 20.56 -47.84
N LEU A 305 -37.92 21.74 -47.23
CA LEU A 305 -39.02 22.62 -47.63
C LEU A 305 -38.83 23.15 -49.04
N CYS A 306 -37.58 23.43 -49.44
CA CYS A 306 -37.26 23.95 -50.76
C CYS A 306 -36.84 22.88 -51.75
N LEU A 307 -36.57 21.64 -51.31
CA LEU A 307 -36.22 20.57 -52.22
C LEU A 307 -37.40 20.07 -53.05
N LYS A 308 -38.64 20.43 -52.70
CA LYS A 308 -39.78 20.00 -53.48
C LYS A 308 -39.75 20.61 -54.88
N GLU A 309 -39.55 21.92 -54.97
CA GLU A 309 -39.56 22.61 -56.26
C GLU A 309 -38.41 22.17 -57.15
N PHE A 310 -37.26 21.81 -56.56
CA PHE A 310 -36.15 21.29 -57.36
C PHE A 310 -36.49 19.92 -57.93
N VAL A 311 -37.16 19.08 -57.15
CA VAL A 311 -37.58 17.77 -57.65
C VAL A 311 -38.68 17.94 -58.70
N GLU A 312 -39.59 18.89 -58.47
CA GLU A 312 -40.66 19.14 -59.44
C GLU A 312 -40.14 19.81 -60.71
N ALA A 313 -39.18 20.72 -60.58
CA ALA A 313 -38.59 21.41 -61.73
C ALA A 313 -37.35 20.71 -62.29
N LYS A 314 -36.96 19.55 -61.74
CA LYS A 314 -35.82 18.78 -62.22
C LYS A 314 -34.52 19.58 -62.10
N ILE A 315 -34.22 20.01 -60.87
CA ILE A 315 -33.02 20.78 -60.54
C ILE A 315 -32.21 19.98 -59.55
N MET A 316 -30.90 19.95 -59.74
CA MET A 316 -30.00 19.22 -58.85
C MET A 316 -29.61 20.08 -57.66
N GLY A 317 -29.69 19.49 -56.47
CA GLY A 317 -29.34 20.16 -55.22
C GLY A 317 -27.96 19.74 -54.76
N VAL A 318 -27.33 20.60 -53.95
CA VAL A 318 -25.99 20.37 -53.42
C VAL A 318 -25.99 20.73 -51.94
N ARG A 319 -25.44 19.86 -51.11
CA ARG A 319 -25.36 20.01 -49.67
C ARG A 319 -24.05 20.71 -49.30
N ARG A 320 -23.65 20.63 -48.03
CA ARG A 320 -22.47 21.32 -47.52
C ARG A 320 -21.20 20.95 -48.28
N CYS A 321 -20.29 21.91 -48.39
CA CYS A 321 -19.02 21.72 -49.09
C CYS A 321 -18.04 22.75 -48.57
N LYS A 322 -16.79 22.67 -49.05
CA LYS A 322 -15.78 23.63 -48.68
C LYS A 322 -16.03 24.96 -49.40
N LYS A 323 -15.50 26.03 -48.82
CA LYS A 323 -15.71 27.37 -49.37
C LYS A 323 -14.83 27.64 -50.59
N GLU A 324 -13.68 26.98 -50.70
CA GLU A 324 -12.72 27.29 -51.76
C GLU A 324 -13.05 26.61 -53.08
N ASP A 325 -13.72 25.46 -53.07
CA ASP A 325 -13.97 24.74 -54.31
C ASP A 325 -15.00 25.46 -55.19
N LEU A 326 -15.95 26.18 -54.58
CA LEU A 326 -16.94 26.90 -55.36
C LEU A 326 -16.38 28.11 -56.08
N ARG A 327 -15.26 28.67 -55.60
CA ARG A 327 -14.64 29.80 -56.28
C ARG A 327 -14.12 29.39 -57.65
N ARG A 328 -13.48 28.22 -57.75
CA ARG A 328 -12.92 27.77 -59.01
C ARG A 328 -14.00 27.27 -59.96
N ILE A 329 -15.13 26.79 -59.43
CA ILE A 329 -16.25 26.43 -60.30
C ILE A 329 -16.83 27.66 -60.97
N ALA A 330 -16.92 28.77 -60.22
CA ALA A 330 -17.41 30.01 -60.81
C ALA A 330 -16.44 30.56 -61.85
N ARG A 331 -15.13 30.42 -61.60
CA ARG A 331 -14.14 30.88 -62.57
C ARG A 331 -14.18 30.05 -63.85
N ALA A 332 -14.36 28.73 -63.74
CA ALA A 332 -14.36 27.88 -64.92
C ALA A 332 -15.66 28.03 -65.70
N THR A 333 -16.80 27.93 -65.02
CA THR A 333 -18.10 28.07 -65.68
C THR A 333 -18.45 29.52 -66.03
N GLY A 334 -17.74 30.50 -65.47
CA GLY A 334 -18.00 31.90 -65.72
C GLY A 334 -19.00 32.55 -64.78
N ALA A 335 -19.45 31.86 -63.75
CA ALA A 335 -20.39 32.42 -62.79
C ALA A 335 -19.65 33.38 -61.85
N THR A 336 -20.42 33.95 -60.91
CA THR A 336 -19.89 34.87 -59.90
C THR A 336 -20.42 34.43 -58.54
N LEU A 337 -19.51 34.23 -57.60
CA LEU A 337 -19.88 33.78 -56.25
C LEU A 337 -20.56 34.92 -55.52
N VAL A 338 -21.81 34.71 -55.12
CA VAL A 338 -22.64 35.71 -54.45
C VAL A 338 -22.72 35.34 -52.98
N SER A 339 -22.20 36.22 -52.12
CA SER A 339 -22.31 36.00 -50.69
C SER A 339 -23.72 36.26 -50.19
N SER A 340 -24.38 37.28 -50.75
CA SER A 340 -25.76 37.61 -50.40
C SER A 340 -26.42 38.28 -51.60
N MET A 341 -27.50 37.68 -52.09
CA MET A 341 -28.18 38.21 -53.26
C MET A 341 -28.85 39.54 -52.93
N SER A 342 -28.61 40.54 -53.78
CA SER A 342 -29.17 41.86 -53.60
C SER A 342 -28.99 42.64 -54.89
N ASN A 343 -29.30 43.94 -54.85
CA ASN A 343 -29.15 44.81 -56.00
C ASN A 343 -28.93 46.23 -55.50
N LEU A 344 -28.28 47.05 -56.35
CA LEU A 344 -28.03 48.44 -55.99
C LEU A 344 -29.33 49.24 -55.88
N GLU A 345 -30.35 48.87 -56.63
CA GLU A 345 -31.65 49.53 -56.55
C GLU A 345 -32.36 49.10 -55.27
N GLY A 346 -33.55 49.68 -55.05
CA GLY A 346 -34.34 49.41 -53.87
C GLY A 346 -35.24 48.19 -53.93
N GLU A 347 -34.92 47.20 -54.77
CA GLU A 347 -35.71 45.99 -54.90
C GLU A 347 -34.78 44.82 -55.18
N GLU A 348 -35.08 43.67 -54.57
CA GLU A 348 -34.28 42.47 -54.80
C GLU A 348 -34.60 41.88 -56.18
N THR A 349 -33.58 41.27 -56.77
CA THR A 349 -33.73 40.65 -58.09
C THR A 349 -32.61 39.63 -58.29
N PHE A 350 -32.67 38.94 -59.43
CA PHE A 350 -31.66 37.97 -59.82
C PHE A 350 -31.43 38.08 -61.32
N GLU A 351 -30.19 38.38 -61.69
CA GLU A 351 -29.81 38.62 -63.08
C GLU A 351 -29.33 37.33 -63.73
N SER A 352 -29.35 37.31 -65.05
CA SER A 352 -28.88 36.17 -65.84
C SER A 352 -27.36 36.13 -65.99
N SER A 353 -26.67 37.25 -65.79
CA SER A 353 -25.22 37.29 -65.93
C SER A 353 -24.49 36.48 -64.86
N TYR A 354 -25.12 36.21 -63.72
CA TYR A 354 -24.50 35.43 -62.66
C TYR A 354 -24.41 33.93 -62.97
N LEU A 355 -25.08 33.45 -64.02
CA LEU A 355 -25.09 32.03 -64.34
C LEU A 355 -23.83 31.64 -65.09
N GLY A 356 -23.36 30.41 -64.84
CA GLY A 356 -22.23 29.86 -65.54
C GLY A 356 -22.64 29.17 -66.83
N LEU A 357 -21.69 28.48 -67.43
CA LEU A 357 -21.91 27.73 -68.67
C LEU A 357 -20.99 26.52 -68.70
N CYS A 358 -21.56 25.36 -69.00
CA CYS A 358 -20.78 24.14 -69.21
C CYS A 358 -21.55 23.24 -70.17
N ASP A 359 -20.83 22.29 -70.76
CA ASP A 359 -21.41 21.45 -71.80
C ASP A 359 -22.23 20.32 -71.22
N GLU A 360 -21.70 19.63 -70.21
CA GLU A 360 -22.34 18.45 -69.64
C GLU A 360 -22.01 18.36 -68.16
N VAL A 361 -22.96 17.82 -67.38
CA VAL A 361 -22.80 17.54 -65.97
C VAL A 361 -23.47 16.20 -65.68
N VAL A 362 -22.81 15.39 -64.85
CA VAL A 362 -23.30 14.04 -64.55
C VAL A 362 -22.72 13.59 -63.22
N GLN A 363 -23.49 12.81 -62.47
CA GLN A 363 -23.08 12.24 -61.20
C GLN A 363 -22.57 10.83 -61.47
N ALA A 364 -21.25 10.68 -61.52
CA ALA A 364 -20.61 9.39 -61.71
C ALA A 364 -20.40 8.70 -60.37
N LYS A 365 -20.51 7.37 -60.39
CA LYS A 365 -20.37 6.53 -59.21
C LYS A 365 -18.97 5.91 -59.24
N PHE A 366 -18.14 6.30 -58.26
CA PHE A 366 -16.80 5.75 -58.10
C PHE A 366 -16.85 4.62 -57.07
N SER A 367 -17.75 3.66 -57.31
CA SER A 367 -17.81 2.34 -56.67
C SER A 367 -18.39 2.40 -55.25
N ASP A 368 -18.42 3.55 -54.57
CA ASP A 368 -19.34 3.75 -53.46
C ASP A 368 -19.79 5.22 -53.31
N ASP A 369 -19.31 6.12 -54.17
CA ASP A 369 -19.28 7.55 -53.86
C ASP A 369 -20.05 8.36 -54.90
N GLU A 370 -20.72 9.39 -54.41
CA GLU A 370 -21.44 10.36 -55.24
C GLU A 370 -20.54 11.56 -55.48
N CYS A 371 -20.20 11.78 -56.76
CA CYS A 371 -19.34 12.90 -57.16
C CYS A 371 -19.90 13.50 -58.44
N ILE A 372 -20.12 14.81 -58.42
CA ILE A 372 -20.69 15.54 -59.55
C ILE A 372 -19.55 15.94 -60.47
N LEU A 373 -19.49 15.30 -61.64
CA LEU A 373 -18.45 15.54 -62.63
C LEU A 373 -18.95 16.59 -63.61
N ILE A 374 -18.25 17.72 -63.67
CA ILE A 374 -18.54 18.82 -64.59
C ILE A 374 -17.44 18.80 -65.64
N LYS A 375 -17.84 18.91 -66.92
CA LYS A 375 -16.91 18.86 -68.03
C LYS A 375 -17.38 19.79 -69.14
N GLY A 376 -16.41 20.34 -69.87
CA GLY A 376 -16.70 21.22 -70.98
C GLY A 376 -17.07 22.62 -70.55
N THR A 377 -16.23 23.23 -69.72
CA THR A 377 -16.48 24.59 -69.26
C THR A 377 -16.18 25.60 -70.36
N SER A 378 -16.90 26.71 -70.32
CA SER A 378 -16.87 27.70 -71.39
C SER A 378 -15.87 28.84 -71.15
N LYS A 379 -15.91 29.45 -69.96
CA LYS A 379 -15.08 30.63 -69.71
C LYS A 379 -13.61 30.25 -69.61
N HIS A 380 -13.28 29.39 -68.65
CA HIS A 380 -11.92 28.90 -68.42
C HIS A 380 -11.95 27.39 -68.24
N SER A 381 -10.97 26.71 -68.83
CA SER A 381 -10.87 25.27 -68.70
C SER A 381 -10.46 24.89 -67.28
N SER A 382 -10.67 23.61 -66.94
CA SER A 382 -10.35 23.08 -65.64
C SER A 382 -9.99 21.62 -65.78
N SER A 383 -9.55 21.02 -64.67
CA SER A 383 -9.11 19.63 -64.68
C SER A 383 -9.25 19.06 -63.28
N SER A 384 -9.35 17.73 -63.23
CA SER A 384 -9.44 16.99 -61.97
C SER A 384 -8.72 15.66 -62.14
N ILE A 385 -8.28 15.10 -61.02
CA ILE A 385 -7.47 13.89 -60.98
C ILE A 385 -8.25 12.83 -60.21
N ILE A 386 -8.50 11.70 -60.86
CA ILE A 386 -9.19 10.56 -60.25
C ILE A 386 -8.13 9.56 -59.82
N LEU A 387 -7.78 9.58 -58.54
CA LEU A 387 -6.79 8.67 -57.99
C LEU A 387 -7.45 7.35 -57.65
N ARG A 388 -6.76 6.25 -57.98
CA ARG A 388 -7.24 4.90 -57.72
C ARG A 388 -6.08 4.05 -57.19
N GLY A 389 -6.40 3.12 -56.32
CA GLY A 389 -5.38 2.28 -55.72
C GLY A 389 -5.97 1.07 -55.06
N ALA A 390 -5.13 0.37 -54.28
CA ALA A 390 -5.54 -0.86 -53.62
C ALA A 390 -6.29 -0.58 -52.32
N ASN A 391 -5.82 0.40 -51.55
CA ASN A 391 -6.42 0.73 -50.25
C ASN A 391 -6.21 2.21 -49.97
N ASP A 392 -6.88 2.69 -48.93
CA ASP A 392 -6.92 4.11 -48.62
C ASP A 392 -5.55 4.67 -48.24
N TYR A 393 -4.67 3.85 -47.66
CA TYR A 393 -3.35 4.35 -47.28
C TYR A 393 -2.50 4.63 -48.52
N SER A 394 -2.68 3.83 -49.58
CA SER A 394 -2.00 4.12 -50.84
C SER A 394 -2.55 5.37 -51.50
N LEU A 395 -3.86 5.61 -51.37
CA LEU A 395 -4.44 6.83 -51.92
C LEU A 395 -3.91 8.07 -51.22
N ASP A 396 -3.66 7.98 -49.90
CA ASP A 396 -3.03 9.08 -49.19
C ASP A 396 -1.61 9.30 -49.66
N GLU A 397 -0.89 8.22 -49.99
CA GLU A 397 0.44 8.35 -50.56
C GLU A 397 0.38 8.98 -51.95
N MET A 398 -0.68 8.65 -52.72
CA MET A 398 -0.84 9.24 -54.04
C MET A 398 -1.20 10.71 -53.97
N GLU A 399 -1.80 11.16 -52.86
CA GLU A 399 -2.17 12.57 -52.74
C GLU A 399 -0.93 13.46 -52.68
N ARG A 400 -0.08 13.25 -51.66
CA ARG A 400 1.11 14.06 -51.50
C ARG A 400 2.13 13.85 -52.61
N SER A 401 2.15 12.67 -53.25
CA SER A 401 3.08 12.44 -54.35
C SER A 401 2.69 13.28 -55.57
N LEU A 402 1.40 13.30 -55.91
CA LEU A 402 0.94 14.17 -56.99
C LEU A 402 1.10 15.64 -56.61
N HIS A 403 0.96 15.98 -55.33
CA HIS A 403 1.15 17.36 -54.89
C HIS A 403 2.59 17.79 -55.09
N ASP A 404 3.54 16.87 -54.92
CA ASP A 404 4.94 17.18 -55.23
C ASP A 404 5.17 17.22 -56.74
N SER A 405 4.52 16.32 -57.48
CA SER A 405 4.68 16.30 -58.93
C SER A 405 4.04 17.53 -59.57
N LEU A 406 2.86 17.93 -59.08
CA LEU A 406 2.23 19.14 -59.60
C LEU A 406 3.05 20.38 -59.26
N SER A 407 3.68 20.40 -58.08
CA SER A 407 4.46 21.57 -57.66
C SER A 407 5.74 21.71 -58.47
N VAL A 408 6.35 20.59 -58.86
CA VAL A 408 7.60 20.65 -59.62
C VAL A 408 7.33 21.19 -61.02
N VAL A 409 6.29 20.69 -61.69
CA VAL A 409 5.96 21.18 -63.02
C VAL A 409 5.42 22.61 -62.97
N LYS A 410 4.85 23.01 -61.83
CA LYS A 410 4.39 24.38 -61.67
C LYS A 410 5.56 25.37 -61.72
N ARG A 411 6.59 25.13 -60.91
CA ARG A 411 7.78 25.97 -60.94
C ARG A 411 8.61 25.79 -62.20
N THR A 412 8.43 24.68 -62.92
CA THR A 412 9.16 24.49 -64.18
C THR A 412 8.70 25.50 -65.23
N LEU A 413 7.40 25.76 -65.31
CA LEU A 413 6.86 26.69 -66.28
C LEU A 413 7.07 28.15 -65.90
N GLU A 414 7.40 28.44 -64.64
CA GLU A 414 7.68 29.82 -64.24
C GLU A 414 8.99 30.31 -64.80
N SER A 415 9.99 29.42 -64.91
CA SER A 415 11.31 29.74 -65.45
C SER A 415 11.72 28.65 -66.42
N GLY A 416 11.93 29.03 -67.68
CA GLY A 416 12.28 28.07 -68.71
C GLY A 416 13.63 27.39 -68.51
N ASN A 417 14.54 28.03 -67.78
CA ASN A 417 15.85 27.46 -67.53
C ASN A 417 15.72 26.24 -66.62
N VAL A 418 16.51 25.20 -66.92
CA VAL A 418 16.52 23.94 -66.18
C VAL A 418 17.97 23.57 -65.89
N VAL A 419 18.14 22.60 -64.99
CA VAL A 419 19.43 22.09 -64.55
C VAL A 419 19.34 20.55 -64.54
N PRO A 420 20.38 19.79 -64.91
CA PRO A 420 20.26 18.33 -64.80
C PRO A 420 20.27 17.87 -63.36
N GLY A 421 19.83 16.63 -63.17
CA GLY A 421 19.77 15.98 -61.87
C GLY A 421 20.66 14.76 -61.78
N GLY A 422 20.45 13.94 -60.75
CA GLY A 422 21.25 12.75 -60.57
C GLY A 422 22.63 13.00 -59.99
N GLY A 423 22.75 13.95 -59.07
CA GLY A 423 24.02 14.24 -58.44
C GLY A 423 25.03 14.98 -59.29
N CYS A 424 24.68 15.34 -60.53
CA CYS A 424 25.63 16.07 -61.37
C CYS A 424 25.88 17.48 -60.85
N VAL A 425 24.87 18.10 -60.25
CA VAL A 425 25.05 19.44 -59.68
C VAL A 425 25.96 19.37 -58.46
N GLU A 426 25.73 18.39 -57.59
CA GLU A 426 26.55 18.24 -56.40
C GLU A 426 27.97 17.80 -56.75
N ALA A 427 28.10 16.95 -57.78
CA ALA A 427 29.42 16.50 -58.20
C ALA A 427 30.22 17.62 -58.85
N ALA A 428 29.55 18.50 -59.60
CA ALA A 428 30.25 19.62 -60.24
C ALA A 428 30.60 20.71 -59.24
N LEU A 429 29.70 21.00 -58.29
CA LEU A 429 30.00 22.00 -57.27
C LEU A 429 31.12 21.55 -56.34
N ASN A 430 31.29 20.24 -56.17
CA ASN A 430 32.39 19.73 -55.34
C ASN A 430 33.74 20.08 -55.96
N ILE A 431 33.96 19.66 -57.20
CA ILE A 431 35.23 19.92 -57.88
C ILE A 431 35.42 21.41 -58.17
N TYR A 432 34.33 22.16 -58.39
CA TYR A 432 34.47 23.58 -58.69
C TYR A 432 34.95 24.36 -57.48
N LEU A 433 34.43 24.02 -56.30
CA LEU A 433 34.82 24.70 -55.07
C LEU A 433 36.17 24.23 -54.54
N ASP A 434 36.59 22.99 -54.87
CA ASP A 434 37.94 22.56 -54.51
C ASP A 434 38.99 23.34 -55.27
N ASN A 435 38.74 23.63 -56.55
CA ASN A 435 39.64 24.49 -57.30
C ASN A 435 39.60 25.92 -56.79
N PHE A 436 38.44 26.38 -56.32
CA PHE A 436 38.33 27.71 -55.75
C PHE A 436 39.05 27.77 -54.41
N ALA A 437 39.48 28.99 -54.05
CA ALA A 437 40.18 29.30 -52.80
C ALA A 437 41.60 28.75 -52.75
N THR A 438 42.14 28.23 -53.86
CA THR A 438 43.56 27.90 -53.91
C THR A 438 44.42 29.14 -53.95
N THR A 439 43.91 30.23 -54.55
CA THR A 439 44.63 31.50 -54.55
C THR A 439 44.45 32.22 -53.21
N VAL A 440 43.32 32.00 -52.53
CA VAL A 440 43.09 32.62 -51.23
C VAL A 440 44.09 32.11 -50.20
N GLY A 441 44.20 30.79 -50.07
CA GLY A 441 45.32 30.21 -49.34
C GLY A 441 45.01 29.90 -47.89
N SER A 442 45.36 30.84 -47.01
CA SER A 442 45.75 30.66 -45.58
C SER A 442 44.74 29.80 -44.82
N ARG A 443 43.50 30.29 -44.59
CA ARG A 443 42.60 29.70 -43.59
C ARG A 443 41.35 29.10 -44.24
N GLU A 444 40.74 29.79 -45.19
CA GLU A 444 39.45 29.36 -45.73
C GLU A 444 39.55 28.22 -46.74
N GLN A 445 40.75 27.70 -47.01
CA GLN A 445 40.87 26.59 -47.95
C GLN A 445 40.38 25.29 -47.31
N LEU A 446 40.59 25.12 -46.00
CA LEU A 446 40.13 23.91 -45.32
C LEU A 446 38.63 23.94 -45.07
N ALA A 447 38.08 25.12 -44.79
CA ALA A 447 36.64 25.22 -44.54
C ALA A 447 35.84 24.96 -45.82
N ILE A 448 36.26 25.57 -46.93
CA ILE A 448 35.58 25.36 -48.21
C ILE A 448 35.83 23.97 -48.77
N ALA A 449 36.96 23.34 -48.43
CA ALA A 449 37.22 21.98 -48.90
C ALA A 449 36.26 20.99 -48.26
N GLU A 450 36.02 21.11 -46.95
CA GLU A 450 35.06 20.25 -46.29
C GLU A 450 33.63 20.59 -46.73
N PHE A 451 33.38 21.85 -47.09
CA PHE A 451 32.07 22.20 -47.65
C PHE A 451 31.84 21.51 -48.99
N ALA A 452 32.89 21.43 -49.81
CA ALA A 452 32.77 20.72 -51.08
C ALA A 452 32.53 19.23 -50.88
N ALA A 453 33.12 18.65 -49.83
CA ALA A 453 32.89 17.24 -49.52
C ALA A 453 31.50 16.99 -48.94
N ALA A 454 30.88 18.00 -48.33
CA ALA A 454 29.56 17.81 -47.76
C ALA A 454 28.48 17.60 -48.81
N LEU A 455 28.64 18.18 -50.00
CA LEU A 455 27.67 17.99 -51.07
C LEU A 455 27.75 16.61 -51.72
N LEU A 456 28.86 15.89 -51.55
CA LEU A 456 29.00 14.55 -52.11
C LEU A 456 28.16 13.50 -51.39
N ILE A 457 27.52 13.83 -50.26
CA ILE A 457 26.76 12.84 -49.52
C ILE A 457 25.52 12.37 -50.31
N ILE A 458 25.02 13.17 -51.24
CA ILE A 458 23.80 12.80 -51.97
C ILE A 458 24.13 11.68 -52.95
N PRO A 459 25.17 11.76 -53.80
CA PRO A 459 25.50 10.59 -54.64
C PRO A 459 25.98 9.38 -53.85
N LYS A 460 26.49 9.55 -52.63
CA LYS A 460 26.82 8.41 -51.78
C LYS A 460 25.56 7.79 -51.19
N THR A 461 24.56 8.62 -50.85
CA THR A 461 23.33 8.09 -50.25
C THR A 461 22.49 7.34 -51.28
N LEU A 462 22.48 7.81 -52.53
CA LEU A 462 21.72 7.12 -53.57
C LEU A 462 22.35 5.77 -53.90
N ALA A 463 23.68 5.66 -53.78
CA ALA A 463 24.34 4.41 -54.14
C ALA A 463 24.07 3.30 -53.13
N VAL A 464 24.22 3.58 -51.84
CA VAL A 464 24.01 2.56 -50.82
C VAL A 464 22.55 2.13 -50.71
N ASN A 465 21.61 2.99 -51.09
CA ASN A 465 20.21 2.58 -51.16
C ASN A 465 19.96 1.55 -52.25
N ALA A 466 20.78 1.55 -53.31
CA ALA A 466 20.71 0.54 -54.35
C ALA A 466 21.39 -0.78 -53.97
N ALA A 467 22.17 -0.81 -52.89
CA ALA A 467 22.90 -2.01 -52.47
C ALA A 467 23.90 -2.44 -53.55
N LYS A 468 24.69 -1.49 -54.02
CA LYS A 468 25.71 -1.69 -55.05
C LYS A 468 27.04 -1.09 -54.57
N ASP A 469 28.07 -1.25 -55.39
CA ASP A 469 29.39 -0.70 -55.07
C ASP A 469 29.32 0.82 -55.25
N SER A 470 29.44 1.55 -54.16
CA SER A 470 29.25 3.01 -54.19
C SER A 470 30.51 3.72 -54.70
N SER A 471 31.69 3.33 -54.22
CA SER A 471 32.92 4.01 -54.61
C SER A 471 33.26 3.82 -56.07
N GLU A 472 32.76 2.76 -56.72
CA GLU A 472 32.96 2.61 -58.15
C GLU A 472 32.25 3.71 -58.92
N LEU A 473 31.06 4.10 -58.46
CA LEU A 473 30.33 5.20 -59.10
C LEU A 473 30.95 6.55 -58.74
N VAL A 474 31.39 6.71 -57.50
CA VAL A 474 31.99 7.99 -57.09
C VAL A 474 33.30 8.23 -57.83
N ALA A 475 34.03 7.16 -58.15
CA ALA A 475 35.25 7.31 -58.94
C ALA A 475 34.93 7.77 -60.36
N LYS A 476 33.82 7.29 -60.94
CA LYS A 476 33.45 7.70 -62.28
C LYS A 476 32.86 9.12 -62.28
N LEU A 477 32.07 9.44 -61.27
CA LEU A 477 31.42 10.75 -61.23
C LEU A 477 32.42 11.86 -61.12
N ARG A 478 33.12 11.91 -60.00
CA ARG A 478 34.02 13.02 -59.77
C ARG A 478 35.09 13.09 -60.85
N SER A 479 35.68 11.96 -61.23
CA SER A 479 36.76 12.04 -62.20
C SER A 479 36.25 12.58 -63.53
N TYR A 480 35.09 12.09 -63.98
CA TYR A 480 34.58 12.54 -65.26
C TYR A 480 34.29 14.01 -65.19
N HIS A 481 33.70 14.45 -64.09
CA HIS A 481 33.34 15.85 -64.00
C HIS A 481 34.59 16.72 -64.02
N ALA A 482 35.64 16.29 -63.32
CA ALA A 482 36.87 17.06 -63.27
C ALA A 482 37.49 17.16 -64.64
N ALA A 483 37.46 16.05 -65.36
CA ALA A 483 38.07 16.04 -66.68
C ALA A 483 37.29 16.98 -67.58
N SER A 484 36.04 17.27 -67.20
CA SER A 484 35.28 18.22 -68.02
C SER A 484 35.56 19.67 -67.67
N GLN A 485 35.62 20.00 -66.38
CA GLN A 485 35.88 21.37 -65.97
C GLN A 485 37.25 21.88 -66.37
N MET A 486 38.27 21.05 -66.22
CA MET A 486 39.63 21.42 -66.59
C MET A 486 39.75 21.65 -68.09
N ALA A 487 39.06 20.84 -68.89
CA ALA A 487 39.18 20.90 -70.35
C ALA A 487 39.12 22.22 -71.12
N LYS A 488 39.65 22.23 -72.34
CA LYS A 488 39.64 23.37 -73.19
C LYS A 488 38.24 23.70 -73.50
N PRO A 489 37.99 24.96 -73.78
CA PRO A 489 36.63 25.25 -74.17
C PRO A 489 36.32 24.47 -75.40
N GLU A 490 37.28 24.36 -76.29
CA GLU A 490 37.04 23.69 -77.54
C GLU A 490 37.22 22.18 -77.47
N ASP A 491 36.31 21.48 -76.81
CA ASP A 491 36.38 20.02 -76.80
C ASP A 491 35.00 19.53 -76.57
N VAL A 492 34.32 19.17 -77.63
CA VAL A 492 32.94 18.76 -77.49
C VAL A 492 32.74 17.63 -76.53
N LYS A 493 33.43 16.52 -76.75
CA LYS A 493 33.16 15.37 -75.92
C LYS A 493 33.36 15.65 -74.45
N ARG A 494 34.47 16.25 -74.08
CA ARG A 494 34.71 16.44 -72.68
C ARG A 494 33.69 17.35 -72.07
N ARG A 495 33.27 18.36 -72.78
CA ARG A 495 32.32 19.30 -72.25
C ARG A 495 31.05 18.60 -71.94
N SER A 496 30.71 17.60 -72.71
CA SER A 496 29.47 16.91 -72.52
C SER A 496 29.45 16.26 -71.21
N TYR A 497 30.58 15.87 -70.69
CA TYR A 497 30.59 15.12 -69.46
C TYR A 497 29.99 15.97 -68.42
N ARG A 498 30.22 17.25 -68.52
CA ARG A 498 29.68 18.17 -67.55
C ARG A 498 28.27 17.94 -67.50
N ASN A 499 27.77 17.16 -68.43
CA ASN A 499 26.31 17.10 -68.35
C ASN A 499 25.77 15.86 -67.66
N TYR A 500 26.54 14.77 -67.65
CA TYR A 500 26.00 13.51 -67.08
C TYR A 500 26.64 12.86 -65.86
N GLY A 501 26.04 11.75 -65.42
CA GLY A 501 26.51 11.13 -64.19
C GLY A 501 25.81 9.88 -63.69
N LEU A 502 25.57 9.81 -62.38
CA LEU A 502 25.01 8.60 -61.77
C LEU A 502 23.66 8.09 -62.26
N ASP A 503 23.55 6.78 -62.43
CA ASP A 503 22.27 6.17 -62.82
C ASP A 503 21.98 5.09 -61.78
N LEU A 504 20.75 5.05 -61.27
CA LEU A 504 20.44 4.10 -60.20
C LEU A 504 19.77 2.80 -60.62
N ILE A 505 19.38 2.68 -61.89
CA ILE A 505 18.65 1.48 -62.30
C ILE A 505 19.60 0.45 -62.89
N ARG A 506 20.30 0.81 -63.97
CA ARG A 506 21.21 -0.11 -64.64
C ARG A 506 22.61 -0.14 -64.03
N GLY A 507 23.01 0.91 -63.30
CA GLY A 507 24.30 0.92 -62.65
C GLY A 507 25.48 1.27 -63.53
N LYS A 508 25.28 2.12 -64.53
CA LYS A 508 26.33 2.58 -65.43
C LYS A 508 26.14 4.06 -65.72
N ILE A 509 27.11 4.65 -66.40
CA ILE A 509 27.11 6.07 -66.75
C ILE A 509 26.44 6.21 -68.10
N VAL A 510 25.32 6.94 -68.14
CA VAL A 510 24.56 7.19 -69.36
C VAL A 510 24.17 8.68 -69.39
N ASP A 511 23.72 9.12 -70.55
CA ASP A 511 23.36 10.51 -70.75
C ASP A 511 22.02 10.81 -70.12
N GLU A 512 21.93 11.93 -69.41
CA GLU A 512 20.67 12.35 -68.80
C GLU A 512 19.67 12.86 -69.83
N ILE A 513 20.14 13.40 -70.96
CA ILE A 513 19.24 13.92 -71.98
C ILE A 513 18.45 12.78 -72.61
N HIS A 514 19.14 11.69 -72.96
CA HIS A 514 18.45 10.53 -73.52
C HIS A 514 17.70 9.75 -72.45
N ALA A 515 18.21 9.74 -71.21
CA ALA A 515 17.53 9.05 -70.12
C ALA A 515 16.31 9.81 -69.64
N GLY A 516 16.37 11.15 -69.68
CA GLY A 516 15.25 12.00 -69.30
C GLY A 516 15.32 12.53 -67.88
N VAL A 517 16.41 12.33 -67.15
CA VAL A 517 16.55 12.86 -65.81
C VAL A 517 16.78 14.36 -65.90
N LEU A 518 15.92 15.14 -65.25
CA LEU A 518 15.99 16.58 -65.31
C LEU A 518 15.24 17.16 -64.12
N GLU A 519 15.72 18.32 -63.64
CA GLU A 519 15.11 19.06 -62.53
C GLU A 519 14.99 20.53 -62.90
N PRO A 520 14.19 21.32 -62.17
CA PRO A 520 14.21 22.77 -62.39
C PRO A 520 15.44 23.41 -61.75
N THR A 521 15.79 24.59 -62.24
CA THR A 521 16.85 25.37 -61.62
C THR A 521 16.39 25.99 -60.29
N ILE A 522 15.10 26.24 -60.14
CA ILE A 522 14.59 26.83 -58.90
C ILE A 522 14.67 25.86 -57.73
N SER A 523 14.66 24.54 -58.00
CA SER A 523 14.73 23.56 -56.92
C SER A 523 16.05 23.63 -56.16
N LYS A 524 17.16 23.86 -56.85
CA LYS A 524 18.46 24.02 -56.21
C LYS A 524 18.66 25.43 -55.67
N VAL A 525 18.09 26.44 -56.33
CA VAL A 525 18.15 27.80 -55.83
C VAL A 525 17.30 27.90 -54.58
N LYS A 526 17.86 28.54 -53.54
CA LYS A 526 17.24 28.73 -52.23
C LYS A 526 17.06 27.43 -51.43
N SER A 527 17.65 26.31 -51.91
CA SER A 527 17.70 25.08 -51.11
C SER A 527 18.96 25.05 -50.26
N LEU A 528 20.11 25.38 -50.84
CA LEU A 528 21.34 25.48 -50.07
C LEU A 528 21.32 26.67 -49.12
N LYS A 529 20.60 27.74 -49.48
CA LYS A 529 20.47 28.88 -48.59
C LYS A 529 19.68 28.51 -47.34
N SER A 530 18.62 27.72 -47.50
CA SER A 530 17.86 27.25 -46.34
C SER A 530 18.69 26.30 -45.50
N ALA A 531 19.47 25.42 -46.16
CA ALA A 531 20.38 24.55 -45.42
C ALA A 531 21.51 25.34 -44.79
N LEU A 532 21.93 26.44 -45.43
CA LEU A 532 22.96 27.29 -44.84
C LEU A 532 22.46 27.95 -43.56
N GLU A 533 21.28 28.56 -43.59
CA GLU A 533 20.70 29.17 -42.40
C GLU A 533 20.37 28.12 -41.35
N ALA A 534 20.00 26.91 -41.77
CA ALA A 534 19.82 25.82 -40.82
C ALA A 534 21.13 25.42 -40.14
N CYS A 535 22.25 25.44 -40.88
CA CYS A 535 23.54 25.14 -40.27
C CYS A 535 23.99 26.27 -39.36
N VAL A 536 23.69 27.51 -39.72
CA VAL A 536 24.14 28.67 -38.94
C VAL A 536 23.44 28.70 -37.58
N ALA A 537 22.16 28.29 -37.55
CA ALA A 537 21.38 28.38 -36.32
C ALA A 537 21.86 27.45 -35.22
N ILE A 538 22.39 26.27 -35.57
CA ILE A 538 22.86 25.27 -34.60
C ILE A 538 24.36 25.43 -34.38
N LEU A 539 25.09 25.82 -35.43
CA LEU A 539 26.55 25.88 -35.32
C LEU A 539 27.00 26.98 -34.37
N ARG A 540 26.26 28.08 -34.29
CA ARG A 540 26.61 29.19 -33.41
C ARG A 540 26.24 28.96 -31.94
N ILE A 541 25.61 27.83 -31.61
CA ILE A 541 25.21 27.55 -30.25
C ILE A 541 26.40 27.00 -29.49
N ASP A 542 26.69 27.59 -28.32
CA ASP A 542 27.79 27.17 -27.45
C ASP A 542 27.27 26.41 -26.23
N THR A 543 26.38 27.03 -25.47
CA THR A 543 25.78 26.45 -24.27
C THR A 543 24.27 26.31 -24.46
N MET A 544 23.70 25.37 -23.71
CA MET A 544 22.27 25.07 -23.73
C MET A 544 21.70 25.28 -22.33
N ILE A 545 20.59 26.01 -22.25
CA ILE A 545 19.92 26.34 -21.00
C ILE A 545 18.48 25.87 -21.13
N THR A 546 18.01 25.10 -20.13
CA THR A 546 16.67 24.52 -20.10
C THR A 546 15.98 24.94 -18.81
N VAL A 547 14.76 25.47 -18.96
CA VAL A 547 13.91 25.86 -17.84
C VAL A 547 12.77 24.85 -17.74
N ASP A 548 12.60 24.27 -16.56
CA ASP A 548 11.56 23.27 -16.38
C ASP A 548 10.18 23.92 -16.43
N PRO A 549 9.13 23.17 -16.77
CA PRO A 549 7.80 23.79 -16.86
C PRO A 549 7.20 24.00 -15.47
N GLU A 550 6.40 25.06 -15.36
CA GLU A 550 5.74 25.39 -14.10
C GLU A 550 4.51 24.51 -13.90
N VAL B 3 -4.84 17.29 35.18
CA VAL B 3 -6.03 17.45 34.37
C VAL B 3 -5.76 18.46 33.27
N GLN B 4 -5.57 17.98 32.04
CA GLN B 4 -5.31 18.83 30.89
C GLN B 4 -6.63 19.40 30.40
N ILE B 5 -6.95 20.62 30.83
CA ILE B 5 -8.18 21.26 30.39
C ILE B 5 -8.14 21.65 28.92
N PHE B 6 -6.96 21.97 28.39
CA PHE B 6 -6.83 22.40 27.01
C PHE B 6 -6.97 21.22 26.06
N GLY B 7 -7.16 21.53 24.78
CA GLY B 7 -7.27 20.52 23.75
C GLY B 7 -5.93 19.99 23.31
N ASP B 8 -5.97 19.20 22.24
CA ASP B 8 -4.76 18.62 21.68
C ASP B 8 -3.97 19.66 20.92
N GLN B 9 -2.64 19.61 21.06
CA GLN B 9 -1.71 20.52 20.41
C GLN B 9 -1.99 21.97 20.83
N VAL B 10 -1.82 22.20 22.13
CA VAL B 10 -2.00 23.50 22.76
C VAL B 10 -0.75 23.79 23.59
N THR B 11 0.12 24.65 23.06
CA THR B 11 1.38 25.00 23.71
C THR B 11 1.10 26.12 24.70
N GLU B 12 1.39 25.86 25.98
CA GLU B 12 1.22 26.82 27.06
C GLU B 12 2.53 26.90 27.84
N GLU B 13 2.91 28.12 28.22
CA GLU B 13 4.11 28.39 28.99
C GLU B 13 3.74 29.30 30.16
N ARG B 14 3.71 28.73 31.37
CA ARG B 14 3.35 29.43 32.59
C ARG B 14 4.50 29.48 33.59
N ALA B 15 5.74 29.56 33.10
CA ALA B 15 6.93 29.50 33.94
C ALA B 15 7.92 30.55 33.44
N GLU B 16 9.17 30.47 33.92
CA GLU B 16 10.20 31.42 33.53
C GLU B 16 10.53 31.34 32.04
N ASN B 17 10.27 30.20 31.40
CA ASN B 17 10.50 30.09 29.96
C ASN B 17 9.59 31.01 29.16
N ALA B 18 8.42 31.37 29.70
CA ALA B 18 7.53 32.29 29.01
C ALA B 18 8.16 33.67 28.87
N ARG B 19 8.73 34.19 29.97
CA ARG B 19 9.43 35.47 29.89
C ARG B 19 10.70 35.34 29.04
N LEU B 20 11.38 34.20 29.13
CA LEU B 20 12.58 33.99 28.32
C LEU B 20 12.23 33.90 26.84
N SER B 21 11.13 33.23 26.50
CA SER B 21 10.74 33.12 25.11
C SER B 21 10.24 34.44 24.56
N ALA B 22 9.57 35.25 25.39
CA ALA B 22 9.14 36.58 24.98
C ALA B 22 10.30 37.57 24.94
N PHE B 23 11.28 37.42 25.83
CA PHE B 23 12.41 38.35 25.86
C PHE B 23 13.42 38.02 24.75
N VAL B 24 13.68 36.74 24.51
CA VAL B 24 14.60 36.36 23.44
C VAL B 24 14.01 36.67 22.06
N GLY B 25 12.68 36.69 21.92
CA GLY B 25 12.09 37.08 20.65
C GLY B 25 12.33 38.53 20.31
N ALA B 26 12.27 39.42 21.30
CA ALA B 26 12.56 40.83 21.07
C ALA B 26 14.05 41.05 20.83
N ILE B 27 14.90 40.26 21.48
CA ILE B 27 16.34 40.37 21.26
C ILE B 27 16.69 39.94 19.84
N ALA B 28 16.03 38.90 19.34
CA ALA B 28 16.25 38.48 17.96
C ALA B 28 15.76 39.54 16.98
N VAL B 29 14.61 40.15 17.26
CA VAL B 29 14.12 41.24 16.42
C VAL B 29 15.01 42.47 16.62
N GLY B 30 15.52 42.68 17.84
CA GLY B 30 16.39 43.82 18.08
C GLY B 30 17.71 43.71 17.35
N ASP B 31 18.41 42.57 17.50
CA ASP B 31 19.69 42.36 16.84
C ASP B 31 19.56 42.33 15.32
N LEU B 32 18.38 41.98 14.79
CA LEU B 32 18.19 41.94 13.35
C LEU B 32 18.31 43.33 12.72
N VAL B 33 17.97 44.37 13.47
CA VAL B 33 17.91 45.76 12.96
C VAL B 33 19.03 46.62 13.51
N LYS B 34 19.99 46.06 14.25
CA LYS B 34 21.10 46.87 14.76
C LYS B 34 22.01 47.34 13.63
N SER B 35 22.16 46.55 12.57
CA SER B 35 23.02 46.92 11.45
C SER B 35 22.39 47.96 10.54
N THR B 36 21.07 48.12 10.55
CA THR B 36 20.38 49.06 9.66
C THR B 36 20.33 50.48 10.19
N LEU B 37 20.81 50.73 11.41
CA LEU B 37 20.72 52.04 12.04
C LEU B 37 21.99 52.84 11.74
N GLY B 38 21.81 54.14 11.48
CA GLY B 38 22.92 55.04 11.28
C GLY B 38 23.23 55.27 9.81
N PRO B 39 24.15 56.20 9.53
CA PRO B 39 24.52 56.44 8.12
C PRO B 39 25.39 55.36 7.52
N LYS B 40 26.24 54.72 8.32
CA LYS B 40 27.11 53.64 7.86
C LYS B 40 26.43 52.27 7.89
N GLY B 41 25.11 52.22 8.16
CA GLY B 41 24.42 50.95 8.24
C GLY B 41 24.32 50.26 6.90
N MET B 42 24.25 48.93 6.96
CA MET B 42 24.22 48.07 5.78
C MET B 42 22.77 47.78 5.40
N ASP B 43 22.50 47.81 4.10
CA ASP B 43 21.19 47.42 3.61
C ASP B 43 21.02 45.91 3.75
N LYS B 44 19.76 45.47 3.75
CA LYS B 44 19.37 44.08 3.91
C LYS B 44 18.66 43.59 2.65
N LEU B 45 18.55 42.27 2.56
CA LEU B 45 18.02 41.57 1.38
C LEU B 45 16.93 40.62 1.82
N LEU B 46 15.78 40.67 1.13
CA LEU B 46 14.62 39.85 1.44
C LEU B 46 14.37 38.89 0.27
N GLN B 47 14.20 37.61 0.60
CA GLN B 47 13.91 36.56 -0.38
C GLN B 47 12.47 36.12 -0.16
N SER B 48 11.59 36.51 -1.07
CA SER B 48 10.18 36.15 -0.97
C SER B 48 9.98 34.68 -1.31
N ALA B 49 8.98 34.08 -0.68
CA ALA B 49 8.66 32.66 -0.88
C ALA B 49 7.76 32.40 -2.08
N SER B 50 7.09 33.43 -2.63
CA SER B 50 6.16 33.29 -3.75
C SER B 50 6.67 34.11 -4.92
N SER B 51 6.87 33.44 -6.06
CA SER B 51 7.24 34.05 -7.34
C SER B 51 8.66 34.63 -7.37
N ASN B 52 9.47 34.42 -6.33
CA ASN B 52 10.87 34.86 -6.29
C ASN B 52 11.00 36.38 -6.45
N THR B 53 10.03 37.10 -5.90
CA THR B 53 10.02 38.57 -5.99
C THR B 53 10.86 39.13 -4.86
N CYS B 54 12.11 39.49 -5.17
CA CYS B 54 13.02 40.04 -4.18
C CYS B 54 12.59 41.46 -3.79
N MET B 55 13.16 41.94 -2.68
CA MET B 55 12.87 43.27 -2.18
C MET B 55 14.04 43.73 -1.31
N VAL B 56 14.64 44.85 -1.71
CA VAL B 56 15.74 45.48 -0.96
C VAL B 56 15.16 46.71 -0.27
N THR B 57 15.28 46.75 1.06
CA THR B 57 14.76 47.86 1.84
C THR B 57 15.56 47.98 3.14
N ASN B 58 15.78 49.22 3.56
CA ASN B 58 16.48 49.54 4.79
C ASN B 58 15.53 49.81 5.95
N ASP B 59 14.28 50.19 5.69
CA ASP B 59 13.33 50.47 6.76
C ASP B 59 12.96 49.18 7.48
N GLY B 60 12.95 49.25 8.81
CA GLY B 60 12.58 48.08 9.61
C GLY B 60 11.12 47.69 9.50
N ALA B 61 10.24 48.64 9.18
CA ALA B 61 8.82 48.32 9.07
C ALA B 61 8.54 47.40 7.88
N THR B 62 9.14 47.69 6.73
CA THR B 62 8.97 46.82 5.57
C THR B 62 9.65 45.48 5.77
N ILE B 63 10.76 45.45 6.50
CA ILE B 63 11.49 44.21 6.73
C ILE B 63 10.69 43.30 7.65
N LEU B 64 10.26 43.83 8.80
CA LEU B 64 9.59 43.00 9.79
C LEU B 64 8.20 42.57 9.33
N LYS B 65 7.52 43.40 8.53
CA LYS B 65 6.23 42.99 7.98
C LYS B 65 6.39 41.90 6.93
N SER B 66 7.50 41.90 6.20
CA SER B 66 7.70 40.91 5.14
C SER B 66 8.15 39.56 5.70
N ILE B 67 9.00 39.57 6.72
CA ILE B 67 9.57 38.34 7.27
C ILE B 67 8.48 37.65 8.10
N PRO B 68 8.36 36.31 8.09
CA PRO B 68 7.38 35.67 8.98
C PRO B 68 7.97 35.43 10.35
N LEU B 69 7.18 35.70 11.40
CA LEU B 69 7.57 35.47 12.78
C LEU B 69 6.35 35.00 13.56
N ASP B 70 6.46 33.82 14.18
CA ASP B 70 5.36 33.21 14.93
C ASP B 70 5.32 33.61 16.40
N ASN B 71 6.35 34.29 16.91
CA ASN B 71 6.38 34.67 18.31
C ASN B 71 5.32 35.74 18.57
N PRO B 72 4.56 35.69 19.68
CA PRO B 72 3.66 36.82 19.95
C PRO B 72 4.40 38.10 20.29
N ALA B 73 5.59 38.00 20.87
CA ALA B 73 6.39 39.19 21.15
C ALA B 73 6.84 39.86 19.87
N ALA B 74 7.11 39.08 18.82
CA ALA B 74 7.51 39.66 17.54
C ALA B 74 6.40 40.49 16.91
N LYS B 75 5.14 40.14 17.16
CA LYS B 75 4.02 40.90 16.59
C LYS B 75 3.96 42.31 17.17
N VAL B 76 4.31 42.46 18.44
CA VAL B 76 4.30 43.79 19.06
C VAL B 76 5.37 44.68 18.43
N LEU B 77 6.56 44.13 18.20
CA LEU B 77 7.59 44.88 17.51
C LEU B 77 7.24 45.12 16.04
N VAL B 78 6.46 44.21 15.44
CA VAL B 78 5.98 44.43 14.08
C VAL B 78 4.92 45.52 14.06
N ASN B 79 4.03 45.51 15.06
CA ASN B 79 2.89 46.43 15.07
C ASN B 79 3.32 47.84 15.47
N ILE B 80 4.24 47.97 16.43
CA ILE B 80 4.75 49.28 16.82
C ILE B 80 5.54 49.90 15.67
N SER B 81 6.20 49.08 14.85
CA SER B 81 6.92 49.61 13.69
C SER B 81 5.96 50.01 12.58
N LYS B 82 4.84 49.30 12.44
CA LYS B 82 3.85 49.65 11.43
C LYS B 82 3.17 50.97 11.78
N VAL B 83 2.89 51.20 13.06
CA VAL B 83 2.25 52.44 13.47
C VAL B 83 3.22 53.61 13.29
N GLN B 84 4.51 53.40 13.59
CA GLN B 84 5.50 54.46 13.42
C GLN B 84 5.73 54.76 11.95
N ASP B 85 5.66 53.72 11.09
CA ASP B 85 5.79 53.95 9.65
C ASP B 85 4.61 54.73 9.09
N ASP B 86 3.41 54.45 9.60
CA ASP B 86 2.22 55.16 9.13
C ASP B 86 2.08 56.55 9.77
N GLU B 87 2.52 56.71 11.02
CA GLU B 87 2.33 57.98 11.73
C GLU B 87 3.30 59.05 11.19
N VAL B 88 4.59 58.79 11.30
CA VAL B 88 5.63 59.76 10.97
C VAL B 88 6.33 59.40 9.66
N GLY B 89 6.59 58.11 9.44
CA GLY B 89 7.33 57.64 8.29
C GLY B 89 8.83 57.56 8.48
N ASP B 90 9.34 57.74 9.71
CA ASP B 90 10.76 57.68 9.97
C ASP B 90 10.96 57.36 11.44
N GLY B 91 12.10 56.73 11.75
CA GLY B 91 12.42 56.34 13.10
C GLY B 91 11.88 55.00 13.52
N THR B 92 11.55 54.11 12.57
CA THR B 92 10.97 52.82 12.93
C THR B 92 12.02 51.90 13.55
N THR B 93 13.22 51.88 12.97
CA THR B 93 14.28 51.03 13.52
C THR B 93 14.74 51.51 14.89
N SER B 94 14.64 52.83 15.16
CA SER B 94 14.98 53.34 16.48
C SER B 94 14.00 52.85 17.53
N VAL B 95 12.71 52.74 17.18
CA VAL B 95 11.73 52.21 18.11
C VAL B 95 11.97 50.72 18.33
N THR B 96 12.32 50.00 17.27
CA THR B 96 12.53 48.56 17.38
C THR B 96 13.76 48.23 18.23
N VAL B 97 14.85 48.98 18.03
CA VAL B 97 16.08 48.70 18.77
C VAL B 97 16.01 49.24 20.19
N LEU B 98 15.29 50.35 20.41
CA LEU B 98 15.18 50.92 21.75
C LEU B 98 14.20 50.13 22.61
N SER B 99 13.05 49.76 22.04
CA SER B 99 12.08 48.95 22.77
C SER B 99 12.62 47.56 23.09
N ALA B 100 13.48 47.01 22.23
CA ALA B 100 14.11 45.72 22.53
C ALA B 100 15.21 45.89 23.58
N GLU B 101 15.93 47.01 23.55
CA GLU B 101 16.98 47.25 24.53
C GLU B 101 16.40 47.55 25.91
N LEU B 102 15.22 48.18 25.97
CA LEU B 102 14.56 48.38 27.25
C LEU B 102 14.16 47.05 27.88
N LEU B 103 13.70 46.10 27.05
CA LEU B 103 13.44 44.76 27.55
C LEU B 103 14.73 44.01 27.83
N ARG B 104 15.78 44.27 27.06
CA ARG B 104 17.09 43.69 27.35
C ARG B 104 17.63 44.18 28.67
N GLU B 105 17.57 45.50 28.91
CA GLU B 105 18.00 46.05 30.19
C GLU B 105 17.10 45.62 31.33
N ALA B 106 15.80 45.44 31.07
CA ALA B 106 14.87 44.96 32.08
C ALA B 106 15.04 43.47 32.39
N GLU B 107 15.75 42.72 31.53
CA GLU B 107 15.93 41.30 31.79
C GLU B 107 16.81 41.06 33.02
N LYS B 108 17.93 41.77 33.12
CA LYS B 108 18.82 41.59 34.25
C LYS B 108 18.21 42.06 35.57
N LEU B 109 17.30 43.03 35.53
CA LEU B 109 16.59 43.41 36.76
C LEU B 109 15.70 42.28 37.25
N ILE B 110 15.07 41.55 36.33
CA ILE B 110 14.20 40.45 36.72
C ILE B 110 15.04 39.28 37.24
N ASP B 111 16.16 38.99 36.57
CA ASP B 111 16.97 37.83 36.90
C ASP B 111 17.96 38.14 38.03
N GLN B 112 18.83 39.12 37.83
CA GLN B 112 19.91 39.37 38.77
C GLN B 112 19.42 40.07 40.03
N SER B 113 18.84 41.26 39.88
CA SER B 113 18.39 42.06 41.02
C SER B 113 17.03 41.63 41.55
N LYS B 114 16.23 40.92 40.76
CA LYS B 114 14.92 40.41 41.18
C LYS B 114 13.97 41.56 41.53
N ILE B 115 13.73 42.40 40.54
CA ILE B 115 12.83 43.55 40.66
C ILE B 115 11.45 43.11 40.21
N HIS B 116 10.42 43.65 40.86
CA HIS B 116 9.05 43.34 40.46
C HIS B 116 8.79 43.93 39.07
N PRO B 117 7.96 43.31 38.22
CA PRO B 117 7.65 43.95 36.94
C PRO B 117 6.87 45.24 37.09
N GLN B 118 6.06 45.38 38.14
CA GLN B 118 5.32 46.61 38.36
C GLN B 118 6.23 47.75 38.79
N THR B 119 7.39 47.45 39.37
CA THR B 119 8.34 48.50 39.73
C THR B 119 9.13 48.99 38.53
N ILE B 120 9.42 48.12 37.57
CA ILE B 120 10.19 48.52 36.40
C ILE B 120 9.36 49.48 35.53
N ILE B 121 8.09 49.15 35.33
CA ILE B 121 7.21 50.03 34.57
C ILE B 121 6.94 51.32 35.34
N GLU B 122 6.87 51.26 36.67
CA GLU B 122 6.62 52.46 37.46
C GLU B 122 7.78 53.45 37.36
N GLY B 123 9.01 52.94 37.28
CA GLY B 123 10.14 53.83 37.05
C GLY B 123 10.14 54.39 35.64
N TYR B 124 9.71 53.59 34.67
CA TYR B 124 9.66 54.06 33.29
C TYR B 124 8.60 55.14 33.10
N ARG B 125 7.55 55.13 33.92
CA ARG B 125 6.55 56.20 33.85
C ARG B 125 7.17 57.53 34.27
N LEU B 126 7.81 57.57 35.44
CA LEU B 126 8.46 58.79 35.89
C LEU B 126 9.69 59.13 35.05
N ALA B 127 10.39 58.12 34.53
CA ALA B 127 11.54 58.39 33.68
C ALA B 127 11.12 58.92 32.31
N SER B 128 10.03 58.39 31.77
CA SER B 128 9.52 58.90 30.49
C SER B 128 8.93 60.30 30.65
N ALA B 129 8.35 60.61 31.80
CA ALA B 129 7.82 61.95 32.04
C ALA B 129 8.94 62.97 32.07
N ALA B 130 10.03 62.68 32.77
CA ALA B 130 11.19 63.58 32.76
C ALA B 130 11.87 63.60 31.38
N ALA B 131 11.74 62.52 30.61
CA ALA B 131 12.36 62.49 29.29
C ALA B 131 11.68 63.48 28.34
N LEU B 132 10.35 63.46 28.28
CA LEU B 132 9.64 64.40 27.42
C LEU B 132 9.78 65.83 27.91
N ASP B 133 9.93 66.04 29.22
CA ASP B 133 10.16 67.39 29.73
C ASP B 133 11.50 67.95 29.29
N ALA B 134 12.50 67.09 29.05
CA ALA B 134 13.78 67.57 28.53
C ALA B 134 13.64 68.11 27.11
N LEU B 135 12.80 67.46 26.29
CA LEU B 135 12.55 67.95 24.95
C LEU B 135 11.71 69.23 24.94
N THR B 136 10.96 69.50 26.01
CA THR B 136 10.17 70.73 26.07
C THR B 136 11.08 71.95 26.13
N LYS B 137 12.15 71.88 26.93
CA LYS B 137 13.11 72.98 27.05
C LYS B 137 14.21 72.92 25.99
N ALA B 138 14.54 71.73 25.48
CA ALA B 138 15.61 71.58 24.50
C ALA B 138 15.20 71.93 23.08
N ALA B 139 13.92 72.14 22.82
CA ALA B 139 13.44 72.47 21.48
C ALA B 139 13.71 73.93 21.17
N VAL B 140 13.56 74.28 19.90
CA VAL B 140 13.74 75.65 19.41
C VAL B 140 12.73 75.90 18.30
N ASP B 141 12.06 77.05 18.38
CA ASP B 141 11.03 77.44 17.41
C ASP B 141 11.63 78.41 16.41
N ASN B 142 11.69 78.00 15.14
CA ASN B 142 12.21 78.80 14.04
C ASN B 142 11.09 79.29 13.12
N SER B 143 9.91 79.55 13.68
CA SER B 143 8.77 80.03 12.90
C SER B 143 8.84 81.52 12.58
N HIS B 144 9.58 82.31 13.36
CA HIS B 144 9.62 83.76 13.18
C HIS B 144 10.28 84.17 11.87
N ASP B 145 11.13 83.33 11.28
CA ASP B 145 11.87 83.64 10.06
C ASP B 145 11.71 82.48 9.09
N LYS B 146 11.31 82.79 7.85
CA LYS B 146 11.16 81.76 6.83
C LYS B 146 12.49 81.30 6.28
N THR B 147 13.50 82.18 6.25
CA THR B 147 14.81 81.81 5.72
C THR B 147 15.50 80.79 6.64
N MET B 148 15.35 80.96 7.95
CA MET B 148 15.90 79.97 8.87
C MET B 148 15.10 78.67 8.83
N PHE B 149 13.78 78.76 8.68
CA PHE B 149 12.98 77.54 8.50
C PHE B 149 13.30 76.86 7.18
N ARG B 150 13.61 77.64 6.15
CA ARG B 150 14.09 77.07 4.89
C ARG B 150 15.41 76.34 5.09
N GLU B 151 16.27 76.87 5.97
CA GLU B 151 17.52 76.19 6.28
C GLU B 151 17.31 74.98 7.17
N ASP B 152 16.24 74.98 7.99
CA ASP B 152 15.96 73.82 8.83
C ASP B 152 15.51 72.62 8.01
N LEU B 153 14.74 72.86 6.94
CA LEU B 153 14.31 71.75 6.08
C LEU B 153 15.49 71.14 5.33
N ILE B 154 16.54 71.92 5.07
CA ILE B 154 17.75 71.37 4.49
C ILE B 154 18.39 70.36 5.44
N HIS B 155 18.65 70.78 6.68
CA HIS B 155 19.37 69.95 7.63
C HIS B 155 18.56 68.72 8.03
N ILE B 156 17.23 68.81 8.05
CA ILE B 156 16.41 67.64 8.32
C ILE B 156 16.48 66.67 7.15
N ALA B 157 16.57 67.20 5.93
CA ALA B 157 16.74 66.33 4.76
C ALA B 157 18.13 65.70 4.75
N LYS B 158 19.14 66.43 5.24
CA LYS B 158 20.47 65.85 5.39
C LYS B 158 20.47 64.70 6.37
N THR B 159 19.67 64.80 7.44
CA THR B 159 19.68 63.76 8.47
C THR B 159 18.91 62.52 8.01
N THR B 160 17.75 62.71 7.37
CA THR B 160 16.91 61.57 7.01
C THR B 160 17.46 60.82 5.80
N LEU B 161 17.96 61.54 4.80
CA LEU B 161 18.47 60.91 3.58
C LEU B 161 19.85 60.28 3.75
N SER B 162 20.58 60.61 4.83
CA SER B 162 21.91 60.04 5.02
C SER B 162 21.85 58.55 5.37
N SER B 163 20.77 58.10 5.99
CA SER B 163 20.66 56.70 6.39
C SER B 163 20.46 55.76 5.20
N LYS B 164 19.81 56.22 4.14
CA LYS B 164 19.50 55.38 2.99
C LYS B 164 20.71 55.33 2.07
N ILE B 165 20.55 54.77 0.86
CA ILE B 165 21.65 54.68 -0.09
C ILE B 165 22.04 56.01 -0.72
N LEU B 166 21.29 57.09 -0.48
CA LEU B 166 21.52 58.39 -1.10
C LEU B 166 22.40 59.29 -0.25
N SER B 167 23.36 58.72 0.49
CA SER B 167 24.20 59.52 1.38
C SER B 167 25.09 60.49 0.62
N GLN B 168 25.52 60.12 -0.60
CA GLN B 168 26.34 61.02 -1.41
C GLN B 168 25.50 62.07 -2.11
N ASP B 169 24.37 61.67 -2.68
CA ASP B 169 23.52 62.56 -3.45
C ASP B 169 22.50 63.32 -2.58
N LYS B 170 22.63 63.28 -1.25
CA LYS B 170 21.71 64.03 -0.40
C LYS B 170 21.93 65.53 -0.51
N ASP B 171 23.11 65.98 -0.93
CA ASP B 171 23.35 67.41 -1.11
C ASP B 171 22.48 67.98 -2.23
N HIS B 172 22.21 67.18 -3.27
CA HIS B 172 21.36 67.61 -4.38
C HIS B 172 19.88 67.39 -4.11
N PHE B 173 19.52 66.28 -3.48
CA PHE B 173 18.12 66.00 -3.17
C PHE B 173 17.60 66.79 -1.98
N ALA B 174 18.49 67.37 -1.16
CA ALA B 174 18.04 68.24 -0.08
C ALA B 174 17.35 69.48 -0.64
N GLU B 175 17.89 70.04 -1.72
CA GLU B 175 17.22 71.16 -2.38
C GLU B 175 15.96 70.69 -3.10
N LEU B 176 15.97 69.46 -3.61
CA LEU B 176 14.77 68.93 -4.26
C LEU B 176 13.69 68.62 -3.25
N ALA B 177 14.06 68.13 -2.07
CA ALA B 177 13.07 67.77 -1.07
C ALA B 177 12.39 69.00 -0.48
N THR B 178 13.17 70.01 -0.12
CA THR B 178 12.62 71.21 0.51
C THR B 178 11.77 72.03 -0.45
N ASN B 179 12.09 72.03 -1.75
CA ASN B 179 11.27 72.75 -2.71
C ASN B 179 9.88 72.13 -2.86
N ALA B 180 9.79 70.81 -2.78
CA ALA B 180 8.48 70.15 -2.85
C ALA B 180 7.62 70.51 -1.65
N ILE B 181 8.24 70.71 -0.49
CA ILE B 181 7.48 71.09 0.71
C ILE B 181 7.03 72.55 0.61
N LEU B 182 7.93 73.44 0.19
CA LEU B 182 7.53 74.83 -0.05
C LEU B 182 6.56 74.95 -1.22
N ARG B 183 6.59 73.99 -2.17
CA ARG B 183 5.56 73.95 -3.21
C ARG B 183 4.19 73.67 -2.62
N LEU B 184 4.09 72.63 -1.78
CA LEU B 184 2.81 72.28 -1.17
C LEU B 184 2.32 73.31 -0.16
N LYS B 185 3.22 74.18 0.36
CA LYS B 185 2.92 75.31 1.24
C LYS B 185 2.06 74.94 2.45
N GLY B 186 2.23 73.73 2.98
CA GLY B 186 1.56 73.27 4.19
C GLY B 186 0.69 72.04 4.01
N SER B 187 0.37 71.62 2.80
CA SER B 187 -0.44 70.41 2.57
C SER B 187 0.41 69.20 2.91
N THR B 188 0.13 68.56 4.05
CA THR B 188 0.91 67.45 4.54
C THR B 188 0.47 66.10 3.95
N ASN B 189 -0.40 66.09 2.94
CA ASN B 189 -0.84 64.85 2.32
C ASN B 189 0.22 64.37 1.35
N LEU B 190 0.79 63.19 1.61
CA LEU B 190 1.85 62.64 0.78
C LEU B 190 1.34 62.06 -0.54
N GLU B 191 0.03 61.87 -0.70
CA GLU B 191 -0.52 61.34 -1.94
C GLU B 191 -0.48 62.33 -3.10
N HIS B 192 -0.18 63.61 -2.85
CA HIS B 192 -0.13 64.64 -3.89
C HIS B 192 1.24 64.76 -4.55
N ILE B 193 2.08 63.73 -4.46
CA ILE B 193 3.40 63.70 -5.09
C ILE B 193 3.51 62.39 -5.85
N GLN B 194 3.62 62.47 -7.18
CA GLN B 194 3.75 61.31 -8.04
C GLN B 194 5.24 61.04 -8.30
N ILE B 195 5.70 59.87 -7.88
CA ILE B 195 7.08 59.45 -8.04
C ILE B 195 7.14 58.53 -9.26
N ILE B 196 7.62 59.06 -10.38
CA ILE B 196 7.72 58.32 -11.63
C ILE B 196 9.02 57.52 -11.58
N LYS B 197 8.91 56.21 -11.74
CA LYS B 197 10.05 55.29 -11.65
C LYS B 197 10.63 55.11 -13.04
N ILE B 198 11.93 55.39 -13.19
CA ILE B 198 12.66 55.22 -14.45
C ILE B 198 13.99 54.57 -14.13
N LEU B 199 14.26 53.42 -14.75
CA LEU B 199 15.53 52.72 -14.63
C LEU B 199 16.47 53.20 -15.72
N GLY B 200 17.75 53.29 -15.37
CA GLY B 200 18.80 53.75 -16.26
C GLY B 200 19.26 55.16 -15.92
N GLY B 201 20.47 55.48 -16.36
CA GLY B 201 21.06 56.77 -16.12
C GLY B 201 21.73 56.86 -14.76
N LYS B 202 22.45 57.97 -14.56
CA LYS B 202 23.14 58.21 -13.31
C LYS B 202 22.14 58.53 -12.21
N LEU B 203 22.52 58.21 -10.98
CA LEU B 203 21.64 58.44 -9.83
C LEU B 203 21.36 59.92 -9.59
N SER B 204 22.30 60.80 -9.94
CA SER B 204 22.13 62.23 -9.73
C SER B 204 21.35 62.94 -10.85
N ASP B 205 20.78 62.19 -11.81
CA ASP B 205 20.04 62.78 -12.91
C ASP B 205 18.59 63.10 -12.55
N SER B 206 18.18 62.98 -11.28
CA SER B 206 16.83 63.31 -10.90
C SER B 206 16.59 64.81 -10.99
N PHE B 207 15.33 65.21 -11.11
CA PHE B 207 14.95 66.60 -11.25
C PHE B 207 13.53 66.79 -10.74
N LEU B 208 13.14 68.06 -10.63
CA LEU B 208 11.82 68.46 -10.14
C LEU B 208 11.30 69.57 -11.06
N ASP B 209 10.52 69.18 -12.06
CA ASP B 209 9.96 70.15 -12.99
C ASP B 209 8.75 70.84 -12.36
N GLU B 210 8.55 72.10 -12.76
CA GLU B 210 7.44 72.91 -12.26
C GLU B 210 6.21 72.57 -13.07
N GLY B 211 5.58 71.46 -12.74
CA GLY B 211 4.38 71.02 -13.43
C GLY B 211 4.06 69.58 -13.08
N PHE B 212 3.12 69.02 -13.83
CA PHE B 212 2.62 67.67 -13.63
C PHE B 212 2.95 66.83 -14.86
N ILE B 213 3.60 65.68 -14.64
CA ILE B 213 4.09 64.81 -15.69
C ILE B 213 3.14 63.62 -15.79
N LEU B 214 2.52 63.46 -16.95
CA LEU B 214 1.61 62.34 -17.19
C LEU B 214 2.40 61.09 -17.56
N ALA B 215 1.83 59.94 -17.19
CA ALA B 215 2.37 58.64 -17.59
C ALA B 215 1.91 58.19 -18.98
N LYS B 216 0.98 58.91 -19.63
CA LYS B 216 0.39 58.55 -20.90
C LYS B 216 0.64 59.65 -21.92
N LYS B 217 0.11 59.44 -23.13
CA LYS B 217 0.34 60.30 -24.30
C LYS B 217 -1.00 60.58 -24.97
N PHE B 218 -0.94 61.38 -26.04
CA PHE B 218 -2.13 61.70 -26.82
C PHE B 218 -2.56 60.49 -27.63
N GLY B 219 -3.85 60.44 -27.95
CA GLY B 219 -4.43 59.25 -28.55
C GLY B 219 -4.01 58.94 -29.96
N ASN B 220 -4.49 59.74 -30.93
CA ASN B 220 -4.36 59.42 -32.35
C ASN B 220 -3.54 60.43 -33.13
N ASN B 221 -3.97 61.71 -33.18
CA ASN B 221 -3.39 62.72 -34.05
C ASN B 221 -3.17 64.07 -33.38
N GLN B 222 -3.46 64.22 -32.08
CA GLN B 222 -3.35 65.52 -31.46
C GLN B 222 -1.87 65.91 -31.34
N PRO B 223 -1.52 67.19 -31.47
CA PRO B 223 -0.10 67.56 -31.59
C PRO B 223 0.63 67.41 -30.26
N LYS B 224 1.96 67.41 -30.36
CA LYS B 224 2.82 67.33 -29.18
C LYS B 224 3.06 68.71 -28.57
N ARG B 225 3.50 69.66 -29.41
CA ARG B 225 3.93 70.99 -28.96
C ARG B 225 2.80 71.97 -29.21
N ILE B 226 2.37 72.66 -28.16
CA ILE B 226 1.36 73.71 -28.23
C ILE B 226 1.68 74.77 -27.19
N GLU B 227 0.97 75.89 -27.26
CA GLU B 227 1.17 77.02 -26.35
C GLU B 227 -0.17 77.69 -26.05
N ASN B 228 -0.28 78.20 -24.83
CA ASN B 228 -1.47 78.91 -24.35
C ASN B 228 -2.71 78.02 -24.41
N ALA B 229 -2.61 76.89 -23.70
CA ALA B 229 -3.68 75.90 -23.64
C ALA B 229 -4.50 76.07 -22.37
N LYS B 230 -5.82 76.00 -22.51
CA LYS B 230 -6.76 76.04 -21.41
C LYS B 230 -7.14 74.61 -21.05
N ILE B 231 -6.94 74.23 -19.79
CA ILE B 231 -7.15 72.87 -19.31
C ILE B 231 -8.55 72.80 -18.72
N LEU B 232 -9.30 71.77 -19.11
CA LEU B 232 -10.62 71.47 -18.56
C LEU B 232 -10.65 69.99 -18.19
N ILE B 233 -11.01 69.71 -16.93
CA ILE B 233 -11.01 68.36 -16.37
C ILE B 233 -12.46 67.96 -16.13
N ALA B 234 -12.77 66.69 -16.38
CA ALA B 234 -14.10 66.13 -16.22
C ALA B 234 -14.01 64.72 -15.65
N ASN B 235 -14.99 64.25 -14.93
CA ASN B 235 -14.96 62.89 -14.53
C ASN B 235 -16.12 62.38 -15.24
N THR B 236 -16.35 62.88 -16.42
CA THR B 236 -17.54 62.49 -17.10
C THR B 236 -17.47 61.43 -18.11
N THR B 237 -18.41 60.49 -18.03
CA THR B 237 -18.45 59.37 -18.92
C THR B 237 -18.17 59.90 -20.24
N LEU B 238 -18.98 60.85 -20.62
CA LEU B 238 -18.64 61.55 -21.87
C LEU B 238 -18.39 60.61 -23.05
N ASP B 239 -18.85 59.35 -22.99
CA ASP B 239 -18.55 58.35 -24.01
C ASP B 239 -19.65 57.28 -24.00
N THR B 240 -20.53 57.32 -25.01
CA THR B 240 -21.61 56.33 -25.16
C THR B 240 -22.51 56.33 -23.92
N ASP B 241 -23.20 57.45 -23.72
CA ASP B 241 -23.85 57.74 -22.45
C ASP B 241 -24.98 56.75 -22.15
N LYS B 242 -24.72 55.85 -21.20
CA LYS B 242 -25.72 54.96 -20.63
C LYS B 242 -26.49 55.65 -19.52
N VAL B 243 -27.76 56.01 -19.76
CA VAL B 243 -28.55 56.84 -18.86
C VAL B 243 -28.69 56.18 -17.50
N LYS B 244 -28.98 56.98 -16.49
CA LYS B 244 -28.88 56.59 -15.08
C LYS B 244 -29.81 55.45 -14.70
N ILE B 245 -30.93 55.27 -15.44
CA ILE B 245 -31.82 54.11 -15.27
C ILE B 245 -31.54 53.11 -16.38
N PHE B 246 -31.27 51.87 -15.99
CA PHE B 246 -30.96 50.79 -16.93
C PHE B 246 -32.21 50.06 -17.44
N GLY B 247 -33.40 50.40 -16.94
CA GLY B 247 -34.63 49.87 -17.48
C GLY B 247 -35.09 50.51 -18.78
N THR B 248 -34.32 51.43 -19.35
CA THR B 248 -34.69 52.07 -20.61
C THR B 248 -34.61 51.06 -21.75
N LYS B 249 -35.54 51.19 -22.70
CA LYS B 249 -35.60 50.35 -23.88
C LYS B 249 -36.15 51.17 -25.04
N PHE B 250 -36.00 50.61 -26.24
CA PHE B 250 -36.56 51.17 -27.46
C PHE B 250 -37.51 50.15 -28.09
N LYS B 251 -38.79 50.51 -28.17
CA LYS B 251 -39.79 49.71 -28.88
C LYS B 251 -39.69 50.06 -30.35
N VAL B 252 -38.89 49.29 -31.09
CA VAL B 252 -38.60 49.56 -32.50
C VAL B 252 -39.62 48.82 -33.34
N ASP B 253 -40.35 49.57 -34.17
CA ASP B 253 -41.26 49.00 -35.15
C ASP B 253 -40.59 48.78 -36.51
N SER B 254 -39.53 49.52 -36.81
CA SER B 254 -38.81 49.36 -38.06
C SER B 254 -37.36 49.82 -37.87
N THR B 255 -36.45 49.14 -38.57
CA THR B 255 -35.03 49.45 -38.45
C THR B 255 -34.68 50.85 -38.96
N ALA B 256 -35.49 51.41 -39.86
CA ALA B 256 -35.25 52.77 -40.32
C ALA B 256 -35.38 53.78 -39.19
N LYS B 257 -36.32 53.54 -38.26
CA LYS B 257 -36.44 54.40 -37.09
C LYS B 257 -35.29 54.18 -36.11
N LEU B 258 -34.79 52.95 -36.01
CA LEU B 258 -33.65 52.68 -35.15
C LEU B 258 -32.37 53.33 -35.70
N ALA B 259 -32.31 53.54 -37.01
CA ALA B 259 -31.20 54.31 -37.57
C ALA B 259 -31.24 55.76 -37.07
N GLN B 260 -32.44 56.29 -36.83
CA GLN B 260 -32.56 57.63 -36.26
C GLN B 260 -32.22 57.65 -34.78
N LEU B 261 -32.48 56.55 -34.06
CA LEU B 261 -32.19 56.51 -32.63
C LEU B 261 -30.69 56.49 -32.38
N GLU B 262 -29.94 55.65 -33.12
CA GLU B 262 -28.49 55.67 -33.01
C GLU B 262 -27.93 57.00 -33.49
N LYS B 263 -28.56 57.62 -34.50
CA LYS B 263 -28.20 58.96 -34.89
C LYS B 263 -28.48 59.96 -33.78
N ALA B 264 -29.56 59.77 -33.03
CA ALA B 264 -29.88 60.65 -31.93
C ALA B 264 -28.86 60.52 -30.80
N GLU B 265 -28.32 59.31 -30.58
CA GLU B 265 -27.25 59.15 -29.62
C GLU B 265 -26.00 59.90 -30.07
N ARG B 266 -25.75 59.95 -31.38
CA ARG B 266 -24.63 60.73 -31.91
C ARG B 266 -24.93 62.22 -31.89
N GLU B 267 -26.20 62.62 -32.02
CA GLU B 267 -26.54 64.03 -32.01
C GLU B 267 -26.35 64.63 -30.62
N LYS B 268 -26.80 63.93 -29.57
CA LYS B 268 -26.60 64.44 -28.22
C LYS B 268 -25.12 64.44 -27.84
N MET B 269 -24.37 63.44 -28.29
CA MET B 269 -22.92 63.46 -28.08
C MET B 269 -22.28 64.58 -28.89
N LYS B 270 -22.74 64.78 -30.12
CA LYS B 270 -22.31 65.94 -30.90
C LYS B 270 -22.73 67.24 -30.23
N ASN B 271 -23.91 67.24 -29.60
CA ASN B 271 -24.35 68.43 -28.87
C ASN B 271 -23.54 68.63 -27.60
N LYS B 272 -23.12 67.54 -26.95
CA LYS B 272 -22.31 67.67 -25.75
C LYS B 272 -20.92 68.22 -26.05
N ILE B 273 -20.29 67.73 -27.13
CA ILE B 273 -18.99 68.25 -27.54
C ILE B 273 -19.14 69.69 -28.02
N ALA B 274 -20.29 70.04 -28.59
CA ALA B 274 -20.52 71.44 -28.98
C ALA B 274 -20.56 72.35 -27.76
N LYS B 275 -21.03 71.86 -26.62
CA LYS B 275 -21.00 72.64 -25.38
C LYS B 275 -19.59 72.76 -24.82
N ILE B 276 -18.70 71.82 -25.12
CA ILE B 276 -17.31 71.94 -24.69
C ILE B 276 -16.63 73.08 -25.44
N SER B 277 -16.95 73.24 -26.72
CA SER B 277 -16.35 74.31 -27.53
C SER B 277 -16.76 75.70 -27.10
N LYS B 278 -17.87 75.84 -26.37
CA LYS B 278 -18.30 77.16 -25.91
C LYS B 278 -17.32 77.78 -24.92
N PHE B 279 -16.57 76.95 -24.17
CA PHE B 279 -15.54 77.47 -23.28
C PHE B 279 -14.37 78.09 -24.04
N GLY B 280 -14.12 77.66 -25.28
CA GLY B 280 -12.98 78.16 -26.03
C GLY B 280 -11.66 77.60 -25.56
N ILE B 281 -11.58 76.28 -25.40
CA ILE B 281 -10.41 75.63 -24.82
C ILE B 281 -9.57 75.01 -25.94
N ASN B 282 -8.36 74.59 -25.59
CA ASN B 282 -7.43 73.89 -26.48
C ASN B 282 -7.01 72.52 -25.97
N THR B 283 -7.27 72.19 -24.69
CA THR B 283 -6.99 70.89 -24.11
C THR B 283 -8.17 70.45 -23.27
N PHE B 284 -8.50 69.16 -23.36
CA PHE B 284 -9.57 68.54 -22.59
C PHE B 284 -9.08 67.21 -22.04
N ILE B 285 -9.34 66.97 -20.76
CA ILE B 285 -8.85 65.80 -20.03
C ILE B 285 -10.04 65.15 -19.33
N ASN B 286 -10.11 63.83 -19.42
CA ASN B 286 -11.17 63.03 -18.80
C ASN B 286 -10.56 61.76 -18.23
N ARG B 287 -11.09 61.32 -17.08
CA ARG B 287 -10.54 60.14 -16.41
C ARG B 287 -10.93 58.83 -17.07
N GLN B 288 -12.16 58.72 -17.59
CA GLN B 288 -12.55 57.53 -18.32
C GLN B 288 -11.85 57.49 -19.68
N LEU B 289 -11.60 56.28 -20.17
CA LEU B 289 -10.99 56.11 -21.47
C LEU B 289 -11.96 56.53 -22.56
N ILE B 290 -11.46 57.34 -23.50
CA ILE B 290 -12.28 57.99 -24.51
C ILE B 290 -12.33 57.07 -25.73
N TYR B 291 -13.54 56.85 -26.24
CA TYR B 291 -13.76 55.99 -27.40
C TYR B 291 -13.57 56.81 -28.68
N ASP B 292 -13.83 56.19 -29.84
CA ASP B 292 -13.41 56.77 -31.11
C ASP B 292 -14.28 57.97 -31.52
N TYR B 293 -15.60 57.88 -31.31
CA TYR B 293 -16.50 58.89 -31.86
C TYR B 293 -16.33 60.27 -31.21
N PRO B 294 -16.34 60.41 -29.87
CA PRO B 294 -16.04 61.75 -29.32
C PRO B 294 -14.60 62.19 -29.53
N GLU B 295 -13.67 61.27 -29.77
CA GLU B 295 -12.29 61.65 -30.06
C GLU B 295 -12.18 62.38 -31.38
N GLN B 296 -13.00 62.03 -32.37
CA GLN B 296 -12.87 62.60 -33.69
C GLN B 296 -13.35 64.05 -33.71
N LEU B 297 -14.38 64.38 -32.93
CA LEU B 297 -14.93 65.73 -32.96
C LEU B 297 -13.99 66.77 -32.37
N PHE B 298 -13.03 66.37 -31.53
CA PHE B 298 -12.04 67.32 -31.03
C PHE B 298 -11.04 67.78 -32.10
N THR B 299 -10.90 67.02 -33.19
CA THR B 299 -9.90 67.38 -34.21
C THR B 299 -10.29 68.66 -34.94
N ASP B 300 -11.55 68.77 -35.36
CA ASP B 300 -12.00 69.96 -36.08
C ASP B 300 -12.02 71.19 -35.18
N LEU B 301 -12.32 71.03 -33.89
CA LEU B 301 -12.35 72.14 -32.95
C LEU B 301 -10.95 72.58 -32.53
N GLY B 302 -9.91 71.79 -32.78
CA GLY B 302 -8.57 72.16 -32.38
C GLY B 302 -8.29 71.96 -30.91
N ILE B 303 -8.94 70.98 -30.28
CA ILE B 303 -8.80 70.68 -28.84
C ILE B 303 -8.03 69.37 -28.72
N ASN B 304 -7.12 69.32 -27.74
CA ASN B 304 -6.39 68.10 -27.46
C ASN B 304 -7.17 67.22 -26.48
N SER B 305 -6.88 65.92 -26.52
CA SER B 305 -7.60 64.92 -25.74
C SER B 305 -6.60 63.98 -25.07
N ILE B 306 -6.82 63.71 -23.78
CA ILE B 306 -6.03 62.74 -23.00
C ILE B 306 -7.03 61.82 -22.32
N GLU B 307 -6.72 60.52 -22.32
CA GLU B 307 -7.64 59.47 -21.91
C GLU B 307 -7.03 58.58 -20.83
N HIS B 308 -7.91 58.02 -20.00
CA HIS B 308 -7.56 57.01 -19.02
C HIS B 308 -6.61 57.55 -17.94
N ALA B 309 -7.01 58.68 -17.36
CA ALA B 309 -6.31 59.25 -16.21
C ALA B 309 -6.90 58.68 -14.92
N ASP B 310 -6.02 58.34 -13.99
CA ASP B 310 -6.44 57.75 -12.72
C ASP B 310 -7.04 58.82 -11.81
N PHE B 311 -8.00 58.39 -10.97
CA PHE B 311 -8.71 59.33 -10.11
C PHE B 311 -7.78 60.00 -9.09
N GLU B 312 -6.76 59.29 -8.60
CA GLU B 312 -5.78 59.93 -7.74
C GLU B 312 -4.93 60.96 -8.48
N GLY B 313 -4.76 60.80 -9.79
CA GLY B 313 -4.03 61.77 -10.59
C GLY B 313 -4.86 62.99 -10.96
N VAL B 314 -6.19 62.84 -10.98
CA VAL B 314 -7.06 63.99 -11.24
C VAL B 314 -6.94 65.00 -10.11
N GLU B 315 -6.75 64.53 -8.87
CA GLU B 315 -6.54 65.45 -7.77
C GLU B 315 -5.23 66.20 -7.91
N ARG B 316 -4.15 65.50 -8.27
CA ARG B 316 -2.89 66.16 -8.53
C ARG B 316 -2.97 67.05 -9.76
N LEU B 317 -3.70 66.61 -10.79
CA LEU B 317 -3.80 67.38 -12.02
C LEU B 317 -4.56 68.67 -11.81
N ALA B 318 -5.59 68.66 -10.95
CA ALA B 318 -6.39 69.84 -10.73
C ALA B 318 -5.62 70.90 -9.95
N LEU B 319 -4.79 70.48 -8.99
CA LEU B 319 -4.08 71.41 -8.14
C LEU B 319 -2.85 72.02 -8.80
N VAL B 320 -2.14 71.28 -9.65
CA VAL B 320 -1.02 71.87 -10.38
C VAL B 320 -1.54 72.86 -11.41
N THR B 321 -2.63 72.52 -12.09
CA THR B 321 -3.20 73.41 -13.09
C THR B 321 -3.88 74.61 -12.43
N GLY B 322 -4.40 74.43 -11.22
CA GLY B 322 -5.07 75.51 -10.51
C GLY B 322 -6.51 75.75 -10.90
N GLY B 323 -7.05 75.00 -11.85
CA GLY B 323 -8.42 75.14 -12.29
C GLY B 323 -9.40 74.40 -11.39
N GLU B 324 -10.41 73.82 -12.02
CA GLU B 324 -11.44 73.07 -11.33
C GLU B 324 -12.02 72.02 -12.25
N VAL B 325 -12.44 70.90 -11.68
CA VAL B 325 -13.06 69.82 -12.45
C VAL B 325 -14.50 70.21 -12.74
N VAL B 326 -14.84 70.25 -14.03
CA VAL B 326 -16.12 70.77 -14.51
C VAL B 326 -16.90 69.62 -15.13
N SER B 327 -18.18 69.55 -14.78
CA SER B 327 -19.15 68.67 -15.43
C SER B 327 -20.48 69.42 -15.51
N THR B 328 -21.41 68.88 -16.31
CA THR B 328 -22.69 69.53 -16.57
C THR B 328 -22.48 70.92 -17.17
N PHE B 329 -22.00 70.89 -18.42
CA PHE B 329 -21.37 72.03 -19.09
C PHE B 329 -22.37 73.09 -19.59
N ASP B 330 -23.63 73.07 -19.18
CA ASP B 330 -24.58 74.09 -19.64
C ASP B 330 -24.24 75.48 -19.12
N GLU B 331 -23.65 75.58 -17.92
CA GLU B 331 -23.36 76.85 -17.26
C GLU B 331 -21.85 77.10 -17.26
N PRO B 332 -21.28 77.67 -18.32
CA PRO B 332 -19.84 77.97 -18.31
C PRO B 332 -19.45 79.16 -17.44
N SER B 333 -20.40 79.96 -16.97
CA SER B 333 -20.05 81.16 -16.21
C SER B 333 -19.54 80.82 -14.82
N LYS B 334 -20.30 80.03 -14.06
CA LYS B 334 -19.89 79.70 -12.70
C LYS B 334 -18.65 78.80 -12.67
N CYS B 335 -18.47 77.96 -13.68
CA CYS B 335 -17.36 77.02 -13.71
C CYS B 335 -16.04 77.75 -13.91
N LYS B 336 -14.96 77.10 -13.46
CA LYS B 336 -13.61 77.63 -13.51
C LYS B 336 -12.71 76.64 -14.24
N LEU B 337 -11.71 77.16 -14.94
CA LEU B 337 -10.73 76.36 -15.66
C LEU B 337 -9.32 76.94 -15.44
N GLY B 338 -8.32 76.07 -15.56
CA GLY B 338 -6.95 76.46 -15.33
C GLY B 338 -6.30 77.07 -16.55
N GLU B 339 -5.00 77.34 -16.41
CA GLU B 339 -4.19 77.95 -17.46
C GLU B 339 -2.79 77.36 -17.44
N CYS B 340 -2.13 77.38 -18.60
CA CYS B 340 -0.77 76.90 -18.73
C CYS B 340 -0.11 77.61 -19.90
N ASP B 341 1.21 77.77 -19.82
CA ASP B 341 1.97 78.51 -20.82
C ASP B 341 2.31 77.65 -22.03
N VAL B 342 2.91 76.48 -21.79
CA VAL B 342 3.39 75.60 -22.86
C VAL B 342 3.20 74.15 -22.42
N ILE B 343 2.87 73.29 -23.37
CA ILE B 343 2.74 71.85 -23.18
C ILE B 343 3.53 71.17 -24.28
N GLU B 344 4.32 70.15 -23.91
CA GLU B 344 5.18 69.46 -24.86
C GLU B 344 5.36 68.01 -24.41
N GLU B 345 5.30 67.10 -25.37
CA GLU B 345 5.55 65.68 -25.10
C GLU B 345 7.04 65.39 -25.17
N ILE B 346 7.54 64.67 -24.16
CA ILE B 346 8.96 64.33 -24.04
C ILE B 346 9.09 62.81 -23.99
N MET B 347 10.33 62.31 -23.92
CA MET B 347 10.61 60.89 -23.81
C MET B 347 11.78 60.71 -22.86
N LEU B 348 11.54 59.97 -21.77
CA LEU B 348 12.55 59.60 -20.79
C LEU B 348 12.60 58.07 -20.78
N GLY B 349 13.57 57.52 -21.52
CA GLY B 349 13.63 56.10 -21.74
C GLY B 349 12.74 55.67 -22.89
N GLU B 350 12.00 54.58 -22.70
CA GLU B 350 11.14 54.04 -23.75
C GLU B 350 9.74 54.65 -23.75
N GLN B 351 9.18 54.96 -22.57
CA GLN B 351 7.80 55.43 -22.46
C GLN B 351 7.76 56.94 -22.66
N PRO B 352 6.93 57.50 -23.55
CA PRO B 352 6.84 58.96 -23.62
C PRO B 352 5.96 59.53 -22.51
N PHE B 353 6.23 60.80 -22.18
CA PHE B 353 5.50 61.53 -21.15
C PHE B 353 5.17 62.92 -21.66
N LEU B 354 4.17 63.54 -21.02
CA LEU B 354 3.73 64.89 -21.33
C LEU B 354 4.30 65.85 -20.28
N LYS B 355 4.99 66.89 -20.74
CA LYS B 355 5.64 67.87 -19.89
C LYS B 355 4.78 69.12 -19.81
N PHE B 356 4.48 69.56 -18.59
CA PHE B 356 3.80 70.82 -18.32
C PHE B 356 4.77 71.75 -17.62
N SER B 357 4.76 73.03 -18.01
CA SER B 357 5.65 74.03 -17.43
C SER B 357 5.00 75.40 -17.56
N GLY B 358 5.19 76.23 -16.53
CA GLY B 358 4.65 77.57 -16.53
C GLY B 358 3.23 77.67 -16.03
N CYS B 359 2.81 76.78 -15.14
CA CYS B 359 1.46 76.83 -14.60
C CYS B 359 1.35 77.92 -13.54
N LYS B 360 0.12 78.41 -13.35
CA LYS B 360 -0.13 79.45 -12.35
C LYS B 360 -0.04 78.88 -10.94
N ALA B 361 -0.93 77.94 -10.62
CA ALA B 361 -0.90 77.31 -9.32
C ALA B 361 0.26 76.34 -9.22
N GLY B 362 0.90 76.33 -8.04
CA GLY B 362 1.98 75.41 -7.72
C GLY B 362 1.73 74.74 -6.40
N GLU B 363 0.54 74.16 -6.24
CA GLU B 363 0.15 73.45 -5.03
C GLU B 363 0.49 71.96 -5.07
N ALA B 364 1.32 71.50 -6.00
CA ALA B 364 1.69 70.10 -6.11
C ALA B 364 2.79 69.96 -7.14
N CYS B 365 3.40 68.78 -7.18
CA CYS B 365 4.54 68.53 -8.05
C CYS B 365 4.67 67.03 -8.31
N THR B 366 5.64 66.68 -9.15
CA THR B 366 5.97 65.30 -9.47
C THR B 366 7.49 65.18 -9.52
N ILE B 367 8.01 64.06 -9.01
CA ILE B 367 9.44 63.79 -8.91
C ILE B 367 9.77 62.65 -9.85
N VAL B 368 10.81 62.84 -10.67
CA VAL B 368 11.28 61.85 -11.63
C VAL B 368 12.63 61.33 -11.13
N LEU B 369 12.66 60.06 -10.73
CA LEU B 369 13.85 59.42 -10.20
C LEU B 369 14.57 58.65 -11.31
N ARG B 370 15.89 58.49 -11.16
CA ARG B 370 16.71 57.76 -12.14
C ARG B 370 17.72 56.89 -11.41
N GLY B 371 17.80 55.60 -11.73
CA GLY B 371 18.71 54.70 -11.04
C GLY B 371 19.11 53.44 -11.81
N ALA B 372 20.18 52.77 -11.39
CA ALA B 372 20.64 51.58 -12.11
C ALA B 372 19.68 50.39 -12.14
N THR B 373 19.08 50.06 -11.00
CA THR B 373 18.21 48.89 -10.95
C THR B 373 16.87 49.22 -10.36
N ASP B 374 15.89 48.34 -10.53
CA ASP B 374 14.60 48.58 -10.04
C ASP B 374 14.80 48.46 -8.60
N GLN B 375 15.70 47.63 -8.13
CA GLN B 375 15.91 47.62 -6.71
C GLN B 375 16.45 48.95 -6.15
N THR B 376 17.42 49.56 -6.80
CA THR B 376 17.84 50.86 -6.35
C THR B 376 16.73 51.85 -6.51
N LEU B 377 15.94 51.79 -7.58
CA LEU B 377 14.91 52.77 -7.72
C LEU B 377 13.91 52.65 -6.60
N ASP B 378 13.63 51.44 -6.16
CA ASP B 378 12.75 51.24 -5.06
C ASP B 378 13.27 51.75 -3.78
N GLU B 379 14.55 51.54 -3.57
CA GLU B 379 15.08 52.10 -2.38
C GLU B 379 14.93 53.57 -2.44
N ALA B 380 15.16 54.14 -3.58
CA ALA B 380 15.12 55.56 -3.67
C ALA B 380 13.76 56.04 -3.34
N GLU B 381 12.78 55.35 -3.83
CA GLU B 381 11.45 55.80 -3.63
C GLU B 381 11.12 55.75 -2.21
N ARG B 382 11.48 54.68 -1.58
CA ARG B 382 11.10 54.59 -0.23
C ARG B 382 11.78 55.69 0.53
N SER B 383 13.02 55.99 0.22
CA SER B 383 13.66 57.13 0.83
C SER B 383 12.87 58.44 0.76
N LEU B 384 12.74 59.11 -0.39
CA LEU B 384 12.06 60.41 -0.47
C LEU B 384 10.73 60.39 0.25
N HIS B 385 10.07 59.23 0.33
CA HIS B 385 8.82 59.14 1.07
C HIS B 385 9.04 59.34 2.56
N ASP B 386 10.09 58.71 3.10
CA ASP B 386 10.43 58.93 4.51
C ASP B 386 10.97 60.33 4.74
N ALA B 387 11.70 60.89 3.78
CA ALA B 387 12.23 62.24 3.92
C ALA B 387 11.12 63.27 3.85
N LEU B 388 10.28 63.19 2.81
CA LEU B 388 9.18 64.13 2.64
C LEU B 388 8.12 63.98 3.73
N SER B 389 7.98 62.79 4.32
CA SER B 389 7.00 62.61 5.38
C SER B 389 7.42 63.37 6.64
N VAL B 390 8.71 63.36 6.97
CA VAL B 390 9.19 64.07 8.15
C VAL B 390 9.12 65.58 7.91
N LEU B 391 9.57 66.03 6.74
CA LEU B 391 9.53 67.45 6.41
C LEU B 391 8.11 67.97 6.27
N SER B 392 7.16 67.13 5.85
CA SER B 392 5.78 67.56 5.74
C SER B 392 5.19 67.83 7.12
N GLN B 393 5.43 66.95 8.09
CA GLN B 393 5.00 67.17 9.45
C GLN B 393 5.81 68.25 10.16
N THR B 394 6.98 68.63 9.64
CA THR B 394 7.74 69.73 10.22
C THR B 394 7.04 71.07 10.02
N THR B 395 6.21 71.20 9.00
CA THR B 395 5.50 72.45 8.78
C THR B 395 4.46 72.68 9.88
N LYS B 396 3.66 71.68 10.19
CA LYS B 396 2.68 71.80 11.26
C LYS B 396 3.30 71.77 12.65
N GLU B 397 4.44 71.10 12.80
CA GLU B 397 5.20 71.02 14.05
C GLU B 397 6.55 71.68 13.76
N THR B 398 6.62 72.99 13.99
CA THR B 398 7.81 73.76 13.62
C THR B 398 8.98 73.49 14.55
N ARG B 399 8.72 73.07 15.79
CA ARG B 399 9.80 72.85 16.75
C ARG B 399 10.67 71.66 16.34
N THR B 400 11.98 71.81 16.55
CA THR B 400 12.98 70.83 16.15
C THR B 400 13.88 70.50 17.33
N VAL B 401 14.63 69.41 17.20
CA VAL B 401 15.52 68.90 18.23
C VAL B 401 16.81 68.46 17.57
N LEU B 402 17.95 68.79 18.20
CA LEU B 402 19.24 68.40 17.67
C LEU B 402 19.51 66.92 17.95
N GLY B 403 20.01 66.22 16.94
CA GLY B 403 20.31 64.80 17.03
C GLY B 403 21.79 64.52 17.17
N GLY B 404 22.23 63.36 16.67
CA GLY B 404 23.63 63.00 16.75
C GLY B 404 24.08 62.60 18.14
N GLY B 405 23.24 61.88 18.87
CA GLY B 405 23.54 61.49 20.23
C GLY B 405 23.25 62.54 21.28
N CYS B 406 22.97 63.79 20.90
CA CYS B 406 22.66 64.82 21.87
C CYS B 406 21.23 64.72 22.39
N ALA B 407 20.30 64.24 21.56
CA ALA B 407 18.92 64.08 22.00
C ALA B 407 18.79 63.00 23.06
N GLU B 408 19.45 61.86 22.86
CA GLU B 408 19.36 60.77 23.83
C GLU B 408 20.08 61.11 25.13
N MET B 409 21.15 61.91 25.06
CA MET B 409 21.94 62.20 26.24
C MET B 409 21.30 63.27 27.11
N VAL B 410 20.74 64.32 26.51
CA VAL B 410 20.07 65.35 27.29
C VAL B 410 18.81 64.81 27.98
N MET B 411 18.19 63.77 27.44
CA MET B 411 17.16 63.05 28.19
C MET B 411 17.77 62.35 29.40
N SER B 412 18.89 61.66 29.20
CA SER B 412 19.53 60.94 30.30
C SER B 412 20.08 61.88 31.37
N LYS B 413 20.44 63.11 30.99
CA LYS B 413 20.89 64.09 31.98
C LYS B 413 19.76 64.45 32.94
N ALA B 414 18.56 64.64 32.41
CA ALA B 414 17.40 64.95 33.25
C ALA B 414 16.85 63.71 33.93
N VAL B 415 16.95 62.55 33.30
CA VAL B 415 16.43 61.31 33.89
C VAL B 415 17.29 60.91 35.09
N ASP B 416 18.60 61.00 34.96
CA ASP B 416 19.48 60.66 36.08
C ASP B 416 19.34 61.65 37.23
N THR B 417 18.99 62.91 36.96
CA THR B 417 18.80 63.87 38.03
C THR B 417 17.58 63.52 38.88
N GLU B 418 16.51 63.04 38.24
CA GLU B 418 15.28 62.70 38.95
C GLU B 418 15.37 61.38 39.70
N ALA B 419 16.35 60.53 39.40
CA ALA B 419 16.45 59.22 40.06
C ALA B 419 16.82 59.34 41.53
N GLN B 420 17.46 60.43 41.95
CA GLN B 420 17.88 60.58 43.34
C GLN B 420 16.74 61.01 44.24
N ASN B 421 15.79 61.79 43.71
CA ASN B 421 14.65 62.26 44.51
C ASN B 421 13.55 61.20 44.69
N ILE B 422 13.73 59.98 44.15
CA ILE B 422 12.77 58.88 44.29
C ILE B 422 13.37 57.69 45.03
N ASP B 423 14.16 57.94 46.09
CA ASP B 423 14.96 56.97 46.88
C ASP B 423 14.14 55.72 47.21
N GLY B 424 14.74 54.53 47.15
CA GLY B 424 14.06 53.24 47.24
C GLY B 424 14.62 52.29 46.20
N LYS B 425 13.78 51.33 45.79
CA LYS B 425 14.13 50.36 44.76
C LYS B 425 13.75 50.83 43.35
N LYS B 426 12.94 51.89 43.22
CA LYS B 426 12.57 52.39 41.90
C LYS B 426 13.73 53.08 41.19
N SER B 427 14.79 53.47 41.91
CA SER B 427 15.89 54.19 41.28
C SER B 427 16.65 53.30 40.30
N LEU B 428 16.71 51.99 40.55
CA LEU B 428 17.36 51.07 39.62
C LEU B 428 16.58 50.97 38.32
N ALA B 429 15.25 51.08 38.37
CA ALA B 429 14.45 51.04 37.16
C ALA B 429 14.65 52.29 36.32
N VAL B 430 14.74 53.46 36.96
CA VAL B 430 14.95 54.70 36.23
C VAL B 430 16.36 54.74 35.65
N GLU B 431 17.34 54.21 36.39
CA GLU B 431 18.69 54.09 35.84
C GLU B 431 18.74 53.12 34.68
N ALA B 432 17.93 52.06 34.70
CA ALA B 432 17.84 51.15 33.56
C ALA B 432 17.26 51.86 32.34
N PHE B 433 16.32 52.77 32.55
CA PHE B 433 15.79 53.56 31.44
C PHE B 433 16.85 54.52 30.92
N ALA B 434 17.69 55.04 31.81
CA ALA B 434 18.77 55.92 31.38
C ALA B 434 19.80 55.15 30.56
N ARG B 435 20.28 54.02 31.10
CA ARG B 435 21.26 53.19 30.41
C ARG B 435 20.74 52.61 29.10
N ALA B 436 19.43 52.47 28.94
CA ALA B 436 18.88 52.05 27.65
C ALA B 436 19.06 53.13 26.60
N LEU B 437 18.98 54.41 27.00
CA LEU B 437 19.17 55.51 26.08
C LEU B 437 20.63 55.69 25.66
N ARG B 438 21.58 55.26 26.49
CA ARG B 438 22.98 55.33 26.11
C ARG B 438 23.34 54.40 24.96
N GLN B 439 22.54 53.37 24.70
CA GLN B 439 22.88 52.37 23.69
C GLN B 439 22.59 52.83 22.27
N LEU B 440 21.71 53.82 22.08
CA LEU B 440 21.43 54.32 20.74
C LEU B 440 22.67 54.97 20.11
N PRO B 441 23.39 55.86 20.80
CA PRO B 441 24.68 56.31 20.25
C PRO B 441 25.76 55.23 20.27
N THR B 442 25.58 54.14 21.01
CA THR B 442 26.57 53.07 21.01
C THR B 442 26.51 52.25 19.72
N ILE B 443 25.30 51.83 19.33
CA ILE B 443 25.16 51.08 18.08
C ILE B 443 25.45 51.98 16.89
N LEU B 444 25.16 53.28 17.00
CA LEU B 444 25.55 54.21 15.94
C LEU B 444 27.06 54.30 15.79
N ALA B 445 27.82 54.11 16.87
CA ALA B 445 29.28 54.05 16.79
C ALA B 445 29.78 52.68 16.38
N ASP B 446 29.05 51.60 16.73
CA ASP B 446 29.48 50.26 16.36
C ASP B 446 29.31 49.99 14.87
N ASN B 447 28.28 50.56 14.25
CA ASN B 447 28.07 50.38 12.82
C ASN B 447 29.18 51.00 11.99
N ALA B 448 29.77 52.10 12.44
CA ALA B 448 30.88 52.75 11.76
C ALA B 448 32.23 52.15 12.11
N GLY B 449 32.30 51.24 13.09
CA GLY B 449 33.56 50.61 13.44
C GLY B 449 34.44 51.42 14.37
N PHE B 450 33.84 52.10 15.35
CA PHE B 450 34.53 52.87 16.37
C PHE B 450 34.32 52.22 17.74
N ASP B 451 34.96 52.80 18.75
CA ASP B 451 34.88 52.26 20.10
C ASP B 451 33.52 52.56 20.71
N SER B 452 33.03 51.60 21.52
CA SER B 452 31.74 51.70 22.16
C SER B 452 31.80 52.37 23.54
N SER B 453 32.93 52.28 24.23
CA SER B 453 33.08 52.76 25.60
C SER B 453 33.72 54.14 25.68
N GLU B 454 34.87 54.33 25.03
CA GLU B 454 35.60 55.59 25.16
C GLU B 454 34.88 56.72 24.43
N LEU B 455 34.33 56.44 23.25
CA LEU B 455 33.65 57.49 22.49
C LEU B 455 32.37 57.94 23.19
N VAL B 456 31.66 57.01 23.82
CA VAL B 456 30.47 57.38 24.58
C VAL B 456 30.86 58.08 25.87
N SER B 457 32.01 57.72 26.45
CA SER B 457 32.46 58.36 27.68
C SER B 457 32.83 59.82 27.45
N LYS B 458 33.37 60.15 26.28
CA LYS B 458 33.68 61.55 25.99
C LYS B 458 32.41 62.36 25.81
N LEU B 459 31.38 61.77 25.21
CA LEU B 459 30.09 62.46 25.08
C LEU B 459 29.41 62.60 26.43
N ARG B 460 29.65 61.67 27.36
CA ARG B 460 29.10 61.79 28.70
C ARG B 460 29.68 63.00 29.43
N SER B 461 31.00 63.15 29.43
CA SER B 461 31.64 64.22 30.17
C SER B 461 31.43 65.59 29.53
N SER B 462 31.21 65.64 28.21
CA SER B 462 31.09 66.93 27.53
C SER B 462 29.80 67.65 27.88
N ILE B 463 28.71 66.92 28.09
CA ILE B 463 27.42 67.54 28.32
C ILE B 463 27.28 68.02 29.77
N TYR B 464 27.77 67.24 30.74
CA TYR B 464 27.68 67.66 32.14
C TYR B 464 28.57 68.85 32.46
N ASN B 465 29.59 69.13 31.65
CA ASN B 465 30.40 70.33 31.85
C ASN B 465 29.66 71.62 31.57
N GLY B 466 28.56 71.58 30.81
CA GLY B 466 27.73 72.73 30.52
C GLY B 466 27.69 73.10 29.05
N ILE B 467 27.79 72.10 28.17
CA ILE B 467 27.72 72.28 26.72
C ILE B 467 26.66 71.32 26.20
N SER B 468 25.46 71.86 25.95
CA SER B 468 24.32 71.07 25.48
C SER B 468 24.19 71.06 23.96
N THR B 469 25.31 71.17 23.24
CA THR B 469 25.36 71.12 21.78
C THR B 469 26.38 70.11 21.25
N SER B 470 26.96 69.27 22.12
CA SER B 470 27.98 68.31 21.70
C SER B 470 27.31 67.02 21.22
N GLY B 471 27.97 66.36 20.27
CA GLY B 471 27.44 65.13 19.75
C GLY B 471 28.51 64.36 18.99
N LEU B 472 28.11 63.21 18.45
CA LEU B 472 29.01 62.34 17.72
C LEU B 472 29.12 62.78 16.27
N ASP B 473 30.34 62.68 15.73
CA ASP B 473 30.62 62.93 14.32
C ASP B 473 31.31 61.69 13.77
N LEU B 474 30.64 61.01 12.84
CA LEU B 474 31.04 59.67 12.41
C LEU B 474 32.07 59.67 11.29
N ASN B 475 32.18 60.75 10.51
CA ASN B 475 33.13 60.75 9.41
C ASN B 475 34.58 60.82 9.89
N ASN B 476 34.82 61.47 11.03
CA ASN B 476 36.14 61.60 11.64
C ASN B 476 36.30 60.78 12.91
N GLY B 477 35.22 60.47 13.61
CA GLY B 477 35.30 59.71 14.85
C GLY B 477 35.69 60.54 16.05
N THR B 478 35.04 61.67 16.26
CA THR B 478 35.33 62.56 17.38
C THR B 478 34.10 63.41 17.67
N ILE B 479 34.16 64.16 18.77
CA ILE B 479 33.07 65.03 19.19
C ILE B 479 33.17 66.33 18.42
N ALA B 480 32.02 66.84 17.95
CA ALA B 480 31.95 68.09 17.20
C ALA B 480 30.64 68.78 17.51
N ASP B 481 30.54 70.03 17.08
CA ASP B 481 29.34 70.84 17.32
C ASP B 481 28.28 70.50 16.29
N MET B 482 27.03 70.37 16.74
CA MET B 482 25.93 69.99 15.86
C MET B 482 25.40 71.17 15.05
N ARG B 483 25.50 72.40 15.55
CA ARG B 483 25.02 73.54 14.79
C ARG B 483 25.87 73.81 13.56
N GLN B 484 27.18 73.56 13.65
CA GLN B 484 28.06 73.76 12.51
C GLN B 484 27.89 72.67 11.46
N LEU B 485 27.74 71.41 11.90
CA LEU B 485 27.55 70.32 10.96
C LEU B 485 26.18 70.41 10.28
N GLY B 486 25.16 70.83 11.02
CA GLY B 486 23.85 71.05 10.45
C GLY B 486 23.02 69.80 10.30
N ILE B 487 22.73 69.13 11.42
CA ILE B 487 21.84 67.98 11.47
C ILE B 487 20.84 68.21 12.61
N VAL B 488 19.56 67.98 12.33
CA VAL B 488 18.50 68.27 13.28
C VAL B 488 17.27 67.47 12.87
N GLU B 489 16.50 67.03 13.87
CA GLU B 489 15.26 66.29 13.69
C GLU B 489 14.10 67.13 14.20
N SER B 490 12.88 66.68 13.90
CA SER B 490 11.67 67.36 14.32
C SER B 490 11.29 66.94 15.74
N TYR B 491 10.41 67.74 16.36
CA TYR B 491 9.96 67.44 17.70
C TYR B 491 8.98 66.28 17.71
N LYS B 492 8.16 66.17 16.67
CA LYS B 492 7.20 65.07 16.60
C LYS B 492 7.89 63.72 16.43
N LEU B 493 9.05 63.70 15.77
CA LEU B 493 9.77 62.44 15.61
C LEU B 493 10.31 61.94 16.94
N LYS B 494 11.05 62.80 17.66
CA LYS B 494 11.65 62.38 18.92
C LYS B 494 10.58 62.15 19.98
N ARG B 495 9.48 62.91 19.93
CA ARG B 495 8.35 62.64 20.81
C ARG B 495 7.72 61.28 20.49
N ALA B 496 7.70 60.91 19.21
CA ALA B 496 7.04 59.67 18.82
C ALA B 496 7.86 58.44 19.20
N VAL B 497 9.17 58.47 18.93
CA VAL B 497 9.99 57.29 19.19
C VAL B 497 10.17 57.07 20.69
N VAL B 498 10.22 58.13 21.48
CA VAL B 498 10.34 57.97 22.93
C VAL B 498 9.04 57.43 23.50
N SER B 499 7.90 57.92 23.01
CA SER B 499 6.61 57.44 23.48
C SER B 499 6.30 56.05 22.94
N SER B 500 6.68 55.77 21.70
CA SER B 500 6.42 54.45 21.13
C SER B 500 7.31 53.40 21.76
N ALA B 501 8.59 53.70 21.95
CA ALA B 501 9.50 52.74 22.58
C ALA B 501 9.19 52.56 24.06
N SER B 502 8.73 53.62 24.72
CA SER B 502 8.35 53.50 26.13
C SER B 502 7.13 52.62 26.29
N GLU B 503 6.04 52.93 25.58
CA GLU B 503 4.83 52.12 25.66
C GLU B 503 5.01 50.72 25.12
N ALA B 504 5.96 50.52 24.19
CA ALA B 504 6.26 49.18 23.71
C ALA B 504 6.89 48.33 24.80
N ALA B 505 7.70 48.94 25.67
CA ALA B 505 8.28 48.20 26.79
C ALA B 505 7.22 47.81 27.81
N GLU B 506 6.16 48.61 27.95
CA GLU B 506 5.09 48.29 28.89
C GLU B 506 4.33 47.04 28.47
N VAL B 507 4.34 46.69 27.18
CA VAL B 507 3.57 45.56 26.69
C VAL B 507 4.14 44.23 27.21
N LEU B 508 5.38 43.94 26.84
CA LEU B 508 5.97 42.62 27.10
C LEU B 508 6.62 42.51 28.48
N LEU B 509 6.41 43.48 29.38
CA LEU B 509 6.78 43.36 30.79
C LEU B 509 5.62 42.91 31.66
N ARG B 510 4.42 42.98 31.22
CA ARG B 510 3.40 42.46 32.03
C ARG B 510 2.99 41.07 31.65
N VAL B 511 3.68 40.34 30.81
CA VAL B 511 3.22 39.00 30.55
C VAL B 511 3.60 37.99 31.62
N ASP B 512 2.78 36.99 31.89
CA ASP B 512 3.15 35.93 32.82
C ASP B 512 2.61 34.67 32.36
N ASN B 513 2.24 34.62 31.12
CA ASN B 513 1.74 33.41 30.49
C ASN B 513 1.55 33.65 29.00
N ILE B 514 1.89 32.63 28.20
CA ILE B 514 1.73 32.65 26.75
C ILE B 514 0.83 31.47 26.38
N ILE B 515 -0.31 31.78 25.77
CA ILE B 515 -1.32 30.79 25.38
C ILE B 515 -1.33 30.71 23.86
N ARG B 516 -1.12 29.50 23.33
CA ARG B 516 -1.09 29.25 21.89
C ARG B 516 -2.14 28.19 21.57
N ALA B 517 -3.18 28.60 20.85
CA ALA B 517 -4.21 27.68 20.37
C ALA B 517 -3.71 26.99 19.10
N ARG B 518 -4.56 26.16 18.49
CA ARG B 518 -4.16 25.46 17.28
C ARG B 518 -4.12 26.44 16.11
N PRO B 519 -3.22 26.24 15.13
CA PRO B 519 -3.36 27.00 13.88
C PRO B 519 -4.52 26.50 13.06
N ARG B 520 -5.10 27.41 12.27
CA ARG B 520 -6.21 27.11 11.36
C ARG B 520 -5.71 27.01 9.93
N PRO C 6 46.75 45.16 17.66
CA PRO C 6 47.06 44.75 19.04
C PRO C 6 45.81 44.29 19.78
N SER C 7 45.94 44.02 21.09
CA SER C 7 44.81 43.56 21.89
C SER C 7 43.68 44.58 21.94
N ASN C 8 43.97 45.87 21.82
CA ASN C 8 42.96 46.91 21.83
C ASN C 8 42.24 47.09 20.49
N ALA C 9 42.53 46.27 19.48
CA ALA C 9 41.89 46.40 18.19
C ALA C 9 40.44 45.93 18.24
N THR C 10 39.63 46.46 17.33
CA THR C 10 38.22 46.11 17.25
C THR C 10 38.04 44.82 16.46
N PHE C 11 37.51 43.79 17.11
CA PHE C 11 37.26 42.51 16.43
C PHE C 11 36.03 42.58 15.53
N LYS C 12 35.04 43.40 15.89
CA LYS C 12 33.80 43.71 15.17
C LYS C 12 32.74 42.60 15.27
N ASN C 13 33.07 41.42 15.80
CA ASN C 13 32.09 40.43 16.26
C ASN C 13 31.34 39.72 15.13
N LYS C 14 31.60 40.07 13.85
CA LYS C 14 30.80 39.63 12.72
C LYS C 14 31.71 39.19 11.59
N GLU C 15 31.63 37.90 11.24
CA GLU C 15 32.19 37.35 10.01
C GLU C 15 31.12 36.90 9.02
N LYS C 16 29.86 36.80 9.43
CA LYS C 16 28.78 36.49 8.50
C LYS C 16 28.61 37.50 7.37
N PRO C 17 28.80 38.82 7.54
CA PRO C 17 28.65 39.72 6.37
C PRO C 17 29.66 39.46 5.26
N GLN C 18 30.94 39.31 5.57
CA GLN C 18 31.94 39.05 4.54
C GLN C 18 31.74 37.69 3.88
N GLU C 19 31.18 36.72 4.60
CA GLU C 19 30.91 35.41 3.99
C GLU C 19 29.74 35.50 3.03
N VAL C 20 28.71 36.29 3.36
CA VAL C 20 27.57 36.44 2.47
C VAL C 20 27.98 37.21 1.21
N ARG C 21 28.88 38.17 1.35
CA ARG C 21 29.37 38.89 0.18
C ARG C 21 30.19 37.99 -0.74
N LYS C 22 30.94 37.05 -0.15
CA LYS C 22 31.68 36.09 -0.95
C LYS C 22 30.74 35.15 -1.68
N ALA C 23 29.64 34.74 -1.04
CA ALA C 23 28.67 33.88 -1.69
C ALA C 23 27.96 34.59 -2.84
N ASN C 24 27.77 35.91 -2.73
CA ASN C 24 27.12 36.67 -3.78
C ASN C 24 28.05 36.92 -4.96
N ILE C 25 29.34 37.13 -4.69
CA ILE C 25 30.30 37.40 -5.75
C ILE C 25 30.52 36.16 -6.61
N ILE C 26 30.61 35.00 -5.97
CA ILE C 26 30.77 33.75 -6.71
C ILE C 26 29.50 33.44 -7.50
N ALA C 27 28.34 33.72 -6.91
CA ALA C 27 27.09 33.52 -7.62
C ALA C 27 26.93 34.50 -8.78
N ALA C 28 27.45 35.72 -8.63
CA ALA C 28 27.38 36.70 -9.70
C ALA C 28 28.40 36.40 -10.79
N ARG C 29 29.59 35.91 -10.41
CA ARG C 29 30.60 35.54 -11.39
C ARG C 29 30.25 34.24 -12.11
N SER C 30 29.41 33.39 -11.52
CA SER C 30 29.03 32.14 -12.19
C SER C 30 28.21 32.41 -13.44
N VAL C 31 27.18 33.25 -13.35
CA VAL C 31 26.38 33.61 -14.51
C VAL C 31 27.10 34.57 -15.44
N ALA C 32 28.03 35.39 -14.91
CA ALA C 32 28.82 36.26 -15.79
C ALA C 32 29.75 35.44 -16.67
N ASP C 33 30.32 34.36 -16.14
CA ASP C 33 31.15 33.45 -16.92
C ASP C 33 30.34 32.54 -17.83
N ALA C 34 29.01 32.50 -17.69
CA ALA C 34 28.19 31.71 -18.61
C ALA C 34 28.08 32.39 -19.96
N ILE C 35 28.01 33.73 -19.98
CA ILE C 35 27.84 34.53 -21.19
C ILE C 35 29.14 35.22 -21.60
N ARG C 36 30.30 34.77 -21.10
CA ARG C 36 31.55 35.39 -21.49
C ARG C 36 31.90 35.09 -22.95
N THR C 37 31.56 33.89 -23.42
CA THR C 37 31.88 33.46 -24.78
C THR C 37 30.88 33.94 -25.83
N SER C 38 29.95 34.84 -25.47
CA SER C 38 28.98 35.42 -26.41
C SER C 38 29.31 36.87 -26.77
N LEU C 39 30.56 37.30 -26.61
CA LEU C 39 30.99 38.67 -26.82
C LEU C 39 31.91 38.75 -28.04
N GLY C 40 31.67 39.76 -28.88
CA GLY C 40 32.51 40.01 -30.03
C GLY C 40 32.03 39.31 -31.28
N PRO C 41 32.73 39.50 -32.40
CA PRO C 41 32.40 38.73 -33.61
C PRO C 41 32.59 37.24 -33.44
N LYS C 42 33.49 36.80 -32.56
CA LYS C 42 33.70 35.39 -32.28
C LYS C 42 32.76 34.83 -31.22
N GLY C 43 31.66 35.53 -30.91
CA GLY C 43 30.70 35.02 -29.96
C GLY C 43 29.84 33.92 -30.54
N MET C 44 29.16 33.21 -29.63
CA MET C 44 28.31 32.07 -29.97
C MET C 44 26.90 32.32 -29.47
N ASP C 45 25.93 31.78 -30.20
CA ASP C 45 24.53 31.94 -29.85
C ASP C 45 24.17 30.99 -28.71
N LYS C 46 23.07 31.32 -28.02
CA LYS C 46 22.57 30.57 -26.87
C LYS C 46 21.08 30.33 -27.07
N MET C 47 20.71 29.06 -27.28
CA MET C 47 19.33 28.66 -27.46
C MET C 47 18.79 28.13 -26.13
N ILE C 48 17.72 28.76 -25.64
CA ILE C 48 17.17 28.50 -24.32
C ILE C 48 15.78 27.90 -24.50
N LYS C 49 15.57 26.72 -23.92
CA LYS C 49 14.26 26.08 -23.88
C LYS C 49 13.51 26.58 -22.65
N THR C 50 12.43 27.31 -22.88
CA THR C 50 11.66 27.93 -21.80
C THR C 50 10.77 26.87 -21.14
N SER C 51 9.94 27.31 -20.18
CA SER C 51 9.04 26.38 -19.51
C SER C 51 7.96 25.88 -20.45
N ARG C 52 7.30 26.79 -21.18
CA ARG C 52 6.29 26.41 -22.15
C ARG C 52 6.98 25.87 -23.42
N GLY C 53 6.18 25.54 -24.43
CA GLY C 53 6.68 24.91 -25.63
C GLY C 53 7.43 25.80 -26.60
N GLU C 54 7.66 27.07 -26.26
CA GLU C 54 8.37 27.98 -27.16
C GLU C 54 9.87 27.75 -27.06
N ILE C 55 10.54 27.81 -28.21
CA ILE C 55 12.00 27.75 -28.31
C ILE C 55 12.48 29.02 -28.98
N ILE C 56 13.63 29.52 -28.54
CA ILE C 56 14.16 30.80 -29.00
C ILE C 56 15.68 30.73 -28.99
N ILE C 57 16.30 31.22 -30.06
CA ILE C 57 17.74 31.41 -30.15
C ILE C 57 18.04 32.85 -29.74
N SER C 58 19.16 33.04 -29.06
CA SER C 58 19.48 34.34 -28.47
C SER C 58 20.98 34.52 -28.34
N ASN C 59 21.51 35.53 -29.04
CA ASN C 59 22.85 36.06 -28.81
C ASN C 59 22.85 37.25 -27.88
N ASP C 60 21.74 37.99 -27.79
CA ASP C 60 21.65 39.15 -26.91
C ASP C 60 21.74 38.71 -25.46
N GLY C 61 22.62 39.36 -24.70
CA GLY C 61 22.75 39.05 -23.29
C GLY C 61 21.53 39.42 -22.46
N HIS C 62 20.78 40.43 -22.89
CA HIS C 62 19.56 40.79 -22.16
C HIS C 62 18.50 39.72 -22.31
N THR C 63 18.31 39.20 -23.53
CA THR C 63 17.31 38.16 -23.75
C THR C 63 17.78 36.82 -23.20
N ILE C 64 19.09 36.58 -23.17
CA ILE C 64 19.62 35.39 -22.52
C ILE C 64 19.33 35.45 -21.03
N LEU C 65 19.66 36.57 -20.39
CA LEU C 65 19.43 36.71 -18.96
C LEU C 65 17.94 36.79 -18.62
N LYS C 66 17.11 37.29 -19.54
CA LYS C 66 15.69 37.39 -19.29
C LYS C 66 15.02 36.02 -19.26
N GLN C 67 15.33 35.17 -20.24
CA GLN C 67 14.73 33.84 -20.32
C GLN C 67 15.29 32.88 -19.28
N MET C 68 16.53 33.08 -18.83
CA MET C 68 17.12 32.23 -17.80
C MET C 68 16.50 32.57 -16.45
N ALA C 69 15.87 31.58 -15.82
CA ALA C 69 15.28 31.72 -14.50
C ALA C 69 16.33 31.38 -13.46
N ILE C 70 16.82 32.40 -12.74
CA ILE C 70 17.92 32.28 -11.79
C ILE C 70 17.32 32.21 -10.40
N LEU C 71 17.83 31.28 -9.59
CA LEU C 71 17.40 31.13 -8.21
C LEU C 71 18.03 32.15 -7.27
N HIS C 72 19.26 32.60 -7.56
CA HIS C 72 19.97 33.51 -6.67
C HIS C 72 19.49 34.93 -6.95
N PRO C 73 19.15 35.77 -5.94
CA PRO C 73 18.59 37.09 -6.27
C PRO C 73 19.63 38.09 -6.73
N VAL C 74 20.86 37.98 -6.20
CA VAL C 74 21.91 38.91 -6.58
C VAL C 74 22.30 38.72 -8.03
N ALA C 75 22.40 37.46 -8.48
CA ALA C 75 22.61 37.20 -9.91
C ALA C 75 21.42 37.65 -10.73
N ARG C 76 20.21 37.64 -10.15
CA ARG C 76 19.03 38.14 -10.85
C ARG C 76 19.06 39.64 -11.09
N MET C 77 19.84 40.39 -10.29
CA MET C 77 19.97 41.83 -10.51
C MET C 77 20.62 42.16 -11.85
N LEU C 78 21.47 41.26 -12.36
CA LEU C 78 22.07 41.47 -13.68
C LEU C 78 21.04 41.44 -14.80
N VAL C 79 19.88 40.80 -14.57
CA VAL C 79 18.83 40.82 -15.58
C VAL C 79 18.27 42.23 -15.73
N GLU C 80 18.16 42.95 -14.61
CA GLU C 80 17.64 44.31 -14.65
C GLU C 80 18.66 45.30 -15.18
N VAL C 81 19.95 45.05 -14.95
CA VAL C 81 20.99 45.91 -15.50
C VAL C 81 21.02 45.80 -17.02
N SER C 82 20.90 44.58 -17.55
CA SER C 82 20.81 44.40 -18.99
C SER C 82 19.53 45.02 -19.55
N ALA C 83 18.45 44.98 -18.77
CA ALA C 83 17.23 45.68 -19.17
C ALA C 83 17.44 47.18 -19.15
N ALA C 84 18.21 47.68 -18.17
CA ALA C 84 18.51 49.11 -18.11
C ALA C 84 19.46 49.51 -19.23
N GLN C 85 20.46 48.67 -19.51
CA GLN C 85 21.35 48.94 -20.64
C GLN C 85 20.61 48.85 -21.96
N ASP C 86 19.62 47.96 -22.06
CA ASP C 86 18.84 47.85 -23.29
C ASP C 86 17.90 49.03 -23.47
N SER C 87 17.35 49.56 -22.37
CA SER C 87 16.39 50.65 -22.47
C SER C 87 17.09 51.99 -22.73
N GLU C 88 18.20 52.25 -22.03
CA GLU C 88 18.89 53.53 -22.15
C GLU C 88 19.72 53.60 -23.43
N ALA C 89 20.70 52.70 -23.56
CA ALA C 89 21.63 52.71 -24.69
C ALA C 89 21.19 51.80 -25.82
N GLY C 90 20.83 50.55 -25.52
CA GLY C 90 20.46 49.57 -26.52
C GLY C 90 21.61 48.85 -27.19
N ASP C 91 22.84 49.00 -26.68
CA ASP C 91 24.02 48.36 -27.24
C ASP C 91 24.98 48.00 -26.11
N GLY C 92 25.62 46.85 -26.25
CA GLY C 92 26.52 46.37 -25.22
C GLY C 92 25.82 45.86 -23.97
N THR C 93 24.77 45.06 -24.13
CA THR C 93 24.04 44.54 -22.98
C THR C 93 24.81 43.47 -22.23
N THR C 94 25.79 42.81 -22.87
CA THR C 94 26.67 41.86 -22.21
C THR C 94 27.95 42.50 -21.68
N SER C 95 28.38 43.62 -22.25
CA SER C 95 29.60 44.27 -21.78
C SER C 95 29.41 44.86 -20.38
N VAL C 96 28.21 45.35 -20.07
CA VAL C 96 27.94 45.84 -18.72
C VAL C 96 27.95 44.69 -17.72
N VAL C 97 27.54 43.49 -18.14
CA VAL C 97 27.46 42.36 -17.22
C VAL C 97 28.85 41.79 -16.94
N ILE C 98 29.67 41.64 -17.97
CA ILE C 98 31.01 41.07 -17.78
C ILE C 98 31.91 42.02 -17.03
N LEU C 99 31.72 43.34 -17.19
CA LEU C 99 32.46 44.30 -16.38
C LEU C 99 32.00 44.27 -14.93
N THR C 100 30.73 44.00 -14.69
CA THR C 100 30.23 43.87 -13.33
C THR C 100 30.85 42.65 -12.64
N GLY C 101 30.92 41.53 -13.35
CA GLY C 101 31.59 40.36 -12.80
C GLY C 101 33.07 40.56 -12.59
N ALA C 102 33.71 41.36 -13.45
CA ALA C 102 35.13 41.64 -13.28
C ALA C 102 35.38 42.54 -12.07
N LEU C 103 34.52 43.53 -11.87
CA LEU C 103 34.67 44.40 -10.70
C LEU C 103 34.37 43.66 -9.40
N LEU C 104 33.40 42.75 -9.43
CA LEU C 104 33.15 41.92 -8.25
C LEU C 104 34.31 40.98 -7.96
N GLY C 105 34.94 40.45 -9.01
CA GLY C 105 36.16 39.69 -8.81
C GLY C 105 37.31 40.55 -8.32
N ALA C 106 37.33 41.83 -8.72
CA ALA C 106 38.30 42.77 -8.18
C ALA C 106 37.96 43.11 -6.72
N ALA C 107 36.68 43.27 -6.41
CA ALA C 107 36.24 43.52 -5.05
C ALA C 107 36.34 42.29 -4.16
N GLU C 108 36.49 41.09 -4.73
CA GLU C 108 36.58 39.89 -3.90
C GLU C 108 37.86 39.88 -3.08
N ARG C 109 38.99 40.18 -3.70
CA ARG C 109 40.26 40.22 -2.98
C ARG C 109 40.37 41.44 -2.07
N LEU C 110 39.72 42.55 -2.42
CA LEU C 110 39.75 43.74 -1.58
C LEU C 110 38.97 43.55 -0.29
N LEU C 111 37.98 42.67 -0.28
CA LEU C 111 37.31 42.33 0.98
C LEU C 111 38.26 41.64 1.95
N ASN C 112 39.14 40.78 1.43
CA ASN C 112 40.17 40.16 2.25
C ASN C 112 41.30 41.11 2.59
N LYS C 113 41.50 42.19 1.82
CA LYS C 113 42.53 43.17 2.11
C LYS C 113 42.26 43.94 3.40
N GLY C 114 40.99 44.03 3.83
CA GLY C 114 40.63 44.74 5.03
C GLY C 114 40.21 46.17 4.84
N ILE C 115 39.61 46.51 3.69
CA ILE C 115 39.10 47.85 3.40
C ILE C 115 37.58 47.75 3.43
N HIS C 116 36.93 48.83 3.89
CA HIS C 116 35.48 48.81 4.05
C HIS C 116 34.83 48.73 2.66
N PRO C 117 33.67 48.07 2.51
CA PRO C 117 33.03 48.03 1.18
C PRO C 117 32.54 49.38 0.70
N THR C 118 32.10 50.26 1.61
CA THR C 118 31.62 51.58 1.19
C THR C 118 32.75 52.42 0.60
N ILE C 119 33.96 52.29 1.15
CA ILE C 119 35.11 52.99 0.58
C ILE C 119 35.44 52.41 -0.79
N ILE C 120 35.29 51.10 -0.96
CA ILE C 120 35.53 50.47 -2.25
C ILE C 120 34.44 50.89 -3.24
N ALA C 121 33.19 50.98 -2.77
CA ALA C 121 32.09 51.33 -3.66
C ALA C 121 32.20 52.79 -4.12
N ASP C 122 32.49 53.71 -3.20
CA ASP C 122 32.62 55.11 -3.56
C ASP C 122 33.82 55.35 -4.47
N SER C 123 34.86 54.51 -4.36
CA SER C 123 36.03 54.67 -5.23
C SER C 123 35.70 54.38 -6.68
N PHE C 124 34.84 53.39 -6.95
CA PHE C 124 34.45 53.10 -8.32
C PHE C 124 33.58 54.22 -8.89
N GLN C 125 32.77 54.87 -8.04
CA GLN C 125 31.96 55.98 -8.52
C GLN C 125 32.83 57.16 -8.92
N SER C 126 33.86 57.46 -8.13
CA SER C 126 34.80 58.51 -8.52
C SER C 126 35.63 58.09 -9.72
N ALA C 127 36.03 56.81 -9.77
CA ALA C 127 36.78 56.32 -10.92
C ALA C 127 35.91 56.25 -12.18
N ALA C 128 34.64 55.91 -12.02
CA ALA C 128 33.73 55.89 -13.16
C ALA C 128 33.45 57.29 -13.67
N LYS C 129 33.34 58.26 -12.75
CA LYS C 129 33.16 59.65 -13.18
C LYS C 129 34.38 60.17 -13.91
N ARG C 130 35.59 59.81 -13.42
CA ARG C 130 36.81 60.19 -14.13
C ARG C 130 36.94 59.45 -15.44
N SER C 131 36.39 58.24 -15.55
CA SER C 131 36.40 57.51 -16.81
C SER C 131 35.55 58.23 -17.85
N VAL C 132 34.44 58.84 -17.44
CA VAL C 132 33.62 59.62 -18.35
C VAL C 132 34.37 60.87 -18.79
N ASP C 133 35.15 61.46 -17.87
CA ASP C 133 35.97 62.62 -18.24
C ASP C 133 37.02 62.24 -19.27
N ILE C 134 37.52 61.01 -19.23
CA ILE C 134 38.48 60.56 -20.24
C ILE C 134 37.77 60.31 -21.57
N LEU C 135 36.53 59.79 -21.51
CA LEU C 135 35.79 59.50 -22.73
C LEU C 135 35.41 60.78 -23.48
N LEU C 136 35.04 61.84 -22.77
CA LEU C 136 34.73 63.11 -23.43
C LEU C 136 35.95 63.74 -24.08
N GLU C 137 37.14 63.48 -23.54
CA GLU C 137 38.35 64.04 -24.14
C GLU C 137 38.63 63.42 -25.50
N MET C 138 38.68 62.08 -25.56
CA MET C 138 38.94 61.36 -26.80
C MET C 138 37.68 61.12 -27.63
N CYS C 139 36.57 61.79 -27.33
CA CYS C 139 35.36 61.64 -28.12
C CYS C 139 35.52 62.38 -29.44
N HIS C 140 35.54 61.62 -30.54
CA HIS C 140 35.69 62.17 -31.88
C HIS C 140 34.32 62.57 -32.41
N LYS C 141 34.14 63.86 -32.68
CA LYS C 141 32.87 64.38 -33.15
C LYS C 141 32.58 63.88 -34.56
N VAL C 142 31.30 63.88 -34.93
CA VAL C 142 30.84 63.51 -36.26
C VAL C 142 29.70 64.42 -36.67
N SER C 143 29.56 64.59 -37.98
CA SER C 143 28.54 65.45 -38.58
C SER C 143 27.35 64.61 -39.03
N LEU C 144 26.20 65.28 -39.14
CA LEU C 144 24.98 64.63 -39.59
C LEU C 144 24.96 64.54 -41.11
N SER C 145 24.08 63.66 -41.62
CA SER C 145 23.87 63.48 -43.06
C SER C 145 25.13 63.00 -43.76
N ASP C 146 25.88 62.12 -43.10
CA ASP C 146 27.10 61.52 -43.64
C ASP C 146 26.91 60.02 -43.74
N ARG C 147 26.94 59.51 -44.97
CA ARG C 147 26.73 58.08 -45.24
C ARG C 147 28.01 57.26 -45.11
N GLU C 148 29.12 57.84 -44.61
CA GLU C 148 30.39 57.16 -44.45
C GLU C 148 30.58 56.61 -43.04
N GLN C 149 30.46 57.47 -42.02
CA GLN C 149 30.67 57.05 -40.65
C GLN C 149 29.45 56.34 -40.07
N LEU C 150 28.25 56.78 -40.46
CA LEU C 150 27.03 56.20 -39.91
C LEU C 150 26.82 54.78 -40.41
N VAL C 151 27.17 54.50 -41.66
CA VAL C 151 26.97 53.17 -42.22
C VAL C 151 27.94 52.18 -41.59
N ARG C 152 29.23 52.50 -41.59
CA ARG C 152 30.23 51.61 -41.03
C ARG C 152 30.14 51.48 -39.52
N ALA C 153 29.56 52.47 -38.83
CA ALA C 153 29.36 52.36 -37.40
C ALA C 153 28.26 51.36 -37.06
N ALA C 154 27.24 51.24 -37.90
CA ALA C 154 26.18 50.27 -37.68
C ALA C 154 26.64 48.85 -37.97
N SER C 155 27.52 48.68 -38.96
CA SER C 155 28.03 47.35 -39.30
C SER C 155 28.94 46.78 -38.21
N THR C 156 29.52 47.64 -37.36
CA THR C 156 30.35 47.14 -36.27
C THR C 156 29.51 46.36 -35.26
N SER C 157 28.31 46.84 -34.96
CA SER C 157 27.43 46.13 -34.04
C SER C 157 26.81 44.90 -34.67
N LEU C 158 26.48 44.94 -35.96
CA LEU C 158 25.93 43.78 -36.64
C LEU C 158 26.94 42.65 -36.80
N SER C 159 28.24 42.97 -36.81
CA SER C 159 29.27 41.95 -36.93
C SER C 159 29.46 41.12 -35.66
N SER C 160 28.89 41.55 -34.54
CA SER C 160 29.10 40.82 -33.29
C SER C 160 28.04 39.78 -33.07
N LYS C 161 27.23 39.58 -34.13
CA LYS C 161 26.10 38.62 -34.08
C LYS C 161 25.80 37.96 -35.38
N ILE C 162 24.57 37.48 -35.51
CA ILE C 162 24.19 36.74 -36.72
C ILE C 162 23.85 37.77 -37.70
N VAL C 163 23.62 37.36 -38.92
CA VAL C 163 23.30 38.27 -39.95
C VAL C 163 24.38 39.26 -40.09
N SER C 164 25.59 38.84 -40.48
CA SER C 164 26.48 39.97 -40.68
C SER C 164 27.03 40.05 -42.09
N GLN C 165 27.09 38.92 -42.82
CA GLN C 165 27.53 38.93 -44.21
C GLN C 165 26.61 39.77 -45.09
N TYR C 166 25.30 39.73 -44.83
CA TYR C 166 24.33 40.57 -45.51
C TYR C 166 24.19 41.95 -44.87
N SER C 167 25.08 42.33 -43.94
CA SER C 167 25.02 43.65 -43.34
C SER C 167 25.50 44.76 -44.26
N SER C 168 26.07 44.45 -45.43
CA SER C 168 26.54 45.48 -46.33
C SER C 168 25.41 46.35 -46.87
N PHE C 169 24.19 45.82 -46.95
CA PHE C 169 23.01 46.54 -47.41
C PHE C 169 21.91 46.64 -46.35
N LEU C 170 22.09 46.01 -45.18
CA LEU C 170 21.25 46.26 -44.01
C LEU C 170 21.80 47.35 -43.11
N ALA C 171 23.11 47.59 -43.12
CA ALA C 171 23.72 48.68 -42.38
C ALA C 171 23.23 50.04 -42.87
N PRO C 172 23.33 50.39 -44.16
CA PRO C 172 22.76 51.68 -44.59
C PRO C 172 21.25 51.73 -44.54
N LEU C 173 20.58 50.57 -44.58
CA LEU C 173 19.14 50.53 -44.36
C LEU C 173 18.78 51.04 -42.96
N ALA C 174 19.62 50.73 -41.98
CA ALA C 174 19.39 51.21 -40.62
C ALA C 174 19.66 52.71 -40.49
N VAL C 175 20.53 53.26 -41.33
CA VAL C 175 20.88 54.67 -41.23
C VAL C 175 19.70 55.54 -41.66
N ASP C 176 19.22 55.35 -42.89
CA ASP C 176 18.11 56.15 -43.41
C ASP C 176 16.80 55.90 -42.67
N SER C 177 16.62 54.72 -42.08
CA SER C 177 15.36 54.39 -41.42
C SER C 177 15.14 55.15 -40.11
N VAL C 178 16.19 55.79 -39.55
CA VAL C 178 16.11 56.50 -38.27
C VAL C 178 16.35 57.99 -38.47
N LEU C 179 17.42 58.35 -39.18
CA LEU C 179 17.78 59.76 -39.32
C LEU C 179 16.81 60.48 -40.23
N LYS C 180 16.45 59.87 -41.36
CA LYS C 180 15.62 60.51 -42.38
C LYS C 180 14.12 60.29 -42.20
N ILE C 181 13.70 59.52 -41.19
CA ILE C 181 12.30 59.12 -41.02
C ILE C 181 11.82 59.49 -39.62
N SER C 182 12.48 58.95 -38.60
CA SER C 182 11.98 59.09 -37.23
C SER C 182 12.12 60.53 -36.73
N ASP C 183 13.36 61.02 -36.65
CA ASP C 183 13.61 62.37 -36.17
C ASP C 183 15.00 62.78 -36.64
N GLU C 184 15.16 64.09 -36.90
CA GLU C 184 16.33 64.60 -37.58
C GLU C 184 17.42 65.14 -36.66
N ASN C 185 17.06 65.76 -35.53
CA ASN C 185 18.02 66.54 -34.75
C ASN C 185 18.41 65.89 -33.43
N SER C 186 17.48 65.74 -32.48
CA SER C 186 17.84 65.27 -31.15
C SER C 186 16.57 65.09 -30.30
N LYS C 187 16.77 64.57 -29.09
CA LYS C 187 15.86 64.68 -27.95
C LYS C 187 14.59 63.85 -27.98
N ASN C 188 14.25 63.26 -29.14
CA ASN C 188 12.92 62.67 -29.35
C ASN C 188 12.96 61.32 -30.05
N VAL C 189 14.13 60.93 -30.59
CA VAL C 189 14.29 59.88 -31.61
C VAL C 189 13.68 58.55 -31.15
N ASP C 190 12.67 58.09 -31.89
CA ASP C 190 11.78 57.03 -31.42
C ASP C 190 11.97 55.75 -32.22
N LEU C 191 11.78 54.61 -31.56
CA LEU C 191 11.86 53.29 -32.16
C LEU C 191 10.48 52.66 -32.40
N ASN C 192 9.43 53.16 -31.73
CA ASN C 192 8.08 52.68 -31.97
C ASN C 192 7.55 53.08 -33.34
N ASP C 193 8.12 54.12 -33.96
CA ASP C 193 7.80 54.48 -35.34
C ASP C 193 8.36 53.48 -36.35
N ILE C 194 9.30 52.62 -35.95
CA ILE C 194 9.83 51.55 -36.80
C ILE C 194 8.92 50.34 -36.63
N ARG C 195 8.70 49.60 -37.73
CA ARG C 195 7.88 48.40 -37.76
C ARG C 195 8.70 47.25 -38.32
N LEU C 196 8.63 46.10 -37.66
CA LEU C 196 9.22 44.85 -38.13
C LEU C 196 8.13 43.79 -38.21
N VAL C 197 7.93 43.24 -39.40
CA VAL C 197 6.90 42.22 -39.66
C VAL C 197 7.56 40.85 -39.63
N LYS C 198 7.11 39.99 -38.73
CA LYS C 198 7.61 38.63 -38.59
C LYS C 198 6.84 37.72 -39.54
N LYS C 199 7.57 36.86 -40.25
CA LYS C 199 6.95 35.92 -41.18
C LYS C 199 7.84 34.69 -41.35
N VAL C 200 7.21 33.52 -41.31
CA VAL C 200 7.90 32.27 -41.59
C VAL C 200 8.02 32.09 -43.10
N GLY C 201 9.08 31.41 -43.53
CA GLY C 201 9.34 31.14 -44.93
C GLY C 201 10.25 32.19 -45.54
N GLY C 202 10.77 31.86 -46.72
CA GLY C 202 11.72 32.71 -47.41
C GLY C 202 13.13 32.51 -46.92
N THR C 203 14.03 33.34 -47.46
CA THR C 203 15.46 33.33 -47.17
C THR C 203 15.88 34.69 -46.61
N ILE C 204 17.10 34.75 -46.08
CA ILE C 204 17.60 35.98 -45.49
C ILE C 204 17.80 37.04 -46.56
N ASP C 205 18.18 36.64 -47.78
CA ASP C 205 18.38 37.61 -48.85
C ASP C 205 17.09 38.27 -49.30
N ASP C 206 15.92 37.64 -49.05
CA ASP C 206 14.65 38.21 -49.47
C ASP C 206 14.27 39.49 -48.72
N THR C 207 14.90 39.78 -47.59
CA THR C 207 14.62 41.02 -46.86
C THR C 207 15.07 42.22 -47.69
N GLU C 208 14.16 43.16 -47.90
CA GLU C 208 14.42 44.34 -48.73
C GLU C 208 13.64 45.52 -48.16
N MET C 209 13.94 46.71 -48.69
CA MET C 209 13.31 47.95 -48.25
C MET C 209 11.98 48.14 -48.98
N ILE C 210 10.98 48.65 -48.27
CA ILE C 210 9.68 49.02 -48.83
C ILE C 210 9.50 50.50 -48.56
N ASP C 211 9.29 51.28 -49.64
CA ASP C 211 9.18 52.72 -49.52
C ASP C 211 7.95 53.16 -48.73
N GLY C 212 6.88 52.37 -48.75
CA GLY C 212 5.64 52.70 -48.06
C GLY C 212 5.33 51.74 -46.94
N VAL C 213 4.21 51.96 -46.25
CA VAL C 213 3.81 51.11 -45.14
C VAL C 213 3.22 49.81 -45.69
N VAL C 214 3.45 48.72 -44.95
CA VAL C 214 2.95 47.39 -45.28
C VAL C 214 1.98 46.95 -44.19
N LEU C 215 0.90 46.30 -44.62
CA LEU C 215 -0.13 45.80 -43.73
C LEU C 215 0.12 44.32 -43.43
N THR C 216 0.21 44.00 -42.14
CA THR C 216 0.36 42.61 -41.73
C THR C 216 -0.92 41.79 -41.95
N GLN C 217 -2.08 42.43 -41.93
CA GLN C 217 -3.34 41.75 -42.12
C GLN C 217 -3.52 41.38 -43.60
N THR C 218 -4.47 40.48 -43.84
CA THR C 218 -4.81 39.97 -45.17
C THR C 218 -6.27 40.28 -45.47
N ALA C 219 -6.64 40.13 -46.74
CA ALA C 219 -7.99 40.40 -47.17
C ALA C 219 -8.92 39.24 -46.78
N ILE C 220 -10.22 39.53 -46.77
CA ILE C 220 -11.20 38.54 -46.38
C ILE C 220 -11.44 37.55 -47.51
N LYS C 221 -11.58 38.25 -48.69
CA LYS C 221 -11.80 37.57 -49.94
C LYS C 221 -13.02 36.79 -49.90
N SER C 222 -13.74 36.90 -48.81
CA SER C 222 -14.90 36.09 -48.66
C SER C 222 -15.85 36.45 -49.70
N ALA C 223 -15.92 37.71 -50.03
CA ALA C 223 -16.97 38.07 -50.94
C ALA C 223 -16.66 38.14 -52.35
N GLY C 224 -15.40 38.06 -52.71
CA GLY C 224 -15.03 38.25 -54.11
C GLY C 224 -14.44 39.60 -54.35
N GLY C 225 -13.83 40.17 -53.34
CA GLY C 225 -13.30 41.51 -53.44
C GLY C 225 -12.01 41.70 -54.11
N PRO C 226 -11.73 42.93 -54.49
CA PRO C 226 -10.46 43.22 -55.12
C PRO C 226 -9.34 42.98 -54.18
N THR C 227 -8.15 42.62 -54.67
CA THR C 227 -7.01 42.49 -53.81
C THR C 227 -5.88 43.35 -54.27
N ARG C 228 -6.05 44.06 -55.36
CA ARG C 228 -5.04 44.99 -55.80
C ARG C 228 -5.83 46.08 -56.35
N LYS C 229 -5.37 47.31 -56.34
CA LYS C 229 -6.16 48.33 -57.01
C LYS C 229 -5.21 49.41 -57.42
N GLU C 230 -4.96 49.56 -58.72
CA GLU C 230 -4.01 50.65 -58.96
C GLU C 230 -4.68 52.00 -58.73
N LYS C 231 -3.86 52.98 -58.34
CA LYS C 231 -4.23 54.36 -58.02
C LYS C 231 -5.46 54.44 -57.12
N ALA C 232 -5.33 53.82 -55.95
CA ALA C 232 -6.39 53.72 -54.96
C ALA C 232 -6.07 54.61 -53.75
N LYS C 233 -7.11 55.27 -53.23
CA LYS C 233 -7.00 56.09 -52.02
C LYS C 233 -7.41 55.24 -50.83
N ILE C 234 -6.55 55.16 -49.83
CA ILE C 234 -6.75 54.30 -48.67
C ILE C 234 -7.46 55.11 -47.58
N GLY C 235 -8.64 54.65 -47.18
CA GLY C 235 -9.41 55.25 -46.11
C GLY C 235 -9.45 54.37 -44.87
N LEU C 236 -9.31 54.97 -43.69
CA LEU C 236 -9.29 54.26 -42.42
C LEU C 236 -10.67 54.31 -41.80
N ILE C 237 -11.35 53.15 -41.79
CA ILE C 237 -12.67 53.01 -41.19
C ILE C 237 -12.47 52.64 -39.73
N GLN C 238 -12.81 53.59 -38.83
CA GLN C 238 -12.69 53.38 -37.39
C GLN C 238 -14.00 52.99 -36.71
N PHE C 239 -15.04 52.63 -37.48
CA PHE C 239 -16.32 52.19 -36.95
C PHE C 239 -16.65 50.80 -37.51
N GLN C 240 -17.83 50.29 -37.17
CA GLN C 240 -18.24 48.97 -37.65
C GLN C 240 -19.39 49.04 -38.62
N ILE C 241 -19.26 48.37 -39.76
CA ILE C 241 -20.38 48.32 -40.70
C ILE C 241 -21.15 47.08 -40.31
N SER C 242 -22.29 47.27 -39.66
CA SER C 242 -23.05 46.13 -39.17
C SER C 242 -24.50 46.51 -39.00
N PRO C 243 -25.39 45.51 -38.88
CA PRO C 243 -26.80 45.82 -38.62
C PRO C 243 -27.01 46.76 -37.41
N PRO C 244 -28.07 47.60 -37.39
CA PRO C 244 -28.17 48.52 -36.24
C PRO C 244 -28.36 47.76 -34.93
N LYS C 245 -27.51 48.06 -33.95
CA LYS C 245 -27.63 47.53 -32.60
C LYS C 245 -26.90 48.47 -31.64
N PRO C 246 -27.59 49.56 -31.16
CA PRO C 246 -26.92 50.56 -30.33
C PRO C 246 -26.63 50.25 -28.92
N ASP C 247 -26.14 51.23 -28.18
CA ASP C 247 -25.71 50.98 -26.82
C ASP C 247 -26.74 50.53 -25.82
N THR C 248 -27.90 51.16 -25.80
CA THR C 248 -28.95 50.75 -24.93
C THR C 248 -29.64 49.58 -25.51
N GLU C 249 -30.20 48.72 -24.69
CA GLU C 249 -30.75 47.50 -25.22
C GLU C 249 -31.80 47.80 -26.14
N ASN C 250 -31.88 47.06 -27.21
CA ASN C 250 -32.83 47.40 -28.23
C ASN C 250 -33.76 46.28 -28.56
N ASN C 251 -34.99 46.31 -28.06
CA ASN C 251 -35.77 45.11 -28.34
C ASN C 251 -36.69 45.42 -29.50
N ILE C 252 -36.52 44.70 -30.61
CA ILE C 252 -37.30 44.92 -31.83
C ILE C 252 -38.55 44.06 -31.72
N ILE C 253 -39.71 44.68 -31.98
CA ILE C 253 -41.02 44.05 -31.90
C ILE C 253 -41.65 44.12 -33.27
N VAL C 254 -42.20 42.99 -33.73
CA VAL C 254 -42.91 42.88 -35.01
C VAL C 254 -44.37 42.59 -34.72
N ASN C 255 -45.24 43.55 -35.05
CA ASN C 255 -46.67 43.44 -34.78
C ASN C 255 -47.46 42.88 -35.95
N ASP C 256 -47.10 43.22 -37.18
CA ASP C 256 -47.80 42.73 -38.39
C ASP C 256 -46.82 42.03 -39.33
N TYR C 257 -47.32 41.35 -40.35
CA TYR C 257 -46.45 40.59 -41.27
C TYR C 257 -45.72 41.43 -42.31
N ARG C 258 -46.30 42.55 -42.74
CA ARG C 258 -45.68 43.39 -43.69
C ARG C 258 -44.43 43.82 -43.07
N GLN C 259 -44.41 43.93 -41.78
CA GLN C 259 -43.27 44.36 -41.10
C GLN C 259 -42.10 43.43 -41.16
N MET C 260 -42.26 42.13 -41.13
CA MET C 260 -41.16 41.20 -41.32
C MET C 260 -40.67 41.51 -42.65
N ASP C 261 -41.56 41.63 -43.59
CA ASP C 261 -40.94 41.95 -44.88
C ASP C 261 -40.14 43.22 -44.91
N LYS C 262 -40.61 44.25 -44.28
CA LYS C 262 -39.93 45.51 -44.23
C LYS C 262 -38.65 45.55 -43.49
N ILE C 263 -38.56 44.86 -42.39
CA ILE C 263 -37.37 44.94 -41.66
C ILE C 263 -36.30 44.44 -42.57
N LEU C 264 -36.52 43.38 -43.29
CA LEU C 264 -35.43 42.96 -44.14
C LEU C 264 -35.10 44.03 -45.17
N LYS C 265 -36.12 44.61 -45.76
CA LYS C 265 -35.79 45.55 -46.82
C LYS C 265 -35.04 46.72 -46.33
N GLU C 266 -35.41 47.21 -45.19
CA GLU C 266 -34.77 48.38 -44.68
C GLU C 266 -33.33 48.13 -44.37
N GLU C 267 -33.05 46.97 -43.83
CA GLU C 267 -31.64 46.73 -43.68
C GLU C 267 -30.90 46.63 -45.00
N ARG C 268 -31.42 45.94 -46.01
CA ARG C 268 -30.60 45.79 -47.22
C ARG C 268 -30.36 47.13 -47.80
N ALA C 269 -30.73 48.14 -47.09
CA ALA C 269 -30.68 49.53 -47.50
C ALA C 269 -29.82 50.36 -46.55
N TYR C 270 -29.80 50.00 -45.26
CA TYR C 270 -28.92 50.68 -44.32
C TYR C 270 -27.46 50.39 -44.63
N LEU C 271 -27.17 49.21 -45.17
CA LEU C 271 -25.81 48.92 -45.63
C LEU C 271 -25.58 49.51 -47.02
N LEU C 272 -26.62 49.57 -47.85
CA LEU C 272 -26.45 50.02 -49.23
C LEU C 272 -26.20 51.53 -49.30
N ASN C 273 -27.00 52.32 -48.58
CA ASN C 273 -26.86 53.77 -48.66
C ASN C 273 -25.55 54.24 -48.03
N ILE C 274 -25.05 53.52 -47.03
CA ILE C 274 -23.74 53.86 -46.47
C ILE C 274 -22.64 53.50 -47.46
N CYS C 275 -22.77 52.35 -48.14
CA CYS C 275 -21.84 52.02 -49.21
C CYS C 275 -22.03 52.92 -50.42
N LYS C 276 -23.24 53.43 -50.64
CA LYS C 276 -23.46 54.36 -51.74
C LYS C 276 -22.72 55.67 -51.50
N LYS C 277 -22.67 56.13 -50.24
CA LYS C 277 -21.92 57.33 -49.92
C LYS C 277 -20.41 57.13 -49.96
N ILE C 278 -19.93 55.89 -49.90
CA ILE C 278 -18.51 55.63 -50.12
C ILE C 278 -18.17 55.83 -51.59
N LYS C 279 -19.08 55.48 -52.49
CA LYS C 279 -18.87 55.74 -53.91
C LYS C 279 -18.85 57.23 -54.22
N LYS C 280 -19.57 58.03 -53.44
CA LYS C 280 -19.58 59.48 -53.66
C LYS C 280 -18.23 60.10 -53.37
N ALA C 281 -17.51 59.61 -52.37
CA ALA C 281 -16.15 60.04 -52.07
C ALA C 281 -15.09 59.27 -52.86
N LYS C 282 -15.49 58.30 -53.69
CA LYS C 282 -14.61 57.44 -54.50
C LYS C 282 -13.43 56.87 -53.71
N CYS C 283 -13.71 56.44 -52.48
CA CYS C 283 -12.71 55.74 -51.67
C CYS C 283 -12.64 54.29 -52.13
N ASN C 284 -11.43 53.84 -52.47
CA ASN C 284 -11.23 52.56 -53.14
C ASN C 284 -10.77 51.44 -52.22
N VAL C 285 -10.18 51.77 -51.06
CA VAL C 285 -9.67 50.78 -50.11
C VAL C 285 -10.14 51.19 -48.72
N LEU C 286 -10.64 50.21 -47.96
CA LEU C 286 -11.10 50.40 -46.59
C LEU C 286 -10.31 49.51 -45.66
N LEU C 287 -10.03 50.01 -44.46
CA LEU C 287 -9.29 49.28 -43.42
C LEU C 287 -10.05 49.41 -42.11
N ILE C 288 -10.59 48.29 -41.62
CA ILE C 288 -11.41 48.24 -40.41
C ILE C 288 -10.57 47.67 -39.29
N GLN C 289 -10.77 48.18 -38.08
CA GLN C 289 -10.06 47.71 -36.90
C GLN C 289 -10.76 46.48 -36.32
N LYS C 290 -10.19 45.96 -35.23
CA LYS C 290 -10.81 44.83 -34.53
C LYS C 290 -12.12 45.28 -33.89
N SER C 291 -13.21 44.62 -34.28
CA SER C 291 -14.56 44.94 -33.80
C SER C 291 -14.84 44.13 -32.54
N ILE C 292 -15.45 44.79 -31.55
CA ILE C 292 -15.85 44.17 -30.30
C ILE C 292 -17.37 44.20 -30.20
N LEU C 293 -17.95 43.16 -29.59
CA LEU C 293 -19.38 42.95 -29.35
C LEU C 293 -20.17 42.59 -30.61
N ARG C 294 -19.55 42.60 -31.79
CA ARG C 294 -20.22 42.24 -33.03
C ARG C 294 -19.21 42.09 -34.16
N ASP C 295 -19.67 41.53 -35.27
CA ASP C 295 -18.82 41.38 -36.44
C ASP C 295 -18.46 42.75 -37.02
N ALA C 296 -17.23 42.83 -37.56
CA ALA C 296 -16.73 44.10 -38.09
C ALA C 296 -17.45 44.48 -39.38
N VAL C 297 -17.46 43.57 -40.36
CA VAL C 297 -18.11 43.76 -41.65
C VAL C 297 -19.05 42.58 -41.87
N ASN C 298 -20.33 42.87 -42.04
CA ASN C 298 -21.32 41.83 -42.25
C ASN C 298 -21.12 41.16 -43.60
N ASP C 299 -21.44 39.87 -43.67
CA ASP C 299 -21.33 39.12 -44.92
C ASP C 299 -22.26 39.67 -45.98
N LEU C 300 -23.42 40.21 -45.57
CA LEU C 300 -24.30 40.87 -46.54
C LEU C 300 -23.68 42.15 -47.07
N ALA C 301 -22.86 42.83 -46.27
CA ALA C 301 -22.20 44.05 -46.72
C ALA C 301 -21.05 43.77 -47.67
N LEU C 302 -20.43 42.59 -47.59
CA LEU C 302 -19.31 42.27 -48.47
C LEU C 302 -19.74 42.15 -49.92
N HIS C 303 -21.00 41.78 -50.17
CA HIS C 303 -21.49 41.70 -51.54
C HIS C 303 -21.55 43.07 -52.18
N PHE C 304 -21.94 44.09 -51.41
CA PHE C 304 -21.97 45.45 -51.94
C PHE C 304 -20.56 45.99 -52.12
N LEU C 305 -19.64 45.67 -51.21
CA LEU C 305 -18.27 46.14 -51.30
C LEU C 305 -17.44 45.38 -52.33
N SER C 306 -17.76 44.12 -52.60
CA SER C 306 -17.01 43.32 -53.56
C SER C 306 -17.39 43.60 -55.00
N LYS C 307 -18.67 43.90 -55.26
CA LYS C 307 -19.10 44.24 -56.61
C LYS C 307 -18.64 45.61 -57.05
N LEU C 308 -18.50 46.55 -56.12
CA LEU C 308 -18.04 47.90 -56.43
C LEU C 308 -16.51 48.03 -56.43
N ASN C 309 -15.78 46.91 -56.37
CA ASN C 309 -14.32 46.90 -56.44
C ASN C 309 -13.69 47.70 -55.30
N ILE C 310 -13.91 47.22 -54.08
CA ILE C 310 -13.36 47.80 -52.86
C ILE C 310 -12.67 46.69 -52.08
N MET C 311 -11.39 46.87 -51.77
CA MET C 311 -10.66 45.93 -50.93
C MET C 311 -11.05 46.13 -49.48
N VAL C 312 -11.31 45.02 -48.79
CA VAL C 312 -11.76 45.02 -47.38
C VAL C 312 -10.75 44.24 -46.58
N VAL C 313 -10.26 44.86 -45.49
CA VAL C 313 -9.32 44.25 -44.56
C VAL C 313 -9.77 44.60 -43.16
N LYS C 314 -9.98 43.58 -42.33
CA LYS C 314 -10.46 43.71 -40.96
C LYS C 314 -9.45 43.09 -40.00
N ASP C 315 -9.77 43.18 -38.70
CA ASP C 315 -8.95 42.62 -37.63
C ASP C 315 -7.55 43.24 -37.60
N ILE C 316 -7.52 44.58 -37.59
CA ILE C 316 -6.30 45.35 -37.40
C ILE C 316 -6.22 45.75 -35.93
N GLU C 317 -5.04 45.68 -35.35
CA GLU C 317 -4.87 46.01 -33.94
C GLU C 317 -5.11 47.49 -33.71
N ARG C 318 -5.51 47.83 -32.49
CA ARG C 318 -5.91 49.20 -32.19
C ARG C 318 -4.73 50.16 -32.13
N GLU C 319 -3.59 49.72 -31.59
CA GLU C 319 -2.42 50.58 -31.49
C GLU C 319 -1.82 50.91 -32.85
N GLU C 320 -2.05 50.08 -33.87
CA GLU C 320 -1.54 50.34 -35.22
C GLU C 320 -2.34 51.41 -35.96
N ILE C 321 -3.47 51.88 -35.42
CA ILE C 321 -4.24 52.91 -36.10
C ILE C 321 -3.48 54.23 -36.13
N GLU C 322 -2.71 54.50 -35.07
CA GLU C 322 -1.83 55.67 -35.09
C GLU C 322 -0.74 55.52 -36.13
N PHE C 323 -0.28 54.29 -36.38
CA PHE C 323 0.77 54.06 -37.36
C PHE C 323 0.27 54.32 -38.77
N LEU C 324 -0.92 53.84 -39.11
CA LEU C 324 -1.43 53.99 -40.46
C LEU C 324 -1.80 55.43 -40.77
N SER C 325 -2.40 56.13 -39.80
CA SER C 325 -2.76 57.53 -40.01
C SER C 325 -1.52 58.41 -40.13
N LYS C 326 -0.46 58.08 -39.39
CA LYS C 326 0.76 58.87 -39.45
C LYS C 326 1.53 58.61 -40.75
N GLY C 327 1.51 57.38 -41.24
CA GLY C 327 2.24 57.03 -42.45
C GLY C 327 1.51 57.46 -43.71
N LEU C 328 0.28 57.00 -43.87
CA LEU C 328 -0.53 57.33 -45.04
C LEU C 328 -1.09 58.74 -45.01
N GLY C 329 -1.02 59.44 -43.87
CA GLY C 329 -1.60 60.77 -43.78
C GLY C 329 -3.11 60.82 -43.84
N CYS C 330 -3.78 59.69 -43.60
CA CYS C 330 -5.24 59.59 -43.65
C CYS C 330 -5.78 59.71 -42.23
N LYS C 331 -6.65 60.67 -42.01
CA LYS C 331 -7.29 60.81 -40.71
C LYS C 331 -8.32 59.69 -40.55
N PRO C 332 -8.49 59.11 -39.35
CA PRO C 332 -9.54 58.08 -39.20
C PRO C 332 -10.94 58.65 -39.40
N ILE C 333 -11.87 57.75 -39.66
CA ILE C 333 -13.28 58.05 -39.88
C ILE C 333 -14.09 57.23 -38.89
N ALA C 334 -14.75 57.91 -37.95
CA ALA C 334 -15.62 57.28 -36.96
C ALA C 334 -17.10 57.38 -37.28
N ASP C 335 -17.49 58.22 -38.25
CA ASP C 335 -18.88 58.39 -38.60
C ASP C 335 -18.97 58.85 -40.05
N ILE C 336 -20.06 58.44 -40.72
CA ILE C 336 -20.25 58.79 -42.13
C ILE C 336 -20.53 60.29 -42.29
N GLU C 337 -21.07 60.94 -41.26
CA GLU C 337 -21.30 62.38 -41.32
C GLU C 337 -20.01 63.17 -41.44
N LEU C 338 -18.90 62.67 -40.87
CA LEU C 338 -17.58 63.25 -41.02
C LEU C 338 -16.76 62.62 -42.16
N PHE C 339 -17.34 61.69 -42.92
CA PHE C 339 -16.62 61.02 -44.00
C PHE C 339 -16.57 61.95 -45.20
N THR C 340 -15.38 62.44 -45.53
CA THR C 340 -15.15 63.39 -46.61
C THR C 340 -13.90 62.97 -47.39
N GLU C 341 -13.66 63.67 -48.51
CA GLU C 341 -12.54 63.34 -49.37
C GLU C 341 -11.22 63.86 -48.81
N ASP C 342 -11.22 65.02 -48.16
CA ASP C 342 -10.00 65.63 -47.67
C ASP C 342 -9.31 64.82 -46.58
N ARG C 343 -10.05 64.02 -45.81
CA ARG C 343 -9.48 63.23 -44.74
C ARG C 343 -8.83 61.93 -45.22
N LEU C 344 -9.05 61.52 -46.46
CA LEU C 344 -8.51 60.28 -46.99
C LEU C 344 -7.10 60.49 -47.53
N GLY C 345 -6.35 59.38 -47.57
CA GLY C 345 -4.98 59.38 -48.07
C GLY C 345 -4.92 59.18 -49.56
N SER C 346 -3.79 58.65 -50.01
CA SER C 346 -3.55 58.39 -51.42
C SER C 346 -2.49 57.31 -51.57
N ALA C 347 -2.54 56.58 -52.67
CA ALA C 347 -1.57 55.54 -52.96
C ALA C 347 -1.64 55.19 -54.44
N ASP C 348 -0.50 54.79 -54.99
CA ASP C 348 -0.40 54.46 -56.40
C ASP C 348 -0.75 53.00 -56.71
N LEU C 349 -0.42 52.11 -55.78
CA LEU C 349 -0.68 50.69 -55.97
C LEU C 349 -0.76 49.98 -54.63
N VAL C 350 -1.97 49.84 -54.10
CA VAL C 350 -2.15 49.13 -52.85
C VAL C 350 -2.25 47.67 -53.24
N GLU C 351 -1.23 46.86 -52.98
CA GLU C 351 -1.33 45.53 -53.43
C GLU C 351 -1.00 44.42 -52.50
N GLU C 352 -1.82 43.39 -52.46
CA GLU C 352 -1.51 42.24 -51.69
C GLU C 352 -0.70 41.39 -52.60
N ILE C 353 0.50 41.02 -52.18
CA ILE C 353 1.35 40.23 -53.00
C ILE C 353 1.53 39.00 -52.20
N ASP C 354 1.72 37.89 -52.84
CA ASP C 354 1.80 36.67 -52.08
C ASP C 354 3.11 36.00 -52.36
N SER C 355 3.84 35.64 -51.32
CA SER C 355 5.07 34.92 -51.56
C SER C 355 5.05 33.52 -51.01
N ASP C 356 4.72 32.56 -51.85
CA ASP C 356 4.79 31.18 -51.43
C ASP C 356 4.09 30.97 -50.14
N GLY C 357 2.91 31.53 -50.01
CA GLY C 357 2.16 31.29 -48.82
C GLY C 357 2.21 32.42 -47.82
N SER C 358 2.83 33.53 -48.18
CA SER C 358 2.79 34.66 -47.28
C SER C 358 2.07 35.79 -47.96
N LYS C 359 0.99 36.25 -47.36
CA LYS C 359 0.22 37.27 -48.00
C LYS C 359 0.67 38.60 -47.50
N ILE C 360 0.97 39.49 -48.44
CA ILE C 360 1.46 40.80 -48.02
C ILE C 360 0.73 41.93 -48.75
N VAL C 361 0.20 42.89 -47.99
CA VAL C 361 -0.48 44.03 -48.59
C VAL C 361 0.45 45.22 -48.49
N ARG C 362 1.21 45.48 -49.53
CA ARG C 362 2.20 46.55 -49.49
C ARG C 362 1.73 47.74 -50.34
N VAL C 363 1.88 48.93 -49.77
CA VAL C 363 1.49 50.18 -50.41
C VAL C 363 2.74 50.81 -50.99
N THR C 364 2.69 51.12 -52.29
CA THR C 364 3.81 51.70 -53.04
C THR C 364 3.53 53.18 -53.25
N GLY C 365 4.40 54.03 -52.71
CA GLY C 365 4.30 55.46 -52.91
C GLY C 365 3.39 56.15 -51.90
N ILE C 366 3.94 57.16 -51.22
CA ILE C 366 3.20 57.99 -50.26
C ILE C 366 3.49 59.45 -50.60
N ARG C 367 2.45 60.27 -50.60
CA ARG C 367 2.57 61.71 -50.85
C ARG C 367 1.50 62.42 -50.03
N ASN C 368 1.92 63.31 -49.14
CA ASN C 368 1.01 63.97 -48.21
C ASN C 368 1.76 65.12 -47.55
N ASN C 369 1.02 65.92 -46.79
CA ASN C 369 1.57 67.01 -45.98
C ASN C 369 1.85 66.42 -44.60
N ASN C 370 3.04 65.84 -44.45
CA ASN C 370 3.43 65.14 -43.24
C ASN C 370 4.93 65.32 -43.01
N ALA C 371 5.28 65.89 -41.85
CA ALA C 371 6.66 66.05 -41.44
C ALA C 371 7.21 64.87 -40.64
N ARG C 372 6.45 63.77 -40.52
CA ARG C 372 6.83 62.61 -39.70
C ARG C 372 6.49 61.35 -40.49
N PRO C 373 7.24 61.03 -41.53
CA PRO C 373 6.93 59.83 -42.33
C PRO C 373 7.24 58.56 -41.55
N THR C 374 6.91 57.42 -42.16
CA THR C 374 7.03 56.10 -41.56
C THR C 374 7.89 55.21 -42.45
N VAL C 375 8.24 54.05 -41.90
CA VAL C 375 9.05 53.06 -42.61
C VAL C 375 8.66 51.68 -42.10
N SER C 376 8.71 50.69 -43.00
CA SER C 376 8.34 49.32 -42.69
C SER C 376 9.32 48.38 -43.39
N VAL C 377 9.76 47.34 -42.67
CA VAL C 377 10.72 46.37 -43.16
C VAL C 377 10.26 44.98 -42.74
N VAL C 378 10.07 44.10 -43.70
CA VAL C 378 9.66 42.73 -43.44
C VAL C 378 10.90 41.89 -43.12
N ILE C 379 10.66 40.71 -42.54
CA ILE C 379 11.71 39.75 -42.20
C ILE C 379 11.31 38.41 -42.81
N ARG C 380 12.26 37.75 -43.46
CA ARG C 380 12.10 36.41 -43.99
C ARG C 380 13.22 35.53 -43.46
N GLY C 381 12.97 34.22 -43.41
CA GLY C 381 13.93 33.30 -42.86
C GLY C 381 13.40 31.88 -42.88
N ALA C 382 14.13 31.00 -42.18
CA ALA C 382 13.81 29.58 -42.18
C ALA C 382 12.66 29.28 -41.22
N ASN C 383 12.76 29.75 -39.98
CA ASN C 383 11.79 29.45 -38.94
C ASN C 383 11.67 30.67 -38.02
N ASN C 384 10.68 30.62 -37.13
CA ASN C 384 10.34 31.78 -36.31
C ASN C 384 11.44 32.16 -35.34
N MET C 385 12.26 31.20 -34.91
CA MET C 385 13.33 31.52 -33.97
C MET C 385 14.39 32.41 -34.61
N ILE C 386 14.63 32.25 -35.91
CA ILE C 386 15.56 33.13 -36.61
C ILE C 386 14.90 34.47 -36.91
N ILE C 387 13.58 34.49 -37.12
CA ILE C 387 12.87 35.75 -37.34
C ILE C 387 12.93 36.61 -36.09
N ASP C 388 12.83 35.99 -34.91
CA ASP C 388 12.87 36.75 -33.67
C ASP C 388 14.25 37.36 -33.43
N GLU C 389 15.31 36.59 -33.70
CA GLU C 389 16.66 37.10 -33.48
C GLU C 389 17.05 38.11 -34.56
N THR C 390 16.55 37.95 -35.79
CA THR C 390 16.80 38.94 -36.83
C THR C 390 16.13 40.26 -36.49
N GLU C 391 15.00 40.21 -35.79
CA GLU C 391 14.36 41.44 -35.32
C GLU C 391 15.20 42.10 -34.23
N ARG C 392 15.62 41.33 -33.22
CA ARG C 392 16.38 41.90 -32.12
C ARG C 392 17.78 42.31 -32.54
N SER C 393 18.37 41.64 -33.53
CA SER C 393 19.67 42.07 -34.03
C SER C 393 19.55 43.42 -34.73
N LEU C 394 18.43 43.66 -35.41
CA LEU C 394 18.19 44.97 -36.02
C LEU C 394 17.89 46.03 -34.97
N HIS C 395 17.27 45.65 -33.85
CA HIS C 395 17.02 46.60 -32.77
C HIS C 395 18.33 47.12 -32.19
N ASP C 396 19.29 46.23 -31.98
CA ASP C 396 20.61 46.66 -31.52
C ASP C 396 21.34 47.48 -32.58
N ALA C 397 21.03 47.27 -33.86
CA ALA C 397 21.64 48.08 -34.91
C ALA C 397 21.03 49.48 -34.96
N LEU C 398 19.70 49.57 -34.87
CA LEU C 398 19.04 50.87 -34.88
C LEU C 398 19.35 51.67 -33.62
N CYS C 399 19.56 50.99 -32.49
CA CYS C 399 19.86 51.69 -31.25
C CYS C 399 21.23 52.38 -31.31
N VAL C 400 22.16 51.84 -32.10
CA VAL C 400 23.44 52.52 -32.30
C VAL C 400 23.23 53.81 -33.07
N ILE C 401 22.39 53.77 -34.12
CA ILE C 401 22.09 54.98 -34.87
C ILE C 401 21.28 55.94 -34.01
N ARG C 402 20.42 55.40 -33.13
CA ARG C 402 19.68 56.26 -32.20
C ARG C 402 20.62 56.96 -31.22
N CYS C 403 21.72 56.30 -30.86
CA CYS C 403 22.65 56.89 -29.90
C CYS C 403 23.49 57.99 -30.54
N LEU C 404 23.91 57.80 -31.80
CA LEU C 404 24.75 58.80 -32.45
C LEU C 404 23.97 60.07 -32.75
N VAL C 405 22.73 59.95 -33.22
CA VAL C 405 21.89 61.13 -33.42
C VAL C 405 21.42 61.75 -32.12
N LYS C 406 21.40 61.00 -31.01
CA LYS C 406 21.08 61.53 -29.69
C LYS C 406 22.27 62.29 -29.11
N GLU C 407 23.39 61.59 -28.92
CA GLU C 407 24.64 62.17 -28.42
C GLU C 407 25.64 62.22 -29.57
N ARG C 408 26.17 63.42 -29.83
CA ARG C 408 27.10 63.60 -30.94
C ARG C 408 28.45 62.99 -30.58
N GLY C 409 29.09 62.40 -31.57
CA GLY C 409 30.44 61.87 -31.44
C GLY C 409 30.44 60.37 -31.22
N LEU C 410 31.63 59.79 -31.35
CA LEU C 410 31.82 58.36 -31.21
C LEU C 410 33.28 58.09 -30.89
N ILE C 411 33.59 56.83 -30.58
CA ILE C 411 34.94 56.38 -30.24
C ILE C 411 35.23 55.09 -31.00
N ALA C 412 36.51 54.77 -31.14
CA ALA C 412 36.95 53.56 -31.83
C ALA C 412 36.94 52.40 -30.84
N GLY C 413 36.20 51.35 -31.17
CA GLY C 413 36.05 50.20 -30.30
C GLY C 413 37.19 49.20 -30.45
N GLY C 414 36.84 47.93 -30.31
CA GLY C 414 37.83 46.87 -30.42
C GLY C 414 38.75 46.72 -29.24
N GLY C 415 38.32 47.12 -28.04
CA GLY C 415 39.14 47.09 -26.85
C GLY C 415 40.06 48.27 -26.66
N ALA C 416 39.98 49.29 -27.52
CA ALA C 416 40.86 50.45 -27.40
C ALA C 416 40.63 51.24 -26.11
N PRO C 417 39.41 51.74 -25.81
CA PRO C 417 39.28 52.62 -24.63
C PRO C 417 39.42 51.90 -23.30
N GLU C 418 39.26 50.58 -23.24
CA GLU C 418 39.48 49.86 -22.00
C GLU C 418 40.96 49.90 -21.60
N ILE C 419 41.85 49.68 -22.57
CA ILE C 419 43.28 49.74 -22.30
C ILE C 419 43.71 51.20 -22.10
N GLU C 420 43.10 52.12 -22.84
CA GLU C 420 43.46 53.52 -22.72
C GLU C 420 43.04 54.08 -21.37
N ILE C 421 41.82 53.78 -20.94
CA ILE C 421 41.35 54.27 -19.64
C ILE C 421 42.10 53.57 -18.52
N SER C 422 42.44 52.29 -18.69
CA SER C 422 43.22 51.59 -17.68
C SER C 422 44.63 52.16 -17.58
N ARG C 423 45.21 52.57 -18.72
CA ARG C 423 46.51 53.22 -18.70
C ARG C 423 46.42 54.59 -18.05
N ARG C 424 45.35 55.33 -18.32
CA ARG C 424 45.24 56.69 -17.80
C ARG C 424 45.01 56.72 -16.31
N LEU C 425 44.13 55.85 -15.79
CA LEU C 425 43.90 55.80 -14.35
C LEU C 425 45.08 55.18 -13.62
N SER C 426 45.79 54.24 -14.26
CA SER C 426 47.00 53.67 -13.65
C SER C 426 48.11 54.71 -13.54
N LYS C 427 48.18 55.68 -14.46
CA LYS C 427 49.14 56.76 -14.33
C LYS C 427 48.84 57.62 -13.12
N GLU C 428 47.57 57.97 -12.91
CA GLU C 428 47.16 58.81 -11.79
C GLU C 428 47.03 58.04 -10.49
N ALA C 429 46.90 56.71 -10.53
CA ALA C 429 46.70 55.94 -9.31
C ALA C 429 47.92 55.99 -8.40
N ARG C 430 49.12 56.04 -8.97
CA ARG C 430 50.33 56.12 -8.16
C ARG C 430 50.56 57.50 -7.54
N SER C 431 49.91 58.55 -8.06
CA SER C 431 50.04 59.88 -7.50
C SER C 431 49.14 60.06 -6.28
N MET C 432 47.89 59.57 -6.36
CA MET C 432 46.99 59.61 -5.21
C MET C 432 47.34 58.56 -4.17
N GLU C 433 48.45 58.74 -3.46
CA GLU C 433 48.96 57.76 -2.49
C GLU C 433 47.95 57.65 -1.35
N GLY C 434 47.68 56.44 -0.85
CA GLY C 434 46.69 56.20 0.16
C GLY C 434 46.10 54.80 0.05
N VAL C 435 45.01 54.60 0.79
CA VAL C 435 44.34 53.30 0.79
C VAL C 435 43.55 53.05 -0.50
N GLN C 436 43.09 54.10 -1.17
CA GLN C 436 42.33 53.95 -2.41
C GLN C 436 43.20 53.72 -3.63
N ALA C 437 44.54 53.68 -3.49
CA ALA C 437 45.40 53.43 -4.64
C ALA C 437 45.25 52.02 -5.16
N PHE C 438 45.17 51.02 -4.26
CA PHE C 438 44.99 49.65 -4.70
C PHE C 438 43.59 49.43 -5.27
N ILE C 439 42.60 50.17 -4.78
CA ILE C 439 41.25 50.05 -5.31
C ILE C 439 41.20 50.56 -6.75
N TRP C 440 41.85 51.69 -7.02
CA TRP C 440 41.91 52.22 -8.38
C TRP C 440 42.79 51.36 -9.27
N GLN C 441 43.82 50.71 -8.70
CA GLN C 441 44.65 49.81 -9.50
C GLN C 441 43.87 48.59 -9.94
N GLU C 442 43.10 47.98 -9.03
CA GLU C 442 42.27 46.83 -9.41
C GLU C 442 41.11 47.24 -10.31
N PHE C 443 40.66 48.49 -10.21
CA PHE C 443 39.64 48.99 -11.12
C PHE C 443 40.16 49.02 -12.55
N ALA C 444 41.43 49.40 -12.73
CA ALA C 444 42.02 49.40 -14.06
C ALA C 444 42.28 47.99 -14.56
N SER C 445 42.59 47.05 -13.66
CA SER C 445 42.84 45.67 -14.07
C SER C 445 41.55 44.99 -14.52
N ALA C 446 40.45 45.22 -13.80
CA ALA C 446 39.17 44.62 -14.16
C ALA C 446 38.56 45.24 -15.41
N LEU C 447 38.92 46.47 -15.76
CA LEU C 447 38.36 47.11 -16.94
C LEU C 447 38.83 46.48 -18.25
N GLU C 448 39.95 45.74 -18.22
CA GLU C 448 40.52 45.13 -19.42
C GLU C 448 39.98 43.72 -19.68
N VAL C 449 38.78 43.40 -19.19
CA VAL C 449 38.20 42.08 -19.41
C VAL C 449 37.67 41.90 -20.83
N ILE C 450 37.29 42.97 -21.51
CA ILE C 450 36.75 42.89 -22.87
C ILE C 450 37.84 42.41 -23.83
N PRO C 451 38.98 43.08 -24.00
CA PRO C 451 39.96 42.60 -24.99
C PRO C 451 40.62 41.29 -24.62
N THR C 452 40.62 40.91 -23.35
CA THR C 452 41.12 39.59 -22.97
C THR C 452 40.20 38.49 -23.50
N THR C 453 38.89 38.74 -23.52
CA THR C 453 37.95 37.75 -24.01
C THR C 453 37.95 37.66 -25.54
N LEU C 454 38.20 38.77 -26.23
CA LEU C 454 38.27 38.72 -27.69
C LEU C 454 39.45 37.89 -28.16
N ALA C 455 40.59 37.98 -27.47
CA ALA C 455 41.72 37.13 -27.78
C ALA C 455 41.46 35.69 -27.39
N GLU C 456 40.69 35.46 -26.33
CA GLU C 456 40.36 34.10 -25.92
C GLU C 456 39.41 33.44 -26.92
N ASN C 457 38.35 34.15 -27.31
CA ASN C 457 37.38 33.60 -28.25
C ASN C 457 37.99 33.44 -29.65
N ALA C 458 38.88 34.34 -30.04
CA ALA C 458 39.54 34.26 -31.34
C ALA C 458 40.72 33.29 -31.37
N GLY C 459 41.00 32.59 -30.27
CA GLY C 459 42.12 31.66 -30.24
C GLY C 459 43.50 32.28 -30.11
N LEU C 460 43.59 33.61 -30.05
CA LEU C 460 44.88 34.26 -29.92
C LEU C 460 45.37 34.19 -28.48
N ASN C 461 46.65 34.48 -28.28
CA ASN C 461 47.27 34.49 -26.96
C ASN C 461 47.00 35.85 -26.32
N SER C 462 46.06 35.87 -25.42
CA SER C 462 45.64 37.09 -24.82
C SER C 462 46.59 37.92 -24.14
N ILE C 463 47.52 37.33 -23.43
CA ILE C 463 48.32 38.19 -22.66
C ILE C 463 49.11 38.97 -23.61
N LYS C 464 49.43 38.36 -24.72
CA LYS C 464 50.27 39.05 -25.63
C LYS C 464 49.51 40.24 -26.05
N VAL C 465 48.26 40.07 -26.38
CA VAL C 465 47.50 41.15 -26.87
C VAL C 465 47.38 42.22 -25.85
N VAL C 466 47.04 41.91 -24.63
CA VAL C 466 46.89 42.97 -23.71
C VAL C 466 48.18 43.73 -23.52
N THR C 467 49.32 43.07 -23.35
CA THR C 467 50.52 43.86 -23.12
C THR C 467 50.95 44.66 -24.31
N GLU C 468 50.80 44.11 -25.49
CA GLU C 468 51.15 44.86 -26.67
C GLU C 468 50.32 46.07 -26.75
N LEU C 469 49.03 45.94 -26.51
CA LEU C 469 48.19 47.07 -26.67
C LEU C 469 48.63 48.08 -25.66
N ARG C 470 48.92 47.64 -24.45
CA ARG C 470 49.23 48.59 -23.42
C ARG C 470 50.39 49.38 -23.82
N SER C 471 51.38 48.73 -24.35
CA SER C 471 52.47 49.54 -24.84
C SER C 471 52.30 50.39 -26.10
N LYS C 472 51.59 49.95 -27.13
CA LYS C 472 51.51 50.67 -28.42
C LYS C 472 50.85 51.91 -28.04
N HIS C 473 50.26 51.87 -26.90
CA HIS C 473 49.62 53.02 -26.30
C HIS C 473 50.61 53.99 -25.67
N GLU C 474 51.72 53.49 -25.13
CA GLU C 474 52.75 54.35 -24.57
C GLU C 474 53.47 55.19 -25.64
N ASN C 475 53.43 54.75 -26.90
CA ASN C 475 54.02 55.51 -28.00
C ASN C 475 53.10 56.61 -28.54
N GLY C 476 51.97 56.91 -27.87
CA GLY C 476 51.07 57.97 -28.26
C GLY C 476 49.88 57.55 -29.10
N GLU C 477 49.70 56.25 -29.33
CA GLU C 477 48.57 55.75 -30.12
C GLU C 477 47.36 55.62 -29.20
N LEU C 478 46.40 56.53 -29.36
CA LEU C 478 45.20 56.51 -28.53
C LEU C 478 44.25 55.36 -28.89
N ASN C 479 44.30 54.87 -30.13
CA ASN C 479 43.38 53.87 -30.65
C ASN C 479 44.17 52.68 -31.16
N ASP C 480 44.04 51.54 -30.47
CA ASP C 480 44.68 50.30 -30.90
C ASP C 480 43.90 49.15 -30.30
N GLY C 481 43.49 48.20 -31.15
CA GLY C 481 42.69 47.07 -30.70
C GLY C 481 42.88 45.83 -31.55
N ILE C 482 42.01 44.84 -31.33
CA ILE C 482 42.09 43.54 -31.99
C ILE C 482 41.19 43.59 -33.22
N SER C 483 41.71 43.12 -34.35
CA SER C 483 40.95 42.94 -35.58
C SER C 483 40.79 41.45 -35.86
N VAL C 484 39.55 40.99 -36.04
CA VAL C 484 39.29 39.56 -36.14
C VAL C 484 39.80 38.96 -37.44
N ARG C 485 39.73 39.69 -38.55
CA ARG C 485 40.22 39.18 -39.83
C ARG C 485 41.73 39.23 -39.95
N ARG C 486 42.38 40.20 -39.31
CA ARG C 486 43.83 40.32 -39.31
C ARG C 486 44.48 39.46 -38.23
N SER C 487 43.80 39.27 -37.10
CA SER C 487 44.29 38.46 -35.99
C SER C 487 45.60 39.02 -35.43
N GLY C 488 45.55 40.29 -35.06
CA GLY C 488 46.71 40.94 -34.48
C GLY C 488 46.36 42.31 -33.95
N THR C 489 47.39 42.99 -33.43
CA THR C 489 47.24 44.33 -32.88
C THR C 489 47.37 45.34 -34.02
N THR C 490 46.36 46.19 -34.17
CA THR C 490 46.35 47.20 -35.22
C THR C 490 45.38 48.31 -34.84
N ASN C 491 45.60 49.49 -35.42
CA ASN C 491 44.72 50.62 -35.16
C ASN C 491 43.33 50.35 -35.71
N THR C 492 42.31 50.69 -34.92
CA THR C 492 40.93 50.38 -35.24
C THR C 492 40.26 51.46 -36.09
N TYR C 493 40.78 52.68 -36.12
CA TYR C 493 40.20 53.71 -36.96
C TYR C 493 40.38 53.40 -38.43
N GLU C 494 41.51 52.80 -38.81
CA GLU C 494 41.72 52.39 -40.19
C GLU C 494 40.87 51.19 -40.54
N GLU C 495 40.67 50.27 -39.60
CA GLU C 495 39.81 49.10 -39.79
C GLU C 495 38.32 49.43 -39.67
N HIS C 496 37.96 50.68 -39.33
CA HIS C 496 36.57 51.12 -39.28
C HIS C 496 35.76 50.38 -38.22
N ILE C 497 36.40 50.06 -37.09
CA ILE C 497 35.73 49.49 -35.92
C ILE C 497 35.43 50.67 -34.98
N LEU C 498 34.15 51.03 -34.89
CA LEU C 498 33.70 52.20 -34.15
C LEU C 498 32.49 51.84 -33.30
N GLN C 499 32.25 52.65 -32.27
CA GLN C 499 31.07 52.51 -31.42
C GLN C 499 30.76 53.86 -30.79
N PRO C 500 29.54 54.08 -30.30
CA PRO C 500 29.22 55.36 -29.66
C PRO C 500 29.93 55.52 -28.33
N VAL C 501 29.74 56.69 -27.73
CA VAL C 501 30.38 57.02 -26.45
C VAL C 501 29.52 56.60 -25.26
N LEU C 502 28.19 56.63 -25.39
CA LEU C 502 27.32 56.26 -24.27
C LEU C 502 27.28 54.77 -23.99
N VAL C 503 27.73 53.93 -24.92
CA VAL C 503 27.75 52.49 -24.68
C VAL C 503 28.77 52.15 -23.62
N SER C 504 29.97 52.75 -23.71
CA SER C 504 31.00 52.52 -22.70
C SER C 504 30.71 53.28 -21.41
N THR C 505 30.06 54.45 -21.51
CA THR C 505 29.72 55.21 -20.31
C THR C 505 28.68 54.47 -19.48
N SER C 506 27.57 54.08 -20.11
CA SER C 506 26.53 53.35 -19.38
C SER C 506 27.01 51.98 -18.92
N ALA C 507 27.92 51.36 -19.68
CA ALA C 507 28.49 50.09 -19.25
C ALA C 507 29.35 50.27 -18.00
N ILE C 508 30.16 51.32 -17.98
CA ILE C 508 31.02 51.58 -16.82
C ILE C 508 30.20 52.19 -15.68
N THR C 509 29.23 53.04 -16.00
CA THR C 509 28.44 53.69 -14.97
C THR C 509 27.54 52.69 -14.24
N LEU C 510 26.75 51.92 -15.00
CA LEU C 510 25.85 50.94 -14.40
C LEU C 510 26.60 49.81 -13.71
N ALA C 511 27.80 49.46 -14.20
CA ALA C 511 28.60 48.45 -13.53
C ALA C 511 29.10 48.95 -12.18
N SER C 512 29.52 50.21 -12.10
CA SER C 512 29.96 50.77 -10.83
C SER C 512 28.79 50.92 -9.85
N GLU C 513 27.60 51.24 -10.38
CA GLU C 513 26.42 51.35 -9.52
C GLU C 513 25.89 49.99 -9.11
N CYS C 514 26.06 48.97 -9.97
CA CYS C 514 25.55 47.64 -9.63
C CYS C 514 26.36 47.01 -8.51
N VAL C 515 27.69 47.05 -8.60
CA VAL C 515 28.53 46.53 -7.52
C VAL C 515 28.41 47.41 -6.26
N LYS C 516 28.10 48.69 -6.42
CA LYS C 516 27.84 49.54 -5.26
C LYS C 516 26.61 49.07 -4.50
N SER C 517 25.62 48.53 -5.21
CA SER C 517 24.42 48.01 -4.56
C SER C 517 24.67 46.62 -3.98
N ILE C 518 25.48 45.80 -4.66
CA ILE C 518 25.68 44.42 -4.24
C ILE C 518 26.52 44.36 -2.96
N LEU C 519 27.56 45.18 -2.87
CA LEU C 519 28.47 45.15 -1.73
C LEU C 519 27.80 45.59 -0.42
N ARG C 520 26.70 46.34 -0.48
CA ARG C 520 25.97 46.75 0.71
C ARG C 520 25.09 45.65 1.30
N ILE C 521 24.97 44.50 0.63
CA ILE C 521 24.19 43.37 1.14
C ILE C 521 25.05 42.64 2.15
N ASP C 522 24.45 42.24 3.28
CA ASP C 522 25.15 41.61 4.39
C ASP C 522 24.44 40.41 4.98
N ASP C 523 23.17 40.16 4.64
CA ASP C 523 22.40 39.07 5.23
C ASP C 523 21.38 38.56 4.22
N ILE C 524 21.20 37.24 4.21
CA ILE C 524 20.22 36.54 3.39
C ILE C 524 19.05 36.16 4.29
N ALA C 525 17.87 36.71 3.98
CA ALA C 525 16.66 36.53 4.79
C ALA C 525 15.57 35.89 3.93
N PHE C 526 14.95 34.84 4.46
CA PHE C 526 13.84 34.16 3.80
C PHE C 526 12.55 34.85 4.20
N SER C 527 11.85 35.40 3.20
CA SER C 527 10.61 36.15 3.38
C SER C 527 9.48 35.46 2.64
N ARG C 528 8.26 35.94 2.86
CA ARG C 528 7.09 35.39 2.21
C ARG C 528 6.93 35.97 0.81
N GLU D 24 -22.12 -10.12 28.58
CA GLU D 24 -21.92 -10.07 27.15
C GLU D 24 -22.54 -11.30 26.47
N MET D 25 -22.17 -12.48 26.97
CA MET D 25 -22.64 -13.76 26.45
C MET D 25 -22.33 -13.92 24.95
N GLY D 26 -21.19 -13.38 24.51
CA GLY D 26 -20.72 -13.55 23.15
C GLY D 26 -21.29 -12.57 22.14
N ARG D 27 -22.54 -12.09 22.32
CA ARG D 27 -23.15 -11.19 21.35
C ARG D 27 -22.63 -9.77 21.55
N PRO D 28 -22.67 -8.90 20.53
CA PRO D 28 -22.20 -7.52 20.75
C PRO D 28 -23.17 -6.73 21.62
N PHE D 29 -22.78 -6.50 22.88
CA PHE D 29 -23.63 -5.83 23.86
C PHE D 29 -23.40 -4.33 23.72
N ILE D 30 -24.23 -3.69 22.92
CA ILE D 30 -24.17 -2.25 22.64
C ILE D 30 -25.53 -1.64 22.97
N ILE D 31 -25.51 -0.43 23.52
CA ILE D 31 -26.71 0.29 23.93
C ILE D 31 -26.82 1.63 23.23
N VAL D 32 -25.83 2.51 23.42
CA VAL D 32 -25.81 3.85 22.84
C VAL D 32 -24.98 3.81 21.57
N LYS D 33 -25.34 4.66 20.61
CA LYS D 33 -24.55 4.78 19.39
C LYS D 33 -23.16 5.28 19.70
N ASP D 34 -22.17 4.77 18.97
CA ASP D 34 -20.75 5.04 19.22
C ASP D 34 -20.37 4.63 20.65
N GLN D 35 -20.52 3.33 20.90
CA GLN D 35 -20.30 2.78 22.23
C GLN D 35 -18.83 2.88 22.62
N GLY D 36 -17.92 2.44 21.75
CA GLY D 36 -16.51 2.41 22.08
C GLY D 36 -15.83 3.76 22.12
N ASN D 37 -16.44 4.78 21.51
CA ASN D 37 -15.81 6.10 21.47
C ASN D 37 -15.94 6.83 22.80
N LYS D 38 -17.16 6.99 23.30
CA LYS D 38 -17.38 7.73 24.53
C LYS D 38 -17.03 6.89 25.75
N LYS D 39 -16.72 7.57 26.85
CA LYS D 39 -16.32 6.96 28.11
C LYS D 39 -17.26 7.43 29.21
N ARG D 40 -16.98 6.99 30.44
CA ARG D 40 -17.69 7.43 31.63
C ARG D 40 -16.70 7.61 32.77
N GLN D 41 -17.17 8.25 33.84
CA GLN D 41 -16.36 8.47 35.03
C GLN D 41 -17.31 8.71 36.20
N HIS D 42 -17.05 8.04 37.32
CA HIS D 42 -17.94 8.08 38.48
C HIS D 42 -17.11 7.98 39.75
N GLY D 43 -17.80 7.95 40.88
CA GLY D 43 -17.14 7.79 42.16
C GLY D 43 -16.33 9.02 42.55
N LEU D 44 -15.28 8.79 43.32
CA LEU D 44 -14.42 9.89 43.78
C LEU D 44 -13.55 10.43 42.65
N GLU D 45 -13.15 9.58 41.69
CA GLU D 45 -12.29 10.02 40.61
C GLU D 45 -12.95 11.05 39.72
N ALA D 46 -14.28 11.01 39.60
CA ALA D 46 -14.99 12.03 38.83
C ALA D 46 -14.88 13.40 39.51
N LYS D 47 -14.87 13.42 40.85
CA LYS D 47 -14.77 14.68 41.56
C LYS D 47 -13.37 15.27 41.43
N LYS D 48 -12.33 14.43 41.53
CA LYS D 48 -10.96 14.93 41.46
C LYS D 48 -10.64 15.50 40.09
N SER D 49 -11.27 14.97 39.04
CA SER D 49 -11.14 15.56 37.72
C SER D 49 -11.77 16.95 37.66
N HIS D 50 -12.83 17.18 38.45
CA HIS D 50 -13.50 18.47 38.44
C HIS D 50 -12.72 19.52 39.21
N ILE D 51 -12.27 19.19 40.42
CA ILE D 51 -11.60 20.17 41.27
C ILE D 51 -10.23 20.52 40.70
N LEU D 52 -9.48 19.53 40.21
CA LEU D 52 -8.18 19.81 39.62
C LEU D 52 -8.31 20.58 38.31
N ALA D 53 -9.40 20.37 37.57
CA ALA D 53 -9.64 21.18 36.37
C ALA D 53 -9.90 22.63 36.73
N ALA D 54 -10.53 22.89 37.88
CA ALA D 54 -10.73 24.25 38.33
C ALA D 54 -9.42 24.86 38.84
N ARG D 55 -8.58 24.05 39.47
CA ARG D 55 -7.29 24.55 39.93
C ARG D 55 -6.37 24.86 38.75
N SER D 56 -6.49 24.11 37.65
CA SER D 56 -5.71 24.42 36.46
C SER D 56 -6.11 25.76 35.86
N VAL D 57 -7.41 26.09 35.92
CA VAL D 57 -7.87 27.39 35.45
C VAL D 57 -7.62 28.46 36.51
N ALA D 58 -7.67 28.09 37.80
CA ALA D 58 -7.45 29.07 38.85
C ALA D 58 -6.02 29.56 38.89
N SER D 59 -5.05 28.68 38.57
CA SER D 59 -3.65 29.10 38.52
C SER D 59 -3.42 30.12 37.41
N ILE D 60 -4.19 30.04 36.32
CA ILE D 60 -4.08 31.02 35.25
C ILE D 60 -4.62 32.37 35.73
N ILE D 61 -5.71 32.36 36.49
CA ILE D 61 -6.37 33.60 36.92
C ILE D 61 -5.73 34.16 38.20
N LYS D 62 -5.16 33.29 39.06
CA LYS D 62 -4.60 33.75 40.33
C LYS D 62 -3.42 34.70 40.15
N THR D 63 -2.54 34.42 39.19
CA THR D 63 -1.42 35.30 38.91
C THR D 63 -1.78 36.53 38.06
N SER D 64 -3.07 36.68 37.70
CA SER D 64 -3.55 37.83 36.92
C SER D 64 -4.33 38.84 37.75
N LEU D 65 -4.95 38.41 38.84
CA LEU D 65 -5.83 39.27 39.61
C LEU D 65 -5.03 40.29 40.43
N GLY D 66 -5.66 41.44 40.67
CA GLY D 66 -5.10 42.47 41.51
C GLY D 66 -4.34 43.51 40.72
N PRO D 67 -3.96 44.62 41.37
CA PRO D 67 -3.25 45.69 40.66
C PRO D 67 -1.85 45.29 40.22
N ARG D 68 -1.20 44.36 40.91
CA ARG D 68 0.12 43.86 40.56
C ARG D 68 0.05 42.65 39.61
N GLY D 69 -1.05 42.48 38.89
CA GLY D 69 -1.17 41.36 37.98
C GLY D 69 -0.33 41.51 36.74
N LEU D 70 -0.46 40.54 35.84
CA LEU D 70 0.30 40.49 34.60
C LEU D 70 -0.61 40.05 33.47
N ASP D 71 -0.62 40.73 32.36
CA ASP D 71 -1.48 40.32 31.32
C ASP D 71 -1.11 38.96 30.86
N LYS D 72 -1.85 38.48 29.90
CA LYS D 72 -1.58 37.19 29.40
C LYS D 72 -1.65 37.41 27.93
N ILE D 73 -0.98 36.61 27.13
CA ILE D 73 -1.06 36.77 25.72
C ILE D 73 -1.72 35.60 25.10
N LEU D 74 -2.70 35.83 24.26
CA LEU D 74 -3.44 34.78 23.64
C LEU D 74 -3.14 34.70 22.14
N ILE D 75 -3.29 33.55 21.50
CA ILE D 75 -3.05 33.41 20.07
C ILE D 75 -4.26 32.71 19.46
N SER D 76 -4.96 33.40 18.58
CA SER D 76 -6.09 32.81 17.89
C SER D 76 -5.60 31.84 16.81
N PRO D 77 -6.48 31.02 16.23
CA PRO D 77 -6.05 30.16 15.11
C PRO D 77 -5.66 30.95 13.88
N ASP D 78 -6.22 32.14 13.67
CA ASP D 78 -5.92 32.95 12.49
C ASP D 78 -4.63 33.76 12.59
N GLY D 79 -3.83 33.56 13.64
CA GLY D 79 -2.58 34.28 13.81
C GLY D 79 -2.68 35.56 14.61
N GLU D 80 -3.89 36.14 14.73
CA GLU D 80 -4.05 37.36 15.50
C GLU D 80 -3.94 37.06 16.99
N ILE D 81 -3.38 38.03 17.73
CA ILE D 81 -3.15 37.91 19.16
C ILE D 81 -3.93 39.01 19.87
N THR D 82 -4.17 38.81 21.17
CA THR D 82 -4.81 39.78 22.02
C THR D 82 -4.15 39.74 23.40
N ILE D 83 -3.56 40.87 23.79
CA ILE D 83 -2.87 41.01 25.08
C ILE D 83 -3.92 41.49 26.08
N THR D 84 -4.42 40.51 26.84
CA THR D 84 -5.47 40.79 27.78
C THR D 84 -5.27 40.27 29.18
N ASN D 85 -5.86 40.94 30.13
CA ASN D 85 -5.84 40.58 31.54
C ASN D 85 -7.28 40.66 32.09
N ASP D 86 -8.34 40.34 31.33
CA ASP D 86 -9.74 40.29 31.80
C ASP D 86 -10.17 38.88 31.65
N GLY D 87 -10.51 38.18 32.72
CA GLY D 87 -10.77 36.75 32.71
C GLY D 87 -11.69 36.29 31.60
N ALA D 88 -12.62 37.14 31.17
CA ALA D 88 -13.58 36.71 30.16
C ALA D 88 -12.92 36.60 28.79
N THR D 89 -12.13 37.61 28.40
CA THR D 89 -11.48 37.56 27.09
C THR D 89 -10.41 36.48 27.03
N ILE D 90 -9.77 36.17 28.16
CA ILE D 90 -8.82 35.06 28.20
C ILE D 90 -9.54 33.75 27.97
N LEU D 91 -10.55 33.46 28.79
CA LEU D 91 -11.30 32.22 28.69
C LEU D 91 -12.12 32.12 27.40
N SER D 92 -12.50 33.26 26.81
CA SER D 92 -13.27 33.22 25.58
C SER D 92 -12.46 32.71 24.40
N GLN D 93 -11.22 33.18 24.26
CA GLN D 93 -10.33 32.81 23.17
C GLN D 93 -9.45 31.59 23.51
N MET D 94 -9.85 30.79 24.51
CA MET D 94 -9.08 29.63 24.95
C MET D 94 -9.76 28.36 24.45
N GLU D 95 -9.01 27.56 23.69
CA GLU D 95 -9.51 26.29 23.19
C GLU D 95 -9.35 25.24 24.28
N LEU D 96 -10.47 24.75 24.80
CA LEU D 96 -10.53 23.81 25.91
C LEU D 96 -11.26 22.54 25.47
N ASP D 97 -11.09 21.50 26.29
CA ASP D 97 -11.70 20.18 26.07
C ASP D 97 -12.54 19.77 27.27
N ASN D 98 -12.08 20.08 28.48
CA ASN D 98 -12.79 19.72 29.69
C ASN D 98 -14.02 20.61 29.84
N GLU D 99 -15.17 19.98 30.11
CA GLU D 99 -16.42 20.71 30.23
C GLU D 99 -16.48 21.58 31.48
N ILE D 100 -15.74 21.23 32.53
CA ILE D 100 -15.79 21.98 33.77
C ILE D 100 -15.22 23.38 33.57
N ALA D 101 -14.15 23.49 32.77
CA ALA D 101 -13.60 24.80 32.45
C ALA D 101 -14.52 25.56 31.49
N LYS D 102 -15.27 24.86 30.65
CA LYS D 102 -16.18 25.52 29.73
C LYS D 102 -17.34 26.19 30.45
N LEU D 103 -17.73 25.66 31.61
CA LEU D 103 -18.71 26.36 32.45
C LEU D 103 -18.09 27.58 33.11
N LEU D 104 -16.79 27.52 33.43
CA LEU D 104 -16.10 28.70 33.94
C LEU D 104 -15.88 29.72 32.83
N VAL D 105 -15.80 29.28 31.58
CA VAL D 105 -15.72 30.22 30.45
C VAL D 105 -16.99 31.05 30.38
N GLN D 106 -18.14 30.40 30.58
CA GLN D 106 -19.42 31.09 30.54
C GLN D 106 -19.69 31.91 31.80
N LEU D 107 -19.12 31.51 32.94
CA LEU D 107 -19.31 32.29 34.16
C LEU D 107 -18.61 33.63 34.07
N SER D 108 -17.38 33.64 33.54
CA SER D 108 -16.68 34.91 33.32
C SER D 108 -17.39 35.75 32.26
N LYS D 109 -17.96 35.10 31.24
CA LYS D 109 -18.72 35.82 30.23
C LYS D 109 -20.02 36.36 30.82
N SER D 110 -20.60 35.66 31.78
CA SER D 110 -21.80 36.15 32.46
C SER D 110 -21.50 37.42 33.26
N GLN D 111 -20.39 37.44 33.98
CA GLN D 111 -20.00 38.63 34.72
C GLN D 111 -19.61 39.77 33.78
N ASP D 112 -19.08 39.44 32.59
CA ASP D 112 -18.62 40.48 31.67
C ASP D 112 -19.78 41.18 30.98
N ASP D 113 -20.84 40.44 30.64
CA ASP D 113 -21.94 41.01 29.86
C ASP D 113 -22.78 42.00 30.67
N GLU D 114 -23.21 41.61 31.87
CA GLU D 114 -24.15 42.41 32.65
C GLU D 114 -23.45 43.49 33.48
N ILE D 115 -22.61 43.10 34.44
CA ILE D 115 -21.91 44.03 35.31
C ILE D 115 -20.66 44.58 34.64
N GLY D 116 -19.85 43.70 34.06
CA GLY D 116 -18.60 44.11 33.46
C GLY D 116 -17.47 44.37 34.43
N ASP D 117 -17.51 43.76 35.61
CA ASP D 117 -16.49 43.94 36.64
C ASP D 117 -16.42 42.68 37.47
N GLY D 118 -15.20 42.23 37.76
CA GLY D 118 -14.99 41.02 38.53
C GLY D 118 -14.95 39.75 37.73
N THR D 119 -14.57 39.74 36.50
CA THR D 119 -14.55 38.46 35.89
C THR D 119 -13.52 37.56 36.60
N THR D 120 -12.37 38.15 36.88
CA THR D 120 -11.33 37.34 37.46
C THR D 120 -11.76 36.82 38.78
N GLY D 121 -12.47 37.64 39.52
CA GLY D 121 -12.95 37.21 40.80
C GLY D 121 -13.94 36.11 40.81
N VAL D 122 -14.88 36.16 39.91
CA VAL D 122 -15.82 35.16 39.91
C VAL D 122 -15.05 33.94 39.67
N VAL D 123 -14.07 33.95 38.75
CA VAL D 123 -13.35 32.67 38.61
C VAL D 123 -12.56 32.19 39.78
N VAL D 124 -11.83 33.06 40.47
CA VAL D 124 -10.97 32.59 41.55
C VAL D 124 -11.76 32.17 42.71
N LEU D 125 -12.84 32.79 42.94
CA LEU D 125 -13.75 32.58 44.06
C LEU D 125 -14.52 31.28 43.92
N ALA D 126 -14.97 30.97 42.70
CA ALA D 126 -15.64 29.69 42.47
C ALA D 126 -14.68 28.53 42.68
N SER D 127 -13.41 28.71 42.27
CA SER D 127 -12.40 27.69 42.55
C SER D 127 -12.11 27.59 44.04
N ALA D 128 -12.20 28.71 44.77
CA ALA D 128 -11.96 28.68 46.20
C ALA D 128 -13.05 27.89 46.92
N LEU D 129 -14.31 28.05 46.50
CA LEU D 129 -15.37 27.20 47.02
C LEU D 129 -15.16 25.75 46.63
N LEU D 130 -14.64 25.51 45.42
CA LEU D 130 -14.42 24.14 44.96
C LEU D 130 -13.22 23.51 45.68
N ASP D 131 -12.16 24.29 45.94
CA ASP D 131 -11.00 23.76 46.63
C ASP D 131 -11.34 23.40 48.08
N GLN D 132 -12.10 24.25 48.78
CA GLN D 132 -12.53 23.93 50.12
C GLN D 132 -13.55 22.81 50.16
N ALA D 133 -14.34 22.63 49.09
CA ALA D 133 -15.28 21.52 49.03
C ALA D 133 -14.58 20.17 48.87
N LEU D 134 -13.34 20.16 48.35
CA LEU D 134 -12.61 18.91 48.20
C LEU D 134 -12.32 18.28 49.56
N GLU D 135 -11.95 19.11 50.54
CA GLU D 135 -11.68 18.59 51.88
C GLU D 135 -12.95 18.07 52.55
N LEU D 136 -14.09 18.69 52.27
CA LEU D 136 -15.35 18.27 52.88
C LEU D 136 -15.91 17.02 52.23
N ILE D 137 -15.60 16.78 50.96
CA ILE D 137 -16.01 15.52 50.31
C ILE D 137 -15.23 14.36 50.90
N GLN D 138 -13.97 14.58 51.30
CA GLN D 138 -13.19 13.55 51.97
C GLN D 138 -13.80 13.15 53.31
N LYS D 139 -14.46 14.08 54.01
CA LYS D 139 -15.12 13.77 55.27
C LYS D 139 -16.42 13.00 55.10
N GLY D 140 -17.00 13.00 53.91
CA GLY D 140 -18.22 12.25 53.64
C GLY D 140 -19.50 13.03 53.80
N ILE D 141 -19.46 14.35 53.59
CA ILE D 141 -20.67 15.17 53.63
C ILE D 141 -21.34 15.07 52.26
N HIS D 142 -22.66 14.98 52.24
CA HIS D 142 -23.38 14.88 50.99
C HIS D 142 -23.27 16.21 50.24
N PRO D 143 -23.21 16.21 48.90
CA PRO D 143 -23.02 17.50 48.19
C PRO D 143 -24.20 18.46 48.32
N ILE D 144 -25.41 17.98 48.58
CA ILE D 144 -26.55 18.87 48.70
C ILE D 144 -26.47 19.67 50.00
N LYS D 145 -25.99 19.05 51.08
CA LYS D 145 -25.78 19.77 52.32
C LYS D 145 -24.64 20.77 52.17
N ILE D 146 -23.65 20.46 51.35
CA ILE D 146 -22.60 21.42 51.03
C ILE D 146 -23.18 22.60 50.26
N ALA D 147 -24.01 22.31 49.25
CA ALA D 147 -24.59 23.36 48.43
C ALA D 147 -25.58 24.21 49.21
N ASN D 148 -26.38 23.59 50.09
CA ASN D 148 -27.31 24.34 50.90
C ASN D 148 -26.59 25.23 51.91
N GLY D 149 -25.41 24.81 52.36
CA GLY D 149 -24.66 25.63 53.30
C GLY D 149 -24.16 26.92 52.69
N PHE D 150 -23.67 26.86 51.45
CA PHE D 150 -23.21 28.08 50.79
C PHE D 150 -24.37 28.99 50.41
N ASP D 151 -25.54 28.41 50.13
CA ASP D 151 -26.70 29.22 49.81
C ASP D 151 -27.18 30.01 51.02
N GLU D 152 -27.20 29.38 52.20
CA GLU D 152 -27.56 30.11 53.42
C GLU D 152 -26.46 31.09 53.82
N ALA D 153 -25.20 30.71 53.62
CA ALA D 153 -24.10 31.59 53.96
C ALA D 153 -24.00 32.77 53.00
N ALA D 154 -24.32 32.56 51.73
CA ALA D 154 -24.24 33.65 50.75
C ALA D 154 -25.31 34.70 51.02
N LYS D 155 -26.53 34.28 51.31
CA LYS D 155 -27.59 35.23 51.62
C LYS D 155 -27.35 35.90 52.96
N LEU D 156 -26.76 35.20 53.92
CA LEU D 156 -26.44 35.81 55.20
C LEU D 156 -25.36 36.87 55.06
N ALA D 157 -24.37 36.62 54.21
CA ALA D 157 -23.32 37.60 53.98
C ALA D 157 -23.86 38.80 53.20
N ILE D 158 -24.77 38.57 52.26
CA ILE D 158 -25.37 39.67 51.52
C ILE D 158 -26.25 40.50 52.44
N SER D 159 -26.98 39.84 53.35
CA SER D 159 -27.82 40.56 54.29
C SER D 159 -27.03 41.41 55.27
N LYS D 160 -25.82 40.97 55.63
CA LYS D 160 -24.97 41.75 56.51
C LYS D 160 -24.32 42.92 55.77
N LEU D 161 -23.80 42.66 54.57
CA LEU D 161 -23.12 43.70 53.80
C LEU D 161 -24.08 44.78 53.32
N GLU D 162 -25.37 44.45 53.15
CA GLU D 162 -26.36 45.46 52.78
C GLU D 162 -26.62 46.43 53.92
N GLU D 163 -26.42 46.00 55.18
CA GLU D 163 -26.67 46.87 56.32
C GLU D 163 -25.48 47.80 56.56
N THR D 164 -24.26 47.29 56.42
CA THR D 164 -23.07 48.04 56.80
C THR D 164 -22.69 49.12 55.79
N CYS D 165 -23.03 48.97 54.51
CA CYS D 165 -22.67 49.96 53.51
C CYS D 165 -23.54 51.19 53.65
N ASP D 166 -22.94 52.35 53.36
CA ASP D 166 -23.57 53.66 53.49
C ASP D 166 -24.08 54.14 52.14
N ASP D 167 -25.05 55.05 52.19
CA ASP D 167 -25.66 55.66 51.02
C ASP D 167 -24.94 56.97 50.69
N ILE D 168 -24.85 57.27 49.40
CA ILE D 168 -24.20 58.49 48.89
C ILE D 168 -25.19 59.46 48.24
N SER D 169 -26.48 59.14 48.19
CA SER D 169 -27.44 60.01 47.53
C SER D 169 -27.68 61.31 48.31
N ALA D 170 -27.40 61.35 49.60
CA ALA D 170 -27.59 62.56 50.38
C ALA D 170 -26.64 63.68 49.97
N SER D 171 -25.46 63.33 49.46
CA SER D 171 -24.50 64.34 49.03
C SER D 171 -24.97 65.03 47.75
N ASN D 172 -24.38 66.19 47.48
CA ASN D 172 -24.73 66.98 46.32
C ASN D 172 -24.05 66.41 45.07
N ASP D 173 -24.23 67.08 43.94
CA ASP D 173 -23.65 66.60 42.69
C ASP D 173 -22.13 66.81 42.65
N GLU D 174 -21.61 67.80 43.37
CA GLU D 174 -20.16 68.04 43.35
C GLU D 174 -19.39 66.89 43.98
N LEU D 175 -19.89 66.34 45.09
CA LEU D 175 -19.26 65.19 45.72
C LEU D 175 -19.60 63.88 45.03
N PHE D 176 -20.76 63.79 44.38
CA PHE D 176 -21.12 62.58 43.65
C PHE D 176 -20.21 62.36 42.46
N ARG D 177 -19.70 63.43 41.86
CA ARG D 177 -18.69 63.29 40.81
C ARG D 177 -17.40 62.68 41.35
N ASP D 178 -17.05 63.00 42.61
CA ASP D 178 -15.83 62.45 43.19
C ASP D 178 -15.95 60.96 43.43
N PHE D 179 -17.15 60.48 43.75
CA PHE D 179 -17.35 59.04 43.96
C PHE D 179 -17.13 58.26 42.66
N LEU D 180 -17.48 58.86 41.53
CA LEU D 180 -17.18 58.22 40.24
C LEU D 180 -15.67 58.22 39.99
N LEU D 181 -14.98 59.28 40.40
CA LEU D 181 -13.53 59.31 40.27
C LEU D 181 -12.87 58.29 41.18
N ARG D 182 -13.48 57.98 42.33
CA ARG D 182 -12.96 56.92 43.18
C ARG D 182 -13.05 55.57 42.49
N ALA D 183 -14.19 55.28 41.84
CA ALA D 183 -14.38 54.02 41.15
C ALA D 183 -13.71 54.00 39.78
N ALA D 184 -13.58 55.16 39.12
CA ALA D 184 -12.93 55.22 37.83
C ALA D 184 -11.45 54.88 37.93
N LYS D 185 -10.76 55.46 38.91
CA LYS D 185 -9.36 55.11 39.14
C LYS D 185 -9.20 53.66 39.59
N THR D 186 -10.22 53.07 40.22
CA THR D 186 -10.15 51.69 40.64
C THR D 186 -10.23 50.75 39.44
N SER D 187 -11.10 51.07 38.48
CA SER D 187 -11.30 50.20 37.32
C SER D 187 -10.21 50.31 36.28
N LEU D 188 -9.63 51.50 36.10
CA LEU D 188 -8.57 51.70 35.12
C LEU D 188 -7.25 51.04 35.51
N GLY D 189 -7.08 51.00 36.83
CA GLY D 189 -5.85 50.47 37.39
C GLY D 189 -6.04 49.02 37.34
N SER D 190 -4.96 48.27 37.29
CA SER D 190 -4.99 46.83 37.16
C SER D 190 -5.11 46.55 35.72
N LYS D 191 -5.17 47.58 34.90
CA LYS D 191 -5.36 47.39 33.47
C LYS D 191 -4.38 48.20 32.63
N ILE D 192 -4.69 48.34 31.34
CA ILE D 192 -3.85 49.11 30.44
C ILE D 192 -4.04 50.61 30.65
N VAL D 193 -3.14 51.43 30.09
CA VAL D 193 -3.21 52.88 30.25
C VAL D 193 -3.16 53.31 31.72
N SER D 194 -2.32 52.67 32.50
CA SER D 194 -2.14 53.10 33.88
C SER D 194 -1.47 54.46 33.88
N LYS D 195 -0.70 54.77 32.83
CA LYS D 195 0.02 56.04 32.75
C LYS D 195 -0.88 57.28 32.74
N ASP D 196 -1.98 57.23 32.00
CA ASP D 196 -2.86 58.39 31.88
C ASP D 196 -4.18 58.10 32.57
N HIS D 197 -4.14 57.27 33.61
CA HIS D 197 -5.38 56.88 34.27
C HIS D 197 -6.05 58.03 35.00
N ASP D 198 -5.30 59.06 35.40
CA ASP D 198 -5.92 60.22 36.02
C ASP D 198 -6.77 61.00 35.04
N ARG D 199 -6.34 61.07 33.78
CA ARG D 199 -7.11 61.74 32.73
C ARG D 199 -8.21 60.85 32.17
N PHE D 200 -7.97 59.53 32.09
CA PHE D 200 -9.03 58.61 31.69
C PHE D 200 -10.17 58.59 32.70
N ALA D 201 -9.85 58.79 33.98
CA ALA D 201 -10.89 58.90 34.99
C ALA D 201 -11.72 60.16 34.78
N GLU D 202 -11.05 61.28 34.53
CA GLU D 202 -11.77 62.52 34.22
C GLU D 202 -12.50 62.41 32.89
N MET D 203 -11.88 61.75 31.90
CA MET D 203 -12.53 61.56 30.62
C MET D 203 -13.72 60.60 30.74
N ALA D 204 -13.59 59.57 31.56
CA ALA D 204 -14.70 58.64 31.77
C ALA D 204 -15.85 59.31 32.50
N VAL D 205 -15.55 60.17 33.49
CA VAL D 205 -16.60 60.86 34.21
C VAL D 205 -17.21 61.95 33.34
N GLU D 206 -16.38 62.60 32.51
CA GLU D 206 -16.90 63.65 31.63
C GLU D 206 -17.82 63.09 30.55
N ALA D 207 -17.64 61.82 30.17
CA ALA D 207 -18.54 61.21 29.19
C ALA D 207 -19.95 61.05 29.75
N VAL D 208 -20.06 60.72 31.05
CA VAL D 208 -21.36 60.51 31.67
C VAL D 208 -22.04 61.82 32.08
N ILE D 209 -21.27 62.89 32.28
CA ILE D 209 -21.89 64.18 32.59
C ILE D 209 -22.70 64.68 31.40
N ASN D 210 -22.22 64.41 30.18
CA ASN D 210 -22.96 64.81 28.99
C ASN D 210 -24.18 63.92 28.77
N VAL D 211 -24.00 62.60 28.90
CA VAL D 211 -25.04 61.61 28.66
C VAL D 211 -25.54 61.15 30.02
N MET D 212 -26.65 61.72 30.48
CA MET D 212 -27.26 61.32 31.74
C MET D 212 -28.68 61.84 31.79
N ASP D 213 -29.48 61.20 32.62
CA ASP D 213 -30.86 61.61 32.88
C ASP D 213 -30.88 62.66 33.98
N LYS D 214 -31.88 63.54 33.91
CA LYS D 214 -32.00 64.60 34.91
C LYS D 214 -32.29 64.06 36.30
N ASP D 215 -32.95 62.91 36.41
CA ASP D 215 -33.22 62.27 37.68
C ASP D 215 -32.08 61.37 38.16
N ARG D 216 -30.99 61.25 37.40
CA ARG D 216 -29.84 60.42 37.76
C ARG D 216 -30.25 58.95 37.92
N LYS D 217 -30.86 58.41 36.87
CA LYS D 217 -31.35 57.04 36.92
C LYS D 217 -31.56 56.54 35.48
N ASP D 218 -31.32 55.23 35.32
CA ASP D 218 -31.50 54.46 34.08
C ASP D 218 -30.95 55.16 32.83
N VAL D 219 -29.66 55.48 32.89
CA VAL D 219 -28.99 56.06 31.74
C VAL D 219 -28.84 55.01 30.65
N ASP D 220 -28.95 55.45 29.40
CA ASP D 220 -28.84 54.57 28.24
C ASP D 220 -27.36 54.37 27.90
N PHE D 221 -26.90 53.11 27.95
CA PHE D 221 -25.52 52.80 27.63
C PHE D 221 -25.28 52.68 26.13
N ASP D 222 -26.31 52.38 25.34
CA ASP D 222 -26.15 52.21 23.90
C ASP D 222 -25.83 53.51 23.17
N LEU D 223 -26.04 54.67 23.80
CA LEU D 223 -25.72 55.94 23.14
C LEU D 223 -24.23 56.15 22.95
N ILE D 224 -23.39 55.56 23.80
CA ILE D 224 -21.94 55.70 23.75
C ILE D 224 -21.37 54.41 23.21
N LYS D 225 -20.78 54.48 22.01
CA LYS D 225 -20.14 53.36 21.35
C LYS D 225 -18.63 53.46 21.51
N MET D 226 -17.95 52.34 21.33
CA MET D 226 -16.50 52.24 21.41
C MET D 226 -15.91 52.43 20.03
N GLN D 227 -14.80 53.15 19.95
CA GLN D 227 -14.09 53.39 18.70
C GLN D 227 -12.62 53.58 19.00
N GLY D 228 -11.78 52.71 18.44
CA GLY D 228 -10.34 52.78 18.57
C GLY D 228 -9.69 53.16 17.26
N ARG D 229 -8.46 53.70 17.35
CA ARG D 229 -7.68 54.12 16.19
C ARG D 229 -6.24 53.67 16.40
N VAL D 230 -5.72 52.94 15.42
CA VAL D 230 -4.35 52.42 15.48
C VAL D 230 -3.41 53.52 15.01
N GLY D 231 -2.73 54.16 15.96
CA GLY D 231 -1.78 55.22 15.66
C GLY D 231 -1.65 56.18 16.82
N GLY D 232 -0.66 57.06 16.72
CA GLY D 232 -0.43 58.07 17.73
C GLY D 232 0.08 57.49 19.03
N SER D 233 -0.14 58.24 20.10
CA SER D 233 0.24 57.87 21.47
C SER D 233 -0.97 58.05 22.37
N ILE D 234 -0.83 57.58 23.62
CA ILE D 234 -1.95 57.64 24.56
C ILE D 234 -2.23 59.08 24.95
N SER D 235 -1.21 59.94 24.99
CA SER D 235 -1.40 61.34 25.35
C SER D 235 -2.24 62.11 24.33
N ASP D 236 -2.26 61.68 23.07
CA ASP D 236 -3.03 62.36 22.04
C ASP D 236 -4.53 62.14 22.14
N SER D 237 -4.99 61.19 22.96
CA SER D 237 -6.42 60.95 23.08
C SER D 237 -7.10 62.13 23.79
N LYS D 238 -8.30 62.47 23.34
CA LYS D 238 -9.06 63.57 23.92
C LYS D 238 -10.55 63.29 23.70
N LEU D 239 -11.38 64.19 24.23
CA LEU D 239 -12.84 64.07 24.15
C LEU D 239 -13.36 64.86 22.96
N ILE D 240 -14.25 64.23 22.19
CA ILE D 240 -14.97 64.88 21.10
C ILE D 240 -16.39 64.33 21.07
N ASN D 241 -17.37 65.23 20.97
CA ASN D 241 -18.79 64.89 20.98
C ASN D 241 -19.25 64.86 19.51
N GLY D 242 -19.28 63.68 18.92
CA GLY D 242 -19.68 63.56 17.53
C GLY D 242 -19.57 62.13 17.04
N VAL D 243 -19.48 62.00 15.71
CA VAL D 243 -19.48 60.73 15.01
C VAL D 243 -18.12 60.54 14.36
N ILE D 244 -17.70 59.27 14.25
CA ILE D 244 -16.45 58.89 13.58
C ILE D 244 -16.81 58.13 12.32
N LEU D 245 -16.51 58.72 11.17
CA LEU D 245 -16.64 58.09 9.86
C LEU D 245 -15.25 57.87 9.28
N ASP D 246 -15.04 56.70 8.68
CA ASP D 246 -13.72 56.28 8.20
C ASP D 246 -13.50 56.62 6.73
N LYS D 247 -14.06 57.74 6.26
CA LYS D 247 -14.11 58.08 4.84
C LYS D 247 -13.86 59.57 4.64
N ASP D 248 -13.54 59.93 3.40
CA ASP D 248 -13.26 61.29 3.00
C ASP D 248 -14.50 61.93 2.38
N PHE D 249 -14.43 63.25 2.14
CA PHE D 249 -15.47 63.92 1.38
C PHE D 249 -15.39 63.52 -0.08
N SER D 250 -16.46 63.80 -0.81
CA SER D 250 -16.53 63.46 -2.23
C SER D 250 -15.77 64.48 -3.05
N HIS D 251 -14.83 64.00 -3.88
CA HIS D 251 -14.08 64.82 -4.83
C HIS D 251 -13.30 65.91 -4.09
N PRO D 252 -12.22 65.55 -3.36
CA PRO D 252 -11.58 66.53 -2.46
C PRO D 252 -10.82 67.62 -3.21
N GLN D 253 -11.58 68.60 -3.72
CA GLN D 253 -11.07 69.88 -4.18
C GLN D 253 -11.46 71.03 -3.27
N MET D 254 -12.58 70.90 -2.55
CA MET D 254 -13.02 71.89 -1.58
C MET D 254 -12.04 71.98 -0.42
N PRO D 255 -12.12 73.02 0.42
CA PRO D 255 -11.32 73.01 1.64
C PRO D 255 -11.78 71.92 2.60
N LYS D 256 -10.82 71.40 3.36
CA LYS D 256 -11.11 70.26 4.24
C LYS D 256 -11.97 70.67 5.43
N CYS D 257 -11.67 71.81 6.04
CA CYS D 257 -12.37 72.29 7.23
C CYS D 257 -13.37 73.36 6.81
N VAL D 258 -14.65 72.98 6.78
CA VAL D 258 -15.74 73.89 6.48
C VAL D 258 -16.19 74.57 7.76
N LEU D 259 -16.50 75.86 7.66
CA LEU D 259 -16.91 76.72 8.77
C LEU D 259 -18.36 77.12 8.59
N PRO D 260 -19.03 77.58 9.65
CA PRO D 260 -20.41 78.04 9.49
C PRO D 260 -20.47 79.46 8.96
N LYS D 261 -21.69 79.93 8.70
CA LYS D 261 -21.91 81.29 8.24
C LYS D 261 -21.67 82.27 9.38
N GLU D 262 -21.69 83.56 9.07
CA GLU D 262 -21.48 84.59 10.08
C GLU D 262 -22.63 84.60 11.08
N GLY D 263 -23.86 84.75 10.59
CA GLY D 263 -25.07 84.69 11.40
C GLY D 263 -25.94 83.51 11.04
N SER D 264 -26.00 82.52 11.91
CA SER D 264 -26.78 81.31 11.67
C SER D 264 -26.86 80.51 12.95
N ASP D 265 -27.87 79.65 13.03
CA ASP D 265 -28.03 78.75 14.15
C ASP D 265 -27.04 77.58 14.12
N GLY D 266 -26.51 77.23 12.95
CA GLY D 266 -25.56 76.14 12.86
C GLY D 266 -25.26 75.85 11.41
N VAL D 267 -24.55 74.72 11.20
CA VAL D 267 -24.19 74.30 9.85
C VAL D 267 -25.34 73.68 9.08
N LYS D 268 -26.46 73.34 9.74
CA LYS D 268 -27.65 72.78 9.10
C LYS D 268 -27.33 71.45 8.40
N LEU D 269 -26.97 70.47 9.23
CA LEU D 269 -26.67 69.13 8.74
C LEU D 269 -27.91 68.50 8.09
N ALA D 270 -27.69 67.84 6.97
CA ALA D 270 -28.72 67.12 6.22
C ALA D 270 -28.31 65.67 6.04
N ILE D 271 -29.26 64.76 6.22
CA ILE D 271 -29.06 63.32 6.07
C ILE D 271 -30.13 62.81 5.13
N LEU D 272 -29.76 61.88 4.24
CA LEU D 272 -30.65 61.34 3.22
C LEU D 272 -30.37 59.85 3.05
N THR D 273 -31.44 59.05 3.05
CA THR D 273 -31.38 57.62 2.75
C THR D 273 -31.79 57.32 1.32
N CYS D 274 -31.61 58.29 0.37
CA CYS D 274 -31.97 58.17 -1.03
C CYS D 274 -30.75 58.52 -1.90
N PRO D 275 -30.27 57.67 -2.81
CA PRO D 275 -29.12 58.09 -3.62
C PRO D 275 -29.51 59.14 -4.66
N PHE D 276 -28.56 59.98 -5.02
CA PHE D 276 -28.78 61.02 -6.02
C PHE D 276 -28.85 60.36 -7.39
N GLU D 277 -30.07 60.16 -7.88
CA GLU D 277 -30.33 59.57 -9.18
C GLU D 277 -31.72 59.99 -9.61
N PRO D 278 -32.11 59.74 -10.85
CA PRO D 278 -33.51 59.93 -11.21
C PRO D 278 -34.39 58.96 -10.46
N PRO D 279 -35.64 59.34 -10.14
CA PRO D 279 -36.51 58.37 -9.46
C PRO D 279 -36.89 57.23 -10.39
N LYS D 280 -36.57 55.98 -9.98
CA LYS D 280 -36.88 54.74 -10.69
C LYS D 280 -37.76 53.85 -9.81
N PRO D 281 -38.56 52.95 -10.39
CA PRO D 281 -39.35 52.05 -9.53
C PRO D 281 -38.47 51.05 -8.82
N LYS D 282 -38.94 50.60 -7.65
CA LYS D 282 -38.24 49.53 -6.93
C LYS D 282 -38.38 48.21 -7.66
N THR D 283 -39.52 47.97 -8.30
CA THR D 283 -39.71 46.80 -9.14
C THR D 283 -38.97 46.97 -10.46
N LYS D 284 -38.67 45.84 -11.10
CA LYS D 284 -38.05 45.85 -12.41
C LYS D 284 -39.01 46.44 -13.43
N HIS D 285 -38.50 47.37 -14.25
CA HIS D 285 -39.29 48.17 -15.18
C HIS D 285 -38.71 48.08 -16.58
N LYS D 286 -39.49 48.51 -17.55
CA LYS D 286 -39.09 48.54 -18.96
C LYS D 286 -39.60 49.84 -19.57
N LEU D 287 -38.77 50.88 -19.54
CA LEU D 287 -39.11 52.16 -20.14
C LEU D 287 -38.82 52.09 -21.64
N ASP D 288 -39.88 52.08 -22.44
CA ASP D 288 -39.79 51.94 -23.89
C ASP D 288 -39.82 53.32 -24.53
N ILE D 289 -38.85 53.61 -25.39
CA ILE D 289 -38.75 54.85 -26.14
C ILE D 289 -38.90 54.50 -27.62
N SER D 290 -40.09 54.77 -28.16
CA SER D 290 -40.44 54.42 -29.54
C SER D 290 -40.24 55.56 -30.54
N SER D 291 -39.59 56.65 -30.14
CA SER D 291 -39.43 57.81 -31.01
C SER D 291 -38.23 58.63 -30.56
N VAL D 292 -37.67 59.37 -31.52
CA VAL D 292 -36.53 60.23 -31.22
C VAL D 292 -36.96 61.42 -30.37
N GLU D 293 -38.20 61.89 -30.52
CA GLU D 293 -38.69 63.00 -29.70
C GLU D 293 -38.79 62.59 -28.24
N GLU D 294 -39.26 61.36 -27.98
CA GLU D 294 -39.28 60.86 -26.61
C GLU D 294 -37.88 60.61 -26.08
N TYR D 295 -36.92 60.31 -26.96
CA TYR D 295 -35.54 60.09 -26.52
C TYR D 295 -34.89 61.39 -26.07
N GLN D 296 -35.22 62.51 -26.72
CA GLN D 296 -34.71 63.79 -26.29
C GLN D 296 -35.36 64.26 -25.00
N LYS D 297 -36.63 63.89 -24.78
CA LYS D 297 -37.27 64.20 -23.51
C LYS D 297 -36.67 63.39 -22.37
N LEU D 298 -36.14 62.20 -22.65
CA LEU D 298 -35.43 61.45 -21.64
C LEU D 298 -34.14 62.15 -21.25
N GLN D 299 -33.46 62.77 -22.22
CA GLN D 299 -32.29 63.57 -21.91
C GLN D 299 -32.67 64.80 -21.08
N THR D 300 -33.80 65.43 -21.42
CA THR D 300 -34.28 66.55 -20.63
C THR D 300 -34.72 66.09 -19.24
N TYR D 301 -35.39 64.94 -19.17
CA TYR D 301 -35.79 64.38 -17.88
C TYR D 301 -34.57 63.98 -17.05
N GLU D 302 -33.49 63.56 -17.72
CA GLU D 302 -32.27 63.18 -16.99
C GLU D 302 -31.63 64.39 -16.34
N GLN D 303 -31.58 65.52 -17.05
CA GLN D 303 -30.89 66.71 -16.54
C GLN D 303 -31.74 67.48 -15.55
N ASP D 304 -33.06 67.55 -15.77
CA ASP D 304 -33.91 68.35 -14.89
C ASP D 304 -34.02 67.74 -13.49
N LYS D 305 -33.89 66.41 -13.37
CA LYS D 305 -33.94 65.80 -12.05
C LYS D 305 -32.74 66.20 -11.21
N PHE D 306 -31.54 66.18 -11.80
CA PHE D 306 -30.36 66.65 -11.09
C PHE D 306 -30.43 68.15 -10.82
N LYS D 307 -31.03 68.91 -11.73
CA LYS D 307 -31.19 70.34 -11.50
C LYS D 307 -32.21 70.60 -10.39
N GLU D 308 -33.32 69.86 -10.39
CA GLU D 308 -34.31 70.01 -9.32
C GLU D 308 -33.76 69.51 -7.99
N MET D 309 -32.88 68.49 -8.02
CA MET D 309 -32.37 67.93 -6.78
C MET D 309 -31.47 68.91 -6.05
N ILE D 310 -30.53 69.52 -6.75
CA ILE D 310 -29.60 70.45 -6.11
C ILE D 310 -30.32 71.74 -5.71
N ASP D 311 -31.42 72.09 -6.37
CA ASP D 311 -32.20 73.26 -5.95
C ASP D 311 -32.99 72.98 -4.68
N ASP D 312 -33.38 71.73 -4.45
CA ASP D 312 -34.11 71.41 -3.23
C ASP D 312 -33.22 71.54 -2.00
N VAL D 313 -32.03 70.94 -2.03
CA VAL D 313 -31.10 71.08 -0.92
C VAL D 313 -30.55 72.50 -0.82
N LYS D 314 -30.51 73.24 -1.92
CA LYS D 314 -30.09 74.64 -1.86
C LYS D 314 -31.09 75.48 -1.08
N LYS D 315 -32.37 75.38 -1.41
CA LYS D 315 -33.40 76.13 -0.71
C LYS D 315 -33.57 75.69 0.74
N ALA D 316 -33.23 74.45 1.07
CA ALA D 316 -33.29 73.98 2.45
C ALA D 316 -32.19 74.57 3.32
N GLY D 317 -31.13 75.14 2.74
CA GLY D 317 -30.08 75.76 3.52
C GLY D 317 -29.03 74.82 4.07
N ALA D 318 -29.00 73.57 3.62
CA ALA D 318 -28.02 72.62 4.11
C ALA D 318 -26.64 72.92 3.54
N ASP D 319 -25.62 72.68 4.37
CA ASP D 319 -24.22 72.88 4.01
C ASP D 319 -23.51 71.55 3.79
N VAL D 320 -23.70 70.59 4.69
CA VAL D 320 -23.12 69.26 4.59
C VAL D 320 -24.26 68.26 4.44
N VAL D 321 -24.09 67.31 3.52
CA VAL D 321 -25.11 66.32 3.17
C VAL D 321 -24.52 64.94 3.40
N ILE D 322 -25.31 64.05 4.01
CA ILE D 322 -24.93 62.68 4.30
C ILE D 322 -25.87 61.76 3.54
N CYS D 323 -25.29 60.96 2.64
CA CYS D 323 -26.03 60.04 1.78
C CYS D 323 -25.72 58.60 2.17
N GLN D 324 -26.77 57.79 2.29
CA GLN D 324 -26.60 56.39 2.68
C GLN D 324 -26.08 55.54 1.52
N TRP D 325 -26.81 55.53 0.41
CA TRP D 325 -26.56 54.61 -0.69
C TRP D 325 -25.68 55.19 -1.78
N GLY D 326 -25.01 56.30 -1.38
CA GLY D 326 -24.06 56.92 -2.28
C GLY D 326 -24.60 57.72 -3.39
N PHE D 327 -23.73 58.31 -4.20
CA PHE D 327 -24.23 59.17 -5.28
C PHE D 327 -23.65 59.18 -6.62
N ASP D 328 -23.78 60.31 -7.31
CA ASP D 328 -23.40 60.30 -8.69
C ASP D 328 -22.38 61.29 -9.08
N ASP D 329 -21.56 60.92 -10.06
CA ASP D 329 -20.51 61.80 -10.51
C ASP D 329 -21.10 63.13 -10.95
N GLU D 330 -22.29 63.11 -11.53
CA GLU D 330 -22.80 64.35 -11.97
C GLU D 330 -23.31 65.23 -10.86
N ALA D 331 -23.49 64.73 -9.64
CA ALA D 331 -23.98 65.66 -8.70
C ALA D 331 -22.87 66.09 -7.88
N ASN D 332 -21.77 65.41 -7.90
CA ASN D 332 -20.65 65.89 -7.14
C ASN D 332 -20.19 67.20 -7.63
N HIS D 333 -20.10 67.40 -8.91
CA HIS D 333 -19.77 68.72 -9.37
C HIS D 333 -20.85 69.60 -9.01
N LEU D 334 -22.08 69.16 -9.20
CA LEU D 334 -23.05 70.17 -8.77
C LEU D 334 -22.93 70.54 -7.28
N LEU D 335 -22.31 69.72 -6.47
CA LEU D 335 -22.09 69.93 -5.05
C LEU D 335 -20.87 70.79 -4.76
N LEU D 336 -19.87 70.80 -5.65
CA LEU D 336 -18.65 71.56 -5.41
C LEU D 336 -18.85 73.04 -5.67
N GLN D 337 -19.60 73.39 -6.72
CA GLN D 337 -19.78 74.80 -7.08
C GLN D 337 -20.61 75.54 -6.03
N ASN D 338 -21.61 74.89 -5.45
CA ASN D 338 -22.46 75.49 -4.44
C ASN D 338 -21.86 75.44 -3.04
N ASP D 339 -20.60 74.97 -2.89
CA ASP D 339 -19.93 74.88 -1.59
C ASP D 339 -20.70 73.96 -0.64
N LEU D 340 -20.88 72.72 -1.10
CA LEU D 340 -21.65 71.70 -0.39
C LEU D 340 -20.82 70.43 -0.27
N PRO D 341 -20.10 70.19 0.84
CA PRO D 341 -19.42 68.90 1.00
C PRO D 341 -20.42 67.76 1.16
N ALA D 342 -19.95 66.56 0.82
CA ALA D 342 -20.78 65.37 0.87
C ALA D 342 -19.90 64.13 1.01
N VAL D 343 -20.54 63.01 1.35
CA VAL D 343 -19.87 61.73 1.54
C VAL D 343 -20.71 60.64 0.86
N ARG D 344 -20.14 59.43 0.83
CA ARG D 344 -20.78 58.27 0.20
C ARG D 344 -20.56 57.03 1.06
N TRP D 345 -21.44 56.05 0.86
CA TRP D 345 -21.32 54.71 1.48
C TRP D 345 -21.33 54.79 3.01
N VAL D 346 -22.20 55.64 3.54
CA VAL D 346 -22.40 55.77 4.98
C VAL D 346 -23.40 54.70 5.40
N GLY D 347 -22.97 53.82 6.29
CA GLY D 347 -23.82 52.71 6.70
C GLY D 347 -24.98 53.18 7.56
N GLY D 348 -26.04 52.38 7.57
CA GLY D 348 -27.25 52.72 8.30
C GLY D 348 -27.06 52.80 9.80
N GLN D 349 -26.09 52.05 10.35
CA GLN D 349 -25.83 52.11 11.78
C GLN D 349 -25.24 53.46 12.17
N GLU D 350 -24.42 54.05 11.28
CA GLU D 350 -23.85 55.37 11.56
C GLU D 350 -24.90 56.47 11.50
N LEU D 351 -25.89 56.32 10.61
CA LEU D 351 -26.96 57.32 10.54
C LEU D 351 -27.81 57.31 11.80
N GLU D 352 -27.95 56.15 12.45
CA GLU D 352 -28.58 56.11 13.76
C GLU D 352 -27.79 56.93 14.77
N HIS D 353 -26.47 56.94 14.64
CA HIS D 353 -25.61 57.71 15.54
C HIS D 353 -25.57 59.18 15.18
N ILE D 354 -25.78 59.53 13.91
CA ILE D 354 -25.71 60.93 13.49
C ILE D 354 -26.96 61.68 13.91
N ALA D 355 -28.13 61.03 13.83
CA ALA D 355 -29.38 61.70 14.14
C ALA D 355 -29.50 62.02 15.62
N ILE D 356 -29.00 61.14 16.49
CA ILE D 356 -29.11 61.35 17.93
C ILE D 356 -28.10 62.40 18.39
N SER D 357 -26.92 62.44 17.75
CA SER D 357 -25.88 63.39 18.16
C SER D 357 -26.27 64.82 17.81
N THR D 358 -26.56 65.07 16.54
CA THR D 358 -26.90 66.41 16.06
C THR D 358 -28.38 66.77 16.27
N ASN D 359 -29.18 65.88 16.87
CA ASN D 359 -30.58 66.16 17.19
C ASN D 359 -31.42 66.43 15.93
N GLY D 360 -31.05 65.77 14.82
CA GLY D 360 -31.73 65.94 13.55
C GLY D 360 -32.62 64.75 13.22
N ARG D 361 -33.53 65.00 12.28
CA ARG D 361 -34.45 64.00 11.74
C ARG D 361 -34.03 63.67 10.33
N ILE D 362 -33.93 62.38 10.03
CA ILE D 362 -33.50 61.91 8.72
C ILE D 362 -34.71 61.93 7.79
N VAL D 363 -34.64 62.73 6.74
CA VAL D 363 -35.74 62.85 5.77
C VAL D 363 -35.61 61.68 4.80
N PRO D 364 -36.71 61.01 4.35
CA PRO D 364 -36.54 59.95 3.36
C PRO D 364 -36.18 60.47 1.97
N ARG D 365 -36.87 61.51 1.52
CA ARG D 365 -36.78 62.02 0.16
C ARG D 365 -36.70 63.54 0.19
N PHE D 366 -36.57 64.13 -1.01
CA PHE D 366 -36.46 65.58 -1.15
C PHE D 366 -37.80 66.29 -1.10
N GLN D 367 -38.89 65.61 -1.50
CA GLN D 367 -40.21 66.24 -1.42
C GLN D 367 -40.62 66.53 0.02
N ASP D 368 -40.24 65.65 0.95
CA ASP D 368 -40.46 65.87 2.38
C ASP D 368 -39.35 66.68 3.04
N LEU D 369 -38.46 67.31 2.27
CA LEU D 369 -37.37 68.08 2.85
C LEU D 369 -37.89 69.36 3.46
N SER D 370 -37.53 69.61 4.72
CA SER D 370 -37.92 70.83 5.42
C SER D 370 -36.80 71.22 6.36
N LYS D 371 -36.74 72.51 6.69
CA LYS D 371 -35.68 73.05 7.53
C LYS D 371 -35.75 72.59 8.98
N ASP D 372 -36.91 72.10 9.43
CA ASP D 372 -37.05 71.64 10.81
C ASP D 372 -36.36 70.30 11.06
N LYS D 373 -36.19 69.47 10.04
CA LYS D 373 -35.59 68.14 10.20
C LYS D 373 -34.06 68.15 10.18
N LEU D 374 -33.43 69.24 9.77
CA LEU D 374 -31.98 69.28 9.67
C LEU D 374 -31.34 69.39 11.04
N GLY D 375 -30.19 68.75 11.20
CA GLY D 375 -29.48 68.76 12.46
C GLY D 375 -28.70 70.04 12.69
N THR D 376 -27.90 70.04 13.75
CA THR D 376 -27.09 71.19 14.14
C THR D 376 -25.86 70.69 14.87
N CYS D 377 -24.69 71.14 14.43
CA CYS D 377 -23.43 70.84 15.09
C CYS D 377 -22.46 72.00 14.88
N SER D 378 -21.37 71.98 15.64
CA SER D 378 -20.47 73.14 15.68
C SER D 378 -19.67 73.28 14.39
N ARG D 379 -18.90 72.27 14.03
CA ARG D 379 -17.99 72.37 12.89
C ARG D 379 -17.63 70.97 12.41
N ILE D 380 -17.19 70.89 11.15
CA ILE D 380 -16.77 69.65 10.50
C ILE D 380 -15.35 69.87 10.00
N TYR D 381 -14.46 68.92 10.28
CA TYR D 381 -13.08 69.02 9.82
C TYR D 381 -12.46 67.62 9.81
N GLU D 382 -11.32 67.52 9.12
CA GLU D 382 -10.59 66.27 8.95
C GLU D 382 -9.10 66.52 9.05
N GLN D 383 -8.39 65.55 9.60
CA GLN D 383 -6.92 65.56 9.70
C GLN D 383 -6.37 64.24 9.16
N GLU D 384 -5.04 64.14 9.15
CA GLU D 384 -4.34 63.04 8.49
C GLU D 384 -3.97 61.91 9.43
N PHE D 385 -3.49 62.22 10.64
CA PHE D 385 -2.97 61.26 11.64
C PHE D 385 -1.65 60.66 11.17
N GLY D 386 -1.04 61.11 10.08
CA GLY D 386 0.17 60.52 9.56
C GLY D 386 0.34 60.70 8.07
N THR D 387 0.85 59.68 7.39
CA THR D 387 1.19 59.80 5.97
C THR D 387 0.00 59.52 5.07
N THR D 388 -0.41 58.25 5.01
CA THR D 388 -1.27 57.74 3.95
C THR D 388 -2.39 56.84 4.48
N LYS D 389 -2.57 56.72 5.80
CA LYS D 389 -3.43 55.72 6.43
C LYS D 389 -4.88 55.72 5.92
N ASP D 390 -5.64 56.76 6.26
CA ASP D 390 -6.97 56.99 5.74
C ASP D 390 -7.48 58.31 6.31
N ARG D 391 -8.37 58.96 5.56
CA ARG D 391 -9.01 60.19 6.03
C ARG D 391 -10.26 59.83 6.85
N MET D 392 -10.19 60.07 8.15
CA MET D 392 -11.27 59.79 9.09
C MET D 392 -11.96 61.10 9.46
N LEU D 393 -13.29 61.12 9.35
CA LEU D 393 -14.06 62.32 9.61
C LEU D 393 -14.29 62.52 11.11
N ILE D 394 -14.34 63.79 11.51
CA ILE D 394 -14.52 64.19 12.91
C ILE D 394 -15.63 65.23 12.97
N ILE D 395 -16.48 65.13 14.00
CA ILE D 395 -17.56 66.07 14.26
C ILE D 395 -17.47 66.45 15.72
N GLU D 396 -17.80 67.71 16.04
CA GLU D 396 -17.77 68.23 17.39
C GLU D 396 -18.99 69.11 17.63
N GLN D 397 -19.47 69.10 18.88
CA GLN D 397 -20.63 69.87 19.31
C GLN D 397 -20.18 71.06 20.15
N SER D 398 -21.00 72.12 20.12
CA SER D 398 -20.73 73.34 20.86
C SER D 398 -21.39 73.37 22.24
N LYS D 399 -22.14 72.33 22.63
CA LYS D 399 -22.82 72.30 23.92
C LYS D 399 -23.00 70.85 24.33
N GLU D 400 -23.79 70.63 25.39
CA GLU D 400 -24.07 69.29 25.88
C GLU D 400 -25.08 68.63 24.95
N THR D 401 -24.81 67.38 24.58
CA THR D 401 -25.67 66.57 23.72
C THR D 401 -25.83 65.17 24.32
N LYS D 402 -26.64 64.35 23.66
CA LYS D 402 -26.95 62.99 24.11
C LYS D 402 -26.04 61.94 23.46
N THR D 403 -24.81 62.30 23.13
CA THR D 403 -23.89 61.40 22.44
C THR D 403 -22.46 61.79 22.77
N VAL D 404 -21.65 60.81 23.16
CA VAL D 404 -20.22 61.00 23.41
C VAL D 404 -19.50 59.82 22.77
N THR D 405 -18.50 60.12 21.93
CA THR D 405 -17.70 59.13 21.22
C THR D 405 -16.26 59.26 21.68
N CYS D 406 -15.77 58.28 22.42
CA CYS D 406 -14.40 58.30 22.91
C CYS D 406 -13.42 58.15 21.76
N PHE D 407 -12.45 59.06 21.71
CA PHE D 407 -11.43 59.13 20.66
C PHE D 407 -10.12 58.63 21.26
N VAL D 408 -9.94 57.30 21.23
CA VAL D 408 -8.81 56.62 21.86
C VAL D 408 -7.76 56.36 20.80
N ARG D 409 -6.51 56.71 21.10
CA ARG D 409 -5.35 56.44 20.27
C ARG D 409 -4.47 55.40 20.93
N GLY D 410 -3.53 54.86 20.16
CA GLY D 410 -2.62 53.86 20.68
C GLY D 410 -1.43 53.59 19.79
N SER D 411 -0.28 53.30 20.40
CA SER D 411 0.93 53.02 19.65
C SER D 411 0.92 51.64 19.00
N ASN D 412 0.08 50.71 19.47
CA ASN D 412 -0.03 49.37 18.93
C ASN D 412 -1.50 48.98 18.79
N LYS D 413 -1.74 47.99 17.94
CA LYS D 413 -3.10 47.49 17.74
C LYS D 413 -3.60 46.75 18.98
N MET D 414 -2.69 46.08 19.70
CA MET D 414 -3.08 45.40 20.94
C MET D 414 -3.27 46.40 22.09
N ILE D 415 -2.54 47.51 22.07
CA ILE D 415 -2.72 48.54 23.09
C ILE D 415 -4.10 49.17 22.96
N VAL D 416 -4.43 49.65 21.76
CA VAL D 416 -5.73 50.29 21.55
C VAL D 416 -6.88 49.30 21.65
N ASP D 417 -6.64 48.02 21.36
CA ASP D 417 -7.69 47.02 21.52
C ASP D 417 -7.97 46.75 22.99
N GLU D 418 -6.92 46.67 23.81
CA GLU D 418 -7.12 46.50 25.25
C GLU D 418 -7.67 47.77 25.89
N ALA D 419 -7.32 48.94 25.36
CA ALA D 419 -7.86 50.19 25.87
C ALA D 419 -9.35 50.32 25.61
N GLU D 420 -9.87 49.66 24.56
CA GLU D 420 -11.31 49.69 24.33
C GLU D 420 -12.06 48.94 25.42
N ARG D 421 -11.75 47.66 25.61
CA ARG D 421 -12.43 46.87 26.64
C ARG D 421 -12.11 47.35 28.05
N ALA D 422 -10.97 48.00 28.26
CA ALA D 422 -10.67 48.58 29.56
C ALA D 422 -11.57 49.79 29.85
N LEU D 423 -11.71 50.68 28.86
CA LEU D 423 -12.58 51.83 29.03
C LEU D 423 -14.05 51.43 29.01
N HIS D 424 -14.40 50.35 28.31
CA HIS D 424 -15.77 49.83 28.36
C HIS D 424 -16.13 49.37 29.75
N ASP D 425 -15.21 48.66 30.42
CA ASP D 425 -15.45 48.27 31.81
C ASP D 425 -15.51 49.47 32.73
N SER D 426 -14.77 50.54 32.41
CA SER D 426 -14.82 51.75 33.23
C SER D 426 -16.19 52.41 33.16
N LEU D 427 -16.76 52.53 31.96
CA LEU D 427 -18.10 53.09 31.82
C LEU D 427 -19.15 52.18 32.44
N CYS D 428 -18.92 50.87 32.43
CA CYS D 428 -19.88 49.95 33.06
C CYS D 428 -19.84 50.07 34.58
N VAL D 429 -18.68 50.32 35.16
CA VAL D 429 -18.59 50.50 36.61
C VAL D 429 -19.30 51.79 37.01
N VAL D 430 -19.15 52.85 36.22
CA VAL D 430 -19.89 54.07 36.47
C VAL D 430 -21.38 53.84 36.23
N ARG D 431 -21.73 52.98 35.28
CA ARG D 431 -23.13 52.66 35.03
C ARG D 431 -23.76 51.96 36.23
N ASN D 432 -22.98 51.17 36.98
CA ASN D 432 -23.52 50.52 38.16
C ASN D 432 -23.80 51.55 39.26
N LEU D 433 -22.95 52.57 39.37
CA LEU D 433 -23.14 53.61 40.37
C LEU D 433 -24.31 54.55 40.04
N VAL D 434 -24.81 54.54 38.80
CA VAL D 434 -26.00 55.31 38.48
C VAL D 434 -27.20 54.78 39.26
N LYS D 435 -27.23 53.47 39.51
CA LYS D 435 -28.22 52.91 40.41
C LYS D 435 -27.99 53.45 41.82
N ASP D 436 -29.09 53.72 42.53
CA ASP D 436 -29.04 54.46 43.78
C ASP D 436 -28.65 53.55 44.93
N SER D 437 -27.77 54.07 45.80
CA SER D 437 -27.41 53.43 47.07
C SER D 437 -26.73 52.08 46.88
N ARG D 438 -25.72 52.02 46.01
CA ARG D 438 -24.92 50.81 45.78
C ARG D 438 -23.45 51.23 45.74
N VAL D 439 -22.82 51.28 46.92
CA VAL D 439 -21.40 51.64 47.06
C VAL D 439 -20.83 50.78 48.17
N VAL D 440 -19.61 50.28 47.98
CA VAL D 440 -18.88 49.54 49.00
C VAL D 440 -17.39 49.69 48.75
N TYR D 441 -16.63 49.74 49.84
CA TYR D 441 -15.18 49.90 49.80
C TYR D 441 -14.55 48.53 49.68
N GLY D 442 -13.84 48.30 48.58
CA GLY D 442 -13.20 47.02 48.28
C GLY D 442 -11.79 46.96 48.81
N GLY D 443 -10.90 46.37 48.01
CA GLY D 443 -9.51 46.22 48.41
C GLY D 443 -9.28 45.08 49.38
N GLY D 444 -10.05 43.99 49.25
CA GLY D 444 -9.99 42.89 50.19
C GLY D 444 -10.80 43.08 51.46
N ALA D 445 -11.35 44.28 51.69
CA ALA D 445 -12.14 44.51 52.90
C ALA D 445 -13.50 43.82 52.82
N ALA D 446 -14.10 43.79 51.63
CA ALA D 446 -15.41 43.18 51.47
C ALA D 446 -15.35 41.66 51.68
N GLU D 447 -14.22 41.04 51.36
CA GLU D 447 -14.10 39.59 51.53
C GLU D 447 -13.91 39.22 52.99
N VAL D 448 -13.01 39.92 53.70
CA VAL D 448 -12.73 39.56 55.08
C VAL D 448 -13.89 39.93 56.00
N THR D 449 -14.59 41.04 55.72
CA THR D 449 -15.70 41.44 56.57
C THR D 449 -16.91 40.52 56.44
N MET D 450 -17.08 39.86 55.29
CA MET D 450 -18.08 38.82 55.13
C MET D 450 -17.64 37.44 55.62
N SER D 451 -16.35 37.26 55.92
CA SER D 451 -15.81 35.96 56.30
C SER D 451 -15.91 35.69 57.80
N LEU D 452 -15.56 36.67 58.63
CA LEU D 452 -15.54 36.44 60.07
C LEU D 452 -16.94 36.24 60.64
N ALA D 453 -17.96 36.85 60.02
CA ALA D 453 -19.32 36.67 60.50
C ALA D 453 -19.85 35.27 60.23
N VAL D 454 -19.45 34.67 59.11
CA VAL D 454 -19.90 33.31 58.79
C VAL D 454 -19.32 32.32 59.79
N SER D 455 -18.06 32.51 60.18
CA SER D 455 -17.47 31.65 61.21
C SER D 455 -18.11 31.88 62.57
N GLU D 456 -18.56 33.10 62.84
CA GLU D 456 -19.25 33.38 64.10
C GLU D 456 -20.61 32.72 64.16
N GLU D 457 -21.35 32.71 63.04
CA GLU D 457 -22.64 32.04 63.00
C GLU D 457 -22.50 30.53 63.17
N ALA D 458 -21.39 29.96 62.70
CA ALA D 458 -21.21 28.51 62.79
C ALA D 458 -21.06 28.03 64.23
N ASP D 459 -20.60 28.92 65.13
CA ASP D 459 -20.36 28.52 66.51
C ASP D 459 -21.64 28.13 67.24
N LYS D 460 -22.79 28.71 66.87
CA LYS D 460 -24.09 28.37 67.44
C LYS D 460 -25.01 27.66 66.47
N GLN D 461 -24.79 27.80 65.17
CA GLN D 461 -25.53 27.08 64.13
C GLN D 461 -24.78 25.84 63.65
N ARG D 462 -24.16 25.12 64.58
CA ARG D 462 -23.18 24.03 64.32
C ARG D 462 -23.84 22.98 63.41
N GLY D 463 -24.82 22.22 63.92
CA GLY D 463 -25.48 21.17 63.16
C GLY D 463 -24.50 20.17 62.55
N ILE D 464 -24.86 19.71 61.34
CA ILE D 464 -23.95 18.98 60.47
C ILE D 464 -23.17 19.90 59.54
N ASP D 465 -23.70 21.09 59.23
CA ASP D 465 -23.07 22.02 58.31
C ASP D 465 -22.11 22.99 58.98
N GLN D 466 -21.52 22.62 60.12
CA GLN D 466 -20.56 23.50 60.78
C GLN D 466 -19.32 23.69 59.92
N TYR D 467 -18.81 22.61 59.33
CA TYR D 467 -17.65 22.72 58.44
C TYR D 467 -18.00 23.37 57.11
N ALA D 468 -19.28 23.37 56.72
CA ALA D 468 -19.67 24.02 55.47
C ALA D 468 -19.50 25.54 55.56
N PHE D 469 -19.87 26.13 56.70
CA PHE D 469 -19.65 27.56 56.90
C PHE D 469 -18.17 27.88 56.99
N ARG D 470 -17.39 27.01 57.64
CA ARG D 470 -15.95 27.23 57.73
C ARG D 470 -15.28 27.16 56.37
N GLY D 471 -15.78 26.32 55.46
CA GLY D 471 -15.23 26.26 54.12
C GLY D 471 -15.47 27.55 53.35
N PHE D 472 -16.68 28.09 53.44
CA PHE D 472 -16.99 29.35 52.78
C PHE D 472 -16.28 30.53 53.44
N ALA D 473 -16.05 30.45 54.75
CA ALA D 473 -15.30 31.50 55.44
C ALA D 473 -13.84 31.51 54.98
N GLN D 474 -13.23 30.33 54.83
CA GLN D 474 -11.87 30.25 54.33
C GLN D 474 -11.77 30.51 52.84
N ALA D 475 -12.83 30.25 52.07
CA ALA D 475 -12.79 30.48 50.63
C ALA D 475 -12.86 31.96 50.29
N LEU D 476 -13.61 32.75 51.07
CA LEU D 476 -13.66 34.19 50.84
C LEU D 476 -12.32 34.86 51.08
N ASP D 477 -11.54 34.38 52.05
CA ASP D 477 -10.26 34.99 52.39
C ASP D 477 -9.17 34.74 51.35
N THR D 478 -9.39 33.87 50.37
CA THR D 478 -8.35 33.55 49.40
C THR D 478 -8.02 34.73 48.48
N ILE D 479 -8.95 35.65 48.26
CA ILE D 479 -8.72 36.77 47.35
C ILE D 479 -7.73 37.74 47.99
N PRO D 480 -7.86 38.07 49.29
CA PRO D 480 -6.76 38.76 49.97
C PRO D 480 -5.43 38.02 49.91
N MET D 481 -5.43 36.69 50.03
CA MET D 481 -4.20 35.93 49.92
C MET D 481 -3.67 35.94 48.49
N THR D 482 -4.58 36.01 47.50
CA THR D 482 -4.16 36.17 46.12
C THR D 482 -3.48 37.52 45.92
N LEU D 483 -4.03 38.58 46.53
CA LEU D 483 -3.38 39.88 46.47
C LEU D 483 -2.05 39.88 47.22
N ALA D 484 -1.92 39.06 48.26
CA ALA D 484 -0.66 38.97 48.98
C ALA D 484 0.42 38.31 48.13
N GLU D 485 0.05 37.33 47.30
CA GLU D 485 1.04 36.67 46.44
C GLU D 485 1.53 37.60 45.35
N ASN D 486 0.61 38.31 44.68
CA ASN D 486 1.00 39.22 43.61
C ASN D 486 1.79 40.41 44.13
N SER D 487 1.42 40.94 45.30
CA SER D 487 2.15 42.04 45.91
C SER D 487 3.47 41.61 46.54
N GLY D 488 3.65 40.32 46.83
CA GLY D 488 4.89 39.83 47.39
C GLY D 488 5.00 39.96 48.89
N LEU D 489 3.89 40.05 49.61
CA LEU D 489 3.86 40.16 51.06
C LEU D 489 3.53 38.81 51.69
N ASP D 490 3.73 38.72 53.00
CA ASP D 490 3.42 37.49 53.72
C ASP D 490 1.90 37.33 53.82
N PRO D 491 1.28 36.22 53.33
CA PRO D 491 -0.18 36.13 53.43
C PRO D 491 -0.68 35.97 54.86
N ILE D 492 0.00 35.16 55.66
CA ILE D 492 -0.48 34.86 57.01
C ILE D 492 -0.41 36.09 57.89
N GLY D 493 0.65 36.88 57.76
CA GLY D 493 0.73 38.13 58.52
C GLY D 493 -0.30 39.13 58.07
N THR D 494 -0.65 39.13 56.79
CA THR D 494 -1.66 40.06 56.28
C THR D 494 -3.04 39.70 56.81
N LEU D 495 -3.46 38.45 56.62
CA LEU D 495 -4.78 38.03 57.08
C LEU D 495 -4.89 38.04 58.60
N SER D 496 -3.77 37.81 59.30
CA SER D 496 -3.80 37.87 60.75
C SER D 496 -4.02 39.30 61.23
N THR D 497 -3.40 40.28 60.58
CA THR D 497 -3.60 41.67 60.96
C THR D 497 -4.99 42.16 60.59
N LEU D 498 -5.50 41.78 59.41
CA LEU D 498 -6.84 42.21 59.01
C LEU D 498 -7.91 41.56 59.88
N LYS D 499 -7.74 40.27 60.21
CA LYS D 499 -8.72 39.61 61.05
C LYS D 499 -8.71 40.15 62.47
N SER D 500 -7.52 40.41 63.03
CA SER D 500 -7.45 40.98 64.36
C SER D 500 -7.96 42.41 64.41
N LYS D 501 -7.76 43.17 63.32
CA LYS D 501 -8.23 44.55 63.29
C LYS D 501 -9.75 44.59 63.17
N GLN D 502 -10.34 43.67 62.41
CA GLN D 502 -11.80 43.61 62.30
C GLN D 502 -12.45 43.19 63.61
N LEU D 503 -11.80 42.32 64.39
CA LEU D 503 -12.33 41.94 65.69
C LEU D 503 -12.13 43.03 66.73
N LYS D 504 -11.06 43.81 66.62
CA LYS D 504 -10.80 44.87 67.58
C LYS D 504 -11.77 46.03 67.41
N GLU D 505 -12.00 46.45 66.17
CA GLU D 505 -12.87 47.57 65.83
C GLU D 505 -13.87 47.13 64.78
N LYS D 506 -15.12 47.59 64.93
CA LYS D 506 -16.19 47.25 64.00
C LYS D 506 -16.18 48.09 62.73
N ILE D 507 -15.17 48.92 62.49
CA ILE D 507 -15.09 49.72 61.27
C ILE D 507 -14.53 48.81 60.19
N SER D 508 -15.30 48.59 59.13
CA SER D 508 -15.05 47.55 58.14
C SER D 508 -14.76 48.10 56.75
N ASN D 509 -13.92 49.13 56.64
CA ASN D 509 -13.43 49.65 55.36
C ASN D 509 -11.90 49.57 55.24
N ILE D 510 -11.27 48.67 56.02
CA ILE D 510 -9.82 48.46 55.98
C ILE D 510 -9.56 47.21 55.16
N GLY D 511 -8.66 47.30 54.19
CA GLY D 511 -8.33 46.19 53.31
C GLY D 511 -6.86 46.13 52.95
N VAL D 512 -6.44 45.26 52.06
CA VAL D 512 -5.06 45.09 51.73
C VAL D 512 -4.52 46.29 51.02
N ASP D 513 -3.38 46.81 51.47
CA ASP D 513 -2.75 47.99 50.87
C ASP D 513 -1.87 47.55 49.79
N CYS D 514 -2.45 47.37 48.63
CA CYS D 514 -1.69 46.87 47.56
C CYS D 514 -0.66 47.80 47.03
N LEU D 515 -0.96 49.05 46.96
CA LEU D 515 -0.04 49.96 46.33
C LEU D 515 0.91 50.57 47.30
N GLY D 516 0.92 50.07 48.52
CA GLY D 516 1.87 50.54 49.51
C GLY D 516 1.86 51.98 49.85
N TYR D 517 0.70 52.54 50.09
CA TYR D 517 0.65 53.90 50.53
C TYR D 517 0.39 53.93 52.00
N GLY D 518 0.63 52.82 52.65
CA GLY D 518 0.44 52.77 54.07
C GLY D 518 -1.04 52.64 54.15
N SER D 519 -1.62 52.87 55.30
CA SER D 519 -3.06 52.87 55.35
C SER D 519 -3.74 51.66 54.86
N ASN D 520 -3.97 50.69 55.69
CA ASN D 520 -4.75 49.59 55.22
C ASN D 520 -6.15 50.09 55.08
N ASP D 521 -6.43 51.28 55.57
CA ASP D 521 -7.77 51.83 55.53
C ASP D 521 -8.08 52.20 54.16
N MET D 522 -9.33 52.19 53.80
CA MET D 522 -9.63 52.42 52.41
C MET D 522 -10.36 53.66 52.12
N LYS D 523 -10.39 54.59 53.06
CA LYS D 523 -11.11 55.76 52.59
C LYS D 523 -10.08 56.77 52.18
N GLU D 524 -8.92 56.72 52.83
CA GLU D 524 -7.83 57.62 52.48
C GLU D 524 -7.33 57.35 51.07
N LEU D 525 -7.29 56.09 50.67
CA LEU D 525 -6.74 55.74 49.36
C LEU D 525 -7.70 55.89 48.17
N PHE D 526 -8.88 56.47 48.39
CA PHE D 526 -9.84 56.71 47.30
C PHE D 526 -10.01 55.50 46.39
N VAL D 527 -10.55 54.41 46.94
CA VAL D 527 -10.92 53.22 46.18
C VAL D 527 -12.36 52.88 46.53
N VAL D 528 -13.15 52.56 45.51
CA VAL D 528 -14.56 52.23 45.65
C VAL D 528 -14.90 51.17 44.60
N ASP D 529 -15.72 50.13 45.02
CA ASP D 529 -16.27 49.09 44.15
C ASP D 529 -17.80 49.21 44.14
N PRO D 530 -18.51 48.77 43.08
CA PRO D 530 -19.97 48.75 43.17
C PRO D 530 -20.45 47.67 44.12
N PHE D 531 -21.48 48.00 44.91
CA PHE D 531 -22.06 47.02 45.81
C PHE D 531 -22.75 45.90 45.04
N ILE D 532 -23.38 46.24 43.92
CA ILE D 532 -24.05 45.22 43.11
C ILE D 532 -23.04 44.29 42.47
N GLY D 533 -21.85 44.80 42.16
CA GLY D 533 -20.81 43.94 41.59
C GLY D 533 -20.24 42.97 42.60
N LYS D 534 -20.10 43.41 43.85
CA LYS D 534 -19.46 42.58 44.87
C LYS D 534 -20.34 41.43 45.31
N LYS D 535 -21.65 41.67 45.50
CA LYS D 535 -22.54 40.57 45.86
C LYS D 535 -22.72 39.59 44.70
N GLN D 536 -22.56 40.05 43.47
CA GLN D 536 -22.61 39.16 42.30
C GLN D 536 -21.44 38.19 42.26
N GLN D 537 -20.34 38.47 42.96
CA GLN D 537 -19.21 37.55 42.99
C GLN D 537 -19.59 36.23 43.66
N ILE D 538 -20.10 36.30 44.89
CA ILE D 538 -20.47 35.09 45.61
C ILE D 538 -21.72 34.41 45.02
N LEU D 539 -22.59 35.16 44.35
CA LEU D 539 -23.78 34.55 43.76
C LEU D 539 -23.41 33.63 42.61
N LEU D 540 -22.68 34.15 41.62
CA LEU D 540 -22.25 33.31 40.50
C LEU D 540 -21.29 32.23 40.94
N ALA D 541 -20.48 32.50 41.96
CA ALA D 541 -19.57 31.47 42.48
C ALA D 541 -20.35 30.36 43.19
N THR D 542 -21.33 30.73 44.01
CA THR D 542 -22.11 29.73 44.73
C THR D 542 -23.07 29.00 43.80
N GLN D 543 -23.66 29.74 42.83
CA GLN D 543 -24.60 29.13 41.91
C GLN D 543 -23.94 28.11 40.97
N LEU D 544 -22.69 28.34 40.58
CA LEU D 544 -21.96 27.37 39.79
C LEU D 544 -21.47 26.20 40.62
N CYS D 545 -21.00 26.46 41.86
CA CYS D 545 -20.56 25.38 42.74
C CYS D 545 -21.71 24.43 43.09
N ARG D 546 -22.94 24.94 43.17
CA ARG D 546 -24.08 24.08 43.38
C ARG D 546 -24.31 23.16 42.19
N MET D 547 -23.99 23.63 40.98
CA MET D 547 -24.16 22.82 39.79
C MET D 547 -23.06 21.78 39.60
N ILE D 548 -21.80 22.16 39.85
CA ILE D 548 -20.70 21.23 39.62
C ILE D 548 -20.74 20.09 40.64
N LEU D 549 -21.15 20.37 41.87
CA LEU D 549 -21.22 19.33 42.89
C LEU D 549 -22.33 18.32 42.63
N LYS D 550 -23.34 18.67 41.82
CA LYS D 550 -24.39 17.72 41.46
C LYS D 550 -23.92 16.64 40.48
N ILE D 551 -22.86 16.90 39.73
CA ILE D 551 -22.43 15.98 38.68
C ILE D 551 -21.81 14.75 39.32
N ASP D 552 -22.30 13.57 38.93
CA ASP D 552 -21.76 12.28 39.34
C ASP D 552 -21.16 11.51 38.17
N ASN D 553 -21.93 11.31 37.11
CA ASN D 553 -21.48 10.62 35.91
C ASN D 553 -21.04 11.65 34.88
N VAL D 554 -19.87 11.40 34.26
CA VAL D 554 -19.25 12.30 33.30
C VAL D 554 -19.08 11.51 32.00
N ILE D 555 -20.03 11.67 31.08
CA ILE D 555 -20.02 11.03 29.78
C ILE D 555 -19.53 12.08 28.78
N ILE D 556 -18.45 11.74 28.07
CA ILE D 556 -17.85 12.61 27.05
C ILE D 556 -17.53 11.77 25.82
N SER D 557 -17.84 12.34 24.65
CA SER D 557 -17.65 11.69 23.37
C SER D 557 -16.39 12.19 22.69
N GLY D 558 -15.85 11.37 21.79
CA GLY D 558 -14.65 11.72 21.08
C GLY D 558 -14.93 12.66 19.92
N LYS D 559 -13.97 13.56 19.68
CA LYS D 559 -14.07 14.52 18.60
C LYS D 559 -13.75 13.88 17.26
N VAL E 6 16.72 11.68 -23.13
CA VAL E 6 16.32 10.81 -24.22
C VAL E 6 15.97 11.66 -25.44
N PHE E 7 15.54 10.99 -26.52
CA PHE E 7 15.18 11.63 -27.78
C PHE E 7 13.72 11.31 -28.05
N MET E 8 13.25 11.65 -29.26
CA MET E 8 11.84 11.58 -29.64
C MET E 8 11.18 10.23 -29.39
N ASN E 9 9.86 10.19 -29.42
CA ASN E 9 9.07 9.01 -29.05
C ASN E 9 9.22 7.98 -30.17
N ALA E 10 10.33 7.27 -30.15
CA ALA E 10 10.63 6.24 -31.14
C ALA E 10 11.81 5.42 -30.62
N SER E 11 12.36 4.56 -31.48
CA SER E 11 13.57 3.79 -31.18
C SER E 11 13.37 2.81 -30.03
N GLN E 12 12.15 2.33 -29.82
CA GLN E 12 11.92 1.26 -28.86
C GLN E 12 12.66 0.00 -29.32
N GLU E 13 12.25 -0.56 -30.45
CA GLU E 13 12.93 -1.68 -31.10
C GLU E 13 12.69 -1.53 -32.60
N ARG E 14 13.64 -0.89 -33.29
CA ARG E 14 13.49 -0.66 -34.72
C ARG E 14 13.80 -1.94 -35.49
N THR E 15 12.76 -2.54 -36.07
CA THR E 15 12.92 -3.70 -36.94
C THR E 15 13.36 -3.18 -38.31
N THR E 16 14.65 -3.31 -38.60
CA THR E 16 15.28 -2.77 -39.78
C THR E 16 15.99 -3.88 -40.55
N GLY E 17 16.20 -3.64 -41.84
CA GLY E 17 16.97 -4.55 -42.67
C GLY E 17 16.09 -5.62 -43.28
N ARG E 18 16.57 -6.87 -43.28
CA ARG E 18 15.87 -7.97 -43.91
C ARG E 18 14.79 -8.57 -43.02
N GLN E 19 15.00 -8.55 -41.70
CA GLN E 19 14.03 -9.15 -40.78
C GLN E 19 12.69 -8.42 -40.78
N ALA E 20 12.67 -7.14 -41.14
CA ALA E 20 11.40 -6.42 -41.20
C ALA E 20 10.51 -6.96 -42.32
N GLN E 21 11.08 -7.17 -43.51
CA GLN E 21 10.30 -7.74 -44.60
C GLN E 21 9.93 -9.19 -44.34
N ILE E 22 10.75 -9.91 -43.57
CA ILE E 22 10.45 -11.32 -43.25
C ILE E 22 9.19 -11.40 -42.41
N SER E 23 9.02 -10.47 -41.46
CA SER E 23 7.82 -10.48 -40.64
C SER E 23 6.58 -10.11 -41.45
N ASN E 24 6.74 -9.27 -42.48
CA ASN E 24 5.59 -8.88 -43.29
C ASN E 24 5.11 -10.02 -44.18
N ILE E 25 6.05 -10.76 -44.77
CA ILE E 25 5.67 -11.93 -45.58
C ILE E 25 5.05 -12.99 -44.70
N THR E 26 5.57 -13.17 -43.48
CA THR E 26 4.98 -14.13 -42.55
C THR E 26 3.64 -13.62 -42.03
N ALA E 27 3.51 -12.31 -41.84
CA ALA E 27 2.24 -11.74 -41.41
C ALA E 27 1.21 -11.76 -42.53
N ALA E 28 1.63 -11.47 -43.76
CA ALA E 28 0.71 -11.52 -44.89
C ALA E 28 0.28 -12.95 -45.19
N LYS E 29 1.19 -13.92 -45.03
CA LYS E 29 0.82 -15.33 -45.20
C LYS E 29 -0.14 -15.78 -44.11
N ALA E 30 0.00 -15.23 -42.90
CA ALA E 30 -0.87 -15.63 -41.79
C ALA E 30 -2.32 -15.22 -42.01
N VAL E 31 -2.58 -14.13 -42.74
CA VAL E 31 -3.95 -13.71 -42.99
C VAL E 31 -4.65 -14.70 -43.90
N ALA E 32 -3.94 -15.22 -44.92
CA ALA E 32 -4.53 -16.19 -45.82
C ALA E 32 -4.73 -17.55 -45.17
N ASP E 33 -3.89 -17.91 -44.19
CA ASP E 33 -4.03 -19.20 -43.53
C ASP E 33 -5.28 -19.29 -42.66
N VAL E 34 -5.83 -18.15 -42.20
CA VAL E 34 -7.03 -18.16 -41.39
C VAL E 34 -8.23 -18.63 -42.22
N ILE E 35 -8.30 -18.19 -43.48
CA ILE E 35 -9.42 -18.48 -44.38
C ILE E 35 -8.95 -19.37 -45.54
N ARG E 36 -7.96 -20.23 -45.27
CA ARG E 36 -7.52 -21.18 -46.30
C ARG E 36 -8.62 -22.19 -46.60
N THR E 37 -9.32 -22.66 -45.57
CA THR E 37 -10.40 -23.62 -45.73
C THR E 37 -11.73 -23.00 -46.16
N CYS E 38 -11.80 -21.67 -46.30
CA CYS E 38 -13.03 -20.97 -46.64
C CYS E 38 -13.18 -20.73 -48.14
N LEU E 39 -12.68 -21.66 -48.97
CA LEU E 39 -12.70 -21.55 -50.42
C LEU E 39 -13.16 -22.88 -51.02
N GLY E 40 -13.86 -22.80 -52.14
CA GLY E 40 -14.33 -23.97 -52.85
C GLY E 40 -15.75 -24.34 -52.45
N PRO E 41 -16.32 -25.36 -53.10
CA PRO E 41 -17.70 -25.76 -52.77
C PRO E 41 -17.83 -26.46 -51.43
N LYS E 42 -16.77 -27.13 -50.95
CA LYS E 42 -16.76 -27.83 -49.67
C LYS E 42 -16.12 -26.97 -48.58
N ALA E 43 -16.33 -25.66 -48.64
CA ALA E 43 -15.72 -24.75 -47.69
C ALA E 43 -16.43 -24.81 -46.34
N MET E 44 -15.64 -24.63 -45.28
CA MET E 44 -16.14 -24.65 -43.91
C MET E 44 -16.56 -23.25 -43.48
N LEU E 45 -17.49 -23.20 -42.53
CA LEU E 45 -18.01 -21.95 -42.00
C LEU E 45 -17.11 -21.44 -40.87
N LYS E 46 -17.35 -20.19 -40.48
CA LYS E 46 -16.55 -19.50 -39.46
C LYS E 46 -17.47 -18.67 -38.58
N MET E 47 -17.48 -18.98 -37.28
CA MET E 47 -18.21 -18.22 -36.26
C MET E 47 -17.22 -17.35 -35.50
N LEU E 48 -17.32 -16.03 -35.68
CA LEU E 48 -16.49 -15.05 -35.01
C LEU E 48 -17.29 -14.37 -33.91
N LEU E 49 -16.61 -14.11 -32.78
CA LEU E 49 -17.21 -13.51 -31.59
C LEU E 49 -16.74 -12.07 -31.49
N ASP E 50 -17.65 -11.12 -31.73
CA ASP E 50 -17.36 -9.72 -31.55
C ASP E 50 -17.47 -9.36 -30.06
N PRO E 51 -16.79 -8.30 -29.60
CA PRO E 51 -16.80 -8.01 -28.16
C PRO E 51 -18.09 -7.35 -27.67
N MET E 52 -18.97 -6.88 -28.57
CA MET E 52 -20.20 -6.23 -28.14
C MET E 52 -21.20 -7.23 -27.58
N GLY E 53 -21.34 -8.39 -28.23
CA GLY E 53 -22.25 -9.44 -27.79
C GLY E 53 -22.91 -10.23 -28.91
N GLY E 54 -22.79 -9.82 -30.17
CA GLY E 54 -23.41 -10.54 -31.28
C GLY E 54 -22.59 -11.72 -31.74
N LEU E 55 -22.89 -12.17 -32.95
CA LEU E 55 -22.18 -13.29 -33.56
C LEU E 55 -22.35 -13.21 -35.06
N VAL E 56 -21.27 -13.53 -35.78
CA VAL E 56 -21.22 -13.49 -37.24
C VAL E 56 -20.88 -14.89 -37.72
N LEU E 57 -21.85 -15.56 -38.35
CA LEU E 57 -21.71 -16.90 -38.91
C LEU E 57 -21.64 -16.76 -40.42
N THR E 58 -20.48 -17.08 -41.00
CA THR E 58 -20.29 -16.95 -42.43
C THR E 58 -19.03 -17.68 -42.84
N ASN E 59 -18.81 -17.72 -44.16
CA ASN E 59 -17.56 -18.19 -44.76
C ASN E 59 -16.95 -17.19 -45.73
N ASP E 60 -17.62 -16.07 -46.01
CA ASP E 60 -17.06 -15.04 -46.87
C ASP E 60 -15.84 -14.41 -46.20
N GLY E 61 -14.75 -14.28 -46.95
CA GLY E 61 -13.53 -13.72 -46.38
C GLY E 61 -13.67 -12.26 -45.98
N HIS E 62 -14.55 -11.52 -46.66
CA HIS E 62 -14.74 -10.12 -46.30
C HIS E 62 -15.43 -9.98 -44.95
N ALA E 63 -16.55 -10.68 -44.77
CA ALA E 63 -17.28 -10.63 -43.50
C ALA E 63 -16.48 -11.20 -42.34
N ILE E 64 -15.57 -12.14 -42.61
CA ILE E 64 -14.69 -12.66 -41.56
C ILE E 64 -13.69 -11.60 -41.14
N LEU E 65 -13.05 -10.95 -42.13
CA LEU E 65 -12.00 -9.98 -41.82
C LEU E 65 -12.53 -8.64 -41.33
N ARG E 66 -13.84 -8.39 -41.43
CA ARG E 66 -14.40 -7.18 -40.81
C ARG E 66 -14.31 -7.26 -39.29
N GLU E 67 -14.69 -8.40 -38.72
CA GLU E 67 -14.76 -8.57 -37.28
C GLU E 67 -13.39 -8.78 -36.63
N ILE E 68 -12.43 -9.36 -37.35
CA ILE E 68 -11.12 -9.61 -36.78
C ILE E 68 -10.38 -8.29 -36.60
N ASP E 69 -9.44 -8.27 -35.66
CA ASP E 69 -8.61 -7.11 -35.37
C ASP E 69 -7.19 -7.58 -35.13
N VAL E 70 -6.26 -7.07 -35.94
CA VAL E 70 -4.85 -7.42 -35.88
C VAL E 70 -4.05 -6.16 -35.56
N ALA E 71 -3.20 -6.26 -34.55
CA ALA E 71 -2.34 -5.15 -34.13
C ALA E 71 -0.98 -5.24 -34.83
N HIS E 72 -1.04 -5.06 -36.16
CA HIS E 72 0.15 -5.08 -37.01
C HIS E 72 -0.12 -4.24 -38.25
N PRO E 73 0.76 -3.31 -38.67
CA PRO E 73 0.38 -2.41 -39.76
C PRO E 73 0.43 -3.05 -41.14
N ALA E 74 1.28 -4.06 -41.37
CA ALA E 74 1.36 -4.69 -42.67
C ALA E 74 0.17 -5.60 -42.94
N ALA E 75 -0.35 -6.28 -41.92
CA ALA E 75 -1.52 -7.12 -42.08
C ALA E 75 -2.80 -6.32 -42.27
N LYS E 76 -2.85 -5.07 -41.80
CA LYS E 76 -4.03 -4.24 -41.98
C LYS E 76 -4.22 -3.79 -43.42
N SER E 77 -3.12 -3.60 -44.16
CA SER E 77 -3.24 -3.33 -45.58
C SER E 77 -3.84 -4.52 -46.33
N MET E 78 -3.49 -5.74 -45.90
CA MET E 78 -4.14 -6.93 -46.45
C MET E 78 -5.60 -7.00 -46.01
N LEU E 79 -5.93 -6.45 -44.83
CA LEU E 79 -7.30 -6.45 -44.36
C LEU E 79 -8.21 -5.57 -45.22
N GLU E 80 -7.67 -4.46 -45.74
CA GLU E 80 -8.46 -3.51 -46.51
C GLU E 80 -8.74 -3.97 -47.94
N LEU E 81 -8.08 -5.04 -48.42
CA LEU E 81 -8.31 -5.48 -49.79
C LEU E 81 -9.70 -6.09 -49.97
N SER E 82 -10.29 -6.63 -48.90
CA SER E 82 -11.64 -7.19 -49.01
C SER E 82 -12.67 -6.09 -49.25
N ARG E 83 -12.47 -4.90 -48.67
CA ARG E 83 -13.35 -3.78 -48.96
C ARG E 83 -13.19 -3.30 -50.39
N THR E 84 -12.02 -3.52 -50.99
CA THR E 84 -11.84 -3.19 -52.40
C THR E 84 -12.70 -4.08 -53.29
N GLN E 85 -12.77 -5.38 -52.96
CA GLN E 85 -13.53 -6.32 -53.77
C GLN E 85 -15.02 -6.24 -53.50
N ASP E 86 -15.44 -6.06 -52.25
CA ASP E 86 -16.86 -6.05 -51.93
C ASP E 86 -17.55 -4.82 -52.49
N GLU E 87 -16.94 -3.65 -52.35
CA GLU E 87 -17.48 -2.38 -52.82
C GLU E 87 -17.02 -2.06 -54.25
N GLU E 88 -16.77 -3.08 -55.08
CA GLU E 88 -16.47 -2.93 -56.50
C GLU E 88 -17.37 -3.84 -57.34
N VAL E 89 -17.46 -5.12 -56.95
CA VAL E 89 -18.31 -6.10 -57.60
C VAL E 89 -19.27 -6.68 -56.57
N GLY E 90 -18.70 -7.33 -55.54
CA GLY E 90 -19.46 -8.02 -54.50
C GLY E 90 -19.27 -9.52 -54.48
N ASP E 91 -18.22 -10.05 -55.10
CA ASP E 91 -17.98 -11.48 -55.17
C ASP E 91 -16.49 -11.73 -55.36
N GLY E 92 -15.99 -12.80 -54.76
CA GLY E 92 -14.60 -13.16 -54.85
C GLY E 92 -13.69 -12.47 -53.85
N THR E 93 -14.20 -12.16 -52.66
CA THR E 93 -13.37 -11.47 -51.67
C THR E 93 -12.32 -12.41 -51.07
N THR E 94 -12.71 -13.65 -50.80
CA THR E 94 -11.75 -14.64 -50.33
C THR E 94 -10.71 -14.97 -51.39
N THR E 95 -11.10 -14.89 -52.67
CA THR E 95 -10.15 -15.11 -53.76
C THR E 95 -9.06 -14.04 -53.78
N VAL E 96 -9.41 -12.81 -53.41
CA VAL E 96 -8.43 -11.73 -53.40
C VAL E 96 -7.41 -11.94 -52.28
N ILE E 97 -7.89 -12.31 -51.09
CA ILE E 97 -7.01 -12.45 -49.94
C ILE E 97 -6.10 -13.66 -50.10
N ILE E 98 -6.65 -14.78 -50.54
CA ILE E 98 -5.84 -15.98 -50.71
C ILE E 98 -4.85 -15.81 -51.87
N LEU E 99 -5.07 -15.04 -52.91
CA LEU E 99 -4.05 -14.96 -53.99
C LEU E 99 -2.87 -14.09 -53.62
N ALA E 100 -3.12 -13.02 -52.92
CA ALA E 100 -2.06 -12.10 -52.62
C ALA E 100 -1.10 -12.69 -51.66
N GLY E 101 -1.59 -13.56 -50.81
CA GLY E 101 -0.72 -14.12 -49.84
C GLY E 101 0.31 -14.88 -50.57
N GLU E 102 -0.12 -15.65 -51.54
CA GLU E 102 0.82 -16.38 -52.30
C GLU E 102 1.75 -15.54 -53.11
N ILE E 103 1.30 -14.47 -53.71
CA ILE E 103 2.23 -13.63 -54.44
C ILE E 103 3.28 -13.07 -53.52
N LEU E 104 2.94 -12.69 -52.30
CA LEU E 104 3.97 -12.09 -51.48
C LEU E 104 4.90 -13.19 -51.06
N ALA E 105 4.40 -14.39 -50.96
CA ALA E 105 5.19 -15.50 -50.49
C ALA E 105 6.11 -16.06 -51.49
N GLN E 106 5.68 -16.18 -52.71
CA GLN E 106 6.59 -16.62 -53.70
C GLN E 106 7.67 -15.60 -53.97
N CYS E 107 7.39 -14.32 -53.92
CA CYS E 107 8.43 -13.38 -54.23
C CYS E 107 9.44 -13.36 -53.13
N ALA E 108 9.11 -13.92 -52.00
CA ALA E 108 10.01 -13.84 -50.87
C ALA E 108 11.30 -14.55 -51.00
N PRO E 109 11.26 -15.86 -51.43
CA PRO E 109 12.56 -16.49 -51.65
C PRO E 109 13.51 -15.51 -52.23
N TYR E 110 13.18 -14.88 -53.35
CA TYR E 110 14.15 -14.01 -54.01
C TYR E 110 14.56 -12.86 -53.13
N LEU E 111 13.62 -12.21 -52.46
CA LEU E 111 13.97 -11.05 -51.67
C LEU E 111 14.96 -11.45 -50.59
N ILE E 112 14.68 -12.56 -49.93
CA ILE E 112 15.55 -13.05 -48.87
C ILE E 112 16.90 -13.53 -49.34
N GLU E 113 16.95 -14.21 -50.49
CA GLU E 113 18.21 -14.85 -50.90
C GLU E 113 18.88 -14.41 -52.17
N LYS E 114 18.11 -14.25 -53.25
CA LYS E 114 18.85 -13.91 -54.42
C LYS E 114 19.01 -12.41 -54.51
N ASN E 115 18.61 -11.69 -53.49
CA ASN E 115 18.86 -10.25 -53.41
C ASN E 115 18.42 -9.39 -54.53
N ILE E 116 17.24 -9.62 -55.04
CA ILE E 116 16.73 -8.77 -56.05
C ILE E 116 16.07 -7.68 -55.30
N HIS E 117 16.35 -6.45 -55.64
CA HIS E 117 15.81 -5.31 -54.93
C HIS E 117 14.33 -5.14 -55.14
N PRO E 118 13.61 -4.74 -54.12
CA PRO E 118 12.18 -4.63 -54.22
C PRO E 118 11.55 -3.77 -55.30
N VAL E 119 12.24 -3.10 -56.19
CA VAL E 119 11.77 -2.29 -57.30
C VAL E 119 11.80 -3.09 -58.59
N ILE E 120 12.81 -3.96 -58.75
CA ILE E 120 12.90 -4.80 -59.94
C ILE E 120 11.76 -5.81 -59.96
N ILE E 121 11.29 -6.25 -58.78
CA ILE E 121 10.14 -7.14 -58.74
C ILE E 121 8.88 -6.40 -59.19
N ILE E 122 8.78 -5.11 -58.87
CA ILE E 122 7.60 -4.34 -59.24
C ILE E 122 7.54 -4.18 -60.76
N GLN E 123 8.69 -3.89 -61.39
CA GLN E 123 8.72 -3.78 -62.85
C GLN E 123 8.38 -5.11 -63.52
N ALA E 124 8.76 -6.23 -62.90
CA ALA E 124 8.43 -7.53 -63.47
C ALA E 124 6.92 -7.81 -63.36
N LEU E 125 6.27 -7.29 -62.33
CA LEU E 125 4.86 -7.61 -62.10
C LEU E 125 3.92 -6.83 -63.02
N LYS E 126 4.30 -5.61 -63.43
CA LYS E 126 3.42 -4.84 -64.31
C LYS E 126 3.35 -5.48 -65.69
N LYS E 127 4.49 -5.96 -66.21
CA LYS E 127 4.47 -6.72 -67.44
C LYS E 127 3.71 -8.03 -67.28
N ALA E 128 3.77 -8.66 -66.10
CA ALA E 128 2.93 -9.82 -65.84
C ALA E 128 1.47 -9.42 -65.70
N LEU E 129 1.21 -8.24 -65.12
CA LEU E 129 -0.15 -7.74 -65.04
C LEU E 129 -0.69 -7.41 -66.43
N THR E 130 0.15 -6.83 -67.29
CA THR E 130 -0.28 -6.50 -68.64
C THR E 130 -0.55 -7.76 -69.45
N ASP E 131 0.27 -8.81 -69.26
CA ASP E 131 0.02 -10.08 -69.94
C ASP E 131 -1.12 -10.85 -69.31
N ALA E 132 -1.39 -10.63 -68.02
CA ALA E 132 -2.49 -11.34 -67.37
C ALA E 132 -3.84 -10.90 -67.92
N LEU E 133 -4.00 -9.59 -68.16
CA LEU E 133 -5.25 -9.11 -68.76
C LEU E 133 -5.40 -9.58 -70.20
N GLU E 134 -4.29 -9.80 -70.91
CA GLU E 134 -4.39 -10.26 -72.30
C GLU E 134 -4.91 -11.68 -72.37
N VAL E 135 -4.32 -12.60 -71.58
CA VAL E 135 -4.74 -13.99 -71.63
C VAL E 135 -6.11 -14.17 -70.99
N ILE E 136 -6.46 -13.36 -69.99
CA ILE E 136 -7.80 -13.42 -69.42
C ILE E 136 -8.82 -12.91 -70.42
N LYS E 137 -8.44 -11.95 -71.28
CA LYS E 137 -9.33 -11.50 -72.33
C LYS E 137 -9.51 -12.55 -73.41
N GLN E 138 -8.45 -13.32 -73.72
CA GLN E 138 -8.53 -14.33 -74.75
C GLN E 138 -9.25 -15.59 -74.27
N VAL E 139 -9.03 -16.00 -73.01
CA VAL E 139 -9.64 -17.23 -72.52
C VAL E 139 -11.14 -17.08 -72.31
N SER E 140 -11.63 -15.86 -72.08
CA SER E 140 -13.06 -15.63 -71.83
C SER E 140 -13.83 -15.64 -73.15
N LYS E 141 -15.03 -16.20 -73.11
CA LYS E 141 -15.94 -16.32 -74.24
C LYS E 141 -17.17 -15.45 -73.97
N PRO E 142 -17.76 -14.76 -74.96
CA PRO E 142 -18.96 -13.98 -74.67
C PRO E 142 -20.17 -14.87 -74.45
N VAL E 143 -21.23 -14.26 -73.94
CA VAL E 143 -22.49 -14.94 -73.65
C VAL E 143 -23.64 -13.97 -73.83
N ASP E 144 -24.78 -14.49 -74.29
CA ASP E 144 -25.95 -13.66 -74.50
C ASP E 144 -26.56 -13.25 -73.16
N VAL E 145 -26.92 -11.97 -73.06
CA VAL E 145 -27.46 -11.43 -71.83
C VAL E 145 -28.95 -11.72 -71.65
N GLU E 146 -29.71 -11.88 -72.74
CA GLU E 146 -31.13 -12.10 -72.68
C GLU E 146 -31.53 -13.56 -72.45
N ASN E 147 -30.57 -14.49 -72.44
CA ASN E 147 -30.86 -15.92 -72.26
C ASN E 147 -31.09 -16.17 -70.77
N ASP E 148 -32.35 -16.39 -70.40
CA ASP E 148 -32.67 -16.63 -68.99
C ASP E 148 -32.20 -18.01 -68.54
N ALA E 149 -32.10 -18.97 -69.46
CA ALA E 149 -31.64 -20.31 -69.08
C ALA E 149 -30.17 -20.30 -68.66
N ALA E 150 -29.33 -19.57 -69.41
CA ALA E 150 -27.93 -19.44 -69.05
C ALA E 150 -27.72 -18.48 -67.90
N MET E 151 -28.60 -17.48 -67.75
CA MET E 151 -28.46 -16.51 -66.67
C MET E 151 -28.70 -17.15 -65.31
N LYS E 152 -29.61 -18.13 -65.23
CA LYS E 152 -29.85 -18.83 -63.98
C LYS E 152 -28.65 -19.67 -63.57
N LYS E 153 -28.00 -20.32 -64.54
CA LYS E 153 -26.79 -21.07 -64.25
C LYS E 153 -25.61 -20.16 -63.94
N LEU E 154 -25.60 -18.95 -64.48
CA LEU E 154 -24.53 -18.00 -64.17
C LEU E 154 -24.69 -17.45 -62.76
N ILE E 155 -25.92 -17.19 -62.33
CA ILE E 155 -26.15 -16.62 -61.01
C ILE E 155 -25.82 -17.65 -59.93
N GLN E 156 -26.17 -18.92 -60.15
CA GLN E 156 -25.97 -19.96 -59.15
C GLN E 156 -24.54 -20.47 -59.07
N ALA E 157 -23.59 -19.90 -59.82
CA ALA E 157 -22.20 -20.33 -59.71
C ALA E 157 -21.64 -19.95 -58.35
N SER E 158 -21.94 -18.74 -57.87
CA SER E 158 -21.49 -18.30 -56.55
C SER E 158 -22.33 -18.90 -55.43
N ILE E 159 -23.61 -19.20 -55.69
CA ILE E 159 -24.46 -19.79 -54.66
C ILE E 159 -23.99 -21.21 -54.34
N GLY E 160 -23.37 -21.91 -55.30
CA GLY E 160 -22.86 -23.25 -55.08
C GLY E 160 -21.82 -23.37 -53.98
N THR E 161 -21.09 -22.30 -53.69
CA THR E 161 -20.11 -22.27 -52.61
C THR E 161 -20.68 -21.82 -51.28
N LYS E 162 -22.01 -21.82 -51.12
CA LYS E 162 -22.71 -21.32 -49.94
C LYS E 162 -23.66 -22.42 -49.43
N TYR E 163 -24.44 -22.08 -48.41
CA TYR E 163 -25.33 -23.04 -47.79
C TYR E 163 -26.60 -23.29 -48.60
N VAL E 164 -27.01 -22.33 -49.44
CA VAL E 164 -28.32 -22.37 -50.09
C VAL E 164 -28.22 -22.93 -51.51
N ILE E 165 -27.21 -23.75 -51.78
CA ILE E 165 -27.15 -24.48 -53.05
C ILE E 165 -28.34 -25.41 -53.21
N HIS E 166 -28.84 -25.97 -52.10
CA HIS E 166 -30.02 -26.83 -52.16
C HIS E 166 -31.26 -26.08 -52.62
N TRP E 167 -31.39 -24.80 -52.27
CA TRP E 167 -32.46 -23.93 -52.73
C TRP E 167 -32.03 -23.08 -53.93
N SER E 168 -31.06 -23.57 -54.71
CA SER E 168 -30.55 -22.78 -55.84
C SER E 168 -31.59 -22.59 -56.92
N GLU E 169 -32.55 -23.52 -57.03
CA GLU E 169 -33.62 -23.36 -58.02
C GLU E 169 -34.51 -22.17 -57.73
N LYS E 170 -34.66 -21.80 -56.45
CA LYS E 170 -35.47 -20.66 -56.05
C LYS E 170 -34.65 -19.37 -55.96
N MET E 171 -33.37 -19.46 -55.55
CA MET E 171 -32.59 -18.25 -55.36
C MET E 171 -32.25 -17.58 -56.69
N CYS E 172 -32.02 -18.38 -57.74
CA CYS E 172 -31.74 -17.79 -59.05
C CYS E 172 -32.98 -17.08 -59.60
N GLU E 173 -34.16 -17.68 -59.41
CA GLU E 173 -35.40 -17.00 -59.78
C GLU E 173 -35.64 -15.80 -58.88
N LEU E 174 -35.25 -15.87 -57.61
CA LEU E 174 -35.41 -14.74 -56.70
C LEU E 174 -34.46 -13.61 -57.07
N ALA E 175 -33.21 -13.93 -57.39
CA ALA E 175 -32.23 -12.91 -57.72
C ALA E 175 -32.43 -12.35 -59.12
N LEU E 176 -32.89 -13.17 -60.06
CA LEU E 176 -33.06 -12.71 -61.43
C LEU E 176 -34.21 -11.71 -61.53
N ASP E 177 -35.31 -11.98 -60.83
CA ASP E 177 -36.44 -11.06 -60.85
C ASP E 177 -36.10 -9.75 -60.14
N ALA E 178 -35.27 -9.81 -59.10
CA ALA E 178 -34.90 -8.61 -58.37
C ALA E 178 -33.96 -7.73 -59.18
N VAL E 179 -33.02 -8.35 -59.91
CA VAL E 179 -32.05 -7.56 -60.67
C VAL E 179 -32.72 -6.88 -61.84
N LYS E 180 -33.64 -7.57 -62.53
CA LYS E 180 -34.36 -6.96 -63.64
C LYS E 180 -35.27 -5.83 -63.18
N THR E 181 -35.77 -5.88 -61.94
CA THR E 181 -36.59 -4.80 -61.42
C THR E 181 -35.76 -3.54 -61.21
N VAL E 182 -34.59 -3.69 -60.57
CA VAL E 182 -33.71 -2.54 -60.33
C VAL E 182 -33.02 -2.09 -61.61
N ARG E 183 -32.87 -2.96 -62.61
CA ARG E 183 -32.18 -2.62 -63.84
C ARG E 183 -32.92 -1.52 -64.59
N LYS E 184 -32.17 -0.49 -65.00
CA LYS E 184 -32.69 0.65 -65.74
C LYS E 184 -32.25 0.53 -67.19
N ASP E 185 -33.18 0.77 -68.11
CA ASP E 185 -32.88 0.72 -69.53
C ASP E 185 -32.14 1.98 -69.98
N PHE E 196 -24.67 2.55 -69.58
CA PHE E 196 -25.94 1.89 -69.88
C PHE E 196 -26.12 0.67 -68.97
N GLU E 197 -27.39 0.38 -68.66
CA GLU E 197 -27.76 -0.75 -67.80
C GLU E 197 -27.10 -0.62 -66.42
N ILE E 198 -27.28 0.54 -65.82
CA ILE E 198 -26.72 0.87 -64.50
C ILE E 198 -27.75 0.48 -63.46
N ASP E 199 -27.29 -0.19 -62.40
CA ASP E 199 -28.13 -0.58 -61.27
C ASP E 199 -27.35 -0.39 -59.98
N ILE E 200 -28.07 -0.29 -58.87
CA ILE E 200 -27.49 -0.01 -57.56
C ILE E 200 -28.33 -0.69 -56.49
N LYS E 201 -27.65 -1.16 -55.44
CA LYS E 201 -28.28 -2.00 -54.43
C LYS E 201 -28.84 -1.22 -53.23
N ARG E 202 -28.84 0.12 -53.29
CA ARG E 202 -29.34 0.89 -52.15
C ARG E 202 -30.85 0.78 -52.00
N TYR E 203 -31.58 0.61 -53.11
CA TYR E 203 -33.01 0.36 -53.08
C TYR E 203 -33.36 -1.10 -52.82
N VAL E 204 -32.39 -2.03 -52.92
CA VAL E 204 -32.64 -3.43 -52.61
C VAL E 204 -32.85 -3.55 -51.11
N ARG E 205 -34.10 -3.77 -50.71
CA ARG E 205 -34.48 -3.81 -49.30
C ARG E 205 -34.10 -5.17 -48.71
N VAL E 206 -33.40 -5.13 -47.56
CA VAL E 206 -32.86 -6.32 -46.91
C VAL E 206 -33.68 -6.63 -45.67
N GLU E 207 -34.98 -6.33 -45.69
CA GLU E 207 -35.83 -6.56 -44.54
C GLU E 207 -35.95 -8.05 -44.27
N LYS E 208 -35.94 -8.41 -42.98
CA LYS E 208 -35.86 -9.78 -42.51
C LYS E 208 -37.13 -10.14 -41.74
N ILE E 209 -37.51 -11.41 -41.84
CA ILE E 209 -38.66 -11.97 -41.13
C ILE E 209 -38.18 -13.26 -40.47
N PRO E 210 -38.01 -13.33 -39.14
CA PRO E 210 -37.52 -14.59 -38.56
C PRO E 210 -38.58 -15.68 -38.62
N GLY E 211 -38.14 -16.88 -39.04
CA GLY E 211 -39.02 -18.02 -39.13
C GLY E 211 -39.64 -18.18 -40.50
N GLY E 212 -40.24 -19.35 -40.70
CA GLY E 212 -40.86 -19.74 -41.95
C GLY E 212 -39.96 -20.62 -42.78
N ASP E 213 -40.52 -21.10 -43.90
CA ASP E 213 -39.84 -22.02 -44.80
C ASP E 213 -39.34 -21.25 -46.01
N VAL E 214 -38.21 -21.72 -46.57
CA VAL E 214 -37.58 -21.02 -47.69
C VAL E 214 -38.38 -21.18 -48.97
N LEU E 215 -39.17 -22.26 -49.08
CA LEU E 215 -39.89 -22.51 -50.34
C LEU E 215 -40.97 -21.47 -50.60
N ASP E 216 -41.78 -21.15 -49.59
CA ASP E 216 -42.82 -20.13 -49.74
C ASP E 216 -42.26 -18.72 -49.79
N SER E 217 -40.99 -18.50 -49.42
CA SER E 217 -40.39 -17.19 -49.53
C SER E 217 -40.28 -16.79 -50.99
N ARG E 218 -40.71 -15.57 -51.30
CA ARG E 218 -40.76 -15.08 -52.67
C ARG E 218 -40.60 -13.57 -52.67
N VAL E 219 -40.11 -13.05 -53.79
CA VAL E 219 -40.07 -11.61 -54.02
C VAL E 219 -41.46 -11.14 -54.42
N LEU E 220 -41.85 -9.97 -53.92
CA LEU E 220 -43.11 -9.33 -54.27
C LEU E 220 -42.83 -7.87 -54.63
N LYS E 221 -43.43 -7.43 -55.72
CA LYS E 221 -43.18 -6.09 -56.24
C LYS E 221 -43.75 -5.05 -55.28
N GLY E 222 -42.88 -4.19 -54.76
CA GLY E 222 -43.24 -3.11 -53.85
C GLY E 222 -42.44 -3.09 -52.58
N VAL E 223 -43.04 -2.56 -51.52
CA VAL E 223 -42.38 -2.33 -50.23
C VAL E 223 -43.06 -3.17 -49.17
N LEU E 224 -42.43 -3.21 -47.99
CA LEU E 224 -42.95 -3.91 -46.82
C LEU E 224 -42.61 -3.09 -45.58
N LEU E 225 -43.63 -2.55 -44.94
CA LEU E 225 -43.48 -1.73 -43.74
C LEU E 225 -43.56 -2.61 -42.50
N ASN E 226 -43.05 -2.06 -41.39
CA ASN E 226 -43.10 -2.70 -40.07
C ASN E 226 -44.25 -2.20 -39.19
N LYS E 227 -45.08 -1.29 -39.68
CA LYS E 227 -46.09 -0.59 -38.89
C LYS E 227 -47.49 -0.87 -39.44
N ASP E 228 -48.49 -0.53 -38.63
CA ASP E 228 -49.90 -0.67 -38.97
C ASP E 228 -50.56 0.71 -39.05
N VAL E 229 -51.85 0.73 -39.37
CA VAL E 229 -52.61 1.96 -39.38
C VAL E 229 -52.85 2.44 -37.95
N VAL E 230 -53.17 3.73 -37.82
CA VAL E 230 -53.33 4.34 -36.51
C VAL E 230 -54.74 4.12 -35.97
N HIS E 231 -55.77 4.53 -36.76
CA HIS E 231 -57.16 4.47 -36.33
C HIS E 231 -57.76 3.10 -36.69
N PRO E 232 -58.70 2.54 -35.92
CA PRO E 232 -59.18 1.18 -36.27
C PRO E 232 -60.08 1.16 -37.50
N LYS E 233 -60.78 2.24 -37.80
CA LYS E 233 -61.73 2.29 -38.90
C LYS E 233 -61.06 2.40 -40.28
N MET E 234 -59.74 2.45 -40.36
CA MET E 234 -59.07 2.54 -41.64
C MET E 234 -59.26 1.24 -42.43
N SER E 235 -59.42 1.38 -43.75
CA SER E 235 -59.66 0.23 -44.61
C SER E 235 -58.42 -0.64 -44.70
N ARG E 236 -58.53 -1.88 -44.25
CA ARG E 236 -57.44 -2.84 -44.30
C ARG E 236 -57.28 -3.53 -45.66
N HIS E 237 -58.17 -3.26 -46.62
CA HIS E 237 -58.12 -3.89 -47.94
C HIS E 237 -58.68 -2.91 -48.95
N ILE E 238 -57.78 -2.31 -49.75
CA ILE E 238 -58.12 -1.32 -50.76
C ILE E 238 -57.79 -1.91 -52.13
N GLU E 239 -58.68 -1.70 -53.09
CA GLU E 239 -58.50 -2.27 -54.42
C GLU E 239 -57.43 -1.53 -55.20
N ASN E 240 -57.53 -0.20 -55.27
CA ASN E 240 -56.61 0.66 -56.01
C ASN E 240 -56.14 1.77 -55.08
N PRO E 241 -55.11 1.55 -54.26
CA PRO E 241 -54.61 2.64 -53.41
C PRO E 241 -54.02 3.78 -54.23
N ARG E 242 -54.11 4.97 -53.67
CA ARG E 242 -53.54 6.20 -54.24
C ARG E 242 -52.67 6.83 -53.16
N VAL E 243 -51.36 6.59 -53.22
CA VAL E 243 -50.43 6.96 -52.17
C VAL E 243 -49.98 8.39 -52.42
N VAL E 244 -49.83 9.16 -51.34
CA VAL E 244 -49.33 10.52 -51.38
C VAL E 244 -48.34 10.67 -50.23
N LEU E 245 -47.10 11.02 -50.56
CA LEU E 245 -46.02 11.15 -49.58
C LEU E 245 -46.01 12.55 -48.98
N LEU E 246 -45.86 12.62 -47.66
CA LEU E 246 -45.76 13.86 -46.91
C LEU E 246 -44.49 13.85 -46.08
N ASP E 247 -43.81 14.99 -46.02
CA ASP E 247 -42.58 15.14 -45.25
C ASP E 247 -42.80 15.83 -43.90
N CYS E 248 -43.66 16.83 -43.95
CA CYS E 248 -43.93 17.65 -42.83
C CYS E 248 -44.66 17.14 -41.71
N PRO E 249 -44.53 17.83 -40.61
CA PRO E 249 -45.38 17.43 -39.54
C PRO E 249 -46.76 17.78 -40.00
N LEU E 250 -47.76 16.99 -39.69
CA LEU E 250 -49.13 17.36 -40.04
C LEU E 250 -49.73 18.09 -38.87
N GLU E 251 -48.95 18.39 -37.86
CA GLU E 251 -49.43 19.04 -36.67
C GLU E 251 -48.85 20.40 -36.48
N TYR E 252 -49.52 21.26 -35.72
CA TYR E 252 -49.07 22.62 -35.53
C TYR E 252 -47.80 22.55 -34.83
N LYS E 253 -46.87 23.42 -35.19
CA LYS E 253 -45.58 23.33 -34.60
C LYS E 253 -45.21 24.64 -34.02
N LYS E 254 -44.24 24.65 -33.13
CA LYS E 254 -43.87 25.88 -32.47
C LYS E 254 -43.44 26.96 -33.42
N GLY E 255 -42.52 26.71 -34.36
CA GLY E 255 -42.13 27.82 -35.23
C GLY E 255 -40.77 28.47 -34.99
N GLU E 256 -40.11 29.05 -35.97
CA GLU E 256 -38.77 29.54 -35.75
C GLU E 256 -38.37 30.70 -34.88
N SER E 257 -39.04 31.81 -34.92
CA SER E 257 -38.55 32.99 -34.16
C SER E 257 -38.99 33.09 -32.70
N GLN E 258 -38.41 34.02 -31.94
CA GLN E 258 -38.86 34.19 -30.56
C GLN E 258 -40.25 34.74 -30.65
N THR E 259 -41.26 33.98 -30.20
CA THR E 259 -42.67 34.39 -30.40
C THR E 259 -43.47 35.16 -29.32
N ASN E 260 -43.66 34.58 -28.14
CA ASN E 260 -44.36 35.26 -27.03
C ASN E 260 -45.67 36.03 -27.23
N ILE E 261 -46.79 35.35 -27.53
CA ILE E 261 -48.08 36.02 -27.56
C ILE E 261 -48.46 36.56 -26.23
N GLU E 262 -48.96 37.78 -26.18
CA GLU E 262 -49.34 38.40 -24.95
C GLU E 262 -50.81 38.52 -24.99
N ILE E 263 -51.53 38.01 -24.00
CA ILE E 263 -52.97 37.96 -24.08
C ILE E 263 -53.58 38.98 -23.17
N GLU E 264 -54.44 39.81 -23.73
CA GLU E 264 -55.06 40.88 -22.94
C GLU E 264 -56.53 40.61 -22.62
N LYS E 265 -57.30 40.11 -23.58
CA LYS E 265 -58.71 39.82 -23.41
C LYS E 265 -58.93 38.34 -23.13
N GLU E 266 -60.08 38.03 -22.56
CA GLU E 266 -60.42 36.63 -22.24
C GLU E 266 -60.77 35.82 -23.48
N GLU E 267 -61.19 36.47 -24.57
CA GLU E 267 -61.57 35.78 -25.80
C GLU E 267 -60.39 35.47 -26.71
N ASP E 268 -59.15 35.59 -26.22
CA ASP E 268 -57.95 35.32 -27.02
C ASP E 268 -57.41 33.91 -26.83
N TRP E 269 -57.42 33.40 -25.60
CA TRP E 269 -56.83 32.08 -25.34
C TRP E 269 -57.63 30.97 -25.99
N ASN E 270 -58.95 31.03 -25.90
CA ASN E 270 -59.78 30.08 -26.63
C ASN E 270 -59.65 30.25 -28.14
N ARG E 271 -59.35 31.47 -28.60
CA ARG E 271 -59.09 31.68 -30.02
C ARG E 271 -57.75 31.08 -30.41
N ILE E 272 -56.75 31.16 -29.52
CA ILE E 272 -55.44 30.58 -29.81
C ILE E 272 -55.55 29.06 -29.90
N LEU E 273 -56.34 28.45 -29.02
CA LEU E 273 -56.56 27.02 -29.08
C LEU E 273 -57.51 26.61 -30.20
N GLN E 274 -58.36 27.52 -30.68
CA GLN E 274 -59.24 27.22 -31.80
C GLN E 274 -58.53 27.28 -33.15
N ILE E 275 -57.60 28.22 -33.33
CA ILE E 275 -56.83 28.25 -34.57
C ILE E 275 -55.90 27.05 -34.68
N GLU E 276 -55.47 26.47 -33.56
CA GLU E 276 -54.76 25.19 -33.60
C GLU E 276 -55.61 24.09 -34.22
N GLU E 277 -56.93 24.15 -34.06
CA GLU E 277 -57.83 23.19 -34.68
C GLU E 277 -58.11 23.56 -36.14
N GLU E 278 -58.15 24.85 -36.47
CA GLU E 278 -58.48 25.28 -37.83
C GLU E 278 -57.29 25.16 -38.77
N GLN E 279 -56.06 25.31 -38.28
CA GLN E 279 -54.90 25.16 -39.15
C GLN E 279 -54.73 23.72 -39.60
N VAL E 280 -54.93 22.77 -38.68
CA VAL E 280 -54.90 21.35 -39.06
C VAL E 280 -56.10 20.99 -39.94
N GLN E 281 -57.20 21.72 -39.85
CA GLN E 281 -58.30 21.53 -40.79
C GLN E 281 -57.92 22.04 -42.17
N LEU E 282 -57.18 23.15 -42.24
CA LEU E 282 -56.85 23.75 -43.52
C LEU E 282 -55.88 22.88 -44.30
N MET E 283 -54.88 22.30 -43.63
CA MET E 283 -53.95 21.41 -44.29
C MET E 283 -54.58 20.06 -44.63
N CYS E 284 -55.57 19.61 -43.86
CA CYS E 284 -56.25 18.35 -44.16
C CYS E 284 -57.24 18.53 -45.31
N GLU E 285 -57.97 19.65 -45.34
CA GLU E 285 -58.96 19.88 -46.39
C GLU E 285 -58.34 19.99 -47.76
N GLN E 286 -57.16 20.62 -47.89
CA GLN E 286 -56.47 20.69 -49.17
C GLN E 286 -55.86 19.36 -49.58
N ILE E 287 -55.58 18.47 -48.63
CA ILE E 287 -55.17 17.11 -48.98
C ILE E 287 -56.34 16.35 -49.59
N LEU E 288 -57.56 16.62 -49.10
CA LEU E 288 -58.76 15.99 -49.62
C LEU E 288 -59.24 16.58 -50.96
N ALA E 289 -58.52 17.54 -51.53
CA ALA E 289 -58.88 18.03 -52.87
C ALA E 289 -58.69 16.92 -53.91
N VAL E 290 -57.64 16.12 -53.77
CA VAL E 290 -57.39 14.96 -54.63
C VAL E 290 -58.00 13.67 -54.09
N ARG E 291 -58.42 13.64 -52.81
CA ARG E 291 -59.06 12.48 -52.18
C ARG E 291 -58.15 11.25 -52.23
N PRO E 292 -57.05 11.24 -51.49
CA PRO E 292 -56.19 10.05 -51.44
C PRO E 292 -56.76 8.98 -50.53
N THR E 293 -56.26 7.76 -50.72
CA THR E 293 -56.62 6.61 -49.90
C THR E 293 -55.59 6.31 -48.82
N LEU E 294 -54.31 6.62 -49.06
CA LEU E 294 -53.23 6.36 -48.13
C LEU E 294 -52.29 7.56 -48.09
N VAL E 295 -52.13 8.14 -46.91
CA VAL E 295 -51.26 9.29 -46.69
C VAL E 295 -50.11 8.82 -45.80
N ILE E 296 -48.91 8.80 -46.36
CA ILE E 296 -47.70 8.36 -45.67
C ILE E 296 -46.91 9.60 -45.29
N THR E 297 -46.85 9.89 -44.00
CA THR E 297 -46.14 11.04 -43.46
C THR E 297 -44.77 10.61 -42.97
N GLU E 298 -43.76 11.46 -43.23
CA GLU E 298 -42.41 11.16 -42.75
C GLU E 298 -42.32 11.30 -41.24
N LYS E 299 -42.66 12.48 -40.72
CA LYS E 299 -42.62 12.76 -39.30
C LYS E 299 -43.91 12.23 -38.66
N GLY E 300 -44.10 12.48 -37.36
CA GLY E 300 -45.25 11.98 -36.65
C GLY E 300 -46.56 12.61 -37.11
N VAL E 301 -47.64 12.10 -36.53
CA VAL E 301 -49.01 12.52 -36.83
C VAL E 301 -49.73 12.83 -35.53
N SER E 302 -50.69 13.76 -35.62
CA SER E 302 -51.51 14.16 -34.50
C SER E 302 -52.77 13.30 -34.41
N ASP E 303 -53.40 13.32 -33.25
CA ASP E 303 -54.62 12.55 -33.08
C ASP E 303 -55.78 13.26 -33.77
N LEU E 304 -55.77 14.61 -33.85
CA LEU E 304 -56.83 15.40 -34.54
C LEU E 304 -56.90 15.55 -36.03
N ALA E 305 -55.73 15.65 -36.66
CA ALA E 305 -55.69 15.77 -38.12
C ALA E 305 -56.08 14.43 -38.70
N GLN E 306 -55.65 13.37 -38.04
CA GLN E 306 -55.96 12.02 -38.50
C GLN E 306 -57.47 11.83 -38.53
N HIS E 307 -58.15 12.47 -37.58
CA HIS E 307 -59.60 12.34 -37.47
C HIS E 307 -60.35 12.82 -38.71
N TYR E 308 -59.94 13.93 -39.31
CA TYR E 308 -60.62 14.33 -40.54
C TYR E 308 -59.96 13.79 -41.77
N LEU E 309 -58.74 13.29 -41.64
CA LEU E 309 -58.16 12.63 -42.79
C LEU E 309 -59.18 11.51 -42.95
N LEU E 310 -59.66 10.98 -41.81
CA LEU E 310 -60.71 9.98 -41.89
C LEU E 310 -61.99 10.55 -42.52
N LYS E 311 -62.38 11.80 -42.23
CA LYS E 311 -63.62 12.25 -42.92
C LYS E 311 -63.61 12.42 -44.48
N GLY E 312 -62.75 11.77 -45.23
CA GLY E 312 -62.60 11.74 -46.67
C GLY E 312 -62.28 10.37 -47.25
N GLY E 313 -61.66 9.51 -46.44
CA GLY E 313 -61.33 8.15 -46.83
C GLY E 313 -59.85 7.83 -46.93
N CYS E 314 -58.98 8.64 -46.34
CA CYS E 314 -57.56 8.38 -46.37
C CYS E 314 -57.19 7.29 -45.35
N SER E 315 -55.89 6.98 -45.30
CA SER E 315 -55.32 6.10 -44.30
C SER E 315 -54.02 6.70 -43.78
N VAL E 316 -53.91 6.79 -42.46
CA VAL E 316 -52.79 7.44 -41.78
C VAL E 316 -51.89 6.36 -41.21
N LEU E 317 -50.58 6.60 -41.27
CA LEU E 317 -49.55 5.74 -40.70
C LEU E 317 -48.69 6.54 -39.72
N ARG E 318 -47.80 5.84 -39.03
CA ARG E 318 -46.88 6.45 -38.09
C ARG E 318 -45.74 7.11 -38.86
N ARG E 319 -44.72 7.61 -38.15
CA ARG E 319 -43.58 8.24 -38.81
C ARG E 319 -42.78 7.19 -39.58
N VAL E 320 -42.57 7.46 -40.86
CA VAL E 320 -41.83 6.59 -41.77
C VAL E 320 -40.51 7.26 -42.11
N LYS E 321 -39.40 6.54 -41.91
CA LYS E 321 -38.08 7.14 -42.10
C LYS E 321 -37.87 7.48 -43.51
N LYS E 322 -36.90 8.29 -43.79
CA LYS E 322 -36.79 8.75 -45.14
C LYS E 322 -36.53 7.68 -46.09
N SER E 323 -35.77 6.71 -45.68
CA SER E 323 -35.39 5.74 -46.65
C SER E 323 -36.56 5.04 -47.18
N ASP E 324 -37.50 4.72 -46.35
CA ASP E 324 -38.58 3.93 -46.84
C ASP E 324 -39.54 4.69 -47.71
N ASN E 325 -39.40 5.96 -47.86
CA ASN E 325 -40.25 6.82 -48.68
C ASN E 325 -39.67 7.04 -50.07
N ASN E 326 -38.34 7.05 -50.19
CA ASN E 326 -37.73 7.14 -51.50
C ASN E 326 -37.98 5.88 -52.33
N ARG E 327 -38.11 4.73 -51.69
CA ARG E 327 -38.52 3.52 -52.40
C ARG E 327 -39.99 3.59 -52.78
N ILE E 328 -40.83 4.16 -51.91
CA ILE E 328 -42.24 4.30 -52.22
C ILE E 328 -42.45 5.28 -53.36
N ALA E 329 -41.58 6.29 -53.46
CA ALA E 329 -41.68 7.27 -54.55
C ALA E 329 -41.45 6.64 -55.92
N ARG E 330 -40.55 5.66 -56.00
CA ARG E 330 -40.28 4.97 -57.26
C ARG E 330 -41.28 3.86 -57.55
N VAL E 331 -41.81 3.22 -56.50
CA VAL E 331 -42.83 2.19 -56.69
C VAL E 331 -44.13 2.81 -57.16
N THR E 332 -44.70 3.69 -56.34
CA THR E 332 -45.98 4.32 -56.67
C THR E 332 -45.85 5.46 -57.68
N GLY E 333 -44.64 5.91 -58.00
CA GLY E 333 -44.46 7.02 -58.92
C GLY E 333 -44.71 8.39 -58.34
N ALA E 334 -44.91 8.51 -57.02
CA ALA E 334 -45.11 9.80 -56.40
C ALA E 334 -43.77 10.52 -56.22
N THR E 335 -43.85 11.78 -55.79
CA THR E 335 -42.71 12.65 -55.56
C THR E 335 -42.63 13.01 -54.08
N ILE E 336 -41.43 13.35 -53.62
CA ILE E 336 -41.22 13.80 -52.26
C ILE E 336 -41.85 15.18 -52.12
N VAL E 337 -42.86 15.30 -51.27
CA VAL E 337 -43.65 16.52 -51.11
C VAL E 337 -43.60 16.92 -49.63
N ASN E 338 -43.25 18.18 -49.38
CA ASN E 338 -43.28 18.79 -48.05
C ASN E 338 -44.31 19.90 -47.93
N ARG E 339 -44.28 20.87 -48.84
CA ARG E 339 -45.30 21.91 -48.87
C ARG E 339 -46.62 21.28 -49.30
N VAL E 340 -47.63 21.38 -48.44
CA VAL E 340 -48.93 20.77 -48.71
C VAL E 340 -49.83 21.69 -49.53
N GLU E 341 -49.62 23.00 -49.48
CA GLU E 341 -50.43 23.93 -50.26
C GLU E 341 -50.25 23.74 -51.77
N ASP E 342 -49.08 23.28 -52.21
CA ASP E 342 -48.80 23.04 -53.62
C ASP E 342 -49.12 21.62 -54.07
N LEU E 343 -50.01 20.93 -53.36
CA LEU E 343 -50.36 19.55 -53.71
C LEU E 343 -51.33 19.55 -54.88
N LYS E 344 -50.99 18.79 -55.92
CA LYS E 344 -51.76 18.69 -57.15
C LYS E 344 -52.20 17.24 -57.37
N GLU E 345 -52.84 16.99 -58.51
CA GLU E 345 -53.29 15.65 -58.90
C GLU E 345 -52.24 14.87 -59.68
N SER E 346 -51.27 15.54 -60.29
CA SER E 346 -50.27 14.85 -61.11
C SER E 346 -49.25 14.11 -60.27
N ASP E 347 -48.84 14.69 -59.14
CA ASP E 347 -47.82 14.10 -58.28
C ASP E 347 -48.37 13.01 -57.35
N VAL E 348 -49.65 12.65 -57.46
CA VAL E 348 -50.22 11.62 -56.61
C VAL E 348 -49.84 10.25 -57.17
N GLY E 349 -49.42 9.35 -56.27
CA GLY E 349 -49.09 8.00 -56.69
C GLY E 349 -50.33 7.25 -57.16
N THR E 350 -50.12 6.37 -58.14
CA THR E 350 -51.21 5.57 -58.69
C THR E 350 -50.69 4.23 -59.20
N ASN E 351 -51.59 3.44 -59.80
CA ASN E 351 -51.26 2.10 -60.31
C ASN E 351 -50.75 1.19 -59.19
N CYS E 352 -51.34 1.30 -58.01
CA CYS E 352 -51.00 0.46 -56.88
C CYS E 352 -51.86 -0.80 -56.91
N GLY E 353 -51.21 -1.95 -56.81
CA GLY E 353 -51.88 -3.23 -56.96
C GLY E 353 -52.86 -3.57 -55.86
N LEU E 354 -52.38 -3.72 -54.64
CA LEU E 354 -53.20 -4.23 -53.54
C LEU E 354 -52.62 -3.78 -52.21
N PHE E 355 -53.50 -3.69 -51.21
CA PHE E 355 -53.15 -3.31 -49.84
C PHE E 355 -53.70 -4.37 -48.90
N LYS E 356 -52.86 -4.84 -47.98
CA LYS E 356 -53.25 -5.91 -47.07
C LYS E 356 -52.26 -5.97 -45.93
N VAL E 357 -52.76 -6.33 -44.75
CA VAL E 357 -52.00 -6.39 -43.50
C VAL E 357 -52.11 -7.80 -42.94
N GLU E 358 -50.98 -8.47 -42.77
CA GLU E 358 -50.91 -9.79 -42.17
C GLU E 358 -50.57 -9.67 -40.68
N MET E 359 -50.92 -10.72 -39.93
CA MET E 359 -50.69 -10.81 -38.50
C MET E 359 -49.51 -11.72 -38.23
N ILE E 360 -48.43 -11.15 -37.71
CA ILE E 360 -47.25 -11.88 -37.25
C ILE E 360 -46.94 -11.41 -35.84
N GLY E 361 -46.57 -12.34 -34.97
CA GLY E 361 -46.39 -12.05 -33.56
C GLY E 361 -45.31 -11.04 -33.24
N ASP E 362 -44.29 -10.93 -34.10
CA ASP E 362 -43.23 -9.95 -33.89
C ASP E 362 -43.78 -8.53 -33.98
N GLU E 363 -44.26 -8.15 -35.18
CA GLU E 363 -44.84 -6.84 -35.41
C GLU E 363 -45.84 -6.97 -36.56
N TYR E 364 -46.62 -5.92 -36.76
CA TYR E 364 -47.51 -5.85 -37.91
C TYR E 364 -46.70 -5.57 -39.17
N PHE E 365 -47.29 -5.92 -40.32
CA PHE E 365 -46.64 -5.76 -41.62
C PHE E 365 -47.68 -5.36 -42.66
N SER E 366 -47.52 -4.17 -43.24
CA SER E 366 -48.40 -3.67 -44.28
C SER E 366 -47.78 -3.93 -45.65
N PHE E 367 -48.54 -4.58 -46.53
CA PHE E 367 -48.08 -4.97 -47.86
C PHE E 367 -48.58 -3.96 -48.88
N LEU E 368 -47.72 -3.59 -49.83
CA LEU E 368 -48.06 -2.75 -50.96
C LEU E 368 -47.63 -3.45 -52.23
N ASP E 369 -48.62 -3.89 -53.02
CA ASP E 369 -48.41 -4.58 -54.28
C ASP E 369 -48.60 -3.61 -55.44
N ASN E 370 -47.91 -3.89 -56.54
CA ASN E 370 -47.91 -3.06 -57.74
C ASN E 370 -48.74 -3.73 -58.82
N CYS E 371 -49.36 -2.90 -59.67
CA CYS E 371 -50.14 -3.39 -60.80
C CYS E 371 -49.27 -3.99 -61.91
N LYS E 372 -47.97 -3.67 -61.96
CA LYS E 372 -46.98 -4.18 -62.91
C LYS E 372 -47.12 -3.58 -64.32
N GLU E 373 -48.11 -2.73 -64.58
CA GLU E 373 -48.28 -2.12 -65.89
C GLU E 373 -49.14 -0.87 -65.78
N SER E 431 -38.75 3.96 -70.56
CA SER E 431 -40.09 3.87 -70.00
C SER E 431 -40.28 4.90 -68.89
N GLY E 432 -39.30 5.01 -68.01
CA GLY E 432 -39.37 5.95 -66.90
C GLY E 432 -38.37 5.63 -65.80
N LEU E 433 -38.73 5.96 -64.56
CA LEU E 433 -37.84 5.71 -63.44
C LEU E 433 -37.76 4.21 -63.15
N GLN E 434 -36.64 3.81 -62.56
CA GLN E 434 -36.42 2.41 -62.23
C GLN E 434 -37.25 2.01 -61.00
N LYS E 435 -37.83 0.82 -61.07
CA LYS E 435 -38.72 0.33 -60.02
C LYS E 435 -37.91 -0.37 -58.93
N ALA E 436 -38.40 -0.23 -57.70
CA ALA E 436 -37.81 -0.86 -56.52
C ALA E 436 -38.64 -2.08 -56.11
N CYS E 437 -38.09 -2.85 -55.19
CA CYS E 437 -38.77 -4.04 -54.70
C CYS E 437 -38.18 -4.45 -53.35
N THR E 438 -38.90 -5.33 -52.67
CA THR E 438 -38.49 -5.89 -51.38
C THR E 438 -38.50 -7.40 -51.47
N ILE E 439 -37.39 -8.03 -51.08
CA ILE E 439 -37.21 -9.48 -51.17
C ILE E 439 -37.54 -10.07 -49.80
N MET E 440 -38.51 -10.98 -49.77
CA MET E 440 -38.92 -11.65 -48.54
C MET E 440 -37.96 -12.80 -48.24
N LEU E 441 -37.44 -12.83 -47.01
CA LEU E 441 -36.61 -13.91 -46.49
C LEU E 441 -37.34 -14.57 -45.34
N ARG E 442 -37.52 -15.89 -45.43
CA ARG E 442 -38.15 -16.70 -44.39
C ARG E 442 -37.16 -17.78 -43.98
N GLY E 443 -36.27 -17.45 -43.06
CA GLY E 443 -35.24 -18.35 -42.61
C GLY E 443 -35.66 -19.15 -41.40
N GLY E 444 -34.67 -19.75 -40.73
CA GLY E 444 -34.90 -20.55 -39.55
C GLY E 444 -34.71 -19.78 -38.25
N SER E 445 -33.73 -18.87 -38.25
CA SER E 445 -33.41 -18.07 -37.07
C SER E 445 -32.86 -16.72 -37.55
N LYS E 446 -32.30 -15.95 -36.62
CA LYS E 446 -31.75 -14.66 -36.96
C LYS E 446 -30.45 -14.78 -37.75
N ASP E 447 -29.56 -15.69 -37.33
CA ASP E 447 -28.30 -15.86 -38.04
C ASP E 447 -28.50 -16.45 -39.43
N ILE E 448 -29.56 -17.24 -39.63
CA ILE E 448 -29.85 -17.80 -40.95
C ILE E 448 -30.28 -16.69 -41.90
N LEU E 449 -30.99 -15.69 -41.39
CA LEU E 449 -31.38 -14.55 -42.21
C LEU E 449 -30.17 -13.75 -42.65
N ASN E 450 -29.28 -13.41 -41.73
CA ASN E 450 -28.07 -12.67 -42.09
C ASN E 450 -27.15 -13.50 -42.97
N GLU E 451 -27.15 -14.83 -42.81
CA GLU E 451 -26.38 -15.68 -43.70
C GLU E 451 -26.95 -15.65 -45.11
N ILE E 452 -28.27 -15.77 -45.24
CA ILE E 452 -28.90 -15.79 -46.55
C ILE E 452 -28.86 -14.41 -47.20
N ASP E 453 -28.92 -13.34 -46.41
CA ASP E 453 -28.90 -11.99 -46.98
C ASP E 453 -27.57 -11.69 -47.66
N ARG E 454 -26.45 -12.11 -47.04
CA ARG E 454 -25.15 -11.94 -47.68
C ARG E 454 -25.01 -12.81 -48.93
N ASN E 455 -25.73 -13.93 -48.99
CA ASN E 455 -25.70 -14.75 -50.19
C ASN E 455 -26.39 -14.04 -51.36
N LEU E 456 -27.46 -13.30 -51.08
CA LEU E 456 -28.12 -12.53 -52.12
C LEU E 456 -27.23 -11.40 -52.63
N GLN E 457 -26.48 -10.76 -51.74
CA GLN E 457 -25.53 -9.73 -52.18
C GLN E 457 -24.42 -10.34 -53.01
N ASP E 458 -23.98 -11.55 -52.67
CA ASP E 458 -22.98 -12.25 -53.47
C ASP E 458 -23.58 -12.81 -54.76
N ALA E 459 -24.86 -13.18 -54.75
CA ALA E 459 -25.52 -13.71 -55.94
C ALA E 459 -25.95 -12.60 -56.90
N MET E 460 -26.55 -11.53 -56.37
CA MET E 460 -26.95 -10.40 -57.18
C MET E 460 -25.75 -9.60 -57.69
N ALA E 461 -24.60 -9.68 -57.02
CA ALA E 461 -23.40 -9.02 -57.53
C ALA E 461 -22.93 -9.64 -58.84
N VAL E 462 -23.16 -10.95 -59.02
CA VAL E 462 -22.75 -11.62 -60.26
C VAL E 462 -23.59 -11.12 -61.43
N ALA E 463 -24.86 -10.79 -61.19
CA ALA E 463 -25.75 -10.38 -62.26
C ALA E 463 -25.41 -9.01 -62.84
N ARG E 464 -24.67 -8.17 -62.10
CA ARG E 464 -24.31 -6.85 -62.61
C ARG E 464 -23.18 -6.92 -63.63
N ASN E 465 -22.23 -7.84 -63.44
CA ASN E 465 -21.04 -7.87 -64.30
C ASN E 465 -21.37 -8.32 -65.71
N VAL E 466 -22.32 -9.25 -65.87
CA VAL E 466 -22.66 -9.74 -67.19
C VAL E 466 -23.37 -8.66 -68.00
N MET E 467 -24.10 -7.75 -67.32
CA MET E 467 -24.76 -6.65 -68.01
C MET E 467 -23.79 -5.53 -68.37
N LEU E 468 -22.87 -5.20 -67.44
CA LEU E 468 -21.88 -4.17 -67.73
C LEU E 468 -20.83 -4.66 -68.72
N SER E 469 -20.50 -5.96 -68.68
CA SER E 469 -19.49 -6.59 -69.52
C SER E 469 -20.04 -7.92 -70.06
N PRO E 470 -20.35 -8.07 -71.35
CA PRO E 470 -20.86 -9.38 -71.81
C PRO E 470 -19.85 -10.52 -71.79
N SER E 471 -18.58 -10.26 -71.52
CA SER E 471 -17.59 -11.32 -71.46
C SER E 471 -17.86 -12.26 -70.29
N LEU E 472 -17.43 -13.51 -70.44
CA LEU E 472 -17.62 -14.55 -69.43
C LEU E 472 -16.39 -15.42 -69.41
N SER E 473 -15.67 -15.43 -68.25
CA SER E 473 -14.43 -16.19 -68.07
C SER E 473 -14.73 -17.57 -67.49
N PRO E 474 -13.93 -18.61 -67.77
CA PRO E 474 -14.21 -19.91 -67.14
C PRO E 474 -13.86 -19.91 -65.66
N GLY E 475 -14.60 -20.72 -64.91
CA GLY E 475 -14.42 -20.84 -63.47
C GLY E 475 -13.67 -22.10 -63.09
N GLY E 476 -13.67 -22.43 -61.80
CA GLY E 476 -12.98 -23.62 -61.33
C GLY E 476 -11.48 -23.52 -61.40
N GLY E 477 -10.91 -22.32 -61.32
CA GLY E 477 -9.48 -22.13 -61.41
C GLY E 477 -8.91 -22.21 -62.83
N ALA E 478 -9.74 -22.40 -63.84
CA ALA E 478 -9.23 -22.51 -65.20
C ALA E 478 -8.67 -21.18 -65.70
N THR E 479 -9.26 -20.07 -65.27
CA THR E 479 -8.78 -18.76 -65.70
C THR E 479 -7.40 -18.47 -65.10
N GLU E 480 -7.26 -18.66 -63.79
CA GLU E 480 -5.97 -18.39 -63.15
C GLU E 480 -4.92 -19.40 -63.57
N MET E 481 -5.31 -20.65 -63.84
CA MET E 481 -4.36 -21.63 -64.34
C MET E 481 -3.88 -21.28 -65.74
N ALA E 482 -4.76 -20.69 -66.56
CA ALA E 482 -4.35 -20.22 -67.88
C ALA E 482 -3.32 -19.11 -67.77
N VAL E 483 -3.44 -18.26 -66.74
CA VAL E 483 -2.42 -17.25 -66.49
C VAL E 483 -1.11 -17.91 -66.09
N SER E 484 -1.18 -19.01 -65.34
CA SER E 484 0.02 -19.69 -64.88
C SER E 484 0.78 -20.32 -66.03
N VAL E 485 0.07 -20.88 -67.02
CA VAL E 485 0.74 -21.59 -68.10
C VAL E 485 1.41 -20.61 -69.05
N LYS E 486 0.71 -19.55 -69.45
CA LYS E 486 1.28 -18.60 -70.41
C LYS E 486 2.43 -17.81 -69.80
N LEU E 487 2.33 -17.43 -68.53
CA LEU E 487 3.45 -16.75 -67.88
C LEU E 487 4.64 -17.69 -67.72
N ALA E 488 4.40 -18.98 -67.51
CA ALA E 488 5.48 -19.94 -67.40
C ALA E 488 6.16 -20.19 -68.74
N GLU E 489 5.36 -20.29 -69.82
CA GLU E 489 5.94 -20.50 -71.14
C GLU E 489 6.72 -19.27 -71.61
N LYS E 490 6.15 -18.09 -71.41
CA LYS E 490 6.79 -16.85 -71.84
C LYS E 490 7.98 -16.45 -70.97
N ALA E 491 8.10 -17.02 -69.76
CA ALA E 491 9.23 -16.69 -68.90
C ALA E 491 10.56 -17.16 -69.48
N LYS E 492 10.57 -18.22 -70.30
CA LYS E 492 11.81 -18.69 -70.90
C LYS E 492 12.32 -17.72 -71.94
N GLN E 493 11.41 -17.14 -72.74
CA GLN E 493 11.77 -16.18 -73.77
C GLN E 493 12.00 -14.77 -73.25
N LEU E 494 11.91 -14.56 -71.93
CA LEU E 494 12.05 -13.24 -71.32
C LEU E 494 13.40 -13.10 -70.62
N GLU E 495 14.46 -13.62 -71.25
CA GLU E 495 15.81 -13.81 -70.66
C GLU E 495 16.34 -12.48 -70.15
N GLY E 496 16.91 -12.45 -68.94
CA GLY E 496 17.37 -11.23 -68.31
C GLY E 496 17.30 -11.34 -66.80
N ILE E 497 17.24 -10.17 -66.15
CA ILE E 497 17.13 -10.09 -64.69
C ILE E 497 15.67 -10.17 -64.22
N GLN E 498 14.70 -9.81 -65.06
CA GLN E 498 13.29 -9.90 -64.70
C GLN E 498 12.73 -11.33 -64.79
N GLN E 499 13.54 -12.32 -65.16
CA GLN E 499 13.01 -13.66 -65.38
C GLN E 499 12.59 -14.34 -64.07
N TRP E 500 13.32 -14.10 -62.98
CA TRP E 500 13.03 -14.82 -61.75
C TRP E 500 11.74 -14.35 -61.07
N PRO E 501 11.46 -13.04 -60.93
CA PRO E 501 10.13 -12.67 -60.40
C PRO E 501 9.00 -12.91 -61.38
N TYR E 502 9.25 -12.86 -62.69
CA TYR E 502 8.21 -13.10 -63.68
C TYR E 502 7.77 -14.56 -63.67
N GLN E 503 8.71 -15.49 -63.48
CA GLN E 503 8.36 -16.89 -63.39
C GLN E 503 7.67 -17.23 -62.07
N ALA E 504 7.94 -16.49 -61.01
CA ALA E 504 7.30 -16.73 -59.71
C ALA E 504 5.84 -16.30 -59.67
N VAL E 505 5.33 -15.61 -60.70
CA VAL E 505 3.92 -15.24 -60.73
C VAL E 505 3.07 -16.47 -61.03
N ALA E 506 3.60 -17.38 -61.87
CA ALA E 506 2.86 -18.61 -62.19
C ALA E 506 2.80 -19.55 -61.00
N ASP E 507 3.76 -19.48 -60.08
CA ASP E 507 3.77 -20.38 -58.93
C ASP E 507 2.61 -20.13 -57.98
N ALA E 508 2.13 -18.89 -57.88
CA ALA E 508 1.00 -18.54 -57.03
C ALA E 508 -0.34 -18.71 -57.73
N MET E 509 -0.39 -18.51 -59.05
CA MET E 509 -1.64 -18.66 -59.78
C MET E 509 -2.09 -20.11 -59.85
N GLU E 510 -1.17 -21.07 -59.75
CA GLU E 510 -1.52 -22.48 -59.69
C GLU E 510 -1.89 -22.95 -58.28
N CYS E 511 -1.95 -22.05 -57.30
CA CYS E 511 -2.35 -22.43 -55.94
C CYS E 511 -3.85 -22.36 -55.73
N ILE E 512 -4.55 -21.46 -56.42
CA ILE E 512 -6.00 -21.34 -56.25
C ILE E 512 -6.74 -22.58 -56.78
N PRO E 513 -6.22 -23.38 -57.74
CA PRO E 513 -6.75 -24.76 -57.86
C PRO E 513 -6.20 -25.73 -56.82
N ARG E 514 -5.00 -25.48 -56.29
CA ARG E 514 -4.44 -26.36 -55.27
C ARG E 514 -5.26 -26.31 -53.98
N THR E 515 -5.82 -25.15 -53.65
CA THR E 515 -6.67 -25.05 -52.47
C THR E 515 -7.97 -25.83 -52.63
N LEU E 516 -8.50 -25.89 -53.86
CA LEU E 516 -9.71 -26.66 -54.10
C LEU E 516 -9.46 -28.15 -53.93
N ILE E 517 -8.30 -28.63 -54.36
CA ILE E 517 -7.98 -30.05 -54.23
C ILE E 517 -7.74 -30.42 -52.78
N GLN E 518 -7.15 -29.51 -51.99
CA GLN E 518 -6.91 -29.79 -50.58
C GLN E 518 -8.23 -29.87 -49.81
N ASN E 519 -9.16 -28.97 -50.10
CA ASN E 519 -10.48 -29.02 -49.46
C ASN E 519 -11.29 -30.23 -49.92
N ALA E 520 -11.11 -30.66 -51.16
CA ALA E 520 -11.78 -31.86 -51.66
C ALA E 520 -11.19 -33.15 -51.12
N GLY E 521 -9.97 -33.12 -50.58
CA GLY E 521 -9.32 -34.29 -50.03
C GLY E 521 -8.43 -35.05 -50.96
N GLY E 522 -8.30 -34.63 -52.22
CA GLY E 522 -7.45 -35.30 -53.19
C GLY E 522 -6.00 -34.89 -53.06
N ASP E 523 -5.16 -35.56 -53.85
CA ASP E 523 -3.72 -35.32 -53.86
C ASP E 523 -3.41 -34.26 -54.91
N PRO E 524 -3.01 -33.02 -54.56
CA PRO E 524 -2.74 -32.04 -55.62
C PRO E 524 -1.45 -32.27 -56.40
N ILE E 525 -0.64 -33.27 -56.05
CA ILE E 525 0.59 -33.54 -56.79
C ILE E 525 0.26 -34.03 -58.19
N ARG E 526 -0.47 -35.16 -58.27
CA ARG E 526 -0.77 -35.77 -59.57
C ARG E 526 -1.89 -35.05 -60.31
N LEU E 527 -2.81 -34.38 -59.59
CA LEU E 527 -3.88 -33.66 -60.26
C LEU E 527 -3.34 -32.45 -61.03
N LEU E 528 -2.49 -31.66 -60.39
CA LEU E 528 -1.90 -30.51 -61.09
C LEU E 528 -0.96 -30.97 -62.19
N SER E 529 -0.27 -32.10 -62.00
CA SER E 529 0.56 -32.65 -63.08
C SER E 529 -0.31 -33.12 -64.24
N GLN E 530 -1.44 -33.76 -63.94
CA GLN E 530 -2.38 -34.12 -64.98
C GLN E 530 -3.07 -32.89 -65.57
N LEU E 531 -3.21 -31.82 -64.78
CA LEU E 531 -3.86 -30.61 -65.27
C LEU E 531 -3.00 -29.93 -66.33
N ARG E 532 -1.71 -29.71 -66.04
CA ARG E 532 -0.83 -29.05 -67.00
C ARG E 532 -0.60 -29.88 -68.25
N ALA E 533 -0.69 -31.21 -68.16
CA ALA E 533 -0.50 -32.05 -69.33
C ALA E 533 -1.67 -31.93 -70.29
N LYS E 534 -2.89 -31.82 -69.75
CA LYS E 534 -4.11 -31.70 -70.55
C LYS E 534 -4.48 -30.26 -70.88
N HIS E 535 -3.95 -29.27 -70.14
CA HIS E 535 -4.31 -27.89 -70.40
C HIS E 535 -3.75 -27.39 -71.73
N ALA E 536 -2.53 -27.81 -72.08
CA ALA E 536 -1.93 -27.39 -73.35
C ALA E 536 -2.50 -28.16 -74.53
N GLN E 537 -2.82 -29.45 -74.34
CA GLN E 537 -3.31 -30.31 -75.40
C GLN E 537 -4.83 -30.33 -75.50
N GLY E 538 -5.53 -30.56 -74.39
CA GLY E 538 -6.96 -30.74 -74.41
C GLY E 538 -7.74 -29.49 -74.78
N ASN E 539 -7.74 -28.49 -73.90
CA ASN E 539 -8.51 -27.28 -74.12
C ASN E 539 -8.14 -26.27 -73.05
N PHE E 540 -8.62 -25.04 -73.24
CA PHE E 540 -8.41 -23.94 -72.28
C PHE E 540 -9.46 -23.87 -71.18
N THR E 541 -10.51 -24.71 -71.23
CA THR E 541 -11.60 -24.70 -70.26
C THR E 541 -11.52 -25.85 -69.26
N THR E 542 -10.35 -26.47 -69.10
CA THR E 542 -10.21 -27.58 -68.17
C THR E 542 -10.12 -27.08 -66.74
N GLY E 543 -10.67 -27.87 -65.82
CA GLY E 543 -10.64 -27.49 -64.42
C GLY E 543 -10.92 -28.69 -63.54
N ILE E 544 -10.93 -28.42 -62.23
CA ILE E 544 -11.08 -29.43 -61.20
C ILE E 544 -12.50 -29.38 -60.68
N ASP E 545 -13.16 -30.54 -60.64
CA ASP E 545 -14.46 -30.66 -60.00
C ASP E 545 -14.29 -30.67 -58.49
N GLY E 546 -14.83 -29.66 -57.82
CA GLY E 546 -14.62 -29.53 -56.38
C GLY E 546 -15.31 -30.61 -55.57
N ASP E 547 -16.45 -31.11 -56.05
CA ASP E 547 -17.18 -32.13 -55.30
C ASP E 547 -16.52 -33.50 -55.44
N LYS E 548 -16.28 -33.94 -56.67
CA LYS E 548 -15.71 -35.26 -56.93
C LYS E 548 -14.18 -35.27 -56.87
N GLY E 549 -13.54 -34.15 -57.18
CA GLY E 549 -12.09 -34.07 -57.14
C GLY E 549 -11.39 -34.65 -58.34
N LYS E 550 -12.04 -34.67 -59.50
CA LYS E 550 -11.48 -35.15 -60.77
C LYS E 550 -11.45 -34.01 -61.78
N ILE E 551 -10.69 -34.20 -62.84
CA ILE E 551 -10.53 -33.21 -63.90
C ILE E 551 -11.79 -33.30 -64.77
N VAL E 552 -12.55 -32.20 -64.82
CA VAL E 552 -13.77 -32.09 -65.61
C VAL E 552 -13.77 -30.73 -66.30
N ASP E 553 -14.01 -30.73 -67.60
CA ASP E 553 -14.03 -29.49 -68.36
C ASP E 553 -15.23 -28.64 -67.97
N MET E 554 -15.03 -27.32 -68.00
CA MET E 554 -16.08 -26.39 -67.60
C MET E 554 -17.23 -26.33 -68.59
N VAL E 555 -17.02 -26.74 -69.84
CA VAL E 555 -18.10 -26.72 -70.83
C VAL E 555 -19.17 -27.74 -70.46
N SER E 556 -18.77 -28.97 -70.15
CA SER E 556 -19.71 -30.00 -69.74
C SER E 556 -20.20 -29.78 -68.31
N TYR E 557 -19.34 -29.24 -67.45
CA TYR E 557 -19.72 -28.99 -66.06
C TYR E 557 -20.82 -27.94 -65.94
N GLY E 558 -20.88 -26.98 -66.86
CA GLY E 558 -21.98 -26.05 -66.91
C GLY E 558 -22.00 -24.98 -65.84
N ILE E 559 -20.85 -24.66 -65.24
CA ILE E 559 -20.71 -23.62 -64.23
C ILE E 559 -19.70 -22.60 -64.75
N TRP E 560 -20.11 -21.32 -64.79
CA TRP E 560 -19.31 -20.22 -65.29
C TRP E 560 -19.46 -19.03 -64.36
N GLU E 561 -18.42 -18.21 -64.29
CA GLU E 561 -18.37 -16.97 -63.50
C GLU E 561 -18.03 -15.80 -64.42
N PRO E 562 -18.29 -14.55 -64.01
CA PRO E 562 -17.92 -13.42 -64.85
C PRO E 562 -16.42 -13.24 -64.94
N GLU E 563 -16.00 -12.51 -65.97
CA GLU E 563 -14.59 -12.15 -66.15
C GLU E 563 -14.18 -10.91 -65.34
N VAL E 564 -15.15 -10.11 -64.87
CA VAL E 564 -14.81 -8.92 -64.11
C VAL E 564 -14.21 -9.28 -62.75
N ILE E 565 -14.67 -10.37 -62.13
CA ILE E 565 -14.13 -10.78 -60.84
C ILE E 565 -12.69 -11.24 -61.00
N LYS E 566 -12.36 -11.85 -62.14
CA LYS E 566 -10.99 -12.28 -62.39
C LYS E 566 -10.06 -11.09 -62.57
N GLN E 567 -10.56 -9.99 -63.12
CA GLN E 567 -9.73 -8.80 -63.30
C GLN E 567 -9.40 -8.15 -61.97
N GLN E 568 -10.41 -7.98 -61.11
CA GLN E 568 -10.18 -7.35 -59.81
C GLN E 568 -9.30 -8.22 -58.91
N SER E 569 -9.37 -9.54 -59.06
CA SER E 569 -8.53 -10.43 -58.26
C SER E 569 -7.06 -10.28 -58.66
N VAL E 570 -6.77 -10.22 -59.97
CA VAL E 570 -5.40 -10.11 -60.43
C VAL E 570 -4.85 -8.71 -60.19
N LYS E 571 -5.70 -7.69 -60.39
CA LYS E 571 -5.25 -6.31 -60.22
C LYS E 571 -5.03 -5.98 -58.75
N THR E 572 -5.99 -6.31 -57.89
CA THR E 572 -5.89 -5.95 -56.48
C THR E 572 -4.79 -6.74 -55.79
N ALA E 573 -4.58 -7.99 -56.20
CA ALA E 573 -3.56 -8.82 -55.55
C ALA E 573 -2.16 -8.35 -55.90
N ILE E 574 -1.93 -8.00 -57.18
CA ILE E 574 -0.60 -7.55 -57.60
C ILE E 574 -0.33 -6.14 -57.08
N GLU E 575 -1.33 -5.26 -57.17
CA GLU E 575 -1.16 -3.90 -56.67
C GLU E 575 -0.94 -3.84 -55.17
N SER E 576 -1.47 -4.82 -54.42
CA SER E 576 -1.19 -4.89 -52.99
C SER E 576 0.25 -5.28 -52.72
N ALA E 577 0.81 -6.15 -53.56
CA ALA E 577 2.20 -6.58 -53.36
C ALA E 577 3.17 -5.44 -53.66
N CYS E 578 2.86 -4.60 -54.63
CA CYS E 578 3.72 -3.47 -54.95
C CYS E 578 3.79 -2.46 -53.82
N LEU E 579 2.73 -2.33 -53.02
CA LEU E 579 2.76 -1.43 -51.87
C LEU E 579 3.59 -2.01 -50.73
N LEU E 580 3.29 -3.25 -50.33
CA LEU E 580 3.92 -3.86 -49.18
C LEU E 580 5.39 -4.20 -49.41
N LEU E 581 5.80 -4.45 -50.66
CA LEU E 581 7.19 -4.78 -50.93
C LEU E 581 8.13 -3.60 -50.69
N ARG E 582 7.65 -2.37 -50.79
CA ARG E 582 8.46 -1.18 -50.56
C ARG E 582 8.67 -0.85 -49.09
N VAL E 583 8.15 -1.67 -48.16
CA VAL E 583 8.30 -1.40 -46.73
C VAL E 583 9.71 -1.76 -46.32
N ASP E 584 10.42 -0.81 -45.69
CA ASP E 584 11.79 -0.99 -45.23
C ASP E 584 11.85 -1.26 -43.72
N ASP E 585 11.30 -0.35 -42.92
CA ASP E 585 11.32 -0.41 -41.46
C ASP E 585 9.92 -0.25 -40.91
N ILE E 586 9.77 -0.63 -39.64
CA ILE E 586 8.52 -0.48 -38.89
C ILE E 586 8.87 0.18 -37.57
N VAL E 587 8.23 1.32 -37.28
CA VAL E 587 8.41 2.08 -36.05
C VAL E 587 7.03 2.34 -35.47
N SER E 588 6.78 1.81 -34.28
CA SER E 588 5.48 1.88 -33.61
C SER E 588 5.57 2.78 -32.38
N GLY E 589 4.46 3.46 -32.09
CA GLY E 589 4.36 4.30 -30.91
C GLY E 589 4.98 5.66 -31.07
N VAL E 590 4.53 6.43 -32.07
CA VAL E 590 5.05 7.75 -32.35
C VAL E 590 4.16 8.80 -31.66
N ARG E 591 2.90 8.87 -32.07
CA ARG E 591 1.95 9.81 -31.50
C ARG E 591 0.57 9.49 -32.07
N LYS E 592 -0.44 10.17 -31.55
CA LYS E 592 -1.81 10.04 -32.06
C LYS E 592 -2.01 10.94 -33.27
N ASN F 2 -25.80 -28.13 -10.35
CA ASN F 2 -25.46 -28.80 -11.60
C ASN F 2 -24.69 -27.85 -12.52
N PHE F 3 -25.04 -26.57 -12.49
CA PHE F 3 -24.32 -25.56 -13.26
C PHE F 3 -22.99 -25.15 -12.63
N GLY F 4 -22.65 -25.67 -11.46
CA GLY F 4 -21.41 -25.29 -10.79
C GLY F 4 -20.94 -26.40 -9.88
N SER F 5 -19.61 -26.53 -9.79
CA SER F 5 -19.00 -27.55 -8.94
C SER F 5 -19.16 -27.25 -7.45
N GLN F 6 -19.42 -26.00 -7.07
CA GLN F 6 -19.50 -25.64 -5.67
C GLN F 6 -20.80 -26.12 -5.04
N THR F 7 -21.94 -25.82 -5.67
CA THR F 7 -23.27 -26.07 -5.12
C THR F 7 -23.40 -25.43 -3.75
N PRO F 8 -23.49 -24.10 -3.66
CA PRO F 8 -23.58 -23.46 -2.34
C PRO F 8 -24.86 -23.80 -1.61
N THR F 9 -24.75 -24.01 -0.30
CA THR F 9 -25.91 -24.27 0.54
C THR F 9 -26.68 -22.98 0.75
N ILE F 10 -28.00 -23.04 0.58
CA ILE F 10 -28.84 -21.85 0.65
C ILE F 10 -29.08 -21.49 2.12
N VAL F 11 -28.57 -20.33 2.53
CA VAL F 11 -28.85 -19.82 3.86
C VAL F 11 -30.26 -19.21 3.85
N VAL F 12 -30.96 -19.33 4.97
CA VAL F 12 -32.34 -18.84 5.04
C VAL F 12 -32.35 -17.31 5.05
N LEU F 13 -31.64 -16.71 6.00
CA LEU F 13 -31.60 -15.27 6.20
C LEU F 13 -30.38 -14.68 5.50
N LYS F 14 -30.28 -13.35 5.52
CA LYS F 14 -29.17 -12.67 4.91
C LYS F 14 -27.90 -12.86 5.75
N GLU F 15 -26.74 -12.69 5.16
CA GLU F 15 -25.57 -12.78 5.97
C GLU F 15 -25.62 -11.53 6.79
N GLY F 16 -25.38 -11.65 8.07
CA GLY F 16 -25.49 -10.53 8.97
C GLY F 16 -26.90 -10.26 9.39
N THR F 17 -27.74 -11.26 9.37
CA THR F 17 -29.04 -11.08 9.90
C THR F 17 -29.02 -11.93 11.13
N ASP F 18 -29.26 -11.32 12.29
CA ASP F 18 -29.21 -12.05 13.57
C ASP F 18 -30.18 -13.24 13.73
N ALA F 19 -29.72 -14.31 14.37
CA ALA F 19 -30.59 -15.47 14.64
C ALA F 19 -30.78 -15.52 16.14
N SER F 20 -32.01 -15.64 16.63
CA SER F 20 -32.25 -15.54 18.07
C SER F 20 -33.19 -16.48 18.83
N GLN F 21 -32.82 -17.72 19.08
CA GLN F 21 -33.71 -18.57 19.88
C GLN F 21 -33.15 -18.96 21.25
N GLY F 22 -33.92 -18.75 22.32
CA GLY F 22 -33.47 -19.16 23.64
C GLY F 22 -34.23 -18.76 24.90
N LYS F 23 -33.90 -19.40 26.04
CA LYS F 23 -34.52 -19.09 27.33
C LYS F 23 -33.82 -17.85 27.74
N GLY F 24 -32.66 -17.64 27.17
CA GLY F 24 -31.92 -16.45 27.38
C GLY F 24 -32.39 -15.58 26.33
N GLN F 25 -31.51 -15.02 25.55
CA GLN F 25 -31.94 -13.97 24.62
C GLN F 25 -32.75 -12.90 25.36
N ILE F 26 -33.84 -13.30 26.02
CA ILE F 26 -34.63 -12.35 26.79
C ILE F 26 -33.87 -11.85 28.01
N ILE F 27 -32.93 -12.63 28.54
CA ILE F 27 -32.15 -12.17 29.68
C ILE F 27 -31.22 -11.04 29.27
N SER F 28 -30.74 -11.04 28.03
CA SER F 28 -29.90 -9.96 27.55
C SER F 28 -30.70 -8.67 27.43
N ASN F 29 -31.97 -8.76 27.03
CA ASN F 29 -32.82 -7.57 26.97
C ASN F 29 -33.08 -7.02 28.37
N ILE F 30 -33.24 -7.90 29.36
CA ILE F 30 -33.43 -7.44 30.73
C ILE F 30 -32.15 -6.80 31.24
N ASN F 31 -30.99 -7.44 30.99
CA ASN F 31 -29.73 -6.85 31.40
C ASN F 31 -29.43 -5.56 30.65
N ALA F 32 -29.91 -5.43 29.42
CA ALA F 32 -29.77 -4.17 28.70
C ALA F 32 -30.61 -3.09 29.36
N CYS F 33 -31.82 -3.42 29.81
CA CYS F 33 -32.65 -2.46 30.52
C CYS F 33 -32.08 -2.16 31.91
N VAL F 34 -31.53 -3.16 32.58
CA VAL F 34 -30.90 -2.93 33.88
C VAL F 34 -29.66 -2.05 33.73
N ALA F 35 -28.96 -2.14 32.59
CA ALA F 35 -27.81 -1.28 32.35
C ALA F 35 -28.24 0.18 32.23
N VAL F 36 -29.26 0.45 31.41
CA VAL F 36 -29.77 1.81 31.29
C VAL F 36 -30.41 2.26 32.60
N GLN F 37 -31.03 1.32 33.33
CA GLN F 37 -31.62 1.65 34.62
C GLN F 37 -30.57 2.01 35.66
N GLU F 38 -29.34 1.51 35.53
CA GLU F 38 -28.29 1.85 36.49
C GLU F 38 -27.86 3.30 36.35
N ALA F 39 -27.88 3.85 35.12
CA ALA F 39 -27.48 5.24 34.94
C ALA F 39 -28.47 6.20 35.57
N LEU F 40 -29.77 5.93 35.43
CA LEU F 40 -30.82 6.73 36.05
C LEU F 40 -31.09 6.35 37.50
N LYS F 41 -30.32 5.42 38.08
CA LYS F 41 -30.58 4.99 39.45
C LYS F 41 -30.27 6.07 40.49
N PRO F 42 -29.07 6.66 40.55
CA PRO F 42 -28.80 7.61 41.64
C PRO F 42 -29.46 8.98 41.49
N THR F 43 -30.19 9.24 40.42
CA THR F 43 -30.82 10.53 40.18
C THR F 43 -32.19 10.68 40.86
N LEU F 44 -32.56 9.76 41.75
CA LEU F 44 -33.88 9.76 42.38
C LEU F 44 -33.86 10.62 43.63
N GLY F 45 -34.91 11.41 43.82
CA GLY F 45 -35.13 12.14 45.04
C GLY F 45 -34.35 13.44 45.11
N PRO F 46 -34.57 14.22 46.17
CA PRO F 46 -33.86 15.50 46.30
C PRO F 46 -32.39 15.36 46.64
N LEU F 47 -31.99 14.29 47.33
CA LEU F 47 -30.60 14.05 47.69
C LEU F 47 -29.86 13.19 46.67
N GLY F 48 -30.28 13.24 45.40
CA GLY F 48 -29.65 12.48 44.35
C GLY F 48 -28.48 13.23 43.72
N SER F 49 -28.30 13.00 42.43
CA SER F 49 -27.27 13.62 41.63
C SER F 49 -27.78 13.88 40.21
N ASP F 50 -26.90 14.45 39.38
CA ASP F 50 -27.17 14.77 37.98
C ASP F 50 -26.18 14.02 37.09
N ILE F 51 -26.46 14.05 35.80
CA ILE F 51 -25.72 13.29 34.78
C ILE F 51 -25.25 14.28 33.72
N LEU F 52 -23.94 14.28 33.44
CA LEU F 52 -23.32 15.14 32.44
C LEU F 52 -23.05 14.31 31.19
N ILE F 53 -23.60 14.75 30.05
CA ILE F 53 -23.49 14.05 28.77
C ILE F 53 -23.05 15.06 27.72
N VAL F 54 -22.16 14.63 26.82
CA VAL F 54 -21.71 15.41 25.67
C VAL F 54 -21.80 14.51 24.45
N THR F 55 -22.67 14.86 23.50
CA THR F 55 -22.87 14.07 22.30
C THR F 55 -21.72 14.33 21.32
N SER F 56 -21.85 13.79 20.11
CA SER F 56 -20.80 13.92 19.10
C SER F 56 -20.60 15.36 18.64
N ASN F 57 -21.65 16.19 18.66
CA ASN F 57 -21.56 17.58 18.22
C ASN F 57 -21.02 18.53 19.30
N GLN F 58 -20.52 18.00 20.42
CA GLN F 58 -19.90 18.81 21.48
C GLN F 58 -20.88 19.81 22.07
N LYS F 59 -22.11 19.36 22.32
CA LYS F 59 -23.15 20.15 22.97
C LYS F 59 -23.25 19.69 24.43
N THR F 60 -22.84 20.56 25.35
CA THR F 60 -22.87 20.22 26.77
C THR F 60 -24.29 20.32 27.29
N THR F 61 -24.65 19.41 28.20
CA THR F 61 -25.96 19.39 28.82
C THR F 61 -25.87 18.79 30.21
N ILE F 62 -26.65 19.31 31.14
CA ILE F 62 -26.70 18.76 32.49
C ILE F 62 -28.17 18.58 32.84
N SER F 63 -28.60 17.34 33.09
CA SER F 63 -30.01 17.08 33.40
C SER F 63 -30.26 15.90 34.33
N ASN F 64 -31.41 15.90 35.01
CA ASN F 64 -31.77 14.78 35.88
C ASN F 64 -33.04 14.10 35.39
N ASP F 65 -33.62 14.59 34.30
CA ASP F 65 -34.90 14.07 33.81
C ASP F 65 -34.76 12.75 33.04
N GLY F 66 -35.61 11.83 33.18
CA GLY F 66 -35.43 10.68 32.36
C GLY F 66 -35.35 11.15 30.95
N ALA F 67 -36.24 11.98 30.52
CA ALA F 67 -36.26 12.28 29.12
C ALA F 67 -35.07 12.88 28.56
N THR F 68 -34.56 13.93 29.15
CA THR F 68 -33.47 14.56 28.52
C THR F 68 -32.32 13.63 28.51
N ILE F 69 -32.06 12.95 29.60
CA ILE F 69 -30.89 12.13 29.65
C ILE F 69 -30.98 11.05 28.63
N LEU F 70 -32.11 10.39 28.51
CA LEU F 70 -32.19 9.30 27.60
C LEU F 70 -32.08 9.74 26.20
N LYS F 71 -32.62 10.88 25.90
CA LYS F 71 -32.48 11.42 24.58
C LYS F 71 -31.13 11.81 24.20
N LEU F 72 -30.38 12.39 25.13
CA LEU F 72 -29.11 12.93 24.75
C LEU F 72 -28.32 11.70 24.51
N LEU F 73 -29.08 10.64 24.39
CA LEU F 73 -28.42 9.36 24.15
C LEU F 73 -29.14 8.61 23.03
N ASP F 74 -28.46 8.44 21.90
CA ASP F 74 -29.03 7.73 20.76
C ASP F 74 -28.96 6.24 21.06
N VAL F 75 -30.04 5.70 21.61
CA VAL F 75 -30.11 4.29 22.00
C VAL F 75 -30.44 3.47 20.76
N VAL F 76 -29.54 2.56 20.39
CA VAL F 76 -29.71 1.67 19.24
C VAL F 76 -30.26 0.31 19.63
N HIS F 77 -30.18 -0.08 20.91
CA HIS F 77 -30.70 -1.38 21.33
C HIS F 77 -32.23 -1.36 21.24
N PRO F 78 -32.87 -2.41 20.69
CA PRO F 78 -34.32 -2.30 20.48
C PRO F 78 -35.13 -2.38 21.75
N ALA F 79 -34.77 -3.29 22.67
CA ALA F 79 -35.53 -3.44 23.91
C ALA F 79 -35.32 -2.28 24.87
N ALA F 80 -34.18 -1.59 24.81
CA ALA F 80 -33.90 -0.48 25.69
C ALA F 80 -34.67 0.78 25.33
N LYS F 81 -35.14 0.91 24.09
CA LYS F 81 -35.91 2.08 23.69
C LYS F 81 -37.34 2.08 24.23
N THR F 82 -37.80 0.98 24.85
CA THR F 82 -39.07 1.02 25.56
C THR F 82 -39.01 2.00 26.73
N LEU F 83 -37.86 2.09 27.40
CA LEU F 83 -37.71 3.08 28.46
C LEU F 83 -37.71 4.50 27.90
N VAL F 84 -37.24 4.68 26.67
CA VAL F 84 -37.26 6.00 26.05
C VAL F 84 -38.70 6.41 25.72
N ASP F 85 -39.53 5.44 25.32
CA ASP F 85 -40.89 5.77 24.91
C ASP F 85 -41.74 6.16 26.11
N ILE F 86 -41.67 5.40 27.20
CA ILE F 86 -42.46 5.72 28.39
C ILE F 86 -41.99 7.01 29.04
N SER F 87 -40.70 7.35 28.92
CA SER F 87 -40.23 8.63 29.44
C SER F 87 -40.81 9.80 28.65
N ARG F 88 -40.81 9.70 27.32
CA ARG F 88 -41.44 10.73 26.50
C ARG F 88 -42.95 10.74 26.68
N ALA F 89 -43.56 9.57 26.86
CA ALA F 89 -44.99 9.51 27.11
C ALA F 89 -45.34 10.11 28.46
N GLN F 90 -44.52 9.84 29.49
CA GLN F 90 -44.74 10.44 30.80
C GLN F 90 -44.38 11.93 30.78
N ASP F 91 -43.35 12.30 30.02
CA ASP F 91 -42.95 13.70 29.95
C ASP F 91 -43.92 14.54 29.15
N ALA F 92 -44.54 13.96 28.11
CA ALA F 92 -45.43 14.74 27.26
C ALA F 92 -46.73 15.10 27.97
N GLU F 93 -47.25 14.19 28.80
CA GLU F 93 -48.56 14.39 29.44
C GLU F 93 -48.41 15.06 30.81
N VAL F 94 -47.69 14.41 31.71
CA VAL F 94 -47.62 14.82 33.12
C VAL F 94 -46.40 15.71 33.37
N GLY F 95 -45.23 15.31 32.88
CA GLY F 95 -44.03 16.11 32.99
C GLY F 95 -43.27 15.98 34.30
N ASP F 96 -43.58 14.98 35.12
CA ASP F 96 -42.91 14.76 36.39
C ASP F 96 -42.90 13.28 36.72
N GLY F 97 -41.87 12.86 37.45
CA GLY F 97 -41.73 11.47 37.83
C GLY F 97 -41.34 10.54 36.72
N THR F 98 -40.66 11.03 35.72
CA THR F 98 -40.20 10.21 34.68
C THR F 98 -39.24 9.16 35.17
N THR F 99 -38.40 9.59 36.05
CA THR F 99 -37.42 8.70 36.55
C THR F 99 -38.07 7.64 37.31
N SER F 100 -39.12 7.97 37.97
CA SER F 100 -39.68 6.99 38.80
C SER F 100 -40.16 5.88 37.97
N VAL F 101 -40.76 6.18 36.87
CA VAL F 101 -41.29 5.19 36.01
C VAL F 101 -40.17 4.35 35.55
N THR F 102 -39.08 4.96 35.12
CA THR F 102 -38.01 4.06 34.75
C THR F 102 -37.44 3.17 35.81
N ILE F 103 -37.23 3.63 37.03
CA ILE F 103 -36.80 2.69 38.05
C ILE F 103 -37.82 1.60 38.35
N LEU F 104 -39.11 1.88 38.27
CA LEU F 104 -40.08 0.83 38.50
C LEU F 104 -39.94 -0.25 37.50
N ALA F 105 -39.73 0.13 36.24
CA ALA F 105 -39.69 -0.85 35.19
C ALA F 105 -38.57 -1.78 35.43
N GLY F 106 -37.45 -1.22 35.82
CA GLY F 106 -36.31 -2.04 36.03
C GLY F 106 -36.53 -3.07 37.09
N GLU F 107 -37.13 -2.71 38.18
CA GLU F 107 -37.29 -3.68 39.20
C GLU F 107 -38.29 -4.72 38.84
N LEU F 108 -39.34 -4.32 38.13
CA LEU F 108 -40.25 -5.37 37.74
C LEU F 108 -39.47 -6.34 36.90
N MET F 109 -38.61 -5.84 36.04
CA MET F 109 -37.82 -6.72 35.24
C MET F 109 -36.84 -7.60 35.98
N LYS F 110 -36.20 -7.11 37.00
CA LYS F 110 -35.37 -7.98 37.79
C LYS F 110 -36.18 -9.09 38.46
N GLU F 111 -37.33 -8.77 38.98
CA GLU F 111 -38.03 -9.86 39.60
C GLU F 111 -38.41 -10.88 38.54
N ALA F 112 -38.75 -10.35 37.39
CA ALA F 112 -39.13 -11.25 36.36
C ALA F 112 -38.03 -12.17 36.00
N LYS F 113 -36.78 -11.73 36.18
CA LYS F 113 -35.60 -12.53 35.81
C LYS F 113 -35.39 -13.84 36.58
N PRO F 114 -35.37 -13.84 37.94
CA PRO F 114 -35.28 -15.13 38.61
C PRO F 114 -36.46 -16.03 38.28
N PHE F 115 -37.64 -15.45 38.16
CA PHE F 115 -38.82 -16.24 37.85
C PHE F 115 -38.65 -16.89 36.49
N LEU F 116 -38.07 -16.18 35.54
CA LEU F 116 -37.79 -16.78 34.24
C LEU F 116 -36.63 -17.78 34.32
N GLU F 117 -35.82 -17.72 35.39
CA GLU F 117 -34.75 -18.67 35.47
C GLU F 117 -35.30 -19.95 35.94
N GLU F 118 -36.62 -19.93 36.16
CA GLU F 118 -37.31 -21.13 36.57
C GLU F 118 -38.25 -21.19 35.41
N GLY F 119 -38.85 -22.33 35.16
CA GLY F 119 -39.68 -22.42 34.00
C GLY F 119 -40.85 -21.49 33.93
N ILE F 120 -41.20 -20.76 34.99
CA ILE F 120 -42.41 -19.99 34.98
C ILE F 120 -42.36 -19.27 33.73
N SER F 121 -43.41 -19.39 32.95
CA SER F 121 -43.40 -18.85 31.65
C SER F 121 -43.76 -17.44 31.58
N SER F 122 -43.94 -16.94 30.38
CA SER F 122 -44.18 -15.56 30.28
C SER F 122 -45.58 -15.09 30.43
N HIS F 123 -46.54 -15.67 29.74
CA HIS F 123 -47.89 -15.18 29.99
C HIS F 123 -48.27 -15.20 31.47
N LEU F 124 -47.69 -16.10 32.27
CA LEU F 124 -48.03 -16.15 33.68
C LEU F 124 -47.52 -14.93 34.43
N ILE F 125 -46.33 -14.43 34.08
CA ILE F 125 -45.79 -13.25 34.74
C ILE F 125 -46.58 -12.01 34.35
N MET F 126 -46.98 -11.91 33.08
CA MET F 126 -47.72 -10.75 32.63
C MET F 126 -49.12 -10.72 33.23
N LYS F 127 -49.74 -11.89 33.41
CA LYS F 127 -51.07 -11.94 34.01
C LYS F 127 -51.05 -11.47 35.46
N GLY F 128 -49.94 -11.68 36.15
CA GLY F 128 -49.85 -11.23 37.53
C GLY F 128 -49.79 -9.71 37.64
N TYR F 129 -48.94 -9.07 36.84
CA TYR F 129 -48.81 -7.63 36.91
C TYR F 129 -50.06 -6.94 36.37
N ARG F 130 -50.66 -7.48 35.30
CA ARG F 130 -51.83 -6.85 34.72
C ARG F 130 -53.06 -7.00 35.62
N LYS F 131 -53.12 -8.07 36.40
CA LYS F 131 -54.17 -8.23 37.40
C LYS F 131 -53.88 -7.47 38.68
N ALA F 132 -52.60 -7.29 39.02
CA ALA F 132 -52.23 -6.56 40.22
C ALA F 132 -52.29 -5.05 40.00
N VAL F 133 -51.97 -4.57 38.79
CA VAL F 133 -52.01 -3.15 38.52
C VAL F 133 -53.43 -2.62 38.53
N SER F 134 -54.43 -3.46 38.22
CA SER F 134 -55.81 -3.03 38.31
C SER F 134 -56.22 -2.72 39.74
N LEU F 135 -55.70 -3.49 40.71
CA LEU F 135 -55.96 -3.21 42.11
C LEU F 135 -55.13 -2.04 42.62
N ALA F 136 -53.94 -1.82 42.06
CA ALA F 136 -53.11 -0.70 42.47
C ALA F 136 -53.74 0.63 42.06
N VAL F 137 -54.36 0.67 40.88
CA VAL F 137 -55.03 1.89 40.43
C VAL F 137 -56.24 2.16 41.32
N GLU F 138 -57.00 1.13 41.65
CA GLU F 138 -58.15 1.32 42.56
C GLU F 138 -57.68 1.65 43.97
N LYS F 139 -56.56 1.08 44.41
CA LYS F 139 -56.05 1.38 45.75
C LYS F 139 -55.54 2.82 45.83
N ILE F 140 -54.94 3.32 44.75
CA ILE F 140 -54.45 4.69 44.74
C ILE F 140 -55.62 5.67 44.77
N ASN F 141 -56.77 5.29 44.21
CA ASN F 141 -57.96 6.12 44.29
C ASN F 141 -58.44 6.25 45.73
N GLU F 142 -58.27 5.21 46.54
CA GLU F 142 -58.59 5.28 47.96
C GLU F 142 -57.52 6.00 48.77
N LEU F 143 -56.26 5.88 48.37
CA LEU F 143 -55.19 6.65 49.02
C LEU F 143 -55.35 8.14 48.76
N ALA F 144 -55.77 8.50 47.55
CA ALA F 144 -55.99 9.90 47.21
C ALA F 144 -57.23 10.42 47.92
N VAL F 145 -57.27 11.75 48.11
CA VAL F 145 -58.30 12.43 48.88
C VAL F 145 -59.17 13.25 47.94
N ASP F 146 -60.35 13.60 48.44
CA ASP F 146 -61.34 14.38 47.69
C ASP F 146 -61.29 15.85 48.11
N ILE F 147 -60.09 16.35 48.42
CA ILE F 147 -59.87 17.62 49.11
C ILE F 147 -60.47 18.79 48.32
N THR F 148 -61.27 19.61 49.02
CA THR F 148 -61.86 20.83 48.48
C THR F 148 -61.68 22.04 49.38
N SER F 149 -61.54 21.83 50.70
CA SER F 149 -61.38 22.94 51.63
C SER F 149 -60.00 23.57 51.45
N GLU F 150 -59.79 24.70 52.12
CA GLU F 150 -58.54 25.47 52.12
C GLU F 150 -58.19 26.07 50.76
N LYS F 151 -59.12 26.07 49.79
CA LYS F 151 -58.91 26.65 48.46
C LYS F 151 -57.69 26.09 47.74
N LEU F 158 -51.57 23.90 45.09
CA LEU F 158 -50.89 24.86 44.23
C LEU F 158 -49.53 25.24 44.82
N GLU F 159 -49.56 25.76 46.06
CA GLU F 159 -48.32 26.19 46.69
C GLU F 159 -47.48 25.01 47.14
N ARG F 160 -48.11 24.00 47.73
CA ARG F 160 -47.37 22.85 48.24
C ARG F 160 -47.01 21.86 47.14
N CYS F 161 -47.86 21.72 46.12
CA CYS F 161 -47.57 20.79 45.03
C CYS F 161 -46.36 21.23 44.21
N ALA F 162 -46.14 22.54 44.08
CA ALA F 162 -45.01 23.03 43.30
C ALA F 162 -43.67 22.80 43.99
N ARG F 163 -43.64 22.76 45.33
CA ARG F 163 -42.38 22.56 46.02
C ARG F 163 -41.82 21.17 45.81
N THR F 164 -42.68 20.16 45.70
CA THR F 164 -42.25 18.79 45.50
C THR F 164 -41.86 18.50 44.05
N ALA F 165 -42.53 19.13 43.09
CA ALA F 165 -42.18 18.95 41.68
C ALA F 165 -40.83 19.53 41.32
N MET F 166 -40.37 20.55 42.05
CA MET F 166 -39.06 21.15 41.82
C MET F 166 -37.92 20.37 42.45
N SER F 167 -38.18 19.24 43.10
CA SER F 167 -37.14 18.48 43.77
C SER F 167 -36.19 17.83 42.77
N SER F 168 -35.07 17.35 43.29
CA SER F 168 -34.05 16.61 42.54
C SER F 168 -33.34 17.45 41.48
N LYS F 169 -33.38 18.78 41.60
CA LYS F 169 -32.73 19.64 40.63
C LYS F 169 -32.49 20.99 41.30
N LEU F 170 -32.22 22.02 40.50
CA LEU F 170 -31.56 23.23 40.98
C LEU F 170 -32.45 24.03 41.94
N ILE F 171 -33.64 24.39 41.48
CA ILE F 171 -34.45 25.40 42.16
C ILE F 171 -35.21 24.88 43.38
N HIS F 172 -34.96 23.63 43.81
CA HIS F 172 -35.58 23.11 45.01
C HIS F 172 -35.24 23.93 46.25
N ASN F 173 -33.97 24.31 46.40
CA ASN F 173 -33.56 25.13 47.53
C ASN F 173 -34.09 26.55 47.45
N ASN F 174 -34.30 27.09 46.25
CA ASN F 174 -34.88 28.41 46.03
C ASN F 174 -36.40 28.36 45.85
N ALA F 175 -37.05 27.34 46.40
CA ALA F 175 -38.50 27.20 46.28
C ALA F 175 -39.28 28.29 47.00
N ASP F 176 -38.68 28.97 47.98
CA ASP F 176 -39.38 30.03 48.69
C ASP F 176 -39.70 31.23 47.80
N PHE F 177 -38.91 31.47 46.75
CA PHE F 177 -39.08 32.60 45.84
C PHE F 177 -39.73 32.21 44.52
N PHE F 178 -39.42 31.03 43.99
CA PHE F 178 -39.94 30.63 42.68
C PHE F 178 -41.38 30.11 42.76
N VAL F 179 -41.76 29.49 43.88
CA VAL F 179 -43.11 28.94 44.00
C VAL F 179 -44.13 30.06 44.20
N LYS F 180 -43.71 31.19 44.78
CA LYS F 180 -44.65 32.30 45.00
C LYS F 180 -45.14 32.88 43.69
N MET F 181 -44.27 32.99 42.69
CA MET F 181 -44.61 33.49 41.36
C MET F 181 -45.00 32.40 40.38
N CYS F 182 -44.59 31.15 40.60
CA CYS F 182 -44.97 30.06 39.72
C CYS F 182 -46.44 29.71 39.86
N VAL F 183 -47.00 29.86 41.07
CA VAL F 183 -48.43 29.59 41.26
C VAL F 183 -49.26 30.63 40.50
N ASP F 184 -48.77 31.87 40.43
CA ASP F 184 -49.46 32.91 39.68
C ASP F 184 -49.38 32.71 38.17
N ALA F 185 -48.50 31.82 37.68
CA ALA F 185 -48.41 31.59 36.24
C ALA F 185 -49.66 30.92 35.70
N VAL F 186 -50.16 29.88 36.39
CA VAL F 186 -51.32 29.13 35.91
C VAL F 186 -52.64 29.79 36.28
N LEU F 187 -52.68 30.63 37.33
CA LEU F 187 -53.91 31.33 37.68
C LEU F 187 -54.33 32.32 36.61
N SER F 188 -53.40 32.84 35.82
CA SER F 188 -53.76 33.68 34.68
C SER F 188 -54.53 32.91 33.63
N LEU F 189 -54.25 31.60 33.48
CA LEU F 189 -54.95 30.78 32.51
C LEU F 189 -56.32 30.38 33.07
N ASP F 190 -57.34 30.49 32.21
CA ASP F 190 -58.70 30.15 32.59
C ASP F 190 -58.93 28.65 32.40
N ARG F 191 -60.13 28.19 32.73
CA ARG F 191 -60.46 26.78 32.66
C ARG F 191 -60.71 26.35 31.22
N ASN F 192 -60.35 25.09 30.92
CA ASN F 192 -60.65 24.37 29.69
C ASN F 192 -59.80 24.80 28.49
N ASP F 193 -58.94 25.82 28.62
CA ASP F 193 -58.03 26.23 27.55
C ASP F 193 -56.63 25.66 27.77
N LEU F 194 -55.97 26.08 28.86
CA LEU F 194 -54.67 25.55 29.31
C LEU F 194 -53.62 25.56 28.20
N ASP F 195 -53.41 26.72 27.60
CA ASP F 195 -52.48 26.84 26.48
C ASP F 195 -51.05 26.84 26.99
N ASP F 196 -50.25 25.89 26.49
CA ASP F 196 -48.86 25.75 26.90
C ASP F 196 -47.94 26.78 26.24
N LYS F 197 -48.25 27.23 25.03
CA LYS F 197 -47.42 28.20 24.35
C LYS F 197 -47.44 29.57 25.01
N LEU F 198 -48.47 29.89 25.80
CA LEU F 198 -48.47 31.15 26.54
C LEU F 198 -47.43 31.18 27.65
N ILE F 199 -46.97 30.04 28.12
CA ILE F 199 -45.92 29.95 29.14
C ILE F 199 -44.54 29.82 28.49
N GLY F 200 -44.39 30.27 27.24
CA GLY F 200 -43.10 30.24 26.58
C GLY F 200 -42.12 31.21 27.21
N ILE F 201 -40.95 30.69 27.59
CA ILE F 201 -39.89 31.46 28.23
C ILE F 201 -38.60 31.26 27.43
N LYS F 202 -37.81 32.32 27.36
CA LYS F 202 -36.65 32.42 26.48
C LYS F 202 -35.37 32.33 27.31
N LYS F 203 -34.24 32.34 26.58
CA LYS F 203 -32.91 32.20 27.17
C LYS F 203 -32.23 33.56 27.23
N ILE F 204 -31.50 33.79 28.33
CA ILE F 204 -30.73 35.01 28.54
C ILE F 204 -29.39 34.58 29.11
N PRO F 205 -28.35 34.34 28.30
CA PRO F 205 -27.04 34.03 28.89
C PRO F 205 -26.45 35.26 29.58
N GLY F 206 -26.23 35.12 30.89
CA GLY F 206 -25.73 36.20 31.74
C GLY F 206 -26.70 36.58 32.83
N GLY F 207 -26.18 36.89 34.01
CA GLY F 207 -26.96 37.32 35.16
C GLY F 207 -26.99 36.27 36.25
N ALA F 208 -27.72 36.61 37.31
CA ALA F 208 -27.91 35.75 38.48
C ALA F 208 -29.39 35.45 38.64
N MET F 209 -29.69 34.19 38.98
CA MET F 209 -31.07 33.72 39.06
C MET F 209 -31.90 34.44 40.12
N GLU F 210 -31.28 35.00 41.15
CA GLU F 210 -32.02 35.65 42.22
C GLU F 210 -32.69 36.95 41.77
N GLU F 211 -32.15 37.64 40.77
CA GLU F 211 -32.65 38.93 40.34
C GLU F 211 -33.83 38.83 39.37
N SER F 212 -34.38 37.64 39.15
CA SER F 212 -35.56 37.51 38.30
C SER F 212 -36.77 38.15 38.96
N LEU F 213 -37.81 38.38 38.15
CA LEU F 213 -39.04 39.00 38.63
C LEU F 213 -40.22 38.51 37.79
N PHE F 214 -41.42 38.73 38.31
CA PHE F 214 -42.66 38.29 37.70
C PHE F 214 -43.13 39.35 36.71
N ILE F 215 -43.64 38.90 35.57
CA ILE F 215 -44.06 39.77 34.46
C ILE F 215 -45.47 39.40 34.07
N ASN F 216 -46.35 40.39 33.96
CA ASN F 216 -47.73 40.19 33.56
C ASN F 216 -47.93 40.11 32.05
N GLY F 217 -46.86 40.12 31.25
CA GLY F 217 -46.97 40.11 29.80
C GLY F 217 -45.84 39.37 29.12
N VAL F 218 -45.37 39.90 27.99
CA VAL F 218 -44.37 39.27 27.14
C VAL F 218 -43.10 40.11 27.12
N ALA F 219 -41.99 39.46 26.78
CA ALA F 219 -40.70 40.12 26.63
C ALA F 219 -39.94 39.38 25.54
N PHE F 220 -39.82 40.01 24.36
CA PHE F 220 -39.29 39.38 23.16
C PHE F 220 -38.10 40.17 22.63
N LYS F 221 -37.12 39.44 22.11
CA LYS F 221 -35.92 40.04 21.55
C LYS F 221 -36.21 40.67 20.19
N LYS F 222 -35.65 41.86 19.97
CA LYS F 222 -35.85 42.54 18.69
C LYS F 222 -35.10 41.84 17.55
N THR F 223 -33.90 41.35 17.80
CA THR F 223 -33.08 40.60 16.85
C THR F 223 -32.69 41.42 15.62
N PHE F 224 -32.76 42.75 15.67
CA PHE F 224 -32.36 43.59 14.56
C PHE F 224 -32.25 45.03 15.04
N SER F 225 -31.22 45.72 14.55
CA SER F 225 -30.96 47.12 14.87
C SER F 225 -31.40 47.98 13.68
N TYR F 226 -32.44 48.79 13.89
CA TYR F 226 -32.97 49.67 12.87
C TYR F 226 -32.25 51.01 12.89
N ALA F 227 -32.41 51.76 11.80
CA ALA F 227 -31.74 53.05 11.65
C ALA F 227 -32.32 54.12 12.56
N GLY F 228 -33.63 54.06 12.84
CA GLY F 228 -34.32 55.04 13.68
C GLY F 228 -34.85 54.43 14.96
N PHE F 229 -34.10 53.50 15.54
CA PHE F 229 -34.55 52.83 16.76
C PHE F 229 -34.35 53.71 18.00
N GLU F 230 -33.21 54.40 18.09
CA GLU F 230 -32.92 55.24 19.24
C GLU F 230 -33.76 56.50 19.30
N GLN F 231 -34.28 56.98 18.17
CA GLN F 231 -35.08 58.20 18.16
C GLN F 231 -36.42 58.03 18.89
N GLN F 232 -36.96 56.81 18.92
CA GLN F 232 -38.26 56.61 19.53
C GLN F 232 -38.14 56.70 21.06
N PRO F 233 -39.20 57.13 21.77
CA PRO F 233 -39.13 57.08 23.23
C PRO F 233 -39.27 55.66 23.74
N LYS F 234 -38.57 55.38 24.85
CA LYS F 234 -38.63 54.07 25.51
C LYS F 234 -39.73 53.96 26.56
N LYS F 235 -40.42 55.07 26.90
CA LYS F 235 -41.38 55.11 27.99
C LYS F 235 -42.65 55.78 27.51
N PHE F 236 -43.74 55.01 27.45
CA PHE F 236 -45.07 55.52 27.13
C PHE F 236 -45.96 55.35 28.36
N ASN F 237 -46.72 56.39 28.70
CA ASN F 237 -47.59 56.33 29.87
C ASN F 237 -48.84 55.51 29.60
N ASN F 238 -49.44 55.69 28.42
CA ASN F 238 -50.68 55.00 28.01
C ASN F 238 -50.46 54.41 26.62
N PRO F 239 -49.65 53.37 26.50
CA PRO F 239 -49.40 52.78 25.18
C PRO F 239 -50.60 52.01 24.66
N LYS F 240 -50.62 51.85 23.34
CA LYS F 240 -51.67 51.12 22.62
C LYS F 240 -51.00 50.19 21.62
N ILE F 241 -51.34 48.90 21.70
CA ILE F 241 -50.69 47.85 20.91
C ILE F 241 -51.61 47.52 19.73
N LEU F 242 -51.01 47.40 18.55
CA LEU F 242 -51.70 46.98 17.33
C LEU F 242 -50.80 46.03 16.57
N SER F 243 -51.31 44.81 16.31
CA SER F 243 -50.55 43.78 15.61
C SER F 243 -50.83 43.87 14.12
N LEU F 244 -49.75 43.83 13.33
CA LEU F 244 -49.81 43.92 11.87
C LEU F 244 -49.23 42.63 11.28
N ASN F 245 -49.50 42.44 9.98
CA ASN F 245 -48.90 41.36 9.20
C ASN F 245 -48.40 41.81 7.84
N VAL F 246 -48.79 42.98 7.36
CA VAL F 246 -48.32 43.47 6.06
C VAL F 246 -46.88 43.92 6.18
N GLU F 247 -46.12 43.74 5.10
CA GLU F 247 -44.70 44.10 5.07
C GLU F 247 -44.58 45.58 4.74
N LEU F 248 -44.04 46.35 5.69
CA LEU F 248 -43.96 47.82 5.57
C LEU F 248 -42.57 48.18 5.06
N GLU F 249 -42.39 48.06 3.74
CA GLU F 249 -41.18 48.51 3.09
C GLU F 249 -41.46 48.64 1.60
N LEU F 250 -40.57 49.35 0.91
CA LEU F 250 -40.69 49.60 -0.53
C LEU F 250 -40.13 48.39 -1.26
N LYS F 251 -41.00 47.62 -1.90
CA LYS F 251 -40.60 46.43 -2.64
C LYS F 251 -41.75 46.06 -3.58
N ALA F 252 -41.66 44.87 -4.17
CA ALA F 252 -42.74 44.36 -5.01
C ALA F 252 -44.01 44.16 -4.19
N GLU F 253 -45.16 44.39 -4.81
CA GLU F 253 -46.42 44.40 -4.08
C GLU F 253 -46.91 42.97 -3.80
N LYS F 254 -47.19 42.20 -4.86
CA LYS F 254 -47.79 40.86 -4.75
C LYS F 254 -47.03 39.90 -5.66
N ASP F 255 -45.94 39.34 -5.14
CA ASP F 255 -45.17 38.21 -5.70
C ASP F 255 -44.75 38.34 -7.16
N ASN F 256 -44.73 39.55 -7.71
CA ASN F 256 -44.38 39.76 -9.11
C ASN F 256 -43.84 41.17 -9.29
N ALA F 257 -43.14 41.38 -10.40
CA ALA F 257 -42.51 42.66 -10.69
C ALA F 257 -42.39 42.80 -12.21
N GLU F 258 -43.29 43.57 -12.80
CA GLU F 258 -43.22 43.88 -14.24
C GLU F 258 -44.08 45.11 -14.48
N VAL F 259 -43.45 46.19 -14.93
CA VAL F 259 -44.11 47.49 -15.14
C VAL F 259 -43.64 48.04 -16.48
N ARG F 260 -44.58 48.16 -17.42
CA ARG F 260 -44.33 48.78 -18.71
C ARG F 260 -44.69 50.25 -18.63
N VAL F 261 -43.82 51.10 -19.18
CA VAL F 261 -44.02 52.55 -19.24
C VAL F 261 -43.57 53.01 -20.62
N GLU F 262 -44.46 53.70 -21.34
CA GLU F 262 -44.17 54.21 -22.68
C GLU F 262 -43.68 55.65 -22.66
N HIS F 263 -44.39 56.55 -22.00
CA HIS F 263 -44.05 57.97 -21.96
C HIS F 263 -43.16 58.23 -20.75
N VAL F 264 -42.18 59.12 -20.93
CA VAL F 264 -41.28 59.46 -19.83
C VAL F 264 -41.94 60.35 -18.79
N GLU F 265 -43.00 61.10 -19.16
CA GLU F 265 -43.70 61.92 -18.18
C GLU F 265 -44.42 61.05 -17.15
N ASP F 266 -44.99 59.92 -17.61
CA ASP F 266 -45.62 58.98 -16.69
C ASP F 266 -44.61 58.17 -15.90
N TYR F 267 -43.36 58.08 -16.37
CA TYR F 267 -42.33 57.37 -15.62
C TYR F 267 -42.02 58.06 -14.29
N GLN F 268 -42.18 59.38 -14.22
CA GLN F 268 -42.04 60.08 -12.95
C GLN F 268 -43.24 59.83 -12.05
N ALA F 269 -44.43 59.71 -12.64
CA ALA F 269 -45.66 59.55 -11.85
C ALA F 269 -45.78 58.15 -11.26
N ILE F 270 -45.35 57.11 -11.97
CA ILE F 270 -45.46 55.76 -11.44
C ILE F 270 -44.53 55.55 -10.25
N VAL F 271 -43.40 56.25 -10.22
CA VAL F 271 -42.51 56.17 -9.06
C VAL F 271 -43.11 56.93 -7.89
N ASP F 272 -43.68 58.10 -8.15
CA ASP F 272 -44.35 58.85 -7.08
C ASP F 272 -45.58 58.13 -6.56
N ALA F 273 -46.23 57.33 -7.41
CA ALA F 273 -47.37 56.54 -6.94
C ALA F 273 -46.93 55.48 -5.94
N GLU F 274 -45.77 54.86 -6.17
CA GLU F 274 -45.24 53.90 -5.21
C GLU F 274 -44.87 54.58 -3.90
N TRP F 275 -44.30 55.79 -3.98
CA TRP F 275 -44.05 56.56 -2.78
C TRP F 275 -45.36 57.08 -2.16
N GLN F 276 -46.40 57.25 -2.98
CA GLN F 276 -47.68 57.73 -2.44
C GLN F 276 -48.39 56.62 -1.68
N LEU F 277 -48.43 55.40 -2.23
CA LEU F 277 -49.19 54.33 -1.58
C LEU F 277 -48.48 53.81 -0.34
N ILE F 278 -47.15 53.85 -0.28
CA ILE F 278 -46.44 53.33 0.88
C ILE F 278 -46.66 54.24 2.09
N PHE F 279 -46.70 55.56 1.88
CA PHE F 279 -47.08 56.46 2.96
C PHE F 279 -48.58 56.40 3.24
N GLU F 280 -49.38 56.10 2.22
CA GLU F 280 -50.80 55.86 2.47
C GLU F 280 -51.00 54.60 3.30
N LYS F 281 -50.14 53.61 3.10
CA LYS F 281 -50.18 52.42 3.95
C LYS F 281 -49.72 52.74 5.37
N LEU F 282 -48.72 53.62 5.51
CA LEU F 282 -48.23 54.00 6.84
C LEU F 282 -49.13 55.04 7.51
N ARG F 283 -49.76 55.92 6.73
CA ARG F 283 -50.61 56.95 7.33
C ARG F 283 -51.88 56.35 7.94
N GLN F 284 -52.41 55.27 7.34
CA GLN F 284 -53.53 54.58 7.96
C GLN F 284 -53.16 53.96 9.30
N VAL F 285 -51.89 53.55 9.47
CA VAL F 285 -51.43 53.07 10.76
C VAL F 285 -51.23 54.24 11.73
N GLU F 286 -50.90 55.42 11.20
CA GLU F 286 -50.65 56.59 12.05
C GLU F 286 -51.96 57.20 12.55
N GLU F 287 -52.99 57.21 11.70
CA GLU F 287 -54.23 57.90 12.05
C GLU F 287 -54.99 57.25 13.20
N THR F 288 -54.87 55.93 13.38
CA THR F 288 -55.55 55.25 14.48
C THR F 288 -54.85 55.42 15.82
N GLY F 289 -53.62 55.94 15.85
CA GLY F 289 -52.92 56.18 17.11
C GLY F 289 -52.26 54.94 17.68
N ALA F 290 -51.75 54.05 16.83
CA ALA F 290 -51.05 52.86 17.28
C ALA F 290 -49.62 53.22 17.64
N ASN F 291 -49.30 53.19 18.93
CA ASN F 291 -47.96 53.56 19.39
C ASN F 291 -46.96 52.43 19.21
N ILE F 292 -47.39 51.18 19.40
CA ILE F 292 -46.55 49.99 19.22
C ILE F 292 -47.00 49.31 17.93
N VAL F 293 -46.05 49.03 17.06
CA VAL F 293 -46.28 48.32 15.79
C VAL F 293 -45.45 47.05 15.81
N LEU F 294 -46.08 45.93 15.46
CA LEU F 294 -45.45 44.62 15.43
C LEU F 294 -45.88 43.87 14.18
N SER F 295 -44.93 43.17 13.56
CA SER F 295 -45.19 42.42 12.33
C SER F 295 -44.25 41.24 12.25
N LYS F 296 -44.78 40.11 11.78
CA LYS F 296 -43.95 38.92 11.59
C LYS F 296 -42.92 39.16 10.49
N LEU F 297 -43.34 39.76 9.38
CA LEU F 297 -42.43 40.01 8.27
C LEU F 297 -41.48 41.16 8.63
N PRO F 298 -40.40 41.35 7.87
CA PRO F 298 -39.49 42.47 8.17
C PRO F 298 -40.14 43.82 7.94
N ILE F 299 -39.58 44.83 8.59
CA ILE F 299 -39.99 46.23 8.46
C ILE F 299 -38.78 47.00 7.95
N GLY F 300 -38.97 47.75 6.87
CA GLY F 300 -37.87 48.44 6.23
C GLY F 300 -37.44 49.70 6.97
N ASP F 301 -36.34 50.28 6.49
CA ASP F 301 -35.84 51.51 7.09
C ASP F 301 -36.73 52.71 6.77
N LEU F 302 -37.47 52.66 5.66
CA LEU F 302 -38.37 53.76 5.32
C LEU F 302 -39.50 53.88 6.32
N ALA F 303 -40.05 52.75 6.75
CA ALA F 303 -41.21 52.78 7.65
C ALA F 303 -40.79 53.16 9.06
N THR F 304 -39.72 52.55 9.58
CA THR F 304 -39.31 52.80 10.96
C THR F 304 -38.84 54.23 11.19
N GLN F 305 -38.32 54.90 10.17
CA GLN F 305 -37.97 56.31 10.28
C GLN F 305 -39.18 57.22 10.21
N PHE F 306 -40.21 56.82 9.46
CA PHE F 306 -41.47 57.57 9.46
C PHE F 306 -42.14 57.50 10.82
N PHE F 307 -42.12 56.31 11.45
CA PHE F 307 -42.63 56.17 12.80
C PHE F 307 -41.73 56.83 13.85
N ALA F 308 -40.44 56.98 13.56
CA ALA F 308 -39.51 57.51 14.54
C ALA F 308 -39.68 59.01 14.78
N ASP F 309 -40.25 59.75 13.83
CA ASP F 309 -40.35 61.20 13.98
C ASP F 309 -41.38 61.59 15.03
N ARG F 310 -42.58 61.01 14.96
CA ARG F 310 -43.71 61.40 15.79
C ARG F 310 -43.96 60.43 16.94
N ASN F 311 -42.88 59.85 17.50
CA ASN F 311 -42.94 59.08 18.74
C ASN F 311 -43.84 57.85 18.61
N ILE F 312 -43.47 56.95 17.71
CA ILE F 312 -44.19 55.70 17.46
C ILE F 312 -43.16 54.58 17.39
N PHE F 313 -43.21 53.68 18.38
CA PHE F 313 -42.28 52.56 18.44
C PHE F 313 -42.73 51.45 17.51
N CYS F 314 -41.76 50.74 16.92
CA CYS F 314 -42.03 49.62 16.03
C CYS F 314 -40.96 48.56 16.21
N ALA F 315 -41.30 47.33 15.82
CA ALA F 315 -40.37 46.22 15.92
C ALA F 315 -40.82 45.12 14.96
N GLY F 316 -39.89 44.23 14.63
CA GLY F 316 -40.15 43.13 13.73
C GLY F 316 -39.24 41.95 13.96
N ARG F 317 -39.19 41.03 13.00
CA ARG F 317 -38.37 39.81 13.08
C ARG F 317 -38.76 38.96 14.29
N VAL F 318 -40.05 38.66 14.41
CA VAL F 318 -40.58 37.85 15.50
C VAL F 318 -41.33 36.66 14.89
N SER F 319 -41.39 35.58 15.65
CA SER F 319 -41.99 34.34 15.19
C SER F 319 -43.50 34.37 15.36
N ALA F 320 -44.18 33.39 14.75
CA ALA F 320 -45.62 33.29 14.86
C ALA F 320 -46.05 32.86 16.25
N ASP F 321 -45.27 31.99 16.90
CA ASP F 321 -45.58 31.59 18.26
C ASP F 321 -45.45 32.77 19.22
N ASP F 322 -44.53 33.69 18.96
CA ASP F 322 -44.42 34.90 19.78
C ASP F 322 -45.57 35.86 19.51
N MET F 323 -46.02 35.92 18.25
CA MET F 323 -47.12 36.82 17.90
C MET F 323 -48.42 36.36 18.54
N ASN F 324 -48.68 35.05 18.54
CA ASN F 324 -49.87 34.52 19.19
C ASN F 324 -49.88 34.78 20.70
N ARG F 325 -48.70 34.84 21.32
CA ARG F 325 -48.62 35.19 22.73
C ARG F 325 -48.85 36.69 22.96
N VAL F 326 -48.58 37.53 21.96
CA VAL F 326 -48.79 38.96 22.11
C VAL F 326 -50.27 39.30 22.09
N ILE F 327 -51.05 38.58 21.27
CA ILE F 327 -52.48 38.88 21.15
C ILE F 327 -53.21 38.54 22.45
N GLN F 328 -52.95 37.36 23.00
CA GLN F 328 -53.61 36.94 24.23
C GLN F 328 -53.17 37.76 25.44
N ALA F 329 -51.97 38.35 25.40
CA ALA F 329 -51.53 39.20 26.50
C ALA F 329 -52.25 40.54 26.48
N VAL F 330 -52.24 41.23 25.34
CA VAL F 330 -52.90 42.52 25.20
C VAL F 330 -54.40 42.40 24.96
N GLY F 331 -54.88 41.25 24.47
CA GLY F 331 -56.29 41.06 24.21
C GLY F 331 -56.79 41.71 22.93
N GLY F 332 -55.93 41.89 21.95
CA GLY F 332 -56.27 42.49 20.67
C GLY F 332 -56.61 41.44 19.62
N SER F 333 -56.18 41.71 18.39
CA SER F 333 -56.39 40.80 17.29
C SER F 333 -55.33 41.07 16.22
N ILE F 334 -55.29 40.19 15.22
CA ILE F 334 -54.36 40.30 14.10
C ILE F 334 -55.10 41.02 12.96
N GLN F 335 -54.42 41.98 12.33
CA GLN F 335 -54.94 42.72 11.20
C GLN F 335 -53.87 42.78 10.11
N SER F 336 -54.07 42.01 9.05
CA SER F 336 -53.16 41.97 7.92
C SER F 336 -53.49 42.98 6.83
N THR F 337 -54.24 44.04 7.15
CA THR F 337 -54.61 45.07 6.19
C THR F 337 -54.78 46.38 6.94
N THR F 338 -54.18 47.45 6.41
CA THR F 338 -54.20 48.74 7.09
C THR F 338 -55.53 49.47 6.93
N SER F 339 -56.31 49.16 5.89
CA SER F 339 -57.56 49.87 5.66
C SER F 339 -58.66 49.45 6.62
N ASP F 340 -58.65 48.21 7.11
CA ASP F 340 -59.69 47.69 7.99
C ASP F 340 -59.35 47.87 9.47
N ILE F 341 -58.48 48.81 9.81
CA ILE F 341 -58.11 49.06 11.19
C ILE F 341 -59.17 49.94 11.83
N LYS F 342 -59.60 49.57 13.04
CA LYS F 342 -60.59 50.28 13.84
C LYS F 342 -60.02 50.54 15.23
N PRO F 343 -60.58 51.49 16.00
CA PRO F 343 -60.00 51.75 17.34
C PRO F 343 -60.26 50.65 18.34
N GLU F 344 -61.35 49.90 18.23
CA GLU F 344 -61.74 48.95 19.27
C GLU F 344 -60.80 47.74 19.36
N HIS F 345 -60.15 47.34 18.27
CA HIS F 345 -59.31 46.15 18.26
C HIS F 345 -57.90 46.38 18.80
N LEU F 346 -57.60 47.58 19.30
CA LEU F 346 -56.27 47.91 19.81
C LEU F 346 -56.16 47.48 21.28
N GLY F 347 -55.09 46.75 21.59
CA GLY F 347 -54.82 46.37 22.97
C GLY F 347 -54.14 47.47 23.75
N THR F 348 -54.24 47.39 25.07
CA THR F 348 -53.68 48.38 25.98
C THR F 348 -53.08 47.68 27.20
N CYS F 349 -52.21 48.42 27.88
CA CYS F 349 -51.61 47.94 29.13
C CYS F 349 -51.32 49.17 30.00
N ALA F 350 -50.65 48.95 31.13
CA ALA F 350 -50.40 50.03 32.08
C ALA F 350 -49.28 50.95 31.59
N LEU F 351 -48.10 50.38 31.31
CA LEU F 351 -46.93 51.16 30.95
C LEU F 351 -46.00 50.32 30.09
N PHE F 352 -44.95 50.97 29.59
CA PHE F 352 -43.97 50.36 28.70
C PHE F 352 -42.59 50.87 29.09
N GLU F 353 -41.60 49.97 29.09
CA GLU F 353 -40.23 50.34 29.43
C GLU F 353 -39.29 49.28 28.91
N GLU F 354 -38.35 49.68 28.05
CA GLU F 354 -37.32 48.80 27.52
C GLU F 354 -36.10 48.87 28.43
N MET F 355 -35.70 47.71 28.96
CA MET F 355 -34.67 47.60 29.98
C MET F 355 -33.51 46.75 29.48
N GLN F 356 -32.31 47.04 29.98
CA GLN F 356 -31.12 46.30 29.61
C GLN F 356 -31.07 45.00 30.42
N ILE F 357 -31.08 43.87 29.70
CA ILE F 357 -31.13 42.54 30.31
C ILE F 357 -30.10 41.68 29.57
N GLY F 358 -28.94 41.47 30.20
CA GLY F 358 -27.93 40.58 29.66
C GLY F 358 -27.37 40.99 28.32
N SER F 359 -27.14 42.29 28.12
CA SER F 359 -26.69 42.84 26.84
C SER F 359 -27.67 42.53 25.71
N GLU F 360 -28.97 42.51 26.03
CA GLU F 360 -30.01 42.25 25.06
C GLU F 360 -31.24 43.06 25.44
N ARG F 361 -31.85 43.69 24.44
CA ARG F 361 -33.00 44.56 24.64
C ARG F 361 -34.27 43.74 24.53
N TYR F 362 -35.22 43.99 25.45
CA TYR F 362 -36.52 43.31 25.47
C TYR F 362 -37.62 44.34 25.71
N ASN F 363 -38.69 44.22 24.93
CA ASN F 363 -39.85 45.11 25.03
C ASN F 363 -40.83 44.52 26.04
N LEU F 364 -40.93 45.18 27.20
CA LEU F 364 -41.74 44.69 28.31
C LEU F 364 -43.16 45.24 28.22
N PHE F 365 -44.14 44.37 28.42
CA PHE F 365 -45.53 44.75 28.65
C PHE F 365 -45.96 44.19 30.00
N GLN F 366 -46.66 45.01 30.78
CA GLN F 366 -47.08 44.60 32.11
C GLN F 366 -48.19 45.51 32.61
N GLY F 367 -48.89 45.06 33.64
CA GLY F 367 -49.93 45.84 34.27
C GLY F 367 -51.28 45.78 33.58
N CYS F 368 -51.54 44.76 32.78
CA CYS F 368 -52.83 44.65 32.12
C CYS F 368 -53.90 44.28 33.15
N PRO F 369 -55.15 44.73 32.97
CA PRO F 369 -56.20 44.28 33.92
C PRO F 369 -56.50 42.79 33.81
N GLN F 370 -56.43 42.23 32.61
CA GLN F 370 -56.73 40.81 32.36
C GLN F 370 -55.70 40.29 31.36
N ALA F 371 -54.71 39.54 31.87
CA ALA F 371 -53.63 38.99 31.07
C ALA F 371 -53.72 37.46 31.10
N LYS F 372 -53.66 36.85 29.92
CA LYS F 372 -53.61 35.40 29.78
C LYS F 372 -52.19 34.83 29.79
N THR F 373 -51.16 35.69 29.84
CA THR F 373 -49.78 35.30 29.58
C THR F 373 -48.97 35.43 30.87
N CYS F 374 -48.07 34.47 31.09
CA CYS F 374 -47.01 34.57 32.08
C CYS F 374 -45.70 34.17 31.40
N THR F 375 -44.75 35.10 31.37
CA THR F 375 -43.47 34.89 30.69
C THR F 375 -42.38 35.59 31.49
N LEU F 376 -41.50 34.79 32.10
CA LEU F 376 -40.42 35.28 32.94
C LEU F 376 -39.08 35.10 32.24
N LEU F 377 -38.17 36.05 32.49
CA LEU F 377 -36.84 36.02 31.91
C LEU F 377 -35.92 35.20 32.79
N LEU F 378 -35.30 34.18 32.20
CA LEU F 378 -34.41 33.25 32.91
C LEU F 378 -32.97 33.69 32.69
N ARG F 379 -32.37 34.28 33.73
CA ARG F 379 -30.99 34.74 33.72
C ARG F 379 -30.15 33.81 34.60
N GLY F 380 -28.94 33.53 34.14
CA GLY F 380 -28.06 32.63 34.86
C GLY F 380 -26.65 32.74 34.33
N GLY F 381 -25.74 32.06 35.04
CA GLY F 381 -24.33 32.12 34.68
C GLY F 381 -24.00 31.34 33.43
N ALA F 382 -24.14 30.02 33.48
CA ALA F 382 -23.91 29.14 32.35
C ALA F 382 -25.20 28.93 31.57
N GLU F 383 -25.07 28.43 30.35
CA GLU F 383 -26.23 28.11 29.53
C GLU F 383 -27.03 26.92 30.05
N GLN F 384 -26.40 26.05 30.85
CA GLN F 384 -27.10 24.94 31.50
C GLN F 384 -27.89 25.39 32.73
N VAL F 385 -27.48 26.48 33.38
CA VAL F 385 -28.22 26.98 34.53
C VAL F 385 -29.60 27.48 34.09
N ILE F 386 -29.62 28.34 33.06
CA ILE F 386 -30.89 28.81 32.51
C ILE F 386 -31.70 27.66 31.92
N ALA F 387 -31.05 26.62 31.40
CA ALA F 387 -31.76 25.47 30.89
C ALA F 387 -32.37 24.64 32.01
N GLU F 388 -31.63 24.44 33.09
CA GLU F 388 -32.15 23.66 34.22
C GLU F 388 -33.30 24.40 34.91
N VAL F 389 -33.22 25.73 34.98
CA VAL F 389 -34.33 26.49 35.57
C VAL F 389 -35.56 26.41 34.67
N GLU F 390 -35.35 26.28 33.36
CA GLU F 390 -36.49 26.12 32.46
C GLU F 390 -37.16 24.76 32.64
N ARG F 391 -36.38 23.68 32.60
CA ARG F 391 -36.94 22.34 32.71
C ARG F 391 -37.57 22.10 34.07
N SER F 392 -36.97 22.65 35.13
CA SER F 392 -37.54 22.51 36.46
C SER F 392 -38.89 23.22 36.56
N LEU F 393 -38.99 24.42 35.97
CA LEU F 393 -40.26 25.14 35.97
C LEU F 393 -41.27 24.48 35.02
N HIS F 394 -40.80 23.96 33.88
CA HIS F 394 -41.70 23.31 32.94
C HIS F 394 -42.29 22.03 33.52
N ASP F 395 -41.54 21.34 34.38
CA ASP F 395 -42.08 20.16 35.08
C ASP F 395 -43.00 20.56 36.21
N ALA F 396 -42.70 21.65 36.92
CA ALA F 396 -43.54 22.08 38.03
C ALA F 396 -44.83 22.74 37.53
N ILE F 397 -44.76 23.45 36.42
CA ILE F 397 -45.94 24.15 35.92
C ILE F 397 -46.98 23.15 35.41
N MET F 398 -46.56 22.00 34.91
CA MET F 398 -47.52 20.98 34.49
C MET F 398 -48.25 20.39 35.69
N ILE F 399 -47.56 20.26 36.83
CA ILE F 399 -48.19 19.66 38.01
C ILE F 399 -49.28 20.58 38.55
N VAL F 400 -48.95 21.84 38.79
CA VAL F 400 -49.95 22.81 39.24
C VAL F 400 -50.97 23.13 38.17
N LYS F 401 -50.65 22.91 36.90
CA LYS F 401 -51.65 23.03 35.84
C LYS F 401 -52.74 21.97 36.01
N ARG F 402 -52.33 20.69 36.05
CA ARG F 402 -53.29 19.60 36.17
C ARG F 402 -53.88 19.47 37.56
N ALA F 403 -53.26 20.09 38.58
CA ALA F 403 -53.89 20.15 39.89
C ALA F 403 -55.18 20.96 39.85
N LEU F 404 -55.24 21.98 38.99
CA LEU F 404 -56.48 22.73 38.81
C LEU F 404 -57.54 21.92 38.09
N GLN F 405 -57.14 21.00 37.21
CA GLN F 405 -58.10 20.17 36.50
C GLN F 405 -58.82 19.23 37.45
N ASN F 406 -58.11 18.68 38.43
CA ASN F 406 -58.70 17.77 39.41
C ASN F 406 -57.89 17.84 40.70
N LYS F 407 -58.60 17.73 41.82
CA LYS F 407 -58.02 17.87 43.16
C LYS F 407 -57.87 16.48 43.77
N LEU F 408 -56.72 15.86 43.51
CA LEU F 408 -56.32 14.59 44.11
C LEU F 408 -54.91 14.76 44.67
N ILE F 409 -54.72 14.30 45.91
CA ILE F 409 -53.47 14.47 46.65
C ILE F 409 -53.15 13.15 47.34
N VAL F 410 -51.92 12.67 47.17
CA VAL F 410 -51.42 11.47 47.82
C VAL F 410 -50.11 11.81 48.52
N ALA F 411 -49.73 10.96 49.47
CA ALA F 411 -48.54 11.18 50.27
C ALA F 411 -47.29 10.83 49.47
N GLY F 412 -46.32 11.73 49.50
CA GLY F 412 -45.06 11.53 48.82
C GLY F 412 -44.05 10.81 49.69
N GLY F 413 -42.78 10.91 49.28
CA GLY F 413 -41.71 10.25 50.00
C GLY F 413 -41.79 8.74 49.98
N GLY F 414 -42.26 8.17 48.88
CA GLY F 414 -42.39 6.73 48.77
C GLY F 414 -43.49 6.12 49.62
N ALA F 415 -44.44 6.92 50.10
CA ALA F 415 -45.52 6.41 50.93
C ALA F 415 -46.58 5.66 50.14
N THR F 416 -46.76 5.99 48.86
CA THR F 416 -47.79 5.34 48.06
C THR F 416 -47.42 3.89 47.76
N GLU F 417 -46.13 3.63 47.56
CA GLU F 417 -45.70 2.28 47.18
C GLU F 417 -45.85 1.30 48.34
N MET F 418 -45.64 1.74 49.57
CA MET F 418 -45.70 0.83 50.70
C MET F 418 -47.13 0.46 51.04
N GLU F 419 -48.05 1.42 50.98
CA GLU F 419 -49.45 1.12 51.30
C GLU F 419 -50.08 0.21 50.26
N VAL F 420 -49.72 0.38 48.99
CA VAL F 420 -50.23 -0.50 47.94
C VAL F 420 -49.63 -1.88 48.09
N SER F 421 -48.36 -1.96 48.49
CA SER F 421 -47.69 -3.25 48.60
C SER F 421 -48.25 -4.10 49.74
N LYS F 422 -48.74 -3.47 50.80
CA LYS F 422 -49.26 -4.25 51.93
C LYS F 422 -50.56 -4.96 51.57
N CYS F 423 -51.45 -4.28 50.84
CA CYS F 423 -52.69 -4.92 50.41
C CYS F 423 -52.45 -5.99 49.37
N LEU F 424 -51.43 -5.83 48.53
CA LEU F 424 -51.09 -6.88 47.56
C LEU F 424 -50.56 -8.12 48.27
N ARG F 425 -49.81 -7.94 49.37
CA ARG F 425 -49.38 -9.08 50.16
C ARG F 425 -50.58 -9.76 50.82
N ASP F 426 -51.59 -9.00 51.23
CA ASP F 426 -52.81 -9.60 51.77
C ASP F 426 -53.61 -10.27 50.67
N TYR F 427 -53.67 -9.67 49.49
CA TYR F 427 -54.39 -10.27 48.37
C TYR F 427 -53.70 -11.54 47.88
N SER F 428 -52.37 -11.56 47.91
CA SER F 428 -51.64 -12.76 47.51
C SER F 428 -51.72 -13.85 48.56
N LYS F 429 -51.82 -13.46 49.85
CA LYS F 429 -51.93 -14.44 50.93
C LYS F 429 -53.21 -15.26 50.83
N THR F 430 -54.14 -14.75 50.02
CA THR F 430 -55.33 -15.51 49.72
C THR F 430 -55.26 -16.38 48.46
N ILE F 431 -54.24 -16.26 47.61
CA ILE F 431 -54.27 -17.04 46.35
C ILE F 431 -53.20 -18.06 45.96
N ALA F 432 -53.62 -19.19 45.41
CA ALA F 432 -52.72 -20.25 44.92
C ALA F 432 -51.23 -20.38 45.22
N GLY F 433 -50.41 -20.49 44.16
CA GLY F 433 -49.00 -20.72 44.32
C GLY F 433 -48.29 -19.91 43.32
N LYS F 434 -48.61 -20.10 42.06
CA LYS F 434 -47.88 -19.41 41.04
C LYS F 434 -48.16 -17.98 41.14
N GLN F 435 -49.39 -17.63 41.36
CA GLN F 435 -49.69 -16.26 41.33
C GLN F 435 -49.22 -15.60 42.54
N GLN F 436 -49.27 -16.29 43.64
CA GLN F 436 -48.78 -15.75 44.86
C GLN F 436 -47.40 -15.22 44.72
N MET F 437 -46.45 -16.12 44.56
CA MET F 437 -45.06 -15.72 44.40
C MET F 437 -44.92 -14.51 43.47
N ILE F 438 -45.76 -14.46 42.42
CA ILE F 438 -45.63 -13.39 41.43
C ILE F 438 -46.10 -12.06 42.03
N ILE F 439 -47.22 -12.08 42.77
CA ILE F 439 -47.77 -10.84 43.30
C ILE F 439 -46.87 -10.30 44.42
N ASN F 440 -46.39 -11.21 45.28
CA ASN F 440 -45.44 -10.80 46.31
C ASN F 440 -44.12 -10.33 45.70
N ALA F 441 -43.73 -10.92 44.57
CA ALA F 441 -42.56 -10.41 43.85
C ALA F 441 -42.83 -9.03 43.29
N PHE F 442 -44.05 -8.79 42.79
CA PHE F 442 -44.44 -7.45 42.38
C PHE F 442 -44.52 -6.50 43.56
N ALA F 443 -44.85 -7.00 44.76
CA ALA F 443 -44.97 -6.15 45.93
C ALA F 443 -43.63 -5.58 46.35
N LYS F 444 -42.66 -6.45 46.62
CA LYS F 444 -41.34 -6.01 47.03
C LYS F 444 -40.57 -5.32 45.91
N ALA F 445 -40.89 -5.61 44.65
CA ALA F 445 -40.32 -4.89 43.53
C ALA F 445 -40.88 -3.48 43.41
N LEU F 446 -42.13 -3.26 43.82
CA LEU F 446 -42.72 -1.93 43.81
C LEU F 446 -42.11 -1.01 44.87
N GLU F 447 -41.42 -1.55 45.88
CA GLU F 447 -40.81 -0.76 46.94
C GLU F 447 -39.43 -0.22 46.57
N VAL F 448 -39.05 -0.23 45.28
CA VAL F 448 -37.75 0.28 44.89
C VAL F 448 -37.65 1.80 45.01
N ILE F 449 -38.78 2.51 44.99
CA ILE F 449 -38.76 3.97 45.07
C ILE F 449 -38.29 4.42 46.45
N PRO F 450 -38.89 3.97 47.57
CA PRO F 450 -38.30 4.31 48.88
C PRO F 450 -36.98 3.62 49.16
N ARG F 451 -36.66 2.54 48.44
CA ARG F 451 -35.39 1.85 48.63
C ARG F 451 -34.22 2.76 48.26
N GLN F 452 -34.18 3.22 47.01
CA GLN F 452 -33.10 4.07 46.55
C GLN F 452 -33.20 5.50 47.07
N LEU F 453 -34.41 5.95 47.44
CA LEU F 453 -34.58 7.29 47.98
C LEU F 453 -33.81 7.51 49.27
N CYS F 454 -33.66 6.45 50.09
CA CYS F 454 -32.90 6.53 51.33
C CYS F 454 -31.43 6.16 51.15
N GLU F 455 -31.09 5.36 50.14
CA GLU F 455 -29.69 5.05 49.89
C GLU F 455 -28.90 6.29 49.46
N ASN F 456 -29.50 7.14 48.64
CA ASN F 456 -28.89 8.41 48.29
C ASN F 456 -28.75 9.35 49.48
N ALA F 457 -29.62 9.23 50.47
CA ALA F 457 -29.52 10.03 51.69
C ALA F 457 -28.40 9.57 52.63
N GLY F 458 -27.78 8.42 52.36
CA GLY F 458 -26.72 7.91 53.22
C GLY F 458 -27.19 7.07 54.39
N PHE F 459 -28.50 6.88 54.57
CA PHE F 459 -29.02 6.08 55.67
C PHE F 459 -29.03 4.61 55.27
N ASP F 460 -29.02 3.75 56.28
CA ASP F 460 -29.07 2.30 56.08
C ASP F 460 -30.49 1.91 55.71
N ALA F 461 -30.64 1.03 54.71
CA ALA F 461 -31.95 0.67 54.20
C ALA F 461 -32.67 -0.33 55.09
N ILE F 462 -31.94 -1.14 55.88
CA ILE F 462 -32.58 -2.19 56.66
C ILE F 462 -33.39 -1.59 57.81
N GLU F 463 -32.82 -0.60 58.50
CA GLU F 463 -33.53 0.02 59.61
C GLU F 463 -34.73 0.81 59.13
N ILE F 464 -34.66 1.39 57.93
CA ILE F 464 -35.80 2.10 57.37
C ILE F 464 -36.89 1.12 56.98
N LEU F 465 -36.58 0.14 56.13
CA LEU F 465 -37.57 -0.77 55.58
C LEU F 465 -38.22 -1.66 56.65
N ASN F 466 -37.52 -1.95 57.75
CA ASN F 466 -38.15 -2.67 58.85
C ASN F 466 -39.12 -1.79 59.62
N LYS F 467 -38.86 -0.48 59.67
CA LYS F 467 -39.74 0.45 60.36
C LYS F 467 -41.01 0.75 59.57
N LEU F 468 -40.94 0.70 58.23
CA LEU F 468 -42.12 1.02 57.43
C LEU F 468 -43.19 -0.05 57.56
N ARG F 469 -42.80 -1.33 57.50
CA ARG F 469 -43.77 -2.41 57.45
C ARG F 469 -44.52 -2.57 58.75
N LEU F 470 -43.82 -2.58 59.89
CA LEU F 470 -44.45 -2.85 61.17
C LEU F 470 -45.20 -1.65 61.76
N ALA F 471 -45.21 -0.49 61.07
CA ALA F 471 -45.82 0.74 61.58
C ALA F 471 -46.90 1.27 60.65
N HIS F 472 -47.49 0.43 59.80
CA HIS F 472 -48.58 0.85 58.91
C HIS F 472 -49.93 0.87 59.62
N SER F 473 -50.05 0.23 60.80
CA SER F 473 -51.35 0.18 61.47
C SER F 473 -51.78 1.54 61.98
N LYS F 474 -50.91 2.23 62.72
CA LYS F 474 -51.14 3.61 63.12
C LYS F 474 -50.81 4.59 62.01
N GLY F 475 -49.83 4.28 61.17
CA GLY F 475 -49.60 5.01 59.93
C GLY F 475 -50.46 4.44 58.82
N GLU F 476 -51.77 4.71 58.88
CA GLU F 476 -52.82 4.14 58.02
C GLU F 476 -52.45 4.39 56.55
N LYS F 477 -52.20 5.64 56.14
CA LYS F 477 -51.99 5.99 54.73
C LYS F 477 -50.91 7.06 54.52
N TRP F 478 -50.73 7.99 55.46
CA TRP F 478 -49.82 9.12 55.31
C TRP F 478 -48.46 8.84 55.96
N TYR F 479 -48.01 7.59 55.92
CA TYR F 479 -46.78 7.15 56.56
C TYR F 479 -45.67 7.11 55.51
N GLY F 480 -44.62 7.88 55.72
CA GLY F 480 -43.53 7.94 54.77
C GLY F 480 -42.24 8.46 55.40
N VAL F 481 -41.24 8.65 54.54
CA VAL F 481 -39.89 9.00 54.98
C VAL F 481 -39.81 10.52 55.18
N VAL F 482 -38.99 10.95 56.14
CA VAL F 482 -38.70 12.35 56.40
C VAL F 482 -37.19 12.52 56.47
N PHE F 483 -36.65 13.42 55.64
CA PHE F 483 -35.22 13.62 55.52
C PHE F 483 -34.67 14.65 56.50
N GLU F 484 -35.50 15.58 56.99
CA GLU F 484 -35.01 16.66 57.83
C GLU F 484 -34.56 16.16 59.19
N THR F 485 -35.46 15.54 59.95
CA THR F 485 -35.17 15.08 61.30
C THR F 485 -34.41 13.75 61.34
N GLU F 486 -34.06 13.16 60.20
CA GLU F 486 -33.39 11.86 60.13
C GLU F 486 -34.20 10.77 60.83
N ASN F 487 -35.53 10.84 60.69
CA ASN F 487 -36.46 9.91 61.32
C ASN F 487 -37.62 9.67 60.36
N ILE F 488 -38.54 8.81 60.78
CA ILE F 488 -39.72 8.43 60.00
C ILE F 488 -40.95 8.87 60.79
N GLY F 489 -41.85 9.59 60.12
CA GLY F 489 -43.06 10.07 60.75
C GLY F 489 -44.18 10.33 59.77
N ASP F 490 -45.23 11.00 60.24
CA ASP F 490 -46.39 11.31 59.41
C ASP F 490 -46.06 12.48 58.48
N ASN F 491 -46.38 12.31 57.20
CA ASN F 491 -46.13 13.33 56.19
C ASN F 491 -47.21 14.40 56.13
N PHE F 492 -48.38 14.17 56.73
CA PHE F 492 -49.44 15.18 56.71
C PHE F 492 -49.06 16.41 57.51
N ALA F 493 -48.29 16.25 58.60
CA ALA F 493 -47.83 17.39 59.38
C ALA F 493 -46.73 18.17 58.70
N LYS F 494 -45.92 17.52 57.84
CA LYS F 494 -44.84 18.19 57.13
C LYS F 494 -45.30 18.94 55.88
N PHE F 495 -46.57 18.83 55.50
CA PHE F 495 -47.14 19.58 54.37
C PHE F 495 -46.48 19.23 53.04
N VAL F 496 -46.02 17.98 52.90
CA VAL F 496 -45.51 17.47 51.62
C VAL F 496 -46.64 16.76 50.91
N TRP F 497 -46.97 17.23 49.70
CA TRP F 497 -48.08 16.72 48.90
C TRP F 497 -47.58 16.43 47.48
N GLU F 498 -48.34 15.60 46.77
CA GLU F 498 -48.01 15.22 45.41
C GLU F 498 -49.30 14.68 44.78
N PRO F 499 -49.60 14.97 43.51
CA PRO F 499 -50.85 14.45 42.94
C PRO F 499 -50.76 12.96 42.70
N ALA F 500 -51.92 12.38 42.36
CA ALA F 500 -52.04 10.95 42.10
C ALA F 500 -51.82 10.58 40.64
N LEU F 501 -51.90 11.55 39.72
CA LEU F 501 -51.77 11.24 38.30
C LEU F 501 -50.38 10.75 37.93
N VAL F 502 -49.34 11.18 38.66
CA VAL F 502 -48.00 10.64 38.44
C VAL F 502 -47.97 9.15 38.79
N LYS F 503 -48.71 8.75 39.82
CA LYS F 503 -48.66 7.37 40.28
C LYS F 503 -49.41 6.43 39.35
N ILE F 504 -50.56 6.86 38.82
CA ILE F 504 -51.35 6.01 37.94
C ILE F 504 -50.64 5.80 36.62
N ASN F 505 -50.15 6.89 36.02
CA ASN F 505 -49.46 6.78 34.73
C ASN F 505 -48.12 6.07 34.87
N ALA F 506 -47.50 6.13 36.05
CA ALA F 506 -46.24 5.43 36.26
C ALA F 506 -46.44 3.91 36.25
N LEU F 507 -47.44 3.44 37.00
CA LEU F 507 -47.69 2.01 37.06
C LEU F 507 -48.22 1.47 35.74
N ASN F 508 -49.09 2.23 35.07
CA ASN F 508 -49.62 1.80 33.78
C ASN F 508 -48.54 1.79 32.71
N SER F 509 -47.66 2.80 32.71
CA SER F 509 -46.57 2.82 31.74
C SER F 509 -45.51 1.77 32.09
N ALA F 510 -45.24 1.58 33.39
CA ALA F 510 -44.26 0.57 33.79
C ALA F 510 -44.80 -0.84 33.56
N THR F 511 -46.09 -1.06 33.83
CA THR F 511 -46.67 -2.37 33.56
C THR F 511 -46.75 -2.65 32.06
N GLU F 512 -47.02 -1.61 31.27
CA GLU F 512 -47.03 -1.78 29.81
C GLU F 512 -45.62 -1.96 29.26
N ALA F 513 -44.62 -1.32 29.88
CA ALA F 513 -43.25 -1.46 29.41
C ALA F 513 -42.71 -2.86 29.66
N THR F 514 -42.87 -3.38 30.88
CA THR F 514 -42.35 -4.70 31.20
C THR F 514 -43.10 -5.80 30.46
N ASN F 515 -44.40 -5.65 30.27
CA ASN F 515 -45.18 -6.67 29.56
C ASN F 515 -44.94 -6.65 28.05
N LEU F 516 -44.36 -5.57 27.50
CA LEU F 516 -44.13 -5.52 26.06
C LEU F 516 -43.05 -6.50 25.64
N ILE F 517 -41.88 -6.45 26.27
CA ILE F 517 -40.75 -7.30 25.91
C ILE F 517 -40.80 -8.64 26.65
N LEU F 518 -41.59 -8.75 27.72
CA LEU F 518 -41.84 -10.05 28.32
C LEU F 518 -42.62 -10.99 27.39
N SER F 519 -43.39 -10.44 26.46
CA SER F 519 -44.00 -11.20 25.38
C SER F 519 -43.11 -11.30 24.14
N VAL F 520 -41.78 -11.21 24.32
CA VAL F 520 -40.81 -11.29 23.23
C VAL F 520 -39.71 -12.25 23.65
N ASP F 521 -39.39 -13.20 22.79
CA ASP F 521 -38.27 -14.11 22.94
C ASP F 521 -37.42 -14.20 21.68
N GLU F 522 -37.35 -13.13 20.89
CA GLU F 522 -36.63 -13.11 19.63
C GLU F 522 -35.94 -11.76 19.45
N THR F 523 -34.96 -11.74 18.56
CA THR F 523 -34.25 -10.52 18.19
C THR F 523 -33.68 -10.71 16.79
N ILE F 524 -34.21 -9.94 15.83
CA ILE F 524 -33.81 -9.99 14.43
C ILE F 524 -33.26 -8.63 14.07
N THR F 525 -32.05 -8.60 13.50
CA THR F 525 -31.34 -7.37 13.13
C THR F 525 -30.76 -7.55 11.73
N ASN F 526 -31.43 -7.00 10.73
CA ASN F 526 -30.95 -7.05 9.37
C ASN F 526 -29.82 -6.05 9.16
N LYS F 527 -28.86 -6.44 8.33
CA LYS F 527 -27.68 -5.63 8.04
C LYS F 527 -26.89 -5.32 9.30
N SER G 2 -5.51 -35.73 -10.24
CA SER G 2 -5.50 -36.27 -8.88
C SER G 2 -5.39 -35.15 -7.85
N LEU G 3 -4.57 -34.15 -8.15
CA LEU G 3 -4.42 -33.01 -7.25
C LEU G 3 -5.64 -32.09 -7.30
N ARG G 4 -6.31 -32.01 -8.45
CA ARG G 4 -7.46 -31.13 -8.64
C ARG G 4 -8.42 -31.77 -9.62
N LEU G 5 -9.71 -31.61 -9.36
CA LEU G 5 -10.73 -32.13 -10.26
C LEU G 5 -10.76 -31.30 -11.55
N PRO G 6 -11.51 -31.74 -12.57
CA PRO G 6 -11.80 -30.85 -13.71
C PRO G 6 -12.81 -29.75 -13.41
N GLN G 7 -13.36 -29.68 -12.19
CA GLN G 7 -14.27 -28.62 -11.71
C GLN G 7 -15.45 -28.37 -12.65
N ASN G 8 -16.25 -29.43 -12.85
CA ASN G 8 -17.50 -29.37 -13.61
C ASN G 8 -17.32 -28.82 -15.02
N PRO G 9 -16.81 -29.61 -15.97
CA PRO G 9 -16.71 -29.11 -17.35
C PRO G 9 -18.08 -28.80 -17.95
N ASN G 10 -18.03 -28.15 -19.13
CA ASN G 10 -19.14 -27.46 -19.80
C ASN G 10 -19.98 -26.62 -18.82
N ALA G 11 -19.31 -25.94 -17.89
CA ALA G 11 -19.93 -24.98 -16.99
C ALA G 11 -19.98 -23.57 -17.56
N GLY G 12 -19.23 -23.28 -18.63
CA GLY G 12 -19.32 -22.01 -19.31
C GLY G 12 -20.55 -21.82 -20.17
N LEU G 13 -21.47 -22.78 -20.20
CA LEU G 13 -22.74 -22.57 -20.87
C LEU G 13 -23.52 -21.43 -20.22
N PHE G 14 -23.49 -21.36 -18.90
CA PHE G 14 -24.10 -20.29 -18.11
C PHE G 14 -22.99 -19.52 -17.38
N LYS G 15 -23.40 -18.47 -16.67
CA LYS G 15 -22.46 -17.67 -15.90
C LYS G 15 -21.97 -18.43 -14.67
N GLN G 16 -20.89 -17.94 -14.08
CA GLN G 16 -20.33 -18.58 -12.89
C GLN G 16 -21.25 -18.41 -11.68
N GLY G 17 -21.98 -17.31 -11.61
CA GLY G 17 -22.87 -17.06 -10.49
C GLY G 17 -24.13 -17.90 -10.48
N TYR G 18 -24.54 -18.44 -11.61
CA TYR G 18 -25.75 -19.25 -11.67
C TYR G 18 -25.49 -20.64 -11.10
N ASN G 19 -26.45 -21.15 -10.34
CA ASN G 19 -26.38 -22.46 -9.71
C ASN G 19 -27.71 -23.18 -9.88
N SER G 20 -27.63 -24.49 -10.07
CA SER G 20 -28.79 -25.38 -10.20
C SER G 20 -28.97 -26.16 -8.92
N TYR G 21 -30.21 -26.50 -8.60
CA TYR G 21 -30.56 -27.24 -7.39
C TYR G 21 -31.67 -28.22 -7.73
N SER G 22 -31.29 -29.47 -7.99
CA SER G 22 -32.23 -30.50 -8.40
C SER G 22 -32.84 -31.17 -7.16
N ASN G 23 -33.83 -32.03 -7.38
CA ASN G 23 -34.47 -32.75 -6.28
C ASN G 23 -33.53 -33.73 -5.58
N ALA G 24 -32.53 -34.25 -6.29
CA ALA G 24 -31.61 -35.22 -5.72
C ALA G 24 -30.67 -34.53 -4.71
N ASP G 25 -29.79 -35.33 -4.11
CA ASP G 25 -28.83 -34.86 -3.11
C ASP G 25 -29.52 -34.32 -1.86
N GLY G 26 -30.74 -34.78 -1.58
CA GLY G 26 -31.47 -34.33 -0.41
C GLY G 26 -31.77 -32.84 -0.37
N GLN G 27 -31.83 -32.18 -1.52
CA GLN G 27 -32.05 -30.74 -1.53
C GLN G 27 -33.49 -30.37 -1.24
N ILE G 28 -34.45 -31.23 -1.63
CA ILE G 28 -35.83 -31.01 -1.23
C ILE G 28 -35.98 -31.16 0.28
N ILE G 29 -35.16 -32.00 0.90
CA ILE G 29 -35.15 -32.10 2.36
C ILE G 29 -34.56 -30.83 2.96
N LYS G 30 -33.57 -30.24 2.29
CA LYS G 30 -32.99 -28.98 2.75
C LYS G 30 -33.99 -27.83 2.64
N SER G 31 -34.78 -27.80 1.56
CA SER G 31 -35.81 -26.78 1.42
C SER G 31 -36.87 -26.92 2.49
N ILE G 32 -37.17 -28.16 2.90
CA ILE G 32 -38.06 -28.38 4.04
C ILE G 32 -37.38 -27.92 5.32
N ALA G 33 -36.07 -28.13 5.43
CA ALA G 33 -35.33 -27.64 6.59
C ALA G 33 -35.21 -26.13 6.57
N ALA G 34 -35.11 -25.52 5.39
CA ALA G 34 -35.10 -24.06 5.31
C ALA G 34 -36.43 -23.47 5.74
N ILE G 35 -37.54 -24.15 5.42
CA ILE G 35 -38.83 -23.74 5.96
C ILE G 35 -38.86 -23.95 7.47
N ARG G 36 -38.19 -25.00 7.95
CA ARG G 36 -38.22 -25.32 9.38
C ARG G 36 -37.50 -24.27 10.22
N GLU G 37 -36.59 -23.49 9.62
CA GLU G 37 -35.90 -22.46 10.37
C GLU G 37 -36.85 -21.36 10.84
N LEU G 38 -37.58 -20.75 9.91
CA LEU G 38 -38.55 -19.70 10.23
C LEU G 38 -39.90 -20.23 10.66
N HIS G 39 -40.21 -21.50 10.40
CA HIS G 39 -41.47 -22.07 10.87
C HIS G 39 -41.49 -22.20 12.39
N GLN G 40 -40.35 -22.59 12.98
CA GLN G 40 -40.26 -22.65 14.44
C GLN G 40 -40.38 -21.27 15.07
N MET G 41 -40.00 -20.21 14.36
CA MET G 41 -40.27 -18.87 14.85
C MET G 41 -41.77 -18.59 14.93
N CYS G 42 -42.54 -19.17 14.01
CA CYS G 42 -43.99 -18.91 13.97
C CYS G 42 -44.75 -19.67 15.04
N LEU G 43 -44.20 -20.80 15.48
CA LEU G 43 -44.86 -21.56 16.53
C LEU G 43 -44.94 -20.75 17.81
N THR G 44 -43.89 -20.02 18.12
CA THR G 44 -43.87 -19.19 19.32
C THR G 44 -44.70 -17.94 19.15
N SER G 45 -45.51 -17.87 18.10
CA SER G 45 -46.26 -16.65 17.82
C SER G 45 -47.69 -16.96 17.46
N MET G 46 -48.10 -18.20 17.69
CA MET G 46 -49.45 -18.62 17.33
C MET G 46 -50.31 -18.74 18.57
N GLY G 47 -51.43 -18.02 18.60
CA GLY G 47 -52.35 -18.13 19.73
C GLY G 47 -52.37 -16.96 20.73
N PRO G 48 -53.16 -17.07 21.83
CA PRO G 48 -53.20 -15.90 22.73
C PRO G 48 -51.93 -15.75 23.54
N CYS G 49 -51.23 -16.84 23.86
CA CYS G 49 -49.96 -16.80 24.56
C CYS G 49 -48.77 -16.64 23.62
N GLY G 50 -49.00 -16.25 22.37
CA GLY G 50 -47.90 -16.06 21.45
C GLY G 50 -47.04 -14.87 21.80
N ARG G 51 -45.77 -14.96 21.45
CA ARG G 51 -44.76 -13.98 21.78
C ARG G 51 -44.41 -13.15 20.54
N ASN G 52 -44.34 -11.83 20.72
CA ASN G 52 -44.00 -10.94 19.62
C ASN G 52 -42.53 -11.08 19.26
N LYS G 53 -42.12 -10.35 18.21
CA LYS G 53 -40.81 -10.48 17.61
C LYS G 53 -40.23 -9.09 17.31
N ILE G 54 -38.95 -8.93 17.68
CA ILE G 54 -38.26 -7.68 17.40
C ILE G 54 -37.67 -7.86 16.03
N ILE G 55 -38.15 -7.12 15.06
CA ILE G 55 -37.72 -7.25 13.74
C ILE G 55 -37.26 -5.90 13.41
N VAL G 56 -36.02 -5.66 13.66
CA VAL G 56 -35.45 -4.43 13.34
C VAL G 56 -35.17 -4.58 11.88
N ASN G 57 -35.06 -3.51 11.14
CA ASN G 57 -34.87 -3.49 9.68
C ASN G 57 -33.75 -2.66 9.21
N HIS G 58 -33.78 -2.36 7.94
CA HIS G 58 -32.69 -1.66 7.39
C HIS G 58 -32.59 -0.32 8.00
N LEU G 59 -33.67 0.39 8.05
CA LEU G 59 -33.60 1.73 8.56
C LEU G 59 -33.28 1.81 10.00
N GLY G 60 -33.90 0.97 10.78
CA GLY G 60 -33.71 1.08 12.19
C GLY G 60 -35.13 1.10 12.67
N LYS G 61 -36.04 1.42 11.79
CA LYS G 61 -37.46 1.36 12.12
C LYS G 61 -37.78 -0.03 12.64
N ILE G 62 -38.29 -0.10 13.86
CA ILE G 62 -38.59 -1.35 14.56
C ILE G 62 -40.10 -1.51 14.58
N ILE G 63 -40.53 -2.80 14.56
CA ILE G 63 -41.94 -3.19 14.73
C ILE G 63 -41.91 -4.48 15.63
N ILE G 64 -42.74 -4.61 16.66
CA ILE G 64 -42.81 -5.75 17.58
C ILE G 64 -44.10 -6.39 17.25
N THR G 65 -44.12 -7.67 16.96
CA THR G 65 -45.34 -8.25 16.45
C THR G 65 -45.61 -9.69 16.55
N ASN G 66 -46.87 -10.06 16.53
CA ASN G 66 -47.19 -11.44 16.49
C ASN G 66 -47.91 -11.96 15.26
N ASP G 67 -47.83 -11.27 14.14
CA ASP G 67 -48.53 -11.68 12.93
C ASP G 67 -47.63 -12.23 11.83
N ALA G 68 -47.99 -13.32 11.19
CA ALA G 68 -47.05 -13.92 10.25
C ALA G 68 -46.86 -13.04 9.03
N ALA G 69 -47.92 -12.41 8.54
CA ALA G 69 -47.82 -11.63 7.32
C ALA G 69 -47.04 -10.34 7.52
N THR G 70 -47.12 -9.74 8.72
CA THR G 70 -46.46 -8.47 8.97
C THR G 70 -44.96 -8.63 9.14
N MET G 71 -44.54 -9.62 9.92
CA MET G 71 -43.12 -9.82 10.20
C MET G 71 -42.31 -10.20 8.96
N LEU G 72 -42.91 -10.94 8.04
CA LEU G 72 -42.20 -11.42 6.86
C LEU G 72 -41.98 -10.35 5.81
N ARG G 73 -42.61 -9.17 5.93
CA ARG G 73 -42.40 -8.11 4.95
C ARG G 73 -40.99 -7.55 5.02
N GLU G 74 -40.48 -7.35 6.24
CA GLU G 74 -39.19 -6.69 6.42
C GLU G 74 -38.00 -7.61 6.21
N LEU G 75 -38.13 -8.89 6.55
CA LEU G 75 -37.01 -9.82 6.42
C LEU G 75 -36.71 -10.09 4.94
N ASP G 76 -35.47 -9.82 4.54
CA ASP G 76 -34.99 -10.16 3.21
C ASP G 76 -34.62 -11.63 3.18
N ILE G 77 -35.27 -12.39 2.30
CA ILE G 77 -35.16 -13.85 2.25
C ILE G 77 -34.34 -14.22 1.03
N VAL G 78 -33.52 -15.26 1.16
CA VAL G 78 -32.71 -15.80 0.06
C VAL G 78 -33.39 -16.99 -0.59
N HIS G 79 -33.94 -17.90 0.22
CA HIS G 79 -34.55 -19.11 -0.30
C HIS G 79 -35.85 -18.77 -1.04
N PRO G 80 -36.03 -19.16 -2.31
CA PRO G 80 -37.30 -18.84 -2.97
C PRO G 80 -38.51 -19.59 -2.41
N ALA G 81 -38.34 -20.83 -1.96
CA ALA G 81 -39.45 -21.60 -1.40
C ALA G 81 -40.03 -20.97 -0.14
N VAL G 82 -39.20 -20.24 0.62
CA VAL G 82 -39.70 -19.54 1.80
C VAL G 82 -40.48 -18.29 1.38
N LYS G 83 -40.08 -17.65 0.27
CA LYS G 83 -40.82 -16.50 -0.24
C LYS G 83 -42.22 -16.84 -0.69
N VAL G 84 -42.49 -18.11 -1.04
CA VAL G 84 -43.85 -18.53 -1.36
C VAL G 84 -44.75 -18.36 -0.13
N LEU G 85 -44.22 -18.65 1.05
CA LEU G 85 -44.97 -18.46 2.28
C LEU G 85 -45.16 -16.98 2.59
N VAL G 86 -44.21 -16.13 2.19
CA VAL G 86 -44.33 -14.70 2.45
C VAL G 86 -45.47 -14.12 1.61
N MET G 87 -45.48 -14.41 0.31
CA MET G 87 -46.54 -13.94 -0.56
C MET G 87 -47.86 -14.65 -0.32
N ALA G 88 -47.82 -15.89 0.19
CA ALA G 88 -49.06 -16.58 0.53
C ALA G 88 -49.73 -15.94 1.74
N THR G 89 -48.93 -15.56 2.75
CA THR G 89 -49.47 -14.85 3.89
C THR G 89 -49.84 -13.41 3.53
N GLU G 90 -49.11 -12.81 2.58
CA GLU G 90 -49.46 -11.47 2.12
C GLU G 90 -50.81 -11.47 1.41
N GLN G 91 -51.10 -12.54 0.66
CA GLN G 91 -52.42 -12.68 0.05
C GLN G 91 -53.49 -12.86 1.12
N GLN G 92 -53.17 -13.55 2.21
CA GLN G 92 -54.12 -13.75 3.29
C GLN G 92 -54.47 -12.44 3.98
N LYS G 93 -53.47 -11.56 4.15
CA LYS G 93 -53.71 -10.30 4.84
C LYS G 93 -54.52 -9.35 3.97
N ILE G 94 -54.28 -9.34 2.66
CA ILE G 94 -54.94 -8.38 1.78
C ILE G 94 -56.41 -8.74 1.60
N ASP G 95 -56.71 -10.01 1.34
CA ASP G 95 -58.08 -10.40 1.01
C ASP G 95 -58.96 -10.43 2.25
N MET G 96 -58.65 -11.32 3.20
CA MET G 96 -59.47 -11.54 4.39
C MET G 96 -58.96 -10.83 5.63
N GLY G 97 -57.65 -10.63 5.75
CA GLY G 97 -57.11 -9.98 6.93
C GLY G 97 -57.27 -10.79 8.20
N ASP G 98 -57.21 -12.11 8.11
CA ASP G 98 -57.40 -12.97 9.27
C ASP G 98 -56.87 -14.36 8.95
N GLY G 99 -56.14 -14.95 9.90
CA GLY G 99 -55.66 -16.31 9.76
C GLY G 99 -54.38 -16.45 8.95
N THR G 100 -53.41 -15.55 9.17
CA THR G 100 -52.13 -15.66 8.49
C THR G 100 -51.22 -16.69 9.17
N ASN G 101 -51.28 -16.78 10.50
CA ASN G 101 -50.48 -17.77 11.20
C ASN G 101 -50.94 -19.18 10.87
N LEU G 102 -52.24 -19.36 10.60
CA LEU G 102 -52.73 -20.66 10.19
C LEU G 102 -52.14 -21.06 8.84
N VAL G 103 -51.96 -20.10 7.93
CA VAL G 103 -51.38 -20.39 6.63
C VAL G 103 -49.92 -20.80 6.78
N MET G 104 -49.18 -20.09 7.63
CA MET G 104 -47.75 -20.37 7.78
C MET G 104 -47.53 -21.70 8.51
N ILE G 105 -48.31 -21.96 9.56
CA ILE G 105 -48.07 -23.13 10.38
C ILE G 105 -48.62 -24.40 9.72
N LEU G 106 -49.68 -24.28 8.92
CA LEU G 106 -50.24 -25.44 8.24
C LEU G 106 -49.42 -25.83 7.03
N ALA G 107 -49.12 -24.88 6.16
CA ALA G 107 -48.34 -25.15 4.95
C ALA G 107 -46.91 -25.57 5.27
N GLY G 108 -46.36 -25.15 6.40
CA GLY G 108 -45.04 -25.60 6.81
C GLY G 108 -45.06 -27.03 7.30
N GLU G 109 -46.15 -27.42 7.97
CA GLU G 109 -46.30 -28.79 8.45
C GLU G 109 -46.68 -29.76 7.34
N LEU G 110 -47.37 -29.29 6.29
CA LEU G 110 -47.61 -30.14 5.13
C LEU G 110 -46.29 -30.48 4.44
N LEU G 111 -45.34 -29.55 4.44
CA LEU G 111 -44.01 -29.85 3.95
C LEU G 111 -43.24 -30.72 4.94
N ASN G 112 -43.56 -30.63 6.23
CA ASN G 112 -42.90 -31.48 7.23
C ASN G 112 -43.32 -32.93 7.06
N VAL G 113 -44.62 -33.20 7.01
CA VAL G 113 -45.10 -34.57 6.80
C VAL G 113 -44.78 -35.06 5.39
N SER G 114 -44.63 -34.16 4.42
CA SER G 114 -44.17 -34.56 3.09
C SER G 114 -42.71 -35.01 3.10
N GLU G 115 -41.93 -34.58 4.10
CA GLU G 115 -40.56 -35.09 4.23
C GLU G 115 -40.56 -36.59 4.47
N LYS G 116 -41.56 -37.09 5.19
CA LYS G 116 -41.69 -38.54 5.40
C LYS G 116 -42.22 -39.23 4.15
N LEU G 117 -43.09 -38.57 3.39
CA LEU G 117 -43.69 -39.21 2.23
C LEU G 117 -42.69 -39.34 1.08
N ILE G 118 -41.91 -38.31 0.83
CA ILE G 118 -40.91 -38.36 -0.24
C ILE G 118 -39.81 -39.36 0.12
N SER G 119 -39.46 -39.44 1.40
CA SER G 119 -38.47 -40.41 1.84
C SER G 119 -38.96 -41.85 1.70
N MET G 120 -40.27 -42.07 1.78
CA MET G 120 -40.81 -43.42 1.63
C MET G 120 -40.72 -43.89 0.19
N GLY G 121 -40.93 -42.98 -0.77
CA GLY G 121 -40.84 -43.25 -2.19
C GLY G 121 -42.06 -42.84 -3.00
N LEU G 122 -42.89 -41.97 -2.46
CA LEU G 122 -44.07 -41.51 -3.17
C LEU G 122 -43.69 -40.47 -4.21
N SER G 123 -44.22 -40.64 -5.42
CA SER G 123 -43.95 -39.69 -6.49
C SER G 123 -44.62 -38.35 -6.21
N ALA G 124 -43.99 -37.28 -6.71
CA ALA G 124 -44.49 -35.94 -6.43
C ALA G 124 -45.84 -35.68 -7.09
N VAL G 125 -46.14 -36.35 -8.20
CA VAL G 125 -47.42 -36.14 -8.88
C VAL G 125 -48.56 -36.68 -8.02
N GLU G 126 -48.35 -37.83 -7.37
CA GLU G 126 -49.38 -38.40 -6.51
C GLU G 126 -49.58 -37.58 -5.23
N ILE G 127 -48.54 -36.87 -4.78
CA ILE G 127 -48.67 -36.07 -3.56
C ILE G 127 -49.62 -34.90 -3.78
N ILE G 128 -49.55 -34.28 -4.96
CA ILE G 128 -50.46 -33.17 -5.26
C ILE G 128 -51.89 -33.67 -5.41
N GLN G 129 -52.06 -34.84 -6.01
CA GLN G 129 -53.39 -35.42 -6.14
C GLN G 129 -53.97 -35.81 -4.79
N GLY G 130 -53.10 -36.19 -3.84
CA GLY G 130 -53.58 -36.56 -2.52
C GLY G 130 -54.15 -35.38 -1.74
N TYR G 131 -53.41 -34.27 -1.72
CA TYR G 131 -53.87 -33.10 -0.97
C TYR G 131 -55.05 -32.42 -1.65
N ASN G 132 -55.11 -32.46 -2.98
CA ASN G 132 -56.26 -31.88 -3.68
C ASN G 132 -57.54 -32.64 -3.37
N MET G 133 -57.48 -33.98 -3.40
CA MET G 133 -58.63 -34.78 -2.99
C MET G 133 -58.94 -34.60 -1.51
N ALA G 134 -57.93 -34.34 -0.67
CA ALA G 134 -58.18 -34.03 0.73
C ALA G 134 -58.78 -32.63 0.88
N ARG G 135 -58.36 -31.69 0.02
CA ARG G 135 -58.88 -30.33 0.07
C ARG G 135 -60.35 -30.27 -0.27
N LYS G 136 -60.79 -31.02 -1.29
CA LYS G 136 -62.20 -31.02 -1.67
C LYS G 136 -63.06 -31.59 -0.55
N PHE G 137 -62.55 -32.59 0.18
CA PHE G 137 -63.28 -33.13 1.32
C PHE G 137 -63.17 -32.22 2.54
N THR G 138 -62.06 -31.50 2.68
CA THR G 138 -61.90 -30.60 3.83
C THR G 138 -62.85 -29.42 3.72
N LEU G 139 -62.89 -28.76 2.57
CA LEU G 139 -63.80 -27.64 2.38
C LEU G 139 -65.26 -28.06 2.40
N LYS G 140 -65.56 -29.32 2.03
CA LYS G 140 -66.93 -29.80 2.07
C LYS G 140 -67.41 -29.94 3.51
N GLU G 141 -66.58 -30.52 4.38
CA GLU G 141 -66.98 -30.79 5.75
C GLU G 141 -67.01 -29.53 6.62
N LEU G 142 -66.29 -28.48 6.24
CA LEU G 142 -66.37 -27.23 7.00
C LEU G 142 -67.76 -26.63 6.94
N ASP G 143 -68.47 -26.80 5.82
CA ASP G 143 -69.84 -26.34 5.72
C ASP G 143 -70.82 -27.23 6.48
N GLU G 144 -70.48 -28.50 6.69
CA GLU G 144 -71.39 -29.44 7.35
C GLU G 144 -71.41 -29.29 8.86
N MET G 145 -70.24 -29.14 9.50
CA MET G 145 -70.13 -29.07 10.95
C MET G 145 -70.23 -27.64 11.49
N VAL G 146 -70.85 -26.71 10.74
CA VAL G 146 -71.01 -25.34 11.17
C VAL G 146 -72.22 -25.24 12.09
N VAL G 147 -72.11 -24.42 13.13
CA VAL G 147 -73.18 -24.20 14.11
C VAL G 147 -73.22 -22.73 14.43
N GLY G 148 -74.42 -22.18 14.53
CA GLY G 148 -74.62 -20.81 14.94
C GLY G 148 -74.58 -19.82 13.79
N GLU G 149 -75.21 -18.67 14.02
CA GLU G 149 -75.23 -17.60 13.03
C GLU G 149 -75.54 -16.29 13.75
N ILE G 150 -75.16 -15.19 13.11
CA ILE G 150 -75.33 -13.87 13.69
C ILE G 150 -76.73 -13.33 13.44
N THR G 151 -77.12 -13.18 12.17
CA THR G 151 -78.49 -12.81 11.77
C THR G 151 -78.89 -11.38 12.12
N ASP G 152 -77.97 -10.58 12.66
CA ASP G 152 -78.24 -9.19 13.00
C ASP G 152 -76.96 -8.37 12.87
N LYS G 153 -77.01 -7.32 12.06
CA LYS G 153 -75.82 -6.53 11.77
C LYS G 153 -75.33 -5.76 12.98
N ASN G 154 -76.24 -5.32 13.85
CA ASN G 154 -75.93 -4.45 14.98
C ASN G 154 -76.54 -5.03 16.25
N ASP G 155 -75.68 -5.41 17.19
CA ASP G 155 -76.11 -5.89 18.50
C ASP G 155 -74.93 -5.78 19.46
N LYS G 156 -75.23 -5.51 20.73
CA LYS G 156 -74.17 -5.31 21.71
C LYS G 156 -73.52 -6.63 22.09
N ASN G 157 -74.31 -7.68 22.28
CA ASN G 157 -73.80 -8.97 22.73
C ASN G 157 -73.22 -9.82 21.61
N GLU G 158 -73.74 -9.70 20.39
CA GLU G 158 -73.24 -10.51 19.28
C GLU G 158 -71.85 -10.11 18.84
N LEU G 159 -71.52 -8.82 18.85
CA LEU G 159 -70.19 -8.38 18.47
C LEU G 159 -69.12 -8.84 19.44
N LEU G 160 -69.47 -9.09 20.70
CA LEU G 160 -68.50 -9.64 21.64
C LEU G 160 -68.06 -11.04 21.24
N LYS G 161 -68.93 -11.81 20.57
CA LYS G 161 -68.55 -13.11 20.05
C LYS G 161 -67.68 -13.03 18.81
N MET G 162 -67.72 -11.92 18.07
CA MET G 162 -66.96 -11.74 16.84
C MET G 162 -65.59 -11.13 17.06
N ILE G 163 -65.53 -9.96 17.70
CA ILE G 163 -64.28 -9.23 17.80
C ILE G 163 -63.33 -9.88 18.79
N LYS G 164 -63.85 -10.31 19.95
CA LYS G 164 -63.06 -10.83 21.05
C LYS G 164 -62.18 -12.03 20.70
N PRO G 165 -62.67 -13.07 20.00
CA PRO G 165 -61.74 -14.14 19.60
C PRO G 165 -60.73 -13.72 18.55
N VAL G 166 -60.97 -12.62 17.82
CA VAL G 166 -60.01 -12.18 16.81
C VAL G 166 -58.84 -11.45 17.47
N ILE G 167 -59.12 -10.42 18.26
CA ILE G 167 -58.06 -9.65 18.92
C ILE G 167 -57.43 -10.39 20.09
N SER G 168 -57.96 -11.55 20.50
CA SER G 168 -57.36 -12.31 21.58
C SER G 168 -55.97 -12.83 21.23
N SER G 169 -55.67 -13.02 19.94
CA SER G 169 -54.35 -13.46 19.53
C SER G 169 -53.34 -12.33 19.60
N LYS G 170 -53.68 -11.18 19.00
CA LYS G 170 -52.79 -10.02 18.94
C LYS G 170 -53.09 -9.10 20.11
N LYS G 171 -52.18 -9.08 21.10
CA LYS G 171 -52.26 -8.17 22.26
C LYS G 171 -53.56 -8.41 23.04
N TYR G 172 -53.60 -9.59 23.68
CA TYR G 172 -54.77 -10.00 24.47
C TYR G 172 -55.08 -8.98 25.56
N GLY G 173 -54.19 -8.85 26.54
CA GLY G 173 -54.37 -7.85 27.57
C GLY G 173 -55.61 -8.12 28.41
N SER G 174 -56.48 -7.11 28.49
CA SER G 174 -57.81 -7.23 29.03
C SER G 174 -58.82 -7.30 27.90
N GLU G 175 -59.89 -8.07 28.12
CA GLU G 175 -60.83 -8.38 27.04
C GLU G 175 -61.84 -7.27 26.82
N ASP G 176 -62.42 -6.75 27.90
CA ASP G 176 -63.55 -5.83 27.77
C ASP G 176 -63.14 -4.47 27.24
N ILE G 177 -62.05 -3.89 27.77
CA ILE G 177 -61.65 -2.53 27.39
C ILE G 177 -61.23 -2.43 25.92
N LEU G 178 -60.71 -3.51 25.33
CA LEU G 178 -60.33 -3.51 23.93
C LEU G 178 -61.47 -3.88 22.99
N SER G 179 -62.41 -4.72 23.43
CA SER G 179 -63.50 -5.15 22.58
C SER G 179 -64.57 -4.07 22.45
N GLU G 180 -64.82 -3.32 23.52
CA GLU G 180 -65.85 -2.28 23.50
C GLU G 180 -65.49 -1.12 22.58
N LEU G 181 -64.19 -0.85 22.37
CA LEU G 181 -63.80 0.22 21.47
C LEU G 181 -64.15 -0.10 20.03
N VAL G 182 -64.14 -1.38 19.65
CA VAL G 182 -64.42 -1.79 18.28
C VAL G 182 -65.92 -1.94 18.05
N SER G 183 -66.62 -2.61 18.98
CA SER G 183 -68.05 -2.80 18.83
C SER G 183 -68.84 -1.50 18.87
N GLU G 184 -68.34 -0.48 19.57
CA GLU G 184 -68.98 0.82 19.56
C GLU G 184 -68.74 1.54 18.24
N ALA G 185 -67.53 1.42 17.69
CA ALA G 185 -67.20 2.08 16.42
C ALA G 185 -67.82 1.41 15.22
N VAL G 186 -68.06 0.09 15.27
CA VAL G 186 -68.66 -0.61 14.14
C VAL G 186 -70.11 -0.16 13.97
N SER G 187 -70.83 0.02 15.08
CA SER G 187 -72.22 0.46 15.01
C SER G 187 -72.38 1.87 14.47
N HIS G 188 -71.37 2.72 14.59
CA HIS G 188 -71.48 4.09 14.12
C HIS G 188 -71.44 4.16 12.60
N VAL G 189 -70.51 3.40 11.99
CA VAL G 189 -70.26 3.51 10.56
C VAL G 189 -71.21 2.68 9.70
N LEU G 190 -71.85 1.66 10.27
CA LEU G 190 -72.69 0.78 9.45
C LEU G 190 -73.96 1.51 9.03
N PRO G 191 -74.38 1.43 7.75
CA PRO G 191 -75.74 1.85 7.41
C PRO G 191 -76.81 0.83 7.76
N VAL G 192 -77.39 0.92 8.96
CA VAL G 192 -78.28 -0.08 9.52
C VAL G 192 -79.48 -0.32 8.60
N ALA G 193 -80.39 0.68 8.52
CA ALA G 193 -81.50 0.74 7.57
C ALA G 193 -82.35 -0.54 7.56
N GLN G 194 -82.80 -0.94 8.74
CA GLN G 194 -83.59 -2.17 8.85
C GLN G 194 -84.95 -2.01 8.19
N GLN G 195 -85.46 -3.11 7.65
CA GLN G 195 -86.77 -3.16 7.00
C GLN G 195 -86.84 -2.22 5.79
N ALA G 196 -85.82 -2.31 4.93
CA ALA G 196 -85.75 -1.54 3.69
C ALA G 196 -85.35 -2.37 2.47
N GLY G 197 -84.67 -3.50 2.67
CA GLY G 197 -84.25 -4.33 1.57
C GLY G 197 -83.03 -3.84 0.82
N GLU G 198 -82.28 -2.90 1.38
CA GLU G 198 -81.09 -2.38 0.74
C GLU G 198 -79.90 -3.30 0.96
N ILE G 199 -78.92 -3.21 0.07
CA ILE G 199 -77.72 -4.04 0.18
C ILE G 199 -76.80 -3.43 1.25
N PRO G 200 -76.29 -4.19 2.22
CA PRO G 200 -75.32 -3.59 3.14
C PRO G 200 -74.01 -3.23 2.45
N TYR G 201 -73.27 -2.32 3.09
CA TYR G 201 -72.00 -1.85 2.57
C TYR G 201 -71.10 -1.47 3.74
N PHE G 202 -69.81 -1.83 3.62
CA PHE G 202 -68.83 -1.54 4.66
C PHE G 202 -67.47 -1.42 4.00
N ASN G 203 -66.67 -0.45 4.49
CA ASN G 203 -65.35 -0.15 3.96
C ASN G 203 -64.32 -0.35 5.05
N VAL G 204 -63.19 -0.96 4.68
CA VAL G 204 -62.10 -1.16 5.63
C VAL G 204 -61.47 0.18 6.01
N ASP G 205 -61.41 1.11 5.06
CA ASP G 205 -60.81 2.42 5.29
C ASP G 205 -61.68 3.36 6.12
N SER G 206 -62.90 2.96 6.51
CA SER G 206 -63.73 3.84 7.31
C SER G 206 -63.18 4.00 8.72
N ILE G 207 -62.98 2.89 9.42
CA ILE G 207 -62.44 2.91 10.78
C ILE G 207 -60.93 3.03 10.67
N ARG G 208 -60.38 4.10 11.25
CA ARG G 208 -58.95 4.37 11.27
C ARG G 208 -58.53 4.86 12.65
N VAL G 209 -57.37 4.40 13.10
CA VAL G 209 -56.86 4.66 14.44
C VAL G 209 -55.73 5.67 14.34
N VAL G 210 -55.82 6.74 15.12
CA VAL G 210 -54.78 7.76 15.22
C VAL G 210 -53.99 7.50 16.49
N LYS G 211 -52.68 7.38 16.35
CA LYS G 211 -51.79 7.05 17.47
C LYS G 211 -51.42 8.33 18.21
N ILE G 212 -51.67 8.35 19.52
CA ILE G 212 -51.29 9.46 20.40
C ILE G 212 -50.57 8.85 21.59
N MET G 213 -49.38 9.37 21.88
CA MET G 213 -48.60 8.88 23.00
C MET G 213 -49.20 9.36 24.33
N GLY G 214 -48.77 8.73 25.41
CA GLY G 214 -49.22 9.09 26.74
C GLY G 214 -50.49 8.40 27.14
N GLY G 215 -50.84 8.57 28.41
CA GLY G 215 -52.06 8.00 28.95
C GLY G 215 -51.91 6.51 29.25
N SER G 216 -53.05 5.83 29.25
CA SER G 216 -53.13 4.40 29.50
C SER G 216 -54.22 3.81 28.63
N LEU G 217 -54.24 2.48 28.53
CA LEU G 217 -55.20 1.79 27.68
C LEU G 217 -56.63 1.94 28.18
N SER G 218 -56.83 2.14 29.48
CA SER G 218 -58.17 2.32 30.02
C SER G 218 -58.77 3.68 29.68
N ASN G 219 -57.94 4.70 29.43
CA ASN G 219 -58.42 6.03 29.10
C ASN G 219 -58.79 6.20 27.62
N SER G 220 -58.74 5.13 26.82
CA SER G 220 -59.10 5.24 25.42
C SER G 220 -60.61 5.42 25.26
N THR G 221 -60.99 6.33 24.37
CA THR G 221 -62.37 6.67 24.08
C THR G 221 -62.65 6.46 22.59
N VAL G 222 -63.94 6.41 22.26
CA VAL G 222 -64.43 6.21 20.90
C VAL G 222 -64.98 7.54 20.41
N ILE G 223 -64.34 8.12 19.39
CA ILE G 223 -64.71 9.42 18.85
C ILE G 223 -65.67 9.19 17.69
N LYS G 224 -66.73 9.99 17.63
CA LYS G 224 -67.68 9.89 16.53
C LYS G 224 -67.06 10.32 15.21
N GLY G 225 -66.34 11.44 15.23
CA GLY G 225 -65.75 12.03 14.04
C GLY G 225 -64.33 11.54 13.80
N MET G 226 -63.42 12.48 13.64
CA MET G 226 -62.02 12.22 13.34
C MET G 226 -61.14 13.23 14.06
N VAL G 227 -59.84 13.18 13.79
CA VAL G 227 -58.87 14.01 14.51
C VAL G 227 -57.60 14.13 13.67
N PHE G 228 -56.98 15.31 13.72
CA PHE G 228 -55.65 15.56 13.20
C PHE G 228 -54.86 16.35 14.23
N ASN G 229 -53.54 16.42 14.03
CA ASN G 229 -52.64 17.21 14.87
C ASN G 229 -52.35 18.56 14.22
N ARG G 230 -53.41 19.34 14.05
CA ARG G 230 -53.38 20.64 13.39
C ARG G 230 -53.48 21.76 14.42
N GLU G 231 -53.18 22.97 13.94
CA GLU G 231 -53.24 24.20 14.71
C GLU G 231 -54.10 25.22 13.94
N PRO G 232 -55.18 25.76 14.51
CA PRO G 232 -55.85 26.87 13.83
C PRO G 232 -54.95 28.09 13.71
N GLU G 233 -55.05 28.76 12.56
CA GLU G 233 -54.16 29.87 12.25
C GLU G 233 -54.60 31.15 12.94
N GLY G 234 -55.82 31.60 12.66
CA GLY G 234 -56.29 32.88 13.17
C GLY G 234 -56.56 32.88 14.66
N HIS G 235 -57.56 32.12 15.08
CA HIS G 235 -57.94 32.05 16.50
C HIS G 235 -58.53 30.67 16.77
N VAL G 236 -58.55 30.32 18.06
CA VAL G 236 -59.16 29.09 18.56
C VAL G 236 -60.51 29.45 19.17
N LYS G 237 -61.46 28.53 19.06
CA LYS G 237 -62.82 28.73 19.55
C LYS G 237 -63.35 27.42 20.13
N SER G 238 -63.83 27.50 21.37
CA SER G 238 -64.53 26.37 21.96
C SER G 238 -65.87 26.10 21.28
N LEU G 239 -66.50 27.15 20.72
CA LEU G 239 -67.78 27.04 20.02
C LEU G 239 -68.87 26.50 20.95
N SER G 240 -69.17 27.28 21.99
CA SER G 240 -70.26 26.97 22.91
C SER G 240 -71.64 27.36 22.35
N GLU G 241 -71.70 27.89 21.12
CA GLU G 241 -72.97 28.25 20.49
C GLU G 241 -73.65 27.04 19.84
N ASP G 242 -74.85 26.69 20.28
CA ASP G 242 -75.63 25.57 19.72
C ASP G 242 -76.26 26.06 18.41
N LYS G 243 -77.30 25.38 17.93
CA LYS G 243 -77.93 25.70 16.64
C LYS G 243 -76.93 25.52 15.51
N LYS G 244 -76.65 24.24 15.20
CA LYS G 244 -75.45 23.70 14.56
C LYS G 244 -74.88 24.52 13.42
N HIS G 245 -73.56 24.52 13.31
CA HIS G 245 -72.85 25.27 12.29
C HIS G 245 -72.97 24.53 10.97
N LYS G 246 -72.43 25.14 9.92
CA LYS G 246 -72.39 24.59 8.57
C LYS G 246 -70.94 24.38 8.16
N VAL G 247 -70.74 23.49 7.18
CA VAL G 247 -69.42 23.06 6.73
C VAL G 247 -69.37 23.22 5.22
N ALA G 248 -68.28 23.78 4.72
CA ALA G 248 -68.03 23.94 3.29
C ALA G 248 -66.61 23.48 2.99
N VAL G 249 -66.48 22.52 2.06
CA VAL G 249 -65.22 21.88 1.72
C VAL G 249 -64.81 22.37 0.35
N PHE G 250 -63.57 22.87 0.23
CA PHE G 250 -62.98 23.31 -1.03
C PHE G 250 -61.66 22.57 -1.21
N THR G 251 -61.49 21.95 -2.38
CA THR G 251 -60.27 21.22 -2.70
C THR G 251 -59.15 22.13 -3.20
N CYS G 252 -59.48 23.31 -3.78
CA CYS G 252 -58.48 24.25 -4.25
C CYS G 252 -58.01 25.14 -3.10
N PRO G 253 -56.86 25.80 -3.21
CA PRO G 253 -56.44 26.70 -2.12
C PRO G 253 -57.33 27.93 -2.04
N LEU G 254 -57.65 28.37 -0.83
CA LEU G 254 -58.57 29.47 -0.65
C LEU G 254 -57.86 30.73 -0.90
N ASP G 255 -57.75 31.14 -2.13
CA ASP G 255 -56.95 32.30 -2.41
C ASP G 255 -57.27 32.93 -3.70
N ILE G 256 -56.62 34.03 -4.01
CA ILE G 256 -56.85 34.76 -5.24
C ILE G 256 -56.55 33.91 -6.42
N ALA G 257 -57.27 34.10 -7.49
CA ALA G 257 -57.09 33.24 -8.65
C ALA G 257 -55.78 33.41 -9.33
N ASN G 258 -55.18 32.32 -9.73
CA ASN G 258 -53.97 32.41 -10.49
C ASN G 258 -54.29 31.54 -11.66
N THR G 259 -53.79 31.86 -12.83
CA THR G 259 -54.14 31.12 -14.01
C THR G 259 -53.30 29.88 -14.04
N GLU G 260 -52.34 29.85 -14.93
CA GLU G 260 -51.38 28.75 -15.01
C GLU G 260 -50.18 29.08 -15.90
N THR G 261 -50.32 30.01 -16.84
CA THR G 261 -49.28 30.34 -17.82
C THR G 261 -48.82 31.78 -17.63
N LYS G 262 -47.73 31.95 -16.87
CA LYS G 262 -47.01 33.22 -16.74
C LYS G 262 -47.91 34.32 -16.18
N GLY G 263 -48.30 34.13 -14.92
CA GLY G 263 -49.06 35.14 -14.21
C GLY G 263 -48.17 36.24 -13.69
N THR G 264 -48.17 37.38 -14.38
CA THR G 264 -47.28 38.50 -14.08
C THR G 264 -48.07 39.81 -14.18
N VAL G 265 -47.76 40.72 -13.26
CA VAL G 265 -48.44 42.02 -13.22
C VAL G 265 -48.06 42.84 -14.44
N LEU G 266 -48.94 43.78 -14.79
CA LEU G 266 -48.71 44.73 -15.88
C LEU G 266 -49.45 46.00 -15.53
N LEU G 267 -48.71 47.10 -15.35
CA LEU G 267 -49.24 48.39 -14.91
C LEU G 267 -48.65 49.47 -15.81
N HIS G 268 -49.46 49.99 -16.73
CA HIS G 268 -48.97 50.94 -17.73
C HIS G 268 -48.87 52.36 -17.19
N ASN G 269 -49.68 52.73 -16.19
CA ASN G 269 -49.73 54.09 -15.68
C ASN G 269 -50.02 54.06 -14.19
N ALA G 270 -49.96 55.24 -13.56
CA ALA G 270 -50.12 55.33 -12.11
C ALA G 270 -51.55 55.06 -11.67
N GLN G 271 -52.54 55.22 -12.57
CA GLN G 271 -53.92 54.97 -12.20
C GLN G 271 -54.14 53.49 -11.89
N GLU G 272 -53.47 52.61 -12.62
CA GLU G 272 -53.54 51.18 -12.34
C GLU G 272 -52.70 50.79 -11.12
N MET G 273 -51.60 51.53 -10.87
CA MET G 273 -50.79 51.27 -9.69
C MET G 273 -51.56 51.54 -8.41
N LEU G 274 -52.40 52.58 -8.39
CA LEU G 274 -53.14 52.91 -7.18
C LEU G 274 -54.24 51.91 -6.90
N ASP G 275 -54.93 51.44 -7.95
CA ASP G 275 -56.08 50.55 -7.80
C ASP G 275 -55.68 49.07 -7.73
N PHE G 276 -54.47 48.70 -8.15
CA PHE G 276 -54.09 47.29 -8.14
C PHE G 276 -53.92 46.76 -6.73
N SER G 277 -53.46 47.60 -5.79
CA SER G 277 -53.30 47.14 -4.42
C SER G 277 -54.66 46.98 -3.73
N LYS G 278 -55.64 47.83 -3.92
CA LYS G 278 -56.89 47.67 -3.18
C LYS G 278 -57.90 46.85 -3.93
N GLY G 279 -57.60 46.62 -5.19
CA GLY G 279 -58.51 45.85 -5.97
C GLY G 279 -58.55 44.52 -5.33
N GLU G 280 -57.41 44.06 -4.90
CA GLU G 280 -57.34 42.75 -4.35
C GLU G 280 -58.13 42.61 -3.11
N GLU G 281 -58.05 43.60 -2.26
CA GLU G 281 -58.73 43.51 -1.02
C GLU G 281 -60.13 43.40 -1.37
N LYS G 282 -60.60 44.24 -2.25
CA LYS G 282 -61.99 44.20 -2.47
C LYS G 282 -62.43 42.89 -3.01
N GLN G 283 -61.73 42.32 -3.95
CA GLN G 283 -62.21 41.10 -4.54
C GLN G 283 -62.21 39.95 -3.59
N ILE G 284 -61.17 39.85 -2.82
CA ILE G 284 -61.11 38.72 -1.96
C ILE G 284 -62.21 38.87 -0.98
N ASP G 285 -62.44 40.09 -0.56
CA ASP G 285 -63.44 40.30 0.44
C ASP G 285 -64.76 39.93 -0.07
N ALA G 286 -65.03 40.27 -1.30
CA ALA G 286 -66.28 39.88 -1.87
C ALA G 286 -66.43 38.39 -1.90
N MET G 287 -65.44 37.66 -2.36
CA MET G 287 -65.69 36.24 -2.39
C MET G 287 -65.94 35.72 -1.00
N MET G 288 -65.19 36.21 -0.04
CA MET G 288 -65.34 35.71 1.32
C MET G 288 -66.67 36.05 1.98
N LYS G 289 -67.19 37.21 1.69
CA LYS G 289 -68.48 37.58 2.19
C LYS G 289 -69.52 36.72 1.56
N GLU G 290 -69.31 36.40 0.32
CA GLU G 290 -70.26 35.55 -0.30
C GLU G 290 -70.25 34.28 0.43
N ILE G 291 -69.08 33.78 0.76
CA ILE G 291 -69.12 32.50 1.41
C ILE G 291 -69.83 32.63 2.68
N ALA G 292 -69.59 33.68 3.42
CA ALA G 292 -70.26 33.72 4.68
C ALA G 292 -71.75 34.00 4.78
N ASP G 293 -72.38 34.81 3.93
CA ASP G 293 -73.82 34.97 4.10
C ASP G 293 -74.56 33.65 4.23
N MET G 294 -73.97 32.53 3.80
CA MET G 294 -74.60 31.22 3.94
C MET G 294 -74.52 30.66 5.35
N GLY G 295 -73.87 31.33 6.29
CA GLY G 295 -73.83 30.88 7.66
C GLY G 295 -72.78 29.83 7.96
N VAL G 296 -71.72 29.75 7.17
CA VAL G 296 -70.63 28.81 7.38
C VAL G 296 -69.65 29.41 8.37
N GLU G 297 -69.09 28.56 9.23
CA GLU G 297 -68.14 28.96 10.26
C GLU G 297 -66.86 28.12 10.29
N CYS G 298 -66.65 27.23 9.32
CA CYS G 298 -65.41 26.48 9.23
C CYS G 298 -65.27 25.95 7.81
N ILE G 299 -64.08 26.13 7.23
CA ILE G 299 -63.78 25.74 5.85
C ILE G 299 -62.50 24.91 5.88
N VAL G 300 -62.57 23.73 5.28
CA VAL G 300 -61.42 22.82 5.20
C VAL G 300 -60.72 23.07 3.87
N ALA G 301 -59.47 23.54 3.94
CA ALA G 301 -58.68 23.86 2.77
C ALA G 301 -57.87 22.64 2.34
N GLY G 302 -57.60 22.56 1.03
CA GLY G 302 -56.88 21.45 0.44
C GLY G 302 -55.40 21.68 0.23
N ALA G 303 -54.97 22.95 0.22
CA ALA G 303 -53.57 23.30 0.00
C ALA G 303 -53.28 24.57 0.78
N GLY G 304 -52.17 25.22 0.47
CA GLY G 304 -51.77 26.41 1.22
C GLY G 304 -52.73 27.57 0.97
N VAL G 305 -53.06 28.27 2.05
CA VAL G 305 -54.00 29.39 2.05
C VAL G 305 -53.19 30.68 2.18
N GLY G 306 -53.56 31.69 1.40
CA GLY G 306 -52.89 32.96 1.47
C GLY G 306 -53.26 33.74 2.72
N GLU G 307 -52.46 34.76 3.01
CA GLU G 307 -52.66 35.58 4.20
C GLU G 307 -53.82 36.56 4.04
N LEU G 308 -53.99 37.14 2.84
CA LEU G 308 -55.09 38.06 2.61
C LEU G 308 -56.43 37.35 2.69
N ALA G 309 -56.53 36.13 2.17
CA ALA G 309 -57.76 35.36 2.32
C ALA G 309 -57.99 34.97 3.78
N LEU G 310 -56.91 34.74 4.53
CA LEU G 310 -57.06 34.39 5.95
C LEU G 310 -57.54 35.58 6.77
N HIS G 311 -57.24 36.81 6.35
CA HIS G 311 -57.61 37.97 7.14
C HIS G 311 -59.12 38.18 7.14
N TYR G 312 -59.78 37.87 6.02
CA TYR G 312 -61.24 37.99 5.93
C TYR G 312 -61.98 36.76 6.46
N LEU G 313 -61.32 35.61 6.57
CA LEU G 313 -61.97 34.43 7.12
C LEU G 313 -62.13 34.54 8.63
N ASN G 314 -61.05 34.87 9.34
CA ASN G 314 -61.10 35.02 10.78
C ASN G 314 -61.76 36.33 11.23
N ARG G 315 -62.10 37.22 10.30
CA ARG G 315 -62.92 38.39 10.63
C ARG G 315 -64.29 37.95 11.13
N TYR G 316 -64.97 37.11 10.34
CA TYR G 316 -66.26 36.55 10.72
C TYR G 316 -66.14 35.28 11.56
N GLY G 317 -64.95 34.91 12.01
CA GLY G 317 -64.78 33.74 12.85
C GLY G 317 -64.93 32.42 12.13
N ILE G 318 -64.39 32.32 10.91
CA ILE G 318 -64.42 31.10 10.12
C ILE G 318 -63.14 30.32 10.41
N LEU G 319 -63.29 29.08 10.86
CA LEU G 319 -62.13 28.24 11.16
C LEU G 319 -61.51 27.72 9.87
N VAL G 320 -60.18 27.56 9.88
CA VAL G 320 -59.40 27.08 8.74
C VAL G 320 -58.74 25.77 9.17
N LEU G 321 -58.78 24.78 8.29
CA LEU G 321 -58.19 23.47 8.51
C LEU G 321 -57.36 23.07 7.29
N LYS G 322 -56.15 22.56 7.54
CA LYS G 322 -55.23 22.12 6.50
C LYS G 322 -55.39 20.61 6.30
N VAL G 323 -55.47 20.20 5.04
CA VAL G 323 -55.49 18.78 4.66
C VAL G 323 -54.67 18.63 3.38
N PRO G 324 -53.35 18.79 3.45
CA PRO G 324 -52.55 18.80 2.21
C PRO G 324 -52.25 17.40 1.70
N SER G 325 -53.29 16.75 1.21
CA SER G 325 -53.21 15.41 0.58
C SER G 325 -54.60 15.11 0.02
N LYS G 326 -54.73 14.10 -0.84
CA LYS G 326 -56.03 13.75 -1.43
C LYS G 326 -56.88 12.90 -0.51
N PHE G 327 -56.31 11.87 0.10
CA PHE G 327 -57.12 10.96 0.91
C PHE G 327 -57.55 11.59 2.23
N GLU G 328 -56.71 12.47 2.80
CA GLU G 328 -57.08 13.16 4.03
C GLU G 328 -58.26 14.10 3.82
N LEU G 329 -58.44 14.63 2.62
CA LEU G 329 -59.57 15.49 2.30
C LEU G 329 -60.82 14.70 1.97
N ARG G 330 -60.68 13.51 1.39
CA ARG G 330 -61.83 12.70 1.03
C ARG G 330 -62.48 12.04 2.24
N ARG G 331 -61.68 11.61 3.20
CA ARG G 331 -62.22 10.96 4.40
C ARG G 331 -63.09 11.90 5.24
N LEU G 332 -62.82 13.21 5.21
CA LEU G 332 -63.59 14.16 6.00
C LEU G 332 -64.96 14.45 5.41
N CYS G 333 -65.09 14.39 4.09
CA CYS G 333 -66.39 14.61 3.45
C CYS G 333 -67.41 13.52 3.81
N ARG G 334 -66.94 12.30 4.05
CA ARG G 334 -67.85 11.22 4.40
C ARG G 334 -68.47 11.40 5.78
N VAL G 335 -67.82 12.14 6.67
CA VAL G 335 -68.37 12.36 8.01
C VAL G 335 -69.59 13.28 7.92
N CYS G 336 -69.38 14.50 7.46
CA CYS G 336 -70.47 15.47 7.33
C CYS G 336 -71.34 15.24 6.11
N GLY G 337 -70.88 14.48 5.11
CA GLY G 337 -71.67 14.21 3.93
C GLY G 337 -71.74 15.38 2.97
N ALA G 338 -70.63 16.10 2.79
CA ALA G 338 -70.56 17.26 1.92
C ALA G 338 -69.99 16.86 0.56
N THR G 339 -70.38 17.64 -0.45
CA THR G 339 -69.93 17.47 -1.83
C THR G 339 -69.00 18.63 -2.17
N PRO G 340 -67.67 18.44 -2.25
CA PRO G 340 -66.80 19.59 -2.56
C PRO G 340 -66.96 20.07 -4.00
N LEU G 341 -66.64 21.34 -4.20
CA LEU G 341 -66.60 21.99 -5.52
C LEU G 341 -65.33 22.84 -5.56
N PRO G 342 -64.50 22.76 -6.61
CA PRO G 342 -63.27 23.58 -6.59
C PRO G 342 -63.48 25.07 -6.75
N ARG G 343 -64.67 25.52 -7.15
CA ARG G 343 -64.90 26.95 -7.35
C ARG G 343 -64.91 27.69 -6.02
N LEU G 344 -64.55 28.97 -6.08
CA LEU G 344 -64.52 29.86 -4.93
C LEU G 344 -65.83 30.62 -4.74
N GLY G 345 -66.93 30.13 -5.28
CA GLY G 345 -68.21 30.80 -5.23
C GLY G 345 -69.00 30.46 -3.99
N ALA G 346 -70.32 30.49 -4.12
CA ALA G 346 -71.21 30.14 -3.03
C ALA G 346 -71.35 28.62 -2.94
N PRO G 347 -71.05 27.99 -1.80
CA PRO G 347 -71.48 26.59 -1.61
C PRO G 347 -72.99 26.44 -1.73
N THR G 348 -73.39 25.32 -2.31
CA THR G 348 -74.81 25.02 -2.44
C THR G 348 -75.35 24.65 -1.05
N PRO G 349 -76.59 25.03 -0.69
CA PRO G 349 -77.09 24.65 0.64
C PRO G 349 -77.26 23.15 0.84
N GLU G 350 -77.63 22.41 -0.21
CA GLU G 350 -77.76 20.96 -0.08
C GLU G 350 -76.41 20.31 0.16
N GLU G 351 -75.33 20.87 -0.38
CA GLU G 351 -74.00 20.30 -0.26
C GLU G 351 -73.29 20.68 1.04
N LEU G 352 -73.79 21.65 1.79
CA LEU G 352 -73.15 22.04 3.05
C LEU G 352 -73.28 20.93 4.08
N GLY G 353 -72.18 20.66 4.80
CA GLY G 353 -72.17 19.64 5.82
C GLY G 353 -72.69 20.14 7.16
N LEU G 354 -72.90 19.19 8.06
CA LEU G 354 -73.47 19.43 9.38
C LEU G 354 -72.49 18.93 10.44
N VAL G 355 -71.91 19.85 11.20
CA VAL G 355 -71.05 19.54 12.35
C VAL G 355 -71.45 20.48 13.47
N GLU G 356 -71.72 19.93 14.66
CA GLU G 356 -72.24 20.72 15.75
C GLU G 356 -71.14 21.51 16.46
N THR G 357 -70.03 20.83 16.81
CA THR G 357 -68.96 21.41 17.61
C THR G 357 -67.60 20.99 17.07
N VAL G 358 -66.62 21.86 17.25
CA VAL G 358 -65.24 21.60 16.89
C VAL G 358 -64.36 22.08 18.04
N LYS G 359 -63.91 21.14 18.87
CA LYS G 359 -63.16 21.43 20.09
C LYS G 359 -61.67 21.30 19.83
N THR G 360 -60.88 21.98 20.66
CA THR G 360 -59.42 21.91 20.65
C THR G 360 -58.95 21.77 22.09
N MET G 361 -58.43 20.59 22.42
CA MET G 361 -58.03 20.23 23.78
C MET G 361 -56.66 19.56 23.73
N GLU G 362 -56.06 19.40 24.92
CA GLU G 362 -54.74 18.79 25.06
C GLU G 362 -54.92 17.32 25.44
N ILE G 363 -54.42 16.42 24.58
CA ILE G 363 -54.49 14.98 24.78
C ILE G 363 -53.06 14.46 24.93
N GLY G 364 -52.26 14.64 23.88
CA GLY G 364 -50.86 14.24 23.86
C GLY G 364 -49.87 15.36 24.00
N GLY G 365 -50.27 16.51 24.54
CA GLY G 365 -49.40 17.67 24.67
C GLY G 365 -49.37 18.59 23.46
N ASP G 366 -49.78 18.10 22.29
CA ASP G 366 -49.82 18.87 21.05
C ASP G 366 -51.25 19.31 20.77
N ARG G 367 -51.39 20.24 19.83
CA ARG G 367 -52.69 20.76 19.45
C ARG G 367 -53.39 19.77 18.52
N VAL G 368 -54.64 19.43 18.85
CA VAL G 368 -55.47 18.55 18.05
C VAL G 368 -56.86 19.18 17.91
N THR G 369 -57.51 18.89 16.78
CA THR G 369 -58.84 19.38 16.47
C THR G 369 -59.79 18.19 16.36
N VAL G 370 -60.93 18.28 17.05
CA VAL G 370 -61.89 17.19 17.20
C VAL G 370 -63.16 17.59 16.47
N PHE G 371 -63.89 16.59 15.96
CA PHE G 371 -65.14 16.79 15.22
C PHE G 371 -66.22 15.84 15.71
N LYS G 372 -66.41 15.77 17.03
CA LYS G 372 -67.41 14.87 17.60
C LYS G 372 -68.82 15.30 17.19
N GLN G 373 -69.56 14.36 16.61
CA GLN G 373 -70.98 14.51 16.33
C GLN G 373 -71.78 14.09 17.56
N GLU G 374 -73.11 14.08 17.41
CA GLU G 374 -74.04 13.70 18.47
C GLU G 374 -74.90 12.55 17.99
N GLN G 375 -75.84 12.08 18.82
CA GLN G 375 -76.71 10.97 18.45
C GLN G 375 -77.57 11.33 17.24
N GLY G 376 -78.01 12.59 17.14
CA GLY G 376 -78.74 13.05 15.99
C GLY G 376 -77.80 13.34 14.82
N GLU G 377 -78.27 12.99 13.62
CA GLU G 377 -77.50 13.14 12.37
C GLU G 377 -76.17 12.39 12.46
N ILE G 378 -76.30 11.06 12.56
CA ILE G 378 -75.14 10.19 12.68
C ILE G 378 -74.25 10.30 11.43
N SER G 379 -73.00 9.88 11.58
CA SER G 379 -71.98 9.95 10.54
C SER G 379 -71.22 8.62 10.52
N ARG G 380 -70.36 8.49 9.51
CA ARG G 380 -69.54 7.30 9.28
C ARG G 380 -68.07 7.70 9.25
N THR G 381 -67.20 6.69 9.11
CA THR G 381 -65.75 6.85 9.15
C THR G 381 -65.31 7.44 10.49
N SER G 382 -65.73 6.77 11.57
CA SER G 382 -65.35 7.16 12.91
C SER G 382 -63.91 6.70 13.20
N THR G 383 -63.32 7.32 14.22
CA THR G 383 -61.97 7.04 14.67
C THR G 383 -61.99 6.57 16.13
N ILE G 384 -60.86 6.02 16.56
CA ILE G 384 -60.67 5.48 17.90
C ILE G 384 -59.39 6.09 18.46
N ILE G 385 -59.53 6.86 19.54
CA ILE G 385 -58.37 7.44 20.21
C ILE G 385 -57.70 6.34 21.02
N LEU G 386 -56.52 5.92 20.57
CA LEU G 386 -55.76 4.82 21.19
C LEU G 386 -54.59 5.42 21.96
N ARG G 387 -54.67 5.32 23.29
CA ARG G 387 -53.66 5.85 24.19
C ARG G 387 -52.75 4.73 24.67
N GLY G 388 -51.46 4.99 24.71
CA GLY G 388 -50.50 4.01 25.18
C GLY G 388 -49.18 4.68 25.51
N ALA G 389 -48.30 3.89 26.14
CA ALA G 389 -47.01 4.39 26.62
C ALA G 389 -45.89 4.18 25.60
N THR G 390 -45.85 3.02 24.95
CA THR G 390 -44.80 2.66 24.01
C THR G 390 -45.34 2.75 22.59
N GLN G 391 -44.58 3.44 21.73
CA GLN G 391 -45.00 3.60 20.33
C GLN G 391 -45.05 2.28 19.59
N ASN G 392 -44.18 1.32 19.98
CA ASN G 392 -44.20 0.01 19.34
C ASN G 392 -45.50 -0.74 19.64
N ASN G 393 -46.05 -0.57 20.84
CA ASN G 393 -47.31 -1.23 21.18
C ASN G 393 -48.49 -0.59 20.45
N LEU G 394 -48.39 0.71 20.15
CA LEU G 394 -49.43 1.36 19.36
C LEU G 394 -49.53 0.78 17.96
N ASP G 395 -48.38 0.37 17.39
CA ASP G 395 -48.38 -0.15 16.03
C ASP G 395 -49.08 -1.50 15.95
N ASP G 396 -48.81 -2.39 16.91
CA ASP G 396 -49.41 -3.72 16.88
C ASP G 396 -50.87 -3.71 17.27
N ILE G 397 -51.26 -2.85 18.22
CA ILE G 397 -52.67 -2.74 18.58
C ILE G 397 -53.45 -2.12 17.44
N GLU G 398 -52.84 -1.19 16.69
CA GLU G 398 -53.53 -0.56 15.57
C GLU G 398 -53.82 -1.59 14.47
N ARG G 399 -52.87 -2.47 14.19
CA ARG G 399 -53.11 -3.54 13.21
C ARG G 399 -54.07 -4.59 13.74
N ALA G 400 -54.25 -4.70 15.06
CA ALA G 400 -55.27 -5.59 15.59
C ALA G 400 -56.67 -5.04 15.30
N ILE G 401 -56.83 -3.72 15.31
CA ILE G 401 -58.10 -3.13 14.89
C ILE G 401 -58.33 -3.37 13.42
N ASP G 402 -57.27 -3.33 12.61
CA ASP G 402 -57.40 -3.63 11.19
C ASP G 402 -57.81 -5.08 10.97
N ASP G 403 -57.31 -5.99 11.81
CA ASP G 403 -57.75 -7.38 11.75
C ASP G 403 -59.19 -7.53 12.22
N GLY G 404 -59.58 -6.78 13.26
CA GLY G 404 -60.97 -6.80 13.70
C GLY G 404 -61.91 -6.17 12.70
N VAL G 405 -61.49 -5.04 12.12
CA VAL G 405 -62.28 -4.41 11.06
C VAL G 405 -62.34 -5.31 9.83
N ALA G 406 -61.25 -6.03 9.55
CA ALA G 406 -61.25 -6.98 8.45
C ALA G 406 -62.18 -8.16 8.72
N ALA G 407 -62.38 -8.52 9.99
CA ALA G 407 -63.33 -9.59 10.32
C ALA G 407 -64.76 -9.15 10.12
N VAL G 408 -65.05 -7.86 10.33
CA VAL G 408 -66.39 -7.33 10.08
C VAL G 408 -66.72 -7.38 8.59
N LYS G 409 -65.70 -7.29 7.73
CA LYS G 409 -65.93 -7.40 6.29
C LYS G 409 -66.44 -8.79 5.91
N GLY G 410 -66.07 -9.81 6.69
CA GLY G 410 -66.50 -11.18 6.43
C GLY G 410 -67.99 -11.44 6.55
N LEU G 411 -68.76 -10.53 7.16
CA LEU G 411 -70.20 -10.68 7.30
C LEU G 411 -70.98 -10.13 6.12
N MET G 412 -70.43 -9.20 5.35
CA MET G 412 -71.17 -8.52 4.30
C MET G 412 -71.32 -9.38 3.06
N LYS G 413 -70.22 -9.94 2.55
CA LYS G 413 -70.28 -10.66 1.27
C LYS G 413 -71.06 -11.97 1.38
N PRO G 414 -70.73 -12.93 2.29
CA PRO G 414 -71.52 -14.17 2.32
C PRO G 414 -72.91 -13.97 2.89
N SER G 415 -73.70 -15.03 2.95
CA SER G 415 -75.09 -14.94 3.40
C SER G 415 -75.20 -14.62 4.89
N GLY G 416 -74.21 -14.98 5.70
CA GLY G 416 -74.29 -14.71 7.11
C GLY G 416 -72.96 -14.92 7.80
N GLY G 417 -73.03 -15.12 9.11
CA GLY G 417 -71.84 -15.30 9.93
C GLY G 417 -71.19 -16.65 9.74
N LYS G 418 -71.93 -17.72 10.05
CA LYS G 418 -71.45 -19.10 9.91
C LYS G 418 -70.20 -19.34 10.76
N LEU G 419 -70.37 -19.18 12.07
CA LEU G 419 -69.28 -19.36 13.01
C LEU G 419 -69.01 -20.85 13.24
N LEU G 420 -67.77 -21.15 13.61
CA LEU G 420 -67.26 -22.49 13.88
C LEU G 420 -66.72 -22.56 15.32
N PRO G 421 -66.61 -23.76 15.92
CA PRO G 421 -65.98 -23.83 17.24
C PRO G 421 -64.48 -23.65 17.15
N GLY G 422 -63.94 -22.79 18.01
CA GLY G 422 -62.51 -22.50 18.04
C GLY G 422 -61.76 -23.36 19.05
N ALA G 423 -60.56 -22.90 19.39
CA ALA G 423 -59.71 -23.54 20.40
C ALA G 423 -59.35 -24.97 19.99
N GLY G 424 -58.98 -25.15 18.72
CA GLY G 424 -58.56 -26.44 18.22
C GLY G 424 -59.68 -27.43 17.92
N ALA G 425 -60.93 -27.09 18.23
CA ALA G 425 -62.03 -28.02 18.00
C ALA G 425 -62.30 -28.21 16.51
N THR G 426 -62.16 -27.15 15.72
CA THR G 426 -62.36 -27.27 14.28
C THR G 426 -61.24 -28.06 13.60
N GLU G 427 -60.02 -28.01 14.13
CA GLU G 427 -58.91 -28.79 13.57
C GLU G 427 -58.98 -30.25 13.97
N ILE G 428 -59.25 -30.53 15.25
CA ILE G 428 -59.26 -31.91 15.72
C ILE G 428 -60.44 -32.70 15.14
N GLU G 429 -61.54 -32.04 14.80
CA GLU G 429 -62.68 -32.73 14.20
C GLU G 429 -62.37 -33.18 12.78
N LEU G 430 -61.63 -32.38 12.02
CA LEU G 430 -61.24 -32.76 10.67
C LEU G 430 -60.28 -33.95 10.64
N ILE G 431 -59.55 -34.19 11.73
CA ILE G 431 -58.61 -35.31 11.76
C ILE G 431 -59.36 -36.63 11.69
N SER G 432 -60.48 -36.74 12.42
CA SER G 432 -61.26 -37.97 12.39
C SER G 432 -62.01 -38.12 11.07
N ARG G 433 -62.53 -37.01 10.54
CA ARG G 433 -63.28 -37.07 9.29
C ARG G 433 -62.36 -37.37 8.11
N ILE G 434 -61.19 -36.75 8.06
CA ILE G 434 -60.26 -37.01 6.97
C ILE G 434 -59.66 -38.40 7.12
N THR G 435 -59.46 -38.88 8.35
CA THR G 435 -58.95 -40.22 8.56
C THR G 435 -59.95 -41.27 8.08
N LYS G 436 -61.24 -41.05 8.34
CA LYS G 436 -62.26 -41.94 7.81
C LYS G 436 -62.33 -41.87 6.29
N TYR G 437 -62.06 -40.69 5.72
CA TYR G 437 -62.07 -40.56 4.27
C TYR G 437 -60.94 -41.34 3.62
N GLY G 438 -59.80 -41.47 4.31
CA GLY G 438 -58.72 -42.28 3.77
C GLY G 438 -59.06 -43.75 3.72
N GLU G 439 -59.84 -44.23 4.69
CA GLU G 439 -60.26 -45.62 4.71
C GLU G 439 -61.28 -45.95 3.63
N ARG G 440 -62.09 -44.97 3.22
CA ARG G 440 -63.09 -45.21 2.17
C ARG G 440 -62.49 -45.26 0.78
N THR G 441 -61.44 -44.46 0.51
CA THR G 441 -60.82 -44.43 -0.81
C THR G 441 -59.75 -45.53 -0.92
N PRO G 442 -59.67 -46.29 -2.06
CA PRO G 442 -58.52 -47.20 -2.24
C PRO G 442 -57.35 -46.52 -2.93
N GLY G 443 -56.26 -47.25 -3.12
CA GLY G 443 -55.10 -46.79 -3.87
C GLY G 443 -53.96 -46.38 -2.97
N LEU G 444 -52.83 -46.05 -3.60
CA LEU G 444 -51.65 -45.61 -2.91
C LEU G 444 -51.73 -44.17 -2.40
N LEU G 445 -52.80 -43.42 -2.74
CA LEU G 445 -52.99 -42.08 -2.23
C LEU G 445 -53.48 -42.05 -0.78
N GLN G 446 -53.76 -43.20 -0.16
CA GLN G 446 -54.31 -43.22 1.19
C GLN G 446 -53.30 -42.68 2.21
N LEU G 447 -52.00 -42.90 1.97
CA LEU G 447 -50.99 -42.35 2.87
C LEU G 447 -50.92 -40.83 2.78
N ALA G 448 -51.18 -40.28 1.60
CA ALA G 448 -51.24 -38.82 1.47
C ALA G 448 -52.44 -38.26 2.22
N ILE G 449 -53.57 -38.96 2.18
CA ILE G 449 -54.74 -38.54 2.95
C ILE G 449 -54.47 -38.69 4.44
N LYS G 450 -53.71 -39.72 4.82
CA LYS G 450 -53.43 -39.93 6.24
C LYS G 450 -52.51 -38.85 6.79
N GLN G 451 -51.42 -38.55 6.10
CA GLN G 451 -50.51 -37.51 6.55
C GLN G 451 -51.12 -36.11 6.51
N PHE G 452 -52.12 -35.89 5.65
CA PHE G 452 -52.83 -34.62 5.65
C PHE G 452 -53.57 -34.41 6.95
N ALA G 453 -54.09 -35.48 7.56
CA ALA G 453 -54.74 -35.36 8.86
C ALA G 453 -53.72 -35.15 9.97
N VAL G 454 -52.54 -35.77 9.86
CA VAL G 454 -51.52 -35.62 10.89
C VAL G 454 -51.00 -34.19 10.92
N ALA G 455 -51.00 -33.49 9.78
CA ALA G 455 -50.54 -32.12 9.73
C ALA G 455 -51.44 -31.16 10.50
N PHE G 456 -52.71 -31.49 10.69
CA PHE G 456 -53.65 -30.62 11.40
C PHE G 456 -53.49 -30.68 12.92
N GLU G 457 -52.62 -31.54 13.45
CA GLU G 457 -52.38 -31.60 14.89
C GLU G 457 -51.57 -30.42 15.41
N VAL G 458 -51.02 -29.56 14.56
CA VAL G 458 -50.11 -28.53 15.02
C VAL G 458 -50.83 -27.41 15.78
N VAL G 459 -52.11 -27.17 15.50
CA VAL G 459 -52.85 -26.13 16.20
C VAL G 459 -53.05 -26.52 17.67
N PRO G 460 -53.57 -27.71 18.00
CA PRO G 460 -53.62 -28.06 19.44
C PRO G 460 -52.25 -28.31 20.05
N ARG G 461 -51.27 -28.78 19.27
CA ARG G 461 -49.94 -28.98 19.82
C ARG G 461 -49.25 -27.65 20.09
N THR G 462 -49.50 -26.64 19.26
CA THR G 462 -48.88 -25.33 19.46
C THR G 462 -49.49 -24.61 20.66
N LEU G 463 -50.82 -24.61 20.77
CA LEU G 463 -51.49 -23.97 21.88
C LEU G 463 -51.18 -24.63 23.22
N ALA G 464 -50.89 -25.93 23.22
CA ALA G 464 -50.49 -26.63 24.44
C ALA G 464 -49.03 -26.36 24.79
N GLU G 465 -48.18 -26.15 23.80
CA GLU G 465 -46.77 -25.85 24.07
C GLU G 465 -46.59 -24.42 24.55
N THR G 466 -47.26 -23.46 23.90
CA THR G 466 -47.18 -22.06 24.30
C THR G 466 -47.84 -21.80 25.65
N ALA G 467 -48.80 -22.63 26.06
CA ALA G 467 -49.49 -22.46 27.33
C ALA G 467 -48.72 -23.01 28.52
N GLY G 468 -47.48 -23.47 28.34
CA GLY G 468 -46.71 -23.97 29.45
C GLY G 468 -47.15 -25.33 29.98
N LEU G 469 -47.81 -26.13 29.15
CA LEU G 469 -48.29 -27.47 29.51
C LEU G 469 -47.54 -28.52 28.69
N ASP G 470 -47.52 -29.74 29.21
CA ASP G 470 -46.89 -30.86 28.54
C ASP G 470 -47.85 -31.39 27.47
N VAL G 471 -47.40 -31.36 26.21
CA VAL G 471 -48.27 -31.76 25.11
C VAL G 471 -48.51 -33.26 25.07
N ASN G 472 -47.62 -34.07 25.66
CA ASN G 472 -47.80 -35.51 25.65
C ASN G 472 -49.00 -35.96 26.47
N GLU G 473 -49.40 -35.19 27.49
CA GLU G 473 -50.56 -35.51 28.31
C GLU G 473 -51.82 -34.76 27.92
N VAL G 474 -51.69 -33.54 27.39
CA VAL G 474 -52.86 -32.73 27.06
C VAL G 474 -53.48 -33.18 25.75
N LEU G 475 -52.66 -33.58 24.78
CA LEU G 475 -53.18 -33.95 23.47
C LEU G 475 -53.99 -35.25 23.51
N PRO G 476 -53.47 -36.39 24.00
CA PRO G 476 -54.29 -37.60 23.98
C PRO G 476 -55.46 -37.58 24.95
N ASN G 477 -55.44 -36.72 25.96
CA ASN G 477 -56.61 -36.55 26.82
C ASN G 477 -57.77 -35.95 26.04
N LEU G 478 -57.46 -35.08 25.07
CA LEU G 478 -58.49 -34.47 24.23
C LEU G 478 -59.05 -35.43 23.19
N TYR G 479 -58.26 -36.42 22.76
CA TYR G 479 -58.75 -37.40 21.80
C TYR G 479 -59.85 -38.29 22.38
N ALA G 480 -59.92 -38.43 23.71
CA ALA G 480 -60.94 -39.26 24.32
C ALA G 480 -62.35 -38.71 24.10
N ALA G 481 -62.49 -37.39 23.90
CA ALA G 481 -63.81 -36.81 23.66
C ALA G 481 -64.34 -37.19 22.28
N HIS G 482 -63.46 -37.44 21.31
CA HIS G 482 -63.83 -37.81 19.95
C HIS G 482 -63.72 -39.30 19.66
N ASN G 483 -63.05 -40.07 20.53
CA ASN G 483 -63.04 -41.53 20.44
C ASN G 483 -64.28 -42.19 21.05
N VAL G 484 -65.28 -41.40 21.46
CA VAL G 484 -66.51 -41.86 22.09
C VAL G 484 -67.67 -41.48 21.18
N THR G 485 -67.45 -41.64 19.86
CA THR G 485 -68.21 -41.03 18.78
C THR G 485 -69.72 -41.22 18.86
N GLU G 486 -70.44 -40.43 18.03
CA GLU G 486 -71.85 -40.03 18.18
C GLU G 486 -72.75 -41.21 18.52
N PRO G 487 -73.21 -41.39 19.79
CA PRO G 487 -74.12 -42.51 20.07
C PRO G 487 -75.52 -42.27 19.55
N GLY G 488 -76.47 -43.13 19.90
CA GLY G 488 -77.83 -43.02 19.43
C GLY G 488 -78.61 -41.82 19.92
N ALA G 489 -78.11 -41.08 20.90
CA ALA G 489 -78.80 -39.91 21.45
C ALA G 489 -78.47 -38.67 20.65
N VAL G 490 -79.50 -37.86 20.40
CA VAL G 490 -79.36 -36.63 19.63
C VAL G 490 -78.82 -35.53 20.53
N LYS G 491 -78.40 -34.42 19.91
CA LYS G 491 -77.87 -33.24 20.60
C LYS G 491 -76.62 -33.59 21.41
N THR G 492 -75.62 -34.08 20.69
CA THR G 492 -74.33 -34.40 21.30
C THR G 492 -73.48 -33.14 21.38
N ASP G 493 -72.83 -32.94 22.53
CA ASP G 493 -72.08 -31.72 22.84
C ASP G 493 -70.58 -31.98 22.99
N HIS G 494 -70.06 -33.02 22.34
CA HIS G 494 -68.63 -33.31 22.34
C HIS G 494 -67.86 -32.54 21.28
N LEU G 495 -68.52 -31.76 20.42
CA LEU G 495 -67.83 -31.01 19.38
C LEU G 495 -67.16 -29.75 19.92
N TYR G 496 -67.69 -29.16 21.00
CA TYR G 496 -67.14 -27.93 21.56
C TYR G 496 -65.92 -28.14 22.45
N LYS G 497 -65.42 -29.37 22.57
CA LYS G 497 -64.24 -29.63 23.38
C LYS G 497 -62.99 -29.12 22.66
N GLY G 498 -62.14 -28.40 23.38
CA GLY G 498 -60.93 -27.83 22.82
C GLY G 498 -59.88 -27.65 23.89
N VAL G 499 -58.71 -27.17 23.45
CA VAL G 499 -57.61 -26.94 24.37
C VAL G 499 -57.92 -25.74 25.26
N ASP G 500 -57.11 -25.57 26.31
CA ASP G 500 -57.24 -24.47 27.26
C ASP G 500 -55.86 -23.96 27.65
N ILE G 501 -55.80 -22.66 27.68
CA ILE G 501 -54.56 -22.05 27.95
C ILE G 501 -54.44 -21.98 29.41
N ASP G 502 -55.46 -21.53 30.10
CA ASP G 502 -55.29 -21.37 31.51
C ASP G 502 -56.32 -22.02 32.36
N GLY G 503 -55.89 -22.81 33.32
CA GLY G 503 -56.90 -23.33 34.21
C GLY G 503 -56.90 -24.74 34.66
N GLU G 504 -58.05 -25.38 34.53
CA GLU G 504 -58.20 -26.76 34.91
C GLU G 504 -57.22 -27.72 34.32
N SER G 505 -57.02 -28.82 35.02
CA SER G 505 -56.07 -29.81 34.58
C SER G 505 -56.74 -30.64 33.59
N ASP G 506 -55.99 -31.50 32.90
CA ASP G 506 -56.55 -32.34 31.84
C ASP G 506 -56.76 -31.44 30.63
N GLU G 507 -57.39 -30.28 30.80
CA GLU G 507 -57.54 -29.25 29.73
C GLU G 507 -58.76 -29.19 28.79
N GLY G 508 -59.52 -30.27 28.62
CA GLY G 508 -60.63 -30.25 27.68
C GLY G 508 -61.35 -29.00 28.12
N VAL G 509 -61.40 -27.98 27.27
CA VAL G 509 -61.95 -26.74 27.80
C VAL G 509 -63.36 -26.87 28.06
N LYS G 510 -63.83 -26.08 29.00
CA LYS G 510 -65.23 -26.11 29.37
C LYS G 510 -66.00 -25.57 28.24
N ASP G 511 -65.87 -26.13 27.05
CA ASP G 511 -66.57 -25.82 25.88
C ASP G 511 -65.92 -24.62 25.46
N ILE G 512 -66.11 -24.28 24.22
CA ILE G 512 -65.63 -23.05 23.82
C ILE G 512 -66.89 -22.25 23.98
N ARG G 513 -67.96 -22.83 24.53
CA ARG G 513 -69.24 -22.16 24.55
C ARG G 513 -69.33 -20.95 25.45
N GLU G 514 -69.93 -21.05 26.63
CA GLU G 514 -69.92 -20.00 27.64
C GLU G 514 -68.72 -19.06 27.46
N GLU G 515 -67.60 -19.59 26.97
CA GLU G 515 -66.41 -18.77 26.73
C GLU G 515 -66.60 -17.76 25.61
N ASN G 516 -67.51 -18.03 24.66
CA ASN G 516 -67.83 -17.11 23.57
C ASN G 516 -66.62 -16.84 22.68
N ILE G 517 -65.95 -17.90 22.23
CA ILE G 517 -64.86 -17.83 21.26
C ILE G 517 -65.19 -18.75 20.09
N TYR G 518 -65.11 -18.20 18.88
CA TYR G 518 -65.46 -18.92 17.67
C TYR G 518 -64.51 -18.48 16.55
N ASP G 519 -64.63 -19.13 15.40
CA ASP G 519 -63.84 -18.83 14.21
C ASP G 519 -64.79 -18.62 13.03
N MET G 520 -64.29 -17.92 12.01
CA MET G 520 -65.07 -17.58 10.83
C MET G 520 -64.87 -18.65 9.75
N LEU G 521 -65.94 -18.92 9.01
CA LEU G 521 -65.85 -19.91 7.93
C LEU G 521 -65.03 -19.37 6.76
N ALA G 522 -65.22 -18.10 6.42
CA ALA G 522 -64.53 -17.50 5.29
C ALA G 522 -63.02 -17.46 5.47
N THR G 523 -62.55 -17.37 6.72
CA THR G 523 -61.11 -17.41 6.97
C THR G 523 -60.56 -18.81 6.75
N LYS G 524 -61.28 -19.83 7.21
CA LYS G 524 -60.79 -21.21 7.10
C LYS G 524 -60.82 -21.70 5.66
N LYS G 525 -61.74 -21.19 4.84
CA LYS G 525 -61.83 -21.65 3.46
C LYS G 525 -60.60 -21.24 2.65
N PHE G 526 -60.30 -19.94 2.62
CA PHE G 526 -59.16 -19.46 1.84
C PHE G 526 -57.83 -19.80 2.49
N ALA G 527 -57.80 -19.97 3.81
CA ALA G 527 -56.55 -20.31 4.48
C ALA G 527 -56.09 -21.72 4.11
N ILE G 528 -57.01 -22.68 4.14
CA ILE G 528 -56.66 -24.04 3.71
C ILE G 528 -56.41 -24.09 2.22
N ASN G 529 -57.09 -23.23 1.44
CA ASN G 529 -56.87 -23.19 0.01
C ASN G 529 -55.49 -22.65 -0.32
N VAL G 530 -55.13 -21.49 0.26
CA VAL G 530 -53.83 -20.88 -0.02
C VAL G 530 -52.69 -21.62 0.66
N ALA G 531 -52.94 -22.29 1.79
CA ALA G 531 -51.90 -23.08 2.42
C ALA G 531 -51.57 -24.31 1.60
N THR G 532 -52.60 -24.95 1.02
CA THR G 532 -52.36 -26.09 0.15
C THR G 532 -51.65 -25.66 -1.14
N GLU G 533 -51.97 -24.47 -1.65
CA GLU G 533 -51.25 -23.95 -2.81
C GLU G 533 -49.80 -23.65 -2.47
N ALA G 534 -49.52 -23.24 -1.23
CA ALA G 534 -48.13 -23.03 -0.82
C ALA G 534 -47.35 -24.34 -0.79
N ALA G 535 -47.98 -25.41 -0.31
CA ALA G 535 -47.33 -26.72 -0.32
C ALA G 535 -47.32 -27.34 -1.72
N THR G 536 -48.32 -27.02 -2.54
CA THR G 536 -48.38 -27.57 -3.89
C THR G 536 -47.24 -27.04 -4.76
N THR G 537 -47.04 -25.72 -4.77
CA THR G 537 -46.00 -25.12 -5.59
C THR G 537 -44.59 -25.49 -5.15
N VAL G 538 -44.39 -25.76 -3.86
CA VAL G 538 -43.07 -26.14 -3.35
C VAL G 538 -42.78 -27.62 -3.63
N LEU G 539 -43.80 -28.48 -3.51
CA LEU G 539 -43.63 -29.91 -3.74
C LEU G 539 -43.66 -30.28 -5.21
N SER G 540 -44.41 -29.53 -6.03
CA SER G 540 -44.51 -29.82 -7.46
C SER G 540 -43.22 -29.54 -8.22
N ILE G 541 -42.41 -28.57 -7.76
CA ILE G 541 -41.15 -28.24 -8.41
C ILE G 541 -40.07 -29.18 -7.89
N ASP G 542 -39.31 -29.74 -8.82
CA ASP G 542 -38.22 -30.67 -8.54
C ASP G 542 -36.84 -30.11 -8.86
N GLN G 543 -36.74 -28.93 -9.48
CA GLN G 543 -35.46 -28.30 -9.78
C GLN G 543 -35.59 -26.79 -9.55
N ILE G 544 -34.57 -26.21 -8.92
CA ILE G 544 -34.52 -24.79 -8.58
C ILE G 544 -33.22 -24.23 -9.13
N ILE G 545 -33.29 -23.03 -9.71
CA ILE G 545 -32.15 -22.33 -10.30
C ILE G 545 -32.10 -20.94 -9.69
N MET G 546 -30.91 -20.54 -9.24
CA MET G 546 -30.65 -19.22 -8.65
C MET G 546 -29.50 -18.54 -9.38
N ALA G 547 -29.23 -17.30 -8.97
CA ALA G 547 -28.20 -16.47 -9.57
C ALA G 547 -27.55 -15.59 -8.51
N LYS G 548 -26.23 -15.43 -8.64
CA LYS G 548 -25.43 -14.50 -7.84
C LYS G 548 -25.23 -14.93 -6.38
N LYS G 549 -25.78 -16.07 -5.97
CA LYS G 549 -25.65 -16.54 -4.59
C LYS G 549 -26.20 -17.95 -4.47
N MET H 1 -47.85 22.65 -13.95
CA MET H 1 -48.88 22.04 -13.13
C MET H 1 -48.34 21.30 -11.91
N ARG H 2 -49.21 20.62 -11.19
CA ARG H 2 -48.80 19.95 -9.95
C ARG H 2 -47.76 18.83 -10.07
N GLU H 3 -47.84 17.98 -11.08
CA GLU H 3 -46.91 16.84 -11.10
C GLU H 3 -46.09 16.57 -12.36
N ILE H 4 -44.94 15.90 -12.19
CA ILE H 4 -44.10 15.54 -13.34
C ILE H 4 -43.55 14.11 -13.16
N ILE H 5 -43.65 13.28 -14.21
CA ILE H 5 -43.20 11.92 -14.12
C ILE H 5 -41.71 11.99 -14.35
N HIS H 6 -40.94 10.98 -13.97
CA HIS H 6 -39.48 10.93 -14.10
C HIS H 6 -39.07 9.56 -14.61
N ILE H 7 -38.84 9.47 -15.92
CA ILE H 7 -38.35 8.24 -16.51
C ILE H 7 -36.83 8.21 -16.41
N SER H 8 -36.30 7.03 -16.10
CA SER H 8 -34.86 6.81 -16.06
C SER H 8 -34.56 5.57 -16.88
N THR H 9 -33.68 5.70 -17.87
CA THR H 9 -33.40 4.60 -18.76
C THR H 9 -31.89 4.40 -18.92
N GLY H 10 -31.48 3.15 -18.87
CA GLY H 10 -30.09 2.79 -19.09
C GLY H 10 -29.31 2.67 -17.80
N GLN H 11 -28.14 2.04 -17.90
CA GLN H 11 -27.29 1.85 -16.73
C GLN H 11 -26.89 3.18 -16.14
N CYS H 12 -26.43 4.11 -16.96
CA CYS H 12 -26.21 5.48 -16.49
C CYS H 12 -27.49 6.12 -16.01
N GLY H 13 -28.59 5.93 -16.73
CA GLY H 13 -29.84 6.51 -16.31
C GLY H 13 -30.26 6.02 -14.95
N ASN H 14 -30.22 4.70 -14.73
CA ASN H 14 -30.64 4.16 -13.45
C ASN H 14 -29.75 4.64 -12.32
N GLN H 15 -28.44 4.68 -12.54
CA GLN H 15 -27.53 5.15 -11.50
C GLN H 15 -27.82 6.60 -11.13
N ILE H 16 -27.94 7.46 -12.15
CA ILE H 16 -28.17 8.86 -11.85
C ILE H 16 -29.55 9.03 -11.21
N GLY H 17 -30.54 8.25 -11.62
CA GLY H 17 -31.85 8.36 -11.02
C GLY H 17 -31.87 7.88 -9.59
N ALA H 18 -31.15 6.82 -9.28
CA ALA H 18 -31.07 6.36 -7.91
C ALA H 18 -30.40 7.42 -7.04
N ALA H 19 -29.32 8.03 -7.53
CA ALA H 19 -28.71 9.12 -6.80
C ALA H 19 -29.66 10.30 -6.64
N PHE H 20 -30.40 10.62 -7.70
CA PHE H 20 -31.32 11.75 -7.67
C PHE H 20 -32.42 11.53 -6.64
N TRP H 21 -32.97 10.32 -6.60
CA TRP H 21 -33.99 10.04 -5.59
C TRP H 21 -33.38 10.01 -4.21
N GLU H 22 -32.17 9.47 -4.06
CA GLU H 22 -31.53 9.51 -2.75
C GLU H 22 -31.41 10.94 -2.27
N THR H 23 -31.09 11.87 -3.15
CA THR H 23 -31.06 13.28 -2.78
C THR H 23 -32.44 13.84 -2.48
N ILE H 24 -33.39 13.61 -3.38
CA ILE H 24 -34.71 14.23 -3.25
C ILE H 24 -35.40 13.77 -1.99
N CYS H 25 -35.47 12.45 -1.79
CA CYS H 25 -36.15 11.92 -0.63
C CYS H 25 -35.66 12.55 0.65
N GLY H 26 -34.34 12.67 0.82
CA GLY H 26 -33.83 13.30 2.02
C GLY H 26 -34.04 14.80 2.02
N GLU H 27 -34.19 15.40 0.85
CA GLU H 27 -34.32 16.85 0.78
C GLU H 27 -35.57 17.32 1.51
N HIS H 28 -36.74 16.94 1.00
CA HIS H 28 -37.99 17.33 1.63
C HIS H 28 -38.55 16.28 2.57
N GLY H 29 -37.85 15.18 2.79
CA GLY H 29 -38.02 14.41 4.00
C GLY H 29 -38.89 13.17 3.87
N LEU H 30 -38.25 12.03 3.70
CA LEU H 30 -38.93 10.74 3.73
C LEU H 30 -37.88 9.68 3.96
N ASP H 31 -38.04 8.88 5.00
CA ASP H 31 -37.22 7.69 5.11
C ASP H 31 -37.45 6.79 3.91
N PHE H 32 -36.46 5.98 3.55
CA PHE H 32 -36.57 5.12 2.35
C PHE H 32 -37.76 4.17 2.43
N ASN H 33 -38.43 4.13 3.57
CA ASN H 33 -39.66 3.36 3.67
C ASN H 33 -40.88 4.15 3.20
N GLY H 34 -40.73 5.43 2.87
CA GLY H 34 -41.84 6.23 2.42
C GLY H 34 -42.48 7.10 3.47
N THR H 35 -42.27 6.80 4.75
CA THR H 35 -42.86 7.55 5.84
C THR H 35 -42.29 8.96 5.85
N TYR H 36 -43.07 9.96 6.28
CA TYR H 36 -42.62 11.36 6.23
C TYR H 36 -42.29 11.77 7.62
N HIS H 37 -41.00 11.97 7.89
CA HIS H 37 -40.57 12.48 9.19
C HIS H 37 -39.95 13.83 8.92
N GLY H 38 -40.74 14.81 8.48
CA GLY H 38 -40.18 16.10 8.12
C GLY H 38 -40.80 17.32 8.77
N HIS H 39 -40.13 18.45 8.82
CA HIS H 39 -40.73 19.59 9.55
C HIS H 39 -40.75 20.99 8.84
N ASP H 40 -41.88 21.46 8.26
CA ASP H 40 -43.15 20.75 8.16
C ASP H 40 -43.87 21.05 6.86
N ASP H 41 -44.75 22.05 6.86
CA ASP H 41 -45.52 22.33 5.69
C ASP H 41 -44.70 22.57 4.50
N ILE H 42 -43.59 23.24 4.64
CA ILE H 42 -42.83 23.61 3.45
C ILE H 42 -42.40 22.38 2.67
N GLN H 43 -42.00 21.32 3.36
CA GLN H 43 -41.48 20.11 2.74
C GLN H 43 -42.59 19.18 2.27
N LYS H 44 -43.83 19.43 2.70
CA LYS H 44 -44.93 18.51 2.46
C LYS H 44 -45.89 19.08 1.42
N GLU H 45 -45.94 20.40 1.31
CA GLU H 45 -46.98 21.05 0.53
C GLU H 45 -46.68 21.08 -0.95
N ARG H 46 -45.55 20.56 -1.39
CA ARG H 46 -45.27 20.38 -2.81
C ARG H 46 -44.67 19.01 -3.04
N LEU H 47 -44.89 18.10 -2.09
CA LEU H 47 -44.47 16.73 -2.23
C LEU H 47 -45.25 15.99 -3.30
N ASN H 48 -46.39 16.52 -3.72
CA ASN H 48 -47.23 15.86 -4.72
C ASN H 48 -46.71 16.05 -6.12
N VAL H 49 -45.65 16.83 -6.30
CA VAL H 49 -45.03 16.92 -7.62
C VAL H 49 -44.43 15.58 -8.02
N TYR H 50 -43.75 14.90 -7.13
CA TYR H 50 -43.14 13.65 -7.48
C TYR H 50 -43.51 12.44 -6.62
N PHE H 51 -44.44 12.54 -5.70
CA PHE H 51 -44.81 11.37 -4.92
C PHE H 51 -46.29 11.15 -4.93
N ASN H 52 -46.69 9.89 -4.89
CA ASN H 52 -48.10 9.58 -4.90
C ASN H 52 -48.48 9.28 -3.46
N GLU H 53 -49.37 10.07 -2.90
CA GLU H 53 -49.83 9.79 -1.55
C GLU H 53 -50.66 8.55 -1.67
N ALA H 54 -50.33 7.53 -0.91
CA ALA H 54 -51.19 6.38 -0.96
C ALA H 54 -51.90 6.45 0.33
N SER H 55 -52.94 5.66 0.49
CA SER H 55 -53.62 5.61 1.75
C SER H 55 -52.57 5.10 2.69
N SER H 56 -52.51 5.66 3.88
CA SER H 56 -51.51 5.30 4.87
C SER H 56 -50.21 6.06 4.69
N GLY H 57 -50.15 7.00 3.76
CA GLY H 57 -48.99 7.84 3.61
C GLY H 57 -47.71 7.15 3.31
N LYS H 58 -47.79 6.07 2.58
CA LYS H 58 -46.60 5.41 2.17
C LYS H 58 -46.41 6.12 0.87
N TRP H 59 -45.83 7.31 0.90
CA TRP H 59 -45.50 7.96 -0.37
C TRP H 59 -44.63 7.04 -1.20
N VAL H 60 -44.83 7.07 -2.51
CA VAL H 60 -44.01 6.29 -3.43
C VAL H 60 -43.69 7.17 -4.64
N PRO H 61 -42.43 7.29 -5.03
CA PRO H 61 -42.09 8.16 -6.15
C PRO H 61 -42.70 7.67 -7.45
N ARG H 62 -42.98 8.61 -8.34
CA ARG H 62 -43.51 8.31 -9.66
C ARG H 62 -42.31 8.28 -10.61
N SER H 63 -41.69 7.11 -10.73
CA SER H 63 -40.53 6.93 -11.60
C SER H 63 -40.68 5.62 -12.36
N ILE H 64 -40.24 5.64 -13.62
CA ILE H 64 -40.23 4.44 -14.44
C ILE H 64 -38.78 4.14 -14.84
N ASN H 65 -38.13 3.22 -14.11
CA ASN H 65 -36.77 2.84 -14.42
C ASN H 65 -36.78 1.64 -15.37
N VAL H 66 -36.04 1.75 -16.47
CA VAL H 66 -36.05 0.75 -17.52
C VAL H 66 -34.61 0.49 -17.98
N ASP H 67 -34.35 -0.76 -18.38
CA ASP H 67 -33.05 -1.14 -18.91
C ASP H 67 -33.18 -2.51 -19.55
N LEU H 68 -32.37 -2.74 -20.58
CA LEU H 68 -32.34 -4.04 -21.26
C LEU H 68 -31.32 -4.99 -20.65
N GLU H 69 -30.68 -4.61 -19.54
CA GLU H 69 -29.73 -5.46 -18.85
C GLU H 69 -30.30 -5.75 -17.46
N PRO H 70 -30.95 -6.88 -17.30
CA PRO H 70 -31.52 -7.07 -15.97
C PRO H 70 -30.65 -6.64 -14.85
N GLY H 71 -29.37 -6.84 -14.99
CA GLY H 71 -28.49 -6.56 -13.87
C GLY H 71 -28.50 -5.19 -13.25
N THR H 72 -28.53 -4.13 -14.02
CA THR H 72 -28.43 -2.82 -13.39
C THR H 72 -29.67 -2.54 -12.55
N ILE H 73 -30.82 -2.89 -13.11
CA ILE H 73 -32.06 -2.64 -12.42
C ILE H 73 -32.01 -3.47 -11.19
N ASP H 74 -31.54 -4.68 -11.31
CA ASP H 74 -31.57 -5.53 -10.17
C ASP H 74 -30.70 -5.01 -9.07
N ALA H 75 -29.55 -4.51 -9.40
CA ALA H 75 -28.65 -4.08 -8.37
C ALA H 75 -29.31 -2.99 -7.64
N VAL H 76 -29.86 -2.06 -8.40
CA VAL H 76 -30.43 -0.89 -7.70
C VAL H 76 -31.52 -1.36 -6.80
N ARG H 77 -32.34 -2.27 -7.27
CA ARG H 77 -33.46 -2.69 -6.48
C ARG H 77 -33.10 -3.41 -5.23
N ASN H 78 -32.14 -4.32 -5.31
CA ASN H 78 -31.77 -5.11 -4.12
C ASN H 78 -31.03 -4.26 -3.14
N SER H 79 -30.54 -3.13 -3.62
CA SER H 79 -29.90 -2.23 -2.69
C SER H 79 -30.79 -1.50 -1.76
N ALA H 80 -30.22 -0.52 -1.10
CA ALA H 80 -31.10 0.40 -0.42
C ALA H 80 -31.87 1.24 -1.44
N ILE H 81 -32.87 1.96 -0.96
CA ILE H 81 -33.80 2.65 -1.84
C ILE H 81 -34.46 1.59 -2.71
N GLY H 82 -35.02 0.57 -2.06
CA GLY H 82 -35.65 -0.52 -2.76
C GLY H 82 -37.05 -0.76 -2.27
N ASN H 83 -37.46 -0.03 -1.24
CA ASN H 83 -38.85 -0.08 -0.80
C ASN H 83 -39.67 1.02 -1.46
N LEU H 84 -39.06 2.15 -1.79
CA LEU H 84 -39.81 3.27 -2.33
C LEU H 84 -40.47 2.91 -3.64
N PHE H 85 -39.67 2.66 -4.67
CA PHE H 85 -40.21 2.41 -5.99
C PHE H 85 -41.14 1.21 -5.98
N ARG H 86 -42.30 1.37 -6.59
CA ARG H 86 -43.21 0.23 -6.59
C ARG H 86 -42.61 -0.91 -7.39
N PRO H 87 -42.79 -2.15 -6.95
CA PRO H 87 -42.18 -3.27 -7.68
C PRO H 87 -42.62 -3.34 -9.13
N ASP H 88 -43.86 -2.96 -9.42
CA ASP H 88 -44.36 -3.08 -10.78
C ASP H 88 -43.69 -2.09 -11.73
N ASN H 89 -43.15 -0.99 -11.22
CA ASN H 89 -42.61 0.04 -12.11
C ASN H 89 -41.45 -0.47 -12.96
N TYR H 90 -40.52 -1.22 -12.38
CA TYR H 90 -39.34 -1.63 -13.13
C TYR H 90 -39.74 -2.45 -14.35
N ILE H 91 -39.16 -2.10 -15.49
CA ILE H 91 -39.38 -2.82 -16.74
C ILE H 91 -38.00 -3.14 -17.28
N PHE H 92 -37.62 -4.43 -17.27
CA PHE H 92 -36.24 -4.88 -17.64
C PHE H 92 -36.12 -6.14 -18.43
N GLY H 93 -35.57 -6.08 -19.63
CA GLY H 93 -35.56 -7.27 -20.47
C GLY H 93 -34.32 -7.66 -21.22
N GLN H 94 -33.97 -8.94 -21.10
CA GLN H 94 -32.78 -9.44 -21.75
C GLN H 94 -32.76 -9.32 -23.29
N SER H 95 -31.62 -8.92 -23.87
CA SER H 95 -30.28 -9.43 -23.50
C SER H 95 -29.41 -8.28 -23.05
N SER H 96 -29.12 -7.36 -23.95
CA SER H 96 -28.31 -6.19 -23.68
C SER H 96 -28.38 -5.44 -25.00
N ALA H 97 -28.38 -4.12 -24.98
CA ALA H 97 -28.50 -3.44 -26.22
C ALA H 97 -27.26 -3.78 -26.91
N GLY H 98 -26.22 -4.10 -26.16
CA GLY H 98 -24.95 -4.36 -26.80
C GLY H 98 -24.17 -3.13 -27.18
N ASN H 99 -24.51 -1.97 -26.64
CA ASN H 99 -23.79 -0.73 -26.90
C ASN H 99 -23.92 -0.37 -28.39
N VAL H 100 -25.15 -0.45 -28.89
CA VAL H 100 -25.45 -0.09 -30.27
C VAL H 100 -26.81 0.57 -30.33
N TRP H 101 -26.77 1.75 -30.96
CA TRP H 101 -27.97 2.52 -31.08
C TRP H 101 -28.86 1.69 -31.90
N ALA H 102 -28.57 1.55 -33.18
CA ALA H 102 -29.35 0.70 -34.05
C ALA H 102 -29.92 -0.54 -33.38
N LYS H 103 -29.08 -1.53 -33.06
CA LYS H 103 -29.66 -2.78 -32.56
C LYS H 103 -30.44 -2.68 -31.35
N GLY H 104 -29.87 -2.08 -30.32
CA GLY H 104 -30.56 -2.13 -29.08
C GLY H 104 -31.84 -1.43 -29.32
N HIS H 105 -31.77 -0.27 -29.96
CA HIS H 105 -32.97 0.51 -30.05
C HIS H 105 -34.04 -0.23 -30.75
N TYR H 106 -33.79 -0.68 -31.95
CA TYR H 106 -34.93 -1.24 -32.67
C TYR H 106 -35.44 -2.48 -32.00
N THR H 107 -34.52 -3.36 -31.63
CA THR H 107 -35.00 -4.63 -31.13
C THR H 107 -35.83 -4.47 -29.90
N GLU H 108 -35.37 -3.65 -28.98
CA GLU H 108 -36.16 -3.68 -27.76
C GLU H 108 -37.21 -2.64 -27.66
N GLY H 109 -37.19 -1.74 -28.60
CA GLY H 109 -38.28 -0.82 -28.62
C GLY H 109 -39.40 -1.70 -29.06
N ALA H 110 -39.05 -2.60 -29.97
CA ALA H 110 -40.07 -3.50 -30.42
C ALA H 110 -40.67 -4.19 -29.19
N GLU H 111 -39.93 -4.34 -28.09
CA GLU H 111 -40.60 -5.03 -26.97
C GLU H 111 -40.67 -4.21 -25.65
N LEU H 112 -39.54 -3.66 -25.31
CA LEU H 112 -39.59 -2.97 -24.04
C LEU H 112 -40.44 -1.74 -24.07
N VAL H 113 -40.48 -1.05 -25.19
CA VAL H 113 -41.29 0.14 -25.34
C VAL H 113 -42.75 -0.17 -25.24
N ASP H 114 -43.17 -1.27 -25.78
CA ASP H 114 -44.55 -1.57 -25.54
C ASP H 114 -44.77 -1.73 -24.06
N SER H 115 -43.92 -2.48 -23.40
CA SER H 115 -44.25 -2.57 -21.96
C SER H 115 -44.21 -1.24 -21.23
N VAL H 116 -43.31 -0.37 -21.61
CA VAL H 116 -43.21 0.95 -21.01
C VAL H 116 -44.37 1.89 -21.28
N MET H 117 -44.91 1.84 -22.48
CA MET H 117 -46.06 2.63 -22.76
C MET H 117 -47.10 2.08 -21.85
N ASP H 118 -47.15 0.77 -21.68
CA ASP H 118 -48.15 0.32 -20.74
C ASP H 118 -47.94 0.85 -19.34
N VAL H 119 -46.74 0.84 -18.80
CA VAL H 119 -46.63 1.39 -17.45
C VAL H 119 -46.80 2.87 -17.33
N ILE H 120 -46.42 3.63 -18.32
CA ILE H 120 -46.52 5.07 -18.30
C ILE H 120 -47.93 5.50 -18.30
N ARG H 121 -48.81 4.68 -18.87
CA ARG H 121 -50.24 5.01 -18.94
C ARG H 121 -50.97 4.93 -17.62
N ARG H 122 -51.27 3.73 -17.13
CA ARG H 122 -52.11 3.60 -15.93
C ARG H 122 -51.59 4.24 -14.64
N GLU H 123 -50.30 4.11 -14.37
CA GLU H 123 -49.76 4.66 -13.14
C GLU H 123 -49.97 6.16 -13.18
N ALA H 124 -49.67 6.77 -14.31
CA ALA H 124 -49.90 8.21 -14.46
C ALA H 124 -51.37 8.63 -14.45
N GLU H 125 -52.26 7.82 -15.05
CA GLU H 125 -53.70 8.11 -15.08
C GLU H 125 -53.99 8.53 -13.70
N GLY H 126 -53.22 7.97 -12.80
CA GLY H 126 -53.41 8.29 -11.37
C GLY H 126 -53.30 9.74 -10.86
N CYS H 127 -52.89 10.65 -11.71
CA CYS H 127 -52.69 12.02 -11.30
C CYS H 127 -53.71 12.87 -11.99
N ASP H 128 -53.81 14.11 -11.56
CA ASP H 128 -54.74 15.01 -12.20
C ASP H 128 -54.04 16.16 -12.90
N SER H 129 -52.71 16.15 -12.93
CA SER H 129 -51.98 17.28 -13.51
C SER H 129 -50.61 16.93 -14.10
N LEU H 130 -50.56 16.19 -15.21
CA LEU H 130 -49.32 15.87 -15.83
C LEU H 130 -48.82 17.17 -16.31
N GLN H 131 -47.54 17.38 -16.22
CA GLN H 131 -46.88 18.62 -16.62
C GLN H 131 -45.79 18.34 -17.65
N GLY H 132 -45.28 17.11 -17.63
CA GLY H 132 -44.22 16.73 -18.52
C GLY H 132 -43.47 15.55 -17.99
N PHE H 133 -42.38 15.18 -18.63
CA PHE H 133 -41.65 14.02 -18.21
C PHE H 133 -40.19 14.35 -18.12
N GLN H 134 -39.48 13.83 -17.12
CA GLN H 134 -38.06 14.05 -17.01
C GLN H 134 -37.33 12.79 -17.29
N ILE H 135 -36.57 12.74 -18.37
CA ILE H 135 -35.78 11.57 -18.71
C ILE H 135 -34.31 11.72 -18.48
N THR H 136 -33.67 10.73 -17.89
CA THR H 136 -32.26 10.72 -17.67
C THR H 136 -31.74 9.60 -18.50
N HIS H 137 -31.02 9.91 -19.57
CA HIS H 137 -30.44 8.91 -20.39
C HIS H 137 -28.97 9.18 -20.59
N SER H 138 -28.22 8.27 -21.21
CA SER H 138 -26.81 8.50 -21.53
C SER H 138 -26.80 8.60 -23.00
N LEU H 139 -26.24 9.65 -23.54
CA LEU H 139 -26.34 9.85 -24.96
C LEU H 139 -25.59 8.85 -25.72
N GLY H 140 -24.48 8.39 -25.20
CA GLY H 140 -23.63 7.50 -25.94
C GLY H 140 -23.76 5.99 -25.86
N GLY H 141 -24.52 5.47 -24.92
CA GLY H 141 -24.59 4.04 -24.75
C GLY H 141 -25.47 3.33 -25.75
N GLY H 142 -26.05 2.18 -25.37
CA GLY H 142 -26.89 1.43 -26.26
C GLY H 142 -28.31 1.61 -25.86
N THR H 143 -28.70 0.91 -24.79
CA THR H 143 -30.08 0.97 -24.32
C THR H 143 -30.45 2.31 -24.09
N GLY H 144 -29.73 3.04 -23.29
CA GLY H 144 -30.22 4.35 -23.03
C GLY H 144 -30.36 5.12 -24.30
N SER H 145 -29.38 5.22 -25.16
CA SER H 145 -29.61 6.07 -26.32
C SER H 145 -30.71 5.59 -27.20
N GLY H 146 -30.72 4.33 -27.54
CA GLY H 146 -31.73 3.90 -28.47
C GLY H 146 -33.12 3.98 -27.91
N MET H 147 -33.25 3.56 -26.69
CA MET H 147 -34.57 3.50 -26.16
C MET H 147 -35.05 4.85 -25.91
N GLY H 148 -34.15 5.73 -25.59
CA GLY H 148 -34.53 7.06 -25.26
C GLY H 148 -35.07 7.62 -26.49
N THR H 149 -34.39 7.42 -27.57
CA THR H 149 -34.95 8.01 -28.70
C THR H 149 -36.31 7.43 -28.94
N LEU H 150 -36.46 6.13 -28.86
CA LEU H 150 -37.78 5.61 -29.20
C LEU H 150 -38.86 6.10 -28.29
N LEU H 151 -38.60 6.14 -27.01
CA LEU H 151 -39.57 6.51 -26.03
C LEU H 151 -39.94 7.94 -26.12
N ILE H 152 -38.98 8.76 -26.43
CA ILE H 152 -39.27 10.13 -26.45
C ILE H 152 -40.27 10.22 -27.51
N SER H 153 -40.05 9.52 -28.58
CA SER H 153 -40.98 9.71 -29.65
C SER H 153 -42.33 9.16 -29.29
N LYS H 154 -42.35 7.99 -28.69
CA LYS H 154 -43.60 7.36 -28.42
C LYS H 154 -44.40 8.18 -27.47
N ILE H 155 -43.81 8.73 -26.44
CA ILE H 155 -44.49 9.53 -25.45
C ILE H 155 -45.01 10.78 -26.01
N ARG H 156 -44.22 11.42 -26.82
CA ARG H 156 -44.62 12.67 -27.37
C ARG H 156 -45.88 12.36 -28.11
N GLU H 157 -45.99 11.26 -28.80
CA GLU H 157 -47.24 10.94 -29.46
C GLU H 157 -48.44 10.76 -28.58
N GLU H 158 -48.28 10.14 -27.45
CA GLU H 158 -49.36 9.89 -26.53
C GLU H 158 -49.60 11.07 -25.59
N PHE H 159 -48.75 12.06 -25.61
CA PHE H 159 -48.86 13.25 -24.77
C PHE H 159 -48.32 14.45 -25.53
N PRO H 160 -49.20 14.98 -26.39
CA PRO H 160 -48.66 16.02 -27.24
C PRO H 160 -47.96 17.11 -26.56
N ASP H 161 -48.71 17.93 -25.86
CA ASP H 161 -48.14 19.09 -25.22
C ASP H 161 -47.13 18.90 -24.18
N ARG H 162 -47.37 17.95 -23.30
CA ARG H 162 -46.55 17.74 -22.18
C ARG H 162 -45.14 18.06 -22.44
N MET H 163 -44.58 18.95 -21.64
CA MET H 163 -43.18 19.28 -21.78
C MET H 163 -42.35 17.99 -21.71
N MET H 164 -41.07 18.13 -22.05
CA MET H 164 -40.17 16.96 -22.10
C MET H 164 -38.76 17.45 -21.78
N ALA H 165 -38.31 17.17 -20.56
CA ALA H 165 -37.00 17.57 -20.10
C ALA H 165 -36.09 16.35 -20.02
N THR H 166 -34.84 16.52 -20.44
CA THR H 166 -33.88 15.43 -20.42
C THR H 166 -32.64 15.87 -19.67
N PHE H 167 -31.87 14.88 -19.21
CA PHE H 167 -30.57 15.13 -18.60
C PHE H 167 -29.54 14.17 -19.16
N SER H 168 -29.48 14.07 -20.48
CA SER H 168 -28.57 13.15 -21.14
C SER H 168 -27.13 13.46 -20.75
N VAL H 169 -26.32 12.40 -20.61
CA VAL H 169 -24.92 12.49 -20.26
C VAL H 169 -24.12 12.30 -21.53
N LEU H 170 -23.45 13.34 -21.99
CA LEU H 170 -22.68 13.27 -23.22
C LEU H 170 -21.44 12.42 -23.01
N PRO H 171 -20.93 11.88 -24.11
CA PRO H 171 -19.82 10.97 -23.93
C PRO H 171 -18.50 11.64 -23.69
N SER H 172 -17.54 10.92 -23.10
CA SER H 172 -16.25 11.48 -22.76
C SER H 172 -15.30 11.02 -23.78
N PRO H 173 -14.68 11.94 -24.51
CA PRO H 173 -13.85 11.34 -25.56
C PRO H 173 -12.73 10.47 -25.02
N LYS H 174 -12.01 10.98 -24.04
CA LYS H 174 -10.88 10.24 -23.48
C LYS H 174 -11.26 9.04 -22.66
N THR H 175 -12.24 9.20 -21.79
CA THR H 175 -12.58 8.13 -20.85
C THR H 175 -13.67 7.23 -21.38
N SER H 176 -14.22 7.54 -22.56
CA SER H 176 -15.19 6.59 -23.16
C SER H 176 -14.42 5.68 -24.09
N ASP H 177 -14.04 4.53 -23.60
CA ASP H 177 -13.19 3.64 -24.38
C ASP H 177 -13.84 3.16 -25.65
N THR H 178 -15.11 2.83 -25.56
CA THR H 178 -15.75 2.22 -26.73
C THR H 178 -15.66 3.12 -27.90
N VAL H 179 -15.34 2.53 -29.01
CA VAL H 179 -15.12 3.29 -30.20
C VAL H 179 -16.34 3.75 -30.88
N VAL H 180 -17.48 3.12 -30.62
CA VAL H 180 -18.66 3.45 -31.40
C VAL H 180 -19.56 4.37 -30.59
N GLU H 181 -18.95 5.17 -29.72
CA GLU H 181 -19.70 6.10 -28.89
C GLU H 181 -20.18 7.28 -29.73
N PRO H 182 -19.29 7.96 -30.46
CA PRO H 182 -19.76 9.10 -31.27
C PRO H 182 -20.81 8.72 -32.27
N TYR H 183 -20.71 7.51 -32.80
CA TYR H 183 -21.55 7.09 -33.90
C TYR H 183 -22.96 6.77 -33.41
N ASN H 184 -23.13 6.78 -32.08
CA ASN H 184 -24.44 6.59 -31.46
C ASN H 184 -24.89 7.96 -31.02
N ALA H 185 -24.02 8.67 -30.31
CA ALA H 185 -24.34 10.00 -29.84
C ALA H 185 -24.87 10.87 -30.95
N THR H 186 -24.40 10.66 -32.18
CA THR H 186 -24.91 11.41 -33.31
C THR H 186 -26.35 11.02 -33.64
N LEU H 187 -26.63 9.73 -33.75
CA LEU H 187 -27.98 9.31 -34.06
C LEU H 187 -28.98 9.67 -32.97
N SER H 188 -28.52 9.83 -31.73
CA SER H 188 -29.45 10.19 -30.66
C SER H 188 -29.90 11.65 -30.79
N VAL H 189 -28.97 12.57 -31.04
CA VAL H 189 -29.34 13.97 -31.16
C VAL H 189 -30.25 14.21 -32.35
N HIS H 190 -30.03 13.48 -33.45
CA HIS H 190 -30.93 13.54 -34.59
C HIS H 190 -32.38 13.64 -34.16
N GLN H 191 -32.78 12.88 -33.14
CA GLN H 191 -34.16 12.83 -32.71
C GLN H 191 -34.41 13.56 -31.40
N LEU H 192 -33.37 13.82 -30.61
CA LEU H 192 -33.56 14.59 -29.38
C LEU H 192 -34.02 16.00 -29.70
N VAL H 193 -33.45 16.61 -30.74
CA VAL H 193 -33.78 17.98 -31.08
C VAL H 193 -35.19 18.10 -31.66
N GLU H 194 -35.61 17.18 -32.51
CA GLU H 194 -36.92 17.25 -33.14
C GLU H 194 -38.07 17.13 -32.15
N HIS H 195 -37.82 16.60 -30.96
CA HIS H 195 -38.89 16.29 -30.03
C HIS H 195 -38.77 17.03 -28.71
N SER H 196 -37.59 16.99 -28.10
CA SER H 196 -37.44 17.50 -26.76
C SER H 196 -37.81 18.98 -26.70
N ASP H 197 -37.93 19.48 -25.47
CA ASP H 197 -38.27 20.87 -25.22
C ASP H 197 -37.23 21.60 -24.39
N GLU H 198 -36.45 20.87 -23.61
CA GLU H 198 -35.34 21.44 -22.84
C GLU H 198 -34.46 20.29 -22.40
N THR H 199 -33.16 20.41 -22.65
CA THR H 199 -32.24 19.34 -22.33
C THR H 199 -30.98 19.92 -21.74
N PHE H 200 -30.31 19.14 -20.90
CA PHE H 200 -29.12 19.58 -20.19
C PHE H 200 -27.97 18.67 -20.54
N CYS H 201 -26.82 19.27 -20.84
CA CYS H 201 -25.66 18.53 -21.30
C CYS H 201 -24.69 18.33 -20.15
N ILE H 202 -24.36 17.07 -19.87
CA ILE H 202 -23.40 16.71 -18.84
C ILE H 202 -22.37 15.78 -19.49
N ASP H 203 -21.10 16.11 -19.36
CA ASP H 203 -20.04 15.35 -20.01
C ASP H 203 -19.21 14.65 -18.96
N ASN H 204 -19.06 13.33 -19.09
CA ASN H 204 -18.24 12.59 -18.15
C ASN H 204 -16.81 13.13 -18.13
N GLU H 205 -16.27 13.48 -19.30
CA GLU H 205 -14.93 14.03 -19.35
C GLU H 205 -14.84 15.29 -18.51
N ALA H 206 -15.84 16.16 -18.62
CA ALA H 206 -15.90 17.32 -17.74
C ALA H 206 -16.08 16.93 -16.28
N LEU H 207 -16.89 15.91 -16.01
CA LEU H 207 -17.09 15.48 -14.63
C LEU H 207 -15.78 15.00 -14.00
N TYR H 208 -14.95 14.29 -14.77
CA TYR H 208 -13.65 13.89 -14.26
C TYR H 208 -12.81 15.09 -13.83
N ASP H 209 -12.77 16.13 -14.67
CA ASP H 209 -11.92 17.27 -14.34
C ASP H 209 -12.35 17.89 -13.02
N ILE H 210 -13.66 18.09 -12.84
CA ILE H 210 -14.14 18.71 -11.61
C ILE H 210 -13.96 17.77 -10.43
N CYS H 211 -14.07 16.45 -10.65
CA CYS H 211 -13.88 15.52 -9.56
C CYS H 211 -12.45 15.54 -9.06
N GLN H 212 -11.49 15.61 -9.97
CA GLN H 212 -10.08 15.55 -9.60
C GLN H 212 -9.50 16.91 -9.22
N ARG H 213 -10.13 18.00 -9.63
CA ARG H 213 -9.56 19.32 -9.39
C ARG H 213 -10.03 19.93 -8.07
N THR H 214 -11.35 19.91 -7.91
CA THR H 214 -11.92 20.48 -6.71
C THR H 214 -12.04 19.46 -5.62
N LEU H 215 -12.73 18.37 -5.90
CA LEU H 215 -12.92 17.38 -4.88
C LEU H 215 -11.59 16.77 -4.57
N LYS H 216 -10.76 16.56 -5.59
CA LYS H 216 -9.42 15.98 -5.42
C LYS H 216 -9.42 14.51 -5.11
N LEU H 217 -10.50 13.83 -5.43
CA LEU H 217 -10.52 12.39 -5.23
C LEU H 217 -9.51 11.89 -6.17
N ASN H 218 -8.68 10.96 -5.74
CA ASN H 218 -7.60 10.52 -6.60
C ASN H 218 -8.10 9.84 -7.86
N GLN H 219 -9.07 8.94 -7.71
CA GLN H 219 -9.64 8.23 -8.86
C GLN H 219 -11.14 8.45 -8.85
N PRO H 220 -11.68 9.08 -9.88
CA PRO H 220 -13.11 9.24 -9.79
C PRO H 220 -13.81 7.95 -9.91
N SER H 221 -14.82 7.75 -9.11
CA SER H 221 -15.64 6.59 -9.23
C SER H 221 -16.93 7.09 -9.78
N TYR H 222 -17.66 6.23 -10.46
CA TYR H 222 -18.87 6.66 -11.09
C TYR H 222 -19.72 7.26 -9.99
N GLY H 223 -19.52 6.86 -8.76
CA GLY H 223 -20.27 7.43 -7.68
C GLY H 223 -20.14 8.90 -7.47
N ASP H 224 -18.94 9.40 -7.58
CA ASP H 224 -18.71 10.81 -7.37
C ASP H 224 -19.38 11.59 -8.43
N LEU H 225 -19.27 11.04 -9.62
CA LEU H 225 -19.81 11.74 -10.73
C LEU H 225 -21.30 11.83 -10.50
N ASN H 226 -21.85 10.74 -10.05
CA ASN H 226 -23.24 10.70 -9.86
C ASN H 226 -23.66 11.66 -8.83
N ASN H 227 -22.94 11.79 -7.74
CA ASN H 227 -23.31 12.79 -6.77
C ASN H 227 -23.29 14.19 -7.29
N LEU H 228 -22.30 14.57 -8.05
CA LEU H 228 -22.37 15.92 -8.62
C LEU H 228 -23.55 16.15 -9.59
N VAL H 229 -23.82 15.16 -10.40
CA VAL H 229 -24.95 15.31 -11.32
C VAL H 229 -26.19 15.47 -10.49
N SER H 230 -26.25 14.70 -9.41
CA SER H 230 -27.44 14.74 -8.56
C SER H 230 -27.65 16.13 -8.00
N SER H 231 -26.60 16.83 -7.60
CA SER H 231 -26.77 18.15 -6.98
C SER H 231 -27.39 19.18 -7.91
N VAL H 232 -26.93 19.21 -9.17
CA VAL H 232 -27.49 20.15 -10.13
C VAL H 232 -28.95 19.79 -10.38
N MET H 233 -29.22 18.49 -10.45
CA MET H 233 -30.58 18.07 -10.70
C MET H 233 -31.44 18.54 -9.57
N SER H 234 -30.95 18.41 -8.34
CA SER H 234 -31.72 18.79 -7.19
C SER H 234 -31.97 20.28 -7.26
N GLY H 235 -30.98 21.10 -7.59
CA GLY H 235 -31.29 22.51 -7.67
C GLY H 235 -32.36 22.82 -8.71
N VAL H 236 -32.25 22.22 -9.90
CA VAL H 236 -33.24 22.55 -10.92
C VAL H 236 -34.64 22.09 -10.47
N THR H 237 -34.72 20.93 -9.86
CA THR H 237 -36.02 20.46 -9.36
C THR H 237 -36.58 21.28 -8.20
N THR H 238 -35.74 21.84 -7.33
CA THR H 238 -36.22 22.74 -6.28
C THR H 238 -36.78 23.95 -6.95
N SER H 239 -36.12 24.39 -8.02
CA SER H 239 -36.70 25.49 -8.76
C SER H 239 -38.14 25.10 -8.93
N LEU H 240 -38.37 23.81 -9.04
CA LEU H 240 -39.78 23.29 -9.14
C LEU H 240 -40.58 22.92 -7.86
N ARG H 241 -40.06 22.11 -6.95
CA ARG H 241 -40.83 21.64 -5.77
C ARG H 241 -40.85 22.60 -4.60
N TYR H 242 -40.40 23.79 -4.70
CA TYR H 242 -40.57 24.62 -3.54
C TYR H 242 -41.46 25.73 -3.95
N PRO H 243 -42.40 26.08 -3.10
CA PRO H 243 -43.33 27.08 -3.60
C PRO H 243 -42.56 28.30 -3.99
N GLY H 244 -42.74 28.73 -5.22
CA GLY H 244 -41.95 29.84 -5.70
C GLY H 244 -42.56 30.36 -6.97
N GLN H 245 -42.17 31.55 -7.39
CA GLN H 245 -42.78 32.12 -8.57
C GLN H 245 -41.79 32.56 -9.60
N LEU H 246 -40.52 32.55 -9.24
CA LEU H 246 -39.52 33.08 -10.15
C LEU H 246 -39.37 32.35 -11.45
N ASN H 247 -39.49 31.04 -11.46
CA ASN H 247 -39.39 30.28 -12.67
C ASN H 247 -40.33 29.25 -12.37
N SER H 248 -41.28 29.65 -11.56
CA SER H 248 -42.20 28.60 -11.12
C SER H 248 -42.64 27.63 -12.18
N ASP H 249 -42.52 26.34 -11.89
CA ASP H 249 -42.94 25.28 -12.81
C ASP H 249 -42.24 25.08 -14.16
N LEU H 250 -41.78 23.87 -14.43
CA LEU H 250 -41.22 23.52 -15.79
C LEU H 250 -41.49 24.33 -17.01
N ARG H 251 -42.72 24.58 -17.34
CA ARG H 251 -42.92 25.19 -18.64
C ARG H 251 -42.32 26.54 -18.63
N LYS H 252 -42.31 27.13 -17.47
CA LYS H 252 -41.76 28.42 -17.36
C LYS H 252 -40.28 28.40 -17.59
N LEU H 253 -39.65 27.36 -17.14
CA LEU H 253 -38.24 27.26 -17.26
C LEU H 253 -37.96 27.29 -18.70
N ALA H 254 -38.70 26.49 -19.42
CA ALA H 254 -38.47 26.42 -20.82
C ALA H 254 -38.67 27.73 -21.48
N VAL H 255 -39.74 28.41 -21.16
CA VAL H 255 -39.97 29.61 -21.88
C VAL H 255 -38.87 30.56 -21.65
N ASN H 256 -38.47 30.68 -20.42
CA ASN H 256 -37.42 31.61 -20.07
C ASN H 256 -36.07 31.31 -20.71
N LEU H 257 -35.68 30.05 -20.82
CA LEU H 257 -34.33 29.74 -21.31
C LEU H 257 -34.14 29.36 -22.78
N VAL H 258 -35.19 29.22 -23.53
CA VAL H 258 -35.17 28.79 -24.93
C VAL H 258 -35.53 29.98 -25.82
N PRO H 259 -34.56 30.64 -26.45
CA PRO H 259 -34.91 31.76 -27.33
C PRO H 259 -35.69 31.32 -28.55
N PHE H 260 -35.20 30.29 -29.23
CA PHE H 260 -35.85 29.74 -30.40
C PHE H 260 -35.89 28.22 -30.31
N PRO H 261 -36.75 27.57 -31.07
CA PRO H 261 -37.08 26.17 -30.75
C PRO H 261 -35.90 25.23 -30.88
N ARG H 262 -35.13 25.32 -31.96
CA ARG H 262 -34.05 24.37 -32.18
C ARG H 262 -32.81 24.74 -31.39
N LEU H 263 -32.98 25.04 -30.11
CA LEU H 263 -31.83 25.21 -29.22
C LEU H 263 -32.24 24.81 -27.82
N HIS H 264 -32.07 23.54 -27.49
CA HIS H 264 -32.50 22.99 -26.22
C HIS H 264 -31.37 22.88 -25.21
N PHE H 265 -30.13 22.95 -25.67
CA PHE H 265 -29.01 22.46 -24.89
C PHE H 265 -28.54 23.52 -23.92
N PHE H 266 -28.34 23.12 -22.67
CA PHE H 266 -27.96 24.01 -21.61
C PHE H 266 -26.66 23.53 -20.98
N MET H 267 -25.92 24.48 -20.41
CA MET H 267 -24.67 24.20 -19.72
C MET H 267 -24.93 24.40 -18.23
N VAL H 268 -24.94 23.30 -17.47
CA VAL H 268 -25.16 23.42 -16.05
C VAL H 268 -23.93 24.06 -15.41
N GLY H 269 -24.12 24.75 -14.30
CA GLY H 269 -23.02 25.31 -13.56
C GLY H 269 -23.33 25.33 -12.08
N TYR H 270 -22.51 24.65 -11.28
CA TYR H 270 -22.86 24.51 -9.85
C TYR H 270 -21.75 24.75 -8.88
N ALA H 271 -22.05 25.50 -7.84
CA ALA H 271 -21.05 25.78 -6.85
C ALA H 271 -21.77 25.97 -5.51
N PRO H 272 -21.24 25.39 -4.39
CA PRO H 272 -19.87 25.48 -3.90
C PRO H 272 -19.13 24.14 -3.99
N LEU H 273 -18.68 23.74 -5.19
CA LEU H 273 -18.02 22.47 -5.33
C LEU H 273 -16.89 22.35 -4.30
N THR H 274 -16.87 21.25 -3.57
CA THR H 274 -15.85 21.06 -2.53
C THR H 274 -14.65 20.29 -3.07
N LEU H 284 -19.46 31.09 3.37
CA LEU H 284 -19.94 31.35 2.04
C LEU H 284 -20.71 32.66 2.02
N THR H 285 -20.60 33.46 0.96
CA THR H 285 -21.36 34.68 0.76
C THR H 285 -21.74 34.75 -0.71
N VAL H 286 -22.92 35.29 -0.98
CA VAL H 286 -23.38 35.41 -2.36
C VAL H 286 -22.28 35.98 -3.24
N PRO H 287 -21.60 37.07 -2.86
CA PRO H 287 -20.47 37.52 -3.67
C PRO H 287 -19.43 36.44 -3.87
N GLU H 288 -19.20 35.59 -2.87
CA GLU H 288 -18.24 34.52 -3.04
C GLU H 288 -18.71 33.52 -4.09
N LEU H 289 -19.99 33.16 -4.07
CA LEU H 289 -20.49 32.15 -5.00
C LEU H 289 -20.61 32.70 -6.42
N THR H 290 -20.68 34.03 -6.55
CA THR H 290 -20.74 34.61 -7.89
C THR H 290 -19.58 34.13 -8.75
N GLN H 291 -18.36 34.28 -8.27
CA GLN H 291 -17.20 33.86 -9.05
C GLN H 291 -17.24 32.38 -9.34
N GLN H 292 -17.64 31.56 -8.36
CA GLN H 292 -17.65 30.12 -8.56
C GLN H 292 -18.63 29.70 -9.64
N MET H 293 -19.80 30.33 -9.74
CA MET H 293 -20.74 29.95 -10.79
C MET H 293 -20.15 30.16 -12.17
N PHE H 294 -19.56 31.32 -12.41
CA PHE H 294 -19.14 31.71 -13.75
C PHE H 294 -17.68 31.38 -14.04
N ASP H 295 -16.97 30.75 -13.11
CA ASP H 295 -15.61 30.33 -13.40
C ASP H 295 -15.63 29.36 -14.57
N ALA H 296 -14.69 29.53 -15.49
CA ALA H 296 -14.65 28.66 -16.66
C ALA H 296 -14.39 27.21 -16.29
N LYS H 297 -13.89 26.95 -15.09
CA LYS H 297 -13.55 25.60 -14.69
C LYS H 297 -14.72 24.86 -14.06
N ASN H 298 -15.77 25.57 -13.65
CA ASN H 298 -16.90 24.93 -12.99
C ASN H 298 -17.93 24.39 -13.97
N MET H 299 -17.79 24.69 -15.25
CA MET H 299 -18.74 24.19 -16.23
C MET H 299 -18.62 22.67 -16.30
N MET H 300 -19.77 22.01 -16.48
CA MET H 300 -19.77 20.56 -16.61
C MET H 300 -19.85 20.25 -18.09
N ALA H 301 -19.39 21.18 -18.92
CA ALA H 301 -19.38 20.97 -20.35
C ALA H 301 -17.95 21.17 -20.80
N ALA H 302 -17.46 20.31 -21.69
CA ALA H 302 -16.06 20.39 -22.11
C ALA H 302 -15.72 21.71 -22.78
N ALA H 303 -16.63 22.23 -23.61
CA ALA H 303 -16.37 23.47 -24.33
C ALA H 303 -16.21 24.68 -23.41
N ASP H 304 -15.28 25.57 -23.74
CA ASP H 304 -15.07 26.78 -22.94
C ASP H 304 -16.14 27.82 -23.27
N PRO H 305 -16.81 28.36 -22.25
CA PRO H 305 -17.88 29.33 -22.48
C PRO H 305 -17.38 30.76 -22.74
N ARG H 306 -16.16 31.07 -22.32
CA ARG H 306 -15.62 32.41 -22.54
C ARG H 306 -15.38 32.64 -24.03
N ASN H 307 -14.81 31.65 -24.72
CA ASN H 307 -14.66 31.77 -26.16
C ASN H 307 -16.01 31.83 -26.86
N GLY H 308 -17.05 31.30 -26.24
CA GLY H 308 -18.37 31.29 -26.84
C GLY H 308 -19.16 32.53 -26.54
N ARG H 309 -20.46 32.38 -26.30
CA ARG H 309 -21.33 33.54 -26.12
C ARG H 309 -22.59 33.09 -25.37
N TYR H 310 -22.84 33.71 -24.22
CA TYR H 310 -24.03 33.43 -23.45
C TYR H 310 -25.25 34.07 -24.13
N LEU H 311 -26.39 33.39 -24.03
CA LEU H 311 -27.57 33.89 -24.74
C LEU H 311 -28.65 34.23 -23.72
N THR H 312 -29.00 33.29 -22.84
CA THR H 312 -29.91 33.54 -21.72
C THR H 312 -29.33 32.86 -20.48
N VAL H 313 -28.96 33.66 -19.49
CA VAL H 313 -28.42 33.16 -18.23
C VAL H 313 -29.57 32.96 -17.26
N ALA H 314 -29.42 32.01 -16.33
CA ALA H 314 -30.43 31.78 -15.31
C ALA H 314 -29.77 31.10 -14.12
N ALA H 315 -29.70 31.81 -13.01
CA ALA H 315 -29.00 31.35 -11.83
C ALA H 315 -30.01 31.02 -10.73
N PHE H 316 -29.84 29.85 -10.12
CA PHE H 316 -30.75 29.35 -9.10
C PHE H 316 -29.98 29.29 -7.78
N PHE H 317 -30.20 30.27 -6.92
CA PHE H 317 -29.58 30.27 -5.61
C PHE H 317 -30.41 29.47 -4.62
N ARG H 318 -29.81 29.20 -3.46
CA ARG H 318 -30.49 28.50 -2.38
C ARG H 318 -30.03 29.05 -1.05
N GLY H 319 -30.57 28.49 0.02
CA GLY H 319 -30.22 28.93 1.36
C GLY H 319 -30.66 30.36 1.62
N LYS H 320 -30.06 30.95 2.66
CA LYS H 320 -30.36 32.32 3.04
C LYS H 320 -29.79 33.31 2.03
N VAL H 321 -30.65 33.90 1.19
CA VAL H 321 -30.25 34.98 0.30
C VAL H 321 -31.46 35.86 0.04
N SER H 322 -31.24 37.17 0.03
CA SER H 322 -32.33 38.13 -0.13
C SER H 322 -32.57 38.38 -1.62
N VAL H 323 -33.32 39.44 -1.93
CA VAL H 323 -33.57 39.82 -3.32
C VAL H 323 -32.43 40.64 -3.88
N LYS H 324 -32.09 41.60 -2.98
CA LYS H 324 -31.02 42.52 -3.27
C LYS H 324 -29.65 41.96 -3.16
N GLU H 325 -29.42 40.90 -2.39
CA GLU H 325 -28.06 40.38 -2.41
C GLU H 325 -27.83 39.96 -3.84
N VAL H 326 -28.77 39.19 -4.38
CA VAL H 326 -28.59 38.72 -5.74
C VAL H 326 -28.64 39.83 -6.80
N GLU H 327 -29.55 40.78 -6.66
CA GLU H 327 -29.67 41.86 -7.65
C GLU H 327 -28.42 42.73 -7.73
N ASP H 328 -27.87 43.07 -6.57
CA ASP H 328 -26.64 43.88 -6.55
C ASP H 328 -25.52 43.09 -7.19
N GLU H 329 -25.48 41.80 -6.92
CA GLU H 329 -24.45 40.95 -7.50
C GLU H 329 -24.57 40.99 -9.01
N MET H 330 -25.79 40.88 -9.52
CA MET H 330 -26.00 40.87 -10.96
C MET H 330 -25.55 42.18 -11.55
N HIS H 331 -25.88 43.28 -10.87
CA HIS H 331 -25.50 44.59 -11.38
C HIS H 331 -23.98 44.69 -11.46
N LYS H 332 -23.29 44.21 -10.43
CA LYS H 332 -21.82 44.23 -10.45
C LYS H 332 -21.22 43.35 -11.53
N VAL H 333 -21.80 42.17 -11.75
CA VAL H 333 -21.23 41.24 -12.73
C VAL H 333 -21.48 41.69 -14.16
N GLN H 334 -22.70 42.14 -14.46
CA GLN H 334 -23.00 42.53 -15.80
C GLN H 334 -21.97 43.56 -16.18
N SER H 335 -21.63 44.44 -15.26
CA SER H 335 -20.70 45.52 -15.65
C SER H 335 -19.32 45.12 -16.24
N LYS H 336 -18.77 43.95 -15.98
CA LYS H 336 -17.39 43.55 -16.28
C LYS H 336 -17.33 42.49 -17.37
N ASN H 337 -18.34 41.62 -17.45
CA ASN H 337 -18.42 40.59 -18.49
C ASN H 337 -19.42 41.00 -19.57
N SER H 338 -19.50 42.29 -19.87
CA SER H 338 -20.42 42.75 -20.89
C SER H 338 -20.13 42.16 -22.26
N ASP H 339 -18.85 42.07 -22.64
CA ASP H 339 -18.50 41.54 -23.95
C ASP H 339 -18.93 40.09 -24.11
N TYR H 340 -19.17 39.38 -23.01
CA TYR H 340 -19.55 37.98 -23.06
C TYR H 340 -21.06 37.76 -23.02
N ASN H 347 -28.13 42.73 -22.31
CA ASN H 347 -28.32 42.55 -20.88
C ASN H 347 -29.00 41.22 -20.60
N ASN H 348 -28.26 40.27 -20.05
CA ASN H 348 -28.81 38.97 -19.77
C ASN H 348 -28.75 38.69 -18.30
N VAL H 349 -29.86 38.23 -17.71
CA VAL H 349 -29.91 37.89 -16.28
C VAL H 349 -31.24 37.23 -15.92
N GLN H 350 -31.20 36.25 -15.04
CA GLN H 350 -32.44 35.68 -14.53
C GLN H 350 -32.13 35.05 -13.19
N THR H 351 -32.73 35.57 -12.13
CA THR H 351 -32.47 35.13 -10.77
C THR H 351 -33.66 34.34 -10.23
N ALA H 352 -33.34 33.35 -9.41
CA ALA H 352 -34.37 32.56 -8.75
C ALA H 352 -33.90 32.15 -7.36
N VAL H 353 -34.22 32.96 -6.36
CA VAL H 353 -33.86 32.65 -4.99
C VAL H 353 -34.80 31.58 -4.45
N CYS H 354 -34.24 30.63 -3.70
CA CYS H 354 -35.00 29.64 -2.97
C CYS H 354 -34.84 29.90 -1.47
N SER H 355 -35.58 29.17 -0.64
CA SER H 355 -35.56 29.40 0.80
C SER H 355 -34.85 28.26 1.51
N VAL H 356 -35.11 27.01 1.11
CA VAL H 356 -34.46 25.85 1.71
C VAL H 356 -33.02 25.80 1.38
N ALA H 357 -32.25 24.93 2.02
CA ALA H 357 -30.80 24.87 1.82
C ALA H 357 -30.30 23.48 1.39
N PRO H 358 -29.12 23.40 0.76
CA PRO H 358 -28.60 22.10 0.32
C PRO H 358 -28.42 21.16 1.46
N GLN H 359 -28.67 19.88 1.25
CA GLN H 359 -28.42 18.96 2.32
C GLN H 359 -26.93 19.10 2.50
N GLY H 360 -26.47 19.29 3.73
CA GLY H 360 -25.06 19.43 4.00
C GLY H 360 -24.53 20.84 4.01
N LEU H 361 -24.87 21.68 3.02
CA LEU H 361 -24.31 23.01 2.90
C LEU H 361 -25.37 24.04 3.04
N ASP H 362 -25.02 25.17 3.54
CA ASP H 362 -25.97 26.24 3.70
C ASP H 362 -26.51 26.88 2.47
N MET H 363 -25.67 27.12 1.48
CA MET H 363 -26.11 27.88 0.31
C MET H 363 -25.36 27.50 -0.93
N ALA H 364 -26.08 27.19 -2.01
CA ALA H 364 -25.41 26.92 -3.27
C ALA H 364 -26.02 27.82 -4.33
N ALA H 365 -25.57 27.66 -5.56
CA ALA H 365 -26.10 28.46 -6.65
C ALA H 365 -25.85 27.72 -7.96
N THR H 366 -26.91 27.17 -8.51
CA THR H 366 -26.85 26.44 -9.77
C THR H 366 -26.94 27.43 -10.92
N PHE H 367 -26.25 27.11 -12.01
CA PHE H 367 -26.11 28.05 -13.12
C PHE H 367 -26.40 27.32 -14.42
N ILE H 368 -27.32 27.85 -15.21
CA ILE H 368 -27.72 27.23 -16.47
C ILE H 368 -27.83 28.33 -17.52
N ALA H 369 -26.88 28.39 -18.45
CA ALA H 369 -26.97 29.37 -19.52
C ALA H 369 -26.84 28.79 -20.91
N ASN H 370 -27.72 29.21 -21.80
CA ASN H 370 -27.60 28.80 -23.19
C ASN H 370 -26.36 29.48 -23.72
N SER H 371 -25.57 28.77 -24.51
CA SER H 371 -24.34 29.36 -24.99
C SER H 371 -23.94 28.84 -26.36
N THR H 372 -23.53 29.73 -27.25
CA THR H 372 -23.05 29.29 -28.55
C THR H 372 -21.92 28.28 -28.41
N SER H 373 -21.24 28.24 -27.27
CA SER H 373 -20.09 27.37 -27.08
C SER H 373 -20.42 25.90 -27.22
N ILE H 374 -21.69 25.51 -27.10
CA ILE H 374 -22.04 24.10 -27.32
C ILE H 374 -21.61 23.67 -28.71
N GLN H 375 -21.54 24.60 -29.66
CA GLN H 375 -21.22 24.20 -31.02
C GLN H 375 -19.84 23.58 -31.08
N GLU H 376 -18.97 23.88 -30.12
CA GLU H 376 -17.69 23.18 -30.06
C GLU H 376 -17.92 21.71 -29.73
N LEU H 377 -18.76 21.42 -28.76
CA LEU H 377 -19.01 20.04 -28.37
C LEU H 377 -19.74 19.28 -29.44
N PHE H 378 -20.23 19.97 -30.46
CA PHE H 378 -20.88 19.29 -31.58
C PHE H 378 -19.99 19.25 -32.81
N LYS H 379 -19.18 20.27 -33.04
CA LYS H 379 -18.17 20.18 -34.08
C LYS H 379 -17.24 19.02 -33.80
N ARG H 380 -16.85 18.86 -32.55
CA ARG H 380 -16.10 17.68 -32.16
C ARG H 380 -16.81 16.40 -32.59
N VAL H 381 -18.01 16.17 -32.04
CA VAL H 381 -18.70 14.91 -32.27
C VAL H 381 -18.92 14.67 -33.76
N GLY H 382 -19.26 15.72 -34.51
CA GLY H 382 -19.39 15.57 -35.94
C GLY H 382 -18.08 15.20 -36.60
N ASP H 383 -16.97 15.76 -36.13
CA ASP H 383 -15.67 15.39 -36.67
C ASP H 383 -15.40 13.92 -36.46
N GLN H 384 -15.57 13.42 -35.24
CA GLN H 384 -15.40 11.98 -35.06
C GLN H 384 -16.35 11.21 -35.96
N PHE H 385 -17.64 11.55 -35.96
CA PHE H 385 -18.62 10.77 -36.71
C PHE H 385 -18.24 10.69 -38.18
N SER H 386 -17.97 11.83 -38.82
CA SER H 386 -17.62 11.83 -40.22
C SER H 386 -16.22 11.27 -40.48
N ALA H 387 -15.19 11.97 -40.02
CA ALA H 387 -13.83 11.58 -40.40
C ALA H 387 -13.53 10.15 -40.02
N MET H 388 -13.86 9.76 -38.78
CA MET H 388 -13.48 8.42 -38.34
C MET H 388 -14.51 7.40 -38.81
N PHE H 389 -15.56 7.85 -39.52
CA PHE H 389 -16.38 6.93 -40.27
C PHE H 389 -16.66 7.41 -41.69
N LYS H 390 -15.70 8.10 -42.34
CA LYS H 390 -15.66 8.09 -43.79
C LYS H 390 -15.27 6.72 -44.31
N ARG H 391 -14.50 5.98 -43.51
CA ARG H 391 -14.05 4.65 -43.87
C ARG H 391 -15.10 3.59 -43.62
N LYS H 392 -16.33 4.01 -43.33
CA LYS H 392 -17.44 3.09 -43.18
C LYS H 392 -17.09 1.97 -42.20
N ALA H 393 -16.53 2.40 -41.07
CA ALA H 393 -16.08 1.50 -40.02
C ALA H 393 -17.25 1.13 -39.13
N PHE H 394 -17.23 -0.09 -38.59
CA PHE H 394 -18.20 -0.54 -37.59
C PHE H 394 -19.62 -0.21 -37.98
N LEU H 395 -19.90 -0.11 -39.28
CA LEU H 395 -21.24 0.19 -39.75
C LEU H 395 -22.08 -1.05 -39.98
N HIS H 396 -21.47 -2.17 -40.34
CA HIS H 396 -22.24 -3.38 -40.58
C HIS H 396 -23.06 -3.78 -39.37
N TRP H 397 -22.60 -3.43 -38.17
CA TRP H 397 -23.39 -3.73 -36.97
C TRP H 397 -24.75 -3.06 -37.03
N TYR H 398 -24.82 -1.92 -37.70
CA TYR H 398 -26.05 -1.14 -37.75
C TYR H 398 -26.90 -1.48 -38.97
N THR H 399 -26.25 -1.68 -40.11
CA THR H 399 -26.99 -2.06 -41.30
C THR H 399 -27.67 -3.40 -41.12
N SER H 400 -27.09 -4.29 -40.32
CA SER H 400 -27.68 -5.61 -40.13
C SER H 400 -29.01 -5.52 -39.40
N GLU H 401 -29.12 -4.64 -38.40
CA GLU H 401 -30.35 -4.54 -37.64
C GLU H 401 -31.53 -4.21 -38.53
N GLY H 402 -31.29 -3.48 -39.62
CA GLY H 402 -32.33 -3.20 -40.58
C GLY H 402 -32.29 -1.77 -41.10
N MET H 403 -31.75 -0.86 -40.30
CA MET H 403 -31.72 0.54 -40.70
C MET H 403 -30.60 0.76 -41.72
N ASP H 404 -30.86 1.66 -42.66
CA ASP H 404 -30.01 1.84 -43.83
C ASP H 404 -29.00 2.96 -43.61
N GLU H 405 -28.19 3.27 -44.61
CA GLU H 405 -27.12 4.27 -44.44
C GLU H 405 -27.62 5.63 -44.82
N LEU H 406 -28.77 5.68 -45.47
CA LEU H 406 -29.35 6.98 -45.83
C LEU H 406 -29.65 7.70 -44.53
N GLU H 407 -30.04 6.92 -43.53
CA GLU H 407 -30.35 7.50 -42.23
C GLU H 407 -29.13 8.17 -41.61
N PHE H 408 -27.96 7.57 -41.75
CA PHE H 408 -26.73 8.20 -41.27
C PHE H 408 -26.41 9.49 -41.99
N SER H 409 -26.64 9.50 -43.29
CA SER H 409 -26.42 10.72 -44.05
C SER H 409 -27.35 11.79 -43.54
N GLU H 410 -28.59 11.42 -43.23
CA GLU H 410 -29.51 12.39 -42.65
C GLU H 410 -29.01 12.86 -41.30
N ALA H 411 -28.34 11.99 -40.55
CA ALA H 411 -27.90 12.35 -39.21
C ALA H 411 -26.77 13.37 -39.26
N GLU H 412 -25.75 13.10 -40.08
CA GLU H 412 -24.68 14.07 -40.24
C GLU H 412 -25.20 15.38 -40.80
N SER H 413 -26.16 15.30 -41.72
CA SER H 413 -26.72 16.51 -42.29
C SER H 413 -27.35 17.39 -41.22
N ASN H 414 -28.04 16.78 -40.25
CA ASN H 414 -28.74 17.59 -39.27
C ASN H 414 -27.78 18.22 -38.26
N MET H 415 -26.65 17.57 -37.96
CA MET H 415 -25.61 18.31 -37.24
C MET H 415 -25.01 19.40 -38.10
N ASN H 416 -24.88 19.28 -39.38
CA ASN H 416 -24.33 20.43 -40.05
C ASN H 416 -25.25 21.55 -39.64
N ASP H 417 -26.52 21.19 -39.59
CA ASP H 417 -27.48 22.21 -39.28
C ASP H 417 -27.34 22.78 -37.91
N LEU H 418 -27.09 21.96 -36.92
CA LEU H 418 -27.03 22.50 -35.59
C LEU H 418 -25.89 23.47 -35.51
N VAL H 419 -24.78 23.10 -36.13
CA VAL H 419 -23.60 23.92 -35.98
C VAL H 419 -23.88 25.20 -36.64
N SER H 420 -24.58 25.11 -37.72
CA SER H 420 -24.80 26.28 -38.43
C SER H 420 -25.57 27.20 -37.59
N GLU H 421 -26.50 26.69 -36.83
CA GLU H 421 -27.36 27.59 -36.11
C GLU H 421 -26.63 28.41 -35.14
N TYR H 422 -25.76 27.74 -34.44
CA TYR H 422 -25.04 28.43 -33.46
C TYR H 422 -24.15 29.42 -34.10
N GLN H 423 -23.52 29.04 -35.20
CA GLN H 423 -22.74 30.02 -35.95
C GLN H 423 -23.61 31.17 -36.47
N GLN H 424 -24.84 30.86 -36.88
CA GLN H 424 -25.76 31.89 -37.39
C GLN H 424 -26.11 32.92 -36.33
N TYR H 425 -26.33 32.48 -35.10
CA TYR H 425 -26.53 33.43 -34.02
C TYR H 425 -25.12 33.85 -33.74
N GLN H 426 -24.55 34.68 -34.61
CA GLN H 426 -23.16 35.08 -34.53
C GLN H 426 -22.44 34.77 -33.24
N GLU H 427 -21.76 33.61 -33.17
CA GLU H 427 -20.97 33.42 -31.98
C GLU H 427 -20.24 34.71 -31.63
N SER I 2 -0.99 -18.50 -36.82
CA SER I 2 -1.28 -17.42 -37.77
C SER I 2 -1.91 -16.21 -37.10
N LEU I 3 -2.63 -16.42 -36.00
CA LEU I 3 -3.32 -15.35 -35.29
C LEU I 3 -2.51 -14.77 -34.13
N GLN I 4 -1.52 -15.49 -33.61
CA GLN I 4 -0.77 -15.01 -32.45
C GLN I 4 0.26 -13.94 -32.82
N LEU I 5 0.95 -14.09 -33.95
CA LEU I 5 1.85 -13.04 -34.40
C LEU I 5 1.10 -11.80 -34.90
N LEU I 6 -0.12 -11.96 -35.39
CA LEU I 6 -0.92 -10.82 -35.82
C LEU I 6 -1.48 -10.06 -34.63
N ASN I 7 -2.32 -10.73 -33.81
CA ASN I 7 -2.93 -10.15 -32.63
C ASN I 7 -2.09 -10.49 -31.40
N PRO I 8 -1.64 -9.54 -30.56
CA PRO I 8 -0.85 -9.95 -29.38
C PRO I 8 -1.63 -10.76 -28.35
N LYS I 9 -2.96 -10.66 -28.34
CA LYS I 9 -3.81 -11.42 -27.42
C LYS I 9 -5.04 -11.90 -28.18
N ALA I 10 -5.29 -13.21 -28.13
CA ALA I 10 -6.41 -13.80 -28.84
C ALA I 10 -6.56 -15.25 -28.39
N GLU I 11 -7.71 -15.84 -28.75
CA GLU I 11 -8.01 -17.24 -28.49
C GLU I 11 -8.47 -17.87 -29.79
N SER I 12 -8.01 -19.10 -30.06
CA SER I 12 -8.29 -19.79 -31.32
C SER I 12 -8.45 -21.27 -31.08
N LEU I 13 -9.58 -21.82 -31.54
CA LEU I 13 -9.86 -23.25 -31.57
C LEU I 13 -10.12 -23.63 -33.00
N ARG I 14 -9.62 -24.78 -33.45
CA ARG I 14 -9.70 -25.15 -34.85
C ARG I 14 -9.56 -26.65 -35.05
N ARG I 15 -10.50 -27.21 -35.82
CA ARG I 15 -10.45 -28.53 -36.45
C ARG I 15 -10.67 -29.73 -35.53
N ASP I 16 -10.62 -29.55 -34.21
CA ASP I 16 -11.16 -30.54 -33.28
C ASP I 16 -11.91 -29.93 -32.11
N ALA I 17 -11.49 -28.75 -31.64
CA ALA I 17 -12.14 -28.13 -30.49
C ALA I 17 -13.40 -27.37 -30.91
N ALA I 18 -13.41 -26.80 -32.11
CA ALA I 18 -14.61 -26.17 -32.62
C ALA I 18 -15.76 -27.16 -32.82
N LEU I 19 -15.44 -28.40 -33.18
CA LEU I 19 -16.45 -29.44 -33.27
C LEU I 19 -16.88 -29.92 -31.89
N LYS I 20 -15.92 -30.11 -30.98
CA LYS I 20 -16.26 -30.54 -29.63
C LYS I 20 -17.04 -29.46 -28.87
N VAL I 21 -16.75 -28.19 -29.13
CA VAL I 21 -17.46 -27.10 -28.46
C VAL I 21 -18.93 -27.08 -28.87
N ASN I 22 -19.19 -27.19 -30.18
CA ASN I 22 -20.57 -27.11 -30.65
C ASN I 22 -21.39 -28.32 -30.18
N VAL I 23 -20.74 -29.47 -30.02
CA VAL I 23 -21.44 -30.67 -29.55
C VAL I 23 -21.57 -30.65 -28.03
N THR I 24 -20.50 -30.26 -27.34
CA THR I 24 -20.53 -30.24 -25.88
C THR I 24 -21.49 -29.16 -25.37
N SER I 25 -21.48 -27.99 -25.99
CA SER I 25 -22.44 -26.95 -25.62
C SER I 25 -23.86 -27.36 -25.99
N ALA I 26 -24.02 -28.11 -27.07
CA ALA I 26 -25.35 -28.59 -27.45
C ALA I 26 -25.86 -29.64 -26.46
N GLU I 27 -25.00 -30.60 -26.08
CA GLU I 27 -25.41 -31.59 -25.10
C GLU I 27 -25.63 -30.96 -23.72
N GLY I 28 -24.86 -29.92 -23.40
CA GLY I 28 -25.06 -29.24 -22.14
C GLY I 28 -26.39 -28.50 -22.08
N LEU I 29 -26.71 -27.73 -23.12
CA LEU I 29 -27.98 -27.03 -23.16
C LEU I 29 -29.15 -27.98 -23.34
N GLN I 30 -28.93 -29.12 -23.99
CA GLN I 30 -29.98 -30.12 -24.11
C GLN I 30 -30.35 -30.71 -22.76
N SER I 31 -29.36 -30.96 -21.90
CA SER I 31 -29.64 -31.54 -20.59
C SER I 31 -30.45 -30.60 -19.70
N VAL I 32 -30.35 -29.29 -19.93
CA VAL I 32 -31.13 -28.33 -19.16
C VAL I 32 -32.61 -28.49 -19.49
N LEU I 33 -32.95 -28.46 -20.78
CA LEU I 33 -34.33 -28.52 -21.26
C LEU I 33 -34.82 -29.94 -21.55
N GLU I 34 -34.01 -30.97 -21.27
CA GLU I 34 -34.48 -32.34 -21.47
C GLU I 34 -35.57 -32.71 -20.47
N THR I 35 -35.37 -32.36 -19.21
CA THR I 35 -36.32 -32.71 -18.16
C THR I 35 -37.62 -31.92 -18.24
N ASN I 36 -37.61 -30.71 -18.81
CA ASN I 36 -38.82 -29.92 -18.92
C ASN I 36 -39.77 -30.42 -20.00
N LEU I 37 -39.27 -31.10 -21.02
CA LEU I 37 -40.10 -31.54 -22.13
C LEU I 37 -41.06 -32.64 -21.67
N GLY I 38 -42.34 -32.44 -21.94
CA GLY I 38 -43.38 -33.42 -21.67
C GLY I 38 -44.32 -32.98 -20.56
N PRO I 39 -45.38 -33.77 -20.32
CA PRO I 39 -46.37 -33.35 -19.33
C PRO I 39 -45.91 -33.55 -17.90
N LYS I 40 -45.16 -34.61 -17.61
CA LYS I 40 -44.65 -34.89 -16.27
C LYS I 40 -43.26 -34.30 -16.04
N GLY I 41 -42.91 -33.22 -16.76
CA GLY I 41 -41.63 -32.60 -16.58
C GLY I 41 -41.57 -31.74 -15.33
N THR I 42 -40.36 -31.36 -14.97
CA THR I 42 -40.12 -30.58 -13.76
C THR I 42 -40.25 -29.09 -14.05
N LEU I 43 -40.79 -28.37 -13.06
CA LEU I 43 -40.88 -26.92 -13.15
C LEU I 43 -39.49 -26.31 -12.96
N LYS I 44 -39.37 -25.03 -13.33
CA LYS I 44 -38.12 -24.30 -13.22
C LYS I 44 -38.41 -22.84 -12.89
N MET I 45 -37.93 -22.40 -11.73
CA MET I 45 -37.99 -21.00 -11.32
C MET I 45 -36.72 -20.27 -11.74
N LEU I 46 -36.81 -18.95 -11.82
CA LEU I 46 -35.69 -18.08 -12.16
C LEU I 46 -35.75 -16.87 -11.25
N VAL I 47 -34.75 -16.75 -10.37
CA VAL I 47 -34.62 -15.63 -9.44
C VAL I 47 -33.27 -14.95 -9.71
N ASP I 48 -33.46 -13.77 -10.25
CA ASP I 48 -32.33 -13.06 -10.66
C ASP I 48 -31.85 -12.29 -9.51
N GLY I 49 -31.53 -11.02 -9.72
CA GLY I 49 -30.97 -10.19 -8.66
C GLY I 49 -31.57 -10.21 -7.27
N ALA I 50 -32.61 -9.42 -7.04
CA ALA I 50 -33.21 -9.34 -5.71
C ALA I 50 -33.83 -10.63 -5.24
N GLY I 51 -34.51 -11.34 -6.14
CA GLY I 51 -35.20 -12.56 -5.75
C GLY I 51 -36.56 -12.51 -6.36
N ASN I 52 -36.70 -11.80 -7.47
CA ASN I 52 -37.92 -11.71 -8.16
C ASN I 52 -38.24 -13.09 -8.54
N ILE I 53 -39.48 -13.47 -8.34
CA ILE I 53 -39.67 -14.87 -8.68
C ILE I 53 -40.59 -14.94 -9.89
N LYS I 54 -40.27 -15.82 -10.82
CA LYS I 54 -41.08 -16.06 -12.01
C LYS I 54 -40.93 -17.53 -12.41
N LEU I 55 -42.07 -18.22 -12.53
CA LEU I 55 -42.12 -19.67 -12.69
C LEU I 55 -42.78 -20.01 -14.02
N THR I 56 -42.12 -20.85 -14.81
CA THR I 56 -42.66 -21.33 -16.08
C THR I 56 -41.79 -22.46 -16.59
N LYS I 57 -42.35 -23.26 -17.50
CA LYS I 57 -41.64 -24.34 -18.18
C LYS I 57 -41.22 -23.97 -19.60
N ASP I 58 -41.52 -22.75 -20.07
CA ASP I 58 -41.20 -22.38 -21.44
C ASP I 58 -39.69 -22.20 -21.59
N GLY I 59 -39.13 -22.84 -22.61
CA GLY I 59 -37.71 -22.72 -22.88
C GLY I 59 -37.28 -21.32 -23.28
N LYS I 60 -38.19 -20.53 -23.85
CA LYS I 60 -37.85 -19.16 -24.24
C LYS I 60 -37.59 -18.31 -23.00
N VAL I 61 -38.38 -18.48 -21.95
CA VAL I 61 -38.20 -17.70 -20.73
C VAL I 61 -36.89 -18.10 -20.05
N LEU I 62 -36.52 -19.38 -20.12
CA LEU I 62 -35.26 -19.82 -19.54
C LEU I 62 -34.08 -19.26 -20.32
N LEU I 63 -34.20 -19.20 -21.64
CA LEU I 63 -33.09 -18.75 -22.48
C LEU I 63 -32.96 -17.22 -22.47
N THR I 64 -34.09 -16.50 -22.52
CA THR I 64 -34.08 -15.05 -22.60
C THR I 64 -34.11 -14.37 -21.22
N GLU I 65 -33.70 -15.09 -20.16
CA GLU I 65 -33.52 -14.52 -18.83
C GLU I 65 -32.19 -14.90 -18.19
N MET I 66 -31.61 -16.04 -18.52
CA MET I 66 -30.31 -16.46 -18.03
C MET I 66 -29.24 -16.10 -19.06
N GLN I 67 -28.33 -15.21 -18.67
CA GLN I 67 -27.24 -14.81 -19.55
C GLN I 67 -26.33 -15.99 -19.83
N ILE I 68 -25.90 -16.10 -21.09
CA ILE I 68 -25.12 -17.23 -21.58
C ILE I 68 -23.89 -16.70 -22.32
N GLN I 69 -22.75 -17.32 -22.06
CA GLN I 69 -21.47 -16.90 -22.61
C GLN I 69 -21.02 -17.68 -23.84
N SER I 70 -21.53 -18.89 -24.04
CA SER I 70 -21.03 -19.73 -25.11
C SER I 70 -21.48 -19.18 -26.47
N PRO I 71 -20.67 -19.30 -27.54
CA PRO I 71 -21.12 -18.79 -28.84
C PRO I 71 -22.11 -19.69 -29.56
N THR I 72 -22.18 -20.97 -29.20
CA THR I 72 -23.13 -21.87 -29.85
C THR I 72 -24.53 -21.66 -29.30
N ALA I 73 -24.66 -21.56 -27.98
CA ALA I 73 -25.97 -21.51 -27.35
C ALA I 73 -26.74 -20.23 -27.68
N VAL I 74 -26.05 -19.13 -27.98
CA VAL I 74 -26.76 -17.89 -28.32
C VAL I 74 -27.48 -18.04 -29.65
N LEU I 75 -26.94 -18.87 -30.56
CA LEU I 75 -27.65 -19.19 -31.80
C LEU I 75 -28.82 -20.13 -31.55
N ILE I 76 -28.69 -21.04 -30.59
CA ILE I 76 -29.82 -21.87 -30.19
C ILE I 76 -30.86 -21.02 -29.46
N ALA I 77 -30.41 -20.00 -28.73
CA ALA I 77 -31.35 -19.09 -28.06
C ALA I 77 -32.14 -18.28 -29.07
N ARG I 78 -31.49 -17.72 -30.08
CA ARG I 78 -32.21 -16.98 -31.12
C ARG I 78 -33.09 -17.91 -31.94
N ALA I 79 -32.65 -19.15 -32.18
CA ALA I 79 -33.44 -20.09 -32.96
C ALA I 79 -34.65 -20.56 -32.17
N ALA I 80 -34.47 -20.90 -30.90
CA ALA I 80 -35.60 -21.29 -30.06
C ALA I 80 -36.54 -20.12 -29.81
N ALA I 81 -36.00 -18.90 -29.71
CA ALA I 81 -36.83 -17.73 -29.48
C ALA I 81 -37.59 -17.31 -30.74
N ALA I 82 -36.89 -17.26 -31.88
CA ALA I 82 -37.50 -16.81 -33.13
C ALA I 82 -38.60 -17.75 -33.61
N GLN I 83 -38.43 -19.06 -33.40
CA GLN I 83 -39.48 -20.00 -33.78
C GLN I 83 -40.71 -19.83 -32.91
N ASP I 84 -40.51 -19.53 -31.62
CA ASP I 84 -41.62 -19.39 -30.70
C ASP I 84 -42.28 -18.02 -30.80
N GLU I 85 -41.53 -16.99 -31.21
CA GLU I 85 -42.06 -15.62 -31.21
C GLU I 85 -43.16 -15.42 -32.25
N ILE I 86 -43.11 -16.16 -33.36
CA ILE I 86 -44.13 -16.08 -34.41
C ILE I 86 -45.13 -17.22 -34.34
N THR I 87 -44.72 -18.41 -33.90
CA THR I 87 -45.57 -19.60 -33.87
C THR I 87 -46.21 -19.82 -32.50
N GLY I 88 -45.47 -19.55 -31.43
CA GLY I 88 -45.97 -19.72 -30.07
C GLY I 88 -45.86 -21.11 -29.51
N ASP I 89 -45.25 -22.06 -30.22
CA ASP I 89 -45.13 -23.43 -29.76
C ASP I 89 -43.99 -24.09 -30.50
N GLY I 90 -43.35 -25.05 -29.85
CA GLY I 90 -42.22 -25.77 -30.40
C GLY I 90 -40.86 -25.24 -29.96
N THR I 91 -40.75 -24.67 -28.76
CA THR I 91 -39.50 -24.06 -28.35
C THR I 91 -38.44 -25.12 -28.01
N THR I 92 -38.75 -25.99 -27.06
CA THR I 92 -37.79 -27.03 -26.67
C THR I 92 -37.59 -28.07 -27.76
N THR I 93 -38.55 -28.23 -28.68
CA THR I 93 -38.38 -29.17 -29.78
C THR I 93 -37.24 -28.76 -30.69
N VAL I 94 -37.05 -27.47 -30.90
CA VAL I 94 -35.94 -26.99 -31.73
C VAL I 94 -34.62 -27.25 -31.02
N VAL I 95 -34.59 -27.09 -29.69
CA VAL I 95 -33.35 -27.31 -28.95
C VAL I 95 -33.00 -28.79 -28.92
N CYS I 96 -34.01 -29.66 -28.84
CA CYS I 96 -33.75 -31.10 -28.80
C CYS I 96 -33.28 -31.61 -30.16
N LEU I 97 -33.80 -31.05 -31.25
CA LEU I 97 -33.35 -31.48 -32.57
C LEU I 97 -31.91 -31.06 -32.84
N VAL I 98 -31.59 -29.78 -32.65
CA VAL I 98 -30.22 -29.33 -32.78
C VAL I 98 -29.35 -29.91 -31.68
N GLY I 99 -29.93 -30.15 -30.50
CA GLY I 99 -29.21 -30.80 -29.43
C GLY I 99 -28.87 -32.26 -29.68
N GLU I 100 -29.68 -32.94 -30.49
CA GLU I 100 -29.48 -34.35 -30.82
C GLU I 100 -28.85 -34.57 -32.18
N LEU I 101 -29.16 -33.72 -33.17
CA LEU I 101 -28.64 -33.94 -34.51
C LEU I 101 -27.15 -33.69 -34.60
N LEU I 102 -26.60 -32.84 -33.73
CA LEU I 102 -25.16 -32.60 -33.74
C LEU I 102 -24.40 -33.79 -33.17
N ARG I 103 -24.83 -34.29 -32.02
CA ARG I 103 -24.16 -35.45 -31.43
C ARG I 103 -24.35 -36.71 -32.26
N GLN I 104 -25.50 -36.84 -32.94
CA GLN I 104 -25.75 -38.01 -33.78
C GLN I 104 -24.94 -37.98 -35.07
N ALA I 105 -24.55 -36.80 -35.55
CA ALA I 105 -23.64 -36.67 -36.68
C ALA I 105 -22.17 -36.66 -36.27
N HIS I 106 -21.86 -36.25 -35.03
CA HIS I 106 -20.48 -36.12 -34.60
C HIS I 106 -19.78 -37.47 -34.52
N ARG I 107 -20.53 -38.55 -34.24
CA ARG I 107 -19.93 -39.88 -34.21
C ARG I 107 -19.39 -40.28 -35.58
N PHE I 108 -20.05 -39.84 -36.66
CA PHE I 108 -19.60 -40.12 -38.01
C PHE I 108 -18.52 -39.15 -38.48
N ILE I 109 -18.45 -37.94 -37.91
CA ILE I 109 -17.32 -37.07 -38.17
C ILE I 109 -16.05 -37.68 -37.61
N GLN I 110 -16.15 -38.35 -36.46
CA GLN I 110 -15.01 -39.07 -35.91
C GLN I 110 -14.61 -40.24 -36.79
N GLU I 111 -15.59 -40.88 -37.44
CA GLU I 111 -15.29 -41.94 -38.39
C GLU I 111 -14.57 -41.43 -39.63
N GLY I 112 -14.73 -40.15 -39.97
CA GLY I 112 -14.02 -39.52 -41.07
C GLY I 112 -14.88 -39.08 -42.23
N VAL I 113 -16.20 -38.98 -42.06
CA VAL I 113 -17.09 -38.52 -43.11
C VAL I 113 -17.07 -37.00 -43.13
N HIS I 114 -17.20 -36.42 -44.32
CA HIS I 114 -17.06 -34.97 -44.47
C HIS I 114 -18.30 -34.28 -43.91
N PRO I 115 -18.18 -33.06 -43.36
CA PRO I 115 -19.41 -32.35 -42.92
C PRO I 115 -20.29 -31.88 -44.06
N ARG I 116 -19.70 -31.63 -45.24
CA ARG I 116 -20.48 -31.10 -46.36
C ARG I 116 -21.49 -32.13 -46.86
N ILE I 117 -21.05 -33.36 -47.12
CA ILE I 117 -21.96 -34.38 -47.63
C ILE I 117 -22.94 -34.86 -46.55
N ILE I 118 -22.60 -34.71 -45.27
CA ILE I 118 -23.55 -35.05 -44.21
C ILE I 118 -24.71 -34.07 -44.21
N THR I 119 -24.41 -32.77 -44.25
CA THR I 119 -25.46 -31.76 -44.30
C THR I 119 -26.22 -31.79 -45.63
N ASP I 120 -25.60 -32.28 -46.70
CA ASP I 120 -26.34 -32.51 -47.93
C ASP I 120 -27.40 -33.58 -47.74
N GLY I 121 -27.13 -34.57 -46.89
CA GLY I 121 -28.12 -35.59 -46.60
C GLY I 121 -29.27 -35.08 -45.75
N PHE I 122 -29.00 -34.11 -44.87
CA PHE I 122 -30.07 -33.54 -44.07
C PHE I 122 -31.02 -32.71 -44.92
N GLU I 123 -30.47 -31.98 -45.90
CA GLU I 123 -31.31 -31.13 -46.75
C GLU I 123 -32.21 -31.96 -47.65
N ILE I 124 -31.65 -32.97 -48.34
CA ILE I 124 -32.48 -33.83 -49.18
C ILE I 124 -33.42 -34.69 -48.36
N ALA I 125 -33.05 -35.02 -47.11
CA ALA I 125 -33.97 -35.70 -46.21
C ALA I 125 -35.07 -34.77 -45.74
N ARG I 126 -34.77 -33.47 -45.60
CA ARG I 126 -35.79 -32.51 -45.18
C ARG I 126 -36.87 -32.36 -46.25
N LYS I 127 -36.47 -32.38 -47.53
CA LYS I 127 -37.46 -32.30 -48.61
C LYS I 127 -38.38 -33.51 -48.61
N GLU I 128 -37.89 -34.68 -48.19
CA GLU I 128 -38.75 -35.85 -48.07
C GLU I 128 -39.78 -35.67 -46.96
N SER I 129 -39.43 -34.95 -45.89
CA SER I 129 -40.37 -34.72 -44.81
C SER I 129 -41.47 -33.75 -45.22
N MET I 130 -41.12 -32.76 -46.04
CA MET I 130 -42.13 -31.84 -46.56
C MET I 130 -43.12 -32.56 -47.47
N LYS I 131 -42.63 -33.47 -48.31
CA LYS I 131 -43.53 -34.31 -49.10
C LYS I 131 -44.35 -35.24 -48.21
N PHE I 132 -43.79 -35.66 -47.08
CA PHE I 132 -44.50 -36.53 -46.15
C PHE I 132 -45.56 -35.78 -45.34
N LEU I 133 -45.41 -34.47 -45.15
CA LEU I 133 -46.41 -33.70 -44.43
C LEU I 133 -47.73 -33.64 -45.20
N ASP I 134 -47.65 -33.65 -46.54
CA ASP I 134 -48.87 -33.59 -47.34
C ASP I 134 -49.69 -34.87 -47.19
N GLU I 135 -49.02 -36.03 -47.18
CA GLU I 135 -49.71 -37.30 -47.00
C GLU I 135 -50.04 -37.60 -45.55
N PHE I 136 -49.26 -37.06 -44.60
CA PHE I 136 -49.46 -37.39 -43.20
C PHE I 136 -50.58 -36.57 -42.57
N LYS I 137 -50.78 -35.33 -43.02
CA LYS I 137 -51.83 -34.50 -42.48
C LYS I 137 -53.20 -35.00 -42.92
N ILE I 138 -54.23 -34.47 -42.27
CA ILE I 138 -55.63 -34.82 -42.53
C ILE I 138 -56.44 -33.54 -42.65
N SER I 139 -57.39 -33.54 -43.59
CA SER I 139 -58.22 -32.38 -43.86
C SER I 139 -59.33 -32.30 -42.83
N LYS I 140 -59.67 -31.07 -42.42
CA LYS I 140 -60.75 -30.80 -41.47
C LYS I 140 -61.51 -29.57 -41.93
N THR I 141 -62.83 -29.70 -42.04
CA THR I 141 -63.70 -28.63 -42.50
C THR I 141 -64.15 -27.79 -41.31
N ASN I 142 -63.97 -26.47 -41.41
CA ASN I 142 -64.33 -25.56 -40.33
C ASN I 142 -65.82 -25.23 -40.29
N LEU I 143 -66.58 -25.54 -41.35
CA LEU I 143 -68.01 -25.25 -41.36
C LEU I 143 -68.79 -26.04 -40.32
N SER I 144 -68.27 -27.19 -39.86
CA SER I 144 -68.96 -27.97 -38.85
C SER I 144 -69.03 -27.23 -37.51
N ASN I 145 -67.99 -26.46 -37.18
CA ASN I 145 -67.91 -25.71 -35.92
C ASN I 145 -67.97 -26.65 -34.72
N ASP I 146 -67.07 -27.62 -34.72
CA ASP I 146 -66.99 -28.60 -33.65
C ASP I 146 -66.27 -28.00 -32.45
N ARG I 147 -67.02 -27.82 -31.36
CA ARG I 147 -66.44 -27.28 -30.14
C ARG I 147 -65.62 -28.33 -29.38
N GLU I 148 -65.97 -29.61 -29.52
CA GLU I 148 -65.19 -30.66 -28.89
C GLU I 148 -63.81 -30.79 -29.50
N PHE I 149 -63.67 -30.51 -30.80
CA PHE I 149 -62.37 -30.57 -31.44
C PHE I 149 -61.45 -29.48 -30.92
N LEU I 150 -62.01 -28.29 -30.63
CA LEU I 150 -61.20 -27.20 -30.08
C LEU I 150 -60.84 -27.44 -28.62
N LEU I 151 -61.69 -28.15 -27.88
CA LEU I 151 -61.38 -28.45 -26.49
C LEU I 151 -60.19 -29.39 -26.38
N GLN I 152 -60.12 -30.38 -27.28
CA GLN I 152 -59.01 -31.32 -27.24
C GLN I 152 -57.69 -30.66 -27.65
N VAL I 153 -57.74 -29.70 -28.57
CA VAL I 153 -56.51 -29.00 -28.97
C VAL I 153 -56.02 -28.12 -27.84
N ALA I 154 -56.94 -27.49 -27.09
CA ALA I 154 -56.56 -26.64 -25.98
C ALA I 154 -55.92 -27.42 -24.84
N ARG I 155 -56.36 -28.65 -24.60
CA ARG I 155 -55.78 -29.47 -23.53
C ARG I 155 -54.40 -30.02 -23.89
N SER I 156 -54.00 -29.96 -25.16
CA SER I 156 -52.69 -30.48 -25.53
C SER I 156 -51.57 -29.62 -24.94
N SER I 157 -51.70 -28.29 -25.05
CA SER I 157 -50.67 -27.38 -24.54
C SER I 157 -50.85 -27.09 -23.06
N LEU I 158 -52.09 -27.01 -22.58
CA LEU I 158 -52.34 -26.67 -21.19
C LEU I 158 -51.96 -27.79 -20.23
N LEU I 159 -52.16 -29.05 -20.64
CA LEU I 159 -51.70 -30.16 -19.81
C LEU I 159 -50.18 -30.19 -19.69
N THR I 160 -49.45 -29.66 -20.66
CA THR I 160 -47.99 -29.68 -20.59
C THR I 160 -47.48 -28.69 -19.56
N LYS I 161 -48.09 -27.50 -19.51
CA LYS I 161 -47.62 -26.44 -18.62
C LYS I 161 -48.14 -26.63 -17.20
N VAL I 162 -49.47 -26.70 -17.05
CA VAL I 162 -50.14 -26.76 -15.75
C VAL I 162 -50.77 -28.14 -15.56
N ASP I 163 -51.24 -28.40 -14.34
CA ASP I 163 -51.83 -29.69 -14.01
C ASP I 163 -53.26 -29.77 -14.52
N ALA I 164 -53.93 -30.88 -14.19
CA ALA I 164 -55.31 -31.10 -14.64
C ALA I 164 -56.30 -30.18 -13.93
N ASP I 165 -55.99 -29.74 -12.71
CA ASP I 165 -56.90 -28.84 -12.00
C ASP I 165 -57.00 -27.49 -12.69
N LEU I 166 -55.88 -26.93 -13.14
CA LEU I 166 -55.87 -25.67 -13.86
C LEU I 166 -56.28 -25.85 -15.32
N THR I 167 -56.05 -27.01 -15.91
CA THR I 167 -56.39 -27.22 -17.31
C THR I 167 -57.89 -27.27 -17.52
N GLU I 168 -58.62 -27.96 -16.65
CA GLU I 168 -60.06 -28.11 -16.82
C GLU I 168 -60.82 -26.81 -16.67
N VAL I 169 -60.39 -25.93 -15.76
CA VAL I 169 -61.07 -24.65 -15.55
C VAL I 169 -60.63 -23.59 -16.56
N LEU I 170 -59.40 -23.65 -17.08
CA LEU I 170 -58.87 -22.68 -18.02
C LEU I 170 -59.07 -23.09 -19.48
N THR I 171 -59.36 -24.36 -19.75
CA THR I 171 -59.62 -24.78 -21.13
C THR I 171 -60.84 -24.12 -21.75
N PRO I 172 -62.04 -24.13 -21.14
CA PRO I 172 -63.18 -23.46 -21.78
C PRO I 172 -63.06 -21.93 -21.81
N ILE I 173 -62.15 -21.34 -21.03
CA ILE I 173 -61.90 -19.92 -21.14
C ILE I 173 -61.30 -19.59 -22.51
N VAL I 174 -60.42 -20.47 -22.99
CA VAL I 174 -59.80 -20.29 -24.31
C VAL I 174 -60.80 -20.64 -25.41
N THR I 175 -61.62 -21.66 -25.20
CA THR I 175 -62.54 -22.10 -26.25
C THR I 175 -63.62 -21.07 -26.51
N ASP I 176 -64.14 -20.44 -25.44
CA ASP I 176 -65.11 -19.38 -25.62
C ASP I 176 -64.52 -18.15 -26.30
N ALA I 177 -63.23 -17.88 -26.07
CA ALA I 177 -62.58 -16.76 -26.75
C ALA I 177 -62.31 -17.07 -28.22
N VAL I 178 -61.94 -18.33 -28.51
CA VAL I 178 -61.63 -18.74 -29.88
C VAL I 178 -62.90 -19.01 -30.70
N LEU I 179 -64.01 -19.36 -30.04
CA LEU I 179 -65.26 -19.61 -30.76
C LEU I 179 -65.77 -18.37 -31.47
N SER I 180 -65.50 -17.18 -30.92
CA SER I 180 -65.88 -15.92 -31.54
C SER I 180 -64.90 -15.45 -32.61
N VAL I 181 -63.72 -16.07 -32.73
CA VAL I 181 -62.74 -15.64 -33.72
C VAL I 181 -63.23 -15.95 -35.12
N TYR I 182 -63.78 -17.15 -35.32
CA TYR I 182 -64.25 -17.56 -36.63
C TYR I 182 -65.48 -16.74 -37.04
N ASP I 183 -65.45 -16.23 -38.27
CA ASP I 183 -66.54 -15.41 -38.79
C ASP I 183 -66.62 -15.63 -40.30
N ALA I 184 -67.48 -14.86 -40.97
CA ALA I 184 -67.65 -14.99 -42.41
C ALA I 184 -66.41 -14.55 -43.17
N GLN I 185 -65.74 -13.49 -42.72
CA GLN I 185 -64.51 -13.05 -43.38
C GLN I 185 -63.37 -14.05 -43.17
N ALA I 186 -63.39 -14.79 -42.07
CA ALA I 186 -62.37 -15.80 -41.76
C ALA I 186 -60.97 -15.19 -41.63
N ASP I 187 -60.90 -13.95 -41.15
CA ASP I 187 -59.64 -13.27 -40.88
C ASP I 187 -59.29 -13.41 -39.42
N ASN I 188 -58.14 -14.01 -39.13
CA ASN I 188 -57.71 -14.28 -37.77
C ASN I 188 -57.08 -13.01 -37.18
N LEU I 189 -57.38 -12.74 -35.92
CA LEU I 189 -56.88 -11.56 -35.21
C LEU I 189 -56.69 -11.96 -33.75
N ASP I 190 -55.43 -12.11 -33.33
CA ASP I 190 -55.08 -12.59 -32.01
C ASP I 190 -54.68 -11.47 -31.05
N LEU I 191 -53.79 -10.58 -31.49
CA LEU I 191 -53.23 -9.57 -30.58
C LEU I 191 -54.27 -8.52 -30.21
N HIS I 192 -55.05 -8.04 -31.18
CA HIS I 192 -56.07 -7.03 -30.88
C HIS I 192 -57.27 -7.62 -30.14
N MET I 193 -57.68 -8.84 -30.51
CA MET I 193 -58.88 -9.43 -29.95
C MET I 193 -58.65 -10.02 -28.56
N VAL I 194 -57.71 -10.94 -28.43
CA VAL I 194 -57.42 -11.62 -27.17
C VAL I 194 -56.33 -10.84 -26.45
N GLU I 195 -56.53 -10.62 -25.15
CA GLU I 195 -55.58 -9.91 -24.30
C GLU I 195 -55.42 -10.66 -22.98
N ILE I 196 -54.42 -10.25 -22.21
CA ILE I 196 -54.16 -10.78 -20.88
C ILE I 196 -53.97 -9.58 -19.94
N MET I 197 -54.53 -9.68 -18.73
CA MET I 197 -54.41 -8.65 -17.71
C MET I 197 -54.16 -9.29 -16.36
N GLN I 198 -53.25 -8.67 -15.59
CA GLN I 198 -52.88 -9.17 -14.28
C GLN I 198 -53.84 -8.64 -13.22
N MET I 199 -54.16 -9.49 -12.25
CA MET I 199 -55.03 -9.09 -11.16
C MET I 199 -54.80 -10.05 -10.00
N GLN I 200 -54.33 -9.52 -8.86
CA GLN I 200 -54.10 -10.31 -7.66
C GLN I 200 -55.45 -10.47 -6.95
N HIS I 201 -55.92 -11.71 -6.86
CA HIS I 201 -57.27 -12.01 -6.40
C HIS I 201 -57.23 -13.36 -5.69
N LEU I 202 -58.40 -13.99 -5.50
CA LEU I 202 -58.62 -15.13 -4.58
C LEU I 202 -57.66 -16.27 -4.91
N SER I 203 -57.65 -16.81 -6.13
CA SER I 203 -56.77 -17.91 -6.47
C SER I 203 -56.66 -18.06 -7.98
N PRO I 204 -55.70 -18.86 -8.48
CA PRO I 204 -55.67 -19.10 -9.93
C PRO I 204 -56.88 -19.86 -10.45
N LYS I 205 -57.51 -20.70 -9.63
CA LYS I 205 -58.64 -21.50 -10.08
C LYS I 205 -59.89 -20.68 -10.39
N ASP I 206 -59.97 -19.43 -9.92
CA ASP I 206 -61.15 -18.58 -10.10
C ASP I 206 -61.09 -17.75 -11.38
N THR I 207 -60.35 -18.20 -12.39
CA THR I 207 -60.31 -17.49 -13.66
C THR I 207 -61.63 -17.69 -14.39
N THR I 208 -62.24 -16.59 -14.81
CA THR I 208 -63.53 -16.57 -15.49
C THR I 208 -63.41 -15.80 -16.81
N PHE I 209 -64.36 -16.07 -17.69
CA PHE I 209 -64.41 -15.50 -19.03
C PHE I 209 -65.40 -14.34 -19.06
N ILE I 210 -64.97 -13.21 -19.63
CA ILE I 210 -65.79 -12.01 -19.77
C ILE I 210 -65.90 -11.72 -21.26
N LYS I 211 -67.13 -11.63 -21.76
CA LYS I 211 -67.36 -11.43 -23.18
C LYS I 211 -67.00 -10.02 -23.65
N GLY I 212 -67.01 -9.03 -22.76
CA GLY I 212 -66.71 -7.66 -23.10
C GLY I 212 -65.30 -7.26 -22.71
N LEU I 213 -65.00 -5.99 -22.93
CA LEU I 213 -63.69 -5.44 -22.61
C LEU I 213 -63.66 -4.97 -21.17
N VAL I 214 -62.71 -5.51 -20.39
CA VAL I 214 -62.47 -5.11 -19.01
C VAL I 214 -61.40 -4.03 -18.99
N LEU I 215 -61.57 -3.05 -18.10
CA LEU I 215 -60.66 -1.93 -17.93
C LEU I 215 -60.12 -1.90 -16.51
N ASP I 216 -58.88 -1.44 -16.38
CA ASP I 216 -58.17 -1.42 -15.10
C ASP I 216 -58.38 -0.13 -14.31
N HIS I 217 -59.40 0.67 -14.64
CA HIS I 217 -59.68 1.93 -13.97
C HIS I 217 -61.18 2.06 -13.77
N GLY I 218 -61.57 3.01 -12.92
CA GLY I 218 -62.96 3.26 -12.59
C GLY I 218 -63.27 4.71 -12.33
N GLY I 219 -64.39 4.96 -11.65
CA GLY I 219 -64.82 6.34 -11.38
C GLY I 219 -64.06 6.92 -10.21
N ARG I 220 -63.50 8.12 -10.42
CA ARG I 220 -62.70 8.76 -9.37
C ARG I 220 -63.59 9.35 -8.28
N HIS I 221 -64.65 10.07 -8.65
CA HIS I 221 -65.47 10.75 -7.68
C HIS I 221 -66.42 9.74 -7.00
N PRO I 222 -66.82 9.96 -5.74
CA PRO I 222 -67.79 9.04 -5.13
C PRO I 222 -69.19 9.16 -5.70
N ASP I 223 -69.67 10.38 -5.96
CA ASP I 223 -71.04 10.58 -6.41
C ASP I 223 -71.31 10.06 -7.82
N MET I 224 -70.27 9.82 -8.62
CA MET I 224 -70.46 9.30 -9.97
C MET I 224 -71.01 7.88 -9.89
N PRO I 225 -71.84 7.43 -10.84
CA PRO I 225 -72.49 6.12 -10.67
C PRO I 225 -71.52 4.97 -10.82
N THR I 226 -71.73 3.94 -9.98
CA THR I 226 -70.90 2.75 -10.01
C THR I 226 -71.40 1.74 -11.06
N ARG I 227 -72.67 1.35 -10.95
CA ARG I 227 -73.30 0.39 -11.85
C ARG I 227 -74.22 1.15 -12.80
N VAL I 228 -74.23 0.73 -14.08
CA VAL I 228 -75.08 1.30 -15.11
C VAL I 228 -75.67 0.15 -15.91
N LYS I 229 -77.00 0.18 -16.11
CA LYS I 229 -77.68 -0.91 -16.81
C LYS I 229 -77.39 -0.85 -18.31
N ASN I 230 -77.82 0.25 -18.97
CA ASN I 230 -77.63 0.47 -20.40
C ASN I 230 -76.74 1.69 -20.58
N ALA I 231 -75.46 1.45 -20.83
CA ALA I 231 -74.44 2.48 -21.01
C ALA I 231 -74.02 2.55 -22.47
N TYR I 232 -74.28 3.68 -23.10
CA TYR I 232 -73.85 3.95 -24.48
C TYR I 232 -72.49 4.63 -24.43
N VAL I 233 -71.46 3.95 -24.92
CA VAL I 233 -70.10 4.45 -24.81
C VAL I 233 -69.88 5.58 -25.80
N LEU I 234 -68.82 6.35 -25.57
CA LEU I 234 -68.39 7.41 -26.47
C LEU I 234 -66.87 7.43 -26.47
N ILE I 235 -66.27 7.36 -27.66
CA ILE I 235 -64.83 7.37 -27.84
C ILE I 235 -64.42 8.79 -28.22
N LEU I 236 -63.48 9.36 -27.47
CA LEU I 236 -62.94 10.68 -27.75
C LEU I 236 -61.46 10.71 -27.38
N ASN I 237 -60.61 10.90 -28.40
CA ASN I 237 -59.17 10.99 -28.21
C ASN I 237 -58.71 12.43 -27.90
N VAL I 238 -59.65 13.35 -27.64
CA VAL I 238 -59.31 14.74 -27.32
C VAL I 238 -58.99 14.83 -25.84
N SER I 239 -58.00 15.66 -25.51
CA SER I 239 -57.53 15.86 -24.15
C SER I 239 -58.23 17.05 -23.53
N LEU I 240 -58.90 16.78 -22.43
CA LEU I 240 -59.74 17.78 -21.80
C LEU I 240 -59.23 18.49 -20.63
N GLU I 241 -57.97 18.30 -20.30
CA GLU I 241 -57.36 19.08 -19.26
C GLU I 241 -56.96 20.30 -19.99
N TYR I 242 -56.23 21.18 -19.36
CA TYR I 242 -55.77 22.34 -20.08
C TYR I 242 -54.80 22.01 -21.16
N GLU I 243 -54.73 22.81 -22.20
CA GLU I 243 -53.72 22.62 -23.21
C GLU I 243 -52.77 23.76 -23.05
N LYS I 244 -51.49 23.47 -22.99
CA LYS I 244 -50.53 24.49 -22.71
C LYS I 244 -50.44 25.59 -23.72
N THR I 245 -50.54 25.31 -25.02
CA THR I 245 -50.58 26.37 -26.06
C THR I 245 -49.35 26.98 -26.79
N GLU I 246 -48.47 26.19 -27.41
CA GLU I 246 -47.40 26.71 -28.29
C GLU I 246 -46.78 28.12 -28.14
N VAL I 247 -46.01 28.38 -27.09
CA VAL I 247 -45.25 29.63 -26.83
C VAL I 247 -46.07 30.70 -26.23
N ASN I 248 -47.39 30.52 -26.28
CA ASN I 248 -48.28 31.48 -25.62
C ASN I 248 -47.76 31.73 -24.22
N SER I 249 -47.70 32.98 -23.81
CA SER I 249 -47.11 33.27 -22.50
C SER I 249 -48.06 33.89 -21.51
N GLY I 250 -47.72 35.08 -21.03
CA GLY I 250 -48.52 35.71 -19.98
C GLY I 250 -49.90 36.25 -20.22
N PHE I 251 -50.80 36.03 -19.27
CA PHE I 251 -52.10 36.65 -19.36
C PHE I 251 -51.87 37.99 -18.70
N PHE I 252 -51.15 38.89 -19.37
CA PHE I 252 -50.79 40.17 -18.76
C PHE I 252 -52.00 40.85 -18.18
N TYR I 253 -52.14 40.82 -16.86
CA TYR I 253 -53.29 41.40 -16.25
C TYR I 253 -52.96 42.67 -15.65
N SER I 254 -53.87 43.60 -15.72
CA SER I 254 -53.58 44.90 -15.24
C SER I 254 -54.21 45.17 -13.94
N SER I 255 -55.51 45.09 -13.91
CA SER I 255 -56.09 45.31 -12.59
C SER I 255 -56.40 43.96 -11.96
N ALA I 256 -56.97 43.86 -10.81
CA ALA I 256 -57.16 42.55 -10.26
C ALA I 256 -58.28 41.83 -10.86
N ASP I 257 -59.12 42.53 -11.53
CA ASP I 257 -60.26 41.86 -12.05
C ASP I 257 -59.99 41.13 -13.30
N GLN I 258 -59.06 41.64 -14.07
CA GLN I 258 -58.82 41.04 -15.30
C GLN I 258 -58.38 39.68 -14.90
N ARG I 259 -57.93 39.47 -13.68
CA ARG I 259 -57.45 38.15 -13.37
C ARG I 259 -58.50 37.12 -13.27
N ASP I 260 -59.58 37.47 -12.60
CA ASP I 260 -60.65 36.55 -12.50
C ASP I 260 -61.16 36.33 -13.86
N LYS I 261 -61.24 37.42 -14.59
CA LYS I 261 -61.83 37.23 -15.88
C LYS I 261 -61.03 36.25 -16.67
N LEU I 262 -59.72 36.38 -16.67
CA LEU I 262 -58.85 35.52 -17.42
C LEU I 262 -58.84 34.10 -16.99
N ALA I 263 -58.95 33.80 -15.71
CA ALA I 263 -59.06 32.40 -15.31
C ALA I 263 -60.33 31.76 -15.80
N ALA I 264 -61.37 32.57 -15.75
CA ALA I 264 -62.57 32.01 -16.27
C ALA I 264 -62.35 31.74 -17.72
N SER I 265 -61.61 32.62 -18.36
CA SER I 265 -61.38 32.47 -19.77
C SER I 265 -60.66 31.23 -20.05
N GLU I 266 -59.70 30.94 -19.23
CA GLU I 266 -58.91 29.80 -19.46
C GLU I 266 -59.80 28.63 -19.48
N ARG I 267 -60.72 28.53 -18.55
CA ARG I 267 -61.58 27.34 -18.75
C ARG I 267 -62.42 27.26 -20.05
N LYS I 268 -63.31 28.15 -20.45
CA LYS I 268 -64.06 28.34 -21.68
C LYS I 268 -63.65 27.36 -22.78
N PHE I 269 -62.37 27.01 -22.86
CA PHE I 269 -61.94 26.01 -23.82
C PHE I 269 -62.44 24.63 -23.45
N VAL I 270 -62.46 24.32 -22.15
CA VAL I 270 -62.96 23.02 -21.69
C VAL I 270 -64.48 22.97 -21.81
N ASP I 271 -65.17 24.05 -21.40
CA ASP I 271 -66.62 24.08 -21.47
C ASP I 271 -67.13 24.08 -22.92
N ALA I 272 -66.33 24.54 -23.87
CA ALA I 272 -66.74 24.48 -25.27
C ALA I 272 -66.86 23.04 -25.74
N LYS I 273 -66.02 22.14 -25.23
CA LYS I 273 -66.08 20.72 -25.56
C LYS I 273 -67.10 19.97 -24.72
N LEU I 274 -67.28 20.37 -23.46
CA LEU I 274 -68.29 19.73 -22.61
C LEU I 274 -69.70 20.02 -23.11
N LYS I 275 -69.93 21.21 -23.69
CA LYS I 275 -71.26 21.55 -24.19
C LYS I 275 -71.67 20.64 -25.35
N LYS I 276 -70.70 20.18 -26.15
CA LYS I 276 -71.03 19.23 -27.21
C LYS I 276 -71.48 17.90 -26.64
N ILE I 277 -70.93 17.51 -25.48
CA ILE I 277 -71.38 16.28 -24.83
C ILE I 277 -72.77 16.47 -24.26
N ILE I 278 -73.06 17.65 -23.72
CA ILE I 278 -74.40 17.93 -23.20
C ILE I 278 -75.41 17.99 -24.33
N ASP I 279 -75.03 18.55 -25.48
CA ASP I 279 -75.91 18.55 -26.64
C ASP I 279 -76.15 17.14 -27.15
N LEU I 280 -75.15 16.25 -27.03
CA LEU I 280 -75.34 14.86 -27.41
C LEU I 280 -76.22 14.13 -26.41
N LYS I 281 -76.10 14.47 -25.12
CA LYS I 281 -76.94 13.85 -24.11
C LYS I 281 -78.40 14.26 -24.25
N ASN I 282 -78.66 15.47 -24.76
CA ASN I 282 -80.03 15.92 -24.97
C ASN I 282 -80.76 15.09 -26.02
N GLU I 283 -80.04 14.53 -26.99
CA GLU I 283 -80.67 13.69 -28.00
C GLU I 283 -81.05 12.32 -27.43
N VAL I 284 -80.27 11.82 -26.47
CA VAL I 284 -80.47 10.51 -25.85
C VAL I 284 -80.92 10.70 -24.40
N CYS I 285 -81.67 11.78 -24.14
CA CYS I 285 -82.11 12.07 -22.78
C CYS I 285 -83.27 11.20 -22.32
N GLY I 286 -83.96 10.50 -23.22
CA GLY I 286 -85.10 9.69 -22.83
C GLY I 286 -84.66 8.47 -22.03
N MET I 287 -85.46 8.14 -21.01
CA MET I 287 -85.20 7.03 -20.10
C MET I 287 -83.85 7.20 -19.40
N ASP I 288 -83.64 8.42 -18.89
CA ASP I 288 -82.39 8.78 -18.23
C ASP I 288 -82.13 8.00 -16.93
N PRO I 289 -83.13 7.75 -16.05
CA PRO I 289 -82.82 6.90 -14.89
C PRO I 289 -82.54 5.45 -15.26
N ASP I 290 -83.24 4.90 -16.25
CA ASP I 290 -83.01 3.52 -16.65
C ASP I 290 -81.71 3.37 -17.43
N LYS I 291 -81.52 4.21 -18.45
CA LYS I 291 -80.33 4.18 -19.29
C LYS I 291 -79.22 4.99 -18.63
N GLY I 292 -78.08 5.11 -19.33
CA GLY I 292 -76.94 5.83 -18.80
C GLY I 292 -76.02 6.23 -19.93
N PHE I 293 -74.91 6.86 -19.55
CA PHE I 293 -73.91 7.33 -20.50
C PHE I 293 -72.54 7.28 -19.85
N VAL I 294 -71.53 6.87 -20.62
CA VAL I 294 -70.16 6.72 -20.15
C VAL I 294 -69.23 7.27 -21.23
N ILE I 295 -68.16 7.95 -20.80
CA ILE I 295 -67.16 8.55 -21.67
C ILE I 295 -65.81 7.92 -21.33
N ILE I 296 -65.11 7.46 -22.37
CA ILE I 296 -63.79 6.84 -22.24
C ILE I 296 -62.81 7.68 -23.06
N ASN I 297 -61.80 8.22 -22.39
CA ASN I 297 -60.79 9.09 -23.00
C ASN I 297 -59.45 8.36 -23.01
N GLN I 298 -58.68 8.59 -24.07
CA GLN I 298 -57.34 8.02 -24.21
C GLN I 298 -56.28 8.81 -23.45
N LYS I 299 -56.48 10.11 -23.27
CA LYS I 299 -55.59 11.00 -22.55
C LYS I 299 -56.27 11.47 -21.26
N GLY I 300 -55.52 12.19 -20.43
CA GLY I 300 -56.01 12.58 -19.13
C GLY I 300 -57.12 13.62 -19.20
N ILE I 301 -57.95 13.61 -18.16
CA ILE I 301 -59.05 14.57 -17.99
C ILE I 301 -58.73 15.42 -16.76
N ASP I 302 -58.99 16.72 -16.86
CA ASP I 302 -58.72 17.62 -15.76
C ASP I 302 -59.65 17.30 -14.59
N PRO I 303 -59.18 17.40 -13.33
CA PRO I 303 -60.10 17.16 -12.21
C PRO I 303 -61.19 18.21 -12.07
N MET I 304 -61.01 19.42 -12.62
CA MET I 304 -62.06 20.42 -12.57
C MET I 304 -63.28 19.99 -13.39
N SER I 305 -63.04 19.31 -14.51
CA SER I 305 -64.12 18.86 -15.39
C SER I 305 -64.77 17.56 -14.93
N LEU I 306 -64.18 16.83 -13.98
CA LEU I 306 -64.82 15.61 -13.50
C LEU I 306 -66.10 15.90 -12.75
N ASP I 307 -66.20 17.05 -12.09
CA ASP I 307 -67.43 17.43 -11.39
C ASP I 307 -68.57 17.70 -12.37
N VAL I 308 -68.26 18.09 -13.60
CA VAL I 308 -69.31 18.29 -14.60
C VAL I 308 -69.97 16.97 -14.95
N PHE I 309 -69.17 15.92 -15.17
CA PHE I 309 -69.72 14.60 -15.46
C PHE I 309 -70.43 14.01 -14.25
N ALA I 310 -69.95 14.29 -13.05
CA ALA I 310 -70.56 13.74 -11.84
C ALA I 310 -71.94 14.31 -11.59
N LYS I 311 -72.18 15.57 -11.95
CA LYS I 311 -73.49 16.17 -11.73
C LYS I 311 -74.54 15.57 -12.66
N HIS I 312 -74.19 15.31 -13.91
CA HIS I 312 -75.08 14.67 -14.87
C HIS I 312 -75.09 13.14 -14.79
N ASN I 313 -74.40 12.56 -13.79
CA ASN I 313 -74.35 11.11 -13.59
C ASN I 313 -73.76 10.40 -14.81
N ILE I 314 -72.73 11.00 -15.40
CA ILE I 314 -72.00 10.43 -16.54
C ILE I 314 -70.71 9.82 -15.99
N LEU I 315 -70.49 8.54 -16.28
CA LEU I 315 -69.30 7.85 -15.82
C LEU I 315 -68.10 8.28 -16.66
N ALA I 316 -66.98 8.55 -15.99
CA ALA I 316 -65.76 9.07 -16.61
C ALA I 316 -64.63 8.06 -16.43
N LEU I 317 -63.91 7.79 -17.53
CA LEU I 317 -62.74 6.92 -17.53
C LEU I 317 -61.68 7.57 -18.39
N ARG I 318 -60.48 7.74 -17.84
CA ARG I 318 -59.38 8.46 -18.46
C ARG I 318 -58.14 7.60 -18.62
N ARG I 319 -57.28 8.00 -19.56
CA ARG I 319 -55.95 7.44 -19.74
C ARG I 319 -56.02 5.95 -20.12
N ALA I 320 -56.78 5.69 -21.17
CA ALA I 320 -56.93 4.35 -21.72
C ALA I 320 -55.75 4.04 -22.63
N LYS I 321 -55.60 2.76 -22.96
CA LYS I 321 -54.50 2.31 -23.79
C LYS I 321 -54.83 2.51 -25.27
N ARG I 322 -53.79 2.39 -26.10
CA ARG I 322 -53.98 2.42 -27.55
C ARG I 322 -54.78 1.20 -28.01
N ARG I 323 -54.56 0.04 -27.37
CA ARG I 323 -55.22 -1.18 -27.80
C ARG I 323 -56.69 -1.19 -27.42
N ASN I 324 -57.05 -0.62 -26.26
CA ASN I 324 -58.45 -0.60 -25.85
C ASN I 324 -59.32 0.29 -26.74
N MET I 325 -58.77 1.40 -27.25
CA MET I 325 -59.50 2.21 -28.22
C MET I 325 -59.74 1.46 -29.52
N GLU I 326 -58.84 0.55 -29.89
CA GLU I 326 -59.00 -0.30 -31.06
C GLU I 326 -59.86 -1.53 -30.81
N ARG I 327 -60.51 -1.63 -29.64
CA ARG I 327 -61.34 -2.77 -29.26
C ARG I 327 -62.76 -2.40 -28.83
N LEU I 328 -63.01 -1.13 -28.51
CA LEU I 328 -64.36 -0.73 -28.11
C LEU I 328 -65.36 -0.85 -29.26
N GLN I 329 -64.90 -0.62 -30.49
CA GLN I 329 -65.78 -0.78 -31.65
C GLN I 329 -66.19 -2.23 -31.84
N LEU I 330 -65.30 -3.17 -31.54
CA LEU I 330 -65.60 -4.59 -31.70
C LEU I 330 -66.56 -5.09 -30.62
N VAL I 331 -66.41 -4.58 -29.39
CA VAL I 331 -67.26 -5.04 -28.29
C VAL I 331 -68.62 -4.36 -28.34
N THR I 332 -68.64 -3.04 -28.22
CA THR I 332 -69.90 -2.30 -28.14
C THR I 332 -70.59 -2.13 -29.48
N GLY I 333 -69.85 -2.25 -30.59
CA GLY I 333 -70.43 -2.12 -31.92
C GLY I 333 -70.54 -0.71 -32.45
N GLY I 334 -70.13 0.30 -31.68
CA GLY I 334 -70.19 1.68 -32.12
C GLY I 334 -69.07 2.02 -33.08
N GLU I 335 -68.83 3.33 -33.22
CA GLU I 335 -67.76 3.86 -34.05
C GLU I 335 -66.97 4.88 -33.26
N ALA I 336 -65.72 5.06 -33.66
CA ALA I 336 -64.80 5.94 -32.93
C ALA I 336 -64.94 7.37 -33.41
N GLN I 337 -64.49 8.25 -32.47
CA GLN I 337 -64.58 9.70 -32.68
C GLN I 337 -63.42 10.32 -31.88
N ASN I 338 -62.89 11.46 -32.31
CA ASN I 338 -61.74 12.06 -31.67
C ASN I 338 -61.99 13.51 -31.40
N SER I 339 -62.79 14.15 -32.23
CA SER I 339 -63.09 15.56 -32.08
C SER I 339 -64.50 15.72 -31.61
N VAL I 340 -64.91 16.93 -31.29
CA VAL I 340 -66.22 17.14 -30.69
C VAL I 340 -67.16 17.93 -31.61
N GLU I 341 -66.73 18.25 -32.83
CA GLU I 341 -67.54 19.08 -33.70
C GLU I 341 -68.70 18.29 -34.31
N ASP I 342 -68.40 17.17 -34.97
CA ASP I 342 -69.39 16.34 -35.67
C ASP I 342 -69.70 15.13 -34.81
N LEU I 343 -70.92 15.10 -34.26
CA LEU I 343 -71.43 13.99 -33.48
C LEU I 343 -72.72 13.47 -34.09
N SER I 344 -73.06 12.25 -33.75
CA SER I 344 -74.28 11.60 -34.22
C SER I 344 -74.62 10.47 -33.25
N PRO I 345 -75.88 9.99 -33.25
CA PRO I 345 -76.21 8.85 -32.39
C PRO I 345 -75.79 7.50 -32.94
N GLN I 346 -75.37 7.42 -34.21
CA GLN I 346 -75.00 6.14 -34.79
C GLN I 346 -73.68 5.62 -34.23
N ILE I 347 -72.72 6.51 -33.96
CA ILE I 347 -71.41 6.09 -33.47
C ILE I 347 -71.45 5.55 -32.05
N LEU I 348 -72.50 5.87 -31.29
CA LEU I 348 -72.61 5.37 -29.92
C LEU I 348 -72.81 3.86 -29.92
N GLY I 349 -72.09 3.18 -29.04
CA GLY I 349 -72.20 1.74 -28.91
C GLY I 349 -73.40 1.32 -28.07
N PHE I 350 -73.33 0.08 -27.59
CA PHE I 350 -74.38 -0.50 -26.77
C PHE I 350 -73.74 -1.46 -25.78
N SER I 351 -74.26 -1.46 -24.54
CA SER I 351 -73.80 -2.35 -23.50
C SER I 351 -74.97 -2.72 -22.61
N GLY I 352 -75.07 -4.02 -22.28
CA GLY I 352 -76.17 -4.52 -21.48
C GLY I 352 -75.93 -4.49 -19.98
N LEU I 353 -74.67 -4.40 -19.56
CA LEU I 353 -74.35 -4.38 -18.14
C LEU I 353 -72.96 -3.77 -17.97
N VAL I 354 -72.86 -2.75 -17.11
CA VAL I 354 -71.59 -2.11 -16.75
C VAL I 354 -71.58 -1.93 -15.24
N TYR I 355 -70.59 -2.54 -14.59
CA TYR I 355 -70.45 -2.47 -13.14
C TYR I 355 -68.97 -2.42 -12.79
N GLN I 356 -68.67 -1.93 -11.59
CA GLN I 356 -67.31 -1.77 -11.08
C GLN I 356 -67.17 -2.50 -9.76
N GLU I 357 -66.00 -3.10 -9.57
CA GLU I 357 -65.63 -3.76 -8.32
C GLU I 357 -64.19 -3.39 -8.00
N THR I 358 -63.94 -3.09 -6.72
CA THR I 358 -62.67 -2.55 -6.24
C THR I 358 -62.13 -3.42 -5.12
N ILE I 359 -60.80 -3.50 -5.04
CA ILE I 359 -60.09 -4.25 -4.00
C ILE I 359 -58.86 -3.45 -3.61
N GLY I 360 -58.75 -3.12 -2.33
CA GLY I 360 -57.66 -2.28 -1.88
C GLY I 360 -57.79 -0.89 -2.47
N GLU I 361 -56.69 -0.38 -3.03
CA GLU I 361 -56.66 0.94 -3.64
C GLU I 361 -57.10 0.93 -5.10
N GLU I 362 -56.86 -0.16 -5.83
CA GLU I 362 -57.19 -0.23 -7.24
C GLU I 362 -58.67 -0.52 -7.44
N LYS I 363 -59.16 -0.19 -8.64
CA LYS I 363 -60.55 -0.38 -9.01
C LYS I 363 -60.64 -0.77 -10.48
N PHE I 364 -61.47 -1.78 -10.77
CA PHE I 364 -61.65 -2.35 -12.09
C PHE I 364 -63.07 -2.09 -12.57
N THR I 365 -63.21 -1.82 -13.87
CA THR I 365 -64.50 -1.60 -14.53
C THR I 365 -64.79 -2.77 -15.46
N TYR I 366 -65.96 -3.39 -15.29
CA TYR I 366 -66.38 -4.57 -16.06
C TYR I 366 -67.46 -4.17 -17.04
N VAL I 367 -67.35 -4.64 -18.27
CA VAL I 367 -68.34 -4.44 -19.33
C VAL I 367 -68.65 -5.82 -19.91
N THR I 368 -69.93 -6.11 -20.12
CA THR I 368 -70.34 -7.41 -20.63
C THR I 368 -71.79 -7.32 -21.10
N GLU I 369 -72.36 -8.46 -21.47
CA GLU I 369 -73.73 -8.58 -21.94
C GLU I 369 -73.95 -7.72 -23.19
N ASN I 370 -73.15 -7.99 -24.22
CA ASN I 370 -73.22 -7.30 -25.49
C ASN I 370 -74.19 -8.01 -26.42
N THR I 371 -74.66 -7.26 -27.43
CA THR I 371 -75.63 -7.81 -28.38
C THR I 371 -74.95 -8.71 -29.39
N ASP I 372 -73.86 -8.23 -30.00
CA ASP I 372 -73.11 -8.96 -31.02
C ASP I 372 -71.64 -8.60 -30.86
N PRO I 373 -70.99 -9.05 -29.79
CA PRO I 373 -69.59 -8.67 -29.58
C PRO I 373 -68.65 -9.38 -30.55
N LYS I 374 -67.87 -8.56 -31.27
CA LYS I 374 -66.86 -9.06 -32.20
C LYS I 374 -65.52 -9.34 -31.53
N SER I 375 -65.36 -9.03 -30.24
CA SER I 375 -64.13 -9.31 -29.52
C SER I 375 -64.48 -9.54 -28.05
N CYS I 376 -63.47 -9.97 -27.29
CA CYS I 376 -63.65 -10.30 -25.88
C CYS I 376 -62.29 -10.23 -25.20
N THR I 377 -62.24 -10.68 -23.94
CA THR I 377 -61.03 -10.65 -23.12
C THR I 377 -60.97 -11.90 -22.27
N ILE I 378 -59.79 -12.15 -21.70
CA ILE I 378 -59.54 -13.27 -20.80
C ILE I 378 -58.87 -12.69 -19.56
N LEU I 379 -59.68 -12.41 -18.54
CA LEU I 379 -59.21 -11.86 -17.28
C LEU I 379 -58.74 -13.01 -16.40
N ILE I 380 -57.42 -13.15 -16.27
CA ILE I 380 -56.81 -14.24 -15.51
C ILE I 380 -56.63 -13.79 -14.06
N LYS I 381 -56.99 -14.67 -13.13
CA LYS I 381 -56.82 -14.45 -11.70
C LYS I 381 -55.56 -15.18 -11.24
N GLY I 382 -54.95 -14.68 -10.18
CA GLY I 382 -53.76 -15.30 -9.64
C GLY I 382 -53.45 -14.81 -8.24
N SER I 383 -52.59 -15.56 -7.56
CA SER I 383 -52.18 -15.26 -6.19
C SER I 383 -50.91 -14.43 -6.15
N THR I 384 -49.82 -14.95 -6.70
CA THR I 384 -48.49 -14.36 -6.67
C THR I 384 -48.11 -13.86 -8.05
N HIS I 385 -47.00 -13.12 -8.11
CA HIS I 385 -46.53 -12.60 -9.39
C HIS I 385 -46.08 -13.72 -10.32
N TYR I 386 -45.41 -14.74 -9.78
CA TYR I 386 -45.00 -15.87 -10.62
C TYR I 386 -46.19 -16.69 -11.09
N ALA I 387 -47.28 -16.69 -10.32
CA ALA I 387 -48.49 -17.36 -10.76
C ALA I 387 -49.08 -16.68 -11.99
N LEU I 388 -49.02 -15.34 -12.05
CA LEU I 388 -49.43 -14.63 -13.25
C LEU I 388 -48.47 -14.89 -14.40
N ALA I 389 -47.16 -14.96 -14.13
CA ALA I 389 -46.20 -15.22 -15.19
C ALA I 389 -46.35 -16.64 -15.74
N GLN I 390 -46.69 -17.60 -14.88
CA GLN I 390 -46.94 -18.96 -15.35
C GLN I 390 -48.20 -19.01 -16.21
N THR I 391 -49.24 -18.28 -15.80
CA THR I 391 -50.46 -18.21 -16.61
C THR I 391 -50.25 -17.34 -17.86
N LYS I 392 -49.31 -16.40 -17.81
CA LYS I 392 -48.98 -15.60 -18.99
C LYS I 392 -48.43 -16.49 -20.10
N ASP I 393 -47.42 -17.29 -19.77
CA ASP I 393 -46.80 -18.16 -20.78
C ASP I 393 -47.75 -19.27 -21.22
N ALA I 394 -48.60 -19.76 -20.31
CA ALA I 394 -49.54 -20.82 -20.67
C ALA I 394 -50.60 -20.31 -21.63
N VAL I 395 -51.17 -19.13 -21.33
CA VAL I 395 -52.21 -18.57 -22.19
C VAL I 395 -51.59 -18.03 -23.48
N ARG I 396 -50.37 -17.50 -23.40
CA ARG I 396 -49.71 -17.00 -24.61
C ARG I 396 -49.37 -18.13 -25.58
N ASP I 397 -48.92 -19.27 -25.06
CA ASP I 397 -48.61 -20.42 -25.91
C ASP I 397 -49.84 -21.23 -26.30
N GLY I 398 -50.91 -21.17 -25.50
CA GLY I 398 -52.12 -21.92 -25.79
C GLY I 398 -52.97 -21.27 -26.87
N LEU I 399 -53.07 -19.94 -26.82
CA LEU I 399 -53.84 -19.22 -27.83
C LEU I 399 -53.18 -19.30 -29.20
N ARG I 400 -51.85 -19.24 -29.26
CA ARG I 400 -51.17 -19.30 -30.55
C ARG I 400 -51.25 -20.70 -31.15
N ALA I 401 -51.22 -21.73 -30.30
CA ALA I 401 -51.29 -23.10 -30.81
C ALA I 401 -52.66 -23.42 -31.38
N VAL I 402 -53.73 -23.07 -30.67
CA VAL I 402 -55.09 -23.33 -31.15
C VAL I 402 -55.49 -22.38 -32.29
N ALA I 403 -54.93 -21.17 -32.33
CA ALA I 403 -55.28 -20.24 -33.39
C ALA I 403 -54.76 -20.70 -34.75
N ASN I 404 -53.60 -21.34 -34.79
CA ASN I 404 -53.04 -21.82 -36.05
C ASN I 404 -53.86 -22.93 -36.68
N VAL I 405 -54.67 -23.66 -35.90
CA VAL I 405 -55.51 -24.70 -36.47
C VAL I 405 -56.57 -24.09 -37.37
N LEU I 406 -57.12 -22.94 -36.97
CA LEU I 406 -58.12 -22.25 -37.77
C LEU I 406 -57.52 -21.50 -38.96
N LYS I 407 -56.21 -21.23 -38.95
CA LYS I 407 -55.60 -20.56 -40.09
C LYS I 407 -55.61 -21.46 -41.32
N ASP I 408 -55.22 -22.72 -41.15
CA ASP I 408 -55.15 -23.73 -42.20
C ASP I 408 -56.34 -24.68 -42.06
N LYS I 409 -56.44 -25.62 -43.01
CA LYS I 409 -57.46 -26.65 -43.04
C LYS I 409 -56.90 -28.03 -42.68
N ASN I 410 -55.81 -28.10 -41.92
CA ASN I 410 -55.12 -29.34 -41.57
C ASN I 410 -54.63 -29.28 -40.14
N ILE I 411 -54.34 -30.46 -39.58
CA ILE I 411 -53.80 -30.58 -38.24
C ILE I 411 -52.96 -31.86 -38.18
N ILE I 412 -51.87 -31.79 -37.44
CA ILE I 412 -50.89 -32.87 -37.33
C ILE I 412 -51.13 -33.58 -36.01
N PRO I 413 -51.35 -34.91 -35.98
CA PRO I 413 -51.36 -35.60 -34.69
C PRO I 413 -49.95 -35.74 -34.14
N GLY I 414 -49.85 -35.67 -32.82
CA GLY I 414 -48.59 -35.69 -32.09
C GLY I 414 -48.35 -36.99 -31.35
N ALA I 415 -47.74 -36.89 -30.18
CA ALA I 415 -47.42 -38.04 -29.33
C ALA I 415 -46.46 -38.99 -30.02
N GLY I 416 -45.47 -38.44 -30.72
CA GLY I 416 -44.47 -39.23 -31.39
C GLY I 416 -44.91 -39.88 -32.69
N ALA I 417 -46.15 -39.66 -33.13
CA ALA I 417 -46.60 -40.26 -34.38
C ALA I 417 -45.88 -39.66 -35.58
N PHE I 418 -45.57 -38.36 -35.52
CA PHE I 418 -44.89 -37.71 -36.63
C PHE I 418 -43.43 -38.15 -36.72
N TYR I 419 -42.78 -38.31 -35.57
CA TYR I 419 -41.37 -38.68 -35.56
C TYR I 419 -41.20 -40.17 -35.86
N ILE I 420 -42.08 -41.01 -35.32
CA ILE I 420 -42.00 -42.45 -35.57
C ILE I 420 -42.33 -42.75 -37.02
N ALA I 421 -43.26 -41.99 -37.62
CA ALA I 421 -43.62 -42.21 -39.01
C ALA I 421 -42.47 -41.82 -39.94
N LEU I 422 -41.78 -40.73 -39.64
CA LEU I 422 -40.62 -40.34 -40.45
C LEU I 422 -39.46 -41.32 -40.30
N SER I 423 -39.37 -42.01 -39.16
CA SER I 423 -38.31 -42.99 -38.98
C SER I 423 -38.44 -44.14 -39.95
N ARG I 424 -39.63 -44.75 -40.01
CA ARG I 424 -39.86 -45.84 -40.96
C ARG I 424 -39.81 -45.36 -42.40
N TYR I 425 -40.21 -44.10 -42.65
CA TYR I 425 -40.22 -43.60 -44.02
C TYR I 425 -38.80 -43.43 -44.56
N LEU I 426 -37.91 -42.82 -43.76
CA LEU I 426 -36.54 -42.60 -44.19
C LEU I 426 -35.70 -43.86 -44.19
N ARG I 427 -36.01 -44.83 -43.32
CA ARG I 427 -35.25 -46.07 -43.23
C ARG I 427 -35.72 -47.16 -44.19
N SER I 428 -36.93 -47.04 -44.76
CA SER I 428 -37.49 -48.01 -45.69
C SER I 428 -37.64 -47.49 -47.12
N ALA I 429 -37.47 -46.19 -47.35
CA ALA I 429 -37.64 -45.65 -48.69
C ALA I 429 -36.49 -46.07 -49.58
N ASN I 430 -36.82 -46.40 -50.84
CA ASN I 430 -35.79 -46.77 -51.81
C ASN I 430 -34.91 -45.58 -52.13
N MET I 431 -33.59 -45.79 -52.06
CA MET I 431 -32.62 -44.72 -52.29
C MET I 431 -32.43 -44.39 -53.77
N ASN I 432 -32.74 -45.33 -54.67
CA ASN I 432 -32.62 -45.05 -56.10
C ASN I 432 -33.57 -43.95 -56.55
N LYS I 433 -34.72 -43.80 -55.89
CA LYS I 433 -35.62 -42.69 -56.20
C LYS I 433 -34.99 -41.35 -55.84
N LEU I 434 -34.19 -41.31 -54.77
CA LEU I 434 -33.52 -40.10 -54.35
C LEU I 434 -32.31 -39.81 -55.25
N GLY I 435 -31.92 -38.54 -55.29
CA GLY I 435 -30.78 -38.09 -56.07
C GLY I 435 -29.46 -38.09 -55.33
N ALA I 436 -29.42 -38.45 -54.04
CA ALA I 436 -28.20 -38.45 -53.25
C ALA I 436 -27.45 -39.76 -53.44
N LYS I 437 -26.13 -39.66 -53.59
CA LYS I 437 -25.26 -40.81 -53.76
C LYS I 437 -23.94 -40.55 -53.07
N GLY I 438 -23.13 -41.60 -52.96
CA GLY I 438 -21.83 -41.50 -52.32
C GLY I 438 -21.92 -41.83 -50.85
N LYS I 439 -21.39 -40.93 -50.00
CA LYS I 439 -21.39 -41.12 -48.55
C LYS I 439 -22.60 -40.46 -47.89
N THR I 440 -23.72 -40.34 -48.59
CA THR I 440 -24.98 -39.91 -48.01
C THR I 440 -25.78 -41.06 -47.38
N LYS I 441 -25.16 -42.22 -47.19
CA LYS I 441 -25.87 -43.35 -46.59
C LYS I 441 -26.17 -43.09 -45.12
N THR I 442 -25.19 -42.58 -44.38
CA THR I 442 -25.34 -42.34 -42.95
C THR I 442 -26.06 -41.04 -42.63
N GLY I 443 -26.08 -40.08 -43.55
CA GLY I 443 -26.81 -38.84 -43.31
C GLY I 443 -28.30 -39.08 -43.21
N ILE I 444 -28.83 -40.01 -44.01
CA ILE I 444 -30.23 -40.38 -43.90
C ILE I 444 -30.49 -41.08 -42.57
N GLU I 445 -29.57 -41.96 -42.16
CA GLU I 445 -29.74 -42.70 -40.92
C GLU I 445 -29.52 -41.82 -39.70
N ALA I 446 -28.64 -40.82 -39.81
CA ALA I 446 -28.37 -39.96 -38.66
C ALA I 446 -29.57 -39.09 -38.32
N PHE I 447 -30.14 -38.41 -39.32
CA PHE I 447 -31.30 -37.56 -39.07
C PHE I 447 -32.55 -38.38 -38.78
N ALA I 448 -32.67 -39.57 -39.39
CA ALA I 448 -33.83 -40.42 -39.11
C ALA I 448 -33.78 -40.96 -37.69
N GLU I 449 -32.58 -41.30 -37.21
CA GLU I 449 -32.43 -41.81 -35.85
C GLU I 449 -32.47 -40.72 -34.80
N ALA I 450 -32.14 -39.47 -35.16
CA ALA I 450 -32.19 -38.38 -34.20
C ALA I 450 -33.61 -38.02 -33.80
N LEU I 451 -34.58 -38.22 -34.67
CA LEU I 451 -35.98 -37.94 -34.34
C LEU I 451 -36.55 -38.88 -33.28
N LEU I 452 -35.95 -40.06 -33.08
CA LEU I 452 -36.47 -40.99 -32.10
C LEU I 452 -36.22 -40.54 -30.66
N VAL I 453 -35.24 -39.67 -30.43
CA VAL I 453 -34.89 -39.29 -29.07
C VAL I 453 -35.94 -38.38 -28.44
N ILE I 454 -36.74 -37.68 -29.25
CA ILE I 454 -37.76 -36.78 -28.70
C ILE I 454 -38.87 -37.56 -28.00
N PRO I 455 -39.55 -38.55 -28.62
CA PRO I 455 -40.67 -39.20 -27.91
C PRO I 455 -40.25 -40.01 -26.69
N LYS I 456 -38.99 -40.47 -26.60
CA LYS I 456 -38.53 -41.14 -25.39
C LYS I 456 -38.08 -40.17 -24.31
N THR I 457 -37.78 -38.91 -24.67
CA THR I 457 -37.55 -37.89 -23.65
C THR I 457 -38.82 -37.65 -22.83
N LEU I 458 -40.00 -37.82 -23.45
CA LEU I 458 -41.24 -37.82 -22.70
C LEU I 458 -41.26 -38.95 -21.68
N VAL I 459 -40.70 -40.11 -22.05
CA VAL I 459 -40.69 -41.27 -21.16
C VAL I 459 -39.67 -41.09 -20.05
N LYS I 460 -38.57 -40.36 -20.32
CA LYS I 460 -37.53 -40.17 -19.32
C LYS I 460 -38.01 -39.38 -18.11
N ASN I 461 -39.04 -38.55 -18.26
CA ASN I 461 -39.63 -37.84 -17.13
C ASN I 461 -40.57 -38.72 -16.31
N SER I 462 -41.16 -39.76 -16.91
CA SER I 462 -42.03 -40.68 -16.19
C SER I 462 -41.27 -41.76 -15.45
N GLY I 463 -40.02 -42.04 -15.82
CA GLY I 463 -39.18 -42.99 -15.13
C GLY I 463 -39.17 -44.40 -15.70
N PHE I 464 -39.98 -44.68 -16.71
CA PHE I 464 -40.00 -46.02 -17.30
C PHE I 464 -38.79 -46.19 -18.21
N ASP I 465 -38.59 -47.45 -18.65
CA ASP I 465 -37.48 -47.78 -19.52
C ASP I 465 -37.80 -47.25 -20.92
N PRO I 466 -37.02 -46.33 -21.50
CA PRO I 466 -37.42 -45.77 -22.80
C PRO I 466 -37.31 -46.75 -23.96
N LEU I 467 -36.36 -47.69 -23.92
CA LEU I 467 -36.17 -48.61 -25.04
C LEU I 467 -37.22 -49.72 -25.06
N ASP I 468 -37.76 -50.10 -23.90
CA ASP I 468 -38.72 -51.19 -23.84
C ASP I 468 -40.13 -50.78 -24.23
N VAL I 469 -40.54 -49.54 -23.95
CA VAL I 469 -41.88 -49.09 -24.32
C VAL I 469 -42.04 -48.79 -25.80
N LEU I 470 -40.95 -48.83 -26.59
CA LEU I 470 -41.02 -48.77 -28.04
C LEU I 470 -41.02 -50.14 -28.71
N ALA I 471 -40.90 -51.24 -27.95
CA ALA I 471 -40.91 -52.56 -28.55
C ALA I 471 -42.27 -52.89 -29.14
N MET I 472 -43.33 -52.78 -28.35
CA MET I 472 -44.68 -53.02 -28.86
C MET I 472 -45.11 -51.95 -29.86
N VAL I 473 -44.54 -50.75 -29.80
CA VAL I 473 -44.83 -49.74 -30.81
C VAL I 473 -44.28 -50.16 -32.16
N GLU I 474 -43.06 -50.72 -32.18
CA GLU I 474 -42.48 -51.21 -33.42
C GLU I 474 -43.26 -52.42 -33.93
N ASP I 475 -43.66 -53.32 -33.03
CA ASP I 475 -44.42 -54.50 -33.42
C ASP I 475 -45.82 -54.14 -33.90
N GLU I 476 -46.40 -53.03 -33.43
CA GLU I 476 -47.72 -52.63 -33.88
C GLU I 476 -47.70 -52.16 -35.34
N LEU I 477 -46.72 -51.34 -35.69
CA LEU I 477 -46.62 -50.83 -37.06
C LEU I 477 -46.20 -51.89 -38.06
N ASP I 478 -45.53 -52.96 -37.62
CA ASP I 478 -45.18 -54.04 -38.53
C ASP I 478 -46.42 -54.78 -39.02
N ASP I 479 -47.40 -54.97 -38.14
CA ASP I 479 -48.66 -55.63 -38.48
C ASP I 479 -49.72 -54.66 -38.98
N ALA I 480 -49.61 -53.37 -38.66
CA ALA I 480 -50.63 -52.41 -39.09
C ALA I 480 -50.61 -52.20 -40.60
N GLN I 481 -49.44 -52.27 -41.23
CA GLN I 481 -49.37 -52.10 -42.68
C GLN I 481 -50.00 -53.28 -43.41
N ASP I 482 -49.78 -54.50 -42.92
CA ASP I 482 -50.35 -55.70 -43.52
C ASP I 482 -51.80 -55.93 -43.13
N SER I 483 -52.25 -55.39 -41.99
CA SER I 483 -53.61 -55.57 -41.54
C SER I 483 -54.64 -54.74 -42.33
N ASP I 484 -54.20 -53.82 -43.18
CA ASP I 484 -55.10 -52.98 -43.99
C ASP I 484 -55.98 -52.11 -43.09
N GLU I 485 -55.32 -51.38 -42.19
CA GLU I 485 -56.02 -50.48 -41.26
C GLU I 485 -55.09 -49.31 -40.97
N THR I 486 -55.50 -48.10 -41.37
CA THR I 486 -54.69 -46.91 -41.19
C THR I 486 -54.96 -46.36 -39.80
N ARG I 487 -53.98 -46.52 -38.92
CA ARG I 487 -54.03 -46.01 -37.55
C ARG I 487 -52.68 -45.39 -37.20
N TYR I 488 -52.71 -44.43 -36.27
CA TYR I 488 -51.54 -43.71 -35.80
C TYR I 488 -51.36 -43.98 -34.32
N VAL I 489 -50.19 -44.47 -33.93
CA VAL I 489 -49.91 -44.85 -32.56
C VAL I 489 -49.50 -43.60 -31.78
N GLY I 490 -49.45 -43.74 -30.45
CA GLY I 490 -49.03 -42.68 -29.56
C GLY I 490 -48.17 -43.24 -28.43
N VAL I 491 -47.85 -42.36 -27.50
CA VAL I 491 -47.04 -42.67 -26.33
C VAL I 491 -47.76 -42.13 -25.11
N ASP I 492 -48.43 -43.04 -24.39
CA ASP I 492 -49.14 -42.71 -23.15
C ASP I 492 -48.21 -42.96 -21.97
N LEU I 493 -47.91 -41.91 -21.21
CA LEU I 493 -46.99 -41.99 -20.08
C LEU I 493 -47.64 -42.46 -18.78
N ASN I 494 -48.98 -42.56 -18.74
CA ASN I 494 -49.64 -42.99 -17.51
C ASN I 494 -49.38 -44.46 -17.21
N ILE I 495 -49.63 -45.32 -18.20
CA ILE I 495 -49.47 -46.78 -18.05
C ILE I 495 -48.20 -47.30 -18.71
N GLY I 496 -47.50 -46.52 -19.52
CA GLY I 496 -46.32 -47.00 -20.20
C GLY I 496 -46.60 -47.87 -21.40
N ASP I 497 -47.67 -47.59 -22.14
CA ASP I 497 -48.08 -48.37 -23.30
C ASP I 497 -48.52 -47.41 -24.41
N SER I 498 -48.62 -47.94 -25.62
CA SER I 498 -49.01 -47.15 -26.78
C SER I 498 -50.47 -46.71 -26.67
N CYS I 499 -50.83 -45.74 -27.51
CA CYS I 499 -52.17 -45.21 -27.55
C CYS I 499 -52.43 -44.63 -28.93
N ASP I 500 -53.64 -44.10 -29.13
CA ASP I 500 -54.09 -43.50 -30.38
C ASP I 500 -54.38 -42.02 -30.13
N PRO I 501 -53.64 -41.05 -30.69
CA PRO I 501 -53.97 -39.64 -30.41
C PRO I 501 -55.30 -39.18 -31.01
N THR I 502 -55.89 -39.94 -31.94
CA THR I 502 -57.14 -39.51 -32.56
C THR I 502 -58.29 -39.49 -31.56
N ILE I 503 -58.35 -40.49 -30.67
CA ILE I 503 -59.41 -40.59 -29.67
C ILE I 503 -59.03 -39.93 -28.34
N GLU I 504 -57.74 -39.90 -28.01
CA GLU I 504 -57.28 -39.28 -26.76
C GLU I 504 -57.28 -37.75 -26.81
N GLY I 505 -57.27 -37.16 -28.00
CA GLY I 505 -57.31 -35.72 -28.14
C GLY I 505 -55.98 -35.02 -28.17
N ILE I 506 -54.87 -35.75 -28.21
CA ILE I 506 -53.54 -35.14 -28.31
C ILE I 506 -53.32 -34.74 -29.76
N TRP I 507 -53.03 -33.46 -29.99
CA TRP I 507 -52.82 -32.91 -31.32
C TRP I 507 -51.70 -31.88 -31.27
N ASP I 508 -51.23 -31.49 -32.46
CA ASP I 508 -50.19 -30.48 -32.60
C ASP I 508 -50.45 -29.69 -33.88
N SER I 509 -50.02 -28.43 -33.87
CA SER I 509 -50.25 -27.55 -35.00
C SER I 509 -49.38 -27.96 -36.19
N TYR I 510 -49.69 -27.37 -37.35
CA TYR I 510 -49.02 -27.74 -38.59
C TYR I 510 -47.69 -27.01 -38.75
N ARG I 511 -47.68 -25.69 -38.61
CA ARG I 511 -46.48 -24.91 -38.84
C ARG I 511 -45.44 -25.04 -37.73
N VAL I 512 -45.79 -25.65 -36.58
CA VAL I 512 -44.81 -25.83 -35.51
C VAL I 512 -43.75 -26.84 -35.94
N LEU I 513 -44.17 -28.03 -36.34
CA LEU I 513 -43.21 -29.06 -36.74
C LEU I 513 -42.52 -28.72 -38.05
N ARG I 514 -43.21 -27.99 -38.94
CA ARG I 514 -42.58 -27.58 -40.20
C ARG I 514 -41.47 -26.58 -39.95
N ASN I 515 -41.76 -25.50 -39.22
CA ASN I 515 -40.75 -24.49 -38.94
C ASN I 515 -39.68 -24.99 -37.99
N ALA I 516 -39.99 -25.98 -37.14
CA ALA I 516 -39.02 -26.47 -36.19
C ALA I 516 -37.88 -27.20 -36.88
N ILE I 517 -38.22 -28.13 -37.79
CA ILE I 517 -37.19 -28.89 -38.49
C ILE I 517 -36.45 -27.99 -39.46
N THR I 518 -37.14 -27.02 -40.07
CA THR I 518 -36.48 -26.09 -40.99
C THR I 518 -35.50 -25.20 -40.25
N GLY I 519 -35.91 -24.68 -39.10
CA GLY I 519 -35.01 -23.85 -38.30
C GLY I 519 -33.91 -24.67 -37.65
N ALA I 520 -34.23 -25.90 -37.25
CA ALA I 520 -33.22 -26.75 -36.59
C ALA I 520 -32.21 -27.27 -37.59
N THR I 521 -32.66 -27.66 -38.79
CA THR I 521 -31.73 -28.16 -39.79
C THR I 521 -30.80 -27.07 -40.28
N GLY I 522 -31.28 -25.84 -40.37
CA GLY I 522 -30.42 -24.74 -40.77
C GLY I 522 -29.35 -24.42 -39.74
N ILE I 523 -29.74 -24.43 -38.46
CA ILE I 523 -28.79 -24.11 -37.40
C ILE I 523 -27.80 -25.25 -37.21
N ALA I 524 -28.29 -26.50 -37.21
CA ALA I 524 -27.40 -27.64 -37.01
C ALA I 524 -26.44 -27.82 -38.18
N SER I 525 -26.88 -27.53 -39.40
CA SER I 525 -25.98 -27.63 -40.55
C SER I 525 -24.89 -26.57 -40.49
N ASN I 526 -25.26 -25.33 -40.16
CA ASN I 526 -24.27 -24.26 -40.08
C ASN I 526 -23.25 -24.47 -38.97
N LEU I 527 -23.65 -25.12 -37.87
CA LEU I 527 -22.71 -25.39 -36.79
C LEU I 527 -21.75 -26.53 -37.15
N LEU I 528 -22.18 -27.46 -38.00
CA LEU I 528 -21.30 -28.57 -38.40
C LEU I 528 -20.22 -28.10 -39.37
N LEU I 529 -20.57 -27.26 -40.34
CA LEU I 529 -19.60 -26.78 -41.31
C LEU I 529 -18.55 -25.86 -40.72
N CYS I 530 -18.82 -25.22 -39.58
CA CYS I 530 -17.87 -24.35 -38.92
C CYS I 530 -16.78 -25.19 -38.28
N ASP I 531 -15.53 -24.93 -38.65
CA ASP I 531 -14.36 -25.67 -38.17
C ASP I 531 -13.34 -24.78 -37.47
N GLU I 532 -13.72 -23.58 -37.04
CA GLU I 532 -12.78 -22.70 -36.36
C GLU I 532 -13.54 -21.63 -35.60
N LEU I 533 -13.11 -21.37 -34.37
CA LEU I 533 -13.66 -20.34 -33.50
C LEU I 533 -12.55 -19.37 -33.11
N LEU I 534 -12.88 -18.08 -33.05
CA LEU I 534 -11.90 -17.06 -32.69
C LEU I 534 -12.63 -15.82 -32.21
N ARG I 535 -11.91 -15.00 -31.44
CA ARG I 535 -12.42 -13.74 -30.91
C ARG I 535 -11.40 -12.66 -31.22
N ALA I 536 -11.86 -11.55 -31.80
CA ALA I 536 -10.98 -10.44 -32.13
C ALA I 536 -11.82 -9.19 -32.35
N GLY I 537 -11.31 -8.06 -31.88
CA GLY I 537 -11.99 -6.79 -32.05
C GLY I 537 -11.43 -5.76 -31.09
N ARG I 538 -11.85 -4.51 -31.33
CA ARG I 538 -11.39 -3.36 -30.56
C ARG I 538 -12.34 -3.13 -29.40
N SER I 539 -11.79 -2.93 -28.21
CA SER I 539 -12.59 -2.68 -27.02
C SER I 539 -11.76 -2.01 -25.94
N GLN J 3 -19.86 -1.75 32.65
CA GLN J 3 -20.93 -2.29 31.82
C GLN J 3 -21.37 -1.30 30.76
N LEU J 4 -21.78 -0.11 31.20
CA LEU J 4 -22.28 0.95 30.30
C LEU J 4 -21.11 1.39 29.40
N PHE J 5 -20.07 2.02 29.94
CA PHE J 5 -18.95 2.53 29.18
C PHE J 5 -17.64 2.29 29.95
N ASN J 6 -16.53 2.48 29.25
CA ASN J 6 -15.21 2.34 29.86
C ASN J 6 -14.87 3.58 30.68
N ASN J 7 -14.22 3.35 31.81
CA ASN J 7 -13.89 4.43 32.73
C ASN J 7 -12.65 5.18 32.25
N SER J 8 -12.36 6.30 32.92
CA SER J 8 -11.20 7.11 32.56
C SER J 8 -9.91 6.35 32.88
N ARG J 9 -8.92 6.51 32.01
CA ARG J 9 -7.67 5.77 32.09
C ARG J 9 -6.63 6.61 32.83
N SER J 10 -6.53 6.38 34.15
CA SER J 10 -5.48 6.94 35.00
C SER J 10 -5.51 8.48 35.00
N ASP J 11 -6.62 9.03 35.50
CA ASP J 11 -6.77 10.47 35.62
C ASP J 11 -6.00 10.95 36.84
N THR J 12 -4.83 11.56 36.60
CA THR J 12 -3.97 12.08 37.67
C THR J 12 -3.52 10.98 38.64
N LEU J 13 -3.33 9.76 38.12
CA LEU J 13 -2.85 8.61 38.89
C LEU J 13 -1.54 8.04 38.37
N PHE J 14 -1.31 8.10 37.06
CA PHE J 14 -0.04 7.72 36.44
C PHE J 14 0.29 6.24 36.68
N LEU J 15 -0.60 5.38 36.17
CA LEU J 15 -0.38 3.94 36.08
C LEU J 15 -0.32 3.53 34.62
N GLY J 16 0.62 2.64 34.30
CA GLY J 16 0.76 2.16 32.94
C GLY J 16 -0.39 1.32 32.45
N GLY J 17 -1.10 0.66 33.36
CA GLY J 17 -2.23 -0.20 33.02
C GLY J 17 -3.56 0.48 33.19
N GLU J 18 -4.61 -0.31 33.40
CA GLU J 18 -5.98 0.17 33.53
C GLU J 18 -6.35 0.27 35.00
N LYS J 19 -7.26 1.19 35.33
CA LYS J 19 -7.76 1.40 36.68
C LYS J 19 -9.28 1.43 36.63
N ILE J 20 -9.92 0.66 37.49
CA ILE J 20 -11.37 0.63 37.64
C ILE J 20 -11.70 0.38 39.09
N SER J 21 -12.84 0.93 39.53
CA SER J 21 -13.24 0.85 40.92
C SER J 21 -14.77 1.03 41.01
N GLY J 22 -15.28 0.82 42.22
CA GLY J 22 -16.70 0.97 42.48
C GLY J 22 -17.47 -0.32 42.28
N ASP J 23 -18.79 -0.22 42.14
CA ASP J 23 -19.64 -1.38 41.94
C ASP J 23 -19.62 -1.92 40.52
N ASP J 24 -18.89 -1.29 39.59
CA ASP J 24 -18.86 -1.79 38.22
C ASP J 24 -18.10 -3.10 38.13
N ILE J 25 -16.91 -3.16 38.72
CA ILE J 25 -16.14 -4.41 38.73
C ILE J 25 -16.84 -5.48 39.55
N ARG J 26 -17.58 -5.10 40.59
CA ARG J 26 -18.34 -6.09 41.35
C ARG J 26 -19.44 -6.71 40.50
N ASN J 27 -20.03 -5.91 39.60
CA ASN J 27 -21.00 -6.45 38.66
C ASN J 27 -20.34 -7.32 37.60
N GLN J 28 -19.13 -6.94 37.17
CA GLN J 28 -18.42 -7.73 36.17
C GLN J 28 -18.01 -9.09 36.72
N ASN J 29 -17.72 -9.17 38.02
CA ASN J 29 -17.42 -10.47 38.63
C ASN J 29 -18.66 -11.36 38.67
N VAL J 30 -19.83 -10.76 38.87
CA VAL J 30 -21.06 -11.54 38.88
C VAL J 30 -21.35 -12.08 37.48
N LEU J 31 -21.25 -11.22 36.47
CA LEU J 31 -21.43 -11.69 35.09
C LEU J 31 -20.32 -12.63 34.67
N ALA J 32 -19.12 -12.48 35.23
CA ALA J 32 -18.03 -13.39 34.91
C ALA J 32 -18.29 -14.78 35.49
N THR J 33 -18.79 -14.85 36.74
CA THR J 33 -19.10 -16.13 37.34
C THR J 33 -20.35 -16.74 36.72
N MET J 34 -21.28 -15.91 36.26
CA MET J 34 -22.46 -16.42 35.57
C MET J 34 -22.15 -16.82 34.14
N ALA J 35 -21.19 -16.16 33.50
CA ALA J 35 -20.85 -16.51 32.12
C ALA J 35 -20.21 -17.89 32.03
N VAL J 36 -19.31 -18.22 32.98
CA VAL J 36 -18.70 -19.54 33.02
C VAL J 36 -19.62 -20.59 33.64
N ALA J 37 -20.65 -20.19 34.39
CA ALA J 37 -21.57 -21.12 35.01
C ALA J 37 -22.70 -21.55 34.08
N ASN J 38 -22.98 -20.81 33.00
CA ASN J 38 -24.05 -21.18 32.10
C ASN J 38 -23.77 -22.49 31.37
N VAL J 39 -22.51 -22.76 31.01
CA VAL J 39 -22.17 -24.05 30.40
C VAL J 39 -22.28 -25.20 31.40
N VAL J 40 -22.16 -24.91 32.70
CA VAL J 40 -22.31 -25.93 33.73
C VAL J 40 -23.78 -26.14 34.12
N LYS J 41 -24.68 -25.21 33.78
CA LYS J 41 -26.08 -25.33 34.16
C LYS J 41 -26.74 -26.52 33.48
N SER J 42 -26.61 -26.62 32.17
CA SER J 42 -27.28 -27.67 31.39
C SER J 42 -26.71 -29.06 31.64
N SER J 43 -25.54 -29.19 32.26
CA SER J 43 -24.91 -30.48 32.52
C SER J 43 -25.25 -31.06 33.89
N LEU J 44 -26.13 -30.41 34.67
CA LEU J 44 -26.43 -30.84 36.03
C LEU J 44 -27.61 -31.81 36.03
N GLY J 45 -27.49 -32.87 36.82
CA GLY J 45 -28.57 -33.80 37.03
C GLY J 45 -28.67 -34.83 35.93
N PRO J 46 -29.48 -35.88 36.12
CA PRO J 46 -29.65 -36.89 35.06
C PRO J 46 -30.27 -36.32 33.78
N VAL J 47 -31.10 -35.28 33.89
CA VAL J 47 -31.72 -34.68 32.70
C VAL J 47 -30.76 -33.81 31.91
N GLY J 48 -29.55 -33.56 32.41
CA GLY J 48 -28.60 -32.76 31.67
C GLY J 48 -28.03 -33.49 30.47
N LEU J 49 -27.61 -32.69 29.49
CA LEU J 49 -27.05 -33.17 28.23
C LEU J 49 -25.57 -32.83 28.17
N ASP J 50 -24.85 -33.62 27.38
CA ASP J 50 -23.41 -33.46 27.24
C ASP J 50 -23.09 -32.31 26.29
N LYS J 51 -21.79 -32.01 26.19
CA LYS J 51 -21.27 -30.98 25.30
C LYS J 51 -19.98 -31.49 24.66
N MET J 52 -19.54 -30.77 23.63
CA MET J 52 -18.32 -31.09 22.90
C MET J 52 -17.50 -29.82 22.68
N LEU J 53 -16.19 -29.95 22.89
CA LEU J 53 -15.23 -28.85 22.77
C LEU J 53 -14.29 -29.15 21.60
N VAL J 54 -14.22 -28.23 20.65
CA VAL J 54 -13.42 -28.37 19.44
C VAL J 54 -12.14 -27.58 19.62
N ASP J 55 -11.01 -28.20 19.26
CA ASP J 55 -9.68 -27.61 19.42
C ASP J 55 -9.18 -26.89 18.16
N ASP J 56 -10.05 -26.61 17.19
CA ASP J 56 -9.69 -25.98 15.93
C ASP J 56 -8.64 -26.75 15.14
N ILE J 57 -8.56 -28.08 15.33
CA ILE J 57 -7.72 -28.97 14.55
C ILE J 57 -8.47 -30.23 14.10
N GLY J 58 -9.80 -30.23 14.18
CA GLY J 58 -10.61 -31.40 13.92
C GLY J 58 -10.89 -32.24 15.15
N ASP J 59 -9.93 -32.31 16.09
CA ASP J 59 -10.09 -33.10 17.29
C ASP J 59 -11.18 -32.50 18.18
N PHE J 60 -12.01 -33.37 18.76
CA PHE J 60 -13.07 -32.99 19.67
C PHE J 60 -13.19 -34.03 20.76
N THR J 61 -13.80 -33.64 21.88
CA THR J 61 -14.00 -34.53 23.02
C THR J 61 -15.33 -34.22 23.68
N VAL J 62 -16.09 -35.29 23.95
CA VAL J 62 -17.39 -35.19 24.60
C VAL J 62 -17.16 -35.27 26.10
N THR J 63 -17.75 -34.33 26.84
CA THR J 63 -17.58 -34.24 28.28
C THR J 63 -18.86 -33.68 28.91
N ASN J 64 -19.27 -34.27 30.02
CA ASN J 64 -20.43 -33.84 30.80
C ASN J 64 -20.00 -33.08 32.06
N ASP J 65 -19.04 -33.61 32.81
CA ASP J 65 -18.59 -32.99 34.04
C ASP J 65 -17.80 -31.71 33.74
N GLY J 66 -17.98 -30.71 34.59
CA GLY J 66 -17.28 -29.44 34.45
C GLY J 66 -15.86 -29.42 34.94
N ALA J 67 -15.28 -30.57 35.30
CA ALA J 67 -13.89 -30.59 35.76
C ALA J 67 -12.94 -30.25 34.62
N THR J 68 -12.94 -31.06 33.56
CA THR J 68 -12.05 -30.86 32.43
C THR J 68 -12.59 -29.88 31.39
N ILE J 69 -13.89 -29.57 31.42
CA ILE J 69 -14.43 -28.59 30.48
C ILE J 69 -13.86 -27.20 30.78
N LEU J 70 -13.97 -26.77 32.03
CA LEU J 70 -13.43 -25.47 32.42
C LEU J 70 -11.91 -25.43 32.37
N SER J 71 -11.25 -26.58 32.56
CA SER J 71 -9.80 -26.61 32.43
C SER J 71 -9.38 -26.40 30.97
N LEU J 72 -10.17 -26.92 30.03
CA LEU J 72 -9.88 -26.72 28.61
C LEU J 72 -10.25 -25.32 28.15
N LEU J 73 -11.35 -24.77 28.65
CA LEU J 73 -11.75 -23.41 28.31
C LEU J 73 -10.76 -22.43 28.91
N ASP J 74 -9.91 -21.84 28.08
CA ASP J 74 -8.88 -20.92 28.53
C ASP J 74 -9.51 -19.55 28.74
N VAL J 75 -9.79 -19.21 30.01
CA VAL J 75 -10.37 -17.93 30.39
C VAL J 75 -9.24 -17.01 30.83
N GLN J 76 -9.35 -15.74 30.44
CA GLN J 76 -8.36 -14.71 30.78
C GLN J 76 -8.78 -13.84 31.96
N HIS J 77 -10.05 -13.82 32.32
CA HIS J 77 -10.48 -13.03 33.47
C HIS J 77 -10.07 -13.76 34.75
N PRO J 78 -9.33 -13.12 35.68
CA PRO J 78 -8.83 -13.89 36.83
C PRO J 78 -9.90 -14.29 37.83
N ALA J 79 -11.03 -13.58 37.88
CA ALA J 79 -12.10 -13.97 38.79
C ALA J 79 -12.73 -15.30 38.38
N GLY J 80 -12.76 -15.59 37.07
CA GLY J 80 -13.24 -16.88 36.61
C GLY J 80 -12.25 -18.01 36.81
N LYS J 81 -10.95 -17.70 36.92
CA LYS J 81 -9.96 -18.73 37.15
C LYS J 81 -10.13 -19.43 38.49
N ILE J 82 -10.70 -18.76 39.48
CA ILE J 82 -10.90 -19.38 40.79
C ILE J 82 -11.95 -20.47 40.69
N LEU J 83 -13.01 -20.26 39.91
CA LEU J 83 -13.98 -21.32 39.65
C LEU J 83 -13.39 -22.41 38.78
N VAL J 84 -12.45 -22.07 37.89
CA VAL J 84 -11.78 -23.08 37.08
C VAL J 84 -10.95 -23.98 37.98
N GLU J 85 -10.18 -23.39 38.90
CA GLU J 85 -9.39 -24.16 39.84
C GLU J 85 -10.27 -24.85 40.89
N LEU J 86 -11.43 -24.28 41.21
CA LEU J 86 -12.35 -24.93 42.13
C LEU J 86 -12.87 -26.23 41.54
N ALA J 87 -13.13 -26.25 40.23
CA ALA J 87 -13.55 -27.47 39.56
C ALA J 87 -12.44 -28.51 39.57
N GLN J 88 -11.19 -28.07 39.41
CA GLN J 88 -10.06 -28.99 39.48
C GLN J 88 -9.77 -29.42 40.90
N GLN J 89 -9.98 -28.53 41.87
CA GLN J 89 -9.74 -28.88 43.26
C GLN J 89 -10.70 -29.96 43.73
N GLN J 90 -12.00 -29.80 43.44
CA GLN J 90 -13.00 -30.77 43.87
C GLN J 90 -12.82 -32.13 43.21
N ASP J 91 -12.19 -32.18 42.03
CA ASP J 91 -11.93 -33.46 41.38
C ASP J 91 -10.82 -34.23 42.10
N ARG J 92 -9.86 -33.53 42.72
CA ARG J 92 -8.75 -34.21 43.37
C ARG J 92 -9.19 -34.85 44.69
N GLU J 93 -9.81 -34.08 45.58
CA GLU J 93 -10.14 -34.61 46.91
C GLU J 93 -11.34 -35.55 46.84
N ILE J 94 -12.50 -35.03 46.43
CA ILE J 94 -13.75 -35.79 46.46
C ILE J 94 -13.92 -36.62 45.19
N GLY J 95 -13.65 -36.02 44.03
CA GLY J 95 -13.82 -36.68 42.76
C GLY J 95 -15.24 -36.66 42.20
N ASP J 96 -16.16 -35.94 42.82
CA ASP J 96 -17.54 -35.83 42.35
C ASP J 96 -18.10 -34.49 42.80
N GLY J 97 -19.04 -33.97 42.02
CA GLY J 97 -19.69 -32.71 42.32
C GLY J 97 -18.98 -31.48 41.80
N THR J 98 -18.16 -31.61 40.75
CA THR J 98 -17.51 -30.44 40.17
C THR J 98 -18.52 -29.50 39.52
N THR J 99 -19.59 -30.07 38.96
CA THR J 99 -20.66 -29.27 38.35
C THR J 99 -21.47 -28.49 39.38
N SER J 100 -21.53 -28.96 40.63
CA SER J 100 -22.40 -28.34 41.65
C SER J 100 -21.74 -27.17 42.35
N VAL J 101 -20.43 -27.24 42.59
CA VAL J 101 -19.74 -26.15 43.29
C VAL J 101 -19.69 -24.89 42.43
N VAL J 102 -19.61 -25.04 41.11
CA VAL J 102 -19.58 -23.88 40.24
C VAL J 102 -20.95 -23.19 40.24
N ILE J 103 -22.03 -23.97 40.26
CA ILE J 103 -23.37 -23.39 40.27
C ILE J 103 -23.67 -22.81 41.65
N ILE J 104 -23.24 -23.48 42.72
CA ILE J 104 -23.50 -23.00 44.07
C ILE J 104 -22.68 -21.75 44.34
N ALA J 105 -21.41 -21.74 43.94
CA ALA J 105 -20.55 -20.58 44.19
C ALA J 105 -21.00 -19.37 43.38
N SER J 106 -21.49 -19.60 42.16
CA SER J 106 -21.93 -18.49 41.32
C SER J 106 -23.21 -17.86 41.86
N GLU J 107 -24.16 -18.68 42.32
CA GLU J 107 -25.41 -18.15 42.86
C GLU J 107 -25.22 -17.47 44.20
N LEU J 108 -24.28 -17.94 45.03
CA LEU J 108 -24.00 -17.26 46.29
C LEU J 108 -23.45 -15.85 46.03
N LEU J 109 -22.64 -15.69 44.99
CA LEU J 109 -22.19 -14.36 44.59
C LEU J 109 -23.29 -13.58 43.91
N LYS J 110 -24.13 -14.26 43.11
CA LYS J 110 -25.23 -13.57 42.43
C LYS J 110 -26.28 -13.10 43.42
N ARG J 111 -26.69 -13.95 44.35
CA ARG J 111 -27.67 -13.58 45.36
C ARG J 111 -27.13 -12.58 46.36
N ALA J 112 -25.83 -12.61 46.64
CA ALA J 112 -25.19 -11.62 47.50
C ALA J 112 -24.96 -10.29 46.81
N ASN J 113 -25.09 -10.23 45.48
CA ASN J 113 -24.92 -8.95 44.77
C ASN J 113 -26.00 -7.96 45.17
N GLU J 114 -27.21 -8.45 45.47
CA GLU J 114 -28.26 -7.56 45.95
C GLU J 114 -27.92 -7.01 47.33
N LEU J 115 -27.21 -7.79 48.16
CA LEU J 115 -26.83 -7.32 49.48
C LEU J 115 -25.72 -6.27 49.45
N VAL J 116 -24.98 -6.15 48.34
CA VAL J 116 -23.90 -5.18 48.26
C VAL J 116 -24.47 -3.76 48.19
N LYS J 117 -25.45 -3.53 47.31
CA LYS J 117 -26.05 -2.22 47.14
C LYS J 117 -27.04 -1.85 48.26
N ASN J 118 -27.30 -2.76 49.20
CA ASN J 118 -28.02 -2.43 50.43
C ASN J 118 -27.12 -1.81 51.51
N LYS J 119 -25.86 -1.50 51.20
CA LYS J 119 -24.88 -1.01 52.18
C LYS J 119 -24.67 -1.99 53.33
N ILE J 120 -24.80 -3.29 53.05
CA ILE J 120 -24.33 -4.34 53.96
C ILE J 120 -22.89 -4.63 53.57
N HIS J 121 -21.99 -4.58 54.54
CA HIS J 121 -20.58 -4.80 54.24
C HIS J 121 -20.35 -6.28 53.91
N PRO J 122 -19.35 -6.62 53.09
CA PRO J 122 -19.10 -8.04 52.84
C PRO J 122 -18.63 -8.80 54.07
N THR J 123 -18.00 -8.12 55.03
CA THR J 123 -17.57 -8.79 56.27
C THR J 123 -18.77 -9.28 57.07
N THR J 124 -19.85 -8.50 57.09
CA THR J 124 -21.07 -8.93 57.76
C THR J 124 -21.81 -10.00 56.95
N ILE J 125 -21.68 -9.96 55.62
CA ILE J 125 -22.38 -10.94 54.79
C ILE J 125 -21.75 -12.32 54.95
N ILE J 126 -20.42 -12.40 54.86
CA ILE J 126 -19.75 -13.69 55.02
C ILE J 126 -19.89 -14.22 56.44
N THR J 127 -20.00 -13.35 57.44
CA THR J 127 -20.23 -13.82 58.81
C THR J 127 -21.61 -14.46 58.92
N GLY J 128 -22.62 -13.87 58.27
CA GLY J 128 -23.93 -14.49 58.24
C GLY J 128 -23.95 -15.77 57.43
N PHE J 129 -23.08 -15.86 56.42
CA PHE J 129 -22.95 -17.10 55.65
C PHE J 129 -22.25 -18.18 56.46
N ARG J 130 -21.27 -17.78 57.27
CA ARG J 130 -20.45 -18.76 58.00
C ARG J 130 -21.21 -19.36 59.17
N VAL J 131 -21.99 -18.54 59.89
CA VAL J 131 -22.83 -19.08 60.95
C VAL J 131 -23.91 -19.97 60.36
N ALA J 132 -24.37 -19.67 59.14
CA ALA J 132 -25.29 -20.57 58.45
C ALA J 132 -24.57 -21.84 58.01
N LEU J 133 -23.27 -21.75 57.73
CA LEU J 133 -22.53 -22.93 57.29
C LEU J 133 -22.37 -23.94 58.42
N ARG J 134 -21.81 -23.50 59.57
CA ARG J 134 -21.59 -24.44 60.66
C ARG J 134 -22.90 -24.93 61.27
N GLU J 135 -23.96 -24.13 61.19
CA GLU J 135 -25.29 -24.62 61.55
C GLU J 135 -25.78 -25.65 60.54
N ALA J 136 -25.41 -25.49 59.27
CA ALA J 136 -25.82 -26.46 58.25
C ALA J 136 -25.02 -27.76 58.37
N ILE J 137 -23.75 -27.68 58.76
CA ILE J 137 -22.93 -28.89 58.90
C ILE J 137 -23.43 -29.73 60.07
N ARG J 138 -23.81 -29.08 61.17
CA ARG J 138 -24.35 -29.84 62.30
C ARG J 138 -25.69 -30.46 61.96
N PHE J 139 -26.53 -29.76 61.18
CA PHE J 139 -27.79 -30.33 60.74
C PHE J 139 -27.56 -31.48 59.77
N ILE J 140 -26.53 -31.39 58.94
CA ILE J 140 -26.17 -32.50 58.06
C ILE J 140 -25.65 -33.67 58.91
N ASN J 141 -24.94 -33.36 60.00
CA ASN J 141 -24.47 -34.41 60.90
C ASN J 141 -25.59 -35.04 61.72
N GLU J 142 -26.74 -34.37 61.83
CA GLU J 142 -27.88 -34.95 62.53
C GLU J 142 -28.74 -35.79 61.60
N VAL J 143 -28.93 -35.35 60.36
CA VAL J 143 -29.87 -35.98 59.42
C VAL J 143 -29.24 -37.18 58.70
N LEU J 144 -27.94 -37.42 58.86
CA LEU J 144 -27.30 -38.56 58.22
C LEU J 144 -27.84 -39.87 58.79
N SER J 145 -27.77 -40.92 57.97
CA SER J 145 -28.31 -42.23 58.27
C SER J 145 -27.20 -43.28 58.30
N THR J 146 -27.49 -44.39 58.98
CA THR J 146 -26.56 -45.50 59.03
C THR J 146 -26.53 -46.25 57.70
N SER J 147 -25.56 -47.15 57.56
CA SER J 147 -25.27 -47.83 56.31
C SER J 147 -25.82 -49.26 56.24
N VAL J 148 -26.50 -49.75 57.29
CA VAL J 148 -27.03 -51.11 57.26
C VAL J 148 -28.38 -51.16 56.56
N ASP J 149 -29.40 -50.57 57.18
CA ASP J 149 -30.73 -50.27 56.59
C ASP J 149 -31.57 -51.53 56.40
N THR J 150 -31.04 -52.75 56.56
CA THR J 150 -31.77 -53.98 56.27
C THR J 150 -30.91 -55.17 56.69
N LEU J 151 -31.36 -56.39 56.37
CA LEU J 151 -30.54 -57.58 56.64
C LEU J 151 -29.30 -57.61 55.76
N GLY J 152 -29.48 -57.47 54.45
CA GLY J 152 -28.37 -57.47 53.51
C GLY J 152 -27.72 -56.09 53.40
N LYS J 153 -26.71 -56.02 52.53
CA LYS J 153 -26.04 -54.74 52.29
C LYS J 153 -27.00 -53.74 51.65
N GLU J 154 -27.39 -53.99 50.40
CA GLU J 154 -28.41 -53.21 49.67
C GLU J 154 -28.09 -51.71 49.60
N THR J 155 -26.80 -51.35 49.67
CA THR J 155 -26.34 -49.96 49.66
C THR J 155 -25.41 -49.64 48.50
N LEU J 156 -24.37 -50.43 48.29
CA LEU J 156 -23.34 -50.07 47.32
C LEU J 156 -23.85 -50.12 45.89
N ILE J 157 -24.88 -50.92 45.61
CA ILE J 157 -25.48 -50.93 44.28
C ILE J 157 -26.20 -49.62 44.02
N ASN J 158 -26.83 -49.06 45.07
CA ASN J 158 -27.54 -47.79 44.92
C ASN J 158 -26.61 -46.59 44.90
N ILE J 159 -25.44 -46.68 45.53
CA ILE J 159 -24.49 -45.57 45.53
C ILE J 159 -23.95 -45.35 44.12
N ALA J 160 -23.75 -46.43 43.36
CA ALA J 160 -23.21 -46.30 42.02
C ALA J 160 -24.17 -45.59 41.07
N LYS J 161 -25.47 -45.70 41.32
CA LYS J 161 -26.45 -45.08 40.42
C LYS J 161 -26.38 -43.56 40.47
N THR J 162 -26.04 -43.00 41.64
CA THR J 162 -25.93 -41.54 41.73
C THR J 162 -24.71 -41.03 40.95
N SER J 163 -23.58 -41.70 41.07
CA SER J 163 -22.40 -41.31 40.30
C SER J 163 -22.55 -41.62 38.82
N MET J 164 -23.25 -42.70 38.49
CA MET J 164 -23.45 -43.11 37.11
C MET J 164 -24.56 -42.33 36.40
N SER J 165 -25.39 -41.59 37.13
CA SER J 165 -26.41 -40.79 36.49
C SER J 165 -25.79 -39.63 35.70
N SER J 166 -26.57 -39.09 34.77
CA SER J 166 -26.17 -37.97 33.92
C SER J 166 -25.02 -38.33 32.98
N LYS J 167 -24.85 -39.61 32.65
CA LYS J 167 -23.81 -40.10 31.76
C LYS J 167 -24.47 -40.81 30.57
N ILE J 168 -23.65 -41.10 29.55
CA ILE J 168 -24.11 -41.85 28.40
C ILE J 168 -24.55 -43.26 28.80
N ILE J 169 -23.88 -43.86 29.80
CA ILE J 169 -24.15 -45.22 30.24
C ILE J 169 -24.99 -45.24 31.52
N GLY J 170 -25.76 -44.18 31.78
CA GLY J 170 -26.67 -44.18 32.91
C GLY J 170 -27.77 -45.21 32.80
N ALA J 171 -28.18 -45.55 31.58
CA ALA J 171 -29.17 -46.61 31.39
C ALA J 171 -28.57 -47.97 31.71
N ASP J 172 -27.29 -48.18 31.41
CA ASP J 172 -26.58 -49.41 31.73
C ASP J 172 -26.00 -49.42 33.15
N SER J 173 -26.42 -48.50 34.02
CA SER J 173 -25.88 -48.47 35.38
C SER J 173 -26.27 -49.70 36.18
N ASP J 174 -27.38 -50.35 35.84
CA ASP J 174 -27.76 -51.59 36.52
C ASP J 174 -26.74 -52.69 36.29
N PHE J 175 -26.13 -52.74 35.10
CA PHE J 175 -25.10 -53.73 34.83
C PHE J 175 -23.75 -53.30 35.41
N PHE J 176 -23.41 -52.01 35.28
CA PHE J 176 -22.14 -51.51 35.79
C PHE J 176 -22.12 -51.30 37.30
N SER J 177 -23.28 -51.31 37.97
CA SER J 177 -23.28 -51.17 39.42
C SER J 177 -22.63 -52.38 40.09
N ASN J 178 -22.91 -53.58 39.60
CA ASN J 178 -22.23 -54.76 40.10
C ASN J 178 -20.76 -54.77 39.73
N MET J 179 -20.39 -54.11 38.62
CA MET J 179 -19.00 -54.13 38.18
C MET J 179 -18.11 -53.30 39.10
N VAL J 180 -18.53 -52.08 39.43
CA VAL J 180 -17.68 -51.19 40.21
C VAL J 180 -17.53 -51.68 41.65
N VAL J 181 -18.58 -52.24 42.23
CA VAL J 181 -18.48 -52.74 43.61
C VAL J 181 -17.59 -53.99 43.67
N ASP J 182 -17.67 -54.86 42.67
CA ASP J 182 -16.78 -56.00 42.61
C ASP J 182 -15.34 -55.62 42.30
N ALA J 183 -15.11 -54.45 41.69
CA ALA J 183 -13.75 -54.05 41.34
C ALA J 183 -13.01 -53.49 42.56
N LEU J 184 -13.63 -52.56 43.29
CA LEU J 184 -12.98 -51.92 44.41
C LEU J 184 -12.83 -52.82 45.64
N LEU J 185 -13.72 -53.80 45.81
CA LEU J 185 -13.57 -54.79 46.87
C LEU J 185 -12.43 -55.77 46.62
N ALA J 186 -11.93 -55.85 45.38
CA ALA J 186 -10.82 -56.74 45.04
C ALA J 186 -9.45 -56.07 45.24
N VAL J 187 -9.36 -54.76 45.05
CA VAL J 187 -8.09 -54.03 45.08
C VAL J 187 -7.87 -53.31 46.41
N LYS J 188 -8.52 -53.76 47.48
CA LYS J 188 -8.28 -53.16 48.79
C LYS J 188 -6.87 -53.51 49.27
N THR J 189 -6.43 -52.78 50.30
CA THR J 189 -5.10 -52.96 50.89
C THR J 189 -5.20 -52.74 52.40
N GLN J 190 -4.05 -52.79 53.06
CA GLN J 190 -3.94 -52.65 54.51
C GLN J 190 -2.79 -51.71 54.83
N ASN J 191 -3.05 -50.74 55.70
CA ASN J 191 -2.03 -49.77 56.10
C ASN J 191 -2.45 -49.15 57.42
N SER J 192 -1.45 -48.61 58.14
CA SER J 192 -1.66 -47.88 59.39
C SER J 192 -2.29 -48.76 60.48
N LYS J 193 -2.01 -50.06 60.45
CA LYS J 193 -2.44 -51.02 61.48
C LYS J 193 -3.96 -51.05 61.60
N GLY J 194 -4.60 -51.49 60.51
CA GLY J 194 -6.04 -51.74 60.48
C GLY J 194 -6.85 -50.78 59.62
N GLU J 195 -6.26 -49.70 59.09
CA GLU J 195 -6.98 -48.76 58.24
C GLU J 195 -6.97 -49.29 56.80
N ILE J 196 -8.16 -49.48 56.24
CA ILE J 196 -8.33 -50.00 54.89
C ILE J 196 -8.34 -48.81 53.93
N LYS J 197 -7.61 -48.94 52.83
CA LYS J 197 -7.53 -47.93 51.78
C LYS J 197 -7.98 -48.53 50.45
N TYR J 198 -8.37 -47.66 49.52
CA TYR J 198 -8.90 -48.03 48.21
C TYR J 198 -8.23 -47.15 47.17
N PRO J 199 -7.08 -47.55 46.59
CA PRO J 199 -6.38 -46.65 45.65
C PRO J 199 -7.17 -46.46 44.37
N VAL J 200 -7.60 -45.21 44.11
CA VAL J 200 -8.30 -44.90 42.88
C VAL J 200 -7.30 -44.91 41.72
N LYS J 201 -7.79 -45.30 40.55
CA LYS J 201 -7.05 -45.45 39.29
C LYS J 201 -6.16 -46.70 39.26
N ALA J 202 -6.12 -47.50 40.33
CA ALA J 202 -5.34 -48.73 40.32
C ALA J 202 -5.88 -49.74 39.31
N VAL J 203 -7.18 -49.75 39.06
CA VAL J 203 -7.77 -50.63 38.06
C VAL J 203 -7.47 -50.04 36.68
N ASN J 204 -7.34 -50.91 35.68
CA ASN J 204 -6.95 -50.52 34.33
C ASN J 204 -8.19 -50.33 33.47
N VAL J 205 -8.38 -49.12 32.97
CA VAL J 205 -9.50 -48.76 32.09
C VAL J 205 -8.97 -48.78 30.66
N LEU J 206 -9.41 -49.78 29.89
CA LEU J 206 -8.95 -50.00 28.53
C LEU J 206 -9.94 -49.42 27.53
N LYS J 207 -9.40 -48.77 26.50
CA LYS J 207 -10.20 -48.17 25.43
C LYS J 207 -10.35 -49.20 24.33
N ALA J 208 -11.31 -50.10 24.49
CA ALA J 208 -11.62 -51.15 23.53
C ALA J 208 -12.80 -50.75 22.67
N HIS J 209 -12.88 -51.34 21.49
CA HIS J 209 -14.00 -51.16 20.57
C HIS J 209 -14.55 -52.53 20.21
N GLY J 210 -15.86 -52.60 19.99
CA GLY J 210 -16.52 -53.86 19.73
C GLY J 210 -18.01 -53.84 20.01
N LYS J 211 -18.42 -54.84 20.79
CA LYS J 211 -19.82 -55.29 20.91
C LYS J 211 -20.68 -54.15 21.47
N SER J 212 -20.54 -53.79 22.73
CA SER J 212 -21.40 -52.77 23.36
C SER J 212 -20.92 -52.54 24.78
N ALA J 213 -21.45 -51.49 25.40
CA ALA J 213 -21.18 -51.23 26.81
C ALA J 213 -21.91 -52.21 27.72
N THR J 214 -23.00 -52.82 27.26
CA THR J 214 -23.72 -53.78 28.08
C THR J 214 -22.96 -55.09 28.25
N GLU J 215 -22.25 -55.53 27.20
CA GLU J 215 -21.52 -56.80 27.21
C GLU J 215 -20.06 -56.61 27.60
N SER J 216 -19.76 -55.62 28.44
CA SER J 216 -18.40 -55.39 28.90
C SER J 216 -18.07 -56.41 29.99
N LEU J 217 -17.10 -57.28 29.70
CA LEU J 217 -16.74 -58.36 30.61
C LEU J 217 -15.79 -57.85 31.69
N LEU J 218 -16.14 -58.10 32.95
CA LEU J 218 -15.28 -57.74 34.05
C LEU J 218 -14.15 -58.76 34.18
N VAL J 219 -12.93 -58.28 34.19
CA VAL J 219 -11.76 -59.17 34.29
C VAL J 219 -11.54 -59.53 35.76
N PRO J 220 -11.42 -60.85 36.12
CA PRO J 220 -11.06 -61.16 37.53
C PRO J 220 -9.54 -61.15 37.70
N GLY J 221 -8.97 -59.97 37.55
CA GLY J 221 -7.53 -59.78 37.59
C GLY J 221 -7.10 -58.56 36.78
N TYR J 222 -5.81 -58.26 36.79
CA TYR J 222 -5.28 -57.08 36.12
C TYR J 222 -5.02 -57.39 34.65
N ALA J 223 -5.24 -56.38 33.81
CA ALA J 223 -5.05 -56.47 32.36
C ALA J 223 -4.01 -55.44 31.95
N LEU J 224 -2.88 -55.93 31.42
CA LEU J 224 -1.78 -55.09 30.97
C LEU J 224 -1.99 -54.72 29.51
N ASN J 225 -1.88 -53.42 29.22
CA ASN J 225 -2.11 -52.89 27.87
C ASN J 225 -0.77 -52.68 27.19
N CYS J 226 -0.29 -53.73 26.54
CA CYS J 226 0.98 -53.66 25.81
C CYS J 226 1.02 -54.80 24.80
N THR J 227 1.85 -54.62 23.78
CA THR J 227 1.99 -55.57 22.69
C THR J 227 3.14 -56.53 22.97
N VAL J 228 3.10 -57.68 22.30
CA VAL J 228 4.15 -58.68 22.40
C VAL J 228 5.34 -58.24 21.56
N ALA J 229 6.53 -58.63 21.98
CA ALA J 229 7.75 -58.23 21.26
C ALA J 229 7.83 -58.92 19.91
N SER J 230 7.92 -60.24 19.90
CA SER J 230 8.04 -61.05 18.69
C SER J 230 6.76 -61.83 18.45
N GLN J 231 6.51 -62.15 17.18
CA GLN J 231 5.33 -62.88 16.76
C GLN J 231 5.49 -64.39 16.86
N ALA J 232 6.72 -64.90 16.88
CA ALA J 232 6.97 -66.33 16.99
C ALA J 232 6.92 -66.85 18.43
N MET J 233 6.52 -66.01 19.41
CA MET J 233 6.47 -66.41 20.81
C MET J 233 5.14 -67.10 21.11
N PRO J 234 5.05 -67.87 22.19
CA PRO J 234 3.74 -68.42 22.58
C PRO J 234 2.85 -67.35 23.17
N LYS J 235 1.61 -67.28 22.68
CA LYS J 235 0.66 -66.26 23.10
C LYS J 235 -0.08 -66.65 24.37
N ARG J 236 -0.46 -67.93 24.48
CA ARG J 236 -1.25 -68.44 25.61
C ARG J 236 -0.36 -69.37 26.44
N ILE J 237 -0.36 -69.14 27.76
CA ILE J 237 0.39 -69.94 28.72
C ILE J 237 -0.61 -70.48 29.74
N ALA J 238 -0.81 -71.79 29.74
CA ALA J 238 -1.74 -72.47 30.63
C ALA J 238 -0.99 -73.06 31.81
N GLY J 239 -1.73 -73.75 32.67
CA GLY J 239 -1.16 -74.40 33.85
C GLY J 239 -1.13 -73.47 35.04
N GLY J 240 -1.21 -74.07 36.23
CA GLY J 240 -1.20 -73.31 37.46
C GLY J 240 0.19 -72.89 37.89
N ASN J 241 0.23 -71.90 38.78
CA ASN J 241 1.46 -71.37 39.36
C ASN J 241 2.40 -70.82 38.29
N VAL J 242 1.86 -69.87 37.52
CA VAL J 242 2.64 -69.18 36.51
C VAL J 242 3.44 -68.08 37.20
N LYS J 243 4.77 -68.14 37.06
CA LYS J 243 5.65 -67.21 37.75
C LYS J 243 5.75 -65.90 36.98
N ILE J 244 5.71 -64.79 37.72
CA ILE J 244 5.75 -63.43 37.18
C ILE J 244 7.03 -62.78 37.67
N ALA J 245 7.85 -62.31 36.73
CA ALA J 245 9.09 -61.60 37.02
C ALA J 245 8.94 -60.15 36.60
N CYS J 246 9.21 -59.23 37.54
CA CYS J 246 9.08 -57.79 37.33
C CYS J 246 10.47 -57.17 37.45
N LEU J 247 11.08 -56.85 36.30
CA LEU J 247 12.40 -56.24 36.22
C LEU J 247 12.26 -54.81 35.73
N ASP J 248 13.26 -53.99 36.06
CA ASP J 248 13.35 -52.60 35.61
C ASP J 248 14.71 -52.20 35.10
N LEU J 249 15.76 -53.00 35.32
CA LEU J 249 17.09 -52.64 34.87
C LEU J 249 17.16 -52.66 33.35
N ASN J 250 18.25 -52.07 32.84
CA ASN J 250 18.44 -51.94 31.39
C ASN J 250 18.92 -53.27 30.82
N LEU J 251 18.08 -53.90 29.99
CA LEU J 251 18.35 -55.22 29.45
C LEU J 251 18.91 -55.21 28.03
N GLN J 252 18.68 -54.15 27.26
CA GLN J 252 19.30 -54.05 25.94
C GLN J 252 20.79 -53.76 26.08
N LYS J 253 21.52 -54.01 24.99
CA LYS J 253 22.96 -53.78 25.00
C LYS J 253 23.24 -52.28 25.05
N ALA J 254 24.05 -52.03 26.09
CA ALA J 254 24.41 -50.68 26.34
C ALA J 254 25.86 -50.60 26.64
N ARG J 255 26.39 -49.41 26.51
CA ARG J 255 27.77 -49.20 26.68
C ARG J 255 28.18 -49.19 28.07
N MET J 256 29.47 -49.10 28.26
CA MET J 256 29.97 -48.99 29.58
C MET J 256 29.77 -47.56 29.99
N ALA J 257 30.01 -47.23 31.23
CA ALA J 257 29.70 -45.91 31.74
C ALA J 257 30.46 -44.79 31.14
N MET J 258 30.14 -43.59 31.50
CA MET J 258 30.72 -42.47 30.83
C MET J 258 32.20 -42.45 30.90
N GLY J 259 32.71 -42.78 32.04
CA GLY J 259 34.12 -42.72 32.18
C GLY J 259 34.86 -43.69 31.34
N VAL J 260 34.37 -44.90 31.23
CA VAL J 260 35.14 -45.89 30.58
C VAL J 260 35.31 -45.77 29.11
N GLN J 261 36.54 -45.65 28.71
CA GLN J 261 36.88 -45.49 27.34
C GLN J 261 37.76 -46.64 27.09
N ILE J 262 37.43 -47.49 26.14
CA ILE J 262 38.21 -48.68 25.93
C ILE J 262 39.28 -48.23 25.03
N ASN J 263 40.52 -48.40 25.42
CA ASN J 263 41.63 -48.01 24.59
C ASN J 263 42.43 -49.22 24.55
N ILE J 264 42.79 -49.67 23.35
CA ILE J 264 43.44 -50.95 23.22
C ILE J 264 44.78 -50.89 22.55
N ASP J 265 45.78 -51.55 23.10
CA ASP J 265 47.05 -51.62 22.43
C ASP J 265 47.34 -52.98 21.78
N ASP J 266 47.04 -54.08 22.46
CA ASP J 266 47.18 -55.40 21.85
C ASP J 266 45.86 -55.81 21.16
N PRO J 267 45.69 -55.70 19.83
CA PRO J 267 44.44 -55.95 19.08
C PRO J 267 43.89 -57.35 19.24
N GLU J 268 44.59 -58.26 19.91
CA GLU J 268 44.08 -59.63 20.08
C GLU J 268 42.85 -59.65 20.97
N GLN J 269 42.85 -58.87 22.05
CA GLN J 269 41.74 -58.81 23.00
C GLN J 269 40.65 -57.83 22.57
N LEU J 270 40.75 -57.23 21.38
CA LEU J 270 39.71 -56.31 20.92
C LEU J 270 38.39 -57.05 20.65
N GLU J 271 38.49 -58.28 20.16
CA GLU J 271 37.27 -59.08 19.94
C GLU J 271 36.74 -59.64 21.24
N GLN J 272 37.63 -59.93 22.21
CA GLN J 272 37.18 -60.52 23.47
C GLN J 272 36.38 -59.53 24.29
N ILE J 273 36.79 -58.26 24.32
CA ILE J 273 36.00 -57.25 25.04
C ILE J 273 34.65 -57.04 24.36
N ARG J 274 34.59 -57.18 23.03
CA ARG J 274 33.30 -57.15 22.35
C ARG J 274 32.42 -58.33 22.75
N LYS J 275 33.02 -59.50 22.95
CA LYS J 275 32.24 -60.68 23.29
C LYS J 275 31.67 -60.58 24.69
N ARG J 276 32.47 -60.13 25.66
CA ARG J 276 31.99 -60.09 27.05
C ARG J 276 30.95 -59.01 27.25
N GLU J 277 31.01 -57.92 26.49
CA GLU J 277 29.93 -56.94 26.53
C GLU J 277 28.64 -57.53 25.98
N ALA J 278 28.73 -58.40 24.97
CA ALA J 278 27.58 -59.15 24.50
C ALA J 278 27.25 -60.34 25.40
N GLY J 279 28.22 -60.84 26.17
CA GLY J 279 28.00 -61.96 27.05
C GLY J 279 27.49 -61.56 28.42
N ILE J 280 27.93 -60.40 28.92
CA ILE J 280 27.52 -59.96 30.26
C ILE J 280 26.03 -59.66 30.32
N VAL J 281 25.41 -59.26 29.23
CA VAL J 281 23.97 -59.04 29.19
C VAL J 281 23.19 -60.34 29.08
N LEU J 282 23.77 -61.38 28.48
CA LEU J 282 23.13 -62.69 28.38
C LEU J 282 23.27 -63.52 29.65
N GLU J 283 24.27 -63.23 30.49
CA GLU J 283 24.39 -63.93 31.77
C GLU J 283 23.21 -63.60 32.68
N ARG J 284 22.66 -62.39 32.57
CA ARG J 284 21.45 -62.07 33.33
C ARG J 284 20.26 -62.87 32.84
N VAL J 285 20.13 -63.03 31.52
CA VAL J 285 19.03 -63.81 30.96
C VAL J 285 19.21 -65.29 31.25
N LYS J 286 20.45 -65.75 31.44
CA LYS J 286 20.69 -67.16 31.71
C LYS J 286 20.11 -67.59 33.05
N LYS J 287 20.30 -66.76 34.08
CA LYS J 287 19.83 -67.11 35.42
C LYS J 287 18.32 -66.98 35.57
N ILE J 288 17.66 -66.14 34.77
CA ILE J 288 16.20 -66.06 34.79
C ILE J 288 15.61 -67.36 34.24
N ILE J 289 16.25 -67.93 33.21
CA ILE J 289 15.82 -69.22 32.69
C ILE J 289 16.04 -70.32 33.72
N ASP J 290 17.14 -70.22 34.47
CA ASP J 290 17.38 -71.17 35.56
C ASP J 290 16.33 -71.03 36.66
N ALA J 291 15.85 -69.82 36.90
CA ALA J 291 14.76 -69.62 37.86
C ALA J 291 13.44 -70.18 37.33
N GLY J 292 13.26 -70.16 36.00
CA GLY J 292 12.08 -70.71 35.40
C GLY J 292 10.89 -69.77 35.35
N ALA J 293 11.13 -68.48 35.10
CA ALA J 293 10.06 -67.50 35.01
C ALA J 293 9.38 -67.59 33.65
N GLN J 294 8.11 -68.00 33.65
CA GLN J 294 7.38 -68.13 32.39
C GLN J 294 7.11 -66.77 31.76
N VAL J 295 6.76 -65.78 32.58
CA VAL J 295 6.42 -64.43 32.13
C VAL J 295 7.38 -63.47 32.79
N VAL J 296 8.00 -62.59 31.99
CA VAL J 296 8.91 -61.55 32.45
C VAL J 296 8.46 -60.23 31.86
N LEU J 297 8.46 -59.18 32.68
CA LEU J 297 8.05 -57.83 32.28
C LEU J 297 9.19 -56.87 32.59
N THR J 298 9.46 -55.95 31.65
CA THR J 298 10.58 -55.03 31.73
C THR J 298 10.09 -53.62 31.43
N THR J 299 10.59 -52.64 32.21
CA THR J 299 10.24 -51.25 31.98
C THR J 299 10.91 -50.73 30.70
N LYS J 300 12.19 -51.04 30.52
CA LYS J 300 12.96 -50.56 29.39
C LYS J 300 12.73 -51.46 28.19
N GLY J 301 13.53 -51.27 27.13
CA GLY J 301 13.41 -52.08 25.95
C GLY J 301 13.97 -53.49 26.12
N ILE J 302 13.84 -54.28 25.05
CA ILE J 302 14.39 -55.63 24.98
C ILE J 302 15.02 -55.78 23.60
N ASP J 303 16.33 -56.00 23.58
CA ASP J 303 17.06 -56.16 22.32
C ASP J 303 16.86 -57.57 21.77
N ASP J 304 17.18 -57.72 20.48
CA ASP J 304 17.04 -59.01 19.82
C ASP J 304 17.99 -60.07 20.38
N LEU J 305 19.10 -59.66 21.01
CA LEU J 305 19.99 -60.63 21.63
C LEU J 305 19.32 -61.37 22.79
N CYS J 306 18.37 -60.71 23.46
CA CYS J 306 17.60 -61.33 24.54
C CYS J 306 16.36 -62.06 24.04
N LEU J 307 15.79 -61.64 22.90
CA LEU J 307 14.56 -62.25 22.42
C LEU J 307 14.78 -63.69 21.95
N LYS J 308 15.98 -64.03 21.48
CA LYS J 308 16.23 -65.39 21.01
C LYS J 308 16.18 -66.40 22.16
N GLU J 309 16.59 -65.98 23.37
CA GLU J 309 16.56 -66.89 24.50
C GLU J 309 15.13 -67.08 25.02
N PHE J 310 14.29 -66.05 24.96
CA PHE J 310 12.91 -66.18 25.39
C PHE J 310 12.09 -67.01 24.41
N VAL J 311 12.36 -66.87 23.10
CA VAL J 311 11.65 -67.67 22.11
C VAL J 311 12.05 -69.13 22.22
N GLU J 312 13.33 -69.41 22.52
CA GLU J 312 13.78 -70.78 22.63
C GLU J 312 13.22 -71.45 23.88
N ALA J 313 13.35 -70.80 25.03
CA ALA J 313 12.88 -71.34 26.30
C ALA J 313 11.39 -71.11 26.56
N LYS J 314 10.65 -70.53 25.61
CA LYS J 314 9.21 -70.28 25.73
C LYS J 314 8.90 -69.37 26.92
N ILE J 315 9.55 -68.20 26.94
CA ILE J 315 9.36 -67.18 27.95
C ILE J 315 8.66 -66.00 27.29
N MET J 316 7.76 -65.36 28.02
CA MET J 316 6.98 -64.22 27.52
C MET J 316 7.66 -62.92 27.96
N GLY J 317 8.49 -62.36 27.07
CA GLY J 317 9.14 -61.08 27.30
C GLY J 317 8.38 -59.93 26.68
N VAL J 318 8.07 -58.91 27.49
CA VAL J 318 7.27 -57.76 27.07
C VAL J 318 8.07 -56.50 27.40
N ARG J 319 8.33 -55.69 26.38
CA ARG J 319 9.03 -54.41 26.54
C ARG J 319 8.03 -53.29 26.74
N ARG J 320 8.56 -52.09 27.03
CA ARG J 320 7.77 -50.85 27.02
C ARG J 320 6.67 -50.85 28.08
N CYS J 321 6.98 -51.40 29.25
CA CYS J 321 6.12 -51.23 30.41
C CYS J 321 6.43 -49.90 31.10
N LYS J 322 5.47 -49.43 31.89
CA LYS J 322 5.57 -48.16 32.62
C LYS J 322 5.79 -48.44 34.10
N LYS J 323 6.25 -47.41 34.81
CA LYS J 323 6.68 -47.58 36.19
C LYS J 323 5.49 -47.84 37.11
N GLU J 324 4.42 -47.05 36.98
CA GLU J 324 3.28 -47.16 37.88
C GLU J 324 2.53 -48.48 37.73
N ASP J 325 2.62 -49.14 36.56
CA ASP J 325 1.90 -50.39 36.36
C ASP J 325 2.57 -51.55 37.07
N LEU J 326 3.91 -51.64 36.96
CA LEU J 326 4.62 -52.80 37.48
C LEU J 326 4.57 -52.89 39.01
N ARG J 327 4.38 -51.77 39.70
CA ARG J 327 4.18 -51.85 41.15
C ARG J 327 2.87 -52.56 41.48
N ARG J 328 1.83 -52.35 40.67
CA ARG J 328 0.57 -53.02 40.91
C ARG J 328 0.61 -54.48 40.46
N ILE J 329 1.43 -54.80 39.46
CA ILE J 329 1.62 -56.20 39.08
C ILE J 329 2.31 -56.97 40.20
N ALA J 330 3.40 -56.39 40.74
CA ALA J 330 4.11 -57.04 41.83
C ALA J 330 3.27 -57.08 43.09
N ARG J 331 2.46 -56.05 43.32
CA ARG J 331 1.58 -56.03 44.50
C ARG J 331 0.47 -57.07 44.37
N ALA J 332 -0.06 -57.27 43.17
CA ALA J 332 -1.15 -58.21 42.97
C ALA J 332 -0.63 -59.64 42.88
N THR J 333 0.34 -59.90 42.01
CA THR J 333 0.87 -61.25 41.81
C THR J 333 1.74 -61.73 42.97
N GLY J 334 2.11 -60.86 43.91
CA GLY J 334 2.94 -61.24 45.04
C GLY J 334 4.43 -61.10 44.85
N ALA J 335 4.88 -60.63 43.69
CA ALA J 335 6.30 -60.41 43.46
C ALA J 335 6.74 -59.11 44.13
N THR J 336 8.04 -58.82 44.00
CA THR J 336 8.64 -57.57 44.49
C THR J 336 9.39 -56.90 43.35
N LEU J 337 9.37 -55.56 43.37
CA LEU J 337 9.98 -54.78 42.31
C LEU J 337 11.50 -54.90 42.39
N VAL J 338 12.12 -55.28 41.27
CA VAL J 338 13.56 -55.52 41.17
C VAL J 338 14.13 -54.44 40.27
N SER J 339 14.78 -53.45 40.88
CA SER J 339 15.51 -52.43 40.13
C SER J 339 16.87 -52.90 39.65
N SER J 340 17.50 -53.83 40.37
CA SER J 340 18.77 -54.41 39.96
C SER J 340 18.96 -55.71 40.73
N MET J 341 19.78 -56.60 40.16
CA MET J 341 20.02 -57.93 40.71
C MET J 341 21.30 -57.88 41.52
N SER J 342 21.17 -57.90 42.85
CA SER J 342 22.30 -57.87 43.76
C SER J 342 21.79 -58.19 45.15
N ASN J 343 22.72 -58.30 46.10
CA ASN J 343 22.39 -58.61 47.48
C ASN J 343 23.46 -57.98 48.38
N LEU J 344 23.35 -58.21 49.69
CA LEU J 344 24.31 -57.66 50.63
C LEU J 344 25.71 -58.26 50.44
N GLU J 345 25.79 -59.50 49.97
CA GLU J 345 27.07 -60.12 49.67
C GLU J 345 27.64 -59.58 48.36
N GLY J 346 28.91 -59.87 48.12
CA GLY J 346 29.56 -59.41 46.90
C GLY J 346 29.13 -60.15 45.65
N GLU J 347 28.64 -61.38 45.79
CA GLU J 347 28.23 -62.17 44.63
C GLU J 347 26.96 -61.61 44.03
N GLU J 348 26.69 -62.01 42.79
CA GLU J 348 25.51 -61.61 42.02
C GLU J 348 24.73 -62.85 41.65
N THR J 349 23.44 -62.88 42.04
CA THR J 349 22.59 -64.03 41.77
C THR J 349 21.14 -63.58 41.81
N PHE J 350 20.24 -64.52 41.52
CA PHE J 350 18.80 -64.30 41.51
C PHE J 350 18.11 -65.41 42.29
N GLU J 351 17.25 -65.02 43.23
CA GLU J 351 16.54 -65.95 44.10
C GLU J 351 15.12 -66.13 43.60
N SER J 352 14.57 -67.32 43.84
CA SER J 352 13.22 -67.64 43.39
C SER J 352 12.13 -66.87 44.17
N SER J 353 12.45 -66.33 45.33
CA SER J 353 11.45 -65.59 46.12
C SER J 353 11.01 -64.30 45.44
N TYR J 354 11.79 -63.74 44.54
CA TYR J 354 11.41 -62.51 43.84
C TYR J 354 10.28 -62.72 42.84
N LEU J 355 9.99 -63.96 42.45
CA LEU J 355 8.96 -64.24 41.43
C LEU J 355 7.58 -64.29 42.07
N GLY J 356 6.59 -63.84 41.30
CA GLY J 356 5.20 -63.88 41.72
C GLY J 356 4.53 -65.19 41.38
N LEU J 357 3.21 -65.18 41.44
CA LEU J 357 2.39 -66.35 41.13
C LEU J 357 1.04 -65.91 40.60
N CYS J 358 0.59 -66.55 39.52
CA CYS J 358 -0.75 -66.36 39.00
C CYS J 358 -1.17 -67.64 38.30
N ASP J 359 -2.48 -67.76 38.07
CA ASP J 359 -3.08 -68.99 37.57
C ASP J 359 -3.03 -69.10 36.05
N GLU J 360 -3.26 -67.98 35.35
CA GLU J 360 -3.40 -68.00 33.90
C GLU J 360 -2.99 -66.64 33.33
N VAL J 361 -2.36 -66.67 32.16
CA VAL J 361 -1.97 -65.47 31.42
C VAL J 361 -2.28 -65.72 29.96
N VAL J 362 -3.11 -64.86 29.36
CA VAL J 362 -3.57 -64.99 27.98
C VAL J 362 -3.51 -63.61 27.33
N GLN J 363 -2.94 -63.56 26.12
CA GLN J 363 -2.93 -62.36 25.31
C GLN J 363 -4.16 -62.36 24.40
N ALA J 364 -4.95 -61.29 24.47
CA ALA J 364 -6.15 -61.12 23.67
C ALA J 364 -6.06 -59.84 22.85
N LYS J 365 -6.67 -59.88 21.65
CA LYS J 365 -6.69 -58.77 20.71
C LYS J 365 -8.14 -58.49 20.34
N PHE J 366 -8.53 -57.22 20.41
CA PHE J 366 -9.90 -56.81 20.08
C PHE J 366 -9.85 -55.43 19.44
N SER J 367 -10.04 -55.38 18.12
CA SER J 367 -10.11 -54.13 17.37
C SER J 367 -8.79 -53.35 17.47
N ASP J 368 -7.70 -54.04 17.16
CA ASP J 368 -6.35 -53.45 17.15
C ASP J 368 -5.96 -52.95 18.53
N ASP J 369 -6.21 -53.77 19.55
CA ASP J 369 -5.86 -53.46 20.94
C ASP J 369 -5.41 -54.75 21.61
N GLU J 370 -4.11 -55.00 21.60
CA GLU J 370 -3.54 -56.19 22.24
C GLU J 370 -3.41 -55.94 23.74
N CYS J 371 -3.98 -56.83 24.54
CA CYS J 371 -3.99 -56.72 26.00
C CYS J 371 -3.70 -58.09 26.60
N ILE J 372 -2.77 -58.10 27.56
CA ILE J 372 -2.35 -59.32 28.25
C ILE J 372 -3.23 -59.47 29.49
N LEU J 373 -4.07 -60.50 29.50
CA LEU J 373 -5.03 -60.74 30.57
C LEU J 373 -4.38 -61.64 31.61
N ILE J 374 -4.04 -61.05 32.76
CA ILE J 374 -3.46 -61.75 33.91
C ILE J 374 -4.58 -61.92 34.93
N LYS J 375 -4.96 -63.17 35.18
CA LYS J 375 -6.05 -63.51 36.09
C LYS J 375 -5.59 -64.57 37.09
N GLY J 376 -6.25 -64.59 38.24
CA GLY J 376 -6.00 -65.60 39.26
C GLY J 376 -4.76 -65.33 40.08
N THR J 377 -4.62 -64.13 40.63
CA THR J 377 -3.53 -63.82 41.53
C THR J 377 -3.77 -64.47 42.89
N SER J 378 -2.77 -65.19 43.38
CA SER J 378 -2.95 -65.98 44.59
C SER J 378 -2.86 -65.14 45.86
N LYS J 379 -1.88 -64.24 45.94
CA LYS J 379 -1.64 -63.50 47.18
C LYS J 379 -2.73 -62.46 47.41
N HIS J 380 -3.01 -61.64 46.42
CA HIS J 380 -4.02 -60.59 46.51
C HIS J 380 -4.73 -60.46 45.16
N SER J 381 -6.03 -60.19 45.21
CA SER J 381 -6.84 -60.08 44.01
C SER J 381 -6.63 -58.71 43.34
N SER J 382 -7.04 -58.65 42.07
CA SER J 382 -6.97 -57.41 41.30
C SER J 382 -8.15 -57.42 40.32
N SER J 383 -8.32 -56.30 39.61
CA SER J 383 -9.47 -56.13 38.74
C SER J 383 -9.15 -55.11 37.66
N SER J 384 -9.83 -55.25 36.53
CA SER J 384 -9.74 -54.31 35.42
C SER J 384 -11.07 -54.33 34.68
N ILE J 385 -11.40 -53.20 34.07
CA ILE J 385 -12.68 -52.98 33.38
C ILE J 385 -12.36 -52.65 31.92
N ILE J 386 -12.90 -53.47 31.01
CA ILE J 386 -12.71 -53.29 29.58
C ILE J 386 -13.95 -52.57 29.05
N LEU J 387 -13.86 -51.25 28.92
CA LEU J 387 -14.96 -50.45 28.39
C LEU J 387 -15.00 -50.58 26.87
N ARG J 388 -16.22 -50.63 26.32
CA ARG J 388 -16.45 -50.82 24.90
C ARG J 388 -17.52 -49.84 24.44
N GLY J 389 -17.28 -49.18 23.31
CA GLY J 389 -18.18 -48.18 22.80
C GLY J 389 -17.96 -47.90 21.34
N ALA J 390 -18.28 -46.67 20.94
CA ALA J 390 -18.20 -46.28 19.54
C ALA J 390 -16.76 -45.97 19.12
N ASN J 391 -16.14 -45.00 19.79
CA ASN J 391 -14.79 -44.54 19.46
C ASN J 391 -14.08 -44.14 20.75
N ASP J 392 -12.85 -43.65 20.59
CA ASP J 392 -12.04 -43.29 21.76
C ASP J 392 -12.60 -42.06 22.47
N TYR J 393 -13.13 -41.10 21.73
CA TYR J 393 -13.63 -39.87 22.34
C TYR J 393 -14.93 -40.10 23.13
N SER J 394 -15.74 -41.07 22.71
CA SER J 394 -16.91 -41.45 23.51
C SER J 394 -16.51 -42.21 24.76
N LEU J 395 -15.45 -43.01 24.68
CA LEU J 395 -14.95 -43.74 25.84
C LEU J 395 -14.27 -42.84 26.87
N ASP J 396 -13.81 -41.65 26.46
CA ASP J 396 -13.25 -40.70 27.42
C ASP J 396 -14.31 -40.23 28.41
N GLU J 397 -15.55 -40.06 27.95
CA GLU J 397 -16.64 -39.76 28.85
C GLU J 397 -16.93 -40.96 29.76
N MET J 398 -16.85 -42.17 29.21
CA MET J 398 -17.04 -43.37 30.02
C MET J 398 -15.87 -43.56 30.98
N GLU J 399 -14.65 -43.20 30.56
CA GLU J 399 -13.51 -43.30 31.45
C GLU J 399 -13.64 -42.33 32.63
N ARG J 400 -14.08 -41.10 32.37
CA ARG J 400 -14.34 -40.16 33.45
C ARG J 400 -15.56 -40.57 34.26
N SER J 401 -16.54 -41.22 33.62
CA SER J 401 -17.72 -41.69 34.36
C SER J 401 -17.34 -42.79 35.33
N LEU J 402 -16.50 -43.74 34.89
CA LEU J 402 -16.05 -44.79 35.79
C LEU J 402 -15.11 -44.25 36.86
N HIS J 403 -14.20 -43.34 36.47
CA HIS J 403 -13.23 -42.80 37.41
C HIS J 403 -13.89 -42.00 38.52
N ASP J 404 -14.97 -41.28 38.20
CA ASP J 404 -15.73 -40.60 39.24
C ASP J 404 -16.54 -41.57 40.09
N SER J 405 -16.96 -42.70 39.51
CA SER J 405 -17.72 -43.69 40.27
C SER J 405 -16.85 -44.35 41.34
N LEU J 406 -15.57 -44.57 41.05
CA LEU J 406 -14.69 -45.18 42.05
C LEU J 406 -14.48 -44.25 43.24
N SER J 407 -14.42 -42.94 42.99
CA SER J 407 -14.20 -42.00 44.08
C SER J 407 -15.43 -41.89 44.98
N VAL J 408 -16.62 -42.03 44.41
CA VAL J 408 -17.85 -41.96 45.21
C VAL J 408 -18.00 -43.23 46.05
N VAL J 409 -17.77 -44.39 45.44
CA VAL J 409 -17.85 -45.65 46.18
C VAL J 409 -16.68 -45.77 47.16
N LYS J 410 -15.57 -45.07 46.90
CA LYS J 410 -14.49 -45.02 47.89
C LYS J 410 -14.95 -44.34 49.17
N ARG J 411 -15.70 -43.24 49.05
CA ARG J 411 -16.03 -42.43 50.22
C ARG J 411 -17.10 -43.07 51.07
N THR J 412 -18.06 -43.77 50.46
CA THR J 412 -19.12 -44.41 51.25
C THR J 412 -18.62 -45.59 52.06
N LEU J 413 -17.53 -46.24 51.64
CA LEU J 413 -16.88 -47.27 52.44
C LEU J 413 -15.93 -46.70 53.49
N GLU J 414 -15.22 -45.61 53.18
CA GLU J 414 -14.37 -44.97 54.17
C GLU J 414 -15.22 -44.30 55.25
N SER J 415 -16.37 -43.73 54.86
CA SER J 415 -17.32 -43.12 55.77
C SER J 415 -18.70 -43.66 55.44
N GLY J 416 -19.26 -44.47 56.34
CA GLY J 416 -20.55 -45.09 56.11
C GLY J 416 -21.74 -44.14 56.08
N ASN J 417 -21.58 -42.92 56.57
CA ASN J 417 -22.69 -41.97 56.59
C ASN J 417 -23.01 -41.52 55.18
N VAL J 418 -24.30 -41.54 54.84
CA VAL J 418 -24.79 -41.10 53.53
C VAL J 418 -26.06 -40.28 53.75
N VAL J 419 -26.50 -39.63 52.67
CA VAL J 419 -27.70 -38.81 52.67
C VAL J 419 -28.39 -38.97 51.31
N PRO J 420 -29.70 -38.71 51.18
CA PRO J 420 -30.35 -38.91 49.89
C PRO J 420 -30.10 -37.75 48.94
N GLY J 421 -30.23 -38.05 47.65
CA GLY J 421 -30.07 -37.07 46.59
C GLY J 421 -31.36 -36.34 46.29
N GLY J 422 -31.43 -35.80 45.07
CA GLY J 422 -32.62 -35.09 44.63
C GLY J 422 -32.85 -33.76 45.32
N GLY J 423 -31.81 -33.12 45.83
CA GLY J 423 -31.96 -31.85 46.50
C GLY J 423 -32.64 -31.92 47.84
N CYS J 424 -32.54 -33.05 48.55
CA CYS J 424 -33.20 -33.19 49.84
C CYS J 424 -32.56 -32.29 50.89
N VAL J 425 -31.25 -32.44 51.09
CA VAL J 425 -30.55 -31.65 52.11
C VAL J 425 -30.50 -30.18 51.70
N GLU J 426 -30.48 -29.88 50.41
CA GLU J 426 -30.51 -28.49 49.97
C GLU J 426 -31.83 -27.81 50.30
N ALA J 427 -32.94 -28.55 50.27
CA ALA J 427 -34.23 -28.02 50.66
C ALA J 427 -34.46 -28.06 52.17
N ALA J 428 -33.82 -29.01 52.87
CA ALA J 428 -34.00 -29.13 54.30
C ALA J 428 -33.29 -28.01 55.06
N LEU J 429 -32.13 -27.56 54.56
CA LEU J 429 -31.40 -26.48 55.23
C LEU J 429 -32.14 -25.15 55.17
N ASN J 430 -33.00 -24.96 54.16
CA ASN J 430 -33.75 -23.70 54.08
C ASN J 430 -34.75 -23.59 55.23
N ILE J 431 -35.45 -24.67 55.54
CA ILE J 431 -36.41 -24.63 56.64
C ILE J 431 -35.69 -24.51 57.97
N TYR J 432 -34.49 -25.08 58.08
CA TYR J 432 -33.73 -25.01 59.32
C TYR J 432 -33.15 -23.62 59.55
N LEU J 433 -32.70 -22.97 58.47
CA LEU J 433 -32.06 -21.66 58.58
C LEU J 433 -33.05 -20.51 58.70
N ASP J 434 -34.28 -20.67 58.21
CA ASP J 434 -35.26 -19.60 58.33
C ASP J 434 -35.64 -19.36 59.78
N ASN J 435 -35.85 -20.42 60.56
CA ASN J 435 -36.12 -20.26 61.98
C ASN J 435 -34.90 -19.77 62.75
N PHE J 436 -33.70 -20.15 62.30
CA PHE J 436 -32.47 -19.66 62.92
C PHE J 436 -32.19 -18.21 62.53
N ALA J 437 -32.63 -17.78 61.34
CA ALA J 437 -32.39 -16.41 60.91
C ALA J 437 -33.15 -15.40 61.77
N THR J 438 -34.34 -15.76 62.23
CA THR J 438 -35.10 -14.87 63.09
C THR J 438 -34.54 -14.79 64.50
N THR J 439 -33.82 -15.82 64.96
CA THR J 439 -33.31 -15.83 66.33
C THR J 439 -32.16 -14.84 66.50
N VAL J 440 -31.30 -14.72 65.49
CA VAL J 440 -30.10 -13.91 65.63
C VAL J 440 -30.42 -12.43 65.66
N GLY J 441 -31.54 -12.01 65.08
CA GLY J 441 -31.98 -10.62 65.23
C GLY J 441 -31.47 -9.71 64.11
N SER J 442 -30.29 -9.17 64.33
CA SER J 442 -29.73 -8.00 63.61
C SER J 442 -29.36 -8.41 62.17
N ARG J 443 -28.63 -7.54 61.45
CA ARG J 443 -28.41 -7.53 59.99
C ARG J 443 -28.06 -8.89 59.36
N GLU J 444 -27.54 -9.85 60.12
CA GLU J 444 -27.22 -11.18 59.59
C GLU J 444 -28.44 -12.00 59.20
N GLN J 445 -29.67 -11.56 59.51
CA GLN J 445 -30.87 -12.26 59.08
C GLN J 445 -30.95 -12.33 57.55
N LEU J 446 -30.69 -11.22 56.86
CA LEU J 446 -30.74 -11.22 55.41
C LEU J 446 -29.63 -12.05 54.81
N ALA J 447 -28.45 -12.08 55.44
CA ALA J 447 -27.35 -12.88 54.93
C ALA J 447 -27.66 -14.37 55.08
N ILE J 448 -28.20 -14.78 56.23
CA ILE J 448 -28.55 -16.18 56.43
C ILE J 448 -29.75 -16.55 55.55
N ALA J 449 -30.68 -15.62 55.36
CA ALA J 449 -31.86 -15.90 54.56
C ALA J 449 -31.51 -16.06 53.08
N GLU J 450 -30.74 -15.11 52.53
CA GLU J 450 -30.33 -15.22 51.14
C GLU J 450 -29.35 -16.36 50.90
N PHE J 451 -28.60 -16.76 51.92
CA PHE J 451 -27.78 -17.96 51.82
C PHE J 451 -28.66 -19.20 51.63
N ALA J 452 -29.77 -19.25 52.36
CA ALA J 452 -30.70 -20.37 52.21
C ALA J 452 -31.39 -20.35 50.86
N ALA J 453 -31.72 -19.16 50.34
CA ALA J 453 -32.37 -19.08 49.04
C ALA J 453 -31.45 -19.51 47.91
N ALA J 454 -30.14 -19.32 48.06
CA ALA J 454 -29.19 -19.75 47.05
C ALA J 454 -29.03 -21.26 47.02
N LEU J 455 -29.24 -21.95 48.15
CA LEU J 455 -29.13 -23.40 48.19
C LEU J 455 -30.23 -24.11 47.40
N LEU J 456 -31.37 -23.45 47.17
CA LEU J 456 -32.47 -24.05 46.42
C LEU J 456 -32.18 -24.20 44.92
N ILE J 457 -31.09 -23.62 44.41
CA ILE J 457 -30.81 -23.68 42.97
C ILE J 457 -30.51 -25.09 42.48
N ILE J 458 -30.08 -25.98 43.36
CA ILE J 458 -29.77 -27.35 42.94
C ILE J 458 -31.06 -28.08 42.56
N PRO J 459 -32.10 -28.15 43.41
CA PRO J 459 -33.34 -28.80 42.96
C PRO J 459 -34.09 -28.03 41.88
N LYS J 460 -33.92 -26.71 41.78
CA LYS J 460 -34.57 -25.96 40.71
C LYS J 460 -33.97 -26.29 39.35
N THR J 461 -32.64 -26.45 39.27
CA THR J 461 -32.00 -26.74 38.00
C THR J 461 -32.38 -28.12 37.47
N LEU J 462 -32.73 -29.06 38.35
CA LEU J 462 -33.18 -30.37 37.90
C LEU J 462 -34.48 -30.28 37.12
N ALA J 463 -35.37 -29.36 37.51
CA ALA J 463 -36.65 -29.19 36.83
C ALA J 463 -36.55 -28.30 35.60
N VAL J 464 -35.66 -27.31 35.60
CA VAL J 464 -35.51 -26.42 34.45
C VAL J 464 -34.95 -27.20 33.26
N ASN J 465 -33.90 -27.98 33.49
CA ASN J 465 -33.32 -28.80 32.44
C ASN J 465 -34.24 -29.94 31.99
N ALA J 466 -35.19 -30.34 32.84
CA ALA J 466 -36.14 -31.38 32.48
C ALA J 466 -37.24 -30.90 31.53
N ALA J 467 -37.36 -29.58 31.31
CA ALA J 467 -38.39 -29.01 30.45
C ALA J 467 -39.79 -29.33 30.99
N LYS J 468 -39.97 -29.15 32.28
CA LYS J 468 -41.22 -29.37 33.00
C LYS J 468 -41.51 -28.14 33.87
N ASP J 469 -42.67 -28.17 34.53
CA ASP J 469 -43.03 -27.10 35.45
C ASP J 469 -42.25 -27.28 36.75
N SER J 470 -41.50 -26.25 37.13
CA SER J 470 -40.56 -26.34 38.24
C SER J 470 -41.17 -25.90 39.56
N SER J 471 -42.05 -24.89 39.55
CA SER J 471 -42.59 -24.35 40.78
C SER J 471 -43.49 -25.35 41.51
N GLU J 472 -44.20 -26.19 40.75
CA GLU J 472 -45.05 -27.19 41.38
C GLU J 472 -44.22 -28.23 42.13
N LEU J 473 -43.11 -28.67 41.53
CA LEU J 473 -42.24 -29.63 42.21
C LEU J 473 -41.54 -28.99 43.40
N VAL J 474 -41.10 -27.73 43.24
CA VAL J 474 -40.43 -27.04 44.34
C VAL J 474 -41.42 -26.72 45.45
N ALA J 475 -42.66 -26.35 45.09
CA ALA J 475 -43.67 -26.06 46.10
C ALA J 475 -44.07 -27.31 46.86
N LYS J 476 -44.16 -28.46 46.17
CA LYS J 476 -44.46 -29.71 46.86
C LYS J 476 -43.28 -30.17 47.70
N LEU J 477 -42.05 -30.01 47.20
CA LEU J 477 -40.88 -30.33 48.01
C LEU J 477 -40.75 -29.38 49.18
N ARG J 478 -41.16 -28.12 49.00
CA ARG J 478 -41.17 -27.17 50.10
C ARG J 478 -42.21 -27.54 51.16
N SER J 479 -43.35 -28.10 50.74
CA SER J 479 -44.41 -28.40 51.68
C SER J 479 -44.01 -29.56 52.61
N TYR J 480 -43.41 -30.60 52.05
CA TYR J 480 -43.00 -31.74 52.86
C TYR J 480 -41.86 -31.37 53.80
N HIS J 481 -40.86 -30.64 53.31
CA HIS J 481 -39.77 -30.21 54.17
C HIS J 481 -40.21 -29.18 55.21
N ALA J 482 -41.24 -28.40 54.92
CA ALA J 482 -41.77 -27.46 55.90
C ALA J 482 -42.34 -28.16 57.12
N ALA J 483 -42.97 -29.32 56.92
CA ALA J 483 -43.52 -30.10 58.03
C ALA J 483 -42.46 -30.92 58.76
N SER J 484 -41.25 -31.06 58.21
CA SER J 484 -40.22 -31.88 58.86
C SER J 484 -39.72 -31.21 60.13
N GLN J 485 -39.57 -29.89 60.11
CA GLN J 485 -39.11 -29.18 61.32
C GLN J 485 -40.19 -29.19 62.40
N MET J 486 -41.47 -29.15 62.00
CA MET J 486 -42.61 -29.22 62.90
C MET J 486 -43.17 -30.64 63.01
N ALA J 487 -42.29 -31.64 62.97
CA ALA J 487 -42.73 -33.03 62.92
C ALA J 487 -43.44 -33.49 64.18
N LYS J 488 -43.25 -32.80 65.32
CA LYS J 488 -43.84 -33.16 66.60
C LYS J 488 -43.48 -34.59 67.00
N PRO J 489 -42.24 -34.85 67.41
CA PRO J 489 -41.86 -36.22 67.83
C PRO J 489 -42.70 -36.71 69.01
N GLU J 490 -42.83 -38.03 69.07
CA GLU J 490 -43.64 -38.68 70.11
C GLU J 490 -43.05 -38.45 71.50
N LYS J 493 -42.48 -44.98 64.01
CA LYS J 493 -41.63 -43.79 64.02
C LYS J 493 -42.48 -42.53 63.78
N ARG J 494 -43.30 -42.59 62.72
CA ARG J 494 -44.20 -41.54 62.25
C ARG J 494 -43.55 -40.16 62.23
N ARG J 495 -42.29 -40.11 61.78
CA ARG J 495 -41.54 -38.88 61.59
C ARG J 495 -41.45 -38.55 60.10
N SER J 496 -42.52 -38.80 59.36
CA SER J 496 -42.49 -38.79 57.89
C SER J 496 -42.38 -37.35 57.39
N TYR J 497 -42.43 -37.19 56.06
CA TYR J 497 -42.18 -35.94 55.33
C TYR J 497 -40.71 -35.54 55.37
N ARG J 498 -39.81 -36.51 55.29
CA ARG J 498 -38.37 -36.28 55.20
C ARG J 498 -37.76 -37.32 54.28
N ASN J 499 -36.54 -37.03 53.83
CA ASN J 499 -35.79 -37.92 52.94
C ASN J 499 -36.53 -38.14 51.62
N TYR J 500 -37.08 -37.06 51.07
CA TYR J 500 -37.78 -37.06 49.79
C TYR J 500 -37.11 -36.07 48.85
N GLY J 501 -37.25 -36.31 47.55
CA GLY J 501 -36.68 -35.45 46.54
C GLY J 501 -37.48 -35.57 45.26
N LEU J 502 -36.90 -35.06 44.17
CA LEU J 502 -37.56 -35.05 42.88
C LEU J 502 -37.29 -36.36 42.14
N ASP J 503 -38.31 -36.84 41.42
CA ASP J 503 -38.20 -37.97 40.49
C ASP J 503 -38.52 -37.41 39.10
N LEU J 504 -37.47 -37.23 38.30
CA LEU J 504 -37.61 -36.49 37.04
C LEU J 504 -38.20 -37.33 35.91
N ILE J 505 -37.91 -38.64 35.88
CA ILE J 505 -38.43 -39.48 34.82
C ILE J 505 -39.95 -39.61 34.86
N ARG J 506 -40.57 -39.48 36.06
CA ARG J 506 -42.01 -39.52 36.24
C ARG J 506 -42.60 -38.20 36.70
N GLY J 507 -41.81 -37.31 37.31
CA GLY J 507 -42.32 -36.03 37.75
C GLY J 507 -43.14 -36.07 39.02
N LYS J 508 -42.69 -36.85 40.02
CA LYS J 508 -43.36 -36.98 41.31
C LYS J 508 -42.33 -36.95 42.43
N ILE J 509 -42.84 -36.76 43.65
CA ILE J 509 -42.04 -36.77 44.87
C ILE J 509 -42.26 -38.11 45.54
N VAL J 510 -41.20 -38.91 45.61
CA VAL J 510 -41.22 -40.25 46.22
C VAL J 510 -40.03 -40.40 47.15
N ASP J 511 -39.96 -41.52 47.86
CA ASP J 511 -38.89 -41.75 48.82
C ASP J 511 -37.62 -42.14 48.08
N GLU J 512 -36.54 -41.40 48.35
CA GLU J 512 -35.26 -41.67 47.70
C GLU J 512 -34.58 -42.93 48.23
N ILE J 513 -34.95 -43.39 49.43
CA ILE J 513 -34.38 -44.63 49.95
C ILE J 513 -34.86 -45.82 49.13
N HIS J 514 -36.15 -45.87 48.83
CA HIS J 514 -36.70 -46.94 48.00
C HIS J 514 -36.33 -46.76 46.53
N ALA J 515 -36.20 -45.53 46.06
CA ALA J 515 -35.82 -45.29 44.67
C ALA J 515 -34.41 -45.77 44.38
N GLY J 516 -33.52 -45.72 45.37
CA GLY J 516 -32.17 -46.24 45.23
C GLY J 516 -31.18 -45.21 44.73
N VAL J 517 -31.14 -44.05 45.39
CA VAL J 517 -30.18 -42.99 45.10
C VAL J 517 -29.69 -42.41 46.41
N LEU J 518 -28.36 -42.37 46.58
CA LEU J 518 -27.72 -41.84 47.78
C LEU J 518 -26.41 -41.19 47.38
N GLU J 519 -25.83 -40.44 48.32
CA GLU J 519 -24.56 -39.74 48.13
C GLU J 519 -23.88 -39.63 49.49
N PRO J 520 -22.54 -39.76 49.59
CA PRO J 520 -21.92 -39.63 50.91
C PRO J 520 -22.00 -38.20 51.43
N THR J 521 -22.05 -38.09 52.76
CA THR J 521 -22.16 -36.79 53.41
C THR J 521 -20.87 -35.99 53.34
N ILE J 522 -19.72 -36.65 53.21
CA ILE J 522 -18.45 -35.93 53.16
C ILE J 522 -18.33 -35.11 51.88
N SER J 523 -18.98 -35.54 50.80
CA SER J 523 -19.00 -34.74 49.58
C SER J 523 -19.78 -33.44 49.79
N LYS J 524 -20.85 -33.49 50.58
CA LYS J 524 -21.60 -32.28 50.89
C LYS J 524 -20.81 -31.34 51.78
N VAL J 525 -19.98 -31.90 52.68
CA VAL J 525 -19.22 -31.08 53.61
C VAL J 525 -18.14 -30.29 52.85
N LYS J 526 -17.30 -30.98 52.09
CA LYS J 526 -16.20 -30.32 51.40
C LYS J 526 -16.68 -29.40 50.30
N SER J 527 -17.81 -29.73 49.66
CA SER J 527 -18.33 -28.89 48.60
C SER J 527 -18.84 -27.55 49.14
N LEU J 528 -19.44 -27.57 50.33
CA LEU J 528 -19.97 -26.33 50.90
C LEU J 528 -18.86 -25.40 51.35
N LYS J 529 -17.83 -25.95 52.01
CA LYS J 529 -16.71 -25.14 52.45
C LYS J 529 -15.91 -24.59 51.27
N SER J 530 -15.61 -25.44 50.29
CA SER J 530 -14.87 -24.98 49.12
C SER J 530 -15.67 -24.00 48.27
N ALA J 531 -17.00 -24.11 48.28
CA ALA J 531 -17.83 -23.15 47.55
C ALA J 531 -17.88 -21.80 48.28
N LEU J 532 -17.92 -21.84 49.61
CA LEU J 532 -17.94 -20.60 50.39
C LEU J 532 -16.58 -19.92 50.44
N GLU J 533 -15.49 -20.69 50.50
CA GLU J 533 -14.15 -20.09 50.44
C GLU J 533 -13.90 -19.42 49.10
N ALA J 534 -14.46 -19.97 48.02
CA ALA J 534 -14.40 -19.29 46.73
C ALA J 534 -15.28 -18.05 46.71
N CYS J 535 -16.42 -18.09 47.39
CA CYS J 535 -17.30 -16.92 47.48
C CYS J 535 -16.63 -15.81 48.29
N VAL J 536 -15.87 -16.18 49.33
CA VAL J 536 -15.16 -15.19 50.12
C VAL J 536 -14.07 -14.52 49.29
N ALA J 537 -13.46 -15.26 48.37
CA ALA J 537 -12.37 -14.71 47.57
C ALA J 537 -12.84 -13.66 46.57
N ILE J 538 -14.06 -13.77 46.05
CA ILE J 538 -14.56 -12.86 45.03
C ILE J 538 -15.23 -11.64 45.66
N LEU J 539 -15.93 -11.82 46.78
CA LEU J 539 -16.65 -10.73 47.42
C LEU J 539 -15.71 -9.67 47.99
N ARG J 540 -14.55 -10.06 48.47
CA ARG J 540 -13.64 -9.15 49.16
C ARG J 540 -12.83 -8.26 48.20
N ILE J 541 -12.90 -8.48 46.89
CA ILE J 541 -12.17 -7.67 45.93
C ILE J 541 -12.95 -6.38 45.69
N ASP J 542 -12.23 -5.25 45.64
CA ASP J 542 -12.79 -3.92 45.45
C ASP J 542 -12.40 -3.28 44.12
N THR J 543 -11.11 -3.28 43.79
CA THR J 543 -10.58 -2.59 42.61
C THR J 543 -9.55 -3.48 41.93
N MET J 544 -9.58 -3.48 40.59
CA MET J 544 -8.68 -4.26 39.77
C MET J 544 -7.55 -3.38 39.22
N ILE J 545 -6.38 -3.97 39.07
CA ILE J 545 -5.19 -3.31 38.52
C ILE J 545 -4.57 -4.26 37.51
N THR J 546 -4.95 -4.11 36.24
CA THR J 546 -4.46 -4.94 35.16
C THR J 546 -3.26 -4.27 34.49
N VAL J 547 -2.10 -4.90 34.60
CA VAL J 547 -0.85 -4.40 34.03
C VAL J 547 -0.62 -5.08 32.70
N ASP J 548 -0.39 -4.29 31.66
CA ASP J 548 -0.19 -4.85 30.34
C ASP J 548 1.18 -5.52 30.25
N PRO J 549 1.38 -6.49 29.36
CA PRO J 549 2.70 -7.16 29.31
C PRO J 549 3.73 -6.32 28.58
N GLU J 550 4.96 -6.38 29.08
CA GLU J 550 6.06 -5.63 28.50
C GLU J 550 6.61 -6.37 27.27
N VAL K 3 31.13 26.38 -1.54
CA VAL K 3 30.37 25.30 -2.08
C VAL K 3 30.11 24.40 -0.93
N GLN K 4 29.78 23.15 -1.19
CA GLN K 4 29.45 22.27 -0.13
C GLN K 4 30.67 21.49 0.13
N ILE K 5 31.15 21.56 1.34
CA ILE K 5 32.37 20.89 1.62
C ILE K 5 32.23 19.77 2.62
N PHE K 6 31.14 19.65 3.35
CA PHE K 6 31.14 18.57 4.35
C PHE K 6 30.40 17.27 4.01
N GLY K 7 29.18 17.32 3.57
CA GLY K 7 28.32 16.24 3.17
C GLY K 7 26.88 16.37 3.63
N ASP K 8 26.12 15.28 3.50
CA ASP K 8 24.71 15.31 3.89
C ASP K 8 24.55 15.10 5.39
N GLN K 9 23.52 15.70 5.99
CA GLN K 9 23.24 15.54 7.41
C GLN K 9 24.48 15.84 8.26
N VAL K 10 25.06 17.02 8.05
CA VAL K 10 26.21 17.51 8.81
C VAL K 10 25.95 18.98 9.14
N THR K 11 25.77 19.27 10.43
CA THR K 11 25.51 20.63 10.88
C THR K 11 26.84 21.37 11.04
N GLU K 12 26.93 22.54 10.42
CA GLU K 12 28.12 23.41 10.50
C GLU K 12 27.66 24.81 10.89
N GLU K 13 28.52 25.50 11.64
CA GLU K 13 28.24 26.84 12.15
C GLU K 13 29.52 27.68 12.04
N ARG K 14 29.36 28.99 11.83
CA ARG K 14 30.48 29.88 11.50
C ARG K 14 30.34 31.24 12.16
N ALA K 15 30.88 31.37 13.37
CA ALA K 15 31.29 32.65 13.97
C ALA K 15 30.16 33.54 14.48
N GLU K 16 28.90 33.21 14.19
CA GLU K 16 27.75 33.78 14.89
C GLU K 16 26.74 32.73 15.33
N ASN K 17 26.73 31.56 14.68
CA ASN K 17 25.98 30.41 15.16
C ASN K 17 26.85 29.50 16.01
N ALA K 18 28.16 29.49 15.77
CA ALA K 18 29.08 28.71 16.60
C ALA K 18 29.15 29.31 18.00
N ARG K 19 29.62 30.55 18.11
CA ARG K 19 29.44 31.31 19.33
C ARG K 19 27.98 31.70 19.47
N LEU K 20 27.55 31.86 20.74
CA LEU K 20 26.17 32.06 21.19
C LEU K 20 25.35 30.76 21.22
N SER K 21 25.91 29.65 20.70
CA SER K 21 25.36 28.32 20.91
C SER K 21 26.03 27.62 22.08
N ALA K 22 27.31 27.93 22.33
CA ALA K 22 27.99 27.44 23.51
C ALA K 22 27.63 28.26 24.74
N PHE K 23 27.45 29.57 24.58
CA PHE K 23 27.08 30.41 25.71
C PHE K 23 25.67 30.11 26.20
N VAL K 24 24.72 29.95 25.27
CA VAL K 24 23.38 29.53 25.65
C VAL K 24 23.38 28.10 26.18
N GLY K 25 24.31 27.26 25.73
CA GLY K 25 24.48 25.96 26.35
C GLY K 25 25.08 26.06 27.74
N ALA K 26 26.02 27.00 27.92
CA ALA K 26 26.56 27.26 29.25
C ALA K 26 25.50 27.86 30.16
N ILE K 27 24.57 28.63 29.60
CA ILE K 27 23.45 29.14 30.37
C ILE K 27 22.46 28.01 30.67
N ALA K 28 22.26 27.11 29.72
CA ALA K 28 21.31 26.01 29.91
C ALA K 28 21.80 25.04 30.97
N VAL K 29 23.08 24.68 30.95
CA VAL K 29 23.64 23.78 31.95
C VAL K 29 23.82 24.47 33.30
N GLY K 30 23.96 25.79 33.33
CA GLY K 30 24.15 26.49 34.59
C GLY K 30 22.86 26.74 35.34
N ASP K 31 21.77 27.02 34.63
CA ASP K 31 20.49 27.26 35.28
C ASP K 31 19.93 26.03 35.96
N LEU K 32 20.28 24.83 35.49
CA LEU K 32 19.82 23.61 36.15
C LEU K 32 20.42 23.48 37.55
N VAL K 33 21.74 23.65 37.66
CA VAL K 33 22.44 23.48 38.94
C VAL K 33 22.43 24.75 39.79
N LYS K 34 21.68 25.78 39.39
CA LYS K 34 21.61 26.99 40.20
C LYS K 34 20.83 26.75 41.49
N SER K 35 19.75 25.97 41.42
CA SER K 35 18.93 25.70 42.59
C SER K 35 19.60 24.77 43.59
N THR K 36 20.56 23.95 43.16
CA THR K 36 21.22 22.99 44.03
C THR K 36 22.34 23.60 44.87
N LEU K 37 22.76 24.84 44.60
CA LEU K 37 23.88 25.45 45.30
C LEU K 37 23.38 26.06 46.61
N GLY K 38 24.12 25.83 47.69
CA GLY K 38 23.85 26.46 48.97
C GLY K 38 23.17 25.53 49.95
N PRO K 39 22.95 26.00 51.18
CA PRO K 39 22.30 25.15 52.18
C PRO K 39 20.80 25.01 51.97
N LYS K 40 20.13 26.03 51.45
CA LYS K 40 18.69 26.01 51.20
C LYS K 40 18.36 25.56 49.79
N GLY K 41 19.25 24.80 49.14
CA GLY K 41 19.01 24.35 47.78
C GLY K 41 18.07 23.17 47.71
N MET K 42 17.32 23.13 46.61
CA MET K 42 16.35 22.07 46.35
C MET K 42 17.02 20.95 45.56
N ASP K 43 16.71 19.71 45.92
CA ASP K 43 17.26 18.56 45.24
C ASP K 43 16.51 18.30 43.94
N LYS K 44 17.25 17.87 42.92
CA LYS K 44 16.70 17.56 41.60
C LYS K 44 16.50 16.06 41.47
N LEU K 45 15.34 15.67 40.92
CA LEU K 45 14.98 14.27 40.70
C LEU K 45 15.18 13.93 39.23
N LEU K 46 15.85 12.81 38.97
CA LEU K 46 16.16 12.34 37.62
C LEU K 46 15.38 11.08 37.33
N GLN K 47 14.61 11.10 36.25
CA GLN K 47 13.82 9.96 35.78
C GLN K 47 14.53 9.37 34.57
N SER K 48 14.86 8.09 34.65
CA SER K 48 15.52 7.40 33.56
C SER K 48 14.54 7.10 32.44
N ALA K 49 15.06 7.00 31.22
CA ALA K 49 14.24 6.68 30.06
C ALA K 49 13.88 5.20 29.97
N SER K 50 14.65 4.32 30.62
CA SER K 50 14.44 2.87 30.57
C SER K 50 14.45 2.30 31.98
N SER K 51 13.68 1.22 32.17
CA SER K 51 13.64 0.46 33.42
C SER K 51 13.04 1.24 34.60
N ASN K 52 12.36 2.36 34.33
CA ASN K 52 11.71 3.27 35.30
C ASN K 52 12.55 3.53 36.55
N THR K 53 13.85 3.74 36.34
CA THR K 53 14.80 3.94 37.43
C THR K 53 14.86 5.43 37.76
N CYS K 54 14.52 5.78 39.00
CA CYS K 54 14.58 7.14 39.52
C CYS K 54 15.84 7.31 40.35
N MET K 55 16.29 8.56 40.48
CA MET K 55 17.51 8.89 41.23
C MET K 55 17.36 10.28 41.82
N VAL K 56 17.29 10.34 43.15
CA VAL K 56 17.31 11.60 43.90
C VAL K 56 18.77 11.91 44.21
N THR K 57 19.25 13.07 43.77
CA THR K 57 20.64 13.44 43.98
C THR K 57 20.80 14.96 43.92
N ASN K 58 21.69 15.47 44.77
CA ASN K 58 22.02 16.89 44.83
C ASN K 58 23.34 17.23 44.16
N ASP K 59 24.25 16.27 44.00
CA ASP K 59 25.56 16.54 43.42
C ASP K 59 25.43 16.92 41.96
N GLY K 60 26.08 18.01 41.57
CA GLY K 60 26.02 18.46 40.19
C GLY K 60 26.64 17.50 39.21
N ALA K 61 27.65 16.74 39.64
CA ALA K 61 28.27 15.77 38.76
C ALA K 61 27.31 14.64 38.41
N THR K 62 26.63 14.10 39.42
CA THR K 62 25.67 13.03 39.19
C THR K 62 24.46 13.48 38.38
N ILE K 63 24.08 14.75 38.49
CA ILE K 63 22.98 15.28 37.68
C ILE K 63 23.39 15.29 36.20
N LEU K 64 24.63 15.67 35.92
CA LEU K 64 25.14 15.70 34.56
C LEU K 64 25.58 14.34 34.04
N LYS K 65 25.84 13.37 34.93
CA LYS K 65 26.18 12.03 34.48
C LYS K 65 24.99 11.37 33.77
N SER K 66 23.79 11.51 34.33
CA SER K 66 22.63 10.77 33.86
C SER K 66 21.92 11.48 32.71
N ILE K 67 21.82 12.80 32.75
CA ILE K 67 21.06 13.55 31.76
C ILE K 67 21.81 13.49 30.44
N PRO K 68 21.21 13.11 29.30
CA PRO K 68 21.94 13.19 28.03
C PRO K 68 21.99 14.63 27.54
N LEU K 69 23.14 15.01 26.99
CA LEU K 69 23.38 16.37 26.50
C LEU K 69 24.17 16.27 25.19
N ASP K 70 23.50 16.49 24.07
CA ASP K 70 24.12 16.47 22.76
C ASP K 70 24.89 17.75 22.44
N ASN K 71 24.75 18.81 23.24
CA ASN K 71 25.48 20.04 22.99
C ASN K 71 26.97 19.80 23.24
N PRO K 72 27.87 20.18 22.32
CA PRO K 72 29.30 19.95 22.62
C PRO K 72 29.83 20.83 23.73
N ALA K 73 29.33 22.06 23.86
CA ALA K 73 29.79 22.94 24.93
C ALA K 73 29.36 22.43 26.30
N ALA K 74 28.18 21.80 26.39
CA ALA K 74 27.74 21.23 27.65
C ALA K 74 28.53 19.99 28.04
N LYS K 75 29.09 19.28 27.05
CA LYS K 75 29.92 18.12 27.35
C LYS K 75 31.21 18.53 28.07
N VAL K 76 31.70 19.75 27.84
CA VAL K 76 32.85 20.24 28.57
C VAL K 76 32.50 20.38 30.05
N LEU K 77 31.30 20.91 30.34
CA LEU K 77 30.87 21.02 31.72
C LEU K 77 30.54 19.66 32.33
N VAL K 78 30.17 18.69 31.50
CA VAL K 78 29.93 17.34 32.00
C VAL K 78 31.23 16.69 32.44
N ASN K 79 32.29 16.89 31.67
CA ASN K 79 33.57 16.24 31.96
C ASN K 79 34.29 16.89 33.13
N ILE K 80 34.20 18.22 33.24
CA ILE K 80 34.90 18.91 34.32
C ILE K 80 34.26 18.66 35.67
N SER K 81 32.95 18.36 35.72
CA SER K 81 32.31 17.94 36.95
C SER K 81 32.66 16.50 37.29
N LYS K 82 32.90 15.66 36.28
CA LYS K 82 33.31 14.28 36.51
C LYS K 82 34.69 14.23 37.17
N VAL K 83 35.66 14.92 36.58
CA VAL K 83 37.02 14.90 37.10
C VAL K 83 37.11 15.65 38.43
N GLN K 84 36.27 16.67 38.63
CA GLN K 84 36.24 17.36 39.91
C GLN K 84 35.71 16.43 41.00
N ASP K 85 34.72 15.59 40.67
CA ASP K 85 34.26 14.57 41.60
C ASP K 85 35.35 13.52 41.83
N ASP K 86 36.18 13.26 40.83
CA ASP K 86 37.26 12.30 40.99
C ASP K 86 38.39 12.85 41.87
N GLU K 87 38.65 14.14 41.78
CA GLU K 87 39.76 14.73 42.52
C GLU K 87 39.42 14.93 43.99
N VAL K 88 38.41 15.78 44.26
CA VAL K 88 38.04 16.19 45.62
C VAL K 88 36.77 15.48 46.08
N GLY K 89 35.78 15.37 45.19
CA GLY K 89 34.48 14.78 45.49
C GLY K 89 33.40 15.79 45.81
N ASP K 90 33.78 16.99 46.28
CA ASP K 90 32.86 18.06 46.63
C ASP K 90 33.22 19.31 45.85
N GLY K 91 32.20 20.13 45.57
CA GLY K 91 32.38 21.38 44.88
C GLY K 91 32.19 21.33 43.38
N THR K 92 31.56 20.28 42.86
CA THR K 92 31.34 20.19 41.42
C THR K 92 30.31 21.21 40.94
N THR K 93 29.32 21.53 41.77
CA THR K 93 28.32 22.51 41.39
C THR K 93 28.92 23.90 41.27
N SER K 94 29.87 24.23 42.15
CA SER K 94 30.51 25.55 42.11
C SER K 94 31.33 25.72 40.85
N VAL K 95 31.91 24.64 40.31
CA VAL K 95 32.66 24.74 39.07
C VAL K 95 31.72 25.03 37.91
N THR K 96 30.58 24.35 37.85
CA THR K 96 29.63 24.55 36.76
C THR K 96 28.99 25.92 36.83
N VAL K 97 28.70 26.42 38.04
CA VAL K 97 28.10 27.74 38.17
C VAL K 97 29.13 28.81 37.84
N LEU K 98 30.34 28.70 38.39
CA LEU K 98 31.36 29.71 38.13
C LEU K 98 31.82 29.69 36.68
N SER K 99 31.86 28.50 36.06
CA SER K 99 32.24 28.43 34.65
C SER K 99 31.17 29.03 33.76
N ALA K 100 29.88 28.87 34.12
CA ALA K 100 28.81 29.42 33.30
C ALA K 100 28.72 30.93 33.44
N GLU K 101 28.93 31.45 34.65
CA GLU K 101 28.85 32.89 34.89
C GLU K 101 30.06 33.62 34.32
N LEU K 102 31.22 32.96 34.26
CA LEU K 102 32.36 33.56 33.59
C LEU K 102 32.09 33.73 32.11
N LEU K 103 31.41 32.77 31.49
CA LEU K 103 31.03 32.89 30.09
C LEU K 103 29.87 33.85 29.90
N ARG K 104 28.98 33.95 30.90
CA ARG K 104 27.90 34.92 30.83
C ARG K 104 28.45 36.35 30.84
N GLU K 105 29.45 36.61 31.68
CA GLU K 105 30.09 37.92 31.68
C GLU K 105 30.86 38.17 30.39
N ALA K 106 31.60 37.16 29.93
CA ALA K 106 32.39 37.31 28.71
C ALA K 106 31.52 37.49 27.47
N GLU K 107 30.27 37.00 27.52
CA GLU K 107 29.33 37.27 26.43
C GLU K 107 29.06 38.77 26.32
N LYS K 108 28.98 39.47 27.44
CA LYS K 108 28.72 40.91 27.43
C LYS K 108 29.96 41.69 27.03
N LEU K 109 31.15 41.25 27.46
CA LEU K 109 32.38 41.95 27.08
C LEU K 109 32.64 41.84 25.59
N ILE K 110 32.25 40.73 24.97
CA ILE K 110 32.43 40.58 23.52
C ILE K 110 31.40 41.42 22.77
N ASP K 111 30.17 41.48 23.28
CA ASP K 111 29.10 42.20 22.61
C ASP K 111 29.13 43.69 22.94
N GLN K 112 29.13 44.04 24.22
CA GLN K 112 29.01 45.43 24.63
C GLN K 112 30.32 46.19 24.39
N SER K 113 31.40 45.76 25.04
CA SER K 113 32.68 46.46 24.97
C SER K 113 33.45 46.17 23.68
N LYS K 114 33.16 45.07 22.99
CA LYS K 114 33.80 44.73 21.72
C LYS K 114 35.30 44.52 21.90
N ILE K 115 35.63 43.54 22.75
CA ILE K 115 37.01 43.17 23.08
C ILE K 115 37.27 41.80 22.48
N HIS K 116 38.49 41.58 22.00
CA HIS K 116 38.85 40.32 21.38
C HIS K 116 38.78 39.18 22.41
N PRO K 117 38.50 37.94 22.01
CA PRO K 117 38.51 36.86 23.01
C PRO K 117 39.86 36.59 23.63
N GLN K 118 40.94 36.68 22.84
CA GLN K 118 42.28 36.46 23.40
C GLN K 118 42.64 37.51 24.43
N THR K 119 42.15 38.74 24.27
CA THR K 119 42.40 39.78 25.26
C THR K 119 41.65 39.49 26.56
N ILE K 120 40.49 38.85 26.48
CA ILE K 120 39.76 38.50 27.69
C ILE K 120 40.50 37.43 28.49
N ILE K 121 41.13 36.49 27.79
CA ILE K 121 41.86 35.42 28.47
C ILE K 121 43.09 35.99 29.18
N GLU K 122 43.78 36.94 28.55
CA GLU K 122 44.96 37.54 29.17
C GLU K 122 44.60 38.30 30.45
N GLY K 123 43.39 38.85 30.52
CA GLY K 123 42.93 39.43 31.77
C GLY K 123 42.62 38.36 32.81
N TYR K 124 42.09 37.21 32.36
CA TYR K 124 41.79 36.13 33.30
C TYR K 124 43.06 35.46 33.81
N ARG K 125 44.13 35.44 33.03
CA ARG K 125 45.38 34.86 33.51
C ARG K 125 45.97 35.69 34.65
N LEU K 126 45.99 37.01 34.49
CA LEU K 126 46.47 37.87 35.57
C LEU K 126 45.48 37.92 36.72
N ALA K 127 44.18 37.89 36.42
CA ALA K 127 43.17 37.90 37.46
C ALA K 127 43.18 36.60 38.25
N SER K 128 43.36 35.47 37.57
CA SER K 128 43.43 34.18 38.27
C SER K 128 44.70 34.07 39.10
N ALA K 129 45.81 34.65 38.62
CA ALA K 129 47.04 34.63 39.40
C ALA K 129 46.90 35.47 40.66
N ALA K 130 46.25 36.64 40.56
CA ALA K 130 46.03 37.46 41.73
C ALA K 130 45.04 36.81 42.68
N ALA K 131 44.07 36.06 42.15
CA ALA K 131 43.09 35.39 43.00
C ALA K 131 43.73 34.27 43.80
N LEU K 132 44.57 33.45 43.15
CA LEU K 132 45.23 32.36 43.86
C LEU K 132 46.28 32.85 44.85
N ASP K 133 46.92 33.99 44.57
CA ASP K 133 47.86 34.56 45.53
C ASP K 133 47.13 35.05 46.77
N ALA K 134 45.96 35.67 46.59
CA ALA K 134 45.15 36.08 47.73
C ALA K 134 44.59 34.88 48.46
N LEU K 135 44.25 33.81 47.73
CA LEU K 135 43.75 32.60 48.35
C LEU K 135 44.85 31.89 49.14
N THR K 136 46.10 31.98 48.68
CA THR K 136 47.21 31.36 49.41
C THR K 136 47.52 32.14 50.68
N LYS K 137 47.52 33.47 50.60
CA LYS K 137 47.80 34.30 51.77
C LYS K 137 46.65 34.31 52.77
N ALA K 138 45.40 34.13 52.31
CA ALA K 138 44.25 34.09 53.19
C ALA K 138 44.12 32.79 53.96
N ALA K 139 44.87 31.75 53.60
CA ALA K 139 44.80 30.48 54.30
C ALA K 139 45.45 30.58 55.68
N VAL K 140 45.34 29.50 56.44
CA VAL K 140 45.89 29.41 57.79
C VAL K 140 46.39 28.00 58.03
N ASP K 141 47.50 27.90 58.76
CA ASP K 141 48.09 26.61 59.07
C ASP K 141 47.24 25.86 60.09
N ASN K 142 47.48 24.56 60.17
CA ASN K 142 46.72 23.67 61.06
C ASN K 142 47.60 22.47 61.38
N SER K 143 47.05 21.52 62.14
CA SER K 143 47.63 20.22 62.48
C SER K 143 48.73 20.29 63.52
N HIS K 144 49.14 21.48 63.98
CA HIS K 144 50.12 21.56 65.05
C HIS K 144 49.52 21.13 66.39
N ASP K 145 48.23 21.43 66.60
CA ASP K 145 47.46 21.00 67.77
C ASP K 145 46.37 20.05 67.30
N LYS K 146 46.35 18.84 67.87
CA LYS K 146 45.36 17.86 67.47
C LYS K 146 43.94 18.28 67.86
N THR K 147 43.79 19.08 68.91
CA THR K 147 42.47 19.56 69.29
C THR K 147 41.90 20.52 68.25
N MET K 148 42.73 21.45 67.76
CA MET K 148 42.29 22.35 66.70
C MET K 148 42.06 21.59 65.40
N PHE K 149 42.89 20.59 65.11
CA PHE K 149 42.68 19.79 63.91
C PHE K 149 41.39 18.97 64.02
N ARG K 150 41.05 18.53 65.23
CA ARG K 150 39.79 17.84 65.44
C ARG K 150 38.61 18.78 65.24
N GLU K 151 38.74 20.03 65.69
CA GLU K 151 37.64 20.98 65.59
C GLU K 151 37.43 21.44 64.15
N ASP K 152 38.51 21.61 63.39
CA ASP K 152 38.38 22.08 62.02
C ASP K 152 37.75 21.03 61.11
N LEU K 153 38.04 19.75 61.36
CA LEU K 153 37.37 18.69 60.61
C LEU K 153 35.88 18.64 60.93
N ILE K 154 35.50 18.97 62.16
CA ILE K 154 34.09 19.02 62.51
C ILE K 154 33.40 20.16 61.78
N HIS K 155 34.09 21.30 61.65
CA HIS K 155 33.52 22.43 60.92
C HIS K 155 33.46 22.16 59.43
N ILE K 156 34.44 21.45 58.88
CA ILE K 156 34.43 21.12 57.45
C ILE K 156 33.31 20.12 57.17
N ALA K 157 33.07 19.18 58.07
CA ALA K 157 31.98 18.23 57.90
C ALA K 157 30.63 18.92 57.98
N LYS K 158 30.50 19.91 58.87
CA LYS K 158 29.26 20.67 58.96
C LYS K 158 29.04 21.51 57.71
N THR K 159 30.11 22.10 57.17
CA THR K 159 29.98 22.92 55.97
C THR K 159 29.64 22.07 54.75
N THR K 160 30.16 20.84 54.70
CA THR K 160 29.92 19.98 53.54
C THR K 160 28.50 19.42 53.56
N LEU K 161 28.06 18.90 54.70
CA LEU K 161 26.74 18.30 54.83
C LEU K 161 25.62 19.32 55.03
N SER K 162 25.91 20.62 54.98
CA SER K 162 24.85 21.62 55.14
C SER K 162 23.95 21.67 53.91
N SER K 163 24.48 21.36 52.73
CA SER K 163 23.71 21.34 51.50
C SER K 163 23.02 20.01 51.22
N LYS K 164 23.50 18.92 51.79
CA LYS K 164 22.97 17.59 51.52
C LYS K 164 21.73 17.35 52.38
N ILE K 165 21.22 16.12 52.38
CA ILE K 165 20.03 15.78 53.17
C ILE K 165 20.33 15.75 54.67
N LEU K 166 21.61 15.66 55.07
CA LEU K 166 21.98 15.60 56.48
C LEU K 166 22.16 16.98 57.12
N SER K 167 21.53 18.02 56.56
CA SER K 167 21.73 19.37 57.06
C SER K 167 21.15 19.55 58.47
N GLN K 168 20.04 18.87 58.77
CA GLN K 168 19.43 19.00 60.09
C GLN K 168 20.17 18.20 61.15
N ASP K 169 20.69 17.04 60.80
CA ASP K 169 21.40 16.14 61.73
C ASP K 169 22.92 16.22 61.57
N LYS K 170 23.45 17.32 61.00
CA LYS K 170 24.89 17.42 60.83
C LYS K 170 25.64 17.55 62.14
N ASP K 171 24.97 17.99 63.22
CA ASP K 171 25.63 18.03 64.52
C ASP K 171 26.00 16.63 65.01
N HIS K 172 25.18 15.63 64.69
CA HIS K 172 25.47 14.25 65.06
C HIS K 172 26.35 13.55 64.03
N PHE K 173 26.09 13.76 62.74
CA PHE K 173 26.90 13.14 61.69
C PHE K 173 28.31 13.70 61.61
N ALA K 174 28.54 14.91 62.14
CA ALA K 174 29.90 15.45 62.15
C ALA K 174 30.82 14.63 63.04
N GLU K 175 30.30 14.15 64.17
CA GLU K 175 31.07 13.25 65.02
C GLU K 175 31.32 11.92 64.31
N LEU K 176 30.31 11.41 63.60
CA LEU K 176 30.47 10.16 62.88
C LEU K 176 31.44 10.30 61.71
N ALA K 177 31.47 11.48 61.08
CA ALA K 177 32.35 11.67 59.93
C ALA K 177 33.80 11.87 60.35
N THR K 178 34.03 12.69 61.38
CA THR K 178 35.39 13.02 61.79
C THR K 178 36.05 11.90 62.61
N ASN K 179 35.26 11.12 63.35
CA ASN K 179 35.85 10.04 64.13
C ASN K 179 36.38 8.91 63.25
N ALA K 180 35.72 8.65 62.13
CA ALA K 180 36.19 7.61 61.22
C ALA K 180 37.50 8.00 60.54
N ILE K 181 37.69 9.29 60.26
CA ILE K 181 38.88 9.72 59.54
C ILE K 181 40.10 9.64 60.44
N LEU K 182 39.97 10.05 61.70
CA LEU K 182 41.07 9.93 62.64
C LEU K 182 41.45 8.48 62.94
N ARG K 183 40.50 7.54 62.81
CA ARG K 183 40.80 6.12 62.96
C ARG K 183 41.62 5.55 61.82
N LEU K 184 41.70 6.23 60.68
CA LEU K 184 42.49 5.75 59.55
C LEU K 184 44.00 5.77 59.82
N LYS K 185 44.46 6.57 60.79
CA LYS K 185 45.89 6.70 61.11
C LYS K 185 46.69 7.20 59.91
N GLY K 186 46.16 8.20 59.23
CA GLY K 186 46.84 8.85 58.13
C GLY K 186 46.61 8.22 56.76
N SER K 187 46.15 6.97 56.72
CA SER K 187 45.93 6.29 55.45
C SER K 187 44.77 6.92 54.71
N THR K 188 45.05 7.52 53.56
CA THR K 188 44.05 8.21 52.74
C THR K 188 43.52 7.22 51.71
N ASN K 189 42.36 6.65 52.00
CA ASN K 189 41.72 5.72 51.08
C ASN K 189 40.27 5.52 51.51
N LEU K 190 39.36 5.58 50.55
CA LEU K 190 37.93 5.45 50.79
C LEU K 190 37.44 4.00 50.70
N GLU K 191 38.27 3.08 50.19
CA GLU K 191 37.87 1.68 50.13
C GLU K 191 37.76 1.02 51.51
N HIS K 192 38.35 1.60 52.54
CA HIS K 192 38.32 1.04 53.89
C HIS K 192 37.06 1.43 54.67
N ILE K 193 36.04 2.00 54.02
CA ILE K 193 34.80 2.44 54.67
C ILE K 193 33.65 1.81 53.90
N GLN K 194 32.80 1.08 54.62
CA GLN K 194 31.66 0.36 54.05
C GLN K 194 30.38 1.15 54.30
N ILE K 195 29.44 1.02 53.36
CA ILE K 195 28.13 1.65 53.45
C ILE K 195 27.09 0.54 53.37
N ILE K 196 26.53 0.18 54.53
CA ILE K 196 25.54 -0.90 54.64
C ILE K 196 24.16 -0.26 54.57
N LYS K 197 23.35 -0.73 53.63
CA LYS K 197 22.01 -0.21 53.40
C LYS K 197 21.03 -0.95 54.30
N ILE K 198 20.33 -0.21 55.16
CA ILE K 198 19.32 -0.75 56.07
C ILE K 198 18.07 0.09 55.92
N LEU K 199 16.94 -0.56 55.64
CA LEU K 199 15.65 0.09 55.58
C LEU K 199 15.02 0.12 56.97
N GLY K 200 14.42 1.26 57.31
CA GLY K 200 13.77 1.47 58.59
C GLY K 200 14.47 2.55 59.41
N GLY K 201 13.79 2.95 60.48
CA GLY K 201 14.32 3.98 61.34
C GLY K 201 14.16 5.36 60.76
N LYS K 202 14.91 6.31 61.32
CA LYS K 202 14.97 7.69 60.87
C LYS K 202 16.42 8.07 60.61
N LEU K 203 16.61 9.31 60.14
CA LEU K 203 17.91 9.73 59.65
C LEU K 203 18.95 9.86 60.77
N SER K 204 18.53 10.28 61.96
CA SER K 204 19.43 10.47 63.09
C SER K 204 19.75 9.17 63.84
N ASP K 205 19.21 8.03 63.41
CA ASP K 205 19.51 6.75 64.05
C ASP K 205 20.86 6.17 63.65
N SER K 206 21.59 6.79 62.73
CA SER K 206 22.92 6.32 62.37
C SER K 206 23.86 6.45 63.57
N PHE K 207 24.42 5.32 64.00
CA PHE K 207 25.26 5.23 65.18
C PHE K 207 26.68 4.84 64.79
N LEU K 208 27.64 5.29 65.61
CA LEU K 208 29.03 4.96 65.40
C LEU K 208 29.31 3.55 65.89
N ASP K 209 29.96 2.75 65.04
CA ASP K 209 30.26 1.36 65.33
C ASP K 209 31.67 1.24 65.87
N GLU K 210 31.84 0.40 66.90
CA GLU K 210 33.13 0.11 67.51
C GLU K 210 33.64 -1.18 66.87
N GLY K 211 34.73 -1.06 66.12
CA GLY K 211 35.33 -2.18 65.42
C GLY K 211 34.98 -2.20 63.95
N PHE K 212 34.42 -3.31 63.49
CA PHE K 212 34.05 -3.50 62.09
C PHE K 212 32.83 -4.41 62.00
N ILE K 213 31.88 -4.04 61.14
CA ILE K 213 30.65 -4.78 60.93
C ILE K 213 30.48 -5.00 59.43
N LEU K 214 29.96 -6.18 59.06
CA LEU K 214 29.75 -6.52 57.67
C LEU K 214 28.56 -7.47 57.57
N ALA K 215 28.07 -7.66 56.36
CA ALA K 215 26.88 -8.47 56.08
C ALA K 215 27.33 -9.85 55.59
N LYS K 216 27.63 -10.73 56.54
CA LYS K 216 28.00 -12.11 56.25
C LYS K 216 27.27 -13.00 57.27
N LYS K 217 27.56 -14.29 57.25
CA LYS K 217 26.87 -15.26 58.08
C LYS K 217 27.81 -16.42 58.41
N PHE K 218 27.54 -17.06 59.54
CA PHE K 218 28.26 -18.26 59.94
C PHE K 218 27.80 -19.45 59.09
N GLY K 219 28.40 -20.60 59.33
CA GLY K 219 28.05 -21.82 58.63
C GLY K 219 26.77 -22.43 59.13
N ASN K 220 26.59 -23.72 58.83
CA ASN K 220 25.38 -24.43 59.22
C ASN K 220 25.42 -24.89 60.67
N ASN K 221 26.59 -25.35 61.14
CA ASN K 221 26.75 -25.96 62.45
C ASN K 221 27.53 -25.11 63.44
N GLN K 222 27.92 -23.88 63.09
CA GLN K 222 28.83 -23.12 63.93
C GLN K 222 28.08 -22.50 65.11
N PRO K 223 28.76 -22.17 66.20
CA PRO K 223 28.08 -21.60 67.36
C PRO K 223 27.84 -20.10 67.19
N LYS K 224 27.10 -19.55 68.16
CA LYS K 224 26.71 -18.14 68.09
C LYS K 224 27.79 -17.23 68.64
N ARG K 225 28.42 -17.62 69.75
CA ARG K 225 29.35 -16.77 70.50
C ARG K 225 30.61 -17.54 70.82
N ILE K 226 31.76 -16.90 70.61
CA ILE K 226 33.08 -17.43 70.99
C ILE K 226 33.86 -16.28 71.59
N GLU K 227 34.35 -16.47 72.81
CA GLU K 227 35.07 -15.43 73.54
C GLU K 227 36.55 -15.47 73.17
N ASN K 228 37.10 -14.29 72.83
CA ASN K 228 38.51 -14.13 72.47
C ASN K 228 38.88 -15.01 71.27
N ALA K 229 38.20 -14.74 70.15
CA ALA K 229 38.41 -15.51 68.93
C ALA K 229 39.57 -14.97 68.13
N LYS K 230 40.45 -15.87 67.69
CA LYS K 230 41.54 -15.53 66.78
C LYS K 230 41.02 -15.56 65.36
N ILE K 231 41.28 -14.49 64.62
CA ILE K 231 40.76 -14.29 63.27
C ILE K 231 41.86 -14.59 62.27
N LEU K 232 41.52 -15.33 61.22
CA LEU K 232 42.40 -15.62 60.10
C LEU K 232 41.66 -15.34 58.80
N ILE K 233 42.43 -14.94 57.78
CA ILE K 233 41.90 -14.61 56.45
C ILE K 233 42.70 -15.42 55.44
N ALA K 234 42.00 -16.21 54.63
CA ALA K 234 42.60 -17.09 53.63
C ALA K 234 42.18 -16.64 52.23
N ASN K 235 43.06 -16.33 51.32
CA ASN K 235 42.62 -16.05 49.98
C ASN K 235 42.69 -17.41 49.37
N THR K 236 42.54 -18.45 50.17
CA THR K 236 42.69 -19.81 49.69
C THR K 236 41.56 -20.45 49.00
N THR K 237 41.81 -21.65 48.49
CA THR K 237 40.80 -22.39 47.82
C THR K 237 40.57 -23.58 48.69
N LEU K 238 39.51 -23.59 49.44
CA LEU K 238 39.17 -24.68 50.29
C LEU K 238 38.13 -25.34 49.52
N ASP K 239 37.98 -24.93 48.29
CA ASP K 239 37.05 -25.57 47.41
C ASP K 239 37.70 -26.81 46.82
N THR K 240 37.26 -27.35 45.69
CA THR K 240 37.81 -28.56 45.13
C THR K 240 39.04 -28.03 44.58
N ASP K 241 40.13 -28.27 45.29
CA ASP K 241 41.34 -27.64 44.89
C ASP K 241 41.92 -27.95 43.59
N LYS K 242 41.79 -29.16 43.13
CA LYS K 242 42.50 -29.55 41.95
C LYS K 242 43.96 -29.35 42.35
N VAL K 243 44.91 -29.47 41.45
CA VAL K 243 46.26 -29.34 41.93
C VAL K 243 47.06 -28.31 41.20
N LYS K 244 46.48 -27.70 40.18
CA LYS K 244 47.12 -26.64 39.41
C LYS K 244 48.01 -26.98 38.26
N ILE K 245 48.38 -28.22 38.06
CA ILE K 245 49.11 -28.52 36.88
C ILE K 245 47.97 -28.97 36.05
N PHE K 246 47.20 -28.04 35.52
CA PHE K 246 46.01 -28.41 34.78
C PHE K 246 46.55 -29.24 33.71
N GLY K 247 45.90 -30.33 33.42
CA GLY K 247 46.48 -31.23 32.49
C GLY K 247 46.72 -32.50 33.24
N THR K 248 46.22 -32.62 34.45
CA THR K 248 46.30 -33.87 35.15
C THR K 248 45.03 -34.59 34.88
N LYS K 249 45.07 -35.88 34.63
CA LYS K 249 43.89 -36.67 34.39
C LYS K 249 44.13 -37.92 35.16
N PHE K 250 43.12 -38.73 35.40
CA PHE K 250 43.34 -39.97 36.06
C PHE K 250 43.13 -41.22 35.24
N LYS K 251 44.18 -41.89 34.81
CA LYS K 251 44.13 -43.17 34.11
C LYS K 251 43.88 -44.26 35.16
N VAL K 252 42.89 -45.11 34.88
CA VAL K 252 42.40 -46.10 35.84
C VAL K 252 42.30 -47.44 35.12
N ASP K 253 43.05 -48.43 35.60
CA ASP K 253 42.97 -49.80 35.10
C ASP K 253 41.89 -50.60 35.82
N SER K 254 41.68 -50.32 37.11
CA SER K 254 40.64 -50.97 37.89
C SER K 254 40.13 -49.99 38.94
N THR K 255 38.86 -50.13 39.29
CA THR K 255 38.22 -49.20 40.22
C THR K 255 38.57 -49.46 41.69
N ALA K 256 39.41 -50.46 41.99
CA ALA K 256 39.85 -50.67 43.37
C ALA K 256 40.70 -49.50 43.84
N LYS K 257 41.69 -49.11 43.05
CA LYS K 257 42.55 -47.97 43.39
C LYS K 257 41.84 -46.63 43.17
N LEU K 258 40.80 -46.59 42.34
CA LEU K 258 40.04 -45.36 42.17
C LEU K 258 39.27 -45.00 43.44
N ALA K 259 38.78 -45.99 44.18
CA ALA K 259 38.18 -45.72 45.47
C ALA K 259 39.23 -45.22 46.46
N GLN K 260 40.44 -45.80 46.40
CA GLN K 260 41.55 -45.30 47.20
C GLN K 260 42.09 -43.98 46.66
N LEU K 261 41.89 -43.69 45.38
CA LEU K 261 42.26 -42.38 44.84
C LEU K 261 41.35 -41.29 45.39
N GLU K 262 40.04 -41.55 45.43
CA GLU K 262 39.12 -40.61 46.06
C GLU K 262 39.37 -40.50 47.55
N LYS K 263 39.83 -41.59 48.17
CA LYS K 263 40.26 -41.52 49.57
C LYS K 263 41.44 -40.57 49.72
N ALA K 264 42.36 -40.56 48.76
CA ALA K 264 43.50 -39.66 48.83
C ALA K 264 43.07 -38.21 48.62
N GLU K 265 42.03 -37.97 47.83
CA GLU K 265 41.54 -36.61 47.65
C GLU K 265 40.92 -36.08 48.93
N ARG K 266 40.16 -36.91 49.64
CA ARG K 266 39.61 -36.51 50.92
C ARG K 266 40.71 -36.39 51.97
N GLU K 267 41.70 -37.29 51.92
CA GLU K 267 42.85 -37.17 52.81
C GLU K 267 43.72 -35.98 52.48
N LYS K 268 43.74 -35.54 51.21
CA LYS K 268 44.51 -34.36 50.84
C LYS K 268 43.93 -33.11 51.48
N MET K 269 42.62 -32.95 51.43
CA MET K 269 41.97 -31.78 52.00
C MET K 269 41.88 -31.87 53.53
N LYS K 270 41.77 -33.09 54.07
CA LYS K 270 41.84 -33.29 55.51
C LYS K 270 43.18 -32.81 56.06
N ASN K 271 44.28 -33.16 55.39
CA ASN K 271 45.60 -32.70 55.80
C ASN K 271 45.73 -31.19 55.65
N LYS K 272 45.01 -30.58 54.71
CA LYS K 272 45.04 -29.13 54.56
C LYS K 272 44.28 -28.45 55.69
N ILE K 273 43.12 -28.98 56.08
CA ILE K 273 42.41 -28.46 57.25
C ILE K 273 43.17 -28.77 58.53
N ALA K 274 43.89 -29.90 58.58
CA ALA K 274 44.75 -30.17 59.72
C ALA K 274 45.88 -29.16 59.81
N LYS K 275 46.34 -28.64 58.68
CA LYS K 275 47.35 -27.58 58.69
C LYS K 275 46.79 -26.29 59.29
N ILE K 276 45.48 -26.05 59.13
CA ILE K 276 44.86 -24.86 59.72
C ILE K 276 44.84 -24.97 61.24
N SER K 277 44.57 -26.17 61.75
CA SER K 277 44.44 -26.38 63.18
C SER K 277 45.76 -26.30 63.94
N LYS K 278 46.90 -26.28 63.25
CA LYS K 278 48.17 -26.14 63.94
C LYS K 278 48.31 -24.77 64.61
N PHE K 279 47.71 -23.73 64.01
CA PHE K 279 47.73 -22.41 64.62
C PHE K 279 46.79 -22.35 65.81
N GLY K 280 45.66 -23.04 65.74
CA GLY K 280 44.68 -23.03 66.81
C GLY K 280 43.77 -21.83 66.73
N ILE K 281 43.35 -21.48 65.52
CA ILE K 281 42.47 -20.32 65.32
C ILE K 281 41.08 -20.66 65.79
N ASN K 282 40.23 -19.63 65.92
CA ASN K 282 38.83 -19.77 66.31
C ASN K 282 37.84 -19.42 65.22
N THR K 283 38.28 -18.69 64.17
CA THR K 283 37.46 -18.42 63.00
C THR K 283 38.32 -18.60 61.76
N PHE K 284 37.66 -18.79 60.61
CA PHE K 284 38.31 -18.94 59.32
C PHE K 284 37.50 -18.19 58.27
N ILE K 285 38.13 -17.18 57.66
CA ILE K 285 37.50 -16.33 56.65
C ILE K 285 38.15 -16.67 55.31
N ASN K 286 37.32 -17.01 54.33
CA ASN K 286 37.75 -17.38 52.99
C ASN K 286 37.14 -16.40 51.99
N ARG K 287 37.86 -16.18 50.88
CA ARG K 287 37.41 -15.22 49.88
C ARG K 287 36.21 -15.76 49.10
N GLN K 288 36.27 -17.03 48.70
CA GLN K 288 35.28 -17.66 47.83
C GLN K 288 34.48 -18.69 48.62
N LEU K 289 33.58 -19.40 47.93
CA LEU K 289 32.67 -20.33 48.57
C LEU K 289 33.42 -21.52 49.17
N ILE K 290 32.96 -21.95 50.35
CA ILE K 290 33.50 -23.11 51.05
C ILE K 290 32.54 -24.27 50.84
N TYR K 291 33.07 -25.40 50.39
CA TYR K 291 32.25 -26.59 50.22
C TYR K 291 31.90 -27.20 51.59
N ASP K 292 30.99 -28.16 51.56
CA ASP K 292 30.44 -28.71 52.80
C ASP K 292 31.47 -29.57 53.55
N TYR K 293 32.37 -30.23 52.84
CA TYR K 293 33.29 -31.15 53.50
C TYR K 293 34.34 -30.40 54.33
N PRO K 294 34.91 -29.29 53.85
CA PRO K 294 35.64 -28.40 54.77
C PRO K 294 34.76 -27.83 55.88
N GLU K 295 33.47 -27.58 55.61
CA GLU K 295 32.62 -26.96 56.61
C GLU K 295 32.37 -27.89 57.79
N GLN K 296 32.24 -29.19 57.52
CA GLN K 296 32.02 -30.16 58.59
C GLN K 296 33.27 -30.35 59.45
N LEU K 297 34.45 -30.15 58.88
CA LEU K 297 35.69 -30.35 59.63
C LEU K 297 35.96 -29.24 60.64
N PHE K 298 35.43 -28.03 60.43
CA PHE K 298 35.56 -26.96 61.40
C PHE K 298 34.65 -27.12 62.61
N THR K 299 33.74 -28.10 62.62
CA THR K 299 32.81 -28.25 63.73
C THR K 299 33.49 -28.80 64.97
N ASP K 300 34.11 -29.98 64.86
CA ASP K 300 34.75 -30.61 66.01
C ASP K 300 35.97 -29.84 66.49
N LEU K 301 36.67 -29.12 65.61
CA LEU K 301 37.83 -28.34 65.99
C LEU K 301 37.48 -27.01 66.64
N GLY K 302 36.22 -26.62 66.68
CA GLY K 302 35.85 -25.36 67.29
C GLY K 302 36.31 -24.14 66.53
N ILE K 303 36.03 -24.09 65.22
CA ILE K 303 36.45 -23.00 64.34
C ILE K 303 35.22 -22.47 63.64
N ASN K 304 35.05 -21.15 63.64
CA ASN K 304 33.98 -20.52 62.88
C ASN K 304 34.38 -20.40 61.41
N SER K 305 33.37 -20.21 60.55
CA SER K 305 33.54 -20.19 59.10
C SER K 305 32.73 -19.05 58.50
N ILE K 306 33.38 -18.25 57.67
CA ILE K 306 32.75 -17.17 56.90
C ILE K 306 33.24 -17.31 55.47
N GLU K 307 32.30 -17.33 54.51
CA GLU K 307 32.57 -17.61 53.10
C GLU K 307 32.05 -16.46 52.24
N HIS K 308 32.57 -16.42 51.01
CA HIS K 308 32.15 -15.47 49.99
C HIS K 308 32.39 -14.03 50.43
N ALA K 309 33.65 -13.73 50.73
CA ALA K 309 34.09 -12.39 51.09
C ALA K 309 34.56 -11.65 49.84
N ASP K 310 34.13 -10.39 49.72
CA ASP K 310 34.50 -9.56 48.59
C ASP K 310 35.99 -9.23 48.65
N PHE K 311 36.53 -8.81 47.51
CA PHE K 311 37.94 -8.40 47.45
C PHE K 311 38.21 -7.21 48.36
N GLU K 312 37.32 -6.22 48.34
CA GLU K 312 37.47 -5.09 49.25
C GLU K 312 37.30 -5.51 50.71
N GLY K 313 36.43 -6.49 50.97
CA GLY K 313 36.20 -6.94 52.33
C GLY K 313 37.41 -7.61 52.97
N VAL K 314 38.29 -8.17 52.15
CA VAL K 314 39.50 -8.80 52.68
C VAL K 314 40.40 -7.75 53.32
N GLU K 315 40.70 -6.69 52.59
CA GLU K 315 41.53 -5.61 53.13
C GLU K 315 40.79 -4.85 54.22
N ARG K 316 39.47 -4.70 54.10
CA ARG K 316 38.71 -3.97 55.10
C ARG K 316 38.66 -4.70 56.43
N LEU K 317 38.65 -6.04 56.42
CA LEU K 317 38.66 -6.83 57.64
C LEU K 317 40.07 -7.11 58.14
N ALA K 318 41.05 -7.24 57.23
CA ALA K 318 42.41 -7.55 57.65
C ALA K 318 43.06 -6.39 58.39
N LEU K 319 42.81 -5.16 57.94
CA LEU K 319 43.38 -3.99 58.60
C LEU K 319 42.82 -3.79 60.01
N VAL K 320 41.55 -4.13 60.22
CA VAL K 320 40.97 -4.04 61.56
C VAL K 320 41.52 -5.16 62.44
N THR K 321 41.68 -6.35 61.86
CA THR K 321 42.27 -7.45 62.62
C THR K 321 43.73 -7.18 62.95
N GLY K 322 44.46 -6.53 62.03
CA GLY K 322 45.87 -6.27 62.18
C GLY K 322 46.77 -7.30 61.55
N GLY K 323 46.29 -8.54 61.38
CA GLY K 323 47.06 -9.58 60.75
C GLY K 323 47.13 -9.41 59.25
N GLU K 324 47.84 -10.35 58.61
CA GLU K 324 48.05 -10.37 57.17
C GLU K 324 47.40 -11.60 56.57
N VAL K 325 47.09 -11.51 55.28
CA VAL K 325 46.42 -12.59 54.56
C VAL K 325 47.45 -13.70 54.34
N VAL K 326 47.09 -14.93 54.75
CA VAL K 326 47.95 -16.11 54.67
C VAL K 326 47.24 -17.17 53.82
N SER K 327 48.02 -17.82 52.95
CA SER K 327 47.55 -18.85 52.02
C SER K 327 48.35 -20.14 52.11
N THR K 328 49.65 -20.06 52.39
CA THR K 328 50.49 -21.24 52.45
C THR K 328 50.29 -22.06 53.71
N PHE K 329 50.19 -21.40 54.87
CA PHE K 329 49.98 -22.05 56.16
C PHE K 329 51.14 -22.97 56.56
N ASP K 330 52.33 -22.74 56.02
CA ASP K 330 53.47 -23.64 56.23
C ASP K 330 54.19 -23.36 57.55
N GLU K 331 54.69 -22.13 57.72
CA GLU K 331 55.52 -21.73 58.85
C GLU K 331 54.66 -21.01 59.91
N PRO K 332 54.39 -21.59 61.09
CA PRO K 332 53.61 -20.85 62.09
C PRO K 332 54.36 -19.75 62.83
N SER K 333 55.65 -19.55 62.56
CA SER K 333 56.42 -18.55 63.31
C SER K 333 55.97 -17.14 62.96
N LYS K 334 56.00 -16.78 61.68
CA LYS K 334 55.62 -15.45 61.24
C LYS K 334 54.08 -15.37 61.18
N CYS K 335 53.57 -14.24 60.68
CA CYS K 335 52.14 -14.02 60.48
C CYS K 335 51.38 -14.06 61.80
N LYS K 336 51.75 -13.15 62.70
CA LYS K 336 51.06 -13.03 63.98
C LYS K 336 49.67 -12.45 63.75
N LEU K 337 48.65 -13.15 64.26
CA LEU K 337 47.26 -12.77 64.08
C LEU K 337 46.80 -11.86 65.20
N GLY K 338 45.66 -11.20 64.97
CA GLY K 338 45.07 -10.31 65.94
C GLY K 338 44.19 -11.05 66.93
N GLU K 339 43.30 -10.29 67.56
CA GLU K 339 42.36 -10.83 68.53
C GLU K 339 41.14 -9.92 68.60
N CYS K 340 39.97 -10.54 68.76
CA CYS K 340 38.69 -9.84 68.89
C CYS K 340 37.93 -10.38 70.08
N ASP K 341 37.33 -9.49 70.85
CA ASP K 341 36.64 -9.89 72.08
C ASP K 341 35.26 -10.47 71.79
N VAL K 342 34.38 -9.66 71.18
CA VAL K 342 32.99 -10.02 70.92
C VAL K 342 32.85 -10.33 69.44
N ILE K 343 32.60 -11.60 69.12
CA ILE K 343 32.31 -12.05 67.76
C ILE K 343 30.82 -12.31 67.54
N GLU K 344 29.95 -11.83 68.43
CA GLU K 344 28.53 -12.12 68.33
C GLU K 344 27.88 -11.25 67.27
N GLU K 345 27.07 -11.85 66.41
CA GLU K 345 26.35 -11.13 65.37
C GLU K 345 25.12 -10.46 65.96
N ILE K 346 24.62 -9.44 65.24
CA ILE K 346 23.40 -8.74 65.58
C ILE K 346 22.54 -8.63 64.32
N MET K 347 21.30 -8.16 64.50
CA MET K 347 20.33 -7.97 63.43
C MET K 347 19.86 -6.52 63.42
N LEU K 348 19.97 -5.89 62.26
CA LEU K 348 19.46 -4.53 62.01
C LEU K 348 18.55 -4.63 60.79
N GLY K 349 17.24 -4.74 61.03
CA GLY K 349 16.28 -5.02 59.99
C GLY K 349 16.06 -6.51 59.82
N GLU K 350 15.94 -6.96 58.58
CA GLU K 350 15.65 -8.35 58.24
C GLU K 350 16.88 -9.17 57.89
N GLN K 351 18.09 -8.60 57.94
CA GLN K 351 19.34 -9.22 57.52
C GLN K 351 20.30 -9.26 58.70
N PRO K 352 20.81 -10.41 59.16
CA PRO K 352 21.83 -10.38 60.22
C PRO K 352 23.18 -9.93 59.68
N PHE K 353 23.92 -9.22 60.53
CA PHE K 353 25.25 -8.70 60.24
C PHE K 353 26.21 -9.14 61.33
N LEU K 354 27.41 -9.55 60.92
CA LEU K 354 28.46 -9.96 61.85
C LEU K 354 29.14 -8.71 62.41
N LYS K 355 28.89 -8.43 63.68
CA LYS K 355 29.47 -7.27 64.37
C LYS K 355 30.68 -7.72 65.19
N PHE K 356 31.79 -7.02 65.02
CA PHE K 356 33.01 -7.22 65.79
C PHE K 356 33.21 -6.04 66.73
N SER K 357 33.95 -6.28 67.81
CA SER K 357 34.21 -5.24 68.80
C SER K 357 35.44 -5.61 69.61
N GLY K 358 36.27 -4.63 69.92
CA GLY K 358 37.47 -4.85 70.72
C GLY K 358 38.60 -5.43 69.91
N CYS K 359 38.93 -4.78 68.79
CA CYS K 359 39.99 -5.20 67.91
C CYS K 359 41.29 -4.47 68.25
N LYS K 360 42.38 -4.93 67.64
CA LYS K 360 43.68 -4.30 67.88
C LYS K 360 43.73 -2.89 67.29
N ALA K 361 43.37 -2.76 66.01
CA ALA K 361 43.38 -1.50 65.29
C ALA K 361 42.04 -1.30 64.58
N GLY K 362 41.74 -0.04 64.29
CA GLY K 362 40.52 0.36 63.60
C GLY K 362 40.80 1.13 62.33
N GLU K 363 41.83 0.71 61.58
CA GLU K 363 42.23 1.41 60.36
C GLU K 363 41.17 1.38 59.26
N ALA K 364 40.21 0.45 59.32
CA ALA K 364 39.05 0.42 58.45
C ALA K 364 37.80 0.52 59.31
N CYS K 365 36.76 1.14 58.75
CA CYS K 365 35.54 1.49 59.47
C CYS K 365 34.33 1.07 58.64
N THR K 366 33.15 1.37 59.18
CA THR K 366 31.89 1.05 58.53
C THR K 366 30.82 2.00 59.05
N ILE K 367 30.15 2.69 58.13
CA ILE K 367 29.15 3.69 58.46
C ILE K 367 27.77 3.03 58.32
N VAL K 368 27.12 2.78 59.45
CA VAL K 368 25.77 2.22 59.47
C VAL K 368 24.79 3.38 59.29
N LEU K 369 23.88 3.22 58.34
CA LEU K 369 22.89 4.23 57.97
C LEU K 369 21.49 3.67 58.15
N ARG K 370 20.55 4.56 58.51
CA ARG K 370 19.15 4.22 58.66
C ARG K 370 18.30 5.27 57.97
N GLY K 371 17.25 4.82 57.29
CA GLY K 371 16.40 5.75 56.58
C GLY K 371 15.12 5.08 56.13
N ALA K 372 14.28 5.87 55.45
CA ALA K 372 12.97 5.43 54.99
C ALA K 372 13.02 4.86 53.57
N THR K 373 13.42 5.68 52.60
CA THR K 373 13.47 5.31 51.20
C THR K 373 14.91 5.08 50.75
N ASP K 374 15.08 4.18 49.78
CA ASP K 374 16.39 3.95 49.20
C ASP K 374 16.92 5.18 48.48
N GLN K 375 16.04 6.04 47.97
CA GLN K 375 16.49 7.29 47.38
C GLN K 375 17.16 8.18 48.42
N THR K 376 16.68 8.13 49.67
CA THR K 376 17.33 8.86 50.75
C THR K 376 18.65 8.21 51.15
N LEU K 377 18.71 6.88 51.15
CA LEU K 377 19.95 6.20 51.45
C LEU K 377 21.00 6.44 50.37
N ASP K 378 20.56 6.50 49.11
CA ASP K 378 21.49 6.85 48.03
C ASP K 378 22.01 8.27 48.20
N GLU K 379 21.13 9.19 48.63
CA GLU K 379 21.58 10.54 48.98
C GLU K 379 22.48 10.53 50.20
N ALA K 380 22.19 9.64 51.16
CA ALA K 380 23.06 9.51 52.34
C ALA K 380 24.44 8.97 51.95
N GLU K 381 24.48 8.08 50.96
CA GLU K 381 25.76 7.54 50.50
C GLU K 381 26.58 8.61 49.79
N ARG K 382 25.94 9.34 48.87
CA ARG K 382 26.66 10.37 48.12
C ARG K 382 27.02 11.56 49.01
N SER K 383 26.21 11.84 50.03
CA SER K 383 26.49 12.97 50.91
C SER K 383 27.73 12.71 51.75
N LEU K 384 27.76 11.59 52.47
CA LEU K 384 28.91 11.26 53.31
C LEU K 384 30.14 10.89 52.49
N HIS K 385 29.96 10.39 51.27
CA HIS K 385 31.09 10.12 50.40
C HIS K 385 31.81 11.43 50.03
N ASP K 386 31.05 12.50 49.83
CA ASP K 386 31.66 13.81 49.61
C ASP K 386 32.28 14.35 50.88
N ALA K 387 31.67 14.11 52.03
CA ALA K 387 32.24 14.57 53.29
C ALA K 387 33.52 13.82 53.63
N LEU K 388 33.48 12.48 53.59
CA LEU K 388 34.66 11.68 53.87
C LEU K 388 35.76 11.89 52.85
N SER K 389 35.41 12.23 51.60
CA SER K 389 36.44 12.49 50.59
C SER K 389 37.15 13.81 50.87
N VAL K 390 36.41 14.83 51.30
CA VAL K 390 37.02 16.12 51.60
C VAL K 390 37.86 16.03 52.86
N LEU K 391 37.32 15.39 53.92
CA LEU K 391 38.06 15.27 55.16
C LEU K 391 39.27 14.36 55.04
N SER K 392 39.22 13.37 54.14
CA SER K 392 40.36 12.48 53.95
C SER K 392 41.53 13.21 53.27
N GLN K 393 41.23 14.03 52.26
CA GLN K 393 42.25 14.86 51.62
C GLN K 393 42.69 16.02 52.49
N THR K 394 41.92 16.40 53.52
CA THR K 394 42.37 17.41 54.45
C THR K 394 43.50 16.90 55.35
N THR K 395 43.61 15.58 55.52
CA THR K 395 44.70 15.02 56.31
C THR K 395 46.05 15.25 55.64
N LYS K 396 46.12 15.02 54.32
CA LYS K 396 47.37 15.22 53.59
C LYS K 396 47.65 16.68 53.27
N GLU K 397 46.62 17.47 52.96
CA GLU K 397 46.74 18.90 52.66
C GLU K 397 46.18 19.65 53.87
N THR K 398 47.05 20.33 54.60
CA THR K 398 46.70 20.89 55.90
C THR K 398 46.04 22.27 55.81
N ARG K 399 46.36 23.06 54.78
CA ARG K 399 45.87 24.43 54.72
C ARG K 399 44.37 24.45 54.42
N THR K 400 43.68 25.39 55.06
CA THR K 400 42.25 25.58 54.93
C THR K 400 41.96 27.06 54.69
N VAL K 401 40.70 27.36 54.37
CA VAL K 401 40.25 28.72 54.09
C VAL K 401 38.83 28.88 54.60
N LEU K 402 38.50 30.10 55.03
CA LEU K 402 37.17 30.39 55.56
C LEU K 402 36.13 30.30 54.44
N GLY K 403 34.97 29.73 54.78
CA GLY K 403 33.88 29.57 53.86
C GLY K 403 32.83 30.66 54.01
N GLY K 404 31.59 30.28 53.73
CA GLY K 404 30.48 31.21 53.85
C GLY K 404 30.51 32.36 52.88
N GLY K 405 31.09 32.15 51.70
CA GLY K 405 31.17 33.19 50.69
C GLY K 405 32.29 34.20 50.88
N CYS K 406 33.02 34.14 51.99
CA CYS K 406 34.11 35.08 52.22
C CYS K 406 35.32 34.77 51.35
N ALA K 407 35.52 33.51 50.97
CA ALA K 407 36.64 33.16 50.10
C ALA K 407 36.48 33.77 48.71
N GLU K 408 35.24 33.88 48.24
CA GLU K 408 35.01 34.45 46.91
C GLU K 408 35.27 35.96 46.91
N MET K 409 34.83 36.67 47.95
CA MET K 409 34.98 38.12 47.98
C MET K 409 36.41 38.53 48.34
N VAL K 410 37.07 37.80 49.24
CA VAL K 410 38.44 38.13 49.58
C VAL K 410 39.39 37.87 48.42
N MET K 411 39.06 36.91 47.54
CA MET K 411 39.85 36.72 46.33
C MET K 411 39.63 37.86 45.34
N SER K 412 38.39 38.32 45.22
CA SER K 412 38.09 39.42 44.31
C SER K 412 38.65 40.76 44.78
N LYS K 413 38.99 40.88 46.07
CA LYS K 413 39.60 42.12 46.56
C LYS K 413 40.95 42.37 45.91
N ALA K 414 41.82 41.36 45.89
CA ALA K 414 43.11 41.51 45.23
C ALA K 414 42.96 41.64 43.72
N VAL K 415 41.93 41.02 43.14
CA VAL K 415 41.70 41.16 41.71
C VAL K 415 41.29 42.59 41.38
N ASP K 416 40.38 43.16 42.18
CA ASP K 416 40.00 44.56 41.98
C ASP K 416 41.15 45.51 42.28
N THR K 417 42.03 45.15 43.21
CA THR K 417 43.19 46.00 43.50
C THR K 417 44.15 46.01 42.32
N GLU K 418 44.38 44.84 41.71
CA GLU K 418 45.23 44.72 40.54
C GLU K 418 44.52 45.11 39.24
N ALA K 419 43.25 45.52 39.29
CA ALA K 419 42.54 45.92 38.07
C ALA K 419 42.92 47.32 37.62
N GLN K 420 43.29 48.20 38.55
CA GLN K 420 43.54 49.60 38.21
C GLN K 420 44.87 49.80 37.51
N ASN K 421 45.93 49.11 37.94
CA ASN K 421 47.27 49.32 37.42
C ASN K 421 47.53 48.60 36.09
N ILE K 422 46.54 47.92 35.52
CA ILE K 422 46.67 47.22 34.25
C ILE K 422 46.05 48.10 33.17
N ASP K 423 46.87 48.55 32.23
CA ASP K 423 46.41 49.37 31.12
C ASP K 423 45.85 48.48 30.01
N GLY K 424 45.07 49.10 29.13
CA GLY K 424 44.49 48.43 27.99
C GLY K 424 43.05 48.01 28.25
N LYS K 425 42.50 47.27 27.29
CA LYS K 425 41.12 46.80 27.37
C LYS K 425 40.96 45.54 28.21
N LYS K 426 42.03 44.82 28.51
CA LYS K 426 41.92 43.62 29.33
C LYS K 426 41.58 43.91 30.78
N SER K 427 41.71 45.15 31.24
CA SER K 427 41.33 45.49 32.61
C SER K 427 39.84 45.30 32.84
N LEU K 428 39.01 45.51 31.81
CA LEU K 428 37.59 45.23 31.94
C LEU K 428 37.34 43.75 32.11
N ALA K 429 38.13 42.90 31.44
CA ALA K 429 38.01 41.46 31.64
C ALA K 429 38.50 41.05 33.03
N VAL K 430 39.47 41.78 33.58
CA VAL K 430 39.90 41.52 34.96
C VAL K 430 38.77 41.84 35.93
N GLU K 431 38.00 42.90 35.65
CA GLU K 431 36.82 43.20 36.47
C GLU K 431 35.69 42.22 36.20
N ALA K 432 35.60 41.67 34.99
CA ALA K 432 34.60 40.65 34.71
C ALA K 432 34.85 39.39 35.52
N PHE K 433 36.13 39.06 35.75
CA PHE K 433 36.45 37.93 36.62
C PHE K 433 36.03 38.21 38.06
N ALA K 434 36.14 39.47 38.50
CA ALA K 434 35.73 39.83 39.84
C ALA K 434 34.22 39.69 40.01
N ARG K 435 33.44 40.15 39.03
CA ARG K 435 32.00 40.00 39.10
C ARG K 435 31.56 38.55 39.06
N ALA K 436 32.35 37.68 38.42
CA ALA K 436 32.05 36.25 38.45
C ALA K 436 32.22 35.67 39.84
N LEU K 437 33.25 36.10 40.58
CA LEU K 437 33.42 35.66 41.95
C LEU K 437 32.32 36.23 42.85
N ARG K 438 31.89 37.46 42.59
CA ARG K 438 30.80 38.07 43.33
C ARG K 438 29.46 37.39 43.09
N GLN K 439 29.28 36.71 41.96
CA GLN K 439 27.99 36.11 41.62
C GLN K 439 27.70 34.85 42.43
N LEU K 440 28.70 34.20 43.00
CA LEU K 440 28.47 33.02 43.82
C LEU K 440 27.71 33.39 45.09
N PRO K 441 28.16 34.34 45.93
CA PRO K 441 27.34 34.73 47.08
C PRO K 441 26.04 35.43 46.69
N THR K 442 25.94 36.00 45.49
CA THR K 442 24.66 36.50 45.01
C THR K 442 23.66 35.36 44.84
N ILE K 443 24.14 34.18 44.43
CA ILE K 443 23.26 33.03 44.25
C ILE K 443 22.93 32.38 45.59
N LEU K 444 23.84 32.45 46.57
CA LEU K 444 23.57 31.90 47.89
C LEU K 444 22.40 32.61 48.56
N ALA K 445 22.26 33.91 48.34
CA ALA K 445 21.13 34.67 48.87
C ALA K 445 19.83 34.42 48.10
N ASP K 446 19.93 34.07 46.81
CA ASP K 446 18.73 33.82 46.03
C ASP K 446 18.07 32.50 46.44
N ASN K 447 18.88 31.45 46.65
CA ASN K 447 18.34 30.16 47.06
C ASN K 447 17.74 30.21 48.46
N ALA K 448 18.26 31.06 49.34
CA ALA K 448 17.72 31.23 50.69
C ALA K 448 16.47 32.11 50.73
N GLY K 449 16.13 32.80 49.64
CA GLY K 449 14.94 33.64 49.61
C GLY K 449 15.10 35.02 50.17
N PHE K 450 16.31 35.45 50.49
CA PHE K 450 16.60 36.79 51.02
C PHE K 450 17.08 37.71 49.90
N ASP K 451 17.13 39.00 50.21
CA ASP K 451 17.62 39.98 49.25
C ASP K 451 19.12 39.77 49.01
N SER K 452 19.51 39.70 47.74
CA SER K 452 20.88 39.43 47.37
C SER K 452 21.71 40.71 47.19
N SER K 453 21.09 41.78 46.69
CA SER K 453 21.84 43.00 46.43
C SER K 453 22.28 43.68 47.72
N GLU K 454 21.48 43.57 48.79
CA GLU K 454 21.83 44.23 50.04
C GLU K 454 22.96 43.50 50.76
N LEU K 455 22.85 42.17 50.87
CA LEU K 455 23.87 41.40 51.57
C LEU K 455 25.19 41.40 50.81
N VAL K 456 25.14 41.38 49.48
CA VAL K 456 26.36 41.46 48.69
C VAL K 456 26.97 42.85 48.81
N SER K 457 26.13 43.89 48.83
CA SER K 457 26.65 45.24 48.99
C SER K 457 27.20 45.47 50.39
N LYS K 458 26.53 44.92 51.41
CA LYS K 458 27.03 45.06 52.78
C LYS K 458 28.29 44.23 52.98
N LEU K 459 28.35 43.04 52.40
CA LEU K 459 29.54 42.21 52.51
C LEU K 459 30.70 42.82 51.74
N ARG K 460 30.43 43.39 50.58
CA ARG K 460 31.49 43.97 49.76
C ARG K 460 32.05 45.24 50.40
N SER K 461 31.18 46.09 50.94
CA SER K 461 31.65 47.31 51.60
C SER K 461 32.33 47.00 52.92
N SER K 462 31.93 45.90 53.58
CA SER K 462 32.51 45.58 54.89
C SER K 462 33.95 45.09 54.77
N ILE K 463 34.23 44.27 53.75
CA ILE K 463 35.55 43.65 53.64
C ILE K 463 36.59 44.66 53.15
N TYR K 464 36.19 45.62 52.32
CA TYR K 464 37.12 46.66 51.88
C TYR K 464 37.50 47.63 53.01
N ASN K 465 36.75 47.67 54.11
CA ASN K 465 37.10 48.54 55.22
C ASN K 465 38.41 48.14 55.88
N GLY K 466 38.77 46.85 55.84
CA GLY K 466 40.01 46.36 56.43
C GLY K 466 39.88 44.98 57.07
N ILE K 467 38.69 44.63 57.52
CA ILE K 467 38.43 43.34 58.15
C ILE K 467 38.24 42.29 57.06
N SER K 468 38.59 41.04 57.38
CA SER K 468 38.50 39.93 56.43
C SER K 468 37.98 38.64 57.06
N THR K 469 37.13 38.74 58.09
CA THR K 469 36.48 37.60 58.74
C THR K 469 34.96 37.60 58.60
N SER K 470 34.38 38.56 57.90
CA SER K 470 32.93 38.63 57.77
C SER K 470 32.42 37.65 56.72
N GLY K 471 31.16 37.27 56.86
CA GLY K 471 30.52 36.39 55.89
C GLY K 471 29.01 36.46 55.93
N LEU K 472 28.36 35.64 55.12
CA LEU K 472 26.90 35.62 55.01
C LEU K 472 26.34 34.60 56.01
N ASP K 473 25.34 35.04 56.79
CA ASP K 473 24.59 34.18 57.70
C ASP K 473 23.16 34.07 57.15
N LEU K 474 22.89 32.99 56.44
CA LEU K 474 21.61 32.80 55.78
C LEU K 474 20.48 32.42 56.74
N ASN K 475 20.79 31.95 57.94
CA ASN K 475 19.75 31.66 58.91
C ASN K 475 19.07 32.93 59.40
N ASN K 476 19.86 33.93 59.81
CA ASN K 476 19.36 35.22 60.25
C ASN K 476 19.17 36.21 59.11
N GLY K 477 19.90 36.05 58.01
CA GLY K 477 19.80 36.98 56.90
C GLY K 477 20.57 38.27 57.11
N THR K 478 21.81 38.18 57.57
CA THR K 478 22.64 39.35 57.82
C THR K 478 24.09 38.92 57.84
N ILE K 479 24.98 39.90 57.99
CA ILE K 479 26.42 39.66 58.05
C ILE K 479 26.77 39.23 59.47
N ALA K 480 27.66 38.25 59.59
CA ALA K 480 28.10 37.74 60.89
C ALA K 480 29.54 37.26 60.78
N ASP K 481 30.10 36.88 61.92
CA ASP K 481 31.47 36.39 62.01
C ASP K 481 31.51 34.90 61.72
N MET K 482 32.28 34.52 60.70
CA MET K 482 32.36 33.11 60.31
C MET K 482 33.11 32.28 61.34
N ARG K 483 34.07 32.88 62.06
CA ARG K 483 34.80 32.14 63.08
C ARG K 483 33.89 31.74 64.24
N GLN K 484 32.86 32.54 64.53
CA GLN K 484 31.92 32.19 65.58
C GLN K 484 31.05 31.01 65.15
N LEU K 485 30.45 31.09 63.97
CA LEU K 485 29.63 30.00 63.46
C LEU K 485 30.42 28.73 63.17
N GLY K 486 31.71 28.86 62.86
CA GLY K 486 32.55 27.71 62.59
C GLY K 486 32.33 27.16 61.19
N ILE K 487 32.55 28.01 60.19
CA ILE K 487 32.41 27.65 58.77
C ILE K 487 33.80 27.78 58.15
N VAL K 488 34.35 26.67 57.68
CA VAL K 488 35.68 26.64 57.08
C VAL K 488 35.73 25.48 56.10
N GLU K 489 36.50 25.67 55.02
CA GLU K 489 36.67 24.69 53.96
C GLU K 489 38.14 24.55 53.64
N SER K 490 38.47 23.50 52.87
CA SER K 490 39.84 23.19 52.55
C SER K 490 40.40 24.14 51.50
N TYR K 491 41.73 24.30 51.51
CA TYR K 491 42.39 25.18 50.57
C TYR K 491 42.46 24.58 49.18
N LYS K 492 42.62 23.26 49.08
CA LYS K 492 42.71 22.62 47.77
C LYS K 492 41.37 22.58 47.06
N LEU K 493 40.26 22.64 47.80
CA LEU K 493 38.94 22.65 47.19
C LEU K 493 38.74 23.94 46.38
N LYS K 494 38.88 25.09 47.02
CA LYS K 494 38.68 26.35 46.32
C LYS K 494 39.77 26.61 45.28
N ARG K 495 40.98 26.10 45.51
CA ARG K 495 42.02 26.20 44.51
C ARG K 495 41.66 25.40 43.26
N ALA K 496 41.10 24.21 43.45
CA ALA K 496 40.68 23.40 42.31
C ALA K 496 39.49 24.01 41.60
N VAL K 497 38.61 24.68 42.35
CA VAL K 497 37.41 25.27 41.73
C VAL K 497 37.80 26.47 40.86
N VAL K 498 38.65 27.35 41.39
CA VAL K 498 39.05 28.53 40.62
C VAL K 498 39.94 28.14 39.45
N SER K 499 40.79 27.13 39.64
CA SER K 499 41.66 26.69 38.54
C SER K 499 40.86 25.96 37.48
N SER K 500 39.89 25.14 37.88
CA SER K 500 39.05 24.43 36.91
C SER K 500 38.12 25.38 36.18
N ALA K 501 37.56 26.36 36.90
CA ALA K 501 36.68 27.32 36.26
C ALA K 501 37.43 28.24 35.30
N SER K 502 38.69 28.57 35.62
CA SER K 502 39.48 29.37 34.71
C SER K 502 39.80 28.61 33.43
N GLU K 503 40.13 27.32 33.56
CA GLU K 503 40.36 26.49 32.38
C GLU K 503 39.07 26.21 31.63
N ALA K 504 37.93 26.18 32.33
CA ALA K 504 36.65 25.94 31.67
C ALA K 504 36.29 27.08 30.73
N ALA K 505 36.40 28.33 31.20
CA ALA K 505 36.13 29.47 30.34
C ALA K 505 37.16 29.58 29.22
N GLU K 506 38.39 29.16 29.46
CA GLU K 506 39.44 29.27 28.45
C GLU K 506 39.19 28.37 27.25
N VAL K 507 38.64 27.17 27.48
CA VAL K 507 38.41 26.23 26.38
C VAL K 507 37.29 26.72 25.49
N LEU K 508 36.18 27.14 26.07
CA LEU K 508 35.00 27.54 25.30
C LEU K 508 35.12 28.93 24.68
N LEU K 509 36.01 29.78 25.18
CA LEU K 509 36.23 31.10 24.60
C LEU K 509 37.16 31.08 23.39
N ARG K 510 37.91 30.00 23.17
CA ARG K 510 38.81 29.86 22.03
C ARG K 510 38.15 29.10 20.88
N VAL K 511 36.83 29.24 20.73
CA VAL K 511 36.04 28.54 19.72
C VAL K 511 35.56 29.56 18.70
N ASP K 512 35.53 29.13 17.42
CA ASP K 512 35.00 29.92 16.32
C ASP K 512 34.11 29.14 15.36
N ASN K 513 34.21 27.81 15.29
CA ASN K 513 33.41 26.98 14.40
C ASN K 513 33.01 25.71 15.12
N ILE K 514 31.92 25.11 14.66
CA ILE K 514 31.39 23.85 15.19
C ILE K 514 31.23 22.90 14.01
N ILE K 515 31.77 21.69 14.16
CA ILE K 515 31.70 20.64 13.15
C ILE K 515 31.10 19.41 13.82
N ARG K 516 29.85 19.11 13.47
CA ARG K 516 29.10 17.99 14.05
C ARG K 516 28.92 16.94 12.96
N ALA K 517 29.74 15.90 13.01
CA ALA K 517 29.69 14.85 12.01
C ALA K 517 28.39 14.04 12.16
N ARG K 518 28.15 13.15 11.21
CA ARG K 518 26.92 12.38 11.20
C ARG K 518 26.97 11.35 12.33
N PRO K 519 25.88 11.14 13.09
CA PRO K 519 25.94 10.13 14.14
C PRO K 519 25.82 8.72 13.58
N ARG K 520 26.37 7.75 14.31
CA ARG K 520 26.30 6.35 13.91
C ARG K 520 24.89 5.82 14.14
N VAL L 5 6.31 49.69 51.55
CA VAL L 5 6.02 48.29 51.84
C VAL L 5 6.31 47.37 50.63
N PRO L 6 5.64 47.58 49.47
CA PRO L 6 5.76 46.58 48.41
C PRO L 6 6.96 46.83 47.52
N SER L 7 7.21 45.94 46.55
CA SER L 7 8.26 46.10 45.54
C SER L 7 9.65 46.22 46.15
N ASN L 8 9.98 45.35 47.11
CA ASN L 8 11.24 45.43 47.82
C ASN L 8 11.76 44.07 48.28
N ALA L 9 13.08 43.90 48.20
CA ALA L 9 13.86 42.85 48.86
C ALA L 9 13.74 41.50 48.15
N THR L 10 12.86 41.33 47.16
CA THR L 10 12.74 40.05 46.45
C THR L 10 11.71 40.14 45.34
N PHE L 11 11.75 39.14 44.47
CA PHE L 11 10.68 38.80 43.54
C PHE L 11 10.79 37.33 43.20
N LYS L 12 9.72 36.57 43.44
CA LYS L 12 9.75 35.13 43.30
C LYS L 12 9.65 34.77 41.82
N ASN L 13 10.79 34.53 41.18
CA ASN L 13 10.87 33.99 39.85
C ASN L 13 10.88 32.47 39.95
N LYS L 14 10.83 31.80 38.79
CA LYS L 14 10.85 30.34 38.62
C LYS L 14 9.83 29.65 39.54
N GLU L 15 8.56 29.90 39.23
CA GLU L 15 7.46 29.25 39.93
C GLU L 15 7.18 27.82 39.46
N LYS L 16 8.01 27.26 38.58
CA LYS L 16 7.80 25.88 38.15
C LYS L 16 8.04 24.86 39.27
N PRO L 17 9.02 25.04 40.18
CA PRO L 17 9.03 24.20 41.40
C PRO L 17 7.73 24.21 42.19
N GLN L 18 7.03 25.33 42.27
CA GLN L 18 5.72 25.33 42.93
C GLN L 18 4.71 24.50 42.15
N GLU L 19 4.75 24.57 40.81
CA GLU L 19 3.87 23.77 39.99
C GLU L 19 4.24 22.29 40.06
N VAL L 20 5.54 21.99 40.14
CA VAL L 20 5.99 20.60 40.21
C VAL L 20 5.62 19.99 41.55
N ARG L 21 5.75 20.77 42.63
CA ARG L 21 5.41 20.24 43.96
C ARG L 21 3.92 19.99 44.09
N LYS L 22 3.09 20.81 43.44
CA LYS L 22 1.65 20.56 43.43
C LYS L 22 1.33 19.30 42.64
N ALA L 23 2.02 19.09 41.52
CA ALA L 23 1.77 17.90 40.71
C ALA L 23 2.19 16.63 41.44
N ASN L 24 3.27 16.70 42.23
CA ASN L 24 3.72 15.53 42.98
C ASN L 24 2.79 15.22 44.14
N ILE L 25 2.21 16.26 44.75
CA ILE L 25 1.33 16.04 45.90
C ILE L 25 0.03 15.39 45.45
N ILE L 26 -0.61 15.94 44.41
CA ILE L 26 -1.85 15.36 43.90
C ILE L 26 -1.60 13.99 43.28
N ALA L 27 -0.41 13.75 42.73
CA ALA L 27 -0.08 12.43 42.23
C ALA L 27 0.07 11.41 43.34
N ALA L 28 0.64 11.83 44.49
CA ALA L 28 0.79 10.92 45.62
C ALA L 28 -0.54 10.70 46.32
N ARG L 29 -1.37 11.75 46.41
CA ARG L 29 -2.67 11.61 47.06
C ARG L 29 -3.62 10.76 46.22
N SER L 30 -3.52 10.85 44.89
CA SER L 30 -4.38 10.04 44.03
C SER L 30 -4.05 8.55 44.18
N VAL L 31 -2.78 8.21 44.37
CA VAL L 31 -2.42 6.83 44.64
C VAL L 31 -2.89 6.42 46.03
N ALA L 32 -2.83 7.35 47.00
CA ALA L 32 -3.29 7.06 48.35
C ALA L 32 -4.79 6.84 48.43
N ASP L 33 -5.57 7.41 47.51
CA ASP L 33 -7.01 7.21 47.52
C ASP L 33 -7.38 5.76 47.23
N ALA L 34 -6.61 5.08 46.39
CA ALA L 34 -6.84 3.67 46.12
C ALA L 34 -6.44 2.79 47.31
N ILE L 35 -5.39 3.16 48.02
CA ILE L 35 -4.97 2.43 49.21
C ILE L 35 -5.82 2.78 50.43
N ARG L 36 -6.50 3.93 50.42
CA ARG L 36 -7.29 4.36 51.59
C ARG L 36 -8.46 3.41 51.86
N THR L 37 -9.01 2.79 50.82
CA THR L 37 -10.17 1.91 51.00
C THR L 37 -9.85 0.64 51.78
N SER L 38 -8.59 0.19 51.79
CA SER L 38 -8.20 -1.05 52.43
C SER L 38 -7.88 -0.91 53.92
N LEU L 39 -8.17 0.24 54.53
CA LEU L 39 -7.82 0.47 55.92
C LEU L 39 -8.89 -0.11 56.85
N GLY L 40 -8.45 -0.58 58.02
CA GLY L 40 -9.33 -0.95 59.09
C GLY L 40 -9.95 -2.32 58.89
N PRO L 41 -10.80 -2.75 59.85
CA PRO L 41 -11.50 -4.03 59.68
C PRO L 41 -12.49 -4.02 58.53
N LYS L 42 -13.16 -2.89 58.28
CA LYS L 42 -14.11 -2.77 57.18
C LYS L 42 -13.44 -2.43 55.85
N GLY L 43 -12.11 -2.56 55.74
CA GLY L 43 -11.46 -2.44 54.46
C GLY L 43 -11.73 -3.64 53.58
N MET L 44 -11.22 -3.56 52.35
CA MET L 44 -11.39 -4.59 51.33
C MET L 44 -10.03 -5.05 50.81
N ASP L 45 -10.06 -6.17 50.10
CA ASP L 45 -8.89 -6.79 49.52
C ASP L 45 -8.73 -6.31 48.09
N LYS L 46 -7.51 -6.43 47.57
CA LYS L 46 -7.14 -5.98 46.23
C LYS L 46 -6.51 -7.14 45.47
N MET L 47 -6.96 -7.34 44.23
CA MET L 47 -6.40 -8.34 43.32
C MET L 47 -5.69 -7.62 42.20
N ILE L 48 -4.45 -8.03 41.93
CA ILE L 48 -3.55 -7.36 40.99
C ILE L 48 -3.03 -8.41 40.03
N LYS L 49 -3.12 -8.13 38.72
CA LYS L 49 -2.58 -8.98 37.68
C LYS L 49 -1.27 -8.40 37.18
N THR L 50 -0.22 -9.22 37.19
CA THR L 50 1.12 -8.78 36.84
C THR L 50 1.33 -8.87 35.32
N SER L 51 2.49 -8.40 34.86
CA SER L 51 2.81 -8.44 33.44
C SER L 51 3.06 -9.87 32.97
N ARG L 52 3.64 -10.72 33.81
CA ARG L 52 3.94 -12.10 33.46
C ARG L 52 2.73 -13.04 33.61
N GLY L 53 1.53 -12.51 33.85
CA GLY L 53 0.35 -13.33 34.01
C GLY L 53 0.12 -13.89 35.40
N GLU L 54 1.08 -13.74 36.31
CA GLU L 54 0.92 -14.26 37.66
C GLU L 54 -0.11 -13.44 38.41
N ILE L 55 -1.28 -14.04 38.65
CA ILE L 55 -2.36 -13.42 39.40
C ILE L 55 -2.07 -13.60 40.88
N ILE L 56 -2.40 -12.59 41.68
CA ILE L 56 -2.11 -12.61 43.11
C ILE L 56 -3.12 -11.72 43.83
N ILE L 57 -3.63 -12.21 44.96
CA ILE L 57 -4.46 -11.43 45.88
C ILE L 57 -3.55 -10.87 46.96
N SER L 58 -3.85 -9.66 47.41
CA SER L 58 -3.01 -8.97 48.38
C SER L 58 -3.82 -7.92 49.11
N ASN L 59 -4.08 -8.03 50.41
CA ASN L 59 -4.76 -6.94 51.15
C ASN L 59 -3.77 -6.01 51.81
N ASP L 60 -2.57 -6.48 52.11
CA ASP L 60 -1.52 -5.63 52.67
C ASP L 60 -1.02 -4.63 51.72
N GLY L 61 -0.83 -3.45 52.18
CA GLY L 61 -0.50 -2.33 51.32
C GLY L 61 0.90 -2.37 50.75
N HIS L 62 1.83 -3.03 51.44
CA HIS L 62 3.19 -3.14 50.93
C HIS L 62 3.25 -3.99 49.68
N THR L 63 2.65 -5.18 49.71
CA THR L 63 2.68 -6.07 48.55
C THR L 63 1.83 -5.53 47.42
N ILE L 64 0.80 -4.73 47.72
CA ILE L 64 0.02 -4.08 46.68
C ILE L 64 0.91 -3.11 45.88
N LEU L 65 1.79 -2.40 46.57
CA LEU L 65 2.60 -1.38 45.91
C LEU L 65 3.70 -1.96 45.02
N LYS L 66 4.19 -3.16 45.33
CA LYS L 66 5.21 -3.78 44.47
C LYS L 66 4.63 -4.14 43.10
N GLN L 67 3.44 -4.74 43.08
CA GLN L 67 2.83 -5.17 41.83
C GLN L 67 2.32 -4.01 40.99
N MET L 68 1.98 -2.87 41.60
CA MET L 68 1.54 -1.71 40.85
C MET L 68 2.71 -1.07 40.12
N ALA L 69 2.67 -1.10 38.80
CA ALA L 69 3.70 -0.48 37.96
C ALA L 69 3.35 0.98 37.78
N ILE L 70 3.86 1.83 38.68
CA ILE L 70 3.55 3.25 38.71
C ILE L 70 4.58 3.98 37.86
N LEU L 71 4.09 4.81 36.93
CA LEU L 71 4.98 5.56 36.06
C LEU L 71 5.55 6.81 36.73
N HIS L 72 4.81 7.43 37.64
CA HIS L 72 5.28 8.66 38.27
C HIS L 72 6.41 8.34 39.23
N PRO L 73 7.53 9.12 39.24
CA PRO L 73 8.66 8.71 40.10
C PRO L 73 8.44 8.99 41.57
N VAL L 74 7.76 10.10 41.89
CA VAL L 74 7.55 10.47 43.28
C VAL L 74 6.57 9.52 43.93
N ALA L 75 5.58 9.02 43.18
CA ALA L 75 4.64 8.04 43.71
C ALA L 75 5.29 6.70 44.03
N ARG L 76 6.41 6.37 43.40
CA ARG L 76 7.14 5.15 43.69
C ARG L 76 7.90 5.20 45.01
N MET L 77 8.04 6.38 45.63
CA MET L 77 8.66 6.46 46.94
C MET L 77 7.81 5.80 48.02
N LEU L 78 6.49 5.72 47.83
CA LEU L 78 5.63 5.02 48.78
C LEU L 78 5.89 3.51 48.80
N VAL L 79 6.45 2.96 47.71
CA VAL L 79 6.80 1.55 47.68
C VAL L 79 7.87 1.25 48.72
N GLU L 80 8.85 2.13 48.83
CA GLU L 80 9.99 1.91 49.73
C GLU L 80 9.68 2.27 51.17
N VAL L 81 8.76 3.21 51.40
CA VAL L 81 8.36 3.51 52.77
C VAL L 81 7.62 2.33 53.38
N SER L 82 6.77 1.67 52.58
CA SER L 82 6.12 0.45 53.05
C SER L 82 7.13 -0.66 53.29
N ALA L 83 8.21 -0.70 52.51
CA ALA L 83 9.27 -1.66 52.76
C ALA L 83 9.98 -1.36 54.07
N ALA L 84 10.23 -0.08 54.35
CA ALA L 84 10.82 0.30 55.63
C ALA L 84 9.84 0.05 56.77
N GLN L 85 8.56 0.33 56.55
CA GLN L 85 7.55 0.00 57.56
C GLN L 85 7.41 -1.51 57.71
N ASP L 86 7.60 -2.27 56.62
CA ASP L 86 7.52 -3.72 56.70
C ASP L 86 8.79 -4.31 57.32
N SER L 87 9.95 -3.76 56.98
CA SER L 87 11.20 -4.32 57.47
C SER L 87 11.42 -4.04 58.95
N GLU L 88 11.09 -2.83 59.42
CA GLU L 88 11.32 -2.47 60.80
C GLU L 88 10.33 -3.16 61.73
N ALA L 89 9.04 -2.88 61.56
CA ALA L 89 7.98 -3.39 62.41
C ALA L 89 7.27 -4.60 61.80
N GLY L 90 6.80 -4.47 60.57
CA GLY L 90 6.03 -5.51 59.90
C GLY L 90 4.53 -5.38 60.06
N ASP L 91 4.02 -4.19 60.37
CA ASP L 91 2.61 -3.95 60.54
C ASP L 91 2.30 -2.48 60.27
N GLY L 92 1.14 -2.22 59.69
CA GLY L 92 0.73 -0.87 59.38
C GLY L 92 1.31 -0.32 58.10
N THR L 93 1.44 -1.11 57.11
CA THR L 93 1.85 -0.54 55.89
C THR L 93 0.79 0.45 55.40
N THR L 94 -0.45 0.03 55.49
CA THR L 94 -1.51 0.87 55.00
C THR L 94 -1.59 2.15 55.74
N SER L 95 -1.38 2.11 57.02
CA SER L 95 -1.52 3.30 57.75
C SER L 95 -0.51 4.27 57.34
N VAL L 96 0.73 3.85 57.12
CA VAL L 96 1.78 4.80 56.81
C VAL L 96 1.42 5.40 55.54
N VAL L 97 0.98 4.60 54.60
CA VAL L 97 0.71 5.27 53.36
C VAL L 97 -0.37 6.27 53.52
N ILE L 98 -1.41 5.95 54.27
CA ILE L 98 -2.54 6.85 54.39
C ILE L 98 -2.15 8.12 55.04
N LEU L 99 -1.38 8.03 56.10
CA LEU L 99 -1.01 9.21 56.79
C LEU L 99 -0.19 10.06 55.91
N THR L 100 0.69 9.46 55.14
CA THR L 100 1.58 10.31 54.41
C THR L 100 0.80 11.17 53.52
N GLY L 101 0.06 10.58 52.61
CA GLY L 101 -0.77 11.37 51.73
C GLY L 101 -1.56 12.45 52.45
N ALA L 102 -1.92 12.19 53.71
CA ALA L 102 -2.64 13.20 54.49
C ALA L 102 -1.76 14.39 54.82
N LEU L 103 -0.51 14.13 55.22
CA LEU L 103 0.41 15.22 55.51
C LEU L 103 0.79 15.98 54.25
N LEU L 104 0.85 15.30 53.11
CA LEU L 104 1.05 16.01 51.85
C LEU L 104 -0.15 16.89 51.52
N GLY L 105 -1.35 16.45 51.88
CA GLY L 105 -2.52 17.30 51.73
C GLY L 105 -2.48 18.51 52.65
N ALA L 106 -1.90 18.34 53.84
CA ALA L 106 -1.68 19.49 54.71
C ALA L 106 -0.65 20.43 54.13
N ALA L 107 0.43 19.89 53.57
CA ALA L 107 1.45 20.70 52.92
C ALA L 107 0.97 21.30 51.60
N GLU L 108 -0.11 20.78 51.01
CA GLU L 108 -0.61 21.34 49.76
C GLU L 108 -1.12 22.75 49.94
N ARG L 109 -2.01 22.96 50.92
CA ARG L 109 -2.54 24.30 51.18
C ARG L 109 -1.50 25.21 51.81
N LEU L 110 -0.52 24.65 52.53
CA LEU L 110 0.52 25.47 53.16
C LEU L 110 1.51 26.04 52.15
N LEU L 111 1.65 25.42 50.97
CA LEU L 111 2.54 25.98 49.96
C LEU L 111 1.96 27.27 49.38
N ASN L 112 0.65 27.36 49.23
CA ASN L 112 0.01 28.58 48.78
C ASN L 112 0.09 29.72 49.80
N LYS L 113 0.31 29.42 51.08
CA LYS L 113 0.28 30.40 52.15
C LYS L 113 1.65 31.06 52.38
N GLY L 114 2.55 31.00 51.41
CA GLY L 114 3.80 31.73 51.49
C GLY L 114 4.78 31.23 52.53
N ILE L 115 4.77 29.94 52.84
CA ILE L 115 5.67 29.31 53.79
C ILE L 115 6.68 28.49 52.99
N HIS L 116 7.92 28.46 53.46
CA HIS L 116 8.96 27.73 52.73
C HIS L 116 8.74 26.22 52.92
N PRO L 117 9.18 25.38 51.97
CA PRO L 117 9.08 23.93 52.21
C PRO L 117 9.98 23.42 53.32
N THR L 118 11.16 24.01 53.52
CA THR L 118 12.06 23.54 54.56
C THR L 118 11.48 23.82 55.94
N ILE L 119 10.78 24.94 56.10
CA ILE L 119 10.12 25.23 57.37
C ILE L 119 8.97 24.25 57.60
N ILE L 120 8.26 23.88 56.53
CA ILE L 120 7.20 22.88 56.65
C ILE L 120 7.79 21.52 56.98
N ALA L 121 8.94 21.19 56.39
CA ALA L 121 9.56 19.89 56.64
C ALA L 121 10.06 19.77 58.07
N ASP L 122 10.76 20.80 58.57
CA ASP L 122 11.30 20.75 59.93
C ASP L 122 10.18 20.75 60.96
N SER L 123 9.02 21.34 60.63
CA SER L 123 7.90 21.34 61.58
C SER L 123 7.38 19.93 61.83
N PHE L 124 7.34 19.10 60.79
CA PHE L 124 6.86 17.73 60.97
C PHE L 124 7.88 16.88 61.72
N GLN L 125 9.17 17.12 61.50
CA GLN L 125 10.19 16.37 62.23
C GLN L 125 10.17 16.72 63.71
N SER L 126 9.97 17.99 64.04
CA SER L 126 9.83 18.38 65.44
C SER L 126 8.50 17.89 66.01
N ALA L 127 7.43 17.96 65.21
CA ALA L 127 6.13 17.47 65.66
C ALA L 127 6.13 15.95 65.79
N ALA L 128 6.81 15.25 64.89
CA ALA L 128 6.88 13.80 64.98
C ALA L 128 7.75 13.37 66.16
N LYS L 129 8.82 14.11 66.43
CA LYS L 129 9.67 13.81 67.58
C LYS L 129 8.92 13.99 68.89
N ARG L 130 8.03 14.98 68.96
CA ARG L 130 7.19 15.15 70.14
C ARG L 130 6.12 14.07 70.21
N SER L 131 5.67 13.58 69.06
CA SER L 131 4.65 12.53 69.04
C SER L 131 5.17 11.23 69.64
N VAL L 132 6.47 10.95 69.50
CA VAL L 132 7.04 9.74 70.08
C VAL L 132 7.03 9.83 71.60
N ASP L 133 7.38 11.01 72.14
CA ASP L 133 7.41 11.19 73.59
C ASP L 133 6.03 11.09 74.22
N ILE L 134 4.98 11.44 73.48
CA ILE L 134 3.62 11.33 74.03
C ILE L 134 3.21 9.88 74.16
N LEU L 135 3.53 9.06 73.15
CA LEU L 135 3.15 7.65 73.19
C LEU L 135 4.00 6.87 74.18
N LEU L 136 5.23 7.30 74.44
CA LEU L 136 6.06 6.63 75.44
C LEU L 136 5.48 6.79 76.84
N GLU L 137 4.76 7.89 77.10
CA GLU L 137 4.06 8.05 78.36
C GLU L 137 2.76 7.23 78.41
N MET L 138 2.12 7.02 77.27
CA MET L 138 0.83 6.35 77.23
C MET L 138 0.96 4.83 77.21
N CYS L 139 2.00 4.30 76.57
CA CYS L 139 2.12 2.86 76.43
C CYS L 139 2.44 2.20 77.76
N HIS L 140 1.88 1.01 77.98
CA HIS L 140 2.02 0.25 79.21
C HIS L 140 2.88 -0.98 78.96
N LYS L 141 3.76 -1.29 79.91
CA LYS L 141 4.62 -2.45 79.81
C LYS L 141 3.86 -3.73 80.13
N VAL L 142 4.35 -4.85 79.60
CA VAL L 142 3.75 -6.16 79.79
C VAL L 142 4.82 -7.13 80.27
N SER L 143 4.41 -8.35 80.65
CA SER L 143 5.32 -9.36 81.16
C SER L 143 6.01 -10.07 79.99
N LEU L 144 6.87 -11.03 80.30
CA LEU L 144 7.55 -11.78 79.26
C LEU L 144 6.58 -12.66 78.47
N SER L 145 5.58 -13.21 79.16
CA SER L 145 4.57 -14.07 78.53
C SER L 145 3.24 -13.82 79.20
N ASP L 146 2.21 -13.50 78.42
CA ASP L 146 0.87 -13.26 78.94
C ASP L 146 -0.12 -13.64 77.85
N ARG L 147 -0.81 -14.76 78.05
CA ARG L 147 -1.76 -15.24 77.05
C ARG L 147 -2.98 -14.34 76.92
N GLU L 148 -3.33 -13.60 77.97
CA GLU L 148 -4.50 -12.72 77.90
C GLU L 148 -4.27 -11.54 76.95
N GLN L 149 -3.05 -11.01 76.91
CA GLN L 149 -2.71 -9.84 76.11
C GLN L 149 -2.19 -10.21 74.73
N LEU L 150 -1.32 -11.22 74.64
CA LEU L 150 -0.67 -11.55 73.39
C LEU L 150 -1.65 -12.20 72.41
N VAL L 151 -2.51 -13.10 72.91
CA VAL L 151 -3.45 -13.78 72.03
C VAL L 151 -4.51 -12.79 71.53
N ARG L 152 -5.02 -11.94 72.42
CA ARG L 152 -6.00 -10.95 72.00
C ARG L 152 -5.37 -9.90 71.09
N ALA L 153 -4.11 -9.54 71.34
CA ALA L 153 -3.43 -8.57 70.49
C ALA L 153 -3.19 -9.13 69.09
N ALA L 154 -2.81 -10.41 69.00
CA ALA L 154 -2.54 -11.00 67.70
C ALA L 154 -3.83 -11.15 66.88
N SER L 155 -4.94 -11.47 67.55
CA SER L 155 -6.21 -11.63 66.84
C SER L 155 -6.75 -10.30 66.35
N THR L 156 -6.72 -9.26 67.19
CA THR L 156 -7.27 -7.96 66.83
C THR L 156 -6.33 -7.14 65.95
N SER L 157 -5.09 -7.59 65.73
CA SER L 157 -4.13 -6.89 64.86
C SER L 157 -4.22 -7.34 63.41
N LEU L 158 -4.54 -8.61 63.15
CA LEU L 158 -4.75 -9.04 61.76
C LEU L 158 -5.95 -8.31 61.16
N SER L 159 -7.16 -8.67 61.59
CA SER L 159 -8.35 -7.81 61.53
C SER L 159 -8.94 -7.55 60.15
N SER L 160 -8.25 -7.92 59.07
CA SER L 160 -8.67 -7.63 57.69
C SER L 160 -8.55 -8.82 56.74
N LYS L 161 -7.88 -9.89 57.14
CA LYS L 161 -7.56 -10.99 56.24
C LYS L 161 -8.69 -12.02 56.24
N ILE L 162 -8.50 -13.07 55.45
CA ILE L 162 -9.49 -14.15 55.37
C ILE L 162 -9.48 -14.99 56.64
N VAL L 163 -8.30 -15.12 57.28
CA VAL L 163 -8.13 -15.94 58.47
C VAL L 163 -8.39 -15.16 59.75
N SER L 164 -9.01 -13.97 59.65
CA SER L 164 -9.33 -13.22 60.86
C SER L 164 -10.42 -13.93 61.67
N GLN L 165 -11.43 -14.47 60.99
CA GLN L 165 -12.45 -15.26 61.65
C GLN L 165 -11.96 -16.65 62.05
N TYR L 166 -10.91 -17.16 61.39
CA TYR L 166 -10.19 -18.35 61.83
C TYR L 166 -9.14 -18.04 62.91
N SER L 167 -9.10 -16.82 63.44
CA SER L 167 -8.07 -16.45 64.41
C SER L 167 -8.32 -17.03 65.80
N SER L 168 -9.42 -17.75 66.02
CA SER L 168 -9.66 -18.37 67.31
C SER L 168 -8.62 -19.42 67.68
N PHE L 169 -7.98 -20.05 66.67
CA PHE L 169 -6.95 -21.07 66.88
C PHE L 169 -5.60 -20.70 66.28
N LEU L 170 -5.54 -19.73 65.37
CA LEU L 170 -4.28 -19.28 64.77
C LEU L 170 -3.57 -18.21 65.59
N ALA L 171 -4.29 -17.46 66.42
CA ALA L 171 -3.65 -16.46 67.27
C ALA L 171 -2.84 -17.12 68.38
N PRO L 172 -3.36 -18.16 69.06
CA PRO L 172 -2.47 -18.96 69.91
C PRO L 172 -1.33 -19.62 69.15
N LEU L 173 -1.52 -19.97 67.88
CA LEU L 173 -0.45 -20.58 67.11
C LEU L 173 0.69 -19.60 66.87
N ALA L 174 0.37 -18.32 66.68
CA ALA L 174 1.41 -17.31 66.51
C ALA L 174 2.09 -16.98 67.82
N VAL L 175 1.36 -16.99 68.93
CA VAL L 175 1.96 -16.69 70.23
C VAL L 175 2.87 -17.83 70.66
N ASP L 176 2.41 -19.08 70.52
CA ASP L 176 3.23 -20.23 70.87
C ASP L 176 4.45 -20.39 69.97
N SER L 177 4.43 -19.84 68.75
CA SER L 177 5.60 -19.93 67.89
C SER L 177 6.73 -19.01 68.36
N VAL L 178 6.39 -17.80 68.80
CA VAL L 178 7.40 -16.83 69.20
C VAL L 178 7.87 -17.06 70.63
N LEU L 179 7.01 -17.55 71.51
CA LEU L 179 7.38 -17.74 72.91
C LEU L 179 8.46 -18.81 73.12
N LYS L 180 8.65 -19.73 72.17
CA LYS L 180 9.72 -20.70 72.29
C LYS L 180 11.10 -20.05 72.23
N ILE L 181 11.23 -18.94 71.50
CA ILE L 181 12.46 -18.14 71.45
C ILE L 181 12.25 -16.97 72.39
N SER L 182 13.01 -16.97 73.51
CA SER L 182 12.88 -15.96 74.56
C SER L 182 14.26 -15.48 74.96
N ASP L 183 14.37 -14.19 75.25
CA ASP L 183 15.62 -13.59 75.67
C ASP L 183 15.32 -12.32 76.45
N GLU L 184 16.17 -12.03 77.44
CA GLU L 184 16.01 -10.86 78.29
C GLU L 184 16.53 -9.58 77.65
N ASN L 185 17.45 -9.67 76.69
CA ASN L 185 18.03 -8.50 76.05
C ASN L 185 17.13 -7.86 75.00
N SER L 186 15.93 -8.42 74.74
CA SER L 186 14.99 -7.89 73.75
C SER L 186 15.63 -7.88 72.36
N LYS L 187 16.07 -9.06 71.93
CA LYS L 187 16.70 -9.22 70.64
C LYS L 187 15.66 -9.17 69.52
N ASN L 188 16.14 -8.88 68.31
CA ASN L 188 15.32 -8.99 67.11
C ASN L 188 15.13 -10.44 66.67
N VAL L 189 14.03 -11.08 67.07
CA VAL L 189 13.82 -12.51 66.83
C VAL L 189 13.75 -12.79 65.33
N ASP L 190 14.62 -13.67 64.86
CA ASP L 190 14.65 -14.00 63.44
C ASP L 190 13.52 -14.97 63.10
N LEU L 191 12.84 -14.70 61.98
CA LEU L 191 11.73 -15.53 61.52
C LEU L 191 12.18 -16.67 60.61
N ASN L 192 13.49 -16.88 60.43
CA ASN L 192 13.96 -18.03 59.67
C ASN L 192 13.67 -19.34 60.38
N ASP L 193 13.61 -19.33 61.72
CA ASP L 193 13.24 -20.52 62.46
C ASP L 193 11.77 -20.89 62.31
N ILE L 194 10.92 -19.93 61.90
CA ILE L 194 9.49 -20.15 61.69
C ILE L 194 9.27 -20.22 60.19
N ARG L 195 9.25 -21.44 59.65
CA ARG L 195 9.06 -21.69 58.23
C ARG L 195 7.58 -21.91 57.94
N LEU L 196 7.09 -21.25 56.89
CA LEU L 196 5.69 -21.35 56.44
C LEU L 196 5.67 -22.16 55.16
N VAL L 197 5.26 -23.42 55.25
CA VAL L 197 5.23 -24.35 54.12
C VAL L 197 3.86 -24.23 53.47
N LYS L 198 3.86 -24.00 52.15
CA LYS L 198 2.64 -23.83 51.35
C LYS L 198 2.36 -25.14 50.63
N LYS L 199 1.22 -25.75 50.94
CA LYS L 199 0.74 -26.97 50.29
C LYS L 199 -0.66 -26.72 49.75
N VAL L 200 -0.82 -26.90 48.44
CA VAL L 200 -2.10 -26.66 47.78
C VAL L 200 -3.00 -27.87 48.03
N GLY L 201 -4.13 -27.63 48.68
CA GLY L 201 -5.09 -28.68 49.01
C GLY L 201 -5.74 -28.48 50.37
N GLY L 202 -6.91 -29.06 50.56
CA GLY L 202 -7.59 -28.97 51.84
C GLY L 202 -8.23 -27.62 52.06
N THR L 203 -8.33 -27.26 53.35
CA THR L 203 -8.91 -26.00 53.80
C THR L 203 -8.00 -25.38 54.86
N ILE L 204 -8.26 -24.10 55.15
CA ILE L 204 -7.48 -23.37 56.14
C ILE L 204 -7.75 -23.86 57.57
N ASP L 205 -8.95 -24.40 57.83
CA ASP L 205 -9.28 -24.90 59.16
C ASP L 205 -8.40 -26.08 59.56
N ASP L 206 -7.89 -26.85 58.61
CA ASP L 206 -6.98 -27.95 58.91
C ASP L 206 -5.57 -27.50 59.28
N THR L 207 -5.26 -26.21 59.21
CA THR L 207 -3.94 -25.72 59.58
C THR L 207 -3.72 -25.88 61.07
N GLU L 208 -2.59 -26.46 61.45
CA GLU L 208 -2.25 -26.66 62.85
C GLU L 208 -0.73 -26.77 62.99
N MET L 209 -0.24 -26.42 64.17
CA MET L 209 1.19 -26.46 64.43
C MET L 209 1.66 -27.92 64.50
N ILE L 210 2.61 -28.26 63.63
CA ILE L 210 3.25 -29.57 63.62
C ILE L 210 4.33 -29.55 64.69
N ASP L 211 4.42 -30.63 65.48
CA ASP L 211 5.38 -30.68 66.57
C ASP L 211 6.81 -30.72 66.05
N GLY L 212 7.08 -31.52 65.02
CA GLY L 212 8.41 -31.70 64.48
C GLY L 212 8.66 -30.88 63.22
N VAL L 213 9.77 -31.15 62.55
CA VAL L 213 10.13 -30.44 61.32
C VAL L 213 9.43 -31.12 60.15
N VAL L 214 8.53 -30.37 59.49
CA VAL L 214 7.82 -30.86 58.31
C VAL L 214 8.68 -30.60 57.08
N LEU L 215 8.76 -31.61 56.21
CA LEU L 215 9.50 -31.55 54.97
C LEU L 215 8.53 -31.30 53.82
N THR L 216 8.92 -30.42 52.90
CA THR L 216 8.04 -30.07 51.78
C THR L 216 8.11 -31.10 50.67
N GLN L 217 9.32 -31.58 50.36
CA GLN L 217 9.49 -32.51 49.25
C GLN L 217 8.89 -33.87 49.57
N THR L 218 8.56 -34.60 48.50
CA THR L 218 8.00 -35.95 48.59
C THR L 218 9.12 -36.98 48.45
N ALA L 219 8.77 -38.25 48.68
CA ALA L 219 9.73 -39.33 48.57
C ALA L 219 9.98 -39.68 47.10
N ILE L 220 11.01 -40.47 46.87
CA ILE L 220 11.43 -40.79 45.50
C ILE L 220 10.55 -41.87 44.91
N LYS L 221 10.29 -42.93 45.69
CA LYS L 221 9.46 -44.08 45.28
C LYS L 221 9.98 -44.77 44.02
N SER L 222 11.31 -44.77 43.82
CA SER L 222 11.90 -45.56 42.75
C SER L 222 11.93 -47.04 43.08
N ALA L 223 12.29 -47.37 44.32
CA ALA L 223 12.24 -48.74 44.84
C ALA L 223 10.96 -48.96 45.64
N GLY L 224 10.66 -48.07 46.57
CA GLY L 224 9.42 -48.15 47.34
C GLY L 224 9.39 -49.28 48.35
N GLY L 225 10.51 -49.54 49.02
CA GLY L 225 10.57 -50.59 50.01
C GLY L 225 9.78 -50.27 51.27
N PRO L 226 10.22 -49.28 52.03
CA PRO L 226 9.52 -48.95 53.28
C PRO L 226 8.29 -48.09 53.04
N THR L 227 7.32 -48.23 53.96
CA THR L 227 6.05 -47.52 53.92
C THR L 227 5.91 -46.56 55.09
N ARG L 228 6.10 -47.04 56.32
CA ARG L 228 5.95 -46.24 57.54
C ARG L 228 7.03 -46.65 58.53
N LYS L 229 7.76 -45.65 59.05
CA LYS L 229 8.89 -45.86 59.95
C LYS L 229 8.47 -45.51 61.37
N GLU L 230 9.09 -46.17 62.35
CA GLU L 230 8.87 -45.88 63.76
C GLU L 230 10.19 -46.05 64.51
N LYS L 231 10.51 -45.05 65.35
CA LYS L 231 11.78 -44.97 66.06
C LYS L 231 12.96 -45.02 65.08
N ALA L 232 12.99 -44.01 64.21
CA ALA L 232 13.98 -43.88 63.16
C ALA L 232 15.06 -42.87 63.55
N LYS L 233 16.28 -43.14 63.12
CA LYS L 233 17.43 -42.27 63.31
C LYS L 233 17.69 -41.50 62.03
N ILE L 234 17.61 -40.17 62.10
CA ILE L 234 17.67 -39.30 60.94
C ILE L 234 19.11 -38.84 60.76
N GLY L 235 19.58 -38.86 59.52
CA GLY L 235 20.90 -38.36 59.15
C GLY L 235 20.81 -37.44 57.95
N LEU L 236 21.71 -36.45 57.90
CA LEU L 236 21.77 -35.45 56.85
C LEU L 236 23.03 -35.67 56.03
N ILE L 237 22.86 -36.20 54.81
CA ILE L 237 23.95 -36.45 53.89
C ILE L 237 24.12 -35.22 53.02
N GLN L 238 25.36 -34.71 52.93
CA GLN L 238 25.72 -33.60 52.05
C GLN L 238 26.52 -34.04 50.83
N PHE L 239 27.18 -35.18 50.90
CA PHE L 239 27.89 -35.74 49.75
C PHE L 239 26.89 -36.44 48.83
N GLN L 240 27.42 -37.10 47.80
CA GLN L 240 26.62 -37.78 46.79
C GLN L 240 26.93 -39.27 46.81
N ILE L 241 25.88 -40.08 46.70
CA ILE L 241 25.98 -41.53 46.66
C ILE L 241 26.02 -41.93 45.19
N SER L 242 27.20 -42.35 44.73
CA SER L 242 27.43 -42.67 43.33
C SER L 242 28.57 -43.66 43.25
N PRO L 243 28.83 -44.22 42.07
CA PRO L 243 30.07 -45.01 41.91
C PRO L 243 31.30 -44.15 42.11
N PRO L 244 32.47 -44.76 42.35
CA PRO L 244 33.64 -43.95 42.73
C PRO L 244 34.15 -43.11 41.58
N LYS L 245 34.20 -41.80 41.79
CA LYS L 245 34.82 -40.88 40.85
C LYS L 245 35.10 -39.57 41.58
N PRO L 246 36.17 -38.85 41.24
CA PRO L 246 36.29 -37.45 41.69
C PRO L 246 35.23 -36.57 41.04
N ASP L 247 35.20 -35.31 41.51
CA ASP L 247 34.27 -34.33 40.95
C ASP L 247 34.56 -34.01 39.50
N THR L 248 35.82 -34.11 39.06
CA THR L 248 36.21 -33.80 37.70
C THR L 248 36.03 -35.03 36.82
N GLU L 249 36.16 -34.83 35.51
CA GLU L 249 36.01 -35.92 34.55
C GLU L 249 37.24 -36.83 34.60
N ASN L 250 37.02 -38.11 34.33
CA ASN L 250 38.05 -39.14 34.37
C ASN L 250 37.93 -40.04 33.15
N ASN L 251 38.96 -40.87 32.97
CA ASN L 251 39.02 -41.85 31.89
C ASN L 251 39.37 -43.20 32.47
N ILE L 252 38.53 -44.20 32.21
CA ILE L 252 38.73 -45.58 32.66
C ILE L 252 38.87 -46.43 31.41
N ILE L 253 39.95 -47.22 31.36
CA ILE L 253 40.29 -48.07 30.21
C ILE L 253 40.09 -49.52 30.62
N VAL L 254 39.93 -50.39 29.61
CA VAL L 254 39.71 -51.82 29.79
C VAL L 254 40.61 -52.54 28.79
N ASN L 255 41.68 -53.15 29.29
CA ASN L 255 42.63 -53.89 28.47
C ASN L 255 42.37 -55.40 28.43
N ASP L 256 41.40 -55.90 29.19
CA ASP L 256 41.10 -57.33 29.23
C ASP L 256 39.66 -57.52 29.65
N TYR L 257 39.06 -58.59 29.14
CA TYR L 257 37.66 -58.89 29.44
C TYR L 257 37.42 -59.21 30.91
N ARG L 258 38.43 -59.68 31.64
CA ARG L 258 38.28 -59.96 33.06
C ARG L 258 38.23 -58.70 33.92
N GLN L 259 38.67 -57.55 33.41
CA GLN L 259 38.61 -56.32 34.18
C GLN L 259 37.19 -55.82 34.38
N MET L 260 36.28 -56.13 33.45
CA MET L 260 34.90 -55.68 33.58
C MET L 260 34.20 -56.34 34.76
N ASP L 261 34.55 -57.59 35.07
CA ASP L 261 33.96 -58.26 36.22
C ASP L 261 34.35 -57.58 37.52
N LYS L 262 35.61 -57.12 37.61
CA LYS L 262 36.05 -56.42 38.81
C LYS L 262 35.44 -55.02 38.88
N ILE L 263 35.22 -54.37 37.73
CA ILE L 263 34.69 -53.02 37.72
C ILE L 263 33.23 -53.04 38.17
N LEU L 264 32.43 -53.94 37.61
CA LEU L 264 31.01 -54.01 37.96
C LEU L 264 30.78 -54.46 39.40
N LYS L 265 31.68 -55.28 39.95
CA LYS L 265 31.58 -55.73 41.33
C LYS L 265 32.06 -54.66 42.31
N GLU L 266 33.13 -53.95 41.98
CA GLU L 266 33.69 -52.95 42.88
C GLU L 266 32.87 -51.67 42.88
N GLU L 267 32.16 -51.36 41.79
CA GLU L 267 31.31 -50.17 41.78
C GLU L 267 30.15 -50.30 42.75
N ARG L 268 29.51 -51.47 42.81
CA ARG L 268 28.47 -51.72 43.80
C ARG L 268 29.04 -51.99 45.19
N ALA L 269 30.28 -52.47 45.28
CA ALA L 269 30.92 -52.64 46.58
C ALA L 269 31.15 -51.30 47.27
N TYR L 270 31.46 -50.25 46.52
CA TYR L 270 31.57 -48.92 47.10
C TYR L 270 30.22 -48.43 47.62
N LEU L 271 29.13 -48.84 46.95
CA LEU L 271 27.80 -48.58 47.48
C LEU L 271 27.44 -49.55 48.61
N LEU L 272 27.99 -50.76 48.59
CA LEU L 272 27.64 -51.76 49.60
C LEU L 272 28.21 -51.39 50.97
N ASN L 273 29.52 -51.10 51.04
CA ASN L 273 30.13 -50.78 52.33
C ASN L 273 29.61 -49.48 52.92
N ILE L 274 29.11 -48.55 52.10
CA ILE L 274 28.43 -47.37 52.62
C ILE L 274 27.13 -47.79 53.32
N CYS L 275 26.40 -48.75 52.73
CA CYS L 275 25.20 -49.25 53.36
C CYS L 275 25.52 -50.06 54.61
N LYS L 276 26.68 -50.71 54.65
CA LYS L 276 27.08 -51.42 55.87
C LYS L 276 27.37 -50.44 56.99
N LYS L 277 28.08 -49.35 56.70
CA LYS L 277 28.32 -48.33 57.71
C LYS L 277 27.02 -47.64 58.12
N ILE L 278 26.07 -47.49 57.19
CA ILE L 278 24.76 -46.98 57.54
C ILE L 278 24.03 -47.97 58.43
N LYS L 279 24.19 -49.27 58.17
CA LYS L 279 23.57 -50.29 59.02
C LYS L 279 24.27 -50.39 60.36
N LYS L 280 25.59 -50.20 60.40
CA LYS L 280 26.30 -50.22 61.68
C LYS L 280 25.90 -49.04 62.56
N ALA L 281 25.71 -47.87 61.97
CA ALA L 281 25.23 -46.69 62.68
C ALA L 281 23.71 -46.67 62.85
N LYS L 282 22.98 -47.68 62.34
CA LYS L 282 21.52 -47.84 62.45
C LYS L 282 20.76 -46.57 62.06
N CYS L 283 21.24 -45.90 61.02
CA CYS L 283 20.59 -44.71 60.49
C CYS L 283 19.48 -45.13 59.52
N ASN L 284 18.23 -44.85 59.91
CA ASN L 284 17.07 -45.32 59.18
C ASN L 284 16.50 -44.32 58.17
N VAL L 285 16.82 -43.03 58.30
CA VAL L 285 16.32 -41.98 57.42
C VAL L 285 17.51 -41.15 56.97
N LEU L 286 17.62 -40.95 55.66
CA LEU L 286 18.71 -40.21 55.04
C LEU L 286 18.14 -39.06 54.23
N LEU L 287 18.83 -37.92 54.26
CA LEU L 287 18.46 -36.70 53.53
C LEU L 287 19.64 -36.29 52.66
N ILE L 288 19.45 -36.34 51.34
CA ILE L 288 20.50 -36.08 50.37
C ILE L 288 20.21 -34.75 49.69
N GLN L 289 21.24 -33.93 49.51
CA GLN L 289 21.09 -32.61 48.92
C GLN L 289 20.77 -32.73 47.42
N LYS L 290 20.61 -31.57 46.78
CA LYS L 290 20.25 -31.54 45.36
C LYS L 290 21.35 -32.14 44.49
N SER L 291 22.54 -31.52 44.53
CA SER L 291 23.74 -32.03 43.84
C SER L 291 23.51 -32.15 42.33
N ILE L 292 23.33 -30.99 41.70
CA ILE L 292 23.15 -30.96 40.25
C ILE L 292 24.40 -31.43 39.50
N LEU L 293 25.59 -31.19 40.06
CA LEU L 293 26.83 -31.50 39.35
C LEU L 293 27.16 -32.99 39.32
N ARG L 294 26.83 -33.73 40.39
CA ARG L 294 27.12 -35.15 40.53
C ARG L 294 25.84 -35.87 40.93
N ASP L 295 25.65 -37.07 40.36
CA ASP L 295 24.39 -37.79 40.54
C ASP L 295 24.19 -38.18 42.00
N ALA L 296 23.00 -37.85 42.52
CA ALA L 296 22.72 -38.04 43.94
C ALA L 296 22.54 -39.52 44.27
N VAL L 297 21.67 -40.20 43.53
CA VAL L 297 21.39 -41.63 43.71
C VAL L 297 21.21 -42.26 42.35
N ASN L 298 21.13 -43.59 42.35
CA ASN L 298 20.90 -44.38 41.15
C ASN L 298 20.11 -45.63 41.52
N ASP L 299 19.75 -46.42 40.52
CA ASP L 299 18.95 -47.62 40.75
C ASP L 299 19.71 -48.65 41.58
N LEU L 300 21.04 -48.69 41.46
CA LEU L 300 21.83 -49.63 42.26
C LEU L 300 21.80 -49.25 43.74
N ALA L 301 22.08 -47.98 44.05
CA ALA L 301 22.12 -47.54 45.45
C ALA L 301 20.73 -47.60 46.09
N LEU L 302 19.68 -47.33 45.32
CA LEU L 302 18.32 -47.43 45.85
C LEU L 302 17.96 -48.87 46.18
N HIS L 303 18.52 -49.84 45.45
CA HIS L 303 18.18 -51.24 45.69
C HIS L 303 18.76 -51.75 47.01
N PHE L 304 20.00 -51.36 47.35
CA PHE L 304 20.59 -51.81 48.61
C PHE L 304 19.87 -51.18 49.80
N LEU L 305 19.51 -49.90 49.69
CA LEU L 305 18.75 -49.25 50.73
C LEU L 305 17.31 -49.74 50.82
N SER L 306 16.76 -50.30 49.75
CA SER L 306 15.41 -50.84 49.80
C SER L 306 15.33 -52.08 50.69
N LYS L 307 16.39 -52.88 50.75
CA LYS L 307 16.39 -54.05 51.61
C LYS L 307 16.50 -53.67 53.08
N LEU L 308 17.25 -52.62 53.39
CA LEU L 308 17.42 -52.16 54.76
C LEU L 308 16.25 -51.32 55.28
N ASN L 309 15.24 -51.04 54.45
CA ASN L 309 14.07 -50.26 54.84
C ASN L 309 14.47 -48.85 55.27
N ILE L 310 15.08 -48.13 54.32
CA ILE L 310 15.59 -46.78 54.53
C ILE L 310 15.00 -45.89 53.45
N MET L 311 14.29 -44.85 53.87
CA MET L 311 13.74 -43.87 52.93
C MET L 311 14.82 -42.88 52.51
N VAL L 312 14.62 -42.24 51.35
CA VAL L 312 15.55 -41.25 50.81
C VAL L 312 14.75 -40.17 50.10
N VAL L 313 15.33 -38.97 50.05
CA VAL L 313 14.73 -37.81 49.41
C VAL L 313 15.82 -37.01 48.71
N LYS L 314 15.39 -36.12 47.82
CA LYS L 314 16.26 -35.22 47.06
C LYS L 314 15.63 -33.83 47.00
N ASP L 315 16.33 -32.91 46.32
CA ASP L 315 15.86 -31.55 46.09
C ASP L 315 15.65 -30.79 47.41
N ILE L 316 16.75 -30.69 48.16
CA ILE L 316 16.81 -29.92 49.41
C ILE L 316 17.57 -28.64 49.12
N GLU L 317 16.99 -27.50 49.51
CA GLU L 317 17.64 -26.22 49.31
C GLU L 317 18.83 -26.08 50.24
N ARG L 318 19.89 -25.43 49.75
CA ARG L 318 21.09 -25.22 50.53
C ARG L 318 20.88 -24.31 51.73
N GLU L 319 19.92 -23.39 51.66
CA GLU L 319 19.63 -22.48 52.75
C GLU L 319 18.85 -23.13 53.89
N GLU L 320 18.13 -24.22 53.64
CA GLU L 320 17.33 -24.88 54.65
C GLU L 320 18.14 -25.85 55.52
N ILE L 321 19.46 -25.94 55.32
CA ILE L 321 20.26 -26.86 56.13
C ILE L 321 20.33 -26.39 57.58
N GLU L 322 20.31 -25.07 57.80
CA GLU L 322 20.29 -24.55 59.15
C GLU L 322 18.99 -24.91 59.86
N PHE L 323 17.87 -24.92 59.13
CA PHE L 323 16.58 -25.21 59.75
C PHE L 323 16.46 -26.69 60.11
N LEU L 324 16.91 -27.57 59.21
CA LEU L 324 16.80 -29.01 59.48
C LEU L 324 17.77 -29.43 60.58
N SER L 325 19.00 -28.90 60.57
CA SER L 325 19.98 -29.31 61.56
C SER L 325 19.62 -28.78 62.94
N LYS L 326 19.26 -27.51 63.05
CA LYS L 326 18.90 -26.93 64.34
C LYS L 326 17.56 -27.45 64.84
N GLY L 327 16.64 -27.78 63.92
CA GLY L 327 15.33 -28.28 64.31
C GLY L 327 15.36 -29.72 64.74
N LEU L 328 15.78 -30.62 63.85
CA LEU L 328 15.86 -32.04 64.17
C LEU L 328 17.04 -32.38 65.08
N GLY L 329 17.99 -31.47 65.29
CA GLY L 329 19.14 -31.78 66.11
C GLY L 329 20.13 -32.73 65.48
N CYS L 330 20.12 -32.87 64.15
CA CYS L 330 21.00 -33.77 63.42
C CYS L 330 22.09 -32.95 62.74
N LYS L 331 23.34 -33.24 63.08
CA LYS L 331 24.45 -32.54 62.44
C LYS L 331 24.56 -33.04 61.00
N PRO L 332 24.97 -32.21 60.03
CA PRO L 332 25.16 -32.73 58.67
C PRO L 332 26.33 -33.70 58.59
N ILE L 333 26.41 -34.40 57.46
CA ILE L 333 27.47 -35.36 57.17
C ILE L 333 27.95 -35.09 55.75
N ALA L 334 29.27 -34.97 55.59
CA ALA L 334 29.91 -34.76 54.30
C ALA L 334 31.07 -35.74 54.04
N ASP L 335 31.22 -36.79 54.83
CA ASP L 335 32.27 -37.77 54.63
C ASP L 335 31.84 -39.08 55.29
N ILE L 336 32.14 -40.20 54.63
CA ILE L 336 31.72 -41.50 55.14
C ILE L 336 32.56 -41.93 56.34
N GLU L 337 33.82 -41.50 56.44
CA GLU L 337 34.65 -41.92 57.56
C GLU L 337 34.20 -41.29 58.87
N LEU L 338 33.78 -40.03 58.84
CA LEU L 338 33.31 -39.32 60.03
C LEU L 338 31.84 -39.59 60.34
N PHE L 339 31.19 -40.53 59.64
CA PHE L 339 29.80 -40.86 59.90
C PHE L 339 29.72 -41.76 61.13
N THR L 340 28.93 -41.35 62.12
CA THR L 340 28.81 -42.08 63.37
C THR L 340 27.43 -41.81 63.97
N GLU L 341 27.16 -42.46 65.12
CA GLU L 341 25.86 -42.37 65.76
C GLU L 341 25.70 -41.11 66.60
N ASP L 342 26.79 -40.55 67.13
CA ASP L 342 26.72 -39.37 67.98
C ASP L 342 26.20 -38.14 67.24
N ARG L 343 26.42 -38.06 65.93
CA ARG L 343 25.97 -36.91 65.13
C ARG L 343 24.53 -37.01 64.66
N LEU L 344 23.86 -38.14 64.89
CA LEU L 344 22.49 -38.35 64.43
C LEU L 344 21.49 -37.97 65.51
N GLY L 345 20.30 -37.56 65.08
CA GLY L 345 19.21 -37.24 65.97
C GLY L 345 18.35 -38.45 66.28
N SER L 346 17.10 -38.16 66.67
CA SER L 346 16.14 -39.20 66.99
C SER L 346 14.73 -38.65 66.85
N ALA L 347 13.77 -39.54 66.59
CA ALA L 347 12.38 -39.18 66.49
C ALA L 347 11.52 -40.42 66.74
N ASP L 348 10.29 -40.19 67.16
CA ASP L 348 9.36 -41.27 67.47
C ASP L 348 8.64 -41.80 66.23
N LEU L 349 8.18 -40.90 65.36
CA LEU L 349 7.38 -41.25 64.19
C LEU L 349 7.80 -40.37 63.02
N VAL L 350 8.22 -41.01 61.93
CA VAL L 350 8.54 -40.34 60.67
C VAL L 350 7.76 -41.09 59.58
N GLU L 351 6.84 -40.39 58.92
CA GLU L 351 5.94 -40.99 57.94
C GLU L 351 5.63 -39.99 56.84
N GLU L 352 4.94 -40.47 55.81
CA GLU L 352 4.54 -39.66 54.66
C GLU L 352 3.10 -40.02 54.32
N ILE L 353 2.18 -39.11 54.64
CA ILE L 353 0.76 -39.33 54.43
C ILE L 353 0.35 -38.74 53.09
N ASP L 354 -0.75 -39.25 52.54
CA ASP L 354 -1.37 -38.77 51.30
C ASP L 354 -2.79 -38.37 51.65
N SER L 355 -2.97 -37.13 52.09
CA SER L 355 -4.25 -36.62 52.58
C SER L 355 -4.99 -35.96 51.40
N ASP L 356 -5.69 -36.78 50.63
CA ASP L 356 -6.54 -36.32 49.54
C ASP L 356 -5.72 -35.61 48.46
N GLY L 357 -4.71 -36.31 47.93
CA GLY L 357 -3.89 -35.80 46.86
C GLY L 357 -2.66 -35.03 47.31
N SER L 358 -2.78 -34.25 48.39
CA SER L 358 -1.66 -33.46 48.90
C SER L 358 -0.71 -34.38 49.66
N LYS L 359 0.47 -34.61 49.09
CA LYS L 359 1.47 -35.50 49.64
C LYS L 359 2.46 -34.67 50.46
N ILE L 360 2.74 -35.11 51.68
CA ILE L 360 3.57 -34.37 52.62
C ILE L 360 4.31 -35.37 53.51
N VAL L 361 5.57 -35.05 53.81
CA VAL L 361 6.39 -35.80 54.75
C VAL L 361 6.37 -35.05 56.07
N ARG L 362 6.10 -35.77 57.15
CA ARG L 362 5.97 -35.19 58.50
C ARG L 362 6.82 -35.97 59.49
N VAL L 363 7.47 -35.22 60.38
CA VAL L 363 8.25 -35.76 61.48
C VAL L 363 7.60 -35.30 62.78
N THR L 364 7.58 -36.18 63.78
CA THR L 364 6.90 -35.95 65.06
C THR L 364 7.91 -36.10 66.20
N GLY L 365 8.17 -35.00 66.89
CA GLY L 365 8.97 -35.03 68.11
C GLY L 365 10.46 -35.05 67.83
N ILE L 366 11.22 -34.43 68.74
CA ILE L 366 12.67 -34.40 68.72
C ILE L 366 13.15 -34.70 70.13
N ARG L 367 13.99 -35.73 70.28
CA ARG L 367 14.51 -36.16 71.57
C ARG L 367 15.86 -35.52 71.91
N ASN L 368 16.45 -34.72 71.02
CA ASN L 368 17.72 -34.07 71.33
C ASN L 368 17.55 -33.02 72.42
N ASN L 369 16.50 -32.21 72.32
CA ASN L 369 16.21 -31.13 73.28
C ASN L 369 17.38 -30.14 73.34
N ASN L 370 17.59 -29.47 72.21
CA ASN L 370 18.68 -28.50 72.09
C ASN L 370 18.29 -27.21 72.81
N ALA L 371 19.14 -26.18 72.69
CA ALA L 371 18.92 -24.94 73.41
C ALA L 371 17.70 -24.19 72.87
N ARG L 372 17.71 -23.87 71.57
CA ARG L 372 16.66 -23.10 70.92
C ARG L 372 15.96 -23.99 69.91
N PRO L 373 14.77 -24.53 70.20
CA PRO L 373 14.05 -25.30 69.18
C PRO L 373 13.55 -24.40 68.05
N THR L 374 12.96 -25.05 67.05
CA THR L 374 12.42 -24.43 65.85
C THR L 374 10.93 -24.71 65.75
N VAL L 375 10.26 -23.98 64.86
CA VAL L 375 8.82 -24.06 64.65
C VAL L 375 8.58 -24.37 63.18
N SER L 376 7.63 -25.27 62.92
CA SER L 376 7.23 -25.65 61.57
C SER L 376 5.71 -25.82 61.55
N VAL L 377 5.05 -25.11 60.64
CA VAL L 377 3.61 -25.15 60.47
C VAL L 377 3.29 -25.15 58.97
N VAL L 378 2.45 -26.09 58.55
CA VAL L 378 2.01 -26.21 57.16
C VAL L 378 0.73 -25.41 56.99
N ILE L 379 0.62 -24.71 55.87
CA ILE L 379 -0.54 -23.89 55.53
C ILE L 379 -1.29 -24.61 54.42
N ARG L 380 -2.55 -24.95 54.68
CA ARG L 380 -3.43 -25.60 53.72
C ARG L 380 -4.52 -24.62 53.30
N GLY L 381 -5.05 -24.82 52.10
CA GLY L 381 -6.09 -23.95 51.60
C GLY L 381 -6.71 -24.51 50.33
N ALA L 382 -7.89 -23.99 50.01
CA ALA L 382 -8.60 -24.43 48.83
C ALA L 382 -7.94 -23.92 47.55
N ASN L 383 -7.50 -22.65 47.56
CA ASN L 383 -6.92 -21.97 46.41
C ASN L 383 -5.49 -21.61 46.71
N ASN L 384 -4.66 -21.56 45.66
CA ASN L 384 -3.27 -21.17 45.83
C ASN L 384 -3.12 -19.69 46.18
N MET L 385 -4.07 -18.86 45.76
CA MET L 385 -3.97 -17.43 46.03
C MET L 385 -4.14 -17.13 47.52
N ILE L 386 -5.18 -17.70 48.14
CA ILE L 386 -5.40 -17.47 49.57
C ILE L 386 -4.30 -18.10 50.42
N ILE L 387 -3.64 -19.16 49.93
CA ILE L 387 -2.51 -19.72 50.65
C ILE L 387 -1.36 -18.73 50.67
N ASP L 388 -1.18 -17.98 49.59
CA ASP L 388 -0.18 -16.90 49.60
C ASP L 388 -0.60 -15.76 50.52
N GLU L 389 -1.90 -15.48 50.60
CA GLU L 389 -2.39 -14.47 51.53
C GLU L 389 -2.27 -14.95 52.97
N THR L 390 -2.49 -16.25 53.20
CA THR L 390 -2.36 -16.79 54.55
C THR L 390 -0.91 -16.78 55.02
N GLU L 391 0.04 -16.87 54.09
CA GLU L 391 1.45 -16.80 54.46
C GLU L 391 1.81 -15.41 54.99
N ARG L 392 1.55 -14.37 54.19
CA ARG L 392 1.83 -13.01 54.63
C ARG L 392 0.90 -12.56 55.74
N SER L 393 -0.28 -13.18 55.87
CA SER L 393 -1.15 -12.86 57.00
C SER L 393 -0.52 -13.30 58.32
N LEU L 394 -0.06 -14.56 58.39
CA LEU L 394 0.62 -15.04 59.59
C LEU L 394 1.94 -14.32 59.81
N HIS L 395 2.58 -13.84 58.74
CA HIS L 395 3.78 -13.03 58.88
C HIS L 395 3.49 -11.75 59.65
N ASP L 396 2.31 -11.17 59.46
CA ASP L 396 1.92 -9.98 60.22
C ASP L 396 1.70 -10.33 61.68
N ALA L 397 1.13 -11.51 61.96
CA ALA L 397 0.91 -11.91 63.35
C ALA L 397 2.23 -12.16 64.08
N LEU L 398 3.20 -12.78 63.41
CA LEU L 398 4.51 -12.97 64.02
C LEU L 398 5.25 -11.64 64.17
N CYS L 399 5.10 -10.75 63.19
CA CYS L 399 5.78 -9.46 63.24
C CYS L 399 5.16 -8.56 64.31
N VAL L 400 3.85 -8.61 64.49
CA VAL L 400 3.20 -7.81 65.54
C VAL L 400 3.65 -8.31 66.91
N ILE L 401 3.78 -9.62 67.08
CA ILE L 401 4.30 -10.16 68.33
C ILE L 401 5.80 -9.89 68.44
N ARG L 402 6.51 -9.82 67.30
CA ARG L 402 7.91 -9.43 67.32
C ARG L 402 8.09 -8.00 67.81
N CYS L 403 7.12 -7.13 67.52
CA CYS L 403 7.18 -5.76 68.02
C CYS L 403 7.00 -5.70 69.54
N LEU L 404 6.23 -6.63 70.11
CA LEU L 404 5.98 -6.62 71.54
C LEU L 404 7.13 -7.21 72.36
N VAL L 405 7.83 -8.22 71.82
CA VAL L 405 8.93 -8.83 72.55
C VAL L 405 10.19 -7.97 72.49
N LYS L 406 10.38 -7.19 71.41
CA LYS L 406 11.50 -6.27 71.32
C LYS L 406 11.24 -4.94 72.02
N GLU L 407 9.98 -4.53 72.15
CA GLU L 407 9.60 -3.32 72.85
C GLU L 407 8.33 -3.62 73.65
N ARG L 408 8.40 -3.41 74.97
CA ARG L 408 7.31 -3.79 75.86
C ARG L 408 6.08 -2.87 75.77
N GLY L 409 6.14 -1.78 75.00
CA GLY L 409 5.01 -0.87 74.93
C GLY L 409 3.81 -1.52 74.25
N LEU L 410 2.62 -1.10 74.70
CA LEU L 410 1.36 -1.62 74.16
C LEU L 410 0.32 -0.52 74.33
N ILE L 411 -0.29 -0.11 73.22
CA ILE L 411 -1.29 0.97 73.19
C ILE L 411 -2.57 0.46 72.54
N ALA L 412 -3.64 1.24 72.64
CA ALA L 412 -4.93 0.89 72.08
C ALA L 412 -4.99 1.24 70.60
N GLY L 413 -6.02 0.73 69.94
CA GLY L 413 -6.28 0.96 68.52
C GLY L 413 -7.68 1.48 68.27
N GLY L 414 -8.12 1.43 67.01
CA GLY L 414 -9.44 1.90 66.64
C GLY L 414 -9.55 3.41 66.69
N GLY L 415 -8.58 4.10 66.08
CA GLY L 415 -8.56 5.55 66.09
C GLY L 415 -8.19 6.18 67.42
N ALA L 416 -7.70 5.39 68.38
CA ALA L 416 -7.38 5.94 69.70
C ALA L 416 -6.15 6.85 69.67
N PRO L 417 -4.95 6.37 69.29
CA PRO L 417 -3.76 7.23 69.42
C PRO L 417 -3.71 8.40 68.44
N GLU L 418 -4.45 8.34 67.32
CA GLU L 418 -4.42 9.45 66.37
C GLU L 418 -5.10 10.68 66.96
N ILE L 419 -6.25 10.49 67.62
CA ILE L 419 -6.94 11.62 68.23
C ILE L 419 -6.18 12.14 69.43
N GLU L 420 -5.45 11.27 70.14
CA GLU L 420 -4.71 11.70 71.31
C GLU L 420 -3.55 12.62 70.94
N ILE L 421 -2.83 12.29 69.87
CA ILE L 421 -1.71 13.14 69.44
C ILE L 421 -2.24 14.47 68.91
N SER L 422 -3.37 14.44 68.18
CA SER L 422 -3.96 15.68 67.70
C SER L 422 -4.51 16.52 68.83
N ARG L 423 -5.00 15.88 69.90
CA ARG L 423 -5.54 16.63 71.03
C ARG L 423 -4.44 17.24 71.87
N ARG L 424 -3.39 16.48 72.17
CA ARG L 424 -2.29 16.98 73.00
C ARG L 424 -1.49 18.07 72.31
N LEU L 425 -1.31 17.99 70.99
CA LEU L 425 -0.60 19.02 70.25
C LEU L 425 -1.42 20.28 70.01
N SER L 426 -2.76 20.18 70.08
CA SER L 426 -3.60 21.36 69.92
C SER L 426 -3.43 22.33 71.07
N LYS L 427 -3.27 21.82 72.30
CA LYS L 427 -3.03 22.69 73.45
C LYS L 427 -1.64 23.30 73.41
N GLU L 428 -0.65 22.54 72.94
CA GLU L 428 0.72 23.03 72.85
C GLU L 428 0.94 23.95 71.66
N ALA L 429 0.11 23.88 70.62
CA ALA L 429 0.30 24.71 69.45
C ALA L 429 -0.10 26.16 69.69
N ARG L 430 -1.25 26.40 70.33
CA ARG L 430 -1.75 27.74 70.54
C ARG L 430 -0.86 28.59 71.45
N SER L 431 -0.03 27.97 72.30
CA SER L 431 0.85 28.69 73.20
C SER L 431 2.18 29.10 72.56
N MET L 432 2.50 28.59 71.36
CA MET L 432 3.77 28.88 70.72
C MET L 432 3.78 30.24 70.01
N GLU L 433 2.70 30.57 69.31
CA GLU L 433 2.54 31.86 68.63
C GLU L 433 3.64 32.06 67.58
N GLY L 434 3.58 31.21 66.55
CA GLY L 434 4.52 31.30 65.44
C GLY L 434 3.97 30.62 64.22
N VAL L 435 4.67 30.81 63.10
CA VAL L 435 4.28 30.15 61.85
C VAL L 435 4.49 28.65 61.96
N GLN L 436 5.46 28.21 62.77
CA GLN L 436 5.61 26.78 63.03
C GLN L 436 4.39 26.23 63.75
N ALA L 437 3.75 27.03 64.59
CA ALA L 437 2.54 26.60 65.27
C ALA L 437 1.38 26.42 64.30
N PHE L 438 1.31 27.27 63.27
CA PHE L 438 0.23 27.15 62.28
C PHE L 438 0.37 25.87 61.47
N ILE L 439 1.61 25.40 61.25
CA ILE L 439 1.81 24.13 60.57
C ILE L 439 1.41 22.98 61.48
N TRP L 440 1.62 23.12 62.78
CA TRP L 440 1.25 22.05 63.72
C TRP L 440 -0.27 21.91 63.83
N GLN L 441 -1.02 22.98 63.59
CA GLN L 441 -2.47 22.86 63.56
C GLN L 441 -2.92 22.01 62.38
N GLU L 442 -2.31 22.20 61.21
CA GLU L 442 -2.60 21.35 60.06
C GLU L 442 -2.07 19.94 60.27
N PHE L 443 -0.99 19.79 61.02
CA PHE L 443 -0.49 18.46 61.37
C PHE L 443 -1.50 17.70 62.23
N ALA L 444 -2.16 18.41 63.16
CA ALA L 444 -3.16 17.77 64.00
C ALA L 444 -4.45 17.50 63.24
N SER L 445 -4.81 18.38 62.30
CA SER L 445 -6.04 18.20 61.53
C SER L 445 -5.93 17.07 60.52
N ALA L 446 -4.78 16.94 59.85
CA ALA L 446 -4.60 15.89 58.86
C ALA L 446 -4.41 14.51 59.49
N LEU L 447 -3.97 14.44 60.75
CA LEU L 447 -3.81 13.17 61.43
C LEU L 447 -5.14 12.49 61.78
N GLU L 448 -6.26 13.20 61.71
CA GLU L 448 -7.57 12.65 62.05
C GLU L 448 -8.21 11.86 60.89
N VAL L 449 -7.46 11.57 59.82
CA VAL L 449 -8.03 10.85 58.69
C VAL L 449 -8.24 9.36 58.99
N ILE L 450 -7.52 8.80 59.95
CA ILE L 450 -7.60 7.37 60.25
C ILE L 450 -8.97 7.04 60.83
N PRO L 451 -9.49 7.73 61.86
CA PRO L 451 -10.88 7.43 62.27
C PRO L 451 -11.92 7.90 61.27
N THR L 452 -11.60 8.89 60.43
CA THR L 452 -12.52 9.29 59.38
C THR L 452 -12.65 8.19 58.33
N THR L 453 -11.54 7.54 57.98
CA THR L 453 -11.60 6.45 57.02
C THR L 453 -12.33 5.24 57.58
N LEU L 454 -12.20 5.00 58.90
CA LEU L 454 -12.93 3.92 59.53
C LEU L 454 -14.43 4.17 59.51
N ALA L 455 -14.84 5.44 59.62
CA ALA L 455 -16.26 5.77 59.59
C ALA L 455 -16.86 5.53 58.22
N GLU L 456 -16.13 5.85 57.15
CA GLU L 456 -16.64 5.67 55.80
C GLU L 456 -16.67 4.20 55.41
N ASN L 457 -15.69 3.42 55.83
CA ASN L 457 -15.71 1.98 55.54
C ASN L 457 -16.83 1.28 56.29
N ALA L 458 -17.12 1.70 57.52
CA ALA L 458 -18.21 1.14 58.30
C ALA L 458 -19.58 1.72 57.94
N GLY L 459 -19.63 2.79 57.13
CA GLY L 459 -20.88 3.39 56.74
C GLY L 459 -21.41 4.46 57.68
N LEU L 460 -20.80 4.62 58.86
CA LEU L 460 -21.27 5.63 59.80
C LEU L 460 -20.86 7.03 59.34
N ASN L 461 -21.61 8.02 59.82
CA ASN L 461 -21.32 9.41 59.51
C ASN L 461 -20.05 9.82 60.23
N SER L 462 -19.10 10.39 59.48
CA SER L 462 -17.80 10.70 60.07
C SER L 462 -17.89 11.83 61.08
N ILE L 463 -18.71 12.84 60.81
CA ILE L 463 -18.78 13.99 61.70
C ILE L 463 -19.48 13.61 63.00
N LYS L 464 -20.50 12.76 62.94
CA LYS L 464 -21.17 12.30 64.15
C LYS L 464 -20.25 11.42 64.98
N VAL L 465 -19.46 10.57 64.33
CA VAL L 465 -18.52 9.72 65.05
C VAL L 465 -17.36 10.55 65.61
N VAL L 466 -16.77 11.41 64.77
CA VAL L 466 -15.64 12.21 65.20
C VAL L 466 -16.07 13.22 66.26
N THR L 467 -17.33 13.66 66.24
CA THR L 467 -17.83 14.52 67.31
C THR L 467 -17.85 13.79 68.65
N GLU L 468 -18.11 12.47 68.63
CA GLU L 468 -18.03 11.69 69.86
C GLU L 468 -16.59 11.46 70.29
N LEU L 469 -15.65 11.40 69.35
CA LEU L 469 -14.24 11.31 69.72
C LEU L 469 -13.79 12.54 70.49
N ARG L 470 -14.30 13.72 70.11
CA ARG L 470 -13.99 14.95 70.83
C ARG L 470 -14.73 15.04 72.16
N SER L 471 -15.92 14.46 72.26
CA SER L 471 -16.74 14.60 73.46
C SER L 471 -16.26 13.72 74.61
N LYS L 472 -15.62 12.58 74.31
CA LYS L 472 -15.24 11.60 75.32
C LYS L 472 -13.76 11.67 75.70
N HIS L 473 -12.92 12.38 74.95
CA HIS L 473 -11.48 12.33 75.13
C HIS L 473 -10.96 13.35 76.15
N GLU L 474 -11.69 14.44 76.42
CA GLU L 474 -11.23 15.40 77.42
C GLU L 474 -11.21 14.80 78.81
N ASN L 475 -12.11 13.86 79.11
CA ASN L 475 -12.11 13.09 80.35
C ASN L 475 -11.36 11.78 80.22
N GLY L 476 -11.65 11.00 79.17
CA GLY L 476 -10.94 9.76 78.91
C GLY L 476 -9.59 10.01 78.29
N GLU L 477 -8.52 9.79 79.06
CA GLU L 477 -7.18 10.09 78.60
C GLU L 477 -6.59 9.01 77.70
N LEU L 478 -7.11 7.79 77.75
CA LEU L 478 -6.59 6.72 76.89
C LEU L 478 -7.61 5.59 76.85
N ASN L 479 -7.40 4.67 75.90
CA ASN L 479 -8.23 3.49 75.65
C ASN L 479 -9.64 3.83 75.18
N ASP L 480 -9.88 5.05 74.69
CA ASP L 480 -11.17 5.45 74.11
C ASP L 480 -11.03 5.49 72.59
N GLY L 481 -11.87 4.71 71.91
CA GLY L 481 -11.79 4.64 70.47
C GLY L 481 -13.03 4.03 69.86
N ILE L 482 -12.89 3.61 68.60
CA ILE L 482 -13.98 3.10 67.79
C ILE L 482 -13.93 1.58 67.80
N SER L 483 -15.09 0.95 67.92
CA SER L 483 -15.26 -0.50 67.82
C SER L 483 -16.17 -0.81 66.64
N VAL L 484 -15.70 -1.67 65.74
CA VAL L 484 -16.43 -1.93 64.50
C VAL L 484 -17.59 -2.91 64.68
N ARG L 485 -17.53 -3.78 65.69
CA ARG L 485 -18.60 -4.77 65.86
C ARG L 485 -19.91 -4.11 66.28
N ARG L 486 -19.87 -3.26 67.30
CA ARG L 486 -21.04 -2.52 67.74
C ARG L 486 -21.34 -1.29 66.90
N SER L 487 -20.39 -0.84 66.07
CA SER L 487 -20.55 0.35 65.22
C SER L 487 -20.78 1.60 66.07
N GLY L 488 -19.82 1.86 66.95
CA GLY L 488 -19.91 3.04 67.80
C GLY L 488 -18.62 3.23 68.57
N THR L 489 -18.66 4.19 69.49
CA THR L 489 -17.53 4.54 70.34
C THR L 489 -17.67 3.83 71.69
N THR L 490 -16.58 3.26 72.16
CA THR L 490 -16.57 2.55 73.45
C THR L 490 -15.13 2.45 73.93
N ASN L 491 -14.96 1.85 75.11
CA ASN L 491 -13.64 1.58 75.66
C ASN L 491 -13.01 0.41 74.92
N THR L 492 -11.87 0.65 74.27
CA THR L 492 -11.24 -0.38 73.46
C THR L 492 -10.50 -1.42 74.30
N TYR L 493 -10.07 -1.07 75.52
CA TYR L 493 -9.38 -2.03 76.36
C TYR L 493 -10.31 -3.15 76.82
N GLU L 494 -11.58 -2.81 77.11
CA GLU L 494 -12.55 -3.84 77.46
C GLU L 494 -12.88 -4.75 76.28
N GLU L 495 -12.97 -4.17 75.09
CA GLU L 495 -13.23 -4.93 73.86
C GLU L 495 -11.96 -5.54 73.26
N HIS L 496 -10.77 -5.27 73.84
CA HIS L 496 -9.53 -5.93 73.45
C HIS L 496 -9.13 -5.58 72.01
N ILE L 497 -8.98 -4.29 71.75
CA ILE L 497 -8.37 -3.78 70.52
C ILE L 497 -7.09 -3.06 70.91
N LEU L 498 -5.96 -3.78 70.81
CA LEU L 498 -4.64 -3.31 71.23
C LEU L 498 -3.67 -3.47 70.07
N GLN L 499 -2.61 -2.67 70.07
CA GLN L 499 -1.56 -2.76 69.08
C GLN L 499 -0.24 -2.27 69.68
N PRO L 500 0.91 -2.62 69.11
CA PRO L 500 2.17 -2.13 69.67
C PRO L 500 2.34 -0.64 69.43
N VAL L 501 3.18 -0.03 70.28
CA VAL L 501 3.53 1.38 70.11
C VAL L 501 4.54 1.57 68.98
N LEU L 502 5.33 0.56 68.66
CA LEU L 502 6.32 0.69 67.59
C LEU L 502 5.66 0.82 66.22
N VAL L 503 4.45 0.27 66.05
CA VAL L 503 3.75 0.38 64.79
C VAL L 503 3.35 1.82 64.54
N SER L 504 2.70 2.45 65.52
CA SER L 504 2.31 3.84 65.38
C SER L 504 3.51 4.77 65.38
N THR L 505 4.58 4.40 66.10
CA THR L 505 5.79 5.21 66.11
C THR L 505 6.44 5.23 64.72
N SER L 506 6.57 4.06 64.10
CA SER L 506 7.17 4.01 62.76
C SER L 506 6.30 4.68 61.72
N ALA L 507 4.98 4.69 61.91
CA ALA L 507 4.08 5.32 60.96
C ALA L 507 4.26 6.85 60.97
N ILE L 508 4.24 7.46 62.15
CA ILE L 508 4.41 8.90 62.25
C ILE L 508 5.83 9.29 61.87
N THR L 509 6.81 8.45 62.21
CA THR L 509 8.20 8.78 61.94
C THR L 509 8.52 8.66 60.45
N LEU L 510 8.16 7.54 59.83
CA LEU L 510 8.45 7.34 58.41
C LEU L 510 7.64 8.27 57.53
N ALA L 511 6.42 8.64 57.97
CA ALA L 511 5.60 9.55 57.18
C ALA L 511 6.23 10.94 57.13
N SER L 512 6.78 11.41 58.25
CA SER L 512 7.42 12.72 58.26
C SER L 512 8.68 12.72 57.41
N GLU L 513 9.41 11.60 57.39
CA GLU L 513 10.62 11.53 56.58
C GLU L 513 10.31 11.49 55.10
N CYS L 514 9.18 10.89 54.71
CA CYS L 514 8.82 10.83 53.30
C CYS L 514 8.39 12.20 52.79
N VAL L 515 7.63 12.95 53.60
CA VAL L 515 7.24 14.30 53.22
C VAL L 515 8.46 15.22 53.20
N LYS L 516 9.46 14.95 54.04
CA LYS L 516 10.70 15.72 54.02
C LYS L 516 11.43 15.54 52.70
N SER L 517 11.39 14.34 52.12
CA SER L 517 12.09 14.08 50.87
C SER L 517 11.30 14.58 49.65
N ILE L 518 9.96 14.53 49.71
CA ILE L 518 9.16 14.90 48.56
C ILE L 518 9.15 16.41 48.36
N LEU L 519 9.00 17.17 49.44
CA LEU L 519 8.92 18.62 49.35
C LEU L 519 10.23 19.26 48.89
N ARG L 520 11.36 18.58 49.02
CA ARG L 520 12.64 19.09 48.53
C ARG L 520 12.83 18.91 47.03
N ILE L 521 11.92 18.23 46.35
CA ILE L 521 12.00 18.02 44.90
C ILE L 521 11.45 19.27 44.23
N ASP L 522 12.15 19.74 43.18
CA ASP L 522 11.81 20.96 42.45
C ASP L 522 11.64 20.75 40.95
N ASP L 523 12.39 19.82 40.36
CA ASP L 523 12.40 19.60 38.90
C ASP L 523 12.29 18.11 38.61
N ILE L 524 11.67 17.81 37.48
CA ILE L 524 11.54 16.45 36.95
C ILE L 524 12.20 16.44 35.58
N ALA L 525 13.45 15.96 35.54
CA ALA L 525 14.27 15.94 34.33
C ALA L 525 14.45 14.51 33.84
N PHE L 526 14.23 14.31 32.55
CA PHE L 526 14.43 13.00 31.93
C PHE L 526 15.93 12.72 31.82
N SER L 527 16.30 11.45 32.00
CA SER L 527 17.70 11.03 31.98
C SER L 527 17.80 9.64 31.34
N ARG L 528 19.03 9.14 31.25
CA ARG L 528 19.30 7.82 30.70
C ARG L 528 19.15 6.74 31.77
N MET M 25 20.75 2.17 -33.48
CA MET M 25 21.04 2.31 -32.05
C MET M 25 19.75 2.29 -31.24
N GLY M 26 19.82 1.64 -30.07
CA GLY M 26 18.68 1.51 -29.18
C GLY M 26 18.66 2.62 -28.14
N ARG M 27 17.60 2.60 -27.33
CA ARG M 27 17.44 3.59 -26.27
C ARG M 27 18.45 3.36 -25.14
N PRO M 28 18.69 2.12 -24.69
CA PRO M 28 19.82 1.89 -23.79
C PRO M 28 21.16 2.22 -24.47
N PHE M 29 22.01 2.91 -23.72
CA PHE M 29 23.38 3.23 -24.16
C PHE M 29 24.27 3.15 -22.92
N ILE M 30 24.91 1.99 -22.72
CA ILE M 30 25.71 1.70 -21.54
C ILE M 30 27.10 1.25 -21.98
N ILE M 31 28.11 1.78 -21.30
CA ILE M 31 29.52 1.40 -21.51
C ILE M 31 30.13 0.89 -20.21
N VAL M 32 29.84 1.56 -19.09
CA VAL M 32 30.30 1.17 -17.76
C VAL M 32 29.08 0.97 -16.87
N LYS M 33 29.29 0.27 -15.75
CA LYS M 33 28.21 0.00 -14.81
C LYS M 33 27.92 1.23 -13.96
N ASP M 34 26.63 1.43 -13.67
CA ASP M 34 26.16 2.48 -12.78
C ASP M 34 26.51 3.87 -13.33
N GLN M 35 25.97 4.16 -14.52
CA GLN M 35 26.16 5.46 -15.12
C GLN M 35 25.36 6.56 -14.43
N GLY M 36 24.26 6.20 -13.76
CA GLY M 36 23.45 7.21 -13.09
C GLY M 36 24.14 7.89 -11.93
N ASN M 37 24.90 7.12 -11.14
CA ASN M 37 25.63 7.68 -10.01
C ASN M 37 26.94 8.34 -10.42
N LYS M 38 27.56 7.90 -11.50
CA LYS M 38 28.82 8.47 -11.99
C LYS M 38 28.51 9.66 -12.88
N LYS M 39 29.14 10.80 -12.59
CA LYS M 39 28.93 12.04 -13.34
C LYS M 39 30.26 12.77 -13.51
N ARG M 40 30.58 13.13 -14.75
CA ARG M 40 31.83 13.77 -15.09
C ARG M 40 31.70 15.29 -14.99
N GLN M 41 32.85 15.97 -14.98
CA GLN M 41 32.93 17.42 -15.11
C GLN M 41 34.07 17.76 -16.06
N HIS M 42 33.98 18.91 -16.70
CA HIS M 42 34.97 19.30 -17.70
C HIS M 42 34.92 20.81 -17.92
N GLY M 43 35.95 21.31 -18.58
CA GLY M 43 36.02 22.71 -18.95
C GLY M 43 36.61 23.57 -17.85
N LEU M 44 36.54 24.89 -18.09
CA LEU M 44 37.05 25.84 -17.12
C LEU M 44 36.19 25.88 -15.86
N GLU M 45 34.89 25.69 -16.00
CA GLU M 45 33.99 25.76 -14.85
C GLU M 45 34.22 24.61 -13.88
N ALA M 46 34.66 23.45 -14.39
CA ALA M 46 34.93 22.31 -13.51
C ALA M 46 36.12 22.58 -12.61
N LYS M 47 37.18 23.19 -13.16
CA LYS M 47 38.33 23.56 -12.35
C LYS M 47 38.00 24.68 -11.39
N LYS M 48 37.01 25.52 -11.72
CA LYS M 48 36.66 26.66 -10.88
C LYS M 48 36.13 26.20 -9.52
N SER M 49 35.36 25.11 -9.50
CA SER M 49 34.83 24.61 -8.24
C SER M 49 35.94 24.05 -7.34
N HIS M 50 37.02 23.54 -7.92
CA HIS M 50 38.08 22.94 -7.12
C HIS M 50 38.82 23.97 -6.29
N ILE M 51 39.22 25.08 -6.90
CA ILE M 51 39.94 26.12 -6.16
C ILE M 51 38.99 26.79 -5.16
N LEU M 52 37.74 27.04 -5.56
CA LEU M 52 36.77 27.61 -4.64
C LEU M 52 36.39 26.65 -3.53
N ALA M 53 36.48 25.34 -3.75
CA ALA M 53 36.28 24.37 -2.68
C ALA M 53 37.44 24.41 -1.68
N ALA M 54 38.65 24.71 -2.16
CA ALA M 54 39.79 24.87 -1.26
C ALA M 54 39.67 26.12 -0.41
N ARG M 55 39.00 27.17 -0.91
CA ARG M 55 38.78 28.37 -0.11
C ARG M 55 37.89 28.10 1.09
N SER M 56 36.89 27.22 0.93
CA SER M 56 36.04 26.88 2.07
C SER M 56 36.83 26.11 3.13
N VAL M 57 37.72 25.23 2.72
CA VAL M 57 38.56 24.51 3.68
C VAL M 57 39.61 25.45 4.26
N ALA M 58 40.17 26.34 3.43
CA ALA M 58 41.18 27.26 3.92
C ALA M 58 40.57 28.30 4.85
N SER M 59 39.39 28.82 4.51
CA SER M 59 38.74 29.86 5.30
C SER M 59 38.34 29.38 6.69
N ILE M 60 38.10 28.08 6.86
CA ILE M 60 37.77 27.55 8.18
C ILE M 60 38.97 27.65 9.10
N ILE M 61 40.14 27.21 8.61
CA ILE M 61 41.38 27.21 9.39
C ILE M 61 42.18 28.50 9.21
N LYS M 62 41.63 29.52 8.52
CA LYS M 62 42.36 30.77 8.35
C LYS M 62 42.46 31.54 9.65
N THR M 63 41.43 31.48 10.50
CA THR M 63 41.43 32.20 11.76
C THR M 63 42.31 31.56 12.82
N SER M 64 42.60 30.25 12.71
CA SER M 64 43.39 29.54 13.70
C SER M 64 44.90 29.70 13.51
N LEU M 65 45.34 30.47 12.51
CA LEU M 65 46.77 30.65 12.25
C LEU M 65 47.30 31.77 13.15
N GLY M 66 48.48 31.52 13.73
CA GLY M 66 49.16 32.50 14.55
C GLY M 66 48.86 32.34 16.02
N PRO M 67 49.46 33.19 16.86
CA PRO M 67 49.22 33.08 18.31
C PRO M 67 47.82 33.46 18.74
N ARG M 68 47.09 34.25 17.93
CA ARG M 68 45.73 34.68 18.24
C ARG M 68 44.68 33.73 17.67
N GLY M 69 45.03 32.45 17.48
CA GLY M 69 44.11 31.52 16.87
C GLY M 69 43.03 31.05 17.83
N LEU M 70 42.03 30.38 17.25
CA LEU M 70 40.89 29.84 17.97
C LEU M 70 40.67 28.39 17.55
N ASP M 71 40.41 27.53 18.51
CA ASP M 71 40.33 26.10 18.28
C ASP M 71 39.03 25.74 17.55
N LYS M 72 38.95 24.47 17.14
CA LYS M 72 37.79 23.90 16.46
C LYS M 72 37.25 22.72 17.28
N ILE M 73 35.94 22.58 17.30
CA ILE M 73 35.25 21.49 17.98
C ILE M 73 35.04 20.38 16.96
N LEU M 74 35.35 19.14 17.36
CA LEU M 74 35.15 17.95 16.56
C LEU M 74 34.21 17.00 17.29
N ILE M 75 33.37 16.30 16.54
CA ILE M 75 32.42 15.33 17.07
C ILE M 75 32.49 14.09 16.20
N SER M 76 32.83 12.96 16.81
CA SER M 76 32.90 11.69 16.10
C SER M 76 31.50 11.07 15.99
N PRO M 77 31.32 10.03 15.16
CA PRO M 77 30.02 9.33 15.17
C PRO M 77 29.72 8.62 16.47
N ASP M 78 30.73 8.14 17.19
CA ASP M 78 30.52 7.42 18.44
C ASP M 78 30.23 8.34 19.63
N GLY M 79 30.22 9.66 19.44
CA GLY M 79 29.94 10.60 20.51
C GLY M 79 31.16 11.16 21.22
N GLU M 80 32.35 10.62 20.97
CA GLU M 80 33.57 11.14 21.58
C GLU M 80 33.86 12.53 21.03
N ILE M 81 34.21 13.44 21.94
CA ILE M 81 34.41 14.86 21.63
C ILE M 81 35.86 15.21 21.88
N THR M 82 36.42 16.08 21.04
CA THR M 82 37.76 16.62 21.22
C THR M 82 37.80 18.01 20.61
N ILE M 83 38.76 18.82 21.09
CA ILE M 83 38.95 20.20 20.65
C ILE M 83 40.43 20.40 20.35
N THR M 84 40.71 21.19 19.32
CA THR M 84 42.08 21.38 18.88
C THR M 84 42.14 22.50 17.85
N ASN M 85 43.38 22.92 17.55
CA ASN M 85 43.67 23.91 16.51
C ASN M 85 44.68 23.41 15.48
N ASP M 86 45.28 22.24 15.68
CA ASP M 86 46.20 21.67 14.69
C ASP M 86 45.44 21.31 13.43
N GLY M 87 45.96 21.75 12.27
CA GLY M 87 45.25 21.53 11.02
C GLY M 87 45.10 20.08 10.64
N ALA M 88 46.08 19.24 10.98
CA ALA M 88 45.98 17.82 10.69
C ALA M 88 44.93 17.16 11.57
N THR M 89 44.86 17.55 12.84
CA THR M 89 43.86 16.97 13.74
C THR M 89 42.45 17.44 13.41
N ILE M 90 42.32 18.67 12.91
CA ILE M 90 41.00 19.17 12.50
C ILE M 90 40.51 18.39 11.29
N LEU M 91 41.31 18.36 10.22
CA LEU M 91 40.93 17.70 8.99
C LEU M 91 40.80 16.19 9.14
N SER M 92 41.52 15.58 10.09
CA SER M 92 41.42 14.16 10.31
C SER M 92 40.10 13.81 10.98
N GLN M 93 39.44 12.71 10.65
CA GLN M 93 38.08 12.52 11.21
C GLN M 93 36.97 13.60 10.82
N MET M 94 37.28 14.91 10.62
CA MET M 94 36.27 15.88 10.13
C MET M 94 35.83 15.37 8.80
N GLU M 95 34.52 15.33 8.53
CA GLU M 95 34.05 14.74 7.29
C GLU M 95 33.98 15.71 6.14
N LEU M 96 34.71 15.46 5.06
CA LEU M 96 34.62 16.32 3.87
C LEU M 96 34.33 15.48 2.63
N ASP M 97 33.19 15.69 1.99
CA ASP M 97 32.83 14.95 0.77
C ASP M 97 33.70 15.25 -0.46
N ASN M 98 34.04 16.51 -0.69
CA ASN M 98 34.80 16.87 -1.89
C ASN M 98 36.15 16.20 -1.89
N GLU M 99 36.52 15.52 -2.97
CA GLU M 99 37.79 14.76 -2.97
C GLU M 99 39.04 15.62 -2.86
N ILE M 100 38.92 16.86 -3.39
CA ILE M 100 39.98 17.87 -3.31
C ILE M 100 40.19 18.46 -1.95
N ALA M 101 39.14 18.52 -1.19
CA ALA M 101 39.31 18.94 0.15
C ALA M 101 40.06 17.84 0.75
N LYS M 102 39.82 16.64 0.30
CA LYS M 102 40.48 15.55 0.90
C LYS M 102 41.95 15.67 0.64
N LEU M 103 42.33 16.12 -0.52
CA LEU M 103 43.69 16.34 -0.81
C LEU M 103 44.26 17.38 0.07
N LEU M 104 43.54 18.44 0.30
CA LEU M 104 44.04 19.40 1.25
C LEU M 104 44.20 18.84 2.63
N VAL M 105 43.32 18.00 3.09
CA VAL M 105 43.46 17.34 4.38
C VAL M 105 44.67 16.52 4.44
N GLN M 106 44.94 15.79 3.38
CA GLN M 106 46.15 15.01 3.33
C GLN M 106 47.40 15.84 3.35
N LEU M 107 47.43 16.96 2.69
CA LEU M 107 48.57 17.83 2.80
C LEU M 107 48.88 18.14 4.18
N SER M 108 47.92 18.37 5.01
CA SER M 108 48.15 18.58 6.43
C SER M 108 48.70 17.40 7.18
N LYS M 109 48.19 16.22 6.88
CA LYS M 109 48.64 15.08 7.60
C LYS M 109 50.06 14.93 7.26
N SER M 110 50.43 15.26 6.06
CA SER M 110 51.78 15.11 5.64
C SER M 110 52.70 15.93 6.44
N GLN M 111 52.33 17.18 6.58
CA GLN M 111 53.26 17.90 7.40
C GLN M 111 53.32 17.34 8.77
N ASP M 112 52.20 17.00 9.33
CA ASP M 112 52.25 16.57 10.70
C ASP M 112 53.10 15.37 10.87
N ASP M 113 53.00 14.44 9.96
CA ASP M 113 53.75 13.25 10.07
C ASP M 113 55.20 13.43 9.95
N GLU M 114 55.64 14.23 9.03
CA GLU M 114 57.10 14.22 8.94
C GLU M 114 57.69 15.14 9.90
N ILE M 115 57.19 16.28 9.88
CA ILE M 115 57.61 17.49 10.58
C ILE M 115 56.87 17.60 11.91
N GLY M 116 55.55 17.52 11.87
CA GLY M 116 54.72 17.74 13.04
C GLY M 116 54.37 19.19 13.31
N ASP M 117 54.53 20.07 12.32
CA ASP M 117 54.24 21.49 12.49
C ASP M 117 54.04 22.09 11.11
N GLY M 118 53.25 23.17 11.04
CA GLY M 118 52.94 23.82 9.79
C GLY M 118 51.77 23.22 9.05
N THR M 119 50.87 22.50 9.73
CA THR M 119 49.78 21.82 9.04
C THR M 119 48.73 22.80 8.52
N THR M 120 48.50 23.90 9.24
CA THR M 120 47.57 24.92 8.77
C THR M 120 48.22 25.81 7.71
N GLY M 121 49.51 26.09 7.86
CA GLY M 121 50.19 26.97 6.92
C GLY M 121 50.33 26.38 5.53
N VAL M 122 50.58 25.06 5.45
CA VAL M 122 50.74 24.43 4.14
C VAL M 122 49.42 24.39 3.40
N VAL M 123 48.30 24.28 4.12
CA VAL M 123 46.99 24.27 3.48
C VAL M 123 46.61 25.69 3.04
N VAL M 124 46.91 26.68 3.88
CA VAL M 124 46.62 28.07 3.51
C VAL M 124 47.54 28.52 2.39
N LEU M 125 48.82 28.11 2.44
CA LEU M 125 49.74 28.47 1.38
C LEU M 125 49.38 27.73 0.08
N ALA M 126 48.91 26.50 0.19
CA ALA M 126 48.47 25.77 -1.01
C ALA M 126 47.23 26.41 -1.61
N SER M 127 46.30 26.87 -0.77
CA SER M 127 45.13 27.56 -1.27
C SER M 127 45.48 28.92 -1.85
N ALA M 128 46.52 29.57 -1.30
CA ALA M 128 46.93 30.87 -1.84
C ALA M 128 47.50 30.73 -3.24
N LEU M 129 48.26 29.66 -3.49
CA LEU M 129 48.75 29.40 -4.84
C LEU M 129 47.61 29.11 -5.80
N LEU M 130 46.57 28.42 -5.31
CA LEU M 130 45.43 28.10 -6.16
C LEU M 130 44.59 29.34 -6.45
N ASP M 131 44.43 30.22 -5.46
CA ASP M 131 43.64 31.43 -5.67
C ASP M 131 44.32 32.37 -6.66
N GLN M 132 45.63 32.56 -6.54
CA GLN M 132 46.36 33.36 -7.50
C GLN M 132 46.46 32.69 -8.86
N ALA M 133 46.43 31.35 -8.90
CA ALA M 133 46.49 30.64 -10.17
C ALA M 133 45.17 30.72 -10.92
N LEU M 134 44.04 30.76 -10.20
CA LEU M 134 42.73 30.75 -10.84
C LEU M 134 42.51 31.99 -11.71
N GLU M 135 43.10 33.11 -11.29
CA GLU M 135 42.95 34.35 -12.04
C GLU M 135 43.89 34.33 -13.24
N LEU M 136 45.02 33.67 -13.08
CA LEU M 136 45.97 33.56 -14.19
C LEU M 136 45.34 32.77 -15.34
N ILE M 137 44.61 31.71 -15.01
CA ILE M 137 43.95 30.91 -16.04
C ILE M 137 42.93 31.78 -16.77
N GLN M 138 42.20 32.60 -16.02
CA GLN M 138 41.22 33.50 -16.64
C GLN M 138 41.89 34.51 -17.56
N LYS M 139 43.04 35.04 -17.15
CA LYS M 139 43.75 35.98 -18.00
C LYS M 139 44.11 35.28 -19.28
N GLY M 140 44.21 33.95 -19.25
CA GLY M 140 44.46 33.22 -20.46
C GLY M 140 45.47 32.13 -20.44
N ILE M 141 46.23 32.06 -19.38
CA ILE M 141 47.28 31.09 -19.33
C ILE M 141 46.89 29.62 -19.12
N HIS M 142 47.66 28.68 -19.66
CA HIS M 142 47.40 27.28 -19.48
C HIS M 142 47.75 26.87 -18.05
N PRO M 143 47.22 25.73 -17.53
CA PRO M 143 47.54 25.52 -16.15
C PRO M 143 48.90 25.05 -15.98
N ILE M 144 49.43 24.37 -16.96
CA ILE M 144 50.71 23.80 -16.78
C ILE M 144 51.81 24.87 -16.77
N LYS M 145 51.64 25.94 -17.53
CA LYS M 145 52.63 26.96 -17.47
C LYS M 145 52.66 27.57 -16.11
N ILE M 146 51.50 27.74 -15.53
CA ILE M 146 51.41 28.33 -14.26
C ILE M 146 52.09 27.48 -13.25
N ALA M 147 51.92 26.19 -13.36
CA ALA M 147 52.59 25.31 -12.46
C ALA M 147 54.09 25.37 -12.56
N ASN M 148 54.56 25.39 -13.78
CA ASN M 148 55.99 25.40 -13.95
C ASN M 148 56.52 26.65 -13.33
N GLY M 149 55.80 27.72 -13.53
CA GLY M 149 56.24 28.96 -12.98
C GLY M 149 56.30 29.00 -11.49
N PHE M 150 55.28 28.47 -10.88
CA PHE M 150 55.27 28.56 -9.46
C PHE M 150 56.43 27.76 -9.01
N ASP M 151 56.70 26.66 -9.65
CA ASP M 151 57.78 25.82 -9.16
C ASP M 151 59.10 26.50 -9.23
N GLU M 152 59.32 27.19 -10.31
CA GLU M 152 60.56 27.91 -10.42
C GLU M 152 60.68 28.94 -9.36
N ALA M 153 59.59 29.61 -9.12
CA ALA M 153 59.61 30.62 -8.13
C ALA M 153 59.88 30.09 -6.78
N ALA M 154 59.34 28.94 -6.50
CA ALA M 154 59.56 28.31 -5.24
C ALA M 154 60.97 27.98 -5.06
N LYS M 155 61.59 27.49 -6.09
CA LYS M 155 62.99 27.25 -5.94
C LYS M 155 63.68 28.53 -5.63
N LEU M 156 63.39 29.61 -6.33
CA LEU M 156 64.17 30.80 -6.03
C LEU M 156 63.99 31.16 -4.63
N ALA M 157 62.78 31.10 -4.15
CA ALA M 157 62.57 31.56 -2.82
C ALA M 157 63.24 30.75 -1.79
N ILE M 158 63.13 29.46 -1.89
CA ILE M 158 63.70 28.70 -0.85
C ILE M 158 65.18 28.92 -0.88
N SER M 159 65.75 29.05 -2.06
CA SER M 159 67.17 29.17 -2.13
C SER M 159 67.59 30.39 -1.42
N LYS M 160 67.20 31.49 -1.94
CA LYS M 160 67.47 32.80 -1.37
C LYS M 160 67.35 32.78 0.16
N LEU M 161 66.41 31.98 0.69
CA LEU M 161 66.30 31.83 2.13
C LEU M 161 67.52 31.12 2.70
N GLU M 162 68.09 30.17 1.96
CA GLU M 162 69.30 29.49 2.42
C GLU M 162 70.49 30.44 2.43
N GLU M 163 70.50 31.43 1.54
CA GLU M 163 71.61 32.38 1.48
C GLU M 163 71.63 33.27 2.73
N THR M 164 70.46 33.75 3.15
CA THR M 164 70.33 34.61 4.33
C THR M 164 70.04 33.83 5.61
N CYS M 165 70.40 32.54 5.65
CA CYS M 165 70.16 31.70 6.81
C CYS M 165 71.36 31.72 7.74
N ASP M 166 71.08 31.80 9.04
CA ASP M 166 72.10 31.79 10.09
C ASP M 166 72.15 30.42 10.76
N ASP M 167 73.38 30.00 11.07
CA ASP M 167 73.67 28.71 11.70
C ASP M 167 74.08 28.95 13.14
N ILE M 168 73.58 28.10 14.04
CA ILE M 168 73.83 28.18 15.47
C ILE M 168 74.64 26.99 15.98
N SER M 169 75.30 26.24 15.11
CA SER M 169 76.09 25.09 15.53
C SER M 169 77.44 25.47 16.11
N ALA M 170 78.00 26.62 15.73
CA ALA M 170 79.30 27.03 16.23
C ALA M 170 79.29 27.35 17.73
N SER M 171 78.15 27.77 18.27
CA SER M 171 78.06 28.09 19.69
C SER M 171 78.20 26.83 20.53
N ASN M 172 78.49 27.04 21.82
CA ASN M 172 78.69 25.94 22.74
C ASN M 172 77.34 25.40 23.21
N ASP M 173 77.37 24.40 24.09
CA ASP M 173 76.13 23.79 24.56
C ASP M 173 75.32 24.73 25.46
N GLU M 174 75.98 25.68 26.13
CA GLU M 174 75.26 26.58 27.02
C GLU M 174 74.36 27.52 26.24
N LEU M 175 74.90 28.22 25.25
CA LEU M 175 74.09 29.07 24.40
C LEU M 175 73.11 28.26 23.56
N PHE M 176 73.52 27.08 23.10
CA PHE M 176 72.63 26.21 22.35
C PHE M 176 71.47 25.71 23.21
N ARG M 177 71.68 25.61 24.53
CA ARG M 177 70.57 25.25 25.42
C ARG M 177 69.48 26.31 25.38
N ASP M 178 69.88 27.59 25.32
CA ASP M 178 68.90 28.67 25.30
C ASP M 178 68.11 28.70 23.99
N PHE M 179 68.74 28.32 22.87
CA PHE M 179 68.06 28.38 21.58
C PHE M 179 66.89 27.41 21.50
N LEU M 180 66.95 26.30 22.26
CA LEU M 180 65.82 25.37 22.29
C LEU M 180 64.59 26.01 22.92
N LEU M 181 64.80 26.89 23.90
CA LEU M 181 63.67 27.59 24.52
C LEU M 181 63.06 28.61 23.57
N ARG M 182 63.88 29.23 22.72
CA ARG M 182 63.36 30.24 21.81
C ARG M 182 62.43 29.62 20.77
N ALA M 183 62.71 28.39 20.35
CA ALA M 183 61.85 27.67 19.41
C ALA M 183 60.74 26.89 20.09
N ALA M 184 60.99 26.36 21.30
CA ALA M 184 59.94 25.62 22.00
C ALA M 184 58.82 26.55 22.45
N LYS M 185 59.17 27.79 22.82
CA LYS M 185 58.15 28.77 23.19
C LYS M 185 57.34 29.25 21.99
N THR M 186 57.88 29.14 20.77
CA THR M 186 57.15 29.57 19.59
C THR M 186 55.95 28.67 19.32
N SER M 187 56.20 27.36 19.20
CA SER M 187 55.14 26.40 18.91
C SER M 187 54.16 26.24 20.06
N LEU M 188 54.62 26.31 21.31
CA LEU M 188 53.74 26.29 22.46
C LEU M 188 52.97 27.59 22.64
N GLY M 189 53.46 28.70 22.06
CA GLY M 189 52.75 29.96 22.15
C GLY M 189 51.44 30.00 21.37
N SER M 190 51.34 29.21 20.31
CA SER M 190 50.14 29.14 19.47
C SER M 190 49.11 28.12 19.97
N LYS M 191 49.22 27.65 21.21
CA LYS M 191 48.33 26.67 21.81
C LYS M 191 47.75 27.24 23.11
N ILE M 192 46.87 26.47 23.74
CA ILE M 192 46.33 26.85 25.05
C ILE M 192 47.31 26.58 26.19
N VAL M 193 48.46 25.96 25.92
CA VAL M 193 49.44 25.67 26.97
C VAL M 193 50.26 26.91 27.34
N SER M 194 50.10 28.04 26.63
CA SER M 194 50.97 29.19 26.77
C SER M 194 50.67 30.07 27.99
N LYS M 195 49.87 29.60 28.95
CA LYS M 195 49.65 30.40 30.17
C LYS M 195 50.95 30.57 30.95
N ASP M 196 51.78 29.53 30.99
CA ASP M 196 53.16 29.59 31.48
C ASP M 196 54.04 28.97 30.41
N HIS M 197 54.50 29.78 29.46
CA HIS M 197 55.36 29.28 28.40
C HIS M 197 56.79 29.05 28.89
N ASP M 198 57.23 29.77 29.91
CA ASP M 198 58.56 29.54 30.46
C ASP M 198 58.64 28.21 31.21
N ARG M 199 57.54 27.82 31.86
CA ARG M 199 57.55 26.61 32.68
C ARG M 199 57.47 25.35 31.84
N PHE M 200 56.46 25.24 30.98
CA PHE M 200 56.24 24.03 30.21
C PHE M 200 57.23 23.86 29.05
N ALA M 201 57.89 24.93 28.62
CA ALA M 201 58.93 24.79 27.61
C ALA M 201 60.15 24.05 28.13
N GLU M 202 60.44 24.15 29.44
CA GLU M 202 61.53 23.39 30.02
C GLU M 202 61.25 21.89 29.98
N MET M 203 59.97 21.49 30.04
CA MET M 203 59.61 20.09 29.94
C MET M 203 59.97 19.53 28.56
N ALA M 204 59.70 20.30 27.51
CA ALA M 204 60.02 19.86 26.16
C ALA M 204 61.51 19.86 25.86
N VAL M 205 62.30 20.66 26.58
CA VAL M 205 63.75 20.74 26.35
C VAL M 205 64.51 19.76 27.22
N GLU M 206 64.09 19.60 28.48
CA GLU M 206 64.78 18.69 29.40
C GLU M 206 64.63 17.24 28.97
N ALA M 207 63.55 16.89 28.26
CA ALA M 207 63.37 15.52 27.78
C ALA M 207 64.38 15.15 26.70
N VAL M 208 64.79 16.11 25.87
CA VAL M 208 65.75 15.87 24.80
C VAL M 208 67.19 15.90 25.29
N ILE M 209 67.46 16.54 26.44
CA ILE M 209 68.82 16.55 26.99
C ILE M 209 69.23 15.13 27.40
N ASN M 210 68.27 14.32 27.83
CA ASN M 210 68.57 12.98 28.33
C ASN M 210 68.79 11.93 27.23
N VAL M 211 68.49 12.25 25.96
CA VAL M 211 68.64 11.33 24.83
C VAL M 211 69.73 11.75 23.87
N MET M 212 70.11 13.03 23.84
CA MET M 212 71.14 13.49 22.93
C MET M 212 72.49 12.91 23.32
N ASP M 213 73.29 12.59 22.29
CA ASP M 213 74.60 11.98 22.46
C ASP M 213 75.73 13.00 22.57
N LYS M 214 75.47 14.29 22.35
CA LYS M 214 76.43 15.40 22.41
C LYS M 214 77.45 15.38 21.25
N ASP M 215 77.31 14.49 20.27
CA ASP M 215 78.17 14.48 19.10
C ASP M 215 77.53 13.58 18.06
N ARG M 216 77.43 14.10 16.83
CA ARG M 216 76.60 13.56 15.74
C ARG M 216 75.25 13.08 16.27
N LYS M 217 74.53 14.03 16.88
CA LYS M 217 73.39 13.73 17.72
C LYS M 217 72.22 13.18 16.92
N ASP M 218 71.56 12.17 17.47
CA ASP M 218 70.31 11.61 16.96
C ASP M 218 69.26 11.66 18.06
N VAL M 219 68.01 11.92 17.67
CA VAL M 219 66.97 12.16 18.65
C VAL M 219 66.56 10.87 19.36
N ASP M 220 66.46 9.76 18.63
CA ASP M 220 65.95 8.49 19.16
C ASP M 220 64.56 8.68 19.77
N PHE M 221 63.63 9.09 18.89
CA PHE M 221 62.31 9.52 19.31
C PHE M 221 61.50 8.41 19.97
N ASP M 222 61.75 7.14 19.63
CA ASP M 222 60.96 6.04 20.17
C ASP M 222 61.13 5.87 21.67
N LEU M 223 62.27 6.28 22.24
CA LEU M 223 62.47 6.15 23.67
C LEU M 223 61.57 7.11 24.44
N ILE M 224 61.36 8.32 23.90
CA ILE M 224 60.57 9.34 24.59
C ILE M 224 59.12 8.92 24.55
N LYS M 225 58.59 8.49 25.68
CA LYS M 225 57.18 8.17 25.85
C LYS M 225 56.41 9.43 26.27
N MET M 226 55.08 9.32 26.24
CA MET M 226 54.22 10.47 26.55
C MET M 226 52.88 9.94 27.02
N GLN M 227 52.52 10.23 28.27
CA GLN M 227 51.25 9.82 28.86
C GLN M 227 50.76 10.94 29.78
N GLY M 228 49.45 11.17 29.76
CA GLY M 228 48.80 12.19 30.59
C GLY M 228 47.61 11.61 31.31
N ARG M 229 47.46 11.99 32.58
CA ARG M 229 46.38 11.55 33.44
C ARG M 229 45.36 12.67 33.59
N VAL M 230 44.08 12.32 33.48
CA VAL M 230 43.01 13.28 33.70
C VAL M 230 42.81 13.47 35.20
N GLY M 231 43.18 14.64 35.69
CA GLY M 231 43.08 14.93 37.11
C GLY M 231 43.89 16.16 37.48
N GLY M 232 43.43 16.87 38.50
CA GLY M 232 44.13 18.04 38.99
C GLY M 232 44.08 19.18 37.99
N SER M 233 45.12 20.01 38.03
CA SER M 233 45.29 21.17 37.16
C SER M 233 46.56 21.01 36.34
N ILE M 234 46.67 21.85 35.30
CA ILE M 234 47.84 21.80 34.42
C ILE M 234 49.09 22.36 35.08
N SER M 235 48.95 23.22 36.08
CA SER M 235 50.11 23.78 36.76
C SER M 235 50.87 22.75 37.59
N ASP M 236 50.22 21.67 38.01
CA ASP M 236 50.86 20.61 38.78
C ASP M 236 51.67 19.64 37.93
N SER M 237 51.76 19.85 36.61
CA SER M 237 52.52 18.96 35.75
C SER M 237 54.00 19.17 36.00
N LYS M 238 54.73 18.08 36.30
CA LYS M 238 56.15 18.10 36.54
C LYS M 238 56.82 16.95 35.79
N LEU M 239 57.98 17.23 35.21
CA LEU M 239 58.71 16.25 34.42
C LEU M 239 59.37 15.24 35.34
N ILE M 240 59.32 13.97 34.94
CA ILE M 240 59.93 12.86 35.67
C ILE M 240 60.84 12.08 34.73
N ASN M 241 61.65 11.21 35.34
CA ASN M 241 62.59 10.33 34.63
C ASN M 241 62.28 8.90 35.03
N GLY M 242 61.49 8.21 34.20
CA GLY M 242 61.12 6.84 34.49
C GLY M 242 60.01 6.39 33.55
N VAL M 243 59.12 5.55 34.10
CA VAL M 243 58.00 4.97 33.36
C VAL M 243 56.75 5.12 34.23
N ILE M 244 55.65 5.55 33.60
CA ILE M 244 54.37 5.71 34.28
C ILE M 244 53.55 4.45 34.04
N LEU M 245 53.10 3.82 35.13
CA LEU M 245 52.26 2.64 35.10
C LEU M 245 50.86 3.00 35.58
N ASP M 246 49.86 2.35 34.98
CA ASP M 246 48.45 2.56 35.27
C ASP M 246 47.81 1.38 35.99
N LYS M 247 48.52 0.75 36.92
CA LYS M 247 48.07 -0.48 37.56
C LYS M 247 48.63 -0.56 38.97
N ASP M 248 48.01 -1.43 39.77
CA ASP M 248 48.28 -1.54 41.20
C ASP M 248 49.20 -2.73 41.49
N PHE M 249 49.50 -2.90 42.77
CA PHE M 249 50.34 -4.00 43.24
C PHE M 249 49.53 -5.30 43.30
N SER M 250 50.25 -6.41 43.49
CA SER M 250 49.59 -7.71 43.55
C SER M 250 48.72 -7.87 44.80
N HIS M 251 49.04 -7.16 45.88
CA HIS M 251 48.32 -7.20 47.14
C HIS M 251 48.34 -5.80 47.75
N PRO M 252 47.25 -5.30 48.33
CA PRO M 252 47.26 -3.92 48.82
C PRO M 252 47.97 -3.73 50.16
N GLN M 253 48.28 -4.81 50.89
CA GLN M 253 49.00 -4.69 52.14
C GLN M 253 50.49 -4.38 51.97
N MET M 254 51.01 -4.43 50.74
CA MET M 254 52.42 -4.13 50.52
C MET M 254 52.67 -2.64 50.78
N PRO M 255 53.91 -2.25 51.09
CA PRO M 255 54.16 -0.82 51.33
C PRO M 255 54.12 -0.02 50.04
N LYS M 256 53.61 1.22 50.16
CA LYS M 256 53.50 2.09 48.99
C LYS M 256 54.86 2.54 48.50
N CYS M 257 55.61 3.23 49.36
CA CYS M 257 56.92 3.78 49.03
C CYS M 257 58.00 2.81 49.48
N VAL M 258 58.89 2.45 48.55
CA VAL M 258 59.96 1.48 48.77
C VAL M 258 61.28 2.20 48.54
N LEU M 259 62.10 2.30 49.59
CA LEU M 259 63.41 2.94 49.58
C LEU M 259 64.50 1.88 49.59
N PRO M 260 65.73 2.21 49.21
CA PRO M 260 66.83 1.26 49.38
C PRO M 260 67.38 1.27 50.79
N LYS M 261 68.20 0.25 51.07
CA LYS M 261 68.87 0.09 52.36
C LYS M 261 70.36 0.35 52.15
N GLU M 262 71.15 0.11 53.20
CA GLU M 262 72.50 0.68 53.49
C GLU M 262 73.40 0.72 52.25
N GLY M 263 73.50 -0.36 51.48
CA GLY M 263 74.29 -0.39 50.26
C GLY M 263 73.48 -0.85 49.06
N SER M 264 74.04 -0.63 47.87
CA SER M 264 73.39 -0.98 46.61
C SER M 264 72.05 -0.25 46.46
N ASP M 265 72.16 1.08 46.33
CA ASP M 265 71.01 1.98 46.25
C ASP M 265 70.04 1.62 45.13
N GLY M 266 70.50 0.99 44.05
CA GLY M 266 69.57 0.45 43.09
C GLY M 266 68.75 -0.68 43.69
N VAL M 267 67.44 -0.66 43.42
CA VAL M 267 66.52 -1.62 44.01
C VAL M 267 66.60 -3.02 43.36
N LYS M 268 67.40 -3.20 42.31
CA LYS M 268 67.57 -4.48 41.64
C LYS M 268 66.24 -4.98 41.07
N LEU M 269 65.66 -4.18 40.19
CA LEU M 269 64.39 -4.52 39.57
C LEU M 269 64.58 -5.69 38.60
N ALA M 270 63.94 -6.81 38.93
CA ALA M 270 63.94 -8.00 38.07
C ALA M 270 62.68 -7.98 37.22
N ILE M 271 62.86 -8.08 35.90
CA ILE M 271 61.76 -8.06 34.94
C ILE M 271 61.65 -9.49 34.38
N LEU M 272 60.42 -9.95 34.19
CA LEU M 272 60.13 -11.32 33.82
C LEU M 272 59.07 -11.36 32.74
N THR M 273 59.22 -12.31 31.82
CA THR M 273 58.22 -12.59 30.79
C THR M 273 57.23 -13.67 31.21
N CYS M 274 57.71 -14.74 31.84
CA CYS M 274 56.87 -15.85 32.29
C CYS M 274 56.38 -15.57 33.71
N PRO M 275 55.10 -15.74 34.04
CA PRO M 275 54.63 -15.34 35.36
C PRO M 275 54.86 -16.44 36.39
N PHE M 276 54.49 -16.15 37.64
CA PHE M 276 54.50 -17.15 38.69
C PHE M 276 53.35 -18.13 38.48
N GLU M 277 53.64 -19.27 37.89
CA GLU M 277 52.64 -20.29 37.56
C GLU M 277 53.31 -21.66 37.62
N PRO M 278 52.53 -22.74 37.55
CA PRO M 278 53.16 -24.06 37.42
C PRO M 278 53.80 -24.21 36.05
N PRO M 279 54.97 -24.83 35.92
CA PRO M 279 55.51 -25.09 34.57
C PRO M 279 54.70 -26.16 33.86
N LYS M 280 54.44 -25.94 32.58
CA LYS M 280 53.79 -26.93 31.72
C LYS M 280 54.15 -26.63 30.27
N PRO M 281 54.07 -27.63 29.37
CA PRO M 281 54.38 -27.35 27.96
C PRO M 281 53.20 -26.75 27.24
N LYS M 282 53.49 -26.20 26.05
CA LYS M 282 52.45 -25.59 25.24
C LYS M 282 51.51 -26.62 24.62
N THR M 283 52.07 -27.71 24.11
CA THR M 283 51.28 -28.74 23.45
C THR M 283 50.27 -29.43 24.35
N LYS M 284 49.21 -29.96 23.74
CA LYS M 284 48.22 -30.68 24.52
C LYS M 284 48.85 -31.91 25.17
N HIS M 285 48.51 -32.14 26.43
CA HIS M 285 49.12 -33.20 27.20
C HIS M 285 48.21 -33.59 28.36
N LYS M 286 48.25 -34.88 28.70
CA LYS M 286 47.55 -35.44 29.85
C LYS M 286 48.54 -36.20 30.71
N LEU M 287 48.67 -35.76 31.97
CA LEU M 287 49.60 -36.36 32.91
C LEU M 287 48.91 -37.55 33.59
N ASP M 288 49.38 -38.75 33.28
CA ASP M 288 48.78 -39.97 33.82
C ASP M 288 49.12 -40.09 35.30
N ILE M 289 48.08 -40.05 36.14
CA ILE M 289 48.21 -40.12 37.59
C ILE M 289 47.83 -41.52 38.03
N SER M 290 48.77 -42.20 38.67
CA SER M 290 48.63 -43.60 39.06
C SER M 290 47.86 -43.67 40.39
N SER M 291 48.09 -44.72 41.16
CA SER M 291 47.54 -44.92 42.50
C SER M 291 48.08 -43.85 43.47
N VAL M 292 47.68 -43.96 44.75
CA VAL M 292 47.85 -42.92 45.77
C VAL M 292 49.32 -42.50 45.94
N GLU M 293 50.27 -43.39 45.64
CA GLU M 293 51.69 -43.06 45.74
C GLU M 293 52.07 -41.89 44.84
N GLU M 294 51.58 -41.90 43.59
CA GLU M 294 51.87 -40.78 42.69
C GLU M 294 51.05 -39.55 43.05
N TYR M 295 49.86 -39.73 43.62
CA TYR M 295 49.03 -38.59 43.99
C TYR M 295 49.66 -37.77 45.12
N GLN M 296 50.22 -38.45 46.12
CA GLN M 296 50.92 -37.77 47.20
C GLN M 296 52.27 -37.21 46.75
N LYS M 297 52.89 -37.82 45.74
CA LYS M 297 54.19 -37.35 45.26
C LYS M 297 54.08 -36.00 44.56
N LEU M 298 53.03 -35.80 43.76
CA LEU M 298 52.88 -34.54 43.03
C LEU M 298 52.55 -33.38 43.95
N GLN M 299 51.99 -33.64 45.13
CA GLN M 299 51.78 -32.56 46.10
C GLN M 299 53.11 -32.01 46.59
N THR M 300 54.09 -32.89 46.79
CA THR M 300 55.43 -32.45 47.16
C THR M 300 56.16 -31.80 45.99
N TYR M 301 55.78 -32.13 44.76
CA TYR M 301 56.45 -31.57 43.59
C TYR M 301 56.23 -30.07 43.49
N GLU M 302 54.96 -29.64 43.54
CA GLU M 302 54.65 -28.22 43.44
C GLU M 302 55.00 -27.46 44.72
N GLN M 303 54.89 -28.12 45.87
CA GLN M 303 55.28 -27.47 47.13
C GLN M 303 56.78 -27.24 47.21
N ASP M 304 57.59 -28.16 46.66
CA ASP M 304 59.02 -27.92 46.53
C ASP M 304 59.35 -26.96 45.40
N LYS M 305 58.45 -26.83 44.41
CA LYS M 305 58.68 -25.88 43.33
C LYS M 305 58.63 -24.45 43.84
N PHE M 306 57.61 -24.12 44.65
CA PHE M 306 57.52 -22.78 45.23
C PHE M 306 58.68 -22.50 46.19
N LYS M 307 59.13 -23.51 46.94
CA LYS M 307 60.30 -23.34 47.78
C LYS M 307 61.55 -23.13 46.93
N GLU M 308 61.67 -23.86 45.81
CA GLU M 308 62.74 -23.59 44.86
C GLU M 308 62.55 -22.23 44.19
N MET M 309 61.29 -21.81 44.01
CA MET M 309 61.02 -20.52 43.37
C MET M 309 61.46 -19.36 44.24
N ILE M 310 61.06 -19.36 45.51
CA ILE M 310 61.38 -18.24 46.39
C ILE M 310 62.88 -18.21 46.72
N ASP M 311 63.54 -19.38 46.77
CA ASP M 311 64.98 -19.38 46.99
C ASP M 311 65.73 -18.84 45.78
N ASP M 312 65.20 -19.03 44.58
CA ASP M 312 65.86 -18.51 43.39
C ASP M 312 65.80 -16.99 43.34
N VAL M 313 64.69 -16.40 43.76
CA VAL M 313 64.55 -14.95 43.73
C VAL M 313 65.40 -14.32 44.84
N LYS M 314 65.37 -14.91 46.04
CA LYS M 314 66.20 -14.40 47.12
C LYS M 314 67.68 -14.59 46.86
N LYS M 315 68.05 -15.63 46.11
CA LYS M 315 69.45 -15.79 45.71
C LYS M 315 69.89 -14.67 44.78
N ALA M 316 69.01 -14.25 43.88
CA ALA M 316 69.29 -13.11 43.01
C ALA M 316 69.27 -11.78 43.77
N GLY M 317 68.54 -11.71 44.88
CA GLY M 317 68.52 -10.49 45.67
C GLY M 317 67.61 -9.41 45.14
N ALA M 318 66.58 -9.77 44.38
CA ALA M 318 65.66 -8.78 43.85
C ALA M 318 64.73 -8.27 44.96
N ASP M 319 64.28 -7.03 44.79
CA ASP M 319 63.37 -6.35 45.70
C ASP M 319 62.01 -6.06 45.09
N VAL M 320 61.95 -5.93 43.75
CA VAL M 320 60.69 -5.74 43.02
C VAL M 320 60.73 -6.67 41.81
N VAL M 321 59.65 -7.43 41.63
CA VAL M 321 59.48 -8.35 40.51
C VAL M 321 58.19 -8.00 39.79
N ILE M 322 58.27 -7.91 38.46
CA ILE M 322 57.12 -7.63 37.61
C ILE M 322 57.07 -8.67 36.50
N CYS M 323 55.85 -9.19 36.26
CA CYS M 323 55.59 -10.16 35.20
C CYS M 323 54.43 -9.63 34.37
N GLN M 324 54.35 -10.10 33.13
CA GLN M 324 53.32 -9.63 32.20
C GLN M 324 52.01 -10.27 32.54
N TRP M 325 52.05 -11.34 33.32
CA TRP M 325 50.84 -12.08 33.62
C TRP M 325 50.71 -12.27 35.12
N GLY M 326 49.49 -12.46 35.59
CA GLY M 326 49.26 -12.60 37.02
C GLY M 326 49.84 -13.79 37.72
N PHE M 327 50.32 -13.57 38.94
CA PHE M 327 50.87 -14.67 39.72
C PHE M 327 49.73 -15.47 40.31
N ASP M 328 49.99 -16.70 40.69
CA ASP M 328 48.97 -17.49 41.37
C ASP M 328 48.67 -16.87 42.71
N ASP M 329 47.56 -17.27 43.33
CA ASP M 329 47.24 -16.78 44.64
C ASP M 329 48.27 -17.13 45.65
N GLU M 330 48.37 -18.39 45.98
CA GLU M 330 49.45 -18.82 46.87
C GLU M 330 50.73 -18.05 46.59
N ALA M 331 51.01 -17.75 45.32
CA ALA M 331 52.22 -17.02 44.96
C ALA M 331 52.18 -15.57 45.39
N ASN M 332 51.00 -14.95 45.46
CA ASN M 332 50.91 -13.56 45.88
C ASN M 332 51.28 -13.41 47.36
N HIS M 333 50.92 -14.39 48.18
CA HIS M 333 51.26 -14.37 49.60
C HIS M 333 52.71 -14.73 49.85
N LEU M 334 53.26 -15.67 49.09
CA LEU M 334 54.64 -16.11 49.31
C LEU M 334 55.64 -15.00 49.06
N LEU M 335 55.33 -14.08 48.15
CA LEU M 335 56.18 -12.90 47.94
C LEU M 335 56.02 -11.89 49.07
N LEU M 336 54.81 -11.77 49.62
CA LEU M 336 54.56 -10.79 50.69
C LEU M 336 55.27 -11.13 51.99
N GLN M 337 55.66 -12.38 52.21
CA GLN M 337 56.30 -12.75 53.47
C GLN M 337 57.72 -12.18 53.59
N ASN M 338 58.50 -12.26 52.52
CA ASN M 338 59.92 -11.93 52.56
C ASN M 338 60.20 -10.45 52.27
N ASP M 339 59.18 -9.58 52.37
CA ASP M 339 59.30 -8.16 52.01
C ASP M 339 59.76 -8.00 50.56
N LEU M 340 58.95 -8.55 49.66
CA LEU M 340 59.27 -8.63 48.23
C LEU M 340 58.01 -8.25 47.46
N PRO M 341 57.72 -6.95 47.32
CA PRO M 341 56.53 -6.54 46.56
C PRO M 341 56.60 -6.93 45.09
N ALA M 342 55.44 -6.85 44.43
CA ALA M 342 55.34 -7.25 43.03
C ALA M 342 54.15 -6.54 42.40
N VAL M 343 54.33 -6.27 41.09
CA VAL M 343 53.31 -5.64 40.29
C VAL M 343 53.03 -6.76 39.35
N ARG M 344 51.84 -6.87 38.78
CA ARG M 344 51.45 -7.98 37.95
C ARG M 344 50.78 -7.42 36.75
N TRP M 345 50.66 -8.18 35.70
CA TRP M 345 50.00 -7.76 34.51
C TRP M 345 50.50 -6.54 33.82
N VAL M 346 51.80 -6.36 33.74
CA VAL M 346 52.37 -5.23 33.03
C VAL M 346 52.37 -5.50 31.56
N GLY M 347 51.69 -4.68 30.79
CA GLY M 347 51.56 -4.82 29.35
C GLY M 347 52.87 -5.25 28.71
N GLY M 348 52.73 -5.99 27.61
CA GLY M 348 53.90 -6.47 26.89
C GLY M 348 54.68 -5.35 26.23
N GLN M 349 53.99 -4.37 25.64
CA GLN M 349 54.67 -3.22 25.07
C GLN M 349 55.27 -2.33 26.15
N GLU M 350 54.61 -2.24 27.31
CA GLU M 350 55.11 -1.45 28.43
C GLU M 350 56.28 -2.12 29.15
N LEU M 351 56.41 -3.44 29.04
CA LEU M 351 57.47 -4.14 29.78
C LEU M 351 58.84 -3.83 29.21
N GLU M 352 58.95 -3.63 27.90
CA GLU M 352 60.25 -3.39 27.27
C GLU M 352 60.82 -2.03 27.65
N HIS M 353 59.96 -1.02 27.85
CA HIS M 353 60.44 0.31 28.16
C HIS M 353 61.02 0.41 29.57
N ILE M 354 60.63 -0.47 30.48
CA ILE M 354 61.12 -0.39 31.85
C ILE M 354 62.59 -0.81 31.91
N ALA M 355 62.98 -1.81 31.12
CA ALA M 355 64.35 -2.30 31.15
C ALA M 355 65.35 -1.29 30.61
N ILE M 356 64.94 -0.43 29.69
CA ILE M 356 65.88 0.48 29.05
C ILE M 356 66.29 1.59 30.02
N SER M 357 65.31 2.14 30.74
CA SER M 357 65.61 3.21 31.69
C SER M 357 66.43 2.70 32.86
N THR M 358 66.15 1.49 33.34
CA THR M 358 66.84 0.91 34.48
C THR M 358 68.20 0.30 34.11
N ASN M 359 68.63 0.38 32.85
CA ASN M 359 69.92 -0.16 32.40
C ASN M 359 70.01 -1.66 32.64
N GLY M 360 68.91 -2.37 32.39
CA GLY M 360 68.82 -3.79 32.57
C GLY M 360 68.44 -4.49 31.26
N ARG M 361 68.26 -5.80 31.39
CA ARG M 361 67.86 -6.65 30.27
C ARG M 361 66.98 -7.77 30.79
N ILE M 362 65.98 -8.15 30.01
CA ILE M 362 64.96 -9.10 30.45
C ILE M 362 65.51 -10.50 30.31
N VAL M 363 65.35 -11.31 31.36
CA VAL M 363 65.80 -12.70 31.35
C VAL M 363 64.78 -13.53 30.57
N PRO M 364 65.18 -14.57 29.78
CA PRO M 364 64.15 -15.42 29.16
C PRO M 364 63.46 -16.33 30.17
N ARG M 365 64.24 -16.92 31.06
CA ARG M 365 63.75 -17.89 32.05
C ARG M 365 64.33 -17.57 33.43
N PHE M 366 63.92 -18.34 34.44
CA PHE M 366 64.35 -18.11 35.81
C PHE M 366 65.68 -18.76 36.15
N GLN M 367 66.10 -19.79 35.41
CA GLN M 367 67.39 -20.41 35.66
C GLN M 367 68.57 -19.51 35.29
N ASP M 368 68.39 -18.60 34.34
CA ASP M 368 69.44 -17.67 33.93
C ASP M 368 69.47 -16.40 34.76
N LEU M 369 68.64 -16.29 35.80
CA LEU M 369 68.59 -15.07 36.61
C LEU M 369 69.88 -14.94 37.41
N SER M 370 70.50 -13.76 37.35
CA SER M 370 71.75 -13.48 38.03
C SER M 370 71.77 -12.01 38.44
N LYS M 371 72.89 -11.59 39.01
CA LYS M 371 73.00 -10.22 39.53
C LYS M 371 73.17 -9.19 38.43
N ASP M 372 73.86 -9.55 37.35
CA ASP M 372 74.18 -8.58 36.30
C ASP M 372 72.95 -8.08 35.55
N LYS M 373 71.92 -8.90 35.41
CA LYS M 373 70.75 -8.57 34.61
C LYS M 373 69.63 -7.89 35.42
N LEU M 374 69.88 -7.52 36.68
CA LEU M 374 68.88 -6.84 37.49
C LEU M 374 68.92 -5.34 37.23
N GLY M 375 67.86 -4.66 37.68
CA GLY M 375 67.68 -3.26 37.39
C GLY M 375 68.35 -2.35 38.40
N THR M 376 67.94 -1.08 38.36
CA THR M 376 68.48 -0.04 39.24
C THR M 376 67.50 1.13 39.22
N CYS M 377 67.01 1.50 40.40
CA CYS M 377 66.07 2.61 40.54
C CYS M 377 66.35 3.36 41.83
N SER M 378 66.07 4.67 41.81
CA SER M 378 66.30 5.51 42.97
C SER M 378 65.20 5.31 44.02
N ARG M 379 63.95 5.49 43.63
CA ARG M 379 62.82 5.35 44.54
C ARG M 379 61.54 5.20 43.75
N ILE M 380 60.56 4.52 44.35
CA ILE M 380 59.24 4.32 43.77
C ILE M 380 58.20 4.60 44.84
N TYR M 381 57.01 5.01 44.40
CA TYR M 381 55.91 5.29 45.31
C TYR M 381 54.59 5.13 44.58
N GLU M 382 53.57 4.71 45.33
CA GLU M 382 52.23 4.49 44.81
C GLU M 382 51.42 5.77 45.06
N GLN M 383 51.15 6.51 43.99
CA GLN M 383 50.50 7.81 44.07
C GLN M 383 48.99 7.65 43.99
N GLU M 384 48.28 8.22 44.95
CA GLU M 384 46.83 8.27 44.97
C GLU M 384 46.34 9.53 44.26
N PHE M 385 45.14 9.43 43.67
CA PHE M 385 44.52 10.52 42.92
C PHE M 385 43.06 10.64 43.40
N GLY M 386 42.87 11.38 44.49
CA GLY M 386 41.52 11.64 44.97
C GLY M 386 40.85 10.39 45.49
N THR M 387 39.53 10.34 45.32
CA THR M 387 38.70 9.23 45.80
C THR M 387 38.58 8.09 44.79
N THR M 388 39.30 8.13 43.67
CA THR M 388 39.17 7.10 42.66
C THR M 388 39.91 5.83 43.10
N LYS M 389 39.40 4.69 42.63
CA LYS M 389 39.94 3.37 42.98
C LYS M 389 40.90 2.89 41.90
N ASP M 390 41.99 3.64 41.76
CA ASP M 390 43.06 3.32 40.83
C ASP M 390 44.40 3.67 41.47
N ARG M 391 45.46 3.04 40.98
CA ARG M 391 46.80 3.17 41.51
C ARG M 391 47.78 3.35 40.35
N MET M 392 48.71 4.29 40.51
CA MET M 392 49.75 4.57 39.52
C MET M 392 51.11 4.61 40.20
N LEU M 393 52.07 3.87 39.64
CA LEU M 393 53.46 3.92 40.08
C LEU M 393 54.20 4.98 39.29
N ILE M 394 55.16 5.62 39.95
CA ILE M 394 55.96 6.70 39.39
C ILE M 394 57.42 6.40 39.71
N ILE M 395 58.14 5.88 38.73
CA ILE M 395 59.56 5.57 38.87
C ILE M 395 60.34 6.86 38.62
N GLU M 396 61.34 7.12 39.46
CA GLU M 396 62.19 8.28 39.37
C GLU M 396 63.65 7.86 39.45
N GLN M 397 64.50 8.65 38.79
CA GLN M 397 65.93 8.39 38.68
C GLN M 397 66.70 9.64 39.04
N SER M 398 67.69 9.48 39.91
CA SER M 398 68.49 10.62 40.37
C SER M 398 69.50 11.08 39.34
N LYS M 399 69.99 10.19 38.50
CA LYS M 399 71.01 10.46 37.49
C LYS M 399 70.38 10.44 36.11
N GLU M 400 71.15 10.89 35.11
CA GLU M 400 70.68 10.94 33.73
C GLU M 400 70.61 9.53 33.17
N THR M 401 69.41 9.09 32.81
CA THR M 401 69.14 7.78 32.23
C THR M 401 68.84 7.93 30.74
N LYS M 402 68.49 6.81 30.10
CA LYS M 402 68.29 6.81 28.65
C LYS M 402 66.97 7.46 28.26
N THR M 403 65.86 6.94 28.77
CA THR M 403 64.53 7.34 28.32
C THR M 403 63.99 8.47 29.20
N VAL M 404 62.76 8.88 28.90
CA VAL M 404 62.05 9.88 29.67
C VAL M 404 60.59 9.80 29.27
N THR M 405 59.71 10.06 30.25
CA THR M 405 58.26 9.93 30.09
C THR M 405 57.60 11.19 30.60
N CYS M 406 56.74 11.78 29.77
CA CYS M 406 56.02 12.98 30.15
C CYS M 406 54.93 12.66 31.16
N PHE M 407 54.59 13.65 31.98
CA PHE M 407 53.58 13.52 33.03
C PHE M 407 52.68 14.75 32.94
N VAL M 408 51.64 14.65 32.12
CA VAL M 408 50.75 15.77 31.79
C VAL M 408 49.47 15.62 32.62
N ARG M 409 48.94 16.76 33.08
CA ARG M 409 47.72 16.82 33.86
C ARG M 409 46.82 17.92 33.31
N GLY M 410 45.59 17.94 33.80
CA GLY M 410 44.62 18.92 33.34
C GLY M 410 43.27 18.66 33.96
N SER M 411 42.42 19.68 33.88
CA SER M 411 41.09 19.66 34.49
C SER M 411 40.00 19.13 33.56
N ASN M 412 40.37 18.51 32.44
CA ASN M 412 39.42 17.91 31.51
C ASN M 412 40.10 16.74 30.81
N LYS M 413 39.31 15.93 30.11
CA LYS M 413 39.87 14.87 29.30
C LYS M 413 40.46 15.44 28.01
N MET M 414 39.78 16.40 27.39
CA MET M 414 40.24 16.96 26.12
C MET M 414 41.42 17.91 26.34
N ILE M 415 41.46 18.63 27.46
CA ILE M 415 42.57 19.54 27.72
C ILE M 415 43.87 18.78 27.96
N VAL M 416 43.80 17.56 28.49
CA VAL M 416 45.00 16.72 28.58
C VAL M 416 45.40 16.25 27.19
N ASP M 417 44.42 15.85 26.38
CA ASP M 417 44.71 15.50 25.00
C ASP M 417 45.24 16.70 24.21
N GLU M 418 44.75 17.89 24.50
CA GLU M 418 45.29 19.10 23.86
C GLU M 418 46.70 19.39 24.36
N ALA M 419 46.94 19.19 25.66
CA ALA M 419 48.29 19.39 26.19
C ALA M 419 49.25 18.32 25.68
N GLU M 420 48.75 17.09 25.49
CA GLU M 420 49.59 16.04 24.91
C GLU M 420 49.94 16.35 23.47
N ARG M 421 48.97 16.87 22.71
CA ARG M 421 49.22 17.19 21.30
C ARG M 421 50.05 18.46 21.17
N ALA M 422 49.81 19.44 22.05
CA ALA M 422 50.63 20.65 22.03
C ALA M 422 52.07 20.34 22.43
N LEU M 423 52.25 19.47 23.43
CA LEU M 423 53.60 19.03 23.79
C LEU M 423 54.20 18.14 22.72
N HIS M 424 53.37 17.35 22.03
CA HIS M 424 53.88 16.50 20.96
C HIS M 424 54.36 17.34 19.78
N ASP M 425 53.63 18.40 19.45
CA ASP M 425 54.07 19.31 18.39
C ASP M 425 55.37 20.02 18.76
N SER M 426 55.49 20.47 20.00
CA SER M 426 56.73 21.07 20.45
C SER M 426 57.85 20.05 20.53
N LEU M 427 57.52 18.80 20.84
CA LEU M 427 58.54 17.75 20.88
C LEU M 427 59.08 17.44 19.49
N CYS M 428 58.23 17.56 18.47
CA CYS M 428 58.67 17.37 17.09
C CYS M 428 59.35 18.60 16.51
N VAL M 429 59.05 19.79 17.03
CA VAL M 429 59.71 21.00 16.55
C VAL M 429 61.17 21.03 17.03
N VAL M 430 61.39 20.74 18.30
CA VAL M 430 62.74 20.63 18.82
C VAL M 430 63.47 19.42 18.25
N ARG M 431 62.74 18.39 17.80
CA ARG M 431 63.38 17.25 17.15
C ARG M 431 64.09 17.66 15.87
N ASN M 432 63.53 18.62 15.14
CA ASN M 432 64.18 19.11 13.92
C ASN M 432 65.45 19.87 14.24
N LEU M 433 65.51 20.55 15.40
CA LEU M 433 66.70 21.30 15.76
C LEU M 433 67.89 20.38 16.02
N VAL M 434 67.65 19.17 16.50
CA VAL M 434 68.74 18.25 16.80
C VAL M 434 69.38 17.75 15.51
N LYS M 435 68.57 17.26 14.58
CA LYS M 435 69.08 16.75 13.31
C LYS M 435 69.53 17.83 12.35
N ASP M 436 69.05 19.07 12.52
CA ASP M 436 69.41 20.17 11.64
C ASP M 436 69.43 21.45 12.48
N SER M 437 70.62 22.00 12.70
CA SER M 437 70.79 23.19 13.51
C SER M 437 70.51 24.48 12.74
N ARG M 438 70.47 24.44 11.41
CA ARG M 438 70.20 25.64 10.63
C ARG M 438 68.73 26.02 10.78
N VAL M 439 68.48 27.15 11.42
CA VAL M 439 67.13 27.62 11.76
C VAL M 439 66.83 28.89 10.96
N VAL M 440 65.57 29.31 11.01
CA VAL M 440 65.11 30.53 10.38
C VAL M 440 64.30 31.33 11.39
N TYR M 441 63.75 32.45 10.92
CA TYR M 441 62.92 33.35 11.72
C TYR M 441 61.65 33.64 10.93
N GLY M 442 60.57 32.94 11.26
CA GLY M 442 59.31 33.08 10.55
C GLY M 442 58.45 34.23 11.05
N GLY M 443 57.14 34.04 11.04
CA GLY M 443 56.23 35.08 11.49
C GLY M 443 56.10 36.23 10.51
N GLY M 444 56.08 35.94 9.21
CA GLY M 444 55.95 36.95 8.18
C GLY M 444 57.27 37.50 7.66
N ALA M 445 58.27 37.23 8.49
CA ALA M 445 59.57 37.71 8.17
C ALA M 445 60.00 36.86 7.08
N ALA M 446 59.88 35.57 7.30
CA ALA M 446 60.38 34.72 6.30
C ALA M 446 59.59 34.98 5.07
N GLU M 447 58.31 35.10 5.23
CA GLU M 447 57.48 35.28 4.09
C GLU M 447 57.76 36.59 3.44
N VAL M 448 57.96 37.66 4.17
CA VAL M 448 58.19 38.90 3.50
C VAL M 448 59.49 38.88 2.72
N THR M 449 60.48 38.19 3.26
CA THR M 449 61.73 38.12 2.59
C THR M 449 61.58 37.42 1.31
N MET M 450 60.89 36.32 1.43
CA MET M 450 60.80 35.54 0.28
C MET M 450 60.10 36.35 -0.73
N SER M 451 59.14 37.12 -0.30
CA SER M 451 58.38 37.86 -1.23
C SER M 451 59.10 38.91 -1.96
N LEU M 452 59.92 39.66 -1.27
CA LEU M 452 60.58 40.63 -2.09
C LEU M 452 61.56 39.98 -3.03
N ALA M 453 62.09 38.86 -2.59
CA ALA M 453 62.96 38.22 -3.51
C ALA M 453 62.24 37.86 -4.76
N VAL M 454 61.08 37.28 -4.59
CA VAL M 454 60.42 36.91 -5.78
C VAL M 454 60.06 38.07 -6.59
N SER M 455 59.63 39.17 -6.04
CA SER M 455 59.30 40.26 -6.89
C SER M 455 60.46 40.80 -7.70
N GLU M 456 61.62 40.91 -7.10
CA GLU M 456 62.73 41.34 -7.94
C GLU M 456 63.02 40.37 -9.09
N GLU M 457 62.95 39.10 -8.72
CA GLU M 457 63.25 38.19 -9.77
C GLU M 457 62.22 38.23 -10.83
N ALA M 458 61.01 38.52 -10.46
CA ALA M 458 59.92 38.58 -11.39
C ALA M 458 60.14 39.68 -12.33
N ASP M 459 60.60 40.80 -11.82
CA ASP M 459 60.92 41.83 -12.78
C ASP M 459 62.01 41.40 -13.77
N LYS M 460 63.02 40.66 -13.33
CA LYS M 460 64.05 40.18 -14.25
C LYS M 460 63.51 39.11 -15.20
N GLN M 461 62.20 38.85 -15.16
CA GLN M 461 61.59 37.84 -16.03
C GLN M 461 60.48 38.44 -16.88
N ARG M 462 60.49 38.15 -18.18
CA ARG M 462 59.48 38.73 -19.08
C ARG M 462 58.62 37.69 -19.78
N GLY M 463 57.31 37.91 -19.82
CA GLY M 463 56.42 36.99 -20.52
C GLY M 463 55.45 36.28 -19.60
N ILE M 464 54.89 35.16 -20.05
CA ILE M 464 53.87 34.48 -19.25
C ILE M 464 54.46 34.14 -17.89
N ASP M 465 55.77 33.97 -17.84
CA ASP M 465 56.44 33.64 -16.60
C ASP M 465 56.37 34.73 -15.53
N GLN M 466 56.49 36.00 -15.92
CA GLN M 466 56.50 37.06 -14.91
C GLN M 466 55.21 37.09 -14.14
N TYR M 467 54.07 36.97 -14.81
CA TYR M 467 52.83 37.00 -14.17
C TYR M 467 52.81 35.88 -13.21
N ALA M 468 53.30 34.75 -13.59
CA ALA M 468 53.35 33.68 -12.63
C ALA M 468 54.10 34.03 -11.39
N PHE M 469 55.39 34.13 -11.45
CA PHE M 469 56.25 34.63 -10.37
C PHE M 469 55.50 35.63 -9.49
N ARG M 470 54.73 36.53 -10.11
CA ARG M 470 53.92 37.46 -9.34
C ARG M 470 52.82 36.77 -8.55
N GLY M 471 52.22 35.72 -9.12
CA GLY M 471 51.24 34.96 -8.36
C GLY M 471 51.86 34.22 -7.19
N PHE M 472 53.08 33.71 -7.37
CA PHE M 472 53.80 33.08 -6.27
C PHE M 472 54.19 34.10 -5.22
N ALA M 473 54.49 35.34 -5.64
CA ALA M 473 54.83 36.39 -4.68
C ALA M 473 53.61 36.78 -3.85
N GLN M 474 52.49 37.06 -4.51
CA GLN M 474 51.27 37.41 -3.79
C GLN M 474 50.71 36.25 -2.97
N ALA M 475 51.00 35.01 -3.37
CA ALA M 475 50.55 33.86 -2.58
C ALA M 475 51.29 33.75 -1.26
N LEU M 476 52.59 34.07 -1.25
CA LEU M 476 53.34 34.10 0.00
C LEU M 476 52.89 35.21 0.93
N ASP M 477 52.37 36.31 0.38
CA ASP M 477 51.94 37.44 1.21
C ASP M 477 50.65 37.16 1.98
N THR M 478 49.90 36.12 1.63
CA THR M 478 48.66 35.82 2.33
C THR M 478 48.91 35.36 3.76
N ILE M 479 50.07 34.75 4.03
CA ILE M 479 50.37 34.28 5.38
C ILE M 479 50.55 35.44 6.34
N PRO M 480 51.45 36.41 6.11
CA PRO M 480 51.54 37.55 7.06
C PRO M 480 50.30 38.44 7.05
N MET M 481 49.55 38.49 5.95
CA MET M 481 48.28 39.21 5.96
C MET M 481 47.24 38.48 6.80
N THR M 482 47.31 37.14 6.84
CA THR M 482 46.43 36.39 7.73
C THR M 482 46.79 36.64 9.19
N LEU M 483 48.09 36.72 9.49
CA LEU M 483 48.51 37.04 10.85
C LEU M 483 48.12 38.47 11.21
N ALA M 484 48.21 39.39 10.24
CA ALA M 484 47.75 40.75 10.48
C ALA M 484 46.25 40.82 10.62
N GLU M 485 45.51 39.97 9.91
CA GLU M 485 44.06 39.97 10.02
C GLU M 485 43.61 39.42 11.37
N ASN M 486 44.24 38.34 11.84
CA ASN M 486 43.89 37.76 13.12
C ASN M 486 44.32 38.62 14.30
N SER M 487 45.44 39.33 14.18
CA SER M 487 45.92 40.21 15.23
C SER M 487 45.23 41.57 15.26
N GLY M 488 44.41 41.89 14.27
CA GLY M 488 43.68 43.14 14.22
C GLY M 488 44.43 44.31 13.61
N LEU M 489 45.71 44.16 13.30
CA LEU M 489 46.46 45.24 12.68
C LEU M 489 46.01 45.44 11.23
N ASP M 490 46.32 46.61 10.70
CA ASP M 490 45.94 46.96 9.33
C ASP M 490 46.84 46.18 8.36
N PRO M 491 46.30 45.38 7.43
CA PRO M 491 47.19 44.75 6.45
C PRO M 491 47.85 45.74 5.49
N ILE M 492 47.25 46.92 5.27
CA ILE M 492 47.86 47.91 4.38
C ILE M 492 49.15 48.44 4.99
N GLY M 493 49.08 48.93 6.23
CA GLY M 493 50.27 49.44 6.88
C GLY M 493 51.29 48.35 7.18
N THR M 494 50.81 47.15 7.49
CA THR M 494 51.72 46.05 7.81
C THR M 494 52.44 45.56 6.55
N LEU M 495 51.70 45.33 5.48
CA LEU M 495 52.32 44.84 4.25
C LEU M 495 53.19 45.90 3.61
N SER M 496 52.75 47.17 3.62
CA SER M 496 53.54 48.23 3.03
C SER M 496 54.83 48.49 3.82
N THR M 497 54.76 48.34 5.14
CA THR M 497 55.95 48.56 5.97
C THR M 497 57.00 47.47 5.75
N LEU M 498 56.56 46.22 5.64
CA LEU M 498 57.50 45.12 5.45
C LEU M 498 58.13 45.17 4.06
N LYS M 499 57.34 45.50 3.04
CA LYS M 499 57.88 45.58 1.68
C LYS M 499 58.82 46.76 1.54
N SER M 500 58.48 47.91 2.13
CA SER M 500 59.32 49.08 2.02
C SER M 500 60.57 48.95 2.87
N LYS M 501 60.44 48.42 4.08
CA LYS M 501 61.59 48.28 4.97
C LYS M 501 62.55 47.20 4.49
N GLN M 502 62.05 46.02 4.14
CA GLN M 502 62.91 44.92 3.72
C GLN M 502 63.61 45.21 2.40
N LEU M 503 63.00 46.02 1.53
CA LEU M 503 63.69 46.44 0.31
C LEU M 503 64.84 47.39 0.62
N LYS M 504 64.68 48.22 1.66
CA LYS M 504 65.73 49.17 2.03
C LYS M 504 66.87 48.47 2.78
N GLU M 505 66.55 47.87 3.93
CA GLU M 505 67.54 47.20 4.78
C GLU M 505 67.66 45.73 4.39
N LYS M 506 68.88 45.21 4.53
CA LYS M 506 69.17 43.81 4.21
C LYS M 506 68.86 42.85 5.35
N ILE M 507 68.63 43.35 6.57
CA ILE M 507 68.36 42.49 7.72
C ILE M 507 66.98 41.88 7.52
N SER M 508 66.90 40.54 7.56
CA SER M 508 65.72 39.78 7.19
C SER M 508 65.15 38.97 8.35
N ASN M 509 65.00 39.59 9.53
CA ASN M 509 64.34 39.00 10.69
C ASN M 509 63.28 39.92 11.28
N ILE M 510 62.57 40.68 10.44
CA ILE M 510 61.47 41.56 10.84
C ILE M 510 60.20 41.00 10.20
N GLY M 511 59.17 40.80 11.03
CA GLY M 511 57.91 40.24 10.60
C GLY M 511 56.74 40.90 11.32
N VAL M 512 55.62 40.20 11.32
CA VAL M 512 54.37 40.71 11.86
C VAL M 512 54.33 40.42 13.36
N ASP M 513 54.31 41.48 14.17
CA ASP M 513 54.18 41.36 15.61
C ASP M 513 52.70 41.25 15.98
N CYS M 514 52.28 40.07 16.42
CA CYS M 514 50.87 39.79 16.69
C CYS M 514 50.47 40.08 18.12
N LEU M 515 51.39 39.96 19.08
CA LEU M 515 51.08 40.22 20.48
C LEU M 515 51.01 41.70 20.83
N GLY M 516 51.30 42.60 19.89
CA GLY M 516 51.14 44.02 20.13
C GLY M 516 52.33 44.70 20.78
N TYR M 517 53.53 44.17 20.60
CA TYR M 517 54.72 44.82 21.12
C TYR M 517 55.04 46.08 20.30
N GLY M 518 55.84 46.97 20.90
CA GLY M 518 56.20 48.20 20.25
C GLY M 518 57.27 48.08 19.18
N SER M 519 58.07 47.02 19.21
CA SER M 519 59.14 46.78 18.24
C SER M 519 58.85 45.50 17.47
N ASN M 520 59.07 45.56 16.15
CA ASN M 520 58.84 44.43 15.26
C ASN M 520 60.09 43.58 15.04
N ASP M 521 61.26 44.01 15.54
CA ASP M 521 62.46 43.20 15.41
C ASP M 521 62.34 41.96 16.28
N MET M 522 62.51 40.80 15.66
CA MET M 522 62.30 39.52 16.32
C MET M 522 63.55 38.98 17.03
N LYS M 523 64.65 39.73 17.04
CA LYS M 523 65.80 39.35 17.86
C LYS M 523 65.45 39.40 19.34
N GLU M 524 64.64 40.37 19.75
CA GLU M 524 64.28 40.58 21.14
C GLU M 524 63.03 39.81 21.57
N LEU M 525 62.19 39.37 20.64
CA LEU M 525 60.92 38.74 20.96
C LEU M 525 61.00 37.24 21.23
N PHE M 526 62.17 36.62 21.03
CA PHE M 526 62.37 35.19 21.33
C PHE M 526 61.44 34.30 20.50
N VAL M 527 61.61 34.34 19.18
CA VAL M 527 60.86 33.50 18.25
C VAL M 527 61.85 32.91 17.25
N VAL M 528 61.85 31.58 17.14
CA VAL M 528 62.74 30.84 16.24
C VAL M 528 61.94 29.67 15.67
N ASP M 529 62.15 29.36 14.38
CA ASP M 529 61.53 28.26 13.66
C ASP M 529 62.58 27.44 12.90
N PRO M 530 62.33 26.17 12.58
CA PRO M 530 63.32 25.39 11.84
C PRO M 530 63.24 25.65 10.33
N PHE M 531 64.35 25.35 9.66
CA PHE M 531 64.40 25.52 8.20
C PHE M 531 63.69 24.39 7.49
N ILE M 532 63.78 23.17 8.03
CA ILE M 532 63.12 22.03 7.40
C ILE M 532 61.60 22.17 7.51
N GLY M 533 61.11 22.83 8.57
CA GLY M 533 59.68 23.01 8.73
C GLY M 533 59.10 24.06 7.79
N LYS M 534 59.75 25.21 7.69
CA LYS M 534 59.27 26.26 6.79
C LYS M 534 59.47 25.89 5.33
N LYS M 535 60.47 25.06 5.02
CA LYS M 535 60.69 24.64 3.64
C LYS M 535 59.56 23.74 3.15
N GLN M 536 59.11 22.80 3.99
CA GLN M 536 58.09 21.85 3.58
C GLN M 536 56.73 22.50 3.32
N GLN M 537 56.48 23.69 3.87
CA GLN M 537 55.25 24.40 3.55
C GLN M 537 55.19 24.77 2.07
N ILE M 538 56.33 25.17 1.49
CA ILE M 538 56.36 25.57 0.10
C ILE M 538 56.44 24.34 -0.80
N LEU M 539 57.20 23.33 -0.40
CA LEU M 539 57.40 22.16 -1.26
C LEU M 539 56.14 21.33 -1.38
N LEU M 540 55.51 20.98 -0.24
CA LEU M 540 54.30 20.18 -0.30
C LEU M 540 53.12 20.96 -0.88
N ALA M 541 53.15 22.29 -0.78
CA ALA M 541 52.09 23.11 -1.37
C ALA M 541 52.24 23.19 -2.89
N THR M 542 53.43 23.54 -3.37
CA THR M 542 53.63 23.71 -4.80
C THR M 542 53.60 22.38 -5.55
N GLN M 543 53.96 21.29 -4.89
CA GLN M 543 53.89 19.96 -5.50
C GLN M 543 52.48 19.40 -5.51
N LEU M 544 51.64 19.76 -4.54
CA LEU M 544 50.25 19.33 -4.56
C LEU M 544 49.47 20.06 -5.64
N CYS M 545 49.59 21.40 -5.69
CA CYS M 545 48.84 22.23 -6.62
C CYS M 545 49.12 21.90 -8.09
N ARG M 546 50.30 21.35 -8.39
CA ARG M 546 50.52 20.80 -9.73
C ARG M 546 49.54 19.67 -10.01
N MET M 547 49.32 18.80 -9.03
CA MET M 547 48.35 17.72 -9.21
C MET M 547 46.93 18.25 -9.27
N ILE M 548 46.62 19.28 -8.48
CA ILE M 548 45.26 19.82 -8.46
C ILE M 548 44.93 20.48 -9.79
N LEU M 549 45.91 21.16 -10.40
CA LEU M 549 45.68 21.85 -11.66
C LEU M 549 45.61 20.90 -12.85
N LYS M 550 46.23 19.74 -12.79
CA LYS M 550 46.21 18.88 -13.95
C LYS M 550 44.85 18.20 -14.14
N ILE M 551 44.04 18.09 -13.10
CA ILE M 551 42.77 17.37 -13.20
C ILE M 551 41.87 18.13 -14.17
N ASP M 552 41.33 17.40 -15.15
CA ASP M 552 40.31 17.90 -16.07
C ASP M 552 39.00 17.14 -15.93
N ASN M 553 39.05 15.81 -15.99
CA ASN M 553 37.87 14.97 -15.83
C ASN M 553 37.73 14.59 -14.35
N VAL M 554 36.53 14.77 -13.81
CA VAL M 554 36.24 14.56 -12.39
C VAL M 554 34.98 13.70 -12.30
N ILE M 555 35.16 12.42 -12.02
CA ILE M 555 34.08 11.44 -11.92
C ILE M 555 33.98 11.03 -10.46
N ILE M 556 32.77 11.18 -9.88
CA ILE M 556 32.50 10.87 -8.47
C ILE M 556 31.34 9.90 -8.45
N SER M 557 31.61 8.66 -8.07
CA SER M 557 30.58 7.64 -7.97
C SER M 557 29.82 7.79 -6.66
N GLY M 558 28.53 8.09 -6.77
CA GLY M 558 27.71 8.28 -5.59
C GLY M 558 27.53 6.99 -4.79
N LYS M 559 27.72 7.11 -3.48
CA LYS M 559 27.60 5.97 -2.59
C LYS M 559 26.14 5.64 -2.32
N VAL N 5 -11.88 -8.25 27.88
CA VAL N 5 -12.76 -8.74 28.93
C VAL N 5 -13.75 -9.70 28.29
N VAL N 6 -13.22 -10.67 27.54
CA VAL N 6 -14.04 -11.64 26.81
C VAL N 6 -14.54 -12.75 27.73
N PHE N 7 -13.75 -13.10 28.75
CA PHE N 7 -13.99 -14.16 29.73
C PHE N 7 -13.77 -15.57 29.19
N MET N 8 -13.55 -15.73 27.89
CA MET N 8 -13.44 -17.04 27.27
C MET N 8 -12.72 -16.93 25.94
N ASN N 9 -11.53 -17.54 25.83
CA ASN N 9 -10.83 -17.61 24.57
C ASN N 9 -11.39 -18.68 23.63
N ALA N 10 -12.34 -19.51 24.09
CA ALA N 10 -12.87 -20.64 23.31
C ALA N 10 -14.40 -20.50 23.25
N SER N 11 -14.88 -19.75 22.24
CA SER N 11 -16.30 -19.67 21.90
C SER N 11 -17.13 -19.13 23.07
N GLN N 12 -16.88 -17.84 23.39
CA GLN N 12 -17.71 -17.15 24.37
C GLN N 12 -19.17 -17.15 23.94
N GLU N 13 -19.43 -16.99 22.64
CA GLU N 13 -20.77 -17.23 22.10
C GLU N 13 -21.07 -18.72 22.12
N ARG N 14 -22.37 -19.04 22.11
CA ARG N 14 -22.85 -20.42 22.19
C ARG N 14 -24.03 -20.61 21.25
N THR N 15 -24.11 -21.82 20.68
CA THR N 15 -25.25 -22.30 19.91
C THR N 15 -25.91 -23.40 20.73
N THR N 16 -26.91 -23.02 21.52
CA THR N 16 -27.59 -23.91 22.47
C THR N 16 -29.05 -24.06 22.04
N GLY N 17 -29.74 -24.97 22.73
CA GLY N 17 -31.15 -25.21 22.49
C GLY N 17 -31.38 -26.29 21.44
N ARG N 18 -32.41 -26.11 20.62
CA ARG N 18 -32.77 -27.08 19.61
C ARG N 18 -31.99 -26.90 18.30
N GLN N 19 -31.44 -25.71 18.05
CA GLN N 19 -30.74 -25.46 16.79
C GLN N 19 -29.45 -26.28 16.70
N ALA N 20 -28.81 -26.54 17.83
CA ALA N 20 -27.63 -27.41 17.83
C ALA N 20 -28.00 -28.83 17.44
N GLN N 21 -29.19 -29.29 17.83
CA GLN N 21 -29.62 -30.64 17.49
C GLN N 21 -30.03 -30.76 16.03
N ILE N 22 -30.57 -29.68 15.45
CA ILE N 22 -30.85 -29.67 14.02
C ILE N 22 -29.56 -29.81 13.22
N SER N 23 -28.50 -29.11 13.65
CA SER N 23 -27.22 -29.24 12.98
C SER N 23 -26.63 -30.63 13.18
N ASN N 24 -26.90 -31.24 14.34
CA ASN N 24 -26.37 -32.58 14.61
C ASN N 24 -27.10 -33.64 13.79
N ILE N 25 -28.43 -33.63 13.83
CA ILE N 25 -29.20 -34.68 13.15
C ILE N 25 -29.10 -34.50 11.64
N THR N 26 -29.11 -33.26 11.15
CA THR N 26 -28.97 -33.02 9.72
C THR N 26 -27.59 -33.43 9.22
N ALA N 27 -26.56 -33.24 10.04
CA ALA N 27 -25.22 -33.70 9.66
C ALA N 27 -25.14 -35.21 9.66
N ALA N 28 -25.85 -35.86 10.60
CA ALA N 28 -25.91 -37.32 10.61
C ALA N 28 -26.68 -37.88 9.43
N LYS N 29 -27.60 -37.09 8.85
CA LYS N 29 -28.31 -37.51 7.65
C LYS N 29 -27.45 -37.32 6.41
N ALA N 30 -26.62 -36.27 6.39
CA ALA N 30 -25.81 -35.98 5.21
C ALA N 30 -24.72 -37.01 4.97
N VAL N 31 -24.15 -37.59 6.04
CA VAL N 31 -23.10 -38.60 5.84
C VAL N 31 -23.68 -39.89 5.30
N ALA N 32 -24.96 -40.17 5.55
CA ALA N 32 -25.63 -41.34 5.00
C ALA N 32 -26.09 -41.13 3.56
N ASP N 33 -26.35 -39.89 3.14
CA ASP N 33 -26.81 -39.63 1.79
C ASP N 33 -25.74 -39.89 0.73
N VAL N 34 -24.47 -39.62 1.06
CA VAL N 34 -23.40 -39.82 0.08
C VAL N 34 -23.04 -41.29 -0.12
N ILE N 35 -23.56 -42.20 0.70
CA ILE N 35 -23.35 -43.64 0.56
C ILE N 35 -24.69 -44.40 0.57
N ARG N 36 -25.80 -43.73 0.23
CA ARG N 36 -27.08 -44.43 0.16
C ARG N 36 -27.13 -45.37 -1.03
N THR N 37 -26.53 -44.96 -2.16
CA THR N 37 -26.49 -45.78 -3.36
C THR N 37 -25.38 -46.84 -3.34
N CYS N 38 -24.67 -47.01 -2.22
CA CYS N 38 -23.57 -47.97 -2.10
C CYS N 38 -24.00 -49.27 -1.41
N LEU N 39 -25.23 -49.72 -1.65
CA LEU N 39 -25.80 -50.91 -1.02
C LEU N 39 -26.48 -51.75 -2.09
N GLY N 40 -26.45 -53.07 -1.91
CA GLY N 40 -27.09 -53.99 -2.81
C GLY N 40 -26.15 -54.45 -3.91
N PRO N 41 -26.61 -55.38 -4.75
CA PRO N 41 -25.74 -55.88 -5.83
C PRO N 41 -25.54 -54.90 -6.96
N LYS N 42 -26.51 -54.02 -7.22
CA LYS N 42 -26.41 -53.00 -8.26
C LYS N 42 -25.85 -51.68 -7.72
N ALA N 43 -25.01 -51.74 -6.70
CA ALA N 43 -24.44 -50.53 -6.12
C ALA N 43 -23.38 -49.94 -7.03
N MET N 44 -23.26 -48.62 -6.98
CA MET N 44 -22.30 -47.87 -7.78
C MET N 44 -20.98 -47.75 -7.03
N LEU N 45 -20.00 -47.14 -7.69
CA LEU N 45 -18.65 -46.93 -7.17
C LEU N 45 -18.39 -45.45 -6.96
N LYS N 46 -17.35 -45.16 -6.18
CA LYS N 46 -16.97 -43.80 -5.81
C LYS N 46 -15.48 -43.61 -6.04
N MET N 47 -15.08 -42.33 -6.17
CA MET N 47 -13.69 -41.93 -6.33
C MET N 47 -13.37 -40.82 -5.33
N LEU N 48 -12.19 -40.90 -4.73
CA LEU N 48 -11.72 -39.96 -3.71
C LEU N 48 -10.38 -39.40 -4.14
N LEU N 49 -10.22 -38.09 -3.97
CA LEU N 49 -8.99 -37.36 -4.32
C LEU N 49 -8.31 -36.94 -3.02
N ASP N 50 -7.40 -37.76 -2.54
CA ASP N 50 -6.63 -37.42 -1.35
C ASP N 50 -5.63 -36.31 -1.70
N PRO N 51 -5.17 -35.52 -0.71
CA PRO N 51 -4.20 -34.46 -1.04
C PRO N 51 -2.83 -35.00 -1.44
N MET N 52 -2.46 -36.20 -1.01
CA MET N 52 -1.18 -36.77 -1.41
C MET N 52 -1.16 -37.12 -2.89
N GLY N 53 -2.32 -37.44 -3.48
CA GLY N 53 -2.46 -37.76 -4.89
C GLY N 53 -2.74 -39.21 -5.19
N GLY N 54 -2.77 -40.09 -4.19
CA GLY N 54 -3.07 -41.49 -4.41
C GLY N 54 -4.56 -41.75 -4.50
N LEU N 55 -5.07 -41.96 -5.72
CA LEU N 55 -6.49 -42.21 -5.91
C LEU N 55 -6.85 -43.61 -5.46
N VAL N 56 -8.14 -43.82 -5.19
CA VAL N 56 -8.67 -45.12 -4.80
C VAL N 56 -10.12 -45.20 -5.26
N LEU N 57 -10.50 -46.39 -5.74
CA LEU N 57 -11.84 -46.68 -6.26
C LEU N 57 -12.48 -47.66 -5.29
N THR N 58 -13.46 -47.17 -4.52
CA THR N 58 -14.00 -47.88 -3.36
C THR N 58 -15.52 -47.88 -3.39
N ASN N 59 -16.08 -48.96 -2.83
CA ASN N 59 -17.50 -49.05 -2.51
C ASN N 59 -17.77 -49.51 -1.08
N ASP N 60 -16.79 -50.13 -0.41
CA ASP N 60 -16.95 -50.48 0.99
C ASP N 60 -17.09 -49.22 1.84
N GLY N 61 -17.87 -49.32 2.91
CA GLY N 61 -18.13 -48.15 3.74
C GLY N 61 -16.92 -47.64 4.47
N HIS N 62 -16.06 -48.54 4.95
CA HIS N 62 -14.92 -48.12 5.77
C HIS N 62 -13.90 -47.32 4.97
N ALA N 63 -13.63 -47.70 3.73
CA ALA N 63 -12.68 -46.96 2.91
C ALA N 63 -13.21 -45.60 2.49
N ILE N 64 -14.53 -45.42 2.42
CA ILE N 64 -15.10 -44.13 2.05
C ILE N 64 -14.92 -43.14 3.20
N LEU N 65 -15.28 -43.56 4.41
CA LEU N 65 -15.33 -42.62 5.54
C LEU N 65 -13.95 -42.24 6.03
N ARG N 66 -12.99 -43.16 6.04
CA ARG N 66 -11.69 -42.88 6.62
C ARG N 66 -10.87 -41.88 5.81
N GLU N 67 -11.09 -41.81 4.49
CA GLU N 67 -10.35 -40.91 3.61
C GLU N 67 -11.06 -39.58 3.37
N ILE N 68 -12.10 -39.26 4.16
CA ILE N 68 -12.86 -38.03 4.03
C ILE N 68 -12.76 -37.29 5.36
N ASP N 69 -12.00 -36.20 5.39
CA ASP N 69 -11.92 -35.34 6.55
C ASP N 69 -13.16 -34.45 6.62
N VAL N 70 -13.82 -34.46 7.77
CA VAL N 70 -15.07 -33.73 7.99
C VAL N 70 -14.83 -32.68 9.07
N ALA N 71 -15.30 -31.46 8.80
CA ALA N 71 -15.15 -30.36 9.74
C ALA N 71 -16.22 -30.35 10.83
N HIS N 72 -17.37 -30.98 10.61
CA HIS N 72 -18.44 -30.98 11.59
C HIS N 72 -18.09 -31.97 12.69
N PRO N 73 -18.02 -31.58 13.98
CA PRO N 73 -17.61 -32.55 15.00
C PRO N 73 -18.68 -33.59 15.30
N ALA N 74 -19.95 -33.21 15.26
CA ALA N 74 -21.03 -34.16 15.54
C ALA N 74 -21.11 -35.24 14.47
N ALA N 75 -20.76 -34.91 13.22
CA ALA N 75 -20.75 -35.90 12.16
C ALA N 75 -19.65 -36.94 12.35
N LYS N 76 -18.53 -36.56 12.97
CA LYS N 76 -17.39 -37.45 13.09
C LYS N 76 -17.67 -38.66 13.95
N SER N 77 -18.67 -38.60 14.84
CA SER N 77 -19.10 -39.80 15.55
C SER N 77 -19.67 -40.85 14.60
N MET N 78 -20.29 -40.41 13.50
CA MET N 78 -20.77 -41.35 12.48
C MET N 78 -19.62 -41.85 11.60
N LEU N 79 -18.59 -41.02 11.39
CA LEU N 79 -17.47 -41.44 10.56
C LEU N 79 -16.70 -42.60 11.19
N GLU N 80 -16.63 -42.65 12.52
CA GLU N 80 -15.84 -43.66 13.23
C GLU N 80 -16.57 -45.00 13.39
N LEU N 81 -17.85 -45.09 13.04
CA LEU N 81 -18.57 -46.35 13.24
C LEU N 81 -18.09 -47.41 12.27
N SER N 82 -17.81 -47.03 11.02
CA SER N 82 -17.24 -47.98 10.07
C SER N 82 -15.83 -48.40 10.49
N ARG N 83 -15.09 -47.50 11.13
CA ARG N 83 -13.79 -47.87 11.69
C ARG N 83 -13.96 -48.89 12.80
N THR N 84 -14.96 -48.69 13.67
CA THR N 84 -15.24 -49.67 14.71
C THR N 84 -15.75 -50.98 14.12
N GLN N 85 -16.64 -50.90 13.13
CA GLN N 85 -17.16 -52.09 12.49
C GLN N 85 -16.08 -52.82 11.69
N ASP N 86 -15.10 -52.08 11.16
CA ASP N 86 -14.06 -52.71 10.35
C ASP N 86 -13.13 -53.56 11.21
N GLU N 87 -12.55 -52.99 12.27
CA GLU N 87 -11.61 -53.70 13.11
C GLU N 87 -12.26 -54.84 13.89
N GLU N 88 -13.57 -54.78 14.14
CA GLU N 88 -14.26 -55.82 14.90
C GLU N 88 -14.55 -57.04 14.01
N VAL N 89 -15.13 -56.80 12.82
CA VAL N 89 -15.55 -57.86 11.91
C VAL N 89 -14.84 -57.68 10.57
N GLY N 90 -15.08 -56.55 9.91
CA GLY N 90 -14.59 -56.28 8.57
C GLY N 90 -15.62 -56.45 7.48
N ASP N 91 -16.91 -56.49 7.81
CA ASP N 91 -17.98 -56.67 6.84
C ASP N 91 -19.26 -56.02 7.38
N GLY N 92 -20.07 -55.51 6.45
CA GLY N 92 -21.31 -54.85 6.83
C GLY N 92 -21.14 -53.45 7.35
N THR N 93 -20.18 -52.69 6.82
CA THR N 93 -19.90 -51.35 7.33
C THR N 93 -20.94 -50.33 6.86
N THR N 94 -21.48 -50.50 5.65
CA THR N 94 -22.41 -49.50 5.11
C THR N 94 -23.75 -49.53 5.84
N THR N 95 -24.19 -50.69 6.30
CA THR N 95 -25.48 -50.79 6.97
C THR N 95 -25.50 -50.06 8.31
N VAL N 96 -24.33 -49.91 8.96
CA VAL N 96 -24.30 -49.27 10.27
C VAL N 96 -24.56 -47.78 10.14
N ILE N 97 -24.06 -47.16 9.05
CA ILE N 97 -24.18 -45.71 8.90
C ILE N 97 -25.62 -45.34 8.56
N ILE N 98 -26.20 -45.98 7.56
CA ILE N 98 -27.57 -45.65 7.15
C ILE N 98 -28.57 -46.02 8.23
N LEU N 99 -28.32 -47.10 8.98
CA LEU N 99 -29.23 -47.47 10.06
C LEU N 99 -29.16 -46.45 11.20
N ALA N 100 -27.96 -46.00 11.54
CA ALA N 100 -27.81 -44.94 12.54
C ALA N 100 -28.42 -43.63 12.08
N GLY N 101 -28.40 -43.36 10.78
CA GLY N 101 -29.01 -42.14 10.28
C GLY N 101 -30.54 -42.20 10.30
N GLU N 102 -31.10 -43.37 10.02
CA GLU N 102 -32.54 -43.53 10.06
C GLU N 102 -33.08 -43.49 11.48
N ILE N 103 -32.32 -44.00 12.45
CA ILE N 103 -32.72 -43.90 13.84
C ILE N 103 -32.73 -42.44 14.28
N LEU N 104 -31.70 -41.69 13.88
CA LEU N 104 -31.64 -40.27 14.20
C LEU N 104 -32.63 -39.47 13.38
N ALA N 105 -32.88 -39.88 12.12
CA ALA N 105 -33.86 -39.18 11.30
C ALA N 105 -35.28 -39.45 11.78
N GLN N 106 -35.57 -40.68 12.20
CA GLN N 106 -36.90 -41.01 12.69
C GLN N 106 -37.17 -40.41 14.07
N CYS N 107 -36.14 -40.33 14.91
CA CYS N 107 -36.26 -39.74 16.24
C CYS N 107 -36.19 -38.21 16.23
N ALA N 108 -36.10 -37.57 15.06
CA ALA N 108 -36.00 -36.12 15.01
C ALA N 108 -37.29 -35.43 15.43
N PRO N 109 -38.49 -35.72 14.81
CA PRO N 109 -39.72 -35.01 15.20
C PRO N 109 -40.38 -35.57 16.46
N TYR N 110 -39.65 -35.57 17.57
CA TYR N 110 -40.19 -35.85 18.90
C TYR N 110 -39.82 -34.81 19.93
N LEU N 111 -38.60 -34.27 19.88
CA LEU N 111 -38.26 -33.10 20.68
C LEU N 111 -38.88 -31.84 20.09
N ILE N 112 -39.01 -31.78 18.76
CA ILE N 112 -39.63 -30.62 18.11
C ILE N 112 -41.14 -30.67 18.30
N GLU N 113 -41.74 -31.85 18.09
CA GLU N 113 -43.19 -32.01 18.09
C GLU N 113 -43.72 -32.41 19.46
N LYS N 114 -43.29 -33.55 19.97
CA LYS N 114 -43.81 -34.10 21.23
C LYS N 114 -43.12 -33.53 22.47
N ASN N 115 -41.91 -33.00 22.34
CA ASN N 115 -41.14 -32.45 23.47
C ASN N 115 -40.88 -33.53 24.52
N ILE N 116 -40.65 -34.76 24.07
CA ILE N 116 -40.29 -35.86 24.96
C ILE N 116 -38.81 -35.74 25.28
N HIS N 117 -38.45 -36.12 26.51
CA HIS N 117 -37.08 -35.87 26.96
C HIS N 117 -36.12 -36.85 26.28
N PRO N 118 -34.82 -36.52 26.10
CA PRO N 118 -33.92 -37.52 25.52
C PRO N 118 -33.68 -38.73 26.39
N VAL N 119 -33.62 -38.58 27.72
CA VAL N 119 -33.30 -39.72 28.59
C VAL N 119 -34.41 -40.77 28.57
N ILE N 120 -35.65 -40.38 28.27
CA ILE N 120 -36.70 -41.36 28.07
C ILE N 120 -36.47 -42.13 26.77
N ILE N 121 -35.92 -41.46 25.76
CA ILE N 121 -35.61 -42.14 24.51
C ILE N 121 -34.45 -43.12 24.72
N ILE N 122 -33.50 -42.77 25.60
CA ILE N 122 -32.36 -43.65 25.88
C ILE N 122 -32.86 -44.96 26.49
N GLN N 123 -33.86 -44.88 27.37
CA GLN N 123 -34.44 -46.09 27.92
C GLN N 123 -35.20 -46.88 26.86
N ALA N 124 -35.82 -46.18 25.91
CA ALA N 124 -36.59 -46.86 24.87
C ALA N 124 -35.68 -47.65 23.93
N LEU N 125 -34.51 -47.10 23.61
CA LEU N 125 -33.60 -47.78 22.68
C LEU N 125 -32.99 -49.03 23.31
N LYS N 126 -32.75 -49.01 24.62
CA LYS N 126 -32.15 -50.17 25.28
C LYS N 126 -33.12 -51.35 25.31
N LYS N 127 -34.40 -51.07 25.62
CA LYS N 127 -35.40 -52.14 25.60
C LYS N 127 -35.64 -52.64 24.18
N ALA N 128 -35.57 -51.74 23.19
CA ALA N 128 -35.66 -52.17 21.79
C ALA N 128 -34.43 -52.96 21.39
N LEU N 129 -33.25 -52.56 21.88
CA LEU N 129 -32.03 -53.32 21.60
C LEU N 129 -32.06 -54.68 22.29
N THR N 130 -32.64 -54.75 23.49
CA THR N 130 -32.77 -56.02 24.19
C THR N 130 -33.71 -56.95 23.43
N ASP N 131 -34.82 -56.42 22.93
CA ASP N 131 -35.73 -57.20 22.10
C ASP N 131 -35.17 -57.45 20.70
N ALA N 132 -34.30 -56.57 20.21
CA ALA N 132 -33.71 -56.78 18.89
C ALA N 132 -32.76 -57.97 18.90
N LEU N 133 -31.95 -58.11 19.96
CA LEU N 133 -31.08 -59.27 20.08
C LEU N 133 -31.86 -60.53 20.38
N GLU N 134 -33.03 -60.41 21.02
CA GLU N 134 -33.85 -61.58 21.30
C GLU N 134 -34.43 -62.17 20.03
N VAL N 135 -35.05 -61.35 19.19
CA VAL N 135 -35.67 -61.85 17.96
C VAL N 135 -34.62 -62.25 16.93
N ILE N 136 -33.45 -61.63 16.93
CA ILE N 136 -32.38 -62.06 16.04
C ILE N 136 -31.88 -63.44 16.45
N LYS N 137 -31.86 -63.72 17.76
CA LYS N 137 -31.51 -65.05 18.24
C LYS N 137 -32.57 -66.07 17.82
N GLN N 138 -33.84 -65.66 17.78
CA GLN N 138 -34.90 -66.56 17.36
C GLN N 138 -34.86 -66.81 15.86
N VAL N 139 -34.55 -65.77 15.08
CA VAL N 139 -34.52 -65.90 13.63
C VAL N 139 -33.29 -66.67 13.17
N SER N 140 -32.17 -66.55 13.90
CA SER N 140 -30.95 -67.24 13.52
C SER N 140 -31.09 -68.74 13.76
N LYS N 141 -30.18 -69.52 13.16
CA LYS N 141 -30.14 -70.96 13.32
C LYS N 141 -28.71 -71.45 13.12
N PRO N 142 -28.37 -72.66 13.56
CA PRO N 142 -27.04 -73.20 13.31
C PRO N 142 -26.97 -73.99 12.00
N VAL N 143 -25.74 -74.14 11.51
CA VAL N 143 -25.42 -74.97 10.35
C VAL N 143 -24.11 -75.70 10.62
N ASP N 144 -23.77 -76.61 9.71
CA ASP N 144 -22.53 -77.37 9.81
C ASP N 144 -21.36 -76.53 9.30
N VAL N 145 -20.29 -76.48 10.10
CA VAL N 145 -19.14 -75.64 9.79
C VAL N 145 -18.11 -76.34 8.92
N GLU N 146 -18.01 -77.67 8.97
CA GLU N 146 -16.97 -78.40 8.25
C GLU N 146 -17.31 -78.68 6.80
N ASN N 147 -18.53 -78.39 6.34
CA ASN N 147 -18.92 -78.62 4.97
C ASN N 147 -18.34 -77.53 4.09
N ASP N 148 -17.35 -77.90 3.25
CA ASP N 148 -16.72 -76.92 2.38
C ASP N 148 -17.69 -76.39 1.33
N ALA N 149 -18.64 -77.23 0.89
CA ALA N 149 -19.62 -76.76 -0.09
C ALA N 149 -20.55 -75.71 0.49
N ALA N 150 -20.85 -75.80 1.79
CA ALA N 150 -21.71 -74.81 2.42
C ALA N 150 -20.99 -73.49 2.63
N MET N 151 -19.67 -73.54 2.88
CA MET N 151 -18.92 -72.32 3.14
C MET N 151 -18.78 -71.46 1.89
N LYS N 152 -18.93 -72.05 0.69
CA LYS N 152 -18.74 -71.28 -0.53
C LYS N 152 -19.85 -70.25 -0.73
N LYS N 153 -21.10 -70.62 -0.46
CA LYS N 153 -22.21 -69.69 -0.66
C LYS N 153 -22.25 -68.59 0.39
N LEU N 154 -21.74 -68.85 1.60
CA LEU N 154 -21.67 -67.79 2.61
C LEU N 154 -20.61 -66.75 2.27
N ILE N 155 -19.46 -67.19 1.76
CA ILE N 155 -18.46 -66.25 1.29
C ILE N 155 -18.98 -65.50 0.06
N GLN N 156 -19.81 -66.16 -0.76
CA GLN N 156 -20.38 -65.54 -1.94
C GLN N 156 -21.40 -64.45 -1.60
N ALA N 157 -21.94 -64.43 -0.37
CA ALA N 157 -22.94 -63.44 -0.01
C ALA N 157 -22.35 -62.03 0.00
N SER N 158 -21.27 -61.82 0.75
CA SER N 158 -20.61 -60.51 0.77
C SER N 158 -19.92 -60.18 -0.55
N ILE N 159 -19.49 -61.19 -1.30
CA ILE N 159 -18.82 -60.96 -2.58
C ILE N 159 -19.80 -60.46 -3.64
N GLY N 160 -21.11 -60.75 -3.50
CA GLY N 160 -22.09 -60.38 -4.49
C GLY N 160 -22.24 -58.88 -4.70
N THR N 161 -21.96 -58.08 -3.68
CA THR N 161 -22.01 -56.63 -3.82
C THR N 161 -20.79 -56.11 -4.59
N LYS N 162 -19.64 -56.76 -4.41
CA LYS N 162 -18.39 -56.26 -4.96
C LYS N 162 -18.27 -56.64 -6.44
N TYR N 163 -17.17 -56.19 -7.06
CA TYR N 163 -16.95 -56.42 -8.47
C TYR N 163 -16.60 -57.87 -8.80
N VAL N 164 -16.10 -58.64 -7.84
CA VAL N 164 -15.53 -59.96 -8.11
C VAL N 164 -16.57 -61.07 -7.97
N ILE N 165 -17.86 -60.73 -8.04
CA ILE N 165 -18.89 -61.76 -8.14
C ILE N 165 -18.78 -62.53 -9.45
N HIS N 166 -18.26 -61.90 -10.51
CA HIS N 166 -18.08 -62.61 -11.78
C HIS N 166 -17.06 -63.74 -11.68
N TRP N 167 -16.09 -63.63 -10.75
CA TRP N 167 -15.14 -64.69 -10.45
C TRP N 167 -15.42 -65.31 -9.09
N SER N 168 -16.69 -65.43 -8.70
CA SER N 168 -17.03 -65.93 -7.38
C SER N 168 -16.64 -67.39 -7.20
N GLU N 169 -16.61 -68.16 -8.29
CA GLU N 169 -16.18 -69.55 -8.19
C GLU N 169 -14.70 -69.66 -7.83
N LYS N 170 -13.88 -68.72 -8.32
CA LYS N 170 -12.45 -68.71 -8.01
C LYS N 170 -12.17 -68.04 -6.68
N MET N 171 -12.91 -66.99 -6.34
CA MET N 171 -12.64 -66.24 -5.12
C MET N 171 -13.00 -67.04 -3.87
N CYS N 172 -14.03 -67.88 -3.97
CA CYS N 172 -14.41 -68.71 -2.83
C CYS N 172 -13.34 -69.75 -2.53
N GLU N 173 -12.81 -70.41 -3.56
CA GLU N 173 -11.72 -71.35 -3.36
C GLU N 173 -10.43 -70.64 -2.98
N LEU N 174 -10.24 -69.40 -3.44
CA LEU N 174 -9.04 -68.65 -3.07
C LEU N 174 -9.04 -68.30 -1.58
N ALA N 175 -10.20 -67.94 -1.04
CA ALA N 175 -10.29 -67.52 0.36
C ALA N 175 -10.51 -68.68 1.31
N LEU N 176 -11.21 -69.73 0.86
CA LEU N 176 -11.50 -70.85 1.75
C LEU N 176 -10.25 -71.65 2.08
N ASP N 177 -9.35 -71.82 1.12
CA ASP N 177 -8.09 -72.51 1.40
C ASP N 177 -7.17 -71.67 2.26
N ALA N 178 -7.24 -70.34 2.13
CA ALA N 178 -6.36 -69.47 2.90
C ALA N 178 -6.79 -69.41 4.37
N VAL N 179 -8.08 -69.25 4.62
CA VAL N 179 -8.55 -69.14 6.00
C VAL N 179 -8.40 -70.47 6.73
N LYS N 180 -8.51 -71.61 6.03
CA LYS N 180 -8.31 -72.90 6.65
C LYS N 180 -6.84 -73.17 6.97
N THR N 181 -5.91 -72.59 6.22
CA THR N 181 -4.50 -72.79 6.50
C THR N 181 -4.09 -72.13 7.80
N VAL N 182 -4.39 -70.84 7.95
CA VAL N 182 -4.06 -70.12 9.18
C VAL N 182 -4.89 -70.60 10.37
N ARG N 183 -6.04 -71.25 10.13
CA ARG N 183 -6.86 -71.77 11.20
C ARG N 183 -6.12 -72.87 11.97
N LYS N 184 -6.35 -72.94 13.27
CA LYS N 184 -5.79 -73.98 14.12
C LYS N 184 -6.74 -74.24 15.28
N ASP N 185 -6.38 -75.25 16.08
CA ASP N 185 -7.12 -75.64 17.28
C ASP N 185 -6.40 -75.11 18.52
N LEU N 186 -7.17 -74.89 19.58
CA LEU N 186 -6.62 -74.44 20.86
C LEU N 186 -7.47 -74.99 22.00
N ASN N 195 -10.68 -68.35 21.94
CA ASN N 195 -12.11 -68.43 21.59
C ASN N 195 -12.37 -69.45 20.47
N PHE N 196 -11.56 -70.52 20.44
CA PHE N 196 -11.70 -71.68 19.55
C PHE N 196 -11.26 -71.36 18.12
N GLU N 197 -10.98 -70.09 17.76
CA GLU N 197 -10.55 -69.70 16.41
C GLU N 197 -9.53 -68.58 16.45
N ILE N 198 -8.48 -68.67 17.28
CA ILE N 198 -7.65 -67.53 17.64
C ILE N 198 -6.77 -66.96 16.50
N ASP N 199 -6.84 -67.54 15.29
CA ASP N 199 -6.16 -66.99 14.13
C ASP N 199 -6.53 -65.52 13.89
N ILE N 200 -5.60 -64.79 13.27
CA ILE N 200 -5.66 -63.32 13.17
C ILE N 200 -5.31 -62.96 11.73
N LYS N 201 -5.84 -61.83 11.25
CA LYS N 201 -5.55 -61.34 9.90
C LYS N 201 -4.08 -61.01 9.70
N ARG N 202 -3.34 -60.70 10.77
CA ARG N 202 -1.94 -60.29 10.65
C ARG N 202 -1.07 -61.40 10.07
N TYR N 203 -1.42 -62.66 10.34
CA TYR N 203 -0.64 -63.77 9.78
C TYR N 203 -0.88 -63.93 8.28
N VAL N 204 -2.07 -63.58 7.79
CA VAL N 204 -2.40 -63.74 6.38
C VAL N 204 -1.72 -62.62 5.60
N ARG N 205 -0.92 -63.00 4.60
CA ARG N 205 -0.21 -62.08 3.72
C ARG N 205 -0.92 -62.04 2.37
N VAL N 206 -0.96 -60.85 1.77
CA VAL N 206 -1.54 -60.65 0.44
C VAL N 206 -0.63 -59.69 -0.32
N GLU N 207 0.12 -60.23 -1.28
CA GLU N 207 1.04 -59.45 -2.11
C GLU N 207 0.34 -59.06 -3.40
N LYS N 208 0.38 -57.77 -3.73
CA LYS N 208 -0.27 -57.22 -4.91
C LYS N 208 0.74 -57.14 -6.04
N ILE N 209 0.53 -57.93 -7.09
CA ILE N 209 1.37 -57.97 -8.28
C ILE N 209 0.59 -57.33 -9.42
N PRO N 210 0.93 -56.11 -9.86
CA PRO N 210 0.36 -55.61 -11.11
C PRO N 210 0.65 -56.53 -12.29
N GLY N 211 -0.27 -56.57 -13.24
CA GLY N 211 -0.15 -57.42 -14.40
C GLY N 211 -0.74 -58.80 -14.19
N GLY N 212 -0.87 -59.53 -15.29
CA GLY N 212 -1.40 -60.87 -15.28
C GLY N 212 -2.89 -60.92 -15.55
N ASP N 213 -3.51 -62.01 -15.07
CA ASP N 213 -4.93 -62.25 -15.22
C ASP N 213 -5.48 -62.80 -13.90
N VAL N 214 -6.61 -62.23 -13.47
CA VAL N 214 -7.21 -62.63 -12.20
C VAL N 214 -7.71 -64.07 -12.22
N LEU N 215 -8.03 -64.63 -13.39
CA LEU N 215 -8.49 -66.01 -13.45
C LEU N 215 -7.38 -66.98 -13.08
N ASP N 216 -6.13 -66.65 -13.43
CA ASP N 216 -4.98 -67.50 -13.12
C ASP N 216 -4.46 -67.09 -11.74
N SER N 217 -4.72 -67.93 -10.74
CA SER N 217 -4.28 -67.67 -9.38
C SER N 217 -4.32 -68.97 -8.60
N ARG N 218 -3.63 -68.98 -7.46
CA ARG N 218 -3.56 -70.17 -6.62
C ARG N 218 -3.14 -69.75 -5.22
N VAL N 219 -3.53 -70.57 -4.25
CA VAL N 219 -3.19 -70.36 -2.85
C VAL N 219 -1.92 -71.14 -2.53
N LEU N 220 -0.77 -70.45 -2.57
CA LEU N 220 0.51 -71.03 -2.23
C LEU N 220 0.80 -70.79 -0.76
N LYS N 221 1.11 -71.86 -0.03
CA LYS N 221 1.39 -71.79 1.40
C LYS N 221 2.87 -71.46 1.57
N GLY N 222 3.18 -70.17 1.64
CA GLY N 222 4.56 -69.74 1.76
C GLY N 222 4.63 -68.26 2.01
N VAL N 223 5.83 -67.70 1.78
CA VAL N 223 6.11 -66.28 1.98
C VAL N 223 6.81 -65.78 0.73
N LEU N 224 6.15 -64.87 0.00
CA LEU N 224 6.67 -64.35 -1.25
C LEU N 224 7.56 -63.14 -0.98
N LEU N 225 8.84 -63.28 -1.30
CA LEU N 225 9.83 -62.22 -1.14
C LEU N 225 9.99 -61.48 -2.46
N ASN N 226 10.30 -60.19 -2.36
CA ASN N 226 10.36 -59.27 -3.50
C ASN N 226 11.78 -58.81 -3.79
N LYS N 227 12.75 -59.73 -3.80
CA LYS N 227 14.13 -59.39 -4.05
C LYS N 227 14.88 -60.58 -4.64
N ASP N 228 16.07 -60.30 -5.15
CA ASP N 228 16.91 -61.27 -5.84
C ASP N 228 18.01 -61.76 -4.90
N VAL N 229 18.62 -62.89 -5.27
CA VAL N 229 19.79 -63.38 -4.55
C VAL N 229 20.93 -62.38 -4.70
N VAL N 230 21.86 -62.42 -3.73
CA VAL N 230 22.92 -61.42 -3.64
C VAL N 230 24.15 -61.75 -4.48
N HIS N 231 24.35 -63.02 -4.88
CA HIS N 231 25.53 -63.49 -5.60
C HIS N 231 25.07 -64.34 -6.78
N PRO N 232 25.72 -64.27 -7.95
CA PRO N 232 25.16 -64.97 -9.12
C PRO N 232 25.44 -66.45 -9.16
N LYS N 233 26.43 -66.96 -8.41
CA LYS N 233 26.75 -68.38 -8.44
C LYS N 233 25.68 -69.23 -7.75
N MET N 234 24.82 -68.63 -6.94
CA MET N 234 23.86 -69.38 -6.14
C MET N 234 22.79 -70.01 -7.04
N SER N 235 22.46 -71.26 -6.75
CA SER N 235 21.40 -71.96 -7.47
C SER N 235 20.04 -71.48 -7.00
N ARG N 236 19.17 -71.15 -7.97
CA ARG N 236 17.84 -70.64 -7.69
C ARG N 236 16.78 -71.73 -7.52
N HIS N 237 17.13 -73.00 -7.70
CA HIS N 237 16.20 -74.13 -7.60
C HIS N 237 16.78 -75.14 -6.63
N ILE N 238 16.12 -75.31 -5.48
CA ILE N 238 16.53 -76.24 -4.43
C ILE N 238 15.40 -77.23 -4.22
N GLU N 239 15.75 -78.52 -4.15
CA GLU N 239 14.74 -79.56 -3.99
C GLU N 239 14.32 -79.72 -2.53
N ASN N 240 15.29 -79.77 -1.62
CA ASN N 240 15.07 -79.98 -0.19
C ASN N 240 15.70 -78.82 0.57
N PRO N 241 15.11 -77.63 0.53
CA PRO N 241 15.70 -76.48 1.21
C PRO N 241 15.62 -76.60 2.72
N ARG N 242 16.51 -75.88 3.38
CA ARG N 242 16.61 -75.84 4.84
C ARG N 242 16.71 -74.39 5.28
N VAL N 243 15.63 -73.87 5.86
CA VAL N 243 15.51 -72.46 6.19
C VAL N 243 16.10 -72.23 7.57
N VAL N 244 16.87 -71.15 7.71
CA VAL N 244 17.45 -70.72 8.97
C VAL N 244 17.28 -69.21 9.07
N LEU N 245 16.56 -68.75 10.09
CA LEU N 245 16.28 -67.33 10.30
C LEU N 245 17.33 -66.76 11.25
N LEU N 246 17.75 -65.53 10.97
CA LEU N 246 18.78 -64.85 11.73
C LEU N 246 18.43 -63.38 11.87
N ASP N 247 18.83 -62.78 13.00
CA ASP N 247 18.71 -61.35 13.26
C ASP N 247 20.05 -60.63 13.25
N CYS N 248 21.16 -61.34 13.46
CA CYS N 248 22.47 -60.70 13.45
C CYS N 248 22.86 -60.35 12.01
N PRO N 249 23.50 -59.20 11.74
CA PRO N 249 24.01 -58.97 10.40
C PRO N 249 25.25 -59.80 10.13
N LEU N 250 25.37 -60.28 8.89
CA LEU N 250 26.59 -60.92 8.43
C LEU N 250 27.75 -59.94 8.32
N GLU N 251 27.47 -58.64 8.22
CA GLU N 251 28.50 -57.63 8.29
C GLU N 251 29.12 -57.60 9.68
N TYR N 252 30.22 -56.85 9.82
CA TYR N 252 30.86 -56.68 11.12
C TYR N 252 30.07 -55.67 11.94
N LYS N 253 29.58 -56.11 13.10
CA LYS N 253 28.80 -55.23 13.97
C LYS N 253 29.73 -54.24 14.67
N LYS N 254 29.41 -52.96 14.55
CA LYS N 254 30.19 -51.91 15.19
C LYS N 254 29.77 -51.77 16.65
N GLY N 255 30.76 -51.70 17.53
CA GLY N 255 30.47 -51.57 18.95
C GLY N 255 30.00 -50.17 19.31
N GLU N 256 28.98 -50.12 20.16
CA GLU N 256 28.41 -48.86 20.62
C GLU N 256 29.24 -48.18 21.71
N SER N 257 30.33 -48.80 22.17
CA SER N 257 31.20 -48.20 23.18
C SER N 257 32.21 -47.20 22.61
N GLN N 258 32.48 -47.11 21.35
CA GLN N 258 33.53 -46.14 20.92
C GLN N 258 34.91 -46.36 21.54
N THR N 259 35.79 -47.01 20.79
CA THR N 259 37.11 -47.37 21.29
C THR N 259 38.17 -46.83 20.42
N ASN N 260 39.24 -46.34 20.98
CA ASN N 260 40.31 -45.93 20.15
C ASN N 260 41.50 -46.88 20.25
N ILE N 261 41.95 -47.46 19.15
CA ILE N 261 43.12 -48.28 19.19
C ILE N 261 44.22 -47.39 18.72
N GLU N 262 45.33 -47.36 19.43
CA GLU N 262 46.47 -46.55 19.04
C GLU N 262 47.47 -47.47 18.48
N ILE N 263 47.89 -47.30 17.25
CA ILE N 263 48.76 -48.28 16.69
C ILE N 263 50.12 -47.71 16.65
N GLU N 264 51.05 -48.32 17.37
CA GLU N 264 52.41 -47.83 17.44
C GLU N 264 53.43 -48.79 16.86
N LYS N 265 53.11 -50.06 16.83
CA LYS N 265 54.00 -51.03 16.25
C LYS N 265 53.58 -51.15 14.80
N GLU N 266 53.92 -52.19 14.07
CA GLU N 266 53.51 -52.22 12.67
C GLU N 266 52.55 -53.36 12.35
N GLU N 267 52.67 -54.50 13.05
CA GLU N 267 51.85 -55.66 12.77
C GLU N 267 50.45 -55.56 13.38
N ASP N 268 50.14 -54.51 14.14
CA ASP N 268 48.82 -54.43 14.78
C ASP N 268 47.73 -54.12 13.78
N TRP N 269 48.01 -53.21 12.83
CA TRP N 269 46.98 -52.82 11.86
C TRP N 269 46.66 -53.97 10.91
N ASN N 270 47.68 -54.73 10.51
CA ASN N 270 47.44 -55.89 9.66
C ASN N 270 46.69 -56.98 10.41
N ARG N 271 46.98 -57.15 11.70
CA ARG N 271 46.31 -58.17 12.49
C ARG N 271 44.84 -57.84 12.73
N ILE N 272 44.49 -56.55 12.79
CA ILE N 272 43.10 -56.18 13.02
C ILE N 272 42.24 -56.59 11.82
N LEU N 273 42.70 -56.27 10.60
CA LEU N 273 41.96 -56.67 9.42
C LEU N 273 41.98 -58.17 9.21
N GLN N 274 43.02 -58.86 9.71
CA GLN N 274 43.03 -60.32 9.69
C GLN N 274 42.05 -60.87 10.72
N ILE N 275 41.92 -60.23 11.88
CA ILE N 275 40.92 -60.64 12.86
C ILE N 275 39.53 -60.36 12.33
N GLU N 276 39.36 -59.31 11.52
CA GLU N 276 38.09 -59.07 10.85
C GLU N 276 37.74 -60.20 9.90
N GLU N 277 38.72 -60.67 9.12
CA GLU N 277 38.50 -61.81 8.25
C GLU N 277 38.35 -63.10 9.06
N GLU N 278 39.09 -63.22 10.16
CA GLU N 278 38.98 -64.41 11.00
C GLU N 278 37.64 -64.47 11.71
N GLN N 279 37.10 -63.31 12.10
CA GLN N 279 35.79 -63.29 12.77
C GLN N 279 34.67 -63.69 11.80
N VAL N 280 34.72 -63.16 10.57
CA VAL N 280 33.73 -63.56 9.58
C VAL N 280 33.94 -65.02 9.17
N GLN N 281 35.20 -65.47 9.16
CA GLN N 281 35.48 -66.88 8.88
C GLN N 281 34.92 -67.78 9.98
N LEU N 282 35.21 -67.44 11.24
CA LEU N 282 34.69 -68.23 12.35
C LEU N 282 33.18 -68.12 12.45
N MET N 283 32.62 -66.94 12.12
CA MET N 283 31.17 -66.77 12.15
C MET N 283 30.49 -67.59 11.08
N CYS N 284 31.07 -67.65 9.86
CA CYS N 284 30.47 -68.43 8.79
C CYS N 284 30.66 -69.93 9.02
N GLU N 285 31.74 -70.33 9.69
CA GLU N 285 31.95 -71.75 9.99
C GLU N 285 30.88 -72.27 10.95
N GLN N 286 30.40 -71.44 11.87
CA GLN N 286 29.33 -71.85 12.77
C GLN N 286 27.98 -71.93 12.09
N ILE N 287 27.78 -71.18 10.99
CA ILE N 287 26.58 -71.35 10.19
C ILE N 287 26.57 -72.73 9.54
N LEU N 288 27.73 -73.16 9.04
CA LEU N 288 27.89 -74.47 8.41
C LEU N 288 27.97 -75.62 9.43
N ALA N 289 27.88 -75.35 10.74
CA ALA N 289 27.87 -76.42 11.72
C ALA N 289 26.64 -77.30 11.58
N VAL N 290 25.51 -76.72 11.16
CA VAL N 290 24.26 -77.44 10.91
C VAL N 290 23.96 -77.58 9.41
N ARG N 291 24.95 -77.26 8.52
CA ARG N 291 24.91 -77.32 7.05
C ARG N 291 23.56 -76.92 6.43
N PRO N 292 23.14 -75.67 6.58
CA PRO N 292 21.88 -75.25 5.97
C PRO N 292 22.01 -75.11 4.45
N THR N 293 20.88 -74.78 3.82
CA THR N 293 20.80 -74.51 2.38
C THR N 293 20.11 -73.20 2.04
N LEU N 294 19.35 -72.61 2.96
CA LEU N 294 18.71 -71.31 2.77
C LEU N 294 18.78 -70.54 4.07
N VAL N 295 19.33 -69.33 4.02
CA VAL N 295 19.51 -68.46 5.18
C VAL N 295 18.75 -67.18 4.90
N ILE N 296 18.12 -66.62 5.94
CA ILE N 296 17.36 -65.38 5.86
C ILE N 296 17.83 -64.48 6.99
N THR N 297 18.09 -63.20 6.67
CA THR N 297 18.56 -62.21 7.63
C THR N 297 17.89 -60.88 7.35
N GLU N 298 17.53 -60.19 8.43
CA GLU N 298 16.84 -58.90 8.35
C GLU N 298 17.77 -57.70 8.28
N LYS N 299 19.08 -57.91 8.11
CA LYS N 299 20.08 -56.84 8.09
C LYS N 299 21.03 -57.07 6.91
N GLY N 300 22.02 -56.18 6.79
CA GLY N 300 22.92 -56.23 5.66
C GLY N 300 23.86 -57.42 5.69
N VAL N 301 24.51 -57.65 4.54
CA VAL N 301 25.45 -58.75 4.35
C VAL N 301 26.67 -58.18 3.63
N SER N 302 27.85 -58.40 4.20
CA SER N 302 29.09 -57.97 3.58
C SER N 302 29.47 -58.88 2.43
N ASP N 303 30.21 -58.33 1.47
CA ASP N 303 30.71 -59.11 0.36
C ASP N 303 31.75 -60.14 0.77
N LEU N 304 32.43 -59.92 1.90
CA LEU N 304 33.40 -60.90 2.39
C LEU N 304 32.71 -62.18 2.82
N ALA N 305 31.54 -62.08 3.46
CA ALA N 305 30.81 -63.24 3.93
C ALA N 305 30.13 -64.03 2.80
N GLN N 306 29.96 -63.43 1.61
CA GLN N 306 29.30 -64.14 0.52
C GLN N 306 30.18 -65.26 -0.01
N HIS N 307 31.50 -65.08 -0.04
CA HIS N 307 32.39 -66.07 -0.63
C HIS N 307 32.45 -67.34 0.20
N TYR N 308 32.51 -67.22 1.52
CA TYR N 308 32.64 -68.39 2.37
C TYR N 308 31.40 -69.26 2.38
N LEU N 309 30.23 -68.71 2.09
CA LEU N 309 28.98 -69.46 2.02
C LEU N 309 28.75 -70.14 0.67
N LEU N 310 29.62 -69.92 -0.32
CA LEU N 310 29.45 -70.58 -1.61
C LEU N 310 29.74 -72.08 -1.53
N LYS N 311 30.70 -72.48 -0.68
CA LYS N 311 31.05 -73.89 -0.57
C LYS N 311 29.91 -74.70 0.04
N GLY N 312 29.15 -74.12 0.96
CA GLY N 312 28.01 -74.78 1.57
C GLY N 312 26.71 -74.63 0.81
N GLY N 313 26.61 -73.70 -0.13
CA GLY N 313 25.38 -73.48 -0.85
C GLY N 313 24.29 -72.84 -0.02
N CYS N 314 24.68 -71.94 0.90
CA CYS N 314 23.73 -71.28 1.78
C CYS N 314 23.20 -70.03 1.09
N SER N 315 22.03 -70.14 0.47
CA SER N 315 21.44 -68.99 -0.20
C SER N 315 20.99 -67.97 0.84
N VAL N 316 21.45 -66.73 0.67
CA VAL N 316 21.20 -65.64 1.62
C VAL N 316 20.33 -64.59 0.94
N LEU N 317 19.36 -64.07 1.69
CA LEU N 317 18.53 -62.94 1.30
C LEU N 317 18.48 -61.96 2.45
N ARG N 318 18.63 -60.67 2.14
CA ARG N 318 18.94 -59.64 3.12
C ARG N 318 17.89 -58.55 3.10
N ARG N 319 17.81 -57.82 4.22
CA ARG N 319 16.89 -56.70 4.41
C ARG N 319 15.43 -57.17 4.34
N VAL N 320 15.17 -58.30 5.00
CA VAL N 320 13.83 -58.86 5.12
C VAL N 320 13.15 -58.21 6.32
N LYS N 321 11.85 -57.94 6.18
CA LYS N 321 11.12 -57.23 7.22
C LYS N 321 10.94 -58.12 8.45
N LYS N 322 10.64 -57.48 9.59
CA LYS N 322 10.46 -58.20 10.84
C LYS N 322 9.21 -59.06 10.82
N SER N 323 8.14 -58.58 10.19
CA SER N 323 6.90 -59.36 10.12
C SER N 323 7.04 -60.54 9.15
N ASP N 324 7.81 -60.37 8.08
CA ASP N 324 8.00 -61.46 7.13
C ASP N 324 8.81 -62.59 7.72
N ASN N 325 9.76 -62.28 8.62
CA ASN N 325 10.54 -63.32 9.28
C ASN N 325 9.65 -64.18 10.18
N ASN N 326 8.69 -63.55 10.85
CA ASN N 326 7.74 -64.32 11.67
C ASN N 326 6.85 -65.19 10.80
N ARG N 327 6.45 -64.69 9.63
CA ARG N 327 5.64 -65.48 8.72
C ARG N 327 6.43 -66.63 8.12
N ILE N 328 7.73 -66.42 7.88
CA ILE N 328 8.59 -67.51 7.43
C ILE N 328 8.76 -68.54 8.54
N ALA N 329 8.75 -68.10 9.80
CA ALA N 329 8.95 -69.02 10.92
C ALA N 329 7.77 -69.98 11.07
N ARG N 330 6.54 -69.47 10.95
CA ARG N 330 5.38 -70.32 11.17
C ARG N 330 5.19 -71.34 10.06
N VAL N 331 5.54 -70.99 8.82
CA VAL N 331 5.38 -71.92 7.70
C VAL N 331 6.38 -73.05 7.82
N THR N 332 7.68 -72.73 7.88
CA THR N 332 8.74 -73.73 7.91
C THR N 332 9.07 -74.22 9.32
N GLY N 333 8.50 -73.63 10.37
CA GLY N 333 8.78 -74.07 11.72
C GLY N 333 10.14 -73.71 12.26
N ALA N 334 10.88 -72.83 11.60
CA ALA N 334 12.19 -72.42 12.08
C ALA N 334 12.05 -71.41 13.21
N THR N 335 13.04 -71.42 14.11
CA THR N 335 13.10 -70.53 15.26
C THR N 335 14.06 -69.39 14.96
N ILE N 336 13.64 -68.16 15.30
CA ILE N 336 14.45 -66.97 15.06
C ILE N 336 15.50 -66.93 16.17
N VAL N 337 16.78 -67.01 15.79
CA VAL N 337 17.91 -66.99 16.72
C VAL N 337 18.87 -65.91 16.25
N ASN N 338 19.25 -65.02 17.17
CA ASN N 338 20.12 -63.90 16.81
C ASN N 338 21.57 -64.36 16.65
N ARG N 339 22.16 -64.92 17.70
CA ARG N 339 23.56 -65.31 17.66
C ARG N 339 23.75 -66.58 16.83
N VAL N 340 24.94 -66.68 16.22
CA VAL N 340 25.25 -67.81 15.35
C VAL N 340 25.77 -69.04 16.09
N GLU N 341 26.02 -68.95 17.40
CA GLU N 341 26.52 -70.08 18.17
C GLU N 341 25.43 -71.08 18.53
N ASP N 342 24.19 -70.62 18.69
CA ASP N 342 23.10 -71.45 19.20
C ASP N 342 22.31 -72.16 18.10
N LEU N 343 22.94 -72.41 16.95
CA LEU N 343 22.27 -73.14 15.87
C LEU N 343 22.35 -74.64 16.12
N LYS N 344 21.18 -75.27 16.18
CA LYS N 344 21.02 -76.71 16.36
C LYS N 344 20.20 -77.24 15.19
N GLU N 345 20.16 -78.58 15.07
CA GLU N 345 19.37 -79.20 14.01
C GLU N 345 17.88 -78.93 14.18
N SER N 346 17.41 -78.80 15.43
CA SER N 346 16.02 -78.43 15.66
C SER N 346 15.75 -76.98 15.28
N ASP N 347 16.74 -76.10 15.41
CA ASP N 347 16.57 -74.72 14.98
C ASP N 347 16.38 -74.62 13.47
N VAL N 348 17.03 -75.52 12.72
CA VAL N 348 16.92 -75.50 11.26
C VAL N 348 15.51 -75.91 10.87
N GLY N 349 14.89 -75.13 9.98
CA GLY N 349 13.57 -75.47 9.50
C GLY N 349 13.59 -76.72 8.63
N THR N 350 12.45 -77.40 8.59
CA THR N 350 12.25 -78.63 7.84
C THR N 350 10.86 -78.65 7.22
N ASN N 351 10.60 -79.69 6.42
CA ASN N 351 9.32 -79.88 5.73
C ASN N 351 9.00 -78.73 4.79
N CYS N 352 10.02 -78.21 4.11
CA CYS N 352 9.91 -77.19 3.09
C CYS N 352 10.27 -77.76 1.73
N GLY N 353 9.73 -77.16 0.68
CA GLY N 353 9.97 -77.65 -0.67
C GLY N 353 9.52 -76.68 -1.73
N LEU N 354 9.95 -76.95 -2.95
CA LEU N 354 9.56 -76.20 -4.15
C LEU N 354 10.05 -74.75 -4.07
N PHE N 355 11.33 -74.59 -3.74
CA PHE N 355 11.99 -73.28 -3.75
C PHE N 355 12.41 -72.97 -5.18
N LYS N 356 11.77 -71.97 -5.78
CA LYS N 356 12.02 -71.61 -7.17
C LYS N 356 11.84 -70.10 -7.33
N VAL N 357 12.69 -69.49 -8.14
CA VAL N 357 12.70 -68.05 -8.41
C VAL N 357 12.23 -67.86 -9.85
N GLU N 358 10.99 -67.41 -10.00
CA GLU N 358 10.42 -67.14 -11.32
C GLU N 358 10.91 -65.79 -11.82
N MET N 359 11.41 -65.77 -13.06
CA MET N 359 11.96 -64.55 -13.64
C MET N 359 10.82 -63.70 -14.18
N ILE N 360 10.66 -62.50 -13.62
CA ILE N 360 9.74 -61.48 -14.12
C ILE N 360 10.53 -60.18 -14.22
N GLY N 361 10.35 -59.46 -15.32
CA GLY N 361 11.14 -58.27 -15.60
C GLY N 361 10.98 -57.14 -14.61
N ASP N 362 9.84 -57.07 -13.92
CA ASP N 362 9.63 -56.01 -12.94
C ASP N 362 10.51 -56.21 -11.71
N GLU N 363 10.28 -57.32 -11.00
CA GLU N 363 11.02 -57.63 -9.78
C GLU N 363 11.14 -59.15 -9.66
N TYR N 364 12.12 -59.57 -8.86
CA TYR N 364 12.39 -60.98 -8.64
C TYR N 364 11.52 -61.51 -7.51
N PHE N 365 10.84 -62.64 -7.77
CA PHE N 365 9.93 -63.27 -6.82
C PHE N 365 10.40 -64.69 -6.55
N SER N 366 10.42 -65.07 -5.27
CA SER N 366 10.83 -66.40 -4.82
C SER N 366 9.68 -67.04 -4.06
N PHE N 367 9.35 -68.28 -4.43
CA PHE N 367 8.23 -69.02 -3.87
C PHE N 367 8.72 -69.97 -2.77
N LEU N 368 7.76 -70.40 -1.94
CA LEU N 368 8.01 -71.39 -0.89
C LEU N 368 6.78 -72.26 -0.74
N ASP N 369 6.99 -73.49 -0.27
CA ASP N 369 5.91 -74.44 -0.07
C ASP N 369 6.33 -75.46 0.97
N ASN N 370 5.36 -75.89 1.78
CA ASN N 370 5.59 -76.86 2.83
C ASN N 370 5.52 -78.27 2.25
N CYS N 371 5.52 -79.28 3.12
CA CYS N 371 5.44 -80.66 2.69
C CYS N 371 4.05 -80.98 2.16
N GLY N 432 2.78 -76.40 17.35
CA GLY N 432 3.18 -75.60 16.20
C GLY N 432 2.18 -75.67 15.06
N LEU N 433 0.89 -75.64 15.41
CA LEU N 433 -0.17 -75.70 14.42
C LEU N 433 -0.40 -74.38 13.70
N GLN N 434 0.23 -73.28 14.13
CA GLN N 434 0.08 -72.01 13.44
C GLN N 434 0.76 -72.08 12.09
N LYS N 435 0.07 -71.55 11.07
CA LYS N 435 0.52 -71.58 9.68
C LYS N 435 0.24 -70.21 9.05
N ALA N 436 0.78 -70.01 7.84
CA ALA N 436 0.59 -68.77 7.11
C ALA N 436 0.68 -69.05 5.62
N CYS N 437 0.26 -68.06 4.83
CA CYS N 437 0.25 -68.18 3.37
C CYS N 437 0.38 -66.79 2.77
N THR N 438 0.50 -66.77 1.44
CA THR N 438 0.64 -65.53 0.68
C THR N 438 -0.22 -65.64 -0.58
N ILE N 439 -1.26 -64.83 -0.67
CA ILE N 439 -2.17 -64.82 -1.81
C ILE N 439 -1.60 -63.85 -2.84
N MET N 440 -1.19 -64.38 -3.99
CA MET N 440 -0.65 -63.58 -5.08
C MET N 440 -1.78 -63.20 -6.03
N LEU N 441 -2.21 -61.95 -5.95
CA LEU N 441 -3.30 -61.42 -6.76
C LEU N 441 -2.73 -60.81 -8.04
N ARG N 442 -3.33 -61.18 -9.17
CA ARG N 442 -2.98 -60.67 -10.49
C ARG N 442 -4.12 -59.82 -11.01
N GLY N 443 -3.79 -58.73 -11.69
CA GLY N 443 -4.80 -57.83 -12.21
C GLY N 443 -4.33 -56.97 -13.38
N GLY N 444 -4.88 -55.77 -13.48
CA GLY N 444 -4.63 -54.84 -14.57
C GLY N 444 -4.15 -53.47 -14.13
N SER N 445 -4.37 -53.11 -12.87
CA SER N 445 -3.91 -51.83 -12.35
C SER N 445 -3.75 -51.93 -10.85
N LYS N 446 -2.90 -51.06 -10.30
CA LYS N 446 -2.61 -51.09 -8.87
C LYS N 446 -3.84 -50.71 -8.04
N ASP N 447 -4.71 -49.84 -8.56
CA ASP N 447 -5.89 -49.42 -7.82
C ASP N 447 -6.93 -50.54 -7.70
N ILE N 448 -7.18 -51.28 -8.78
CA ILE N 448 -8.09 -52.42 -8.70
C ILE N 448 -7.47 -53.60 -7.97
N LEU N 449 -6.14 -53.67 -7.87
CA LEU N 449 -5.51 -54.65 -6.99
C LEU N 449 -5.89 -54.39 -5.53
N ASN N 450 -5.95 -53.11 -5.15
CA ASN N 450 -6.41 -52.78 -3.81
C ASN N 450 -7.89 -53.11 -3.63
N GLU N 451 -8.67 -53.00 -4.71
CA GLU N 451 -10.07 -53.40 -4.64
C GLU N 451 -10.20 -54.90 -4.41
N ILE N 452 -9.49 -55.71 -5.19
CA ILE N 452 -9.56 -57.16 -5.01
C ILE N 452 -8.92 -57.56 -3.68
N ASP N 453 -7.89 -56.84 -3.26
CA ASP N 453 -7.26 -57.12 -1.96
C ASP N 453 -8.23 -56.84 -0.82
N ARG N 454 -8.97 -55.72 -0.90
CA ARG N 454 -9.97 -55.43 0.13
C ARG N 454 -11.13 -56.40 0.07
N ASN N 455 -11.43 -56.95 -1.11
CA ASN N 455 -12.45 -58.00 -1.20
C ASN N 455 -11.97 -59.28 -0.54
N LEU N 456 -10.67 -59.57 -0.62
CA LEU N 456 -10.12 -60.71 0.11
C LEU N 456 -10.26 -60.50 1.62
N GLN N 457 -10.02 -59.28 2.09
CA GLN N 457 -10.22 -58.99 3.50
C GLN N 457 -11.69 -59.14 3.90
N ASP N 458 -12.60 -58.77 2.99
CA ASP N 458 -14.02 -59.03 3.21
C ASP N 458 -14.37 -60.49 2.98
N ALA N 459 -13.62 -61.21 2.15
CA ALA N 459 -13.92 -62.61 1.88
C ALA N 459 -13.64 -63.48 3.09
N MET N 460 -12.54 -63.22 3.81
CA MET N 460 -12.24 -63.94 5.04
C MET N 460 -12.93 -63.36 6.26
N ALA N 461 -13.34 -62.09 6.21
CA ALA N 461 -14.03 -61.48 7.36
C ALA N 461 -15.39 -62.11 7.59
N VAL N 462 -16.14 -62.40 6.53
CA VAL N 462 -17.42 -63.09 6.67
C VAL N 462 -17.25 -64.55 7.07
N ALA N 463 -16.09 -65.16 6.80
CA ALA N 463 -15.85 -66.56 7.12
C ALA N 463 -15.43 -66.78 8.56
N ARG N 464 -14.90 -65.76 9.24
CA ARG N 464 -14.44 -65.95 10.62
C ARG N 464 -15.61 -66.20 11.57
N ASN N 465 -16.69 -65.44 11.42
CA ASN N 465 -17.79 -65.51 12.38
C ASN N 465 -18.56 -66.81 12.30
N VAL N 466 -18.74 -67.35 11.09
CA VAL N 466 -19.37 -68.66 10.97
C VAL N 466 -18.49 -69.74 11.59
N MET N 467 -17.18 -69.58 11.56
CA MET N 467 -16.26 -70.49 12.23
C MET N 467 -16.17 -70.25 13.73
N LEU N 468 -16.26 -69.00 14.18
CA LEU N 468 -16.20 -68.69 15.61
C LEU N 468 -17.41 -69.27 16.34
N SER N 469 -18.61 -68.84 15.94
CA SER N 469 -19.89 -69.32 16.42
C SER N 469 -20.58 -70.07 15.29
N PRO N 470 -21.23 -71.22 15.53
CA PRO N 470 -22.03 -71.82 14.45
C PRO N 470 -23.33 -71.10 14.12
N SER N 471 -23.69 -70.03 14.85
CA SER N 471 -24.92 -69.33 14.61
C SER N 471 -24.90 -68.63 13.26
N LEU N 472 -26.08 -68.50 12.65
CA LEU N 472 -26.23 -67.97 11.31
C LEU N 472 -27.65 -67.48 11.13
N SER N 473 -27.79 -66.41 10.35
CA SER N 473 -29.04 -65.69 10.12
C SER N 473 -29.21 -65.41 8.64
N PRO N 474 -30.43 -65.15 8.16
CA PRO N 474 -30.58 -64.65 6.79
C PRO N 474 -30.25 -63.16 6.70
N GLY N 475 -30.30 -62.66 5.47
CA GLY N 475 -30.05 -61.26 5.21
C GLY N 475 -30.86 -60.78 4.02
N GLY N 476 -30.45 -59.63 3.49
CA GLY N 476 -31.15 -59.02 2.38
C GLY N 476 -32.42 -58.29 2.75
N GLY N 477 -32.45 -57.67 3.93
CA GLY N 477 -33.62 -56.97 4.41
C GLY N 477 -34.62 -57.83 5.15
N ALA N 478 -34.52 -59.16 5.05
CA ALA N 478 -35.47 -60.03 5.73
C ALA N 478 -35.26 -60.02 7.24
N THR N 479 -34.01 -60.10 7.70
CA THR N 479 -33.75 -60.09 9.14
C THR N 479 -34.08 -58.74 9.77
N GLU N 480 -33.88 -57.65 9.02
CA GLU N 480 -34.27 -56.34 9.52
C GLU N 480 -35.78 -56.18 9.55
N MET N 481 -36.48 -56.75 8.57
CA MET N 481 -37.94 -56.68 8.55
C MET N 481 -38.53 -57.47 9.70
N ALA N 482 -37.91 -58.60 10.06
CA ALA N 482 -38.39 -59.40 11.18
C ALA N 482 -38.28 -58.65 12.51
N VAL N 483 -37.31 -57.74 12.64
CA VAL N 483 -37.22 -56.93 13.84
C VAL N 483 -38.36 -55.91 13.89
N SER N 484 -38.67 -55.32 12.74
CA SER N 484 -39.72 -54.30 12.70
C SER N 484 -41.10 -54.91 12.94
N VAL N 485 -41.35 -56.11 12.41
CA VAL N 485 -42.68 -56.73 12.58
C VAL N 485 -42.88 -57.15 14.03
N LYS N 486 -41.82 -57.62 14.67
CA LYS N 486 -41.90 -57.99 16.08
C LYS N 486 -41.93 -56.74 16.95
N LEU N 487 -41.04 -55.79 16.67
CA LEU N 487 -40.99 -54.55 17.47
C LEU N 487 -42.24 -53.70 17.38
N ALA N 488 -42.86 -53.63 16.20
CA ALA N 488 -44.11 -52.88 16.10
C ALA N 488 -45.16 -53.51 17.01
N GLU N 489 -45.22 -54.84 17.02
CA GLU N 489 -46.17 -55.52 17.89
C GLU N 489 -45.82 -55.30 19.36
N LYS N 490 -44.54 -55.18 19.68
CA LYS N 490 -44.13 -54.92 21.05
C LYS N 490 -44.52 -53.51 21.47
N ALA N 491 -44.43 -52.56 20.56
CA ALA N 491 -44.86 -51.19 20.83
C ALA N 491 -46.35 -51.17 21.04
N LYS N 492 -47.06 -51.95 20.24
CA LYS N 492 -48.50 -52.05 20.40
C LYS N 492 -48.81 -52.50 21.81
N GLN N 493 -47.94 -53.31 22.40
CA GLN N 493 -48.19 -53.67 23.80
C GLN N 493 -47.65 -52.61 24.72
N LEU N 494 -46.52 -52.00 24.41
CA LEU N 494 -45.84 -50.97 25.26
C LEU N 494 -46.60 -49.96 26.06
N GLU N 495 -47.66 -49.37 25.53
CA GLU N 495 -48.53 -48.59 26.40
C GLU N 495 -48.00 -47.53 27.33
N GLY N 496 -47.59 -46.42 26.78
CA GLY N 496 -47.16 -45.35 27.62
C GLY N 496 -46.51 -44.24 26.88
N ILE N 497 -45.60 -43.58 27.56
CA ILE N 497 -44.87 -42.55 26.91
C ILE N 497 -43.71 -43.12 26.20
N GLN N 498 -43.13 -44.23 26.72
CA GLN N 498 -41.97 -44.59 25.91
C GLN N 498 -42.34 -45.28 24.59
N GLN N 499 -43.62 -45.52 24.33
CA GLN N 499 -44.01 -46.25 23.12
C GLN N 499 -43.85 -45.42 21.85
N TRP N 500 -43.84 -44.09 21.96
CA TRP N 500 -43.66 -43.25 20.78
C TRP N 500 -42.26 -43.41 20.20
N PRO N 501 -41.17 -43.25 20.97
CA PRO N 501 -39.85 -43.55 20.40
C PRO N 501 -39.60 -45.04 20.19
N TYR N 502 -40.34 -45.91 20.88
CA TYR N 502 -40.23 -47.34 20.63
C TYR N 502 -40.72 -47.71 19.23
N GLN N 503 -41.70 -46.98 18.71
CA GLN N 503 -42.15 -47.18 17.34
C GLN N 503 -41.13 -46.69 16.33
N ALA N 504 -40.30 -45.70 16.69
CA ALA N 504 -39.31 -45.19 15.76
C ALA N 504 -38.24 -46.24 15.44
N VAL N 505 -37.95 -47.13 16.39
CA VAL N 505 -36.98 -48.19 16.13
C VAL N 505 -37.54 -49.19 15.12
N ALA N 506 -38.84 -49.49 15.22
CA ALA N 506 -39.46 -50.39 14.25
C ALA N 506 -39.50 -49.77 12.87
N ASP N 507 -39.72 -48.46 12.77
CA ASP N 507 -39.69 -47.76 11.50
C ASP N 507 -38.27 -47.53 10.98
N ALA N 508 -37.26 -47.56 11.86
CA ALA N 508 -35.89 -47.32 11.46
C ALA N 508 -35.26 -48.50 10.71
N MET N 509 -35.74 -49.72 10.95
CA MET N 509 -35.24 -50.90 10.24
C MET N 509 -35.73 -50.99 8.80
N GLU N 510 -36.65 -50.12 8.37
CA GLU N 510 -37.22 -50.18 7.03
C GLU N 510 -36.33 -49.53 5.97
N CYS N 511 -35.25 -48.85 6.35
CA CYS N 511 -34.43 -48.15 5.36
C CYS N 511 -33.62 -49.14 4.53
N ILE N 512 -33.15 -50.20 5.19
CA ILE N 512 -32.33 -51.21 4.52
C ILE N 512 -33.11 -51.95 3.47
N PRO N 513 -34.28 -52.47 3.82
CA PRO N 513 -35.01 -53.07 2.72
C PRO N 513 -35.33 -52.05 1.67
N ARG N 514 -35.70 -50.87 2.09
CA ARG N 514 -36.03 -49.84 1.16
C ARG N 514 -34.85 -49.46 0.34
N THR N 515 -33.69 -49.37 0.92
CA THR N 515 -32.57 -48.94 0.15
C THR N 515 -32.32 -49.99 -0.89
N LEU N 516 -32.39 -51.24 -0.51
CA LEU N 516 -32.07 -52.24 -1.50
C LEU N 516 -33.06 -52.07 -2.64
N ILE N 517 -34.35 -51.91 -2.34
CA ILE N 517 -35.33 -51.85 -3.43
C ILE N 517 -35.12 -50.65 -4.30
N GLN N 518 -34.83 -49.52 -3.72
CA GLN N 518 -34.64 -48.35 -4.52
C GLN N 518 -33.49 -48.51 -5.43
N ASN N 519 -32.39 -49.07 -4.95
CA ASN N 519 -31.27 -49.14 -5.87
C ASN N 519 -31.59 -50.05 -7.05
N ALA N 520 -32.26 -51.16 -6.84
CA ALA N 520 -32.68 -52.13 -7.85
C ALA N 520 -33.57 -51.54 -8.92
N GLY N 521 -34.21 -50.39 -8.66
CA GLY N 521 -35.05 -49.72 -9.63
C GLY N 521 -36.53 -50.04 -9.54
N GLY N 522 -36.98 -50.67 -8.46
CA GLY N 522 -38.38 -51.02 -8.28
C GLY N 522 -39.15 -49.91 -7.57
N ASP N 523 -40.45 -50.16 -7.40
CA ASP N 523 -41.35 -49.23 -6.74
C ASP N 523 -41.46 -49.62 -5.27
N PRO N 524 -40.81 -48.93 -4.32
CA PRO N 524 -40.78 -49.47 -2.95
C PRO N 524 -42.09 -49.39 -2.20
N ILE N 525 -43.06 -48.59 -2.67
CA ILE N 525 -44.27 -48.39 -1.89
C ILE N 525 -45.15 -49.64 -1.91
N ARG N 526 -45.25 -50.31 -3.07
CA ARG N 526 -46.09 -51.49 -3.20
C ARG N 526 -45.31 -52.78 -2.93
N LEU N 527 -44.01 -52.80 -3.22
CA LEU N 527 -43.21 -53.99 -2.93
C LEU N 527 -43.11 -54.22 -1.43
N LEU N 528 -42.94 -53.15 -0.65
CA LEU N 528 -42.87 -53.26 0.80
C LEU N 528 -44.26 -53.40 1.43
N SER N 529 -45.31 -52.94 0.77
CA SER N 529 -46.66 -53.10 1.31
C SER N 529 -47.07 -54.56 1.36
N GLN N 530 -46.86 -55.30 0.27
CA GLN N 530 -47.11 -56.73 0.27
C GLN N 530 -46.10 -57.50 1.13
N LEU N 531 -44.90 -56.96 1.32
CA LEU N 531 -43.93 -57.60 2.21
C LEU N 531 -44.39 -57.56 3.66
N ARG N 532 -45.11 -56.50 4.05
CA ARG N 532 -45.69 -56.45 5.38
C ARG N 532 -46.73 -57.55 5.57
N ALA N 533 -47.61 -57.73 4.59
CA ALA N 533 -48.61 -58.79 4.68
C ALA N 533 -47.97 -60.17 4.56
N LYS N 534 -46.84 -60.28 3.85
CA LYS N 534 -46.18 -61.57 3.70
C LYS N 534 -45.57 -62.03 5.03
N HIS N 535 -44.87 -61.13 5.72
CA HIS N 535 -44.30 -61.44 7.02
C HIS N 535 -45.34 -61.57 8.11
N ALA N 536 -46.54 -61.01 7.93
CA ALA N 536 -47.60 -61.18 8.90
C ALA N 536 -48.13 -62.60 8.96
N GLN N 537 -47.94 -63.39 7.89
CA GLN N 537 -48.38 -64.79 7.88
C GLN N 537 -47.59 -65.67 8.84
N GLY N 538 -46.37 -65.26 9.21
CA GLY N 538 -45.55 -65.98 10.17
C GLY N 538 -44.28 -66.59 9.60
N ASN N 539 -43.64 -65.95 8.61
CA ASN N 539 -42.38 -66.38 8.04
C ASN N 539 -41.37 -65.25 8.14
N PHE N 540 -40.08 -65.63 8.17
CA PHE N 540 -38.97 -64.71 8.41
C PHE N 540 -37.90 -64.74 7.32
N THR N 541 -37.79 -65.83 6.57
CA THR N 541 -36.75 -65.99 5.56
C THR N 541 -37.11 -65.32 4.23
N THR N 542 -38.20 -64.57 4.15
CA THR N 542 -38.62 -63.90 2.92
C THR N 542 -37.92 -62.54 2.85
N GLY N 543 -37.13 -62.34 1.79
CA GLY N 543 -36.41 -61.11 1.56
C GLY N 543 -36.83 -60.43 0.27
N ILE N 544 -35.91 -59.62 -0.26
CA ILE N 544 -36.10 -58.86 -1.50
C ILE N 544 -34.89 -59.13 -2.38
N ASP N 545 -35.16 -59.61 -3.59
CA ASP N 545 -34.09 -59.82 -4.56
C ASP N 545 -33.55 -58.48 -5.04
N GLY N 546 -32.24 -58.44 -5.29
CA GLY N 546 -31.58 -57.21 -5.70
C GLY N 546 -31.60 -56.92 -7.18
N ASP N 547 -31.77 -57.93 -8.02
CA ASP N 547 -31.76 -57.74 -9.48
C ASP N 547 -33.12 -57.30 -9.99
N LYS N 548 -34.15 -58.15 -9.81
CA LYS N 548 -35.49 -57.92 -10.34
C LYS N 548 -36.48 -57.43 -9.30
N GLY N 549 -36.27 -57.77 -8.02
CA GLY N 549 -37.13 -57.28 -6.97
C GLY N 549 -38.37 -58.12 -6.72
N LYS N 550 -38.18 -59.42 -6.46
CA LYS N 550 -39.25 -60.33 -6.09
C LYS N 550 -39.37 -60.39 -4.57
N ILE N 551 -40.41 -61.09 -4.10
CA ILE N 551 -40.64 -61.37 -2.68
C ILE N 551 -40.36 -62.86 -2.47
N VAL N 552 -39.40 -63.41 -3.22
CA VAL N 552 -39.10 -64.84 -3.16
C VAL N 552 -38.26 -65.11 -1.92
N ASP N 553 -38.42 -66.30 -1.35
CA ASP N 553 -37.65 -66.70 -0.19
C ASP N 553 -36.18 -66.86 -0.55
N MET N 554 -35.31 -66.49 0.39
CA MET N 554 -33.87 -66.57 0.18
C MET N 554 -33.32 -67.99 0.34
N VAL N 555 -34.16 -68.97 0.70
CA VAL N 555 -33.68 -70.35 0.76
C VAL N 555 -33.34 -70.86 -0.64
N SER N 556 -34.06 -70.40 -1.67
CA SER N 556 -33.81 -70.86 -3.02
C SER N 556 -32.51 -70.30 -3.57
N TYR N 557 -32.30 -68.99 -3.44
CA TYR N 557 -31.11 -68.34 -3.98
C TYR N 557 -29.87 -68.60 -3.14
N GLY N 558 -29.97 -68.39 -1.82
CA GLY N 558 -28.91 -68.72 -0.88
C GLY N 558 -28.21 -67.50 -0.31
N ILE N 559 -28.94 -66.41 -0.13
CA ILE N 559 -28.41 -65.21 0.49
C ILE N 559 -28.43 -65.41 2.00
N TRP N 560 -27.26 -65.66 2.59
CA TRP N 560 -27.11 -65.87 4.02
C TRP N 560 -25.83 -65.20 4.49
N GLU N 561 -25.88 -64.58 5.66
CA GLU N 561 -24.76 -63.91 6.30
C GLU N 561 -24.63 -64.43 7.72
N PRO N 562 -23.51 -64.14 8.41
CA PRO N 562 -23.43 -64.50 9.83
C PRO N 562 -24.35 -63.65 10.67
N GLU N 563 -24.51 -64.07 11.93
CA GLU N 563 -25.29 -63.30 12.90
C GLU N 563 -24.50 -62.15 13.50
N VAL N 564 -23.17 -62.23 13.49
CA VAL N 564 -22.35 -61.22 14.18
C VAL N 564 -22.42 -59.88 13.46
N ILE N 565 -22.64 -59.87 12.14
CA ILE N 565 -22.68 -58.62 11.41
C ILE N 565 -23.93 -57.83 11.81
N LYS N 566 -25.08 -58.51 11.89
CA LYS N 566 -26.31 -57.83 12.25
C LYS N 566 -26.36 -57.48 13.73
N GLN N 567 -25.71 -58.29 14.57
CA GLN N 567 -25.62 -57.98 15.99
C GLN N 567 -24.78 -56.72 16.22
N GLN N 568 -23.61 -56.65 15.56
CA GLN N 568 -22.77 -55.48 15.70
C GLN N 568 -23.41 -54.23 15.09
N SER N 569 -24.27 -54.41 14.09
CA SER N 569 -24.90 -53.25 13.45
C SER N 569 -25.93 -52.61 14.36
N VAL N 570 -26.85 -53.41 14.92
CA VAL N 570 -27.88 -52.85 15.78
C VAL N 570 -27.27 -52.35 17.09
N LYS N 571 -26.22 -52.99 17.59
CA LYS N 571 -25.57 -52.50 18.80
C LYS N 571 -24.84 -51.18 18.53
N THR N 572 -24.04 -51.13 17.47
CA THR N 572 -23.31 -49.90 17.15
C THR N 572 -24.27 -48.78 16.73
N ALA N 573 -25.38 -49.13 16.09
CA ALA N 573 -26.34 -48.10 15.69
C ALA N 573 -27.06 -47.51 16.89
N ILE N 574 -27.41 -48.35 17.87
CA ILE N 574 -28.09 -47.86 19.06
C ILE N 574 -27.10 -47.09 19.94
N GLU N 575 -25.91 -47.64 20.15
CA GLU N 575 -24.90 -46.98 20.97
C GLU N 575 -24.41 -45.67 20.37
N SER N 576 -24.43 -45.54 19.04
CA SER N 576 -24.06 -44.28 18.40
C SER N 576 -25.18 -43.25 18.52
N ALA N 577 -26.43 -43.71 18.48
CA ALA N 577 -27.55 -42.79 18.65
C ALA N 577 -27.61 -42.24 20.08
N CYS N 578 -27.27 -43.06 21.07
CA CYS N 578 -27.24 -42.58 22.45
C CYS N 578 -26.16 -41.53 22.66
N LEU N 579 -25.05 -41.64 21.93
CA LEU N 579 -23.98 -40.66 22.06
C LEU N 579 -24.40 -39.30 21.50
N LEU N 580 -25.06 -39.31 20.34
CA LEU N 580 -25.35 -38.08 19.62
C LEU N 580 -26.66 -37.41 20.04
N LEU N 581 -27.61 -38.16 20.58
CA LEU N 581 -28.88 -37.59 21.00
C LEU N 581 -28.77 -36.73 22.26
N ARG N 582 -27.71 -36.89 23.05
CA ARG N 582 -27.54 -36.20 24.33
C ARG N 582 -26.57 -35.03 24.22
N VAL N 583 -26.63 -34.31 23.09
CA VAL N 583 -25.81 -33.13 22.82
C VAL N 583 -26.77 -31.96 22.58
N ASP N 584 -26.51 -30.85 23.28
CA ASP N 584 -27.34 -29.64 23.20
C ASP N 584 -26.56 -28.36 22.96
N ASP N 585 -25.24 -28.35 23.19
CA ASP N 585 -24.40 -27.17 23.04
C ASP N 585 -23.17 -27.53 22.22
N ILE N 586 -22.72 -26.59 21.38
CA ILE N 586 -21.56 -26.75 20.52
C ILE N 586 -20.64 -25.58 20.79
N VAL N 587 -19.35 -25.88 20.99
CA VAL N 587 -18.33 -24.87 21.26
C VAL N 587 -17.03 -25.28 20.56
N SER N 588 -16.14 -24.31 20.42
CA SER N 588 -14.87 -24.52 19.73
C SER N 588 -13.88 -23.48 20.26
N GLY N 589 -12.71 -23.41 19.63
CA GLY N 589 -11.70 -22.43 19.99
C GLY N 589 -10.84 -22.81 21.18
N VAL N 590 -10.75 -24.10 21.51
CA VAL N 590 -9.97 -24.51 22.68
C VAL N 590 -8.48 -24.48 22.36
N ARG N 591 -8.09 -25.15 21.27
CA ARG N 591 -6.69 -25.28 20.85
C ARG N 591 -5.84 -25.92 21.95
N LYS N 592 -6.19 -27.18 22.24
CA LYS N 592 -5.49 -27.97 23.23
C LYS N 592 -4.04 -28.22 22.79
N MET O 1 -7.73 -31.72 -29.68
CA MET O 1 -6.33 -32.09 -30.06
C MET O 1 -5.34 -31.21 -29.33
N ASN O 2 -5.64 -29.91 -29.28
CA ASN O 2 -4.78 -28.97 -28.58
C ASN O 2 -4.99 -29.07 -27.08
N PHE O 3 -3.98 -28.65 -26.33
CA PHE O 3 -4.01 -28.82 -24.87
C PHE O 3 -4.86 -27.74 -24.20
N GLY O 4 -4.95 -26.54 -24.80
CA GLY O 4 -5.63 -25.43 -24.18
C GLY O 4 -6.21 -24.43 -25.15
N SER O 5 -6.58 -23.26 -24.64
CA SER O 5 -7.27 -22.21 -25.39
C SER O 5 -6.36 -21.72 -26.51
N GLN O 6 -5.19 -21.16 -26.21
CA GLN O 6 -4.26 -20.63 -27.20
C GLN O 6 -2.85 -21.09 -26.90
N THR O 7 -1.94 -20.76 -27.82
CA THR O 7 -0.55 -21.21 -27.77
C THR O 7 0.37 -20.06 -28.23
N PRO O 8 0.98 -19.28 -27.33
CA PRO O 8 1.81 -18.17 -27.81
C PRO O 8 3.11 -18.65 -28.44
N THR O 9 3.56 -17.90 -29.44
CA THR O 9 4.75 -18.25 -30.19
C THR O 9 6.00 -18.15 -29.32
N ILE O 10 7.01 -18.91 -29.70
CA ILE O 10 8.31 -18.95 -29.01
C ILE O 10 9.18 -17.84 -29.59
N VAL O 11 9.83 -17.09 -28.71
CA VAL O 11 10.94 -16.23 -29.12
C VAL O 11 12.18 -17.11 -29.27
N VAL O 12 12.92 -16.91 -30.36
CA VAL O 12 14.07 -17.76 -30.64
C VAL O 12 15.17 -17.54 -29.60
N LEU O 13 15.62 -16.30 -29.46
CA LEU O 13 16.57 -15.94 -28.41
C LEU O 13 15.84 -15.87 -27.06
N LYS O 14 16.63 -15.87 -25.99
CA LYS O 14 16.06 -15.77 -24.65
C LYS O 14 15.41 -14.40 -24.46
N GLU O 15 14.42 -14.34 -23.57
CA GLU O 15 13.72 -13.10 -23.29
C GLU O 15 14.67 -12.11 -22.63
N GLY O 16 14.81 -10.93 -23.24
CA GLY O 16 15.73 -9.92 -22.78
C GLY O 16 17.09 -9.90 -23.46
N THR O 17 17.34 -10.81 -24.40
CA THR O 17 18.61 -10.84 -25.13
C THR O 17 18.56 -9.79 -26.24
N ASP O 18 19.48 -8.84 -26.18
CA ASP O 18 19.54 -7.75 -27.14
C ASP O 18 20.29 -8.21 -28.39
N ALA O 19 19.75 -7.88 -29.56
CA ALA O 19 20.37 -8.21 -30.83
C ALA O 19 19.90 -7.22 -31.89
N SER O 20 20.76 -6.98 -32.88
CA SER O 20 20.44 -6.03 -33.94
C SER O 20 21.26 -6.35 -35.18
N GLN O 21 20.67 -6.10 -36.34
CA GLN O 21 21.28 -6.29 -37.65
C GLN O 21 21.57 -4.93 -38.28
N GLY O 22 22.28 -4.97 -39.41
CA GLY O 22 22.54 -3.77 -40.18
C GLY O 22 23.80 -3.04 -39.74
N LYS O 23 24.01 -1.89 -40.38
CA LYS O 23 25.18 -1.06 -40.12
C LYS O 23 25.03 -0.17 -38.88
N GLY O 24 23.91 -0.23 -38.17
CA GLY O 24 23.72 0.62 -37.01
C GLY O 24 24.54 0.20 -35.81
N GLN O 25 24.75 -1.11 -35.63
CA GLN O 25 25.44 -1.59 -34.44
C GLN O 25 26.94 -1.32 -34.54
N ILE O 26 27.54 -1.55 -35.71
CA ILE O 26 28.97 -1.29 -35.87
C ILE O 26 29.28 0.20 -35.78
N ILE O 27 28.34 1.07 -36.15
CA ILE O 27 28.53 2.51 -35.95
C ILE O 27 28.41 2.83 -34.46
N SER O 28 27.50 2.15 -33.76
CA SER O 28 27.37 2.35 -32.32
C SER O 28 28.61 1.85 -31.59
N ASN O 29 29.21 0.76 -32.06
CA ASN O 29 30.45 0.27 -31.46
C ASN O 29 31.59 1.24 -31.71
N ILE O 30 31.66 1.81 -32.91
CA ILE O 30 32.70 2.80 -33.21
C ILE O 30 32.48 4.06 -32.40
N ASN O 31 31.22 4.51 -32.28
CA ASN O 31 30.93 5.69 -31.47
C ASN O 31 31.18 5.44 -29.99
N ALA O 32 31.04 4.18 -29.54
CA ALA O 32 31.37 3.86 -28.16
C ALA O 32 32.85 3.99 -27.90
N CYS O 33 33.69 3.55 -28.85
CA CYS O 33 35.13 3.72 -28.70
C CYS O 33 35.53 5.20 -28.79
N VAL O 34 34.87 5.97 -29.66
CA VAL O 34 35.16 7.40 -29.74
C VAL O 34 34.74 8.10 -28.47
N ALA O 35 33.67 7.63 -27.80
CA ALA O 35 33.28 8.21 -26.53
C ALA O 35 34.33 7.97 -25.46
N VAL O 36 34.95 6.78 -25.45
CA VAL O 36 36.06 6.52 -24.54
C VAL O 36 37.31 7.27 -25.02
N GLN O 37 37.44 7.48 -26.33
CA GLN O 37 38.60 8.19 -26.86
C GLN O 37 38.62 9.65 -26.41
N GLU O 38 37.45 10.30 -26.36
CA GLU O 38 37.39 11.71 -26.00
C GLU O 38 37.85 11.97 -24.57
N ALA O 39 37.75 10.98 -23.67
CA ALA O 39 38.24 11.16 -22.32
C ALA O 39 39.76 11.28 -22.30
N LEU O 40 40.46 10.52 -23.15
CA LEU O 40 41.91 10.53 -23.24
C LEU O 40 42.46 11.46 -24.32
N LYS O 41 41.60 12.23 -25.01
CA LYS O 41 42.08 13.15 -26.04
C LYS O 41 42.94 14.27 -25.46
N PRO O 42 42.46 15.09 -24.51
CA PRO O 42 43.32 16.16 -23.98
C PRO O 42 44.43 15.69 -23.05
N THR O 43 44.44 14.42 -22.65
CA THR O 43 45.50 13.92 -21.79
C THR O 43 46.81 13.76 -22.55
N LEU O 44 46.75 13.54 -23.86
CA LEU O 44 47.96 13.28 -24.63
C LEU O 44 48.80 14.55 -24.74
N GLY O 45 50.07 14.44 -24.35
CA GLY O 45 51.07 15.48 -24.54
C GLY O 45 51.67 15.93 -23.22
N PRO O 46 52.85 16.63 -23.35
CA PRO O 46 53.54 17.08 -22.17
C PRO O 46 52.89 18.33 -21.75
N LEU O 47 51.71 18.59 -22.25
CA LEU O 47 50.97 19.73 -21.80
C LEU O 47 49.55 19.27 -21.72
N GLY O 48 49.25 18.07 -21.25
CA GLY O 48 47.98 17.44 -20.99
C GLY O 48 47.57 17.53 -19.53
N SER O 49 46.34 17.06 -19.27
CA SER O 49 45.71 17.13 -17.96
C SER O 49 45.46 15.74 -17.43
N ASP O 50 45.52 15.61 -16.11
CA ASP O 50 45.24 14.35 -15.43
C ASP O 50 43.72 14.12 -15.38
N ILE O 51 43.36 12.89 -15.00
CA ILE O 51 41.97 12.43 -14.94
C ILE O 51 41.72 11.92 -13.53
N LEU O 52 40.68 12.46 -12.88
CA LEU O 52 40.27 12.07 -11.54
C LEU O 52 39.11 11.08 -11.65
N ILE O 53 39.30 9.88 -11.10
CA ILE O 53 38.30 8.82 -11.10
C ILE O 53 38.01 8.46 -9.65
N VAL O 54 36.74 8.21 -9.36
CA VAL O 54 36.29 7.76 -8.04
C VAL O 54 35.29 6.63 -8.25
N THR O 55 35.67 5.42 -7.87
CA THR O 55 34.84 4.24 -8.08
C THR O 55 33.75 4.18 -7.00
N SER O 56 32.96 3.10 -7.01
CA SER O 56 31.87 2.95 -6.08
C SER O 56 32.32 2.81 -4.63
N ASN O 57 33.51 2.25 -4.40
CA ASN O 57 34.03 2.08 -3.03
C ASN O 57 34.58 3.38 -2.42
N GLN O 58 34.54 4.50 -3.14
CA GLN O 58 34.90 5.82 -2.60
C GLN O 58 36.38 5.87 -2.22
N LYS O 59 37.26 5.63 -3.19
CA LYS O 59 38.66 5.75 -2.95
C LYS O 59 39.14 6.49 -4.11
N THR O 60 39.87 7.55 -3.86
CA THR O 60 40.34 8.35 -4.93
C THR O 60 41.49 7.71 -5.57
N THR O 61 41.63 7.93 -6.85
CA THR O 61 42.74 7.44 -7.66
C THR O 61 42.95 8.39 -8.82
N ILE O 62 44.03 9.16 -8.77
CA ILE O 62 44.41 10.11 -9.80
C ILE O 62 45.48 9.45 -10.67
N SER O 63 45.37 9.65 -11.98
CA SER O 63 46.34 9.09 -12.91
C SER O 63 46.39 9.93 -14.19
N ASN O 64 47.50 9.80 -14.90
CA ASN O 64 47.73 10.43 -16.19
C ASN O 64 47.71 9.42 -17.33
N ASP O 65 48.32 8.25 -17.12
CA ASP O 65 48.33 7.22 -18.15
C ASP O 65 46.98 6.53 -18.23
N GLY O 66 46.66 6.03 -19.42
CA GLY O 66 45.39 5.35 -19.65
C GLY O 66 45.34 3.90 -19.22
N ALA O 67 46.40 3.38 -18.60
CA ALA O 67 46.39 1.97 -18.21
C ALA O 67 45.47 1.74 -17.01
N THR O 68 45.63 2.53 -15.95
CA THR O 68 44.85 2.37 -14.74
C THR O 68 43.54 3.16 -14.75
N ILE O 69 43.42 4.17 -15.62
CA ILE O 69 42.13 4.86 -15.78
C ILE O 69 41.08 3.90 -16.30
N LEU O 70 41.42 3.14 -17.35
CA LEU O 70 40.51 2.15 -17.90
C LEU O 70 40.32 0.95 -16.98
N LYS O 71 41.28 0.66 -16.10
CA LYS O 71 41.11 -0.43 -15.15
C LYS O 71 40.10 -0.08 -14.08
N LEU O 72 40.08 1.20 -13.67
CA LEU O 72 39.12 1.64 -12.65
C LEU O 72 37.71 1.62 -13.20
N LEU O 73 37.49 2.21 -14.37
CA LEU O 73 36.17 2.23 -14.99
C LEU O 73 35.86 0.84 -15.52
N ASP O 74 34.95 0.14 -14.84
CA ASP O 74 34.54 -1.19 -15.25
C ASP O 74 33.67 -1.07 -16.49
N VAL O 75 34.18 -1.53 -17.63
CA VAL O 75 33.56 -1.33 -18.93
C VAL O 75 32.59 -2.48 -19.19
N VAL O 76 31.36 -2.13 -19.56
CA VAL O 76 30.35 -3.14 -19.89
C VAL O 76 30.40 -3.50 -21.36
N HIS O 77 30.60 -2.50 -22.22
CA HIS O 77 30.50 -2.71 -23.66
C HIS O 77 31.69 -3.55 -24.14
N PRO O 78 31.50 -4.57 -25.00
CA PRO O 78 32.68 -5.31 -25.48
C PRO O 78 33.57 -4.49 -26.41
N ALA O 79 32.99 -3.64 -27.24
CA ALA O 79 33.80 -2.85 -28.17
C ALA O 79 34.68 -1.85 -27.44
N ALA O 80 34.19 -1.27 -26.35
CA ALA O 80 34.99 -0.38 -25.53
C ALA O 80 36.04 -1.12 -24.70
N LYS O 81 35.85 -2.42 -24.43
CA LYS O 81 36.87 -3.21 -23.77
C LYS O 81 38.09 -3.49 -24.65
N THR O 82 37.99 -3.28 -25.97
CA THR O 82 39.15 -3.48 -26.83
C THR O 82 40.24 -2.46 -26.52
N LEU O 83 39.85 -1.21 -26.25
CA LEU O 83 40.82 -0.20 -25.86
C LEU O 83 41.44 -0.52 -24.50
N VAL O 84 40.69 -1.17 -23.62
CA VAL O 84 41.20 -1.49 -22.29
C VAL O 84 42.19 -2.64 -22.37
N ASP O 85 41.94 -3.61 -23.26
CA ASP O 85 42.83 -4.76 -23.35
C ASP O 85 44.18 -4.38 -23.94
N ILE O 86 44.19 -3.57 -25.00
CA ILE O 86 45.46 -3.14 -25.59
C ILE O 86 46.21 -2.22 -24.64
N SER O 87 45.49 -1.43 -23.83
CA SER O 87 46.16 -0.54 -22.88
C SER O 87 46.88 -1.34 -21.79
N ARG O 88 46.25 -2.41 -21.29
CA ARG O 88 46.92 -3.29 -20.34
C ARG O 88 48.00 -4.11 -21.02
N ALA O 89 47.79 -4.49 -22.28
CA ALA O 89 48.82 -5.23 -23.01
C ALA O 89 50.02 -4.35 -23.30
N GLN O 90 49.78 -3.09 -23.69
CA GLN O 90 50.88 -2.15 -23.87
C GLN O 90 51.56 -1.84 -22.54
N ASP O 91 50.78 -1.76 -21.46
CA ASP O 91 51.35 -1.55 -20.14
C ASP O 91 52.17 -2.77 -19.70
N ALA O 92 51.73 -3.97 -20.07
CA ALA O 92 52.43 -5.19 -19.66
C ALA O 92 53.68 -5.43 -20.50
N GLU O 93 53.60 -5.21 -21.80
CA GLU O 93 54.73 -5.49 -22.69
C GLU O 93 55.78 -4.40 -22.60
N VAL O 94 55.43 -3.18 -22.99
CA VAL O 94 56.37 -2.06 -23.08
C VAL O 94 56.31 -1.19 -21.83
N GLY O 95 55.17 -0.56 -21.60
CA GLY O 95 54.98 0.38 -20.50
C GLY O 95 54.94 1.84 -20.90
N ASP O 96 54.71 2.15 -22.18
CA ASP O 96 54.65 3.51 -22.66
C ASP O 96 53.73 3.59 -23.87
N GLY O 97 53.08 4.74 -24.04
CA GLY O 97 52.16 4.95 -25.13
C GLY O 97 50.79 4.33 -24.94
N THR O 98 50.36 4.16 -23.69
CA THR O 98 49.04 3.58 -23.44
C THR O 98 47.92 4.51 -23.85
N THR O 99 48.16 5.83 -23.82
CA THR O 99 47.16 6.80 -24.24
C THR O 99 47.16 6.98 -25.76
N SER O 100 48.34 6.93 -26.39
CA SER O 100 48.44 7.14 -27.82
C SER O 100 47.91 5.95 -28.61
N VAL O 101 48.10 4.73 -28.09
CA VAL O 101 47.63 3.54 -28.80
C VAL O 101 46.11 3.50 -28.82
N THR O 102 45.45 4.02 -27.77
CA THR O 102 44.00 4.12 -27.77
C THR O 102 43.51 5.25 -28.67
N ILE O 103 44.27 6.33 -28.78
CA ILE O 103 43.89 7.44 -29.66
C ILE O 103 44.03 7.02 -31.12
N LEU O 104 45.12 6.29 -31.44
CA LEU O 104 45.30 5.82 -32.80
C LEU O 104 44.28 4.74 -33.15
N ALA O 105 43.92 3.90 -32.18
CA ALA O 105 42.92 2.87 -32.42
C ALA O 105 41.55 3.47 -32.70
N GLY O 106 41.17 4.52 -31.97
CA GLY O 106 39.90 5.17 -32.20
C GLY O 106 39.88 6.03 -33.45
N GLU O 107 41.03 6.63 -33.80
CA GLU O 107 41.10 7.45 -35.00
C GLU O 107 40.96 6.63 -36.27
N LEU O 108 41.55 5.43 -36.29
CA LEU O 108 41.34 4.53 -37.42
C LEU O 108 39.87 4.11 -37.51
N MET O 109 39.22 3.94 -36.36
CA MET O 109 37.79 3.67 -36.34
C MET O 109 37.01 4.92 -36.77
N LYS O 110 37.48 6.09 -36.37
CA LYS O 110 36.83 7.34 -36.76
C LYS O 110 36.97 7.60 -38.26
N GLU O 111 38.15 7.34 -38.82
CA GLU O 111 38.35 7.50 -40.26
C GLU O 111 37.65 6.41 -41.06
N ALA O 112 37.35 5.26 -40.45
CA ALA O 112 36.58 4.21 -41.10
C ALA O 112 35.07 4.48 -41.12
N LYS O 113 34.61 5.55 -40.47
CA LYS O 113 33.18 5.85 -40.47
C LYS O 113 32.63 6.16 -41.86
N PRO O 114 33.15 7.14 -42.61
CA PRO O 114 32.56 7.43 -43.94
C PRO O 114 32.76 6.32 -44.96
N PHE O 115 33.79 5.47 -44.81
CA PHE O 115 33.93 4.32 -45.69
C PHE O 115 32.91 3.24 -45.38
N LEU O 116 32.52 3.09 -44.12
CA LEU O 116 31.42 2.20 -43.76
C LEU O 116 30.06 2.78 -44.16
N GLU O 117 29.93 4.10 -44.18
CA GLU O 117 28.72 4.72 -44.74
C GLU O 117 28.60 4.46 -46.23
N GLU O 118 29.71 4.29 -46.92
CA GLU O 118 29.71 3.88 -48.33
C GLU O 118 29.39 2.39 -48.43
N GLY O 119 29.21 1.91 -49.65
CA GLY O 119 28.92 0.51 -49.89
C GLY O 119 30.09 -0.44 -49.69
N ILE O 120 31.29 0.06 -49.42
CA ILE O 120 32.44 -0.81 -49.21
C ILE O 120 32.26 -1.51 -47.86
N SER O 121 32.24 -2.83 -47.88
CA SER O 121 32.17 -3.62 -46.65
C SER O 121 33.52 -3.58 -45.93
N SER O 122 33.53 -4.10 -44.71
CA SER O 122 34.70 -3.97 -43.84
C SER O 122 35.86 -4.87 -44.22
N HIS O 123 35.68 -5.83 -45.13
CA HIS O 123 36.79 -6.70 -45.50
C HIS O 123 37.77 -6.03 -46.46
N LEU O 124 37.38 -4.94 -47.13
CA LEU O 124 38.33 -4.17 -47.94
C LEU O 124 39.19 -3.26 -47.08
N ILE O 125 38.56 -2.50 -46.18
CA ILE O 125 39.30 -1.54 -45.36
C ILE O 125 40.22 -2.23 -44.36
N MET O 126 39.90 -3.45 -43.94
CA MET O 126 40.81 -4.20 -43.09
C MET O 126 42.08 -4.57 -43.86
N LYS O 127 41.93 -4.93 -45.14
CA LYS O 127 43.09 -5.30 -45.95
C LYS O 127 44.00 -4.10 -46.18
N GLY O 128 43.44 -2.90 -46.26
CA GLY O 128 44.26 -1.72 -46.52
C GLY O 128 45.15 -1.35 -45.34
N TYR O 129 44.57 -1.32 -44.13
CA TYR O 129 45.38 -1.04 -42.95
C TYR O 129 46.37 -2.17 -42.69
N ARG O 130 45.94 -3.42 -42.90
CA ARG O 130 46.80 -4.57 -42.68
C ARG O 130 47.95 -4.60 -43.68
N LYS O 131 47.75 -4.06 -44.88
CA LYS O 131 48.83 -3.90 -45.83
C LYS O 131 49.72 -2.72 -45.47
N ALA O 132 49.16 -1.67 -44.87
CA ALA O 132 49.94 -0.49 -44.53
C ALA O 132 50.86 -0.74 -43.34
N VAL O 133 50.44 -1.58 -42.40
CA VAL O 133 51.27 -1.85 -41.22
C VAL O 133 52.52 -2.65 -41.63
N SER O 134 52.43 -3.45 -42.68
CA SER O 134 53.60 -4.20 -43.15
C SER O 134 54.71 -3.28 -43.65
N LEU O 135 54.35 -2.13 -44.23
CA LEU O 135 55.32 -1.13 -44.65
C LEU O 135 55.67 -0.14 -43.55
N ALA O 136 54.77 0.10 -42.60
CA ALA O 136 55.05 1.04 -41.53
C ALA O 136 56.07 0.49 -40.55
N VAL O 137 56.00 -0.80 -40.23
CA VAL O 137 56.96 -1.41 -39.31
C VAL O 137 58.34 -1.44 -39.95
N GLU O 138 58.41 -1.70 -41.26
CA GLU O 138 59.70 -1.72 -41.93
C GLU O 138 60.30 -0.32 -42.04
N LYS O 139 59.46 0.70 -42.24
CA LYS O 139 59.98 2.06 -42.36
C LYS O 139 60.53 2.56 -41.03
N ILE O 140 59.92 2.13 -39.91
CA ILE O 140 60.43 2.50 -38.60
C ILE O 140 61.78 1.83 -38.36
N ASN O 141 61.95 0.61 -38.87
CA ASN O 141 63.24 -0.08 -38.74
C ASN O 141 64.31 0.59 -39.60
N GLU O 142 63.94 1.10 -40.77
CA GLU O 142 64.90 1.79 -41.63
C GLU O 142 65.32 3.14 -41.04
N LEU O 143 64.41 3.81 -40.34
CA LEU O 143 64.71 5.09 -39.68
C LEU O 143 65.36 4.92 -38.30
N ALA O 144 65.75 3.71 -37.92
CA ALA O 144 66.34 3.43 -36.63
C ALA O 144 67.86 3.43 -36.75
N VAL O 145 68.49 4.46 -36.21
CA VAL O 145 69.95 4.62 -36.24
C VAL O 145 70.53 4.01 -34.97
N ASP O 146 71.75 3.50 -35.10
CA ASP O 146 72.47 2.82 -34.02
C ASP O 146 73.39 3.80 -33.31
N ILE O 147 73.50 3.63 -32.00
CA ILE O 147 74.31 4.54 -31.17
C ILE O 147 75.79 4.21 -31.20
N THR O 148 76.17 2.95 -31.44
CA THR O 148 77.57 2.56 -31.39
C THR O 148 78.40 3.13 -32.53
N SER O 149 77.78 3.62 -33.61
CA SER O 149 78.54 4.23 -34.69
C SER O 149 79.22 5.52 -34.22
N GLU O 150 78.57 6.28 -33.34
CA GLU O 150 79.15 7.50 -32.79
C GLU O 150 80.10 7.24 -31.62
N LYS O 151 80.04 6.05 -31.00
CA LYS O 151 80.91 5.68 -29.88
C LYS O 151 80.70 6.61 -28.68
N SER O 152 79.44 6.87 -28.37
CA SER O 152 79.09 7.70 -27.22
C SER O 152 79.11 6.87 -25.94
N SER O 153 78.94 7.56 -24.81
CA SER O 153 78.96 6.91 -23.52
C SER O 153 77.62 6.20 -23.26
N GLY O 154 77.68 5.13 -22.47
CA GLY O 154 76.48 4.38 -22.14
C GLY O 154 75.66 4.96 -21.02
N ARG O 155 76.27 5.72 -20.12
CA ARG O 155 75.54 6.31 -19.01
C ARG O 155 74.59 7.40 -19.47
N GLU O 156 75.03 8.23 -20.41
CA GLU O 156 74.19 9.31 -20.92
C GLU O 156 73.05 8.82 -21.81
N LEU O 157 73.08 7.57 -22.27
CA LEU O 157 72.00 7.06 -23.12
C LEU O 157 70.72 6.91 -22.31
N LEU O 158 70.81 6.37 -21.09
CA LEU O 158 69.62 6.16 -20.28
C LEU O 158 69.03 7.47 -19.79
N GLU O 159 69.89 8.45 -19.47
CA GLU O 159 69.40 9.76 -19.06
C GLU O 159 68.69 10.47 -20.21
N ARG O 160 69.16 10.25 -21.44
CA ARG O 160 68.57 10.94 -22.58
C ARG O 160 67.17 10.42 -22.90
N CYS O 161 66.97 9.11 -22.84
CA CYS O 161 65.69 8.52 -23.18
C CYS O 161 64.68 8.61 -22.04
N ALA O 162 65.16 8.58 -20.79
CA ALA O 162 64.27 8.72 -19.64
C ALA O 162 63.72 10.13 -19.49
N ARG O 163 64.36 11.14 -20.08
CA ARG O 163 63.86 12.50 -20.02
C ARG O 163 62.52 12.64 -20.74
N THR O 164 62.31 11.86 -21.81
CA THR O 164 61.03 11.91 -22.53
C THR O 164 59.90 11.32 -21.69
N ALA O 165 60.21 10.29 -20.89
CA ALA O 165 59.19 9.63 -20.09
C ALA O 165 58.64 10.52 -18.99
N MET O 166 59.46 11.44 -18.46
CA MET O 166 59.06 12.29 -17.34
C MET O 166 58.25 13.51 -17.77
N SER O 167 57.81 13.59 -19.02
CA SER O 167 56.90 14.62 -19.48
C SER O 167 55.46 14.19 -19.23
N SER O 168 54.55 15.16 -19.23
CA SER O 168 53.12 14.93 -18.97
C SER O 168 52.87 14.38 -17.57
N LYS O 169 53.74 14.72 -16.61
CA LYS O 169 53.62 14.25 -15.22
C LYS O 169 53.93 15.40 -14.27
N LEU O 170 53.93 15.12 -12.98
CA LEU O 170 54.31 16.11 -11.96
C LEU O 170 55.82 16.26 -11.81
N ILE O 171 56.62 15.52 -12.58
CA ILE O 171 58.06 15.39 -12.35
C ILE O 171 58.88 16.32 -13.27
N HIS O 172 58.29 16.84 -14.36
CA HIS O 172 59.01 17.41 -15.50
C HIS O 172 59.94 18.57 -15.13
N ASN O 173 59.63 19.30 -14.06
CA ASN O 173 60.55 20.32 -13.53
C ASN O 173 61.56 19.75 -12.55
N ASN O 174 61.18 18.73 -11.77
CA ASN O 174 62.10 18.03 -10.87
C ASN O 174 62.78 16.84 -11.53
N ALA O 175 62.80 16.79 -12.88
CA ALA O 175 63.40 15.66 -13.57
C ALA O 175 64.92 15.68 -13.52
N ASP O 176 65.55 16.81 -13.20
CA ASP O 176 67.00 16.88 -13.15
C ASP O 176 67.56 16.00 -12.03
N PHE O 177 66.83 15.84 -10.93
CA PHE O 177 67.28 15.06 -9.78
C PHE O 177 66.78 13.63 -9.78
N PHE O 178 65.54 13.38 -10.22
CA PHE O 178 64.95 12.05 -10.17
C PHE O 178 65.33 11.18 -11.35
N VAL O 179 65.74 11.75 -12.48
CA VAL O 179 66.18 10.92 -13.60
C VAL O 179 67.48 10.21 -13.25
N LYS O 180 68.34 10.83 -12.44
CA LYS O 180 69.53 10.14 -11.95
C LYS O 180 69.18 8.97 -11.04
N MET O 181 68.04 9.00 -10.36
CA MET O 181 67.68 7.92 -9.46
C MET O 181 67.32 6.65 -10.22
N CYS O 182 66.44 6.76 -11.22
CA CYS O 182 66.01 5.57 -11.95
C CYS O 182 67.10 5.05 -12.88
N VAL O 183 67.95 5.93 -13.42
CA VAL O 183 69.04 5.48 -14.28
C VAL O 183 70.06 4.70 -13.47
N ASP O 184 70.49 5.24 -12.32
CA ASP O 184 71.41 4.52 -11.45
C ASP O 184 70.75 3.29 -10.82
N ALA O 185 69.43 3.29 -10.67
CA ALA O 185 68.75 2.15 -10.07
C ALA O 185 68.74 0.95 -11.01
N VAL O 186 68.44 1.18 -12.29
CA VAL O 186 68.33 0.08 -13.24
C VAL O 186 69.72 -0.44 -13.64
N LEU O 187 70.74 0.42 -13.62
CA LEU O 187 72.09 -0.02 -13.94
C LEU O 187 72.65 -0.98 -12.91
N SER O 188 72.18 -0.94 -11.67
CA SER O 188 72.63 -1.89 -10.66
C SER O 188 72.12 -3.30 -10.96
N LEU O 189 70.97 -3.41 -11.62
CA LEU O 189 70.44 -4.72 -11.99
C LEU O 189 71.35 -5.40 -13.02
N ASP O 190 71.24 -6.72 -13.09
CA ASP O 190 72.01 -7.49 -14.06
C ASP O 190 71.41 -7.32 -15.45
N ARG O 191 72.29 -7.15 -16.44
CA ARG O 191 71.84 -6.93 -17.81
C ARG O 191 71.15 -8.16 -18.39
N ASN O 192 71.63 -9.35 -18.02
CA ASN O 192 71.05 -10.59 -18.53
C ASN O 192 69.69 -10.87 -17.93
N ASP O 193 69.55 -10.64 -16.61
CA ASP O 193 68.34 -10.91 -15.85
C ASP O 193 67.86 -9.60 -15.23
N LEU O 194 67.05 -8.86 -15.99
CA LEU O 194 66.39 -7.65 -15.51
C LEU O 194 65.01 -8.01 -15.03
N ASP O 195 64.74 -7.77 -13.75
CA ASP O 195 63.52 -8.19 -13.07
C ASP O 195 62.69 -6.98 -12.68
N ASP O 196 61.36 -7.14 -12.72
CA ASP O 196 60.41 -6.08 -12.43
C ASP O 196 59.96 -6.05 -10.98
N LYS O 197 60.17 -7.12 -10.21
CA LYS O 197 59.78 -7.16 -8.80
C LYS O 197 60.84 -6.60 -7.86
N LEU O 198 62.09 -6.46 -8.31
CA LEU O 198 63.14 -5.87 -7.49
C LEU O 198 63.10 -4.34 -7.46
N ILE O 199 62.16 -3.70 -8.15
CA ILE O 199 62.01 -2.24 -8.16
C ILE O 199 60.76 -1.81 -7.38
N GLY O 200 60.43 -2.52 -6.31
CA GLY O 200 59.27 -2.16 -5.51
C GLY O 200 59.47 -0.82 -4.82
N ILE O 201 58.41 -0.02 -4.78
CA ILE O 201 58.41 1.31 -4.17
C ILE O 201 57.34 1.31 -3.09
N LYS O 202 57.71 1.72 -1.88
CA LYS O 202 56.80 1.75 -0.75
C LYS O 202 56.05 3.07 -0.71
N LYS O 203 54.73 3.00 -0.50
CA LYS O 203 53.88 4.18 -0.43
C LYS O 203 53.95 4.72 1.00
N ILE O 204 55.05 5.38 1.32
CA ILE O 204 55.29 5.95 2.64
C ILE O 204 54.73 7.38 2.64
N PRO O 205 53.90 7.79 3.61
CA PRO O 205 53.42 9.18 3.61
C PRO O 205 54.48 10.15 4.09
N GLY O 206 54.14 11.43 3.96
CA GLY O 206 54.93 12.50 4.56
C GLY O 206 56.10 12.92 3.70
N GLY O 207 56.44 14.20 3.77
CA GLY O 207 57.63 14.72 3.14
C GLY O 207 57.44 15.10 1.69
N ALA O 208 58.32 15.98 1.22
CA ALA O 208 58.34 16.41 -0.17
C ALA O 208 59.14 15.43 -1.01
N MET O 209 58.73 15.30 -2.28
CA MET O 209 59.31 14.31 -3.18
C MET O 209 60.79 14.55 -3.46
N GLU O 210 61.25 15.79 -3.42
CA GLU O 210 62.66 16.10 -3.63
C GLU O 210 63.56 15.67 -2.47
N GLU O 211 62.99 15.40 -1.28
CA GLU O 211 63.75 14.94 -0.14
C GLU O 211 64.07 13.45 -0.17
N SER O 212 63.67 12.74 -1.22
CA SER O 212 63.97 11.31 -1.32
C SER O 212 65.47 11.10 -1.52
N LEU O 213 65.89 9.85 -1.39
CA LEU O 213 67.29 9.46 -1.53
C LEU O 213 67.37 8.06 -2.11
N PHE O 214 68.32 7.86 -3.03
CA PHE O 214 68.56 6.59 -3.68
C PHE O 214 69.70 5.88 -2.96
N ILE O 215 69.46 4.64 -2.54
CA ILE O 215 70.44 3.80 -1.86
C ILE O 215 70.41 2.42 -2.52
N ASN O 216 71.60 1.85 -2.71
CA ASN O 216 71.69 0.51 -3.30
C ASN O 216 71.10 -0.56 -2.38
N GLY O 217 71.04 -0.31 -1.07
CA GLY O 217 70.43 -1.25 -0.16
C GLY O 217 68.92 -1.30 -0.29
N VAL O 218 68.29 -1.99 0.67
CA VAL O 218 66.84 -2.19 0.69
C VAL O 218 66.31 -2.06 2.11
N ALA O 219 65.11 -1.50 2.17
CA ALA O 219 64.48 -1.25 3.42
C ALA O 219 63.32 -2.14 3.57
N PHE O 220 62.82 -2.26 4.77
CA PHE O 220 61.69 -3.09 4.88
C PHE O 220 60.48 -2.58 5.65
N LYS O 221 60.62 -1.62 6.54
CA LYS O 221 59.54 -1.10 7.37
C LYS O 221 59.50 -1.91 8.60
N LYS O 222 59.53 -1.28 9.75
CA LYS O 222 59.64 -2.05 10.98
C LYS O 222 58.43 -2.85 11.16
N THR O 223 58.61 -4.03 11.68
CA THR O 223 57.51 -4.92 11.81
C THR O 223 56.87 -4.96 13.18
N PHE O 224 56.30 -6.07 13.60
CA PHE O 224 55.53 -6.06 14.84
C PHE O 224 56.25 -5.67 16.07
N SER O 225 57.48 -6.10 16.23
CA SER O 225 58.24 -5.63 17.38
C SER O 225 57.74 -5.94 18.77
N TYR O 226 57.94 -7.15 19.22
CA TYR O 226 57.55 -7.51 20.54
C TYR O 226 58.48 -6.80 21.47
N ALA O 227 58.20 -6.77 22.77
CA ALA O 227 59.04 -6.02 23.68
C ALA O 227 60.42 -6.48 23.51
N GLY O 228 61.34 -5.57 23.29
CA GLY O 228 62.70 -5.93 23.02
C GLY O 228 63.21 -4.82 22.16
N PHE O 229 62.38 -4.34 21.26
CA PHE O 229 62.75 -3.23 20.39
C PHE O 229 63.23 -2.05 21.23
N GLU O 230 63.87 -1.09 20.55
CA GLU O 230 64.47 0.13 21.10
C GLU O 230 65.36 -0.13 22.32
N GLN O 231 66.05 -1.27 22.35
CA GLN O 231 67.17 -1.51 23.25
C GLN O 231 68.46 -1.83 22.51
N GLN O 232 68.36 -2.40 21.31
CA GLN O 232 69.56 -2.73 20.53
C GLN O 232 70.14 -1.46 19.92
N PRO O 233 71.41 -1.48 19.50
CA PRO O 233 71.91 -0.35 18.70
C PRO O 233 71.27 -0.32 17.33
N LYS O 234 70.72 0.83 16.96
CA LYS O 234 70.10 1.05 15.66
C LYS O 234 71.11 1.50 14.60
N LYS O 235 72.41 1.39 14.85
CA LYS O 235 73.45 1.75 13.89
C LYS O 235 74.61 0.77 14.04
N PHE O 236 74.97 0.10 12.95
CA PHE O 236 76.06 -0.87 12.91
C PHE O 236 77.07 -0.45 11.84
N ASN O 237 78.32 -0.90 12.04
CA ASN O 237 79.41 -0.58 11.13
C ASN O 237 79.51 -1.59 9.99
N ASN O 238 79.56 -2.88 10.33
CA ASN O 238 79.66 -3.96 9.35
C ASN O 238 78.89 -5.17 9.86
N PRO O 239 77.55 -5.08 9.89
CA PRO O 239 76.76 -6.21 10.39
C PRO O 239 76.64 -7.31 9.36
N LYS O 240 76.43 -8.52 9.87
CA LYS O 240 76.22 -9.72 9.06
C LYS O 240 74.74 -10.02 9.00
N ILE O 241 74.20 -10.11 7.79
CA ILE O 241 72.77 -10.31 7.56
C ILE O 241 72.50 -11.80 7.46
N LEU O 242 71.49 -12.26 8.20
CA LEU O 242 71.06 -13.65 8.21
C LEU O 242 69.56 -13.72 7.91
N SER O 243 69.16 -14.76 7.18
CA SER O 243 67.77 -15.01 6.81
C SER O 243 67.41 -16.43 7.19
N LEU O 244 66.22 -16.61 7.77
CA LEU O 244 65.74 -17.90 8.26
C LEU O 244 64.25 -18.04 7.95
N ASN O 245 63.88 -19.13 7.30
CA ASN O 245 62.46 -19.39 7.16
C ASN O 245 62.25 -19.86 8.59
N VAL O 246 63.32 -19.85 9.39
CA VAL O 246 63.24 -20.29 10.79
C VAL O 246 62.32 -19.45 11.65
N GLU O 247 61.44 -20.10 12.40
CA GLU O 247 60.57 -19.38 13.31
C GLU O 247 61.16 -19.70 14.66
N LEU O 248 61.54 -18.68 15.42
CA LEU O 248 62.21 -18.94 16.68
C LEU O 248 61.33 -18.71 17.91
N GLU O 249 60.17 -19.35 17.99
CA GLU O 249 59.35 -19.06 19.17
C GLU O 249 59.14 -20.33 19.97
N LEU O 250 58.80 -20.19 21.26
CA LEU O 250 58.47 -21.37 22.05
C LEU O 250 57.17 -21.91 21.51
N LYS O 251 57.16 -23.17 21.07
CA LYS O 251 55.97 -23.73 20.44
C LYS O 251 55.98 -25.23 20.62
N ALA O 252 54.85 -25.89 20.38
CA ALA O 252 54.82 -27.33 20.43
C ALA O 252 55.80 -27.77 19.36
N GLU O 253 56.65 -28.76 19.65
CA GLU O 253 57.68 -29.14 18.68
C GLU O 253 57.13 -29.23 17.27
N LYS O 254 56.01 -29.91 17.10
CA LYS O 254 55.36 -29.96 15.80
C LYS O 254 53.95 -29.69 16.28
N ASP O 255 53.03 -29.29 15.41
CA ASP O 255 51.72 -28.99 15.93
C ASP O 255 51.16 -30.16 16.65
N ASN O 256 51.31 -31.33 16.06
CA ASN O 256 50.78 -32.50 16.63
C ASN O 256 51.80 -32.71 17.69
N ALA O 257 51.40 -33.03 18.89
CA ALA O 257 52.35 -33.33 19.93
C ALA O 257 51.74 -33.83 21.18
N GLU O 258 50.61 -34.48 21.10
CA GLU O 258 49.93 -35.06 22.25
C GLU O 258 50.98 -35.72 23.14
N VAL O 259 51.47 -34.98 24.13
CA VAL O 259 52.48 -35.46 25.07
C VAL O 259 51.77 -36.12 26.24
N ARG O 260 52.18 -37.35 26.56
CA ARG O 260 51.62 -38.12 27.67
C ARG O 260 52.78 -38.63 28.52
N VAL O 261 52.75 -38.28 29.81
CA VAL O 261 53.79 -38.62 30.77
C VAL O 261 53.14 -39.30 31.97
N GLU O 262 53.94 -40.14 32.64
CA GLU O 262 53.48 -40.98 33.75
C GLU O 262 54.33 -40.85 35.01
N HIS O 263 55.16 -39.81 35.13
CA HIS O 263 56.03 -39.61 36.28
C HIS O 263 56.14 -38.12 36.60
N VAL O 264 56.37 -37.82 37.88
CA VAL O 264 56.52 -36.44 38.30
C VAL O 264 57.92 -35.93 37.98
N GLU O 265 58.94 -36.79 38.12
CA GLU O 265 60.31 -36.38 37.83
C GLU O 265 60.50 -36.09 36.36
N ASP O 266 59.81 -36.82 35.48
CA ASP O 266 59.88 -36.55 34.05
C ASP O 266 59.11 -35.30 33.64
N TYR O 267 58.15 -34.86 34.46
CA TYR O 267 57.43 -33.63 34.16
C TYR O 267 58.33 -32.40 34.24
N GLN O 268 59.35 -32.45 35.10
CA GLN O 268 60.33 -31.37 35.14
C GLN O 268 61.26 -31.43 33.92
N ALA O 269 61.51 -32.64 33.40
CA ALA O 269 62.38 -32.78 32.24
C ALA O 269 61.67 -32.36 30.95
N ILE O 270 60.38 -32.66 30.82
CA ILE O 270 59.66 -32.36 29.59
C ILE O 270 59.33 -30.88 29.46
N VAL O 271 59.12 -30.17 30.57
CA VAL O 271 58.86 -28.74 30.53
C VAL O 271 60.14 -27.95 30.32
N ASP O 272 61.29 -28.44 30.80
CA ASP O 272 62.58 -27.81 30.53
C ASP O 272 63.11 -28.15 29.14
N ALA O 273 62.64 -29.24 28.53
CA ALA O 273 63.07 -29.57 27.17
C ALA O 273 62.61 -28.53 26.16
N GLU O 274 61.48 -27.86 26.43
CA GLU O 274 61.04 -26.77 25.56
C GLU O 274 62.02 -25.61 25.62
N TRP O 275 62.47 -25.26 26.83
CA TRP O 275 63.48 -24.22 26.97
C TRP O 275 64.83 -24.69 26.44
N GLN O 276 65.12 -25.99 26.56
CA GLN O 276 66.41 -26.49 26.09
C GLN O 276 66.50 -26.44 24.58
N LEU O 277 65.42 -26.78 23.88
CA LEU O 277 65.45 -26.77 22.42
C LEU O 277 65.53 -25.37 21.86
N ILE O 278 64.76 -24.43 22.40
CA ILE O 278 64.72 -23.08 21.83
C ILE O 278 66.03 -22.34 22.10
N PHE O 279 66.69 -22.60 23.22
CA PHE O 279 67.98 -21.97 23.51
C PHE O 279 69.11 -22.59 22.70
N GLU O 280 69.01 -23.87 22.35
CA GLU O 280 70.01 -24.47 21.47
C GLU O 280 69.98 -23.86 20.09
N LYS O 281 68.79 -23.49 19.61
CA LYS O 281 68.69 -22.79 18.33
C LYS O 281 69.24 -21.38 18.39
N LEU O 282 69.13 -20.71 19.55
CA LEU O 282 69.65 -19.36 19.69
C LEU O 282 71.18 -19.37 19.82
N ARG O 283 71.72 -20.35 20.53
CA ARG O 283 73.17 -20.41 20.72
C ARG O 283 73.89 -20.73 19.42
N GLN O 284 73.28 -21.56 18.56
CA GLN O 284 73.89 -21.86 17.27
C GLN O 284 73.95 -20.63 16.38
N VAL O 285 72.93 -19.78 16.42
CA VAL O 285 72.96 -18.52 15.68
C VAL O 285 73.92 -17.55 16.33
N GLU O 286 74.05 -17.60 17.66
CA GLU O 286 74.93 -16.69 18.38
C GLU O 286 76.41 -16.92 18.05
N GLU O 287 76.80 -18.18 17.83
CA GLU O 287 78.21 -18.48 17.59
C GLU O 287 78.72 -17.91 16.27
N THR O 288 77.87 -17.80 15.26
CA THR O 288 78.29 -17.27 13.96
C THR O 288 78.41 -15.76 13.95
N GLY O 289 77.83 -15.05 14.92
CA GLY O 289 77.93 -13.60 14.95
C GLY O 289 77.00 -12.89 13.99
N ALA O 290 75.82 -13.47 13.74
CA ALA O 290 74.85 -12.81 12.87
C ALA O 290 74.27 -11.59 13.57
N ASN O 291 74.66 -10.40 13.09
CA ASN O 291 74.24 -9.15 13.72
C ASN O 291 72.84 -8.72 13.33
N ILE O 292 72.35 -9.15 12.16
CA ILE O 292 71.01 -8.83 11.68
C ILE O 292 70.35 -10.16 11.28
N VAL O 293 69.36 -10.58 12.06
CA VAL O 293 68.59 -11.79 11.81
C VAL O 293 67.25 -11.36 11.20
N LEU O 294 66.87 -12.03 10.13
CA LEU O 294 65.63 -11.76 9.41
C LEU O 294 64.88 -13.06 9.19
N SER O 295 63.56 -12.95 9.02
CA SER O 295 62.72 -14.12 8.82
C SER O 295 61.39 -13.70 8.24
N LYS O 296 60.85 -14.54 7.36
CA LYS O 296 59.53 -14.29 6.79
C LYS O 296 58.42 -14.60 7.78
N LEU O 297 58.59 -15.66 8.58
CA LEU O 297 57.64 -16.08 9.61
C LEU O 297 57.99 -15.42 10.94
N PRO O 298 57.09 -15.34 11.92
CA PRO O 298 57.34 -14.50 13.10
C PRO O 298 58.42 -15.07 14.01
N ILE O 299 59.08 -14.16 14.72
CA ILE O 299 60.11 -14.47 15.70
C ILE O 299 59.46 -14.52 17.08
N GLY O 300 59.89 -15.47 17.90
CA GLY O 300 59.33 -15.59 19.24
C GLY O 300 59.72 -14.43 20.13
N ASP O 301 59.00 -14.31 21.25
CA ASP O 301 59.26 -13.23 22.19
C ASP O 301 60.57 -13.45 22.94
N LEU O 302 60.88 -14.70 23.29
CA LEU O 302 62.11 -14.98 24.03
C LEU O 302 63.35 -14.68 23.21
N ALA O 303 63.27 -14.80 21.89
CA ALA O 303 64.43 -14.50 21.05
C ALA O 303 64.75 -13.01 21.04
N THR O 304 63.74 -12.15 21.20
CA THR O 304 64.00 -10.71 21.21
C THR O 304 64.78 -10.29 22.45
N GLN O 305 64.40 -10.81 23.62
CA GLN O 305 65.17 -10.55 24.83
C GLN O 305 66.56 -11.17 24.78
N PHE O 306 66.74 -12.28 24.06
CA PHE O 306 68.06 -12.88 23.93
C PHE O 306 68.94 -12.09 22.97
N PHE O 307 68.40 -11.75 21.81
CA PHE O 307 69.12 -10.92 20.85
C PHE O 307 69.29 -9.48 21.32
N ALA O 308 68.44 -8.99 22.23
CA ALA O 308 68.64 -7.66 22.79
C ALA O 308 69.84 -7.60 23.71
N ASP O 309 70.22 -8.74 24.32
CA ASP O 309 71.32 -8.75 25.28
C ASP O 309 72.67 -8.60 24.58
N ARG O 310 72.89 -9.37 23.50
CA ARG O 310 74.17 -9.40 22.79
C ARG O 310 74.16 -8.47 21.57
N ASN O 311 73.43 -7.35 21.66
CA ASN O 311 73.25 -6.31 20.62
C ASN O 311 73.06 -6.86 19.21
N ILE O 312 72.27 -7.92 19.08
CA ILE O 312 71.92 -8.53 17.79
C ILE O 312 70.58 -7.96 17.36
N PHE O 313 70.51 -7.43 16.14
CA PHE O 313 69.28 -6.88 15.60
C PHE O 313 68.42 -8.00 15.02
N CYS O 314 67.10 -7.89 15.21
CA CYS O 314 66.15 -8.91 14.78
C CYS O 314 64.89 -8.25 14.22
N ALA O 315 64.26 -8.92 13.27
CA ALA O 315 63.00 -8.46 12.67
C ALA O 315 62.35 -9.64 11.96
N GLY O 316 61.02 -9.67 12.00
CA GLY O 316 60.24 -10.76 11.43
C GLY O 316 59.00 -10.27 10.70
N ARG O 317 58.22 -11.26 10.25
CA ARG O 317 56.98 -11.02 9.48
C ARG O 317 57.25 -10.23 8.21
N VAL O 318 58.35 -10.57 7.52
CA VAL O 318 58.69 -9.95 6.25
C VAL O 318 57.99 -10.71 5.13
N SER O 319 57.56 -9.98 4.10
CA SER O 319 56.89 -10.61 2.97
C SER O 319 57.88 -11.38 2.12
N ALA O 320 57.34 -12.21 1.23
CA ALA O 320 58.20 -13.03 0.37
C ALA O 320 58.85 -12.19 -0.72
N ASP O 321 58.11 -11.23 -1.28
CA ASP O 321 58.66 -10.39 -2.34
C ASP O 321 59.76 -9.47 -1.81
N ASP O 322 59.56 -8.92 -0.60
CA ASP O 322 60.57 -8.05 -0.01
C ASP O 322 61.79 -8.85 0.44
N MET O 323 61.57 -10.06 0.97
CA MET O 323 62.69 -10.88 1.41
C MET O 323 63.51 -11.36 0.22
N ASN O 324 62.86 -11.62 -0.91
CA ASN O 324 63.60 -12.01 -2.12
C ASN O 324 64.50 -10.88 -2.60
N ARG O 325 64.09 -9.62 -2.39
CA ARG O 325 64.95 -8.50 -2.75
C ARG O 325 66.17 -8.40 -1.82
N VAL O 326 66.02 -8.83 -0.57
CA VAL O 326 67.14 -8.78 0.37
C VAL O 326 68.21 -9.78 -0.04
N ILE O 327 67.80 -10.96 -0.51
CA ILE O 327 68.75 -12.02 -0.82
C ILE O 327 69.58 -11.67 -2.04
N GLN O 328 69.00 -10.93 -3.00
CA GLN O 328 69.78 -10.48 -4.15
C GLN O 328 70.85 -9.46 -3.74
N ALA O 329 70.64 -8.72 -2.65
CA ALA O 329 71.60 -7.74 -2.17
C ALA O 329 72.66 -8.35 -1.26
N VAL O 330 72.23 -9.15 -0.27
CA VAL O 330 73.13 -9.64 0.77
C VAL O 330 73.81 -10.96 0.42
N GLY O 331 73.71 -11.41 -0.83
CA GLY O 331 74.49 -12.55 -1.28
C GLY O 331 73.82 -13.91 -1.10
N GLY O 332 74.16 -14.60 -0.01
CA GLY O 332 73.77 -15.99 0.16
C GLY O 332 72.27 -16.17 0.29
N SER O 333 71.84 -17.41 0.05
CA SER O 333 70.43 -17.76 0.03
C SER O 333 69.93 -17.99 1.46
N ILE O 334 68.66 -18.39 1.59
CA ILE O 334 68.03 -18.61 2.88
C ILE O 334 68.26 -20.05 3.30
N GLN O 335 68.51 -20.26 4.60
CA GLN O 335 68.60 -21.58 5.20
C GLN O 335 67.65 -21.66 6.38
N SER O 336 66.90 -22.76 6.46
CA SER O 336 65.90 -22.99 7.50
C SER O 336 66.36 -24.00 8.55
N THR O 337 67.66 -24.06 8.83
CA THR O 337 68.22 -24.96 9.82
C THR O 337 69.37 -24.27 10.53
N THR O 338 69.25 -24.15 11.86
CA THR O 338 70.27 -23.44 12.63
C THR O 338 71.60 -24.19 12.67
N SER O 339 71.57 -25.51 12.57
CA SER O 339 72.80 -26.30 12.63
C SER O 339 73.56 -26.33 11.30
N ASP O 340 72.88 -26.15 10.17
CA ASP O 340 73.49 -26.20 8.86
C ASP O 340 73.95 -24.83 8.36
N ILE O 341 73.98 -23.80 9.23
CA ILE O 341 74.46 -22.49 8.84
C ILE O 341 75.96 -22.56 8.59
N LYS O 342 76.49 -21.53 7.91
CA LYS O 342 77.90 -21.40 7.57
C LYS O 342 78.24 -19.91 7.58
N PRO O 343 79.47 -19.50 7.94
CA PRO O 343 79.83 -18.08 7.75
C PRO O 343 79.72 -17.58 6.32
N GLU O 344 80.06 -18.40 5.33
CA GLU O 344 80.15 -17.95 3.95
C GLU O 344 78.79 -17.55 3.36
N HIS O 345 77.69 -18.02 3.92
CA HIS O 345 76.35 -17.63 3.47
C HIS O 345 75.92 -16.26 3.98
N LEU O 346 76.57 -15.73 5.02
CA LEU O 346 76.19 -14.43 5.56
C LEU O 346 76.56 -13.31 4.60
N GLY O 347 75.72 -12.27 4.60
CA GLY O 347 75.97 -11.07 3.84
C GLY O 347 76.76 -10.04 4.65
N THR O 348 76.92 -8.86 4.04
CA THR O 348 77.63 -7.78 4.68
C THR O 348 77.27 -6.46 4.02
N CYS O 349 77.52 -5.37 4.73
CA CYS O 349 77.30 -4.03 4.21
C CYS O 349 78.23 -3.07 4.91
N ALA O 350 78.61 -2.01 4.21
CA ALA O 350 79.58 -1.05 4.75
C ALA O 350 78.97 -0.14 5.80
N LEU O 351 77.65 0.06 5.79
CA LEU O 351 77.01 0.93 6.75
C LEU O 351 75.55 0.57 6.86
N PHE O 352 74.98 0.82 8.04
CA PHE O 352 73.58 0.53 8.33
C PHE O 352 73.07 1.57 9.32
N GLU O 353 71.86 2.09 9.06
CA GLU O 353 71.29 3.14 9.89
C GLU O 353 69.78 3.11 9.75
N GLU O 354 69.08 3.17 10.89
CA GLU O 354 67.63 3.25 10.94
C GLU O 354 67.24 4.70 11.23
N MET O 355 66.38 5.25 10.38
CA MET O 355 65.92 6.63 10.51
C MET O 355 64.44 6.70 10.14
N GLN O 356 63.77 7.45 11.00
CA GLN O 356 62.37 7.63 10.87
C GLN O 356 62.20 8.53 9.77
N ILE O 357 61.95 7.96 8.62
CA ILE O 357 61.65 8.75 7.52
C ILE O 357 60.18 8.90 7.78
N GLY O 358 59.73 10.06 8.24
CA GLY O 358 58.31 10.30 8.38
C GLY O 358 57.39 9.44 9.21
N SER O 359 57.61 9.37 10.52
CA SER O 359 56.70 8.66 11.40
C SER O 359 56.65 7.23 11.05
N GLU O 360 57.56 6.77 10.20
CA GLU O 360 57.65 5.38 9.89
C GLU O 360 59.09 4.99 10.05
N ARG O 361 59.37 3.97 10.85
CA ARG O 361 60.69 3.55 11.07
C ARG O 361 61.04 2.54 10.04
N TYR O 362 62.11 2.76 9.33
CA TYR O 362 62.52 1.90 8.23
C TYR O 362 64.00 1.60 8.38
N ASN O 363 64.44 0.36 8.27
CA ASN O 363 65.82 -0.10 8.38
C ASN O 363 66.47 -0.07 7.00
N LEU O 364 67.55 0.69 6.87
CA LEU O 364 68.19 0.97 5.59
C LEU O 364 69.60 0.38 5.57
N PHE O 365 69.84 -0.56 4.66
CA PHE O 365 71.21 -0.99 4.36
C PHE O 365 71.85 0.07 3.46
N GLN O 366 73.15 0.31 3.67
CA GLN O 366 73.90 1.32 2.94
C GLN O 366 75.29 0.79 2.60
N GLY O 367 75.81 1.26 1.47
CA GLY O 367 77.12 0.85 1.01
C GLY O 367 77.15 -0.60 0.56
N CYS O 368 76.43 -0.90 -0.52
CA CYS O 368 76.32 -2.25 -1.08
C CYS O 368 76.60 -2.16 -2.57
N PRO O 369 77.86 -1.94 -2.97
CA PRO O 369 78.16 -1.87 -4.41
C PRO O 369 77.98 -3.18 -5.14
N GLN O 370 78.07 -4.32 -4.46
CA GLN O 370 77.88 -5.63 -5.07
C GLN O 370 76.41 -6.03 -5.17
N ALA O 371 75.47 -5.16 -4.78
CA ALA O 371 74.06 -5.51 -4.79
C ALA O 371 73.49 -5.42 -6.20
N LYS O 372 72.80 -6.48 -6.61
CA LYS O 372 72.15 -6.56 -7.91
C LYS O 372 70.67 -6.16 -7.84
N THR O 373 70.30 -5.26 -6.94
CA THR O 373 68.94 -4.77 -6.78
C THR O 373 68.98 -3.32 -6.34
N CYS O 374 67.81 -2.77 -6.01
CA CYS O 374 67.69 -1.36 -5.70
C CYS O 374 66.37 -1.13 -4.98
N THR O 375 66.20 0.10 -4.47
CA THR O 375 64.96 0.51 -3.82
C THR O 375 64.75 1.99 -4.06
N LEU O 376 63.50 2.42 -3.86
CA LEU O 376 63.10 3.81 -4.04
C LEU O 376 62.08 4.17 -2.96
N LEU O 377 62.36 5.26 -2.24
CA LEU O 377 61.48 5.78 -1.18
C LEU O 377 60.98 7.14 -1.65
N LEU O 378 59.86 7.12 -2.39
CA LEU O 378 59.26 8.32 -2.95
C LEU O 378 58.28 8.91 -1.95
N ARG O 379 58.37 10.22 -1.74
CA ARG O 379 57.55 10.97 -0.79
C ARG O 379 56.43 11.68 -1.53
N GLY O 380 55.63 12.40 -0.79
CA GLY O 380 54.55 13.10 -1.41
C GLY O 380 53.69 13.87 -0.47
N GLY O 381 53.14 14.97 -0.96
CA GLY O 381 52.25 15.74 -0.14
C GLY O 381 51.06 14.90 0.19
N ALA O 382 50.57 14.15 -0.75
CA ALA O 382 49.36 13.45 -0.47
C ALA O 382 49.52 12.06 -0.81
N GLU O 383 48.45 11.31 -0.75
CA GLU O 383 48.71 9.91 -1.03
C GLU O 383 48.74 9.60 -2.51
N GLN O 384 48.03 10.38 -3.33
CA GLN O 384 48.03 10.18 -4.78
C GLN O 384 49.27 10.77 -5.44
N VAL O 385 49.91 11.75 -4.81
CA VAL O 385 51.19 12.24 -5.31
C VAL O 385 52.24 11.13 -5.24
N ILE O 386 52.18 10.31 -4.18
CA ILE O 386 53.10 9.20 -4.04
C ILE O 386 52.80 8.14 -5.10
N ALA O 387 51.53 7.78 -5.24
CA ALA O 387 51.16 6.74 -6.19
C ALA O 387 51.35 7.19 -7.64
N GLU O 388 51.10 8.46 -7.92
CA GLU O 388 51.29 8.98 -9.27
C GLU O 388 52.77 9.02 -9.64
N VAL O 389 53.62 9.49 -8.72
CA VAL O 389 55.05 9.50 -8.96
C VAL O 389 55.61 8.07 -8.93
N GLU O 390 54.96 7.16 -8.19
CA GLU O 390 55.40 5.77 -8.18
C GLU O 390 55.25 5.14 -9.56
N ARG O 391 54.04 5.15 -10.12
CA ARG O 391 53.81 4.61 -11.45
C ARG O 391 54.50 5.41 -12.54
N SER O 392 54.82 6.69 -12.29
CA SER O 392 55.55 7.47 -13.27
C SER O 392 56.98 6.95 -13.44
N LEU O 393 57.70 6.77 -12.33
CA LEU O 393 59.04 6.21 -12.40
C LEU O 393 59.04 4.75 -12.82
N HIS O 394 57.94 4.02 -12.56
CA HIS O 394 57.82 2.67 -13.10
C HIS O 394 57.78 2.70 -14.61
N ASP O 395 57.10 3.70 -15.19
CA ASP O 395 57.14 3.86 -16.64
C ASP O 395 58.50 4.32 -17.12
N ALA O 396 59.20 5.16 -16.33
CA ALA O 396 60.54 5.58 -16.71
C ALA O 396 61.52 4.41 -16.64
N ILE O 397 61.37 3.55 -15.63
CA ILE O 397 62.17 2.34 -15.56
C ILE O 397 61.85 1.41 -16.73
N MET O 398 60.59 1.39 -17.17
CA MET O 398 60.20 0.53 -18.28
C MET O 398 60.84 0.96 -19.59
N ILE O 399 61.14 2.25 -19.76
CA ILE O 399 61.82 2.70 -20.97
C ILE O 399 63.26 2.19 -20.98
N VAL O 400 64.02 2.48 -19.91
CA VAL O 400 65.40 1.99 -19.81
C VAL O 400 65.48 0.47 -19.65
N LYS O 401 64.39 -0.17 -19.20
CA LYS O 401 64.32 -1.63 -19.22
C LYS O 401 64.48 -2.17 -20.63
N ARG O 402 63.72 -1.62 -21.58
CA ARG O 402 63.73 -2.08 -22.96
C ARG O 402 64.84 -1.46 -23.79
N ALA O 403 65.37 -0.30 -23.38
CA ALA O 403 66.46 0.32 -24.13
C ALA O 403 67.75 -0.46 -24.05
N LEU O 404 68.00 -1.15 -22.93
CA LEU O 404 69.20 -1.96 -22.78
C LEU O 404 69.16 -3.24 -23.59
N GLN O 405 67.98 -3.80 -23.82
CA GLN O 405 67.87 -5.02 -24.62
C GLN O 405 68.21 -4.76 -26.08
N ASN O 406 67.61 -3.73 -26.66
CA ASN O 406 67.87 -3.30 -28.02
C ASN O 406 68.02 -1.78 -28.04
N LYS O 407 69.07 -1.30 -28.71
CA LYS O 407 69.44 0.12 -28.74
C LYS O 407 69.06 0.66 -30.12
N LEU O 408 67.86 1.25 -30.20
CA LEU O 408 67.34 1.86 -31.41
C LEU O 408 66.74 3.22 -31.07
N ILE O 409 67.19 4.25 -31.79
CA ILE O 409 66.75 5.62 -31.61
C ILE O 409 65.72 5.91 -32.69
N VAL O 410 64.62 6.57 -32.31
CA VAL O 410 63.56 6.98 -33.23
C VAL O 410 63.09 8.36 -32.82
N ALA O 411 62.56 9.10 -33.79
CA ALA O 411 62.10 10.46 -33.56
C ALA O 411 60.92 10.47 -32.60
N GLY O 412 60.65 11.67 -32.05
CA GLY O 412 59.57 11.86 -31.11
C GLY O 412 58.84 13.18 -31.38
N GLY O 413 57.81 13.40 -30.58
CA GLY O 413 56.98 14.58 -30.75
C GLY O 413 56.01 14.49 -31.91
N GLY O 414 55.58 13.29 -32.28
CA GLY O 414 54.72 13.11 -33.42
C GLY O 414 55.42 13.12 -34.77
N ALA O 415 56.76 13.11 -34.79
CA ALA O 415 57.49 13.17 -36.05
C ALA O 415 57.51 11.81 -36.75
N THR O 416 57.64 10.73 -35.97
CA THR O 416 57.72 9.38 -36.54
C THR O 416 56.42 9.00 -37.25
N GLU O 417 55.29 9.48 -36.74
CA GLU O 417 54.02 9.19 -37.39
C GLU O 417 53.91 9.84 -38.76
N MET O 418 54.50 11.02 -38.94
CA MET O 418 54.34 11.78 -40.18
C MET O 418 55.28 11.29 -41.27
N GLU O 419 56.52 10.90 -40.94
CA GLU O 419 57.40 10.32 -41.95
C GLU O 419 56.87 8.97 -42.43
N VAL O 420 56.19 8.23 -41.56
CA VAL O 420 55.56 6.98 -41.99
C VAL O 420 54.33 7.27 -42.84
N SER O 421 53.58 8.34 -42.51
CA SER O 421 52.37 8.64 -43.26
C SER O 421 52.68 9.13 -44.67
N LYS O 422 53.66 10.02 -44.82
CA LYS O 422 53.99 10.54 -46.15
C LYS O 422 54.61 9.47 -47.04
N CYS O 423 55.31 8.49 -46.45
CA CYS O 423 55.80 7.37 -47.24
C CYS O 423 54.66 6.51 -47.75
N LEU O 424 53.64 6.30 -46.92
CA LEU O 424 52.46 5.56 -47.36
C LEU O 424 51.68 6.34 -48.41
N ARG O 425 51.70 7.67 -48.34
CA ARG O 425 51.07 8.48 -49.37
C ARG O 425 51.81 8.33 -50.70
N ASP O 426 53.13 8.23 -50.65
CA ASP O 426 53.90 7.97 -51.87
C ASP O 426 53.64 6.58 -52.41
N TYR O 427 53.38 5.61 -51.53
CA TYR O 427 53.05 4.25 -51.95
C TYR O 427 51.60 4.14 -52.43
N SER O 428 50.70 4.99 -51.93
CA SER O 428 49.29 4.89 -52.28
C SER O 428 48.98 5.43 -53.67
N LYS O 429 49.70 6.45 -54.12
CA LYS O 429 49.44 7.05 -55.43
C LYS O 429 49.68 6.10 -56.59
N THR O 430 50.56 5.11 -56.44
CA THR O 430 50.83 4.13 -57.47
C THR O 430 49.82 2.98 -57.51
N ILE O 431 48.88 2.93 -56.57
CA ILE O 431 47.94 1.81 -56.51
C ILE O 431 46.82 2.01 -57.51
N ALA O 432 46.13 3.15 -57.43
CA ALA O 432 44.99 3.48 -58.30
C ALA O 432 43.88 2.44 -58.17
N GLY O 433 43.33 2.36 -56.95
CA GLY O 433 42.25 1.44 -56.67
C GLY O 433 41.55 1.81 -55.39
N LYS O 434 40.80 0.85 -54.83
CA LYS O 434 40.11 1.08 -53.57
C LYS O 434 41.08 1.24 -52.41
N GLN O 435 42.23 0.58 -52.47
CA GLN O 435 43.21 0.66 -51.39
C GLN O 435 43.89 2.02 -51.30
N GLN O 436 43.79 2.86 -52.33
CA GLN O 436 44.41 4.18 -52.27
C GLN O 436 43.74 5.06 -51.23
N MET O 437 42.41 5.15 -51.27
CA MET O 437 41.69 5.98 -50.31
C MET O 437 41.79 5.43 -48.90
N ILE O 438 41.92 4.11 -48.75
CA ILE O 438 42.04 3.52 -47.42
C ILE O 438 43.40 3.87 -46.82
N ILE O 439 44.47 3.75 -47.60
CA ILE O 439 45.80 4.04 -47.08
C ILE O 439 45.95 5.54 -46.83
N ASN O 440 45.29 6.37 -47.63
CA ASN O 440 45.29 7.81 -47.34
C ASN O 440 44.55 8.11 -46.04
N ALA O 441 43.51 7.34 -45.72
CA ALA O 441 42.86 7.48 -44.43
C ALA O 441 43.76 6.99 -43.30
N PHE O 442 44.56 5.95 -43.56
CA PHE O 442 45.53 5.51 -42.57
C PHE O 442 46.60 6.57 -42.34
N ALA O 443 46.98 7.29 -43.41
CA ALA O 443 47.90 8.41 -43.25
C ALA O 443 47.26 9.57 -42.49
N LYS O 444 45.96 9.78 -42.69
CA LYS O 444 45.26 10.83 -41.96
C LYS O 444 45.11 10.47 -40.49
N ALA O 445 44.95 9.18 -40.17
CA ALA O 445 44.80 8.76 -38.78
C ALA O 445 46.10 8.92 -37.99
N LEU O 446 47.25 8.68 -38.61
CA LEU O 446 48.53 8.89 -37.94
C LEU O 446 48.84 10.34 -37.67
N GLU O 447 48.20 11.27 -38.40
CA GLU O 447 48.41 12.70 -38.17
C GLU O 447 47.78 13.20 -36.88
N VAL O 448 46.91 12.42 -36.23
CA VAL O 448 46.20 12.91 -35.05
C VAL O 448 47.09 13.12 -33.84
N ILE O 449 48.24 12.44 -33.77
CA ILE O 449 49.11 12.55 -32.60
C ILE O 449 49.76 13.93 -32.57
N PRO O 450 50.21 14.49 -33.70
CA PRO O 450 50.58 15.92 -33.70
C PRO O 450 49.46 16.87 -33.30
N ARG O 451 48.18 16.51 -33.49
CA ARG O 451 47.10 17.45 -33.24
C ARG O 451 46.95 17.75 -31.75
N GLN O 452 46.83 16.70 -30.93
CA GLN O 452 46.61 16.87 -29.50
C GLN O 452 47.80 17.51 -28.80
N LEU O 453 49.00 17.37 -29.35
CA LEU O 453 50.15 18.09 -28.81
C LEU O 453 49.95 19.60 -28.95
N CYS O 454 49.38 20.03 -30.08
CA CYS O 454 49.17 21.44 -30.35
C CYS O 454 47.88 21.96 -29.71
N GLU O 455 46.85 21.11 -29.62
CA GLU O 455 45.59 21.56 -29.03
C GLU O 455 45.73 21.79 -27.53
N ASN O 456 46.44 20.91 -26.83
CA ASN O 456 46.69 21.10 -25.41
C ASN O 456 47.64 22.27 -25.13
N ALA O 457 48.54 22.58 -26.07
CA ALA O 457 49.42 23.74 -25.93
C ALA O 457 48.71 25.06 -26.18
N GLY O 458 47.58 25.05 -26.89
CA GLY O 458 46.81 26.25 -27.17
C GLY O 458 47.05 26.84 -28.55
N PHE O 459 48.14 26.48 -29.22
CA PHE O 459 48.39 26.99 -30.56
C PHE O 459 47.47 26.32 -31.56
N ASP O 460 47.20 27.03 -32.66
CA ASP O 460 46.35 26.50 -33.71
C ASP O 460 47.04 25.35 -34.43
N ALA O 461 46.24 24.34 -34.81
CA ALA O 461 46.76 23.10 -35.34
C ALA O 461 46.83 23.07 -36.86
N ILE O 462 45.90 23.71 -37.57
CA ILE O 462 45.88 23.61 -39.02
C ILE O 462 47.04 24.39 -39.63
N GLU O 463 47.44 25.50 -39.02
CA GLU O 463 48.54 26.30 -39.58
C GLU O 463 49.87 25.59 -39.42
N ILE O 464 50.13 25.03 -38.23
CA ILE O 464 51.43 24.42 -37.97
C ILE O 464 51.58 23.09 -38.72
N LEU O 465 50.49 22.33 -38.87
CA LEU O 465 50.58 21.07 -39.60
C LEU O 465 50.82 21.28 -41.08
N ASN O 466 50.24 22.33 -41.66
CA ASN O 466 50.54 22.67 -43.05
C ASN O 466 52.00 23.07 -43.22
N LYS O 467 52.59 23.68 -42.19
CA LYS O 467 54.01 24.02 -42.25
C LYS O 467 54.87 22.76 -42.26
N LEU O 468 54.44 21.72 -41.55
CA LEU O 468 55.19 20.46 -41.56
C LEU O 468 54.99 19.72 -42.88
N ARG O 469 53.80 19.82 -43.49
CA ARG O 469 53.59 19.21 -44.79
C ARG O 469 54.45 19.86 -45.86
N LEU O 470 54.69 21.17 -45.75
CA LEU O 470 55.63 21.84 -46.64
C LEU O 470 57.07 21.51 -46.31
N ALA O 471 57.37 21.23 -45.04
CA ALA O 471 58.72 20.90 -44.62
C ALA O 471 59.10 19.46 -44.94
N HIS O 472 58.15 18.53 -44.83
CA HIS O 472 58.41 17.12 -45.12
C HIS O 472 58.39 16.80 -46.61
N SER O 473 58.22 17.80 -47.49
CA SER O 473 58.32 17.54 -48.93
C SER O 473 59.74 17.15 -49.31
N LYS O 474 60.73 17.82 -48.74
CA LYS O 474 62.13 17.48 -48.93
C LYS O 474 62.55 16.38 -47.95
N GLY O 475 63.77 15.89 -48.12
CA GLY O 475 64.31 14.90 -47.22
C GLY O 475 64.65 15.48 -45.87
N GLU O 476 63.97 15.02 -44.82
CA GLU O 476 64.17 15.55 -43.47
C GLU O 476 63.81 14.48 -42.47
N LYS O 477 64.48 14.49 -41.31
CA LYS O 477 64.26 13.51 -40.26
C LYS O 477 64.41 14.21 -38.91
N TRP O 478 63.78 13.64 -37.89
CA TRP O 478 63.70 14.22 -36.55
C TRP O 478 63.09 15.62 -36.58
N TYR O 479 62.15 15.89 -37.48
CA TYR O 479 61.50 17.22 -37.43
C TYR O 479 60.16 17.20 -36.77
N GLY O 480 59.98 17.98 -35.72
CA GLY O 480 58.76 17.88 -34.97
C GLY O 480 58.42 19.02 -34.08
N VAL O 481 57.30 18.92 -33.40
CA VAL O 481 56.90 19.97 -32.51
C VAL O 481 57.80 20.12 -31.34
N VAL O 482 58.24 21.32 -31.09
CA VAL O 482 58.98 21.55 -29.92
C VAL O 482 58.27 22.48 -29.05
N PHE O 483 58.03 22.02 -27.86
CA PHE O 483 57.28 22.78 -26.97
C PHE O 483 57.91 24.04 -26.48
N GLU O 484 59.19 24.02 -26.29
CA GLU O 484 59.82 25.16 -25.71
C GLU O 484 59.68 26.45 -26.51
N THR O 485 59.89 26.41 -27.80
CA THR O 485 59.92 27.65 -28.57
C THR O 485 58.69 27.87 -29.34
N GLU O 486 57.72 27.05 -29.12
CA GLU O 486 56.43 27.28 -29.74
C GLU O 486 56.49 27.41 -31.21
N ASN O 487 57.34 26.67 -31.84
CA ASN O 487 57.41 26.69 -33.27
C ASN O 487 57.94 25.35 -33.50
N ILE O 488 58.96 25.20 -34.37
CA ILE O 488 59.39 23.85 -34.75
C ILE O 488 60.87 23.86 -35.11
N GLY O 489 61.45 22.68 -35.10
CA GLY O 489 62.86 22.55 -35.42
C GLY O 489 63.29 21.10 -35.40
N ASP O 490 64.61 20.90 -35.42
CA ASP O 490 65.18 19.56 -35.41
C ASP O 490 65.16 18.99 -34.00
N ASN O 491 64.46 17.87 -33.83
CA ASN O 491 64.39 17.22 -32.52
C ASN O 491 65.74 16.66 -32.09
N PHE O 492 66.61 16.28 -33.03
CA PHE O 492 67.93 15.80 -32.67
C PHE O 492 68.78 16.92 -32.08
N ALA O 493 68.66 18.14 -32.63
CA ALA O 493 69.32 19.29 -32.03
C ALA O 493 68.72 19.63 -30.66
N LYS O 494 67.42 19.39 -30.49
CA LYS O 494 66.76 19.55 -29.20
C LYS O 494 66.99 18.37 -28.26
N PHE O 495 67.57 17.26 -28.75
CA PHE O 495 67.96 16.11 -27.91
C PHE O 495 66.76 15.49 -27.20
N VAL O 496 65.84 14.92 -27.98
CA VAL O 496 64.74 14.11 -27.46
C VAL O 496 64.66 12.83 -28.30
N TRP O 497 64.68 11.68 -27.62
CA TRP O 497 64.66 10.37 -28.25
C TRP O 497 63.59 9.51 -27.59
N GLU O 498 63.27 8.39 -28.25
CA GLU O 498 62.36 7.39 -27.71
C GLU O 498 62.80 6.01 -28.20
N PRO O 499 62.30 4.92 -27.61
CA PRO O 499 62.56 3.60 -28.20
C PRO O 499 61.70 3.35 -29.42
N ALA O 500 62.13 2.41 -30.25
CA ALA O 500 61.37 1.99 -31.42
C ALA O 500 60.26 1.00 -31.10
N LEU O 501 60.35 0.29 -29.98
CA LEU O 501 59.31 -0.67 -29.62
C LEU O 501 58.00 0.01 -29.26
N VAL O 502 58.04 1.26 -28.81
CA VAL O 502 56.82 1.99 -28.47
C VAL O 502 55.97 2.21 -29.73
N LYS O 503 56.62 2.64 -30.81
CA LYS O 503 55.89 2.94 -32.05
C LYS O 503 55.47 1.67 -32.77
N ILE O 504 56.29 0.62 -32.71
CA ILE O 504 55.98 -0.62 -33.43
C ILE O 504 54.78 -1.30 -32.78
N ASN O 505 54.84 -1.51 -31.46
CA ASN O 505 53.75 -2.19 -30.77
C ASN O 505 52.47 -1.34 -30.74
N ALA O 506 52.61 -0.01 -30.82
CA ALA O 506 51.42 0.85 -30.85
C ALA O 506 50.68 0.70 -32.16
N LEU O 507 51.41 0.65 -33.28
CA LEU O 507 50.75 0.49 -34.59
C LEU O 507 50.14 -0.90 -34.73
N ASN O 508 50.83 -1.94 -34.25
CA ASN O 508 50.29 -3.28 -34.34
C ASN O 508 49.10 -3.46 -33.41
N SER O 509 49.18 -2.92 -32.19
CA SER O 509 48.07 -3.05 -31.24
C SER O 509 46.89 -2.20 -31.67
N ALA O 510 47.13 -1.00 -32.20
CA ALA O 510 46.04 -0.14 -32.64
C ALA O 510 45.34 -0.71 -33.87
N THR O 511 46.09 -1.29 -34.80
CA THR O 511 45.48 -1.88 -35.98
C THR O 511 44.76 -3.18 -35.63
N GLU O 512 45.34 -3.97 -34.71
CA GLU O 512 44.66 -5.17 -34.26
C GLU O 512 43.40 -4.84 -33.45
N ALA O 513 43.45 -3.74 -32.69
CA ALA O 513 42.24 -3.28 -32.01
C ALA O 513 41.20 -2.82 -33.02
N THR O 514 41.63 -2.19 -34.11
CA THR O 514 40.71 -1.75 -35.14
C THR O 514 40.08 -2.94 -35.86
N ASN O 515 40.91 -3.89 -36.28
CA ASN O 515 40.41 -5.05 -37.03
C ASN O 515 39.53 -5.97 -36.21
N LEU O 516 39.59 -5.88 -34.87
CA LEU O 516 38.76 -6.76 -34.04
C LEU O 516 37.29 -6.43 -34.18
N ILE O 517 36.92 -5.16 -34.06
CA ILE O 517 35.53 -4.70 -34.07
C ILE O 517 35.10 -4.14 -35.42
N LEU O 518 36.00 -4.10 -36.41
CA LEU O 518 35.62 -3.93 -37.81
C LEU O 518 35.34 -5.26 -38.51
N SER O 519 35.83 -6.37 -37.95
CA SER O 519 35.49 -7.71 -38.42
C SER O 519 34.23 -8.28 -37.78
N VAL O 520 33.34 -7.43 -37.27
CA VAL O 520 32.06 -7.83 -36.70
C VAL O 520 30.98 -6.89 -37.20
N ASP O 521 29.72 -7.31 -37.02
CA ASP O 521 28.57 -6.49 -37.35
C ASP O 521 27.44 -6.63 -36.34
N GLU O 522 27.68 -7.21 -35.16
CA GLU O 522 26.63 -7.42 -34.18
C GLU O 522 27.26 -7.72 -32.83
N THR O 523 26.56 -7.33 -31.76
CA THR O 523 26.97 -7.61 -30.40
C THR O 523 25.74 -8.06 -29.62
N ILE O 524 25.73 -9.33 -29.22
CA ILE O 524 24.62 -9.96 -28.52
C ILE O 524 24.98 -10.01 -27.04
N THR O 525 24.02 -9.65 -26.19
CA THR O 525 24.19 -9.64 -24.74
C THR O 525 22.99 -10.33 -24.11
N ASN O 526 23.23 -11.46 -23.45
CA ASN O 526 22.18 -12.22 -22.80
C ASN O 526 21.82 -11.56 -21.47
N LYS O 527 20.82 -12.11 -20.79
CA LYS O 527 20.33 -11.59 -19.50
C LYS O 527 19.84 -10.15 -19.64
N ALA P 49 7.12 -33.60 -4.41
CA ALA P 49 8.47 -33.23 -4.80
C ALA P 49 9.48 -33.70 -3.75
N LYS P 50 9.12 -33.50 -2.47
CA LYS P 50 10.01 -33.90 -1.38
C LYS P 50 10.13 -35.41 -1.24
N GLN P 51 9.18 -36.19 -1.77
CA GLN P 51 9.23 -37.64 -1.63
C GLN P 51 10.42 -38.23 -2.37
N HIS P 52 10.83 -37.63 -3.49
CA HIS P 52 12.01 -38.08 -4.20
C HIS P 52 13.30 -37.65 -3.50
N GLU P 53 13.29 -36.49 -2.83
CA GLU P 53 14.48 -36.00 -2.15
C GLU P 53 14.72 -36.71 -0.82
N ASN P 54 13.67 -37.21 -0.16
CA ASN P 54 13.83 -37.89 1.11
C ASN P 54 14.56 -39.22 0.99
N ARG P 55 14.62 -39.80 -0.21
CA ARG P 55 15.33 -41.07 -0.38
C ARG P 55 16.83 -40.90 -0.13
N LEU P 56 17.40 -39.79 -0.59
CA LEU P 56 18.82 -39.50 -0.47
C LEU P 56 19.16 -38.55 0.66
N GLU P 57 18.36 -37.50 0.86
CA GLU P 57 18.70 -36.46 1.83
C GLU P 57 18.56 -36.98 3.27
N ASP P 58 17.52 -37.78 3.53
CA ASP P 58 17.20 -38.24 4.88
C ASP P 58 17.79 -39.62 5.19
N LYS P 59 18.95 -39.95 4.60
CA LYS P 59 19.61 -41.23 4.86
C LYS P 59 21.11 -41.03 4.78
N ASP P 60 21.81 -41.48 5.81
CA ASP P 60 23.27 -41.42 5.86
C ASP P 60 23.84 -42.57 5.02
N LEU P 61 25.17 -42.73 5.06
CA LEU P 61 25.82 -43.82 4.34
C LEU P 61 25.39 -45.18 4.89
N SER P 62 25.12 -45.26 6.20
CA SER P 62 24.62 -46.49 6.79
C SER P 62 23.15 -46.75 6.45
N ASP P 63 22.34 -45.68 6.34
CA ASP P 63 20.93 -45.81 6.01
C ASP P 63 20.66 -45.88 4.51
N LEU P 64 21.58 -45.37 3.67
CA LEU P 64 21.40 -45.46 2.23
C LEU P 64 21.45 -46.89 1.73
N GLU P 65 22.11 -47.79 2.46
CA GLU P 65 22.16 -49.20 2.05
C GLU P 65 20.82 -49.89 2.13
N GLU P 66 19.84 -49.33 2.86
CA GLU P 66 18.50 -49.90 2.90
C GLU P 66 17.87 -49.93 1.51
N LEU P 67 18.13 -48.92 0.68
CA LEU P 67 17.54 -48.79 -0.65
C LEU P 67 18.37 -49.48 -1.73
N GLU P 68 19.26 -50.42 -1.36
CA GLU P 68 20.09 -51.08 -2.35
C GLU P 68 19.28 -52.04 -3.21
N ASP P 69 18.35 -52.78 -2.58
CA ASP P 69 17.51 -53.73 -3.31
C ASP P 69 16.33 -53.07 -4.00
N ASP P 70 15.82 -51.97 -3.45
CA ASP P 70 14.65 -51.30 -4.00
C ASP P 70 15.00 -50.33 -5.13
N GLU P 71 15.83 -49.34 -4.85
CA GLU P 71 16.16 -48.29 -5.81
C GLU P 71 17.26 -48.75 -6.76
N ASP P 72 17.44 -47.99 -7.83
CA ASP P 72 18.46 -48.30 -8.82
C ASP P 72 19.85 -48.09 -8.25
N GLU P 73 20.80 -48.89 -8.74
CA GLU P 73 22.18 -48.79 -8.25
C GLU P 73 22.81 -47.46 -8.65
N ASP P 74 22.64 -47.06 -9.91
CA ASP P 74 23.27 -45.82 -10.39
C ASP P 74 22.68 -44.60 -9.70
N PHE P 75 21.40 -44.64 -9.35
CA PHE P 75 20.79 -43.55 -8.60
C PHE P 75 21.30 -43.51 -7.17
N LEU P 76 21.52 -44.68 -6.56
CA LEU P 76 21.93 -44.75 -5.17
C LEU P 76 23.44 -44.56 -5.01
N GLU P 77 24.23 -45.30 -5.79
CA GLU P 77 25.68 -45.24 -5.64
C GLU P 77 26.25 -43.90 -6.05
N ALA P 78 25.56 -43.16 -6.92
CA ALA P 78 26.01 -41.82 -7.28
C ALA P 78 25.97 -40.89 -6.06
N TYR P 79 24.96 -41.04 -5.21
CA TYR P 79 24.84 -40.22 -4.01
C TYR P 79 25.70 -40.76 -2.87
N LYS P 80 25.92 -42.08 -2.80
CA LYS P 80 26.76 -42.65 -1.75
C LYS P 80 28.20 -42.19 -1.92
N ILE P 81 28.66 -42.04 -3.16
CA ILE P 81 30.00 -41.52 -3.39
C ILE P 81 30.08 -40.05 -2.95
N LYS P 82 28.99 -39.31 -3.12
CA LYS P 82 28.95 -37.93 -2.67
C LYS P 82 28.98 -37.86 -1.15
N ARG P 83 28.14 -38.64 -0.48
CA ARG P 83 28.12 -38.64 0.98
C ARG P 83 29.41 -39.23 1.55
N LEU P 84 30.04 -40.17 0.85
CA LEU P 84 31.30 -40.73 1.32
C LEU P 84 32.40 -39.67 1.28
N ASN P 85 32.39 -38.80 0.27
CA ASN P 85 33.38 -37.72 0.21
C ASN P 85 33.17 -36.72 1.33
N GLU P 86 31.92 -36.45 1.70
CA GLU P 86 31.66 -35.53 2.80
C GLU P 86 32.14 -36.10 4.13
N ILE P 87 32.05 -37.42 4.30
CA ILE P 87 32.53 -38.04 5.53
C ILE P 87 34.05 -37.93 5.62
N ARG P 88 34.74 -38.05 4.47
CA ARG P 88 36.19 -37.94 4.47
C ARG P 88 36.65 -36.52 4.82
N LYS P 89 35.87 -35.50 4.43
CA LYS P 89 36.25 -34.14 4.76
C LYS P 89 36.15 -33.88 6.26
N LEU P 90 35.15 -34.45 6.92
CA LEU P 90 35.02 -34.28 8.36
C LEU P 90 36.16 -34.96 9.11
N GLN P 91 36.66 -36.09 8.59
CA GLN P 91 37.78 -36.76 9.24
C GLN P 91 39.05 -35.92 9.15
N GLU P 92 39.28 -35.28 7.99
CA GLU P 92 40.46 -34.43 7.85
C GLU P 92 40.34 -33.18 8.72
N ARG P 93 39.12 -32.65 8.86
CA ARG P 93 38.88 -31.50 9.70
C ARG P 93 38.89 -31.81 11.19
N SER P 94 38.95 -33.10 11.58
CA SER P 94 38.93 -33.49 12.99
C SER P 94 40.32 -33.30 13.60
N LYS P 95 40.68 -32.03 13.80
CA LYS P 95 41.95 -31.66 14.42
C LYS P 95 41.89 -31.58 15.94
N PHE P 96 40.71 -31.73 16.55
CA PHE P 96 40.50 -31.54 17.98
C PHE P 96 39.77 -32.75 18.53
N GLY P 97 39.30 -32.67 19.78
CA GLY P 97 38.69 -33.81 20.45
C GLY P 97 38.87 -33.87 21.96
N GLU P 98 39.60 -32.92 22.54
CA GLU P 98 39.63 -32.76 23.99
C GLU P 98 39.84 -31.30 24.31
N VAL P 99 39.46 -30.92 25.53
CA VAL P 99 39.50 -29.52 25.96
C VAL P 99 40.96 -29.08 26.07
N PHE P 100 41.29 -28.00 25.39
CA PHE P 100 42.64 -27.45 25.40
C PHE P 100 42.76 -26.49 26.58
N HIS P 101 43.29 -27.00 27.70
CA HIS P 101 43.56 -26.17 28.87
C HIS P 101 44.78 -25.32 28.57
N ILE P 102 44.51 -24.08 28.11
CA ILE P 102 45.55 -23.11 27.76
C ILE P 102 45.89 -22.04 28.77
N ASN P 103 46.78 -21.12 28.39
CA ASN P 103 47.21 -20.05 29.28
C ASN P 103 47.29 -18.82 28.41
N LYS P 104 47.46 -17.64 28.97
CA LYS P 104 47.39 -16.45 28.11
C LYS P 104 48.37 -16.19 26.94
N PRO P 105 49.70 -16.27 27.18
CA PRO P 105 50.53 -15.99 26.00
C PRO P 105 49.94 -16.73 24.82
N GLU P 106 49.60 -17.96 25.06
CA GLU P 106 49.06 -18.78 24.02
C GLU P 106 47.75 -18.32 23.46
N TYR P 107 46.95 -17.56 24.21
CA TYR P 107 45.62 -17.19 23.74
C TYR P 107 45.80 -16.47 22.47
N ASN P 108 46.82 -15.64 22.41
CA ASN P 108 46.98 -14.84 21.23
C ASN P 108 47.24 -15.70 20.07
N LYS P 109 47.45 -16.99 20.27
CA LYS P 109 47.56 -17.84 19.13
C LYS P 109 46.47 -18.86 19.06
N GLU P 110 46.26 -19.59 20.13
CA GLU P 110 45.31 -20.65 19.99
C GLU P 110 43.95 -20.17 19.68
N VAL P 111 43.50 -19.15 20.36
CA VAL P 111 42.15 -18.71 20.17
C VAL P 111 41.93 -18.04 18.86
N THR P 112 42.90 -17.25 18.44
CA THR P 112 42.69 -16.44 17.27
C THR P 112 43.28 -17.00 16.00
N LEU P 113 44.50 -17.48 16.08
CA LEU P 113 44.96 -18.03 14.84
C LEU P 113 44.08 -19.15 14.39
N ALA P 114 43.62 -19.94 15.33
CA ALA P 114 42.87 -21.10 14.97
C ALA P 114 41.66 -20.60 14.31
N SER P 115 41.14 -19.53 14.85
CA SER P 115 39.93 -19.11 14.27
C SER P 115 40.13 -18.84 12.79
N GLN P 116 41.35 -18.58 12.32
CA GLN P 116 41.54 -18.40 10.89
C GLN P 116 41.69 -19.72 10.16
N GLY P 117 42.26 -20.73 10.81
CA GLY P 117 42.39 -22.04 10.22
C GLY P 117 43.36 -22.10 9.07
N LYS P 118 42.84 -22.34 7.86
CA LYS P 118 43.70 -22.45 6.68
C LYS P 118 44.35 -21.12 6.33
N LYS P 119 43.67 -20.01 6.58
CA LYS P 119 44.22 -18.69 6.30
C LYS P 119 45.40 -18.40 7.23
N ASP P 132 40.08 -20.82 -0.24
CA ASP P 132 39.56 -21.84 0.65
C ASP P 132 39.45 -21.29 2.08
N ASP P 133 38.30 -20.69 2.39
CA ASP P 133 38.06 -20.10 3.70
C ASP P 133 37.75 -21.21 4.71
N GLY P 134 38.81 -21.87 5.16
CA GLY P 134 38.69 -22.94 6.13
C GLY P 134 38.57 -22.42 7.55
N GLY P 135 37.46 -21.75 7.85
CA GLY P 135 37.27 -21.23 9.19
C GLY P 135 37.08 -22.33 10.21
N VAL P 136 37.39 -22.01 11.47
CA VAL P 136 37.28 -22.94 12.59
C VAL P 136 36.68 -22.20 13.77
N TYR P 137 35.63 -22.78 14.35
CA TYR P 137 34.99 -22.21 15.53
C TYR P 137 35.79 -22.62 16.77
N VAL P 138 35.93 -21.67 17.70
CA VAL P 138 36.74 -21.84 18.91
C VAL P 138 35.90 -21.35 20.09
N PHE P 139 35.39 -22.30 20.88
CA PHE P 139 34.60 -21.98 22.07
C PHE P 139 35.52 -21.83 23.27
N VAL P 140 35.62 -20.61 23.81
CA VAL P 140 36.45 -20.30 24.96
C VAL P 140 35.58 -20.37 26.21
N HIS P 141 36.18 -20.78 27.33
CA HIS P 141 35.51 -20.87 28.62
C HIS P 141 36.39 -20.22 29.68
N LEU P 142 35.97 -19.05 30.17
CA LEU P 142 36.65 -18.38 31.28
C LEU P 142 36.15 -19.04 32.56
N SER P 143 36.86 -20.09 32.99
CA SER P 143 36.40 -20.91 34.10
C SER P 143 36.65 -20.21 35.44
N LEU P 144 35.78 -20.50 36.40
CA LEU P 144 35.95 -20.02 37.77
C LEU P 144 35.43 -21.13 38.68
N GLN P 145 36.35 -21.82 39.37
CA GLN P 145 36.00 -23.02 40.11
C GLN P 145 35.06 -22.75 41.29
N SER P 146 35.02 -21.53 41.81
CA SER P 146 34.12 -21.20 42.90
C SER P 146 32.66 -21.19 42.50
N LYS P 147 32.35 -20.91 41.23
CA LYS P 147 30.98 -20.84 40.74
C LYS P 147 30.48 -22.23 40.38
N LEU P 148 29.18 -22.44 40.55
CA LEU P 148 28.59 -23.74 40.27
C LEU P 148 28.33 -23.92 38.78
N GLN P 149 27.99 -22.83 38.08
CA GLN P 149 27.73 -22.93 36.65
C GLN P 149 28.99 -23.23 35.85
N SER P 150 30.16 -22.82 36.36
CA SER P 150 31.41 -23.04 35.62
C SER P 150 31.74 -24.53 35.53
N ARG P 151 31.57 -25.26 36.64
CA ARG P 151 31.84 -26.69 36.63
C ARG P 151 30.85 -27.44 35.75
N ILE P 152 29.62 -26.95 35.65
CA ILE P 152 28.63 -27.56 34.75
C ILE P 152 29.06 -27.35 33.30
N LEU P 153 29.50 -26.13 32.97
CA LEU P 153 29.90 -25.83 31.61
C LEU P 153 31.18 -26.55 31.22
N SER P 154 32.05 -26.84 32.19
CA SER P 154 33.25 -27.62 31.90
C SER P 154 32.90 -29.05 31.51
N HIS P 155 31.86 -29.62 32.12
CA HIS P 155 31.42 -30.96 31.76
C HIS P 155 30.83 -31.00 30.37
N LEU P 156 30.13 -29.93 29.96
CA LEU P 156 29.55 -29.89 28.63
C LEU P 156 30.62 -29.77 27.55
N PHE P 157 31.75 -29.12 27.87
CA PHE P 157 32.83 -28.99 26.89
C PHE P 157 33.47 -30.34 26.60
N GLN P 158 33.75 -31.13 27.63
CA GLN P 158 34.38 -32.43 27.42
C GLN P 158 33.41 -33.41 26.74
N SER P 159 32.13 -33.30 27.05
CA SER P 159 31.14 -34.16 26.40
C SER P 159 31.01 -33.81 24.92
N ALA P 160 30.95 -32.51 24.61
CA ALA P 160 30.85 -32.10 23.22
C ALA P 160 32.16 -32.29 22.48
N ALA P 161 33.30 -32.28 23.18
CA ALA P 161 34.59 -32.47 22.53
C ALA P 161 34.72 -33.88 21.96
N CYS P 162 34.22 -34.88 22.68
CA CYS P 162 34.29 -36.26 22.20
C CYS P 162 33.44 -36.48 20.95
N LYS P 163 32.38 -35.70 20.75
CA LYS P 163 31.50 -35.83 19.60
C LYS P 163 31.95 -34.95 18.42
N PHE P 164 32.04 -33.64 18.63
CA PHE P 164 32.39 -32.68 17.59
C PHE P 164 33.90 -32.47 17.63
N ARG P 165 34.63 -33.26 16.84
CA ARG P 165 36.08 -33.15 16.77
C ARG P 165 36.56 -32.00 15.90
N GLU P 166 35.73 -31.49 14.99
CA GLU P 166 36.14 -30.37 14.15
C GLU P 166 36.11 -29.04 14.87
N ILE P 167 35.27 -28.89 15.89
CA ILE P 167 35.16 -27.64 16.65
C ILE P 167 36.14 -27.69 17.79
N LYS P 168 36.86 -26.58 17.99
CA LYS P 168 37.85 -26.47 19.06
C LYS P 168 37.18 -26.01 20.34
N PHE P 169 37.47 -26.73 21.43
CA PHE P 169 36.94 -26.42 22.76
C PHE P 169 38.08 -25.96 23.65
N VAL P 170 38.01 -24.69 24.07
CA VAL P 170 39.08 -24.01 24.80
C VAL P 170 38.58 -23.67 26.19
N GLU P 171 39.46 -23.81 27.18
CA GLU P 171 39.17 -23.49 28.57
C GLU P 171 40.37 -22.79 29.19
N ILE P 172 40.10 -21.84 30.08
CA ILE P 172 41.14 -21.08 30.76
C ILE P 172 40.53 -20.50 32.04
N PRO P 173 41.28 -20.27 33.13
CA PRO P 173 40.67 -19.60 34.28
C PRO P 173 40.32 -18.15 33.96
N ALA P 174 39.23 -17.68 34.57
CA ALA P 174 38.77 -16.31 34.33
C ALA P 174 39.67 -15.31 35.03
N ASN P 175 40.24 -15.66 36.18
CA ASN P 175 41.15 -14.75 36.87
C ASN P 175 42.41 -14.50 36.06
N ARG P 176 42.87 -15.51 35.31
CA ARG P 176 44.03 -15.36 34.43
C ARG P 176 43.70 -14.79 33.06
N ALA P 177 42.42 -14.64 32.72
CA ALA P 177 42.05 -14.21 31.37
C ALA P 177 42.14 -12.70 31.22
N ILE P 178 41.40 -11.95 32.05
CA ILE P 178 41.25 -10.51 31.94
C ILE P 178 41.67 -9.89 33.27
N GLU P 179 42.35 -8.75 33.21
CA GLU P 179 42.80 -8.07 34.41
C GLU P 179 41.60 -7.62 35.26
N ASN P 180 41.53 -8.04 36.49
CA ASN P 180 40.47 -7.56 37.36
C ASN P 180 39.07 -7.63 36.76
N TYR P 181 38.78 -8.66 35.98
CA TYR P 181 37.45 -8.86 35.44
C TYR P 181 36.56 -9.24 36.60
N PRO P 182 35.32 -8.78 36.60
CA PRO P 182 34.52 -9.13 37.76
C PRO P 182 34.34 -10.61 37.88
N GLU P 183 34.47 -11.14 39.08
CA GLU P 183 34.28 -12.54 39.32
C GLU P 183 32.87 -12.95 39.09
N SER P 184 31.96 -12.06 39.41
CA SER P 184 30.57 -12.34 39.21
C SER P 184 30.22 -12.56 37.75
N ASN P 185 30.85 -11.82 36.85
CA ASN P 185 30.51 -11.92 35.45
C ASN P 185 30.71 -13.27 34.83
N CYS P 186 31.82 -13.91 35.12
CA CYS P 186 32.08 -15.23 34.60
C CYS P 186 31.20 -16.21 35.29
N PRO P 187 30.83 -17.30 34.64
CA PRO P 187 31.38 -18.13 33.58
C PRO P 187 31.15 -17.51 32.24
N THR P 188 32.21 -17.27 31.52
CA THR P 188 32.03 -16.54 30.27
C THR P 188 32.33 -17.41 29.05
N LEU P 189 31.40 -17.46 28.11
CA LEU P 189 31.55 -18.29 26.91
C LEU P 189 31.70 -17.37 25.72
N ILE P 190 32.86 -17.44 25.05
CA ILE P 190 33.16 -16.66 23.85
C ILE P 190 33.33 -17.64 22.70
N VAL P 191 32.90 -17.20 21.51
CA VAL P 191 32.96 -18.00 20.29
C VAL P 191 33.66 -17.17 19.23
N TYR P 192 34.88 -17.58 18.85
CA TYR P 192 35.66 -16.94 17.81
C TYR P 192 35.48 -17.68 16.49
N TYR P 193 35.63 -16.93 15.39
CA TYR P 193 35.54 -17.52 14.06
C TYR P 193 36.19 -16.56 13.08
N ARG P 194 37.30 -16.98 12.46
CA ARG P 194 38.07 -16.14 11.53
C ARG P 194 38.54 -14.86 12.21
N GLY P 195 38.93 -14.96 13.48
CA GLY P 195 39.41 -13.83 14.24
C GLY P 195 38.35 -12.92 14.83
N GLU P 196 37.09 -13.06 14.43
CA GLU P 196 36.00 -12.22 14.89
C GLU P 196 35.17 -12.94 15.95
N VAL P 197 34.70 -12.16 16.92
CA VAL P 197 33.87 -12.70 18.00
C VAL P 197 32.43 -12.79 17.50
N ILE P 198 31.92 -14.02 17.39
CA ILE P 198 30.56 -14.26 16.90
C ILE P 198 29.54 -14.09 18.01
N LYS P 199 29.90 -14.43 19.25
CA LYS P 199 28.97 -14.41 20.36
C LYS P 199 29.76 -14.22 21.65
N ASN P 200 29.40 -13.18 22.41
CA ASN P 200 29.94 -12.92 23.75
C ASN P 200 28.82 -13.24 24.73
N MET P 201 28.73 -14.51 25.12
CA MET P 201 27.64 -15.00 25.94
C MET P 201 27.90 -14.71 27.42
N ILE P 202 26.81 -14.45 28.14
CA ILE P 202 26.80 -14.10 29.55
C ILE P 202 26.42 -15.39 30.27
N THR P 203 26.44 -15.40 31.61
CA THR P 203 26.11 -16.54 32.46
C THR P 203 24.83 -17.26 32.06
N LEU P 204 24.71 -18.53 32.43
CA LEU P 204 23.86 -19.50 31.75
C LEU P 204 22.38 -19.41 32.13
N LEU P 205 21.90 -18.28 32.67
CA LEU P 205 20.47 -18.11 32.90
C LEU P 205 19.67 -18.19 31.61
N GLU P 206 20.25 -17.77 30.49
CA GLU P 206 19.61 -17.94 29.19
C GLU P 206 19.45 -19.42 28.84
N LEU P 207 20.43 -20.24 29.18
CA LEU P 207 20.44 -21.68 28.89
C LEU P 207 19.93 -22.50 30.07
N GLY P 208 18.99 -21.97 30.84
CA GLY P 208 18.40 -22.67 31.97
C GLY P 208 19.07 -22.43 33.30
N GLY P 209 20.30 -21.93 33.32
CA GLY P 209 20.97 -21.65 34.58
C GLY P 209 21.52 -22.90 35.20
N ASN P 210 21.15 -23.15 36.46
CA ASN P 210 21.62 -24.34 37.17
C ASN P 210 21.12 -25.62 36.56
N ASN P 211 19.96 -25.61 35.89
CA ASN P 211 19.36 -26.79 35.29
C ASN P 211 19.75 -26.96 33.82
N SER P 212 20.92 -26.47 33.42
CA SER P 212 21.37 -26.62 32.04
C SER P 212 21.67 -28.08 31.73
N LYS P 213 21.31 -28.51 30.52
CA LYS P 213 21.45 -29.88 30.06
C LYS P 213 22.27 -29.91 28.77
N MET P 214 22.65 -31.12 28.36
CA MET P 214 23.42 -31.29 27.14
C MET P 214 22.61 -30.93 25.91
N GLU P 215 21.28 -31.13 25.96
CA GLU P 215 20.44 -30.80 24.81
C GLU P 215 20.41 -29.30 24.55
N ASP P 216 20.41 -28.50 25.62
CA ASP P 216 20.41 -27.05 25.46
C ASP P 216 21.72 -26.54 24.90
N PHE P 217 22.85 -27.17 25.27
CA PHE P 217 24.13 -26.71 24.77
C PHE P 217 24.29 -27.03 23.29
N GLU P 218 23.85 -28.22 22.86
CA GLU P 218 23.93 -28.57 21.44
C GLU P 218 23.04 -27.68 20.59
N ASP P 219 21.90 -27.24 21.13
CA ASP P 219 21.02 -26.33 20.40
C ASP P 219 21.68 -24.97 20.20
N PHE P 220 22.48 -24.52 21.17
CA PHE P 220 23.19 -23.25 21.03
C PHE P 220 24.24 -23.32 19.93
N MET P 221 24.89 -24.47 19.77
CA MET P 221 25.91 -24.62 18.73
C MET P 221 25.32 -24.52 17.33
N VAL P 222 24.04 -24.89 17.16
CA VAL P 222 23.40 -24.78 15.86
C VAL P 222 23.06 -23.33 15.55
N LYS P 223 22.77 -22.51 16.56
CA LYS P 223 22.38 -21.12 16.31
C LYS P 223 23.55 -20.29 15.79
N VAL P 224 24.75 -20.51 16.34
CA VAL P 224 25.94 -19.76 15.91
C VAL P 224 26.55 -20.27 14.62
N GLY P 225 25.96 -21.27 13.96
CA GLY P 225 26.50 -21.78 12.73
C GLY P 225 27.66 -22.74 12.88
N ALA P 226 27.83 -23.33 14.05
CA ALA P 226 28.93 -24.27 14.30
C ALA P 226 28.58 -25.70 13.86
N VAL P 227 27.31 -26.07 13.93
CA VAL P 227 26.83 -27.41 13.56
C VAL P 227 25.56 -27.25 12.74
N ALA P 228 25.41 -28.08 11.71
CA ALA P 228 24.23 -28.01 10.87
C ALA P 228 22.98 -28.46 11.63
N GLU P 229 21.82 -28.06 11.12
CA GLU P 229 20.56 -28.41 11.78
C GLU P 229 20.28 -29.90 11.68
N GLY P 230 20.45 -30.49 10.50
CA GLY P 230 20.17 -31.89 10.27
C GLY P 230 21.33 -32.82 10.50
N ASP P 231 22.25 -32.43 11.38
CA ASP P 231 23.41 -33.29 11.68
C ASP P 231 22.96 -34.51 12.46
N ASN P 232 23.50 -35.67 12.08
CA ASN P 232 23.14 -36.93 12.73
C ASN P 232 23.72 -37.07 14.14
N ARG P 233 24.70 -36.25 14.52
CA ARG P 233 25.28 -36.34 15.85
C ARG P 233 24.48 -35.61 16.91
N LEU P 234 23.65 -34.63 16.52
CA LEU P 234 22.85 -33.91 17.49
C LEU P 234 21.79 -34.82 18.12
N ILE P 235 21.56 -34.64 19.42
CA ILE P 235 20.61 -35.47 20.14
C ILE P 235 19.18 -35.22 19.65
N MET P 236 18.90 -34.03 19.12
CA MET P 236 17.57 -33.76 18.60
C MET P 236 17.26 -34.62 17.38
N ASN P 237 18.24 -34.81 16.49
CA ASN P 237 18.09 -35.64 15.31
C ASN P 237 18.48 -37.09 15.54
N ARG P 238 19.38 -37.37 16.48
CA ARG P 238 19.86 -38.73 16.74
C ARG P 238 18.80 -39.47 17.55
N ASP P 239 17.77 -39.94 16.85
CA ASP P 239 16.73 -40.72 17.49
C ASP P 239 17.28 -42.07 17.94
N ASP P 240 16.74 -42.57 19.05
CA ASP P 240 17.18 -43.85 19.58
C ASP P 240 16.80 -44.98 18.64
N GLU P 241 17.54 -46.09 18.73
CA GLU P 241 17.24 -47.25 17.90
C GLU P 241 15.89 -47.87 18.29
N GLU P 242 15.53 -47.81 19.57
CA GLU P 242 14.23 -48.31 19.99
C GLU P 242 13.10 -47.45 19.44
N SER P 243 13.34 -46.14 19.26
CA SER P 243 12.33 -45.27 18.68
C SER P 243 12.06 -45.63 17.23
N ARG P 244 13.12 -45.78 16.43
CA ARG P 244 12.95 -46.17 15.04
C ARG P 244 12.42 -47.59 14.90
N GLU P 245 12.70 -48.45 15.87
CA GLU P 245 12.17 -49.81 15.83
C GLU P 245 10.64 -49.81 15.95
N GLU P 246 10.10 -48.96 16.83
CA GLU P 246 8.65 -48.89 16.99
C GLU P 246 7.98 -48.28 15.76
N ARG P 247 8.67 -47.38 15.06
CA ARG P 247 8.08 -46.75 13.87
C ARG P 247 7.92 -47.77 12.75
N LYS P 248 8.91 -48.64 12.57
CA LYS P 248 8.83 -49.64 11.49
C LYS P 248 7.74 -50.66 11.76
N LEU P 249 7.55 -51.03 13.03
CA LEU P 249 6.51 -52.01 13.37
C LEU P 249 5.11 -51.42 13.17
N HIS P 250 4.90 -50.19 13.62
CA HIS P 250 3.60 -49.53 13.48
C HIS P 250 3.34 -48.99 12.08
N TYR P 251 4.33 -48.97 11.19
CA TYR P 251 4.13 -48.48 9.83
C TYR P 251 3.22 -49.42 9.06
N SER Q 2 -22.15 -14.97 -25.58
CA SER Q 2 -21.15 -14.96 -26.64
C SER Q 2 -19.98 -14.06 -26.27
N LEU Q 3 -19.56 -14.13 -25.00
CA LEU Q 3 -18.47 -13.33 -24.46
C LEU Q 3 -17.28 -14.18 -24.07
N ARG Q 4 -17.48 -15.18 -23.18
CA ARG Q 4 -16.44 -16.08 -22.73
C ARG Q 4 -16.59 -17.42 -23.45
N LEU Q 5 -15.47 -17.97 -23.91
CA LEU Q 5 -15.51 -19.25 -24.59
C LEU Q 5 -15.76 -20.36 -23.56
N PRO Q 6 -16.07 -21.59 -24.00
CA PRO Q 6 -16.13 -22.72 -23.06
C PRO Q 6 -14.78 -23.21 -22.55
N GLN Q 7 -13.67 -22.65 -23.04
CA GLN Q 7 -12.32 -22.86 -22.50
C GLN Q 7 -11.75 -24.23 -22.83
N ASN Q 8 -12.08 -24.82 -23.99
CA ASN Q 8 -11.46 -26.06 -24.47
C ASN Q 8 -11.62 -27.23 -23.48
N PRO Q 9 -12.77 -27.92 -23.43
CA PRO Q 9 -13.07 -28.82 -22.29
C PRO Q 9 -12.12 -30.01 -22.09
N ASN Q 10 -11.07 -30.18 -22.88
CA ASN Q 10 -9.91 -31.00 -22.52
C ASN Q 10 -8.95 -30.31 -21.55
N ALA Q 11 -9.33 -29.14 -20.99
CA ALA Q 11 -8.50 -28.48 -19.99
C ALA Q 11 -8.39 -29.29 -18.70
N GLY Q 12 -9.32 -30.21 -18.45
CA GLY Q 12 -9.12 -31.19 -17.41
C GLY Q 12 -7.92 -32.08 -17.65
N LEU Q 13 -7.55 -32.27 -18.92
CA LEU Q 13 -6.28 -32.88 -19.29
C LEU Q 13 -5.15 -31.85 -19.14
N PHE Q 14 -4.00 -32.12 -19.75
CA PHE Q 14 -2.60 -31.72 -19.36
C PHE Q 14 -2.55 -30.23 -18.95
N LYS Q 15 -1.68 -29.87 -18.01
CA LYS Q 15 -1.72 -28.58 -17.33
C LYS Q 15 -1.45 -27.44 -18.30
N GLN Q 16 -1.72 -26.22 -17.84
CA GLN Q 16 -1.57 -25.02 -18.66
C GLN Q 16 -0.16 -24.79 -19.16
N GLY Q 17 0.86 -25.28 -18.44
CA GLY Q 17 2.23 -25.09 -18.88
C GLY Q 17 2.56 -25.84 -20.15
N TYR Q 18 1.87 -26.95 -20.40
CA TYR Q 18 2.09 -27.71 -21.63
C TYR Q 18 1.46 -26.98 -22.80
N ASN Q 19 2.23 -26.86 -23.89
CA ASN Q 19 1.80 -26.21 -25.12
C ASN Q 19 1.92 -27.20 -26.26
N SER Q 20 0.87 -27.36 -27.05
CA SER Q 20 0.96 -28.23 -28.19
C SER Q 20 0.97 -27.47 -29.46
N TYR Q 21 1.88 -27.80 -30.33
CA TYR Q 21 2.01 -27.09 -31.54
C TYR Q 21 2.06 -28.12 -32.62
N SER Q 22 0.96 -28.74 -32.93
CA SER Q 22 0.93 -29.83 -33.89
C SER Q 22 0.87 -29.41 -35.31
N ASN Q 23 0.54 -30.36 -36.20
CA ASN Q 23 0.60 -29.92 -37.58
C ASN Q 23 -0.76 -29.71 -37.96
N ALA Q 24 -0.95 -29.35 -39.21
CA ALA Q 24 -2.26 -29.01 -39.67
C ALA Q 24 -2.54 -27.66 -39.08
N ASP Q 25 -2.27 -27.46 -37.82
CA ASP Q 25 -2.38 -26.18 -37.22
C ASP Q 25 -1.40 -25.30 -37.87
N GLY Q 26 -0.21 -25.85 -38.20
CA GLY Q 26 0.84 -25.08 -38.86
C GLY Q 26 2.24 -25.19 -38.27
N GLN Q 27 2.58 -26.31 -37.63
CA GLN Q 27 3.88 -26.40 -36.95
C GLN Q 27 5.04 -26.26 -37.90
N ILE Q 28 4.99 -26.88 -39.06
CA ILE Q 28 6.11 -26.82 -39.97
C ILE Q 28 6.34 -25.39 -40.41
N ILE Q 29 5.25 -24.68 -40.72
CA ILE Q 29 5.37 -23.29 -41.15
C ILE Q 29 5.93 -22.43 -40.02
N LYS Q 30 5.51 -22.69 -38.79
CA LYS Q 30 6.06 -21.96 -37.65
C LYS Q 30 7.55 -22.21 -37.46
N SER Q 31 7.99 -23.45 -37.64
CA SER Q 31 9.39 -23.79 -37.37
C SER Q 31 10.39 -23.41 -38.46
N ILE Q 32 10.19 -23.87 -39.68
CA ILE Q 32 11.15 -23.61 -40.73
C ILE Q 32 11.41 -22.13 -40.78
N ALA Q 33 10.43 -21.35 -40.33
CA ALA Q 33 10.61 -19.92 -40.50
C ALA Q 33 11.36 -19.34 -39.39
N ALA Q 34 10.86 -19.49 -38.20
CA ALA Q 34 11.50 -19.01 -36.99
C ALA Q 34 13.01 -19.23 -37.00
N ILE Q 35 13.45 -20.40 -37.49
CA ILE Q 35 14.89 -20.71 -37.49
C ILE Q 35 15.65 -19.99 -38.60
N ARG Q 36 14.97 -19.25 -39.47
CA ARG Q 36 15.67 -18.49 -40.51
C ARG Q 36 16.52 -17.37 -39.91
N GLU Q 37 16.17 -16.88 -38.71
CA GLU Q 37 16.98 -15.86 -38.06
C GLU Q 37 18.36 -16.40 -37.71
N LEU Q 38 18.42 -17.54 -37.02
CA LEU Q 38 19.70 -18.14 -36.69
C LEU Q 38 20.38 -18.79 -37.89
N HIS Q 39 19.63 -19.08 -38.97
CA HIS Q 39 20.27 -19.54 -40.20
C HIS Q 39 21.10 -18.43 -40.82
N GLN Q 40 20.62 -17.19 -40.74
CA GLN Q 40 21.40 -16.06 -41.25
C GLN Q 40 22.62 -15.77 -40.39
N MET Q 41 22.60 -16.18 -39.11
CA MET Q 41 23.76 -15.98 -38.25
C MET Q 41 24.95 -16.80 -38.74
N CYS Q 42 24.74 -18.10 -38.96
CA CYS Q 42 25.78 -18.96 -39.47
C CYS Q 42 26.10 -18.69 -40.94
N LEU Q 43 25.13 -18.16 -41.71
CA LEU Q 43 25.39 -17.80 -43.09
C LEU Q 43 26.30 -16.59 -43.21
N THR Q 44 26.09 -15.57 -42.38
CA THR Q 44 26.94 -14.39 -42.41
C THR Q 44 28.34 -14.68 -41.89
N SER Q 45 28.48 -15.62 -40.96
CA SER Q 45 29.78 -16.00 -40.41
C SER Q 45 30.50 -17.07 -41.23
N MET Q 46 30.06 -17.33 -42.47
CA MET Q 46 30.62 -18.38 -43.32
C MET Q 46 31.63 -17.76 -44.27
N GLY Q 47 32.66 -18.55 -44.62
CA GLY Q 47 33.62 -18.15 -45.61
C GLY Q 47 34.83 -17.47 -44.99
N PRO Q 48 35.83 -17.12 -45.82
CA PRO Q 48 37.00 -16.42 -45.28
C PRO Q 48 36.69 -15.00 -44.86
N CYS Q 49 35.74 -14.33 -45.53
CA CYS Q 49 35.32 -12.98 -45.18
C CYS Q 49 34.13 -12.97 -44.21
N GLY Q 50 33.95 -14.04 -43.43
CA GLY Q 50 32.84 -14.11 -42.52
C GLY Q 50 33.03 -13.20 -41.31
N ARG Q 51 31.90 -12.87 -40.70
CA ARG Q 51 31.85 -11.96 -39.55
C ARG Q 51 31.74 -12.77 -38.27
N ASN Q 52 32.66 -12.53 -37.33
CA ASN Q 52 32.58 -13.16 -36.03
C ASN Q 52 31.46 -12.51 -35.21
N LYS Q 53 30.91 -13.28 -34.27
CA LYS Q 53 29.77 -12.89 -33.46
C LYS Q 53 30.15 -12.91 -31.99
N ILE Q 54 29.86 -11.81 -31.29
CA ILE Q 54 30.17 -11.68 -29.87
C ILE Q 54 29.00 -12.25 -29.07
N ILE Q 55 29.30 -13.23 -28.23
CA ILE Q 55 28.31 -13.90 -27.38
C ILE Q 55 28.73 -13.70 -25.93
N VAL Q 56 27.91 -12.99 -25.17
CA VAL Q 56 28.11 -12.76 -23.74
C VAL Q 56 27.16 -13.68 -22.99
N ASN Q 57 27.72 -14.62 -22.23
CA ASN Q 57 26.93 -15.60 -21.49
C ASN Q 57 26.40 -14.95 -20.21
N HIS Q 58 25.69 -15.73 -19.39
CA HIS Q 58 25.10 -15.20 -18.17
C HIS Q 58 26.15 -14.87 -17.12
N LEU Q 59 27.28 -15.59 -17.11
CA LEU Q 59 28.34 -15.31 -16.16
C LEU Q 59 29.10 -14.03 -16.50
N GLY Q 60 29.16 -13.67 -17.78
CA GLY Q 60 29.88 -12.51 -18.26
C GLY Q 60 31.14 -12.81 -19.05
N LYS Q 61 31.54 -14.07 -19.17
CA LYS Q 61 32.70 -14.43 -19.97
C LYS Q 61 32.39 -14.20 -21.44
N ILE Q 62 33.02 -13.18 -22.02
CA ILE Q 62 32.75 -12.78 -23.39
C ILE Q 62 33.59 -13.65 -24.32
N ILE Q 63 32.99 -14.08 -25.43
CA ILE Q 63 33.68 -14.81 -26.47
C ILE Q 63 33.30 -14.22 -27.83
N ILE Q 64 34.24 -14.10 -28.75
CA ILE Q 64 33.99 -13.49 -30.07
C ILE Q 64 34.46 -14.47 -31.12
N THR Q 65 33.57 -15.00 -31.93
CA THR Q 65 33.93 -16.06 -32.83
C THR Q 65 33.21 -16.11 -34.14
N ASN Q 66 33.81 -16.68 -35.18
CA ASN Q 66 33.13 -16.85 -36.44
C ASN Q 66 32.91 -18.31 -36.52
N ASP Q 67 33.15 -18.98 -35.42
CA ASP Q 67 32.99 -20.39 -35.38
C ASP Q 67 31.62 -20.57 -34.85
N ALA Q 68 30.76 -21.16 -35.65
CA ALA Q 68 29.43 -21.31 -35.27
C ALA Q 68 29.18 -22.13 -34.09
N ALA Q 69 29.91 -23.18 -33.92
CA ALA Q 69 29.55 -24.09 -32.86
C ALA Q 69 29.63 -23.39 -31.61
N THR Q 70 30.80 -23.23 -31.07
CA THR Q 70 31.12 -22.39 -29.93
C THR Q 70 30.01 -21.40 -29.63
N MET Q 71 29.34 -20.89 -30.66
CA MET Q 71 28.26 -19.93 -30.45
C MET Q 71 27.05 -20.60 -29.79
N LEU Q 72 26.51 -21.63 -30.43
CA LEU Q 72 25.27 -22.26 -29.98
C LEU Q 72 25.41 -22.95 -28.63
N ARG Q 73 26.63 -23.25 -28.17
CA ARG Q 73 26.80 -23.83 -26.85
C ARG Q 73 26.36 -22.86 -25.75
N GLU Q 74 26.68 -21.58 -25.91
CA GLU Q 74 26.34 -20.56 -24.92
C GLU Q 74 24.94 -19.98 -25.10
N LEU Q 75 24.39 -20.00 -26.31
CA LEU Q 75 23.06 -19.44 -26.52
C LEU Q 75 22.01 -20.32 -25.84
N ASP Q 76 21.30 -19.73 -24.88
CA ASP Q 76 20.18 -20.40 -24.22
C ASP Q 76 18.96 -20.26 -25.12
N ILE Q 77 18.65 -21.32 -25.87
CA ILE Q 77 17.62 -21.31 -26.90
C ILE Q 77 16.40 -22.05 -26.36
N VAL Q 78 15.25 -21.37 -26.35
CA VAL Q 78 14.03 -21.96 -25.83
C VAL Q 78 13.36 -22.85 -26.87
N HIS Q 79 13.55 -22.54 -28.16
CA HIS Q 79 12.90 -23.29 -29.22
C HIS Q 79 13.44 -24.72 -29.28
N PRO Q 80 12.63 -25.77 -29.13
CA PRO Q 80 13.22 -27.12 -29.15
C PRO Q 80 13.73 -27.57 -30.52
N ALA Q 81 13.09 -27.15 -31.61
CA ALA Q 81 13.51 -27.58 -32.93
C ALA Q 81 14.89 -27.04 -33.32
N VAL Q 82 15.30 -25.91 -32.74
CA VAL Q 82 16.65 -25.41 -32.98
C VAL Q 82 17.68 -26.32 -32.32
N LYS Q 83 17.37 -26.83 -31.12
CA LYS Q 83 18.32 -27.61 -30.34
C LYS Q 83 18.73 -28.91 -31.04
N VAL Q 84 17.90 -29.43 -31.94
CA VAL Q 84 18.31 -30.57 -32.78
C VAL Q 84 19.52 -30.19 -33.62
N LEU Q 85 19.53 -28.95 -34.11
CA LEU Q 85 20.68 -28.47 -34.89
C LEU Q 85 21.86 -28.10 -33.99
N VAL Q 86 21.62 -27.79 -32.71
CA VAL Q 86 22.70 -27.35 -31.84
C VAL Q 86 23.64 -28.50 -31.54
N MET Q 87 23.16 -29.55 -30.87
CA MET Q 87 24.05 -30.65 -30.50
C MET Q 87 24.44 -31.51 -31.69
N ALA Q 88 23.69 -31.45 -32.79
CA ALA Q 88 24.15 -32.09 -34.02
C ALA Q 88 25.42 -31.43 -34.54
N THR Q 89 25.55 -30.11 -34.34
CA THR Q 89 26.78 -29.42 -34.68
C THR Q 89 27.89 -29.76 -33.68
N GLU Q 90 27.53 -30.00 -32.42
CA GLU Q 90 28.52 -30.37 -31.42
C GLU Q 90 29.12 -31.73 -31.70
N GLN Q 91 28.36 -32.63 -32.33
CA GLN Q 91 28.90 -33.92 -32.73
C GLN Q 91 30.03 -33.77 -33.73
N GLN Q 92 29.89 -32.81 -34.64
CA GLN Q 92 30.96 -32.49 -35.58
C GLN Q 92 32.17 -31.92 -34.85
N LYS Q 93 31.96 -31.19 -33.75
CA LYS Q 93 33.07 -30.57 -33.03
C LYS Q 93 33.88 -31.63 -32.29
N ILE Q 94 33.20 -32.50 -31.54
CA ILE Q 94 33.91 -33.47 -30.71
C ILE Q 94 34.52 -34.61 -31.52
N ASP Q 95 33.99 -34.69 -32.74
CA ASP Q 95 34.51 -35.65 -33.64
C ASP Q 95 35.34 -34.95 -34.67
N MET Q 96 34.78 -34.62 -35.84
CA MET Q 96 35.65 -34.10 -36.88
C MET Q 96 36.36 -32.83 -36.67
N GLY Q 97 35.73 -31.89 -36.04
CA GLY Q 97 36.45 -30.69 -35.71
C GLY Q 97 36.48 -29.51 -36.59
N ASP Q 98 35.80 -29.51 -37.70
CA ASP Q 98 35.71 -28.30 -38.46
C ASP Q 98 34.46 -28.50 -39.26
N GLY Q 99 33.94 -27.47 -39.89
CA GLY Q 99 32.70 -27.65 -40.58
C GLY Q 99 31.52 -27.49 -39.74
N THR Q 100 31.72 -26.96 -38.57
CA THR Q 100 30.65 -26.84 -37.65
C THR Q 100 29.65 -26.02 -38.29
N ASN Q 101 30.10 -25.13 -39.07
CA ASN Q 101 29.25 -24.15 -39.75
C ASN Q 101 28.62 -24.71 -41.02
N LEU Q 102 29.27 -25.67 -41.68
CA LEU Q 102 28.71 -26.25 -42.89
C LEU Q 102 27.52 -27.15 -42.56
N VAL Q 103 27.62 -27.95 -41.50
CA VAL Q 103 26.54 -28.85 -41.13
C VAL Q 103 25.31 -28.08 -40.68
N MET Q 104 25.51 -26.91 -40.06
CA MET Q 104 24.37 -26.10 -39.62
C MET Q 104 23.71 -25.40 -40.79
N ILE Q 105 24.52 -24.94 -41.76
CA ILE Q 105 23.96 -24.24 -42.91
C ILE Q 105 23.21 -25.21 -43.82
N LEU Q 106 23.80 -26.38 -44.07
CA LEU Q 106 23.15 -27.36 -44.94
C LEU Q 106 21.92 -27.96 -44.29
N ALA Q 107 21.94 -28.15 -42.97
CA ALA Q 107 20.77 -28.69 -42.28
C ALA Q 107 19.62 -27.70 -42.29
N GLY Q 108 19.90 -26.40 -42.17
CA GLY Q 108 18.84 -25.41 -42.18
C GLY Q 108 18.31 -25.14 -43.57
N GLU Q 109 19.17 -25.23 -44.59
CA GLU Q 109 18.75 -24.97 -45.96
C GLU Q 109 17.87 -26.09 -46.50
N LEU Q 110 18.08 -27.32 -46.06
CA LEU Q 110 17.20 -28.41 -46.47
C LEU Q 110 15.78 -28.18 -45.96
N LEU Q 111 15.64 -27.59 -44.78
CA LEU Q 111 14.33 -27.23 -44.27
C LEU Q 111 13.78 -26.00 -44.99
N ASN Q 112 14.66 -25.06 -45.36
CA ASN Q 112 14.21 -23.86 -46.05
C ASN Q 112 13.78 -24.17 -47.49
N VAL Q 113 14.55 -24.99 -48.19
CA VAL Q 113 14.24 -25.32 -49.57
C VAL Q 113 13.07 -26.30 -49.69
N SER Q 114 12.81 -27.10 -48.65
CA SER Q 114 11.67 -28.01 -48.65
C SER Q 114 10.33 -27.31 -48.39
N GLU Q 115 10.31 -25.97 -48.28
CA GLU Q 115 9.05 -25.25 -48.18
C GLU Q 115 8.18 -25.49 -49.41
N LYS Q 116 8.80 -25.63 -50.58
CA LYS Q 116 8.04 -25.86 -51.81
C LYS Q 116 7.39 -27.23 -51.82
N LEU Q 117 8.05 -28.25 -51.25
CA LEU Q 117 7.49 -29.59 -51.26
C LEU Q 117 6.28 -29.70 -50.34
N ILE Q 118 6.38 -29.16 -49.12
CA ILE Q 118 5.27 -29.26 -48.18
C ILE Q 118 4.11 -28.37 -48.62
N SER Q 119 4.43 -27.18 -49.13
CA SER Q 119 3.38 -26.26 -49.57
C SER Q 119 2.63 -26.80 -50.78
N MET Q 120 3.31 -27.53 -51.67
CA MET Q 120 2.65 -28.11 -52.83
C MET Q 120 1.72 -29.25 -52.43
N GLY Q 121 2.06 -29.98 -51.37
CA GLY Q 121 1.23 -31.02 -50.81
C GLY Q 121 1.84 -32.41 -50.88
N LEU Q 122 3.17 -32.49 -50.94
CA LEU Q 122 3.86 -33.77 -50.99
C LEU Q 122 3.97 -34.36 -49.59
N SER Q 123 3.87 -35.68 -49.52
CA SER Q 123 3.82 -36.37 -48.25
C SER Q 123 5.14 -36.25 -47.49
N ALA Q 124 5.05 -36.06 -46.17
CA ALA Q 124 6.25 -35.92 -45.36
C ALA Q 124 7.05 -37.21 -45.29
N VAL Q 125 6.37 -38.37 -45.33
CA VAL Q 125 7.08 -39.64 -45.26
C VAL Q 125 7.91 -39.86 -46.52
N GLU Q 126 7.41 -39.41 -47.68
CA GLU Q 126 8.15 -39.56 -48.92
C GLU Q 126 9.38 -38.67 -48.96
N ILE Q 127 9.35 -37.53 -48.27
CA ILE Q 127 10.49 -36.62 -48.30
C ILE Q 127 11.66 -37.23 -47.53
N ILE Q 128 11.38 -37.97 -46.46
CA ILE Q 128 12.45 -38.62 -45.70
C ILE Q 128 13.08 -39.72 -46.54
N GLN Q 129 12.25 -40.48 -47.26
CA GLN Q 129 12.78 -41.52 -48.15
C GLN Q 129 13.56 -40.91 -49.31
N GLY Q 130 13.16 -39.71 -49.75
CA GLY Q 130 13.86 -39.07 -50.84
C GLY Q 130 15.27 -38.63 -50.47
N TYR Q 131 15.41 -37.93 -49.33
CA TYR Q 131 16.73 -37.47 -48.92
C TYR Q 131 17.63 -38.61 -48.50
N ASN Q 132 17.06 -39.70 -47.97
CA ASN Q 132 17.88 -40.85 -47.59
C ASN Q 132 18.51 -41.51 -48.81
N MET Q 133 17.72 -41.73 -49.86
CA MET Q 133 18.28 -42.28 -51.10
C MET Q 133 19.20 -41.29 -51.78
N ALA Q 134 18.91 -39.98 -51.66
CA ALA Q 134 19.83 -38.97 -52.18
C ALA Q 134 21.10 -38.90 -51.36
N ARG Q 135 21.01 -39.17 -50.06
CA ARG Q 135 22.21 -39.21 -49.22
C ARG Q 135 23.12 -40.35 -49.64
N LYS Q 136 22.55 -41.52 -49.96
CA LYS Q 136 23.36 -42.66 -50.36
C LYS Q 136 24.06 -42.39 -51.69
N PHE Q 137 23.38 -41.75 -52.64
CA PHE Q 137 24.00 -41.40 -53.90
C PHE Q 137 25.09 -40.35 -53.72
N THR Q 138 24.94 -39.46 -52.74
CA THR Q 138 25.95 -38.43 -52.52
C THR Q 138 27.23 -39.04 -51.95
N LEU Q 139 27.11 -40.02 -51.05
CA LEU Q 139 28.30 -40.64 -50.47
C LEU Q 139 29.05 -41.46 -51.51
N LYS Q 140 28.32 -42.16 -52.39
CA LYS Q 140 28.97 -42.97 -53.41
C LYS Q 140 29.64 -42.11 -54.48
N GLU Q 141 29.08 -40.93 -54.78
CA GLU Q 141 29.58 -40.11 -55.88
C GLU Q 141 30.81 -39.29 -55.50
N LEU Q 142 30.98 -38.96 -54.22
CA LEU Q 142 32.12 -38.15 -53.80
C LEU Q 142 33.46 -38.85 -53.98
N ASP Q 143 33.48 -40.18 -54.01
CA ASP Q 143 34.74 -40.90 -54.17
C ASP Q 143 35.33 -40.72 -55.57
N GLU Q 144 34.50 -40.53 -56.58
CA GLU Q 144 34.97 -40.43 -57.96
C GLU Q 144 35.60 -39.07 -58.27
N MET Q 145 35.22 -38.01 -57.54
CA MET Q 145 35.72 -36.67 -57.80
C MET Q 145 36.98 -36.34 -57.00
N VAL Q 146 37.75 -37.35 -56.59
CA VAL Q 146 38.95 -37.16 -55.79
C VAL Q 146 40.14 -37.06 -56.73
N VAL Q 147 41.01 -36.08 -56.51
CA VAL Q 147 42.27 -35.92 -57.22
C VAL Q 147 43.45 -35.66 -56.30
N GLY Q 148 43.27 -35.79 -54.97
CA GLY Q 148 44.30 -35.48 -53.98
C GLY Q 148 44.72 -36.67 -53.15
N GLU Q 149 44.90 -37.82 -53.79
CA GLU Q 149 45.29 -39.05 -53.09
C GLU Q 149 46.71 -38.87 -52.56
N ILE Q 150 46.81 -38.66 -51.24
CA ILE Q 150 48.09 -38.42 -50.56
C ILE Q 150 48.47 -39.71 -49.83
N THR Q 151 49.76 -40.05 -49.88
CA THR Q 151 50.30 -41.22 -49.19
C THR Q 151 51.52 -40.91 -48.33
N ASP Q 152 52.14 -39.74 -48.50
CA ASP Q 152 53.31 -39.41 -47.69
C ASP Q 152 52.91 -38.97 -46.29
N LYS Q 153 52.16 -37.85 -46.20
CA LYS Q 153 51.59 -37.29 -44.96
C LYS Q 153 52.61 -37.13 -43.84
N ASN Q 154 53.88 -36.86 -44.20
CA ASN Q 154 54.97 -36.66 -43.26
C ASN Q 154 55.61 -35.28 -43.40
N ASP Q 155 55.91 -34.87 -44.63
CA ASP Q 155 56.68 -33.66 -44.86
C ASP Q 155 55.84 -32.42 -44.57
N LYS Q 156 56.53 -31.28 -44.42
CA LYS Q 156 55.86 -30.04 -44.04
C LYS Q 156 55.21 -29.37 -45.23
N ASN Q 157 55.87 -29.37 -46.40
CA ASN Q 157 55.31 -28.73 -47.58
C ASN Q 157 54.03 -29.41 -48.07
N GLU Q 158 53.88 -30.72 -47.83
CA GLU Q 158 52.66 -31.42 -48.22
C GLU Q 158 51.46 -30.96 -47.40
N LEU Q 159 51.67 -30.51 -46.17
CA LEU Q 159 50.58 -30.00 -45.34
C LEU Q 159 50.07 -28.63 -45.76
N LEU Q 160 50.74 -27.95 -46.70
CA LEU Q 160 50.25 -26.66 -47.18
C LEU Q 160 48.91 -26.79 -47.91
N LYS Q 161 48.65 -27.93 -48.54
CA LYS Q 161 47.34 -28.22 -49.11
C LYS Q 161 46.32 -28.67 -48.07
N MET Q 162 46.72 -28.81 -46.80
CA MET Q 162 45.87 -29.36 -45.74
C MET Q 162 45.53 -28.32 -44.68
N ILE Q 163 46.54 -27.69 -44.08
CA ILE Q 163 46.32 -26.80 -42.94
C ILE Q 163 45.95 -25.40 -43.41
N LYS Q 164 46.59 -24.92 -44.48
CA LYS Q 164 46.36 -23.55 -44.91
C LYS Q 164 44.95 -23.28 -45.42
N PRO Q 165 44.25 -24.19 -46.12
CA PRO Q 165 42.82 -23.94 -46.35
C PRO Q 165 41.99 -23.86 -45.08
N VAL Q 166 42.35 -24.62 -44.04
CA VAL Q 166 41.60 -24.56 -42.79
C VAL Q 166 41.87 -23.24 -42.07
N ILE Q 167 43.14 -22.82 -42.02
CA ILE Q 167 43.49 -21.55 -41.38
C ILE Q 167 43.03 -20.37 -42.23
N SER Q 168 42.94 -20.52 -43.55
CA SER Q 168 42.49 -19.43 -44.41
C SER Q 168 41.03 -19.07 -44.17
N SER Q 169 40.23 -19.99 -43.64
CA SER Q 169 38.83 -19.69 -43.36
C SER Q 169 38.70 -18.76 -42.15
N LYS Q 170 39.33 -19.14 -41.04
CA LYS Q 170 39.28 -18.35 -39.80
C LYS Q 170 40.39 -17.31 -39.86
N LYS Q 171 40.02 -16.03 -39.94
CA LYS Q 171 40.97 -14.92 -40.00
C LYS Q 171 41.90 -15.05 -41.21
N TYR Q 172 41.32 -14.86 -42.40
CA TYR Q 172 42.00 -15.09 -43.68
C TYR Q 172 43.33 -14.35 -43.82
N GLY Q 173 43.49 -13.20 -43.16
CA GLY Q 173 44.71 -12.42 -43.28
C GLY Q 173 45.99 -13.09 -42.84
N SER Q 174 45.91 -14.06 -41.92
CA SER Q 174 47.06 -14.78 -41.37
C SER Q 174 47.04 -16.21 -41.90
N GLU Q 175 47.85 -16.49 -42.92
CA GLU Q 175 47.98 -17.80 -43.53
C GLU Q 175 49.37 -18.41 -43.32
N ASP Q 176 50.41 -17.70 -43.73
CA ASP Q 176 51.75 -18.29 -43.70
C ASP Q 176 52.29 -18.41 -42.28
N ILE Q 177 51.95 -17.46 -41.41
CA ILE Q 177 52.50 -17.46 -40.05
C ILE Q 177 51.88 -18.60 -39.24
N LEU Q 178 50.55 -18.65 -39.18
CA LEU Q 178 49.89 -19.67 -38.36
C LEU Q 178 50.08 -21.07 -38.95
N SER Q 179 50.14 -21.19 -40.28
CA SER Q 179 50.40 -22.49 -40.89
C SER Q 179 51.81 -22.98 -40.57
N GLU Q 180 52.77 -22.07 -40.43
CA GLU Q 180 54.12 -22.46 -40.04
C GLU Q 180 54.14 -22.97 -38.60
N LEU Q 181 53.34 -22.39 -37.72
CA LEU Q 181 53.29 -22.84 -36.34
C LEU Q 181 52.66 -24.22 -36.23
N VAL Q 182 51.54 -24.43 -36.94
CA VAL Q 182 50.83 -25.70 -36.85
C VAL Q 182 51.60 -26.80 -37.58
N SER Q 183 52.14 -26.49 -38.76
CA SER Q 183 52.87 -27.49 -39.53
C SER Q 183 54.18 -27.88 -38.84
N GLU Q 184 54.90 -26.90 -38.28
CA GLU Q 184 56.11 -27.23 -37.52
C GLU Q 184 55.78 -27.99 -36.25
N ALA Q 185 54.60 -27.74 -35.67
CA ALA Q 185 54.19 -28.49 -34.48
C ALA Q 185 53.94 -29.96 -34.83
N VAL Q 186 53.31 -30.21 -35.98
CA VAL Q 186 53.00 -31.59 -36.37
C VAL Q 186 54.28 -32.36 -36.68
N SER Q 187 55.27 -31.68 -37.26
CA SER Q 187 56.55 -32.34 -37.55
C SER Q 187 57.29 -32.73 -36.27
N HIS Q 188 57.20 -31.90 -35.23
CA HIS Q 188 57.78 -32.27 -33.94
C HIS Q 188 56.99 -33.40 -33.29
N VAL Q 189 55.68 -33.43 -33.50
CA VAL Q 189 54.84 -34.48 -32.94
C VAL Q 189 55.16 -35.83 -33.58
N LEU Q 190 55.24 -35.86 -34.90
CA LEU Q 190 55.46 -37.12 -35.59
C LEU Q 190 56.90 -37.58 -35.39
N PRO Q 191 57.17 -38.88 -35.24
CA PRO Q 191 58.55 -39.30 -34.99
C PRO Q 191 59.36 -39.40 -36.28
N VAL Q 192 60.68 -39.30 -36.12
CA VAL Q 192 61.60 -39.44 -37.24
C VAL Q 192 61.78 -40.94 -37.51
N ALA Q 193 61.37 -41.38 -38.69
CA ALA Q 193 61.47 -42.78 -39.06
C ALA Q 193 61.40 -42.91 -40.58
N GLN Q 194 61.94 -44.01 -41.09
CA GLN Q 194 61.95 -44.23 -42.53
C GLN Q 194 60.55 -44.56 -43.04
N GLN Q 195 59.79 -45.35 -42.27
CA GLN Q 195 58.44 -45.73 -42.67
C GLN Q 195 57.65 -46.04 -41.41
N ALA Q 196 56.80 -45.09 -40.99
CA ALA Q 196 55.92 -45.24 -39.84
C ALA Q 196 54.52 -45.56 -40.35
N GLY Q 197 54.06 -46.78 -40.07
CA GLY Q 197 52.77 -47.28 -40.53
C GLY Q 197 51.96 -47.92 -39.42
N GLU Q 198 51.03 -48.78 -39.82
CA GLU Q 198 50.14 -49.51 -38.90
C GLU Q 198 49.29 -48.55 -38.05
N ILE Q 199 48.90 -47.43 -38.65
CA ILE Q 199 48.04 -46.42 -38.02
C ILE Q 199 48.73 -45.89 -36.76
N PRO Q 200 49.78 -45.07 -36.87
CA PRO Q 200 50.37 -44.46 -35.68
C PRO Q 200 49.37 -43.59 -34.93
N TYR Q 201 49.54 -43.54 -33.61
CA TYR Q 201 48.59 -42.88 -32.74
C TYR Q 201 48.77 -41.37 -32.78
N PHE Q 202 47.64 -40.64 -32.75
CA PHE Q 202 47.63 -39.19 -32.68
C PHE Q 202 46.40 -38.76 -31.90
N ASN Q 203 46.56 -37.70 -31.10
CA ASN Q 203 45.48 -37.18 -30.27
C ASN Q 203 45.55 -35.66 -30.24
N VAL Q 204 44.40 -35.04 -29.96
CA VAL Q 204 44.32 -33.58 -29.92
C VAL Q 204 45.05 -32.98 -28.73
N ASP Q 205 45.27 -33.74 -27.66
CA ASP Q 205 45.98 -33.25 -26.50
C ASP Q 205 47.50 -33.16 -26.69
N SER Q 206 48.02 -33.61 -27.84
CA SER Q 206 49.45 -33.52 -28.08
C SER Q 206 49.90 -32.08 -28.27
N ILE Q 207 49.22 -31.34 -29.15
CA ILE Q 207 49.53 -29.95 -29.43
C ILE Q 207 48.67 -29.10 -28.50
N ARG Q 208 49.31 -28.38 -27.59
CA ARG Q 208 48.68 -27.48 -26.64
C ARG Q 208 48.93 -26.04 -27.06
N VAL Q 209 48.17 -25.13 -26.45
CA VAL Q 209 48.18 -23.71 -26.77
C VAL Q 209 48.39 -22.95 -25.46
N VAL Q 210 49.49 -22.19 -25.39
CA VAL Q 210 49.83 -21.35 -24.25
C VAL Q 210 49.64 -19.90 -24.69
N LYS Q 211 48.63 -19.24 -24.11
CA LYS Q 211 48.26 -17.88 -24.48
C LYS Q 211 49.05 -16.89 -23.63
N ILE Q 212 49.79 -16.00 -24.29
CA ILE Q 212 50.58 -14.96 -23.65
C ILE Q 212 50.06 -13.61 -24.12
N MET Q 213 49.89 -12.69 -23.17
CA MET Q 213 49.34 -11.38 -23.49
C MET Q 213 50.43 -10.51 -24.12
N GLY Q 214 50.04 -9.75 -25.14
CA GLY Q 214 50.94 -8.81 -25.79
C GLY Q 214 51.78 -9.46 -26.87
N GLY Q 215 52.29 -8.62 -27.76
CA GLY Q 215 53.17 -9.04 -28.83
C GLY Q 215 52.43 -9.27 -30.13
N SER Q 216 53.08 -8.94 -31.23
CA SER Q 216 52.50 -9.12 -32.55
C SER Q 216 52.47 -10.60 -32.91
N LEU Q 217 51.56 -10.95 -33.81
CA LEU Q 217 51.39 -12.34 -34.23
C LEU Q 217 52.61 -12.86 -34.98
N SER Q 218 53.37 -11.98 -35.64
CA SER Q 218 54.57 -12.40 -36.36
C SER Q 218 55.72 -12.79 -35.44
N ASN Q 219 55.76 -12.27 -34.22
CA ASN Q 219 56.83 -12.57 -33.28
C ASN Q 219 56.65 -13.91 -32.55
N SER Q 220 55.61 -14.68 -32.88
CA SER Q 220 55.41 -15.98 -32.25
C SER Q 220 56.49 -16.96 -32.69
N THR Q 221 56.61 -18.05 -31.94
CA THR Q 221 57.59 -19.10 -32.21
C THR Q 221 57.04 -20.44 -31.72
N VAL Q 222 57.75 -21.50 -32.07
CA VAL Q 222 57.38 -22.88 -31.71
C VAL Q 222 58.26 -23.34 -30.57
N ILE Q 223 57.66 -24.05 -29.61
CA ILE Q 223 58.35 -24.60 -28.46
C ILE Q 223 58.04 -26.09 -28.40
N LYS Q 224 59.10 -26.91 -28.28
CA LYS Q 224 58.90 -28.35 -28.24
C LYS Q 224 58.34 -28.81 -26.90
N GLY Q 225 58.72 -28.13 -25.81
CA GLY Q 225 58.19 -28.42 -24.50
C GLY Q 225 56.85 -27.75 -24.26
N MET Q 226 56.71 -27.16 -23.08
CA MET Q 226 55.54 -26.35 -22.73
C MET Q 226 56.01 -25.16 -21.90
N VAL Q 227 55.06 -24.26 -21.61
CA VAL Q 227 55.32 -23.02 -20.87
C VAL Q 227 54.20 -22.85 -19.87
N PHE Q 228 54.55 -22.77 -18.58
CA PHE Q 228 53.62 -22.59 -17.48
C PHE Q 228 53.81 -21.22 -16.85
N ASN Q 229 52.70 -20.61 -16.43
CA ASN Q 229 52.71 -19.36 -15.68
C ASN Q 229 52.92 -19.72 -14.21
N ARG Q 230 54.20 -19.86 -13.84
CA ARG Q 230 54.58 -20.35 -12.52
C ARG Q 230 55.89 -19.70 -12.11
N GLU Q 231 56.08 -19.58 -10.78
CA GLU Q 231 57.25 -18.95 -10.20
C GLU Q 231 58.24 -20.03 -9.79
N PRO Q 232 59.44 -20.15 -10.39
CA PRO Q 232 60.43 -21.06 -9.82
C PRO Q 232 60.92 -20.60 -8.45
N GLU Q 233 61.49 -21.53 -7.70
CA GLU Q 233 61.97 -21.30 -6.34
C GLU Q 233 63.35 -21.92 -6.16
N GLY Q 234 64.21 -21.22 -5.43
CA GLY Q 234 65.43 -21.79 -4.87
C GLY Q 234 66.73 -21.31 -5.46
N HIS Q 235 66.83 -21.19 -6.79
CA HIS Q 235 68.10 -20.86 -7.42
C HIS Q 235 67.86 -20.48 -8.88
N VAL Q 236 68.94 -20.02 -9.52
CA VAL Q 236 68.97 -19.73 -10.96
C VAL Q 236 69.64 -20.90 -11.65
N LYS Q 237 69.23 -21.16 -12.89
CA LYS Q 237 69.73 -22.31 -13.64
C LYS Q 237 71.10 -22.01 -14.23
N SER Q 238 71.80 -23.07 -14.62
CA SER Q 238 73.12 -22.97 -15.23
C SER Q 238 73.05 -22.76 -16.74
N LEU Q 239 72.11 -23.43 -17.42
CA LEU Q 239 71.66 -23.14 -18.79
C LEU Q 239 72.64 -23.63 -19.85
N SER Q 240 73.88 -24.02 -19.53
CA SER Q 240 74.74 -24.73 -20.47
C SER Q 240 75.74 -25.68 -19.82
N GLU Q 241 75.74 -25.82 -18.49
CA GLU Q 241 76.88 -26.46 -17.83
C GLU Q 241 76.77 -27.97 -17.81
N ASP Q 242 75.62 -28.51 -17.39
CA ASP Q 242 75.44 -29.95 -17.28
C ASP Q 242 75.19 -30.62 -18.63
N LYS Q 243 74.59 -29.91 -19.58
CA LYS Q 243 74.30 -30.33 -20.98
C LYS Q 243 73.06 -31.23 -21.04
N LYS Q 244 72.58 -31.78 -19.92
CA LYS Q 244 71.38 -32.61 -19.92
C LYS Q 244 70.95 -32.83 -18.48
N HIS Q 245 69.64 -32.96 -18.29
CA HIS Q 245 69.03 -33.01 -16.96
C HIS Q 245 68.01 -34.14 -16.88
N LYS Q 246 68.19 -35.00 -15.88
CA LYS Q 246 67.24 -36.07 -15.59
C LYS Q 246 66.15 -35.54 -14.68
N VAL Q 247 64.90 -35.71 -15.09
CA VAL Q 247 63.74 -35.12 -14.44
C VAL Q 247 62.88 -36.25 -13.89
N ALA Q 248 62.70 -36.28 -12.57
CA ALA Q 248 61.83 -37.22 -11.89
C ALA Q 248 60.50 -36.53 -11.59
N VAL Q 249 59.40 -37.23 -11.90
CA VAL Q 249 58.04 -36.75 -11.66
C VAL Q 249 57.40 -37.65 -10.63
N PHE Q 250 57.08 -36.93 -9.54
CA PHE Q 250 56.48 -37.57 -8.43
C PHE Q 250 54.97 -37.29 -8.29
N THR Q 251 54.15 -38.33 -8.08
CA THR Q 251 52.74 -38.00 -7.85
C THR Q 251 52.54 -37.50 -6.42
N CYS Q 252 53.15 -38.18 -5.44
CA CYS Q 252 53.04 -37.81 -4.05
C CYS Q 252 54.05 -36.72 -3.71
N PRO Q 253 53.78 -35.98 -2.60
CA PRO Q 253 54.76 -34.93 -2.40
C PRO Q 253 56.03 -35.34 -1.75
N LEU Q 254 56.86 -34.37 -1.51
CA LEU Q 254 58.12 -34.53 -0.94
C LEU Q 254 57.92 -33.88 0.38
N ASP Q 255 57.71 -34.69 1.38
CA ASP Q 255 57.50 -34.16 2.66
C ASP Q 255 57.83 -35.32 3.55
N ILE Q 256 57.99 -35.07 4.83
CA ILE Q 256 58.23 -36.17 5.68
C ILE Q 256 56.99 -36.90 5.43
N ALA Q 257 57.11 -38.17 5.19
CA ALA Q 257 55.96 -38.93 4.82
C ALA Q 257 55.00 -38.94 5.94
N ASN Q 258 53.73 -38.93 5.60
CA ASN Q 258 52.73 -38.99 6.61
C ASN Q 258 51.66 -39.96 6.28
N THR Q 259 51.02 -40.50 7.28
CA THR Q 259 49.96 -41.47 7.09
C THR Q 259 48.59 -41.04 6.59
N GLU Q 260 47.78 -41.97 6.07
CA GLU Q 260 46.41 -41.69 5.66
C GLU Q 260 45.63 -41.47 6.92
N THR Q 261 45.00 -42.50 7.55
CA THR Q 261 44.41 -42.26 8.86
C THR Q 261 45.26 -41.27 9.63
N LYS Q 262 44.61 -40.44 10.44
CA LYS Q 262 45.28 -39.34 11.12
C LYS Q 262 46.00 -39.87 12.35
N GLY Q 263 47.24 -39.42 12.55
CA GLY Q 263 48.01 -39.71 13.73
C GLY Q 263 48.58 -38.42 14.33
N THR Q 264 49.32 -38.59 15.43
CA THR Q 264 49.97 -37.48 16.11
C THR Q 264 51.24 -37.99 16.78
N VAL Q 265 51.96 -37.06 17.40
CA VAL Q 265 53.24 -37.36 18.04
C VAL Q 265 52.97 -37.81 19.47
N LEU Q 266 53.57 -38.94 19.85
CA LEU Q 266 53.49 -39.49 21.21
C LEU Q 266 54.92 -39.61 21.74
N LEU Q 267 55.15 -39.03 22.92
CA LEU Q 267 56.46 -39.01 23.55
C LEU Q 267 56.29 -39.34 25.03
N HIS Q 268 56.81 -40.49 25.44
CA HIS Q 268 56.69 -40.92 26.83
C HIS Q 268 57.71 -40.26 27.74
N ASN Q 269 58.85 -39.81 27.20
CA ASN Q 269 59.91 -39.20 27.99
C ASN Q 269 60.59 -38.13 27.17
N ALA Q 270 61.46 -37.36 27.83
CA ALA Q 270 62.16 -36.24 27.21
C ALA Q 270 63.36 -36.67 26.37
N GLN Q 271 63.80 -37.92 26.46
CA GLN Q 271 64.91 -38.37 25.62
C GLN Q 271 64.51 -38.40 24.15
N GLU Q 272 63.25 -38.78 23.87
CA GLU Q 272 62.76 -38.75 22.49
C GLU Q 272 62.48 -37.33 22.02
N MET Q 273 62.17 -36.41 22.96
CA MET Q 273 61.96 -35.02 22.59
C MET Q 273 63.23 -34.38 22.02
N LEU Q 274 64.39 -34.74 22.56
CA LEU Q 274 65.64 -34.16 22.07
C LEU Q 274 66.00 -34.68 20.69
N ASP Q 275 65.75 -35.95 20.42
CA ASP Q 275 66.08 -36.58 19.15
C ASP Q 275 65.02 -36.35 18.07
N PHE Q 276 63.82 -35.88 18.44
CA PHE Q 276 62.78 -35.68 17.45
C PHE Q 276 63.10 -34.54 16.49
N SER Q 277 63.85 -33.53 16.94
CA SER Q 277 64.23 -32.43 16.06
C SER Q 277 65.19 -32.88 14.97
N LYS Q 278 66.12 -33.77 15.31
CA LYS Q 278 67.07 -34.32 14.34
C LYS Q 278 66.54 -35.54 13.61
N GLY Q 279 65.54 -36.24 14.15
CA GLY Q 279 65.03 -37.43 13.49
C GLY Q 279 64.32 -37.12 12.19
N GLU Q 280 63.56 -36.02 12.15
CA GLU Q 280 62.89 -35.63 10.92
C GLU Q 280 63.89 -35.18 9.86
N GLU Q 281 65.00 -34.57 10.28
CA GLU Q 281 66.02 -34.13 9.32
C GLU Q 281 66.78 -35.32 8.75
N LYS Q 282 67.14 -36.28 9.59
CA LYS Q 282 67.87 -37.46 9.11
C LYS Q 282 66.96 -38.41 8.34
N GLN Q 283 65.64 -38.39 8.60
CA GLN Q 283 64.73 -39.26 7.86
C GLN Q 283 64.66 -38.85 6.40
N ILE Q 284 64.40 -37.57 6.13
CA ILE Q 284 64.38 -37.09 4.75
C ILE Q 284 65.77 -37.14 4.12
N ASP Q 285 66.83 -36.97 4.91
CA ASP Q 285 68.19 -36.99 4.37
C ASP Q 285 68.53 -38.36 3.81
N ALA Q 286 68.02 -39.43 4.43
CA ALA Q 286 68.26 -40.77 3.90
C ALA Q 286 67.57 -40.97 2.57
N MET Q 287 66.40 -40.38 2.37
CA MET Q 287 65.65 -40.48 1.13
C MET Q 287 66.04 -39.44 0.10
N MET Q 288 66.51 -38.26 0.55
CA MET Q 288 66.92 -37.19 -0.36
C MET Q 288 68.34 -37.36 -0.87
N LYS Q 289 69.23 -37.96 -0.07
CA LYS Q 289 70.60 -38.15 -0.51
C LYS Q 289 70.69 -39.16 -1.65
N GLU Q 290 69.82 -40.17 -1.65
CA GLU Q 290 69.83 -41.15 -2.73
C GLU Q 290 69.41 -40.54 -4.06
N ILE Q 291 68.53 -39.53 -4.03
CA ILE Q 291 68.09 -38.90 -5.27
C ILE Q 291 69.23 -38.09 -5.88
N ALA Q 292 70.04 -37.44 -5.05
CA ALA Q 292 71.14 -36.62 -5.54
C ALA Q 292 72.33 -37.43 -6.03
N ASP Q 293 72.44 -38.71 -5.65
CA ASP Q 293 73.58 -39.51 -6.07
C ASP Q 293 73.53 -39.78 -7.57
N MET Q 294 72.36 -40.13 -8.11
CA MET Q 294 72.19 -40.37 -9.53
C MET Q 294 72.14 -39.08 -10.36
N GLY Q 295 72.04 -37.92 -9.71
CA GLY Q 295 72.11 -36.66 -10.44
C GLY Q 295 70.80 -36.18 -11.00
N VAL Q 296 69.70 -36.36 -10.28
CA VAL Q 296 68.40 -35.88 -10.70
C VAL Q 296 68.37 -34.38 -10.45
N GLU Q 297 68.57 -33.59 -11.52
CA GLU Q 297 68.65 -32.14 -11.42
C GLU Q 297 67.30 -31.44 -11.50
N CYS Q 298 66.19 -32.19 -11.40
CA CYS Q 298 64.87 -31.58 -11.43
C CYS Q 298 63.86 -32.57 -10.86
N ILE Q 299 62.99 -32.08 -9.97
CA ILE Q 299 61.96 -32.87 -9.32
C ILE Q 299 60.64 -32.13 -9.49
N VAL Q 300 59.58 -32.88 -9.80
CA VAL Q 300 58.23 -32.34 -10.00
C VAL Q 300 57.29 -33.12 -9.09
N ALA Q 301 56.74 -32.43 -8.09
CA ALA Q 301 55.80 -33.01 -7.13
C ALA Q 301 54.45 -32.34 -7.27
N GLY Q 302 53.42 -33.15 -7.57
CA GLY Q 302 52.10 -32.61 -7.82
C GLY Q 302 51.46 -31.92 -6.65
N ALA Q 303 51.52 -32.52 -5.47
CA ALA Q 303 50.94 -31.95 -4.27
C ALA Q 303 51.89 -30.90 -3.70
N GLY Q 304 51.52 -30.29 -2.58
CA GLY Q 304 52.32 -29.23 -1.99
C GLY Q 304 53.60 -29.79 -1.38
N VAL Q 305 54.73 -29.16 -1.71
CA VAL Q 305 56.03 -29.57 -1.22
C VAL Q 305 56.32 -28.84 0.08
N GLY Q 306 56.81 -29.57 1.08
CA GLY Q 306 57.13 -28.97 2.36
C GLY Q 306 58.41 -28.15 2.31
N GLU Q 307 58.58 -27.32 3.33
CA GLU Q 307 59.77 -26.47 3.42
C GLU Q 307 61.00 -27.27 3.79
N LEU Q 308 60.84 -28.34 4.57
CA LEU Q 308 61.99 -29.17 4.93
C LEU Q 308 62.56 -29.88 3.71
N ALA Q 309 61.70 -30.36 2.82
CA ALA Q 309 62.17 -30.99 1.59
C ALA Q 309 62.74 -29.97 0.61
N LEU Q 310 62.19 -28.75 0.59
CA LEU Q 310 62.70 -27.72 -0.29
C LEU Q 310 64.06 -27.22 0.16
N HIS Q 311 64.30 -27.21 1.47
CA HIS Q 311 65.57 -26.71 2.00
C HIS Q 311 66.74 -27.60 1.59
N TYR Q 312 66.58 -28.92 1.66
CA TYR Q 312 67.65 -29.82 1.25
C TYR Q 312 67.92 -29.75 -0.25
N LEU Q 313 66.91 -29.44 -1.06
CA LEU Q 313 67.08 -29.37 -2.50
C LEU Q 313 67.71 -28.06 -2.96
N ASN Q 314 67.64 -27.00 -2.16
CA ASN Q 314 68.19 -25.71 -2.58
C ASN Q 314 69.72 -25.74 -2.62
N ARG Q 315 70.34 -26.38 -1.63
CA ARG Q 315 71.80 -26.40 -1.56
C ARG Q 315 72.42 -27.22 -2.69
N TYR Q 316 71.77 -28.30 -3.12
CA TYR Q 316 72.25 -29.10 -4.24
C TYR Q 316 71.87 -28.51 -5.60
N GLY Q 317 70.94 -27.56 -5.64
CA GLY Q 317 70.57 -26.92 -6.89
C GLY Q 317 69.66 -27.77 -7.75
N ILE Q 318 68.58 -28.28 -7.14
CA ILE Q 318 67.57 -29.10 -7.81
C ILE Q 318 66.35 -28.23 -8.06
N LEU Q 319 65.85 -28.27 -9.30
CA LEU Q 319 64.68 -27.47 -9.64
C LEU Q 319 63.42 -28.13 -9.10
N VAL Q 320 62.49 -27.31 -8.59
CA VAL Q 320 61.21 -27.75 -8.05
C VAL Q 320 60.09 -27.09 -8.85
N LEU Q 321 58.96 -27.78 -8.91
CA LEU Q 321 57.79 -27.27 -9.62
C LEU Q 321 56.55 -27.98 -9.09
N LYS Q 322 55.46 -27.24 -8.93
CA LYS Q 322 54.25 -27.79 -8.34
C LYS Q 322 53.44 -28.58 -9.36
N VAL Q 323 52.92 -27.92 -10.38
CA VAL Q 323 52.03 -28.51 -11.38
C VAL Q 323 50.81 -29.10 -10.66
N PRO Q 324 49.91 -28.28 -10.11
CA PRO Q 324 48.81 -28.85 -9.31
C PRO Q 324 47.82 -29.67 -10.11
N SER Q 325 47.45 -29.24 -11.31
CA SER Q 325 46.48 -29.96 -12.11
C SER Q 325 47.05 -31.29 -12.58
N LYS Q 326 46.19 -32.32 -12.62
CA LYS Q 326 46.62 -33.66 -12.94
C LYS Q 326 46.72 -33.90 -14.44
N PHE Q 327 45.91 -33.21 -15.24
CA PHE Q 327 45.91 -33.45 -16.68
C PHE Q 327 47.21 -32.97 -17.32
N GLU Q 328 47.69 -31.78 -16.94
CA GLU Q 328 48.93 -31.23 -17.47
C GLU Q 328 50.18 -31.85 -16.83
N LEU Q 329 50.02 -32.72 -15.82
CA LEU Q 329 51.18 -33.35 -15.19
C LEU Q 329 51.77 -34.44 -16.08
N ARG Q 330 50.92 -35.22 -16.73
CA ARG Q 330 51.38 -36.30 -17.59
C ARG Q 330 51.99 -35.80 -18.90
N ARG Q 331 51.62 -34.59 -19.36
CA ARG Q 331 52.19 -34.08 -20.60
C ARG Q 331 53.66 -33.75 -20.44
N LEU Q 332 54.07 -33.31 -19.25
CA LEU Q 332 55.49 -33.07 -18.99
C LEU Q 332 56.27 -34.38 -19.00
N CYS Q 333 55.65 -35.49 -18.58
CA CYS Q 333 56.34 -36.78 -18.62
C CYS Q 333 56.60 -37.22 -20.04
N ARG Q 334 55.71 -36.88 -20.98
CA ARG Q 334 55.91 -37.25 -22.37
C ARG Q 334 57.10 -36.54 -22.99
N VAL Q 335 57.41 -35.32 -22.53
CA VAL Q 335 58.55 -34.59 -23.06
C VAL Q 335 59.85 -35.27 -22.67
N CYS Q 336 60.10 -35.39 -21.36
CA CYS Q 336 61.33 -36.02 -20.89
C CYS Q 336 61.38 -37.51 -21.20
N GLY Q 337 60.22 -38.17 -21.28
CA GLY Q 337 60.18 -39.59 -21.53
C GLY Q 337 60.35 -40.45 -20.29
N ALA Q 338 59.83 -39.99 -19.16
CA ALA Q 338 59.85 -40.69 -17.88
C ALA Q 338 58.43 -41.13 -17.52
N THR Q 339 58.32 -41.95 -16.48
CA THR Q 339 57.01 -42.41 -16.02
C THR Q 339 56.78 -41.80 -14.65
N PRO Q 340 55.50 -41.75 -14.19
CA PRO Q 340 55.35 -41.21 -12.82
C PRO Q 340 55.94 -42.13 -11.77
N LEU Q 341 56.59 -41.56 -10.76
CA LEU Q 341 57.19 -42.34 -9.68
C LEU Q 341 56.57 -41.79 -8.40
N PRO Q 342 55.35 -42.24 -7.99
CA PRO Q 342 54.81 -41.60 -6.83
C PRO Q 342 55.61 -41.53 -5.56
N ARG Q 343 56.19 -42.62 -5.13
CA ARG Q 343 56.83 -42.57 -3.83
C ARG Q 343 58.05 -41.75 -3.94
N LEU Q 344 58.50 -41.19 -2.85
CA LEU Q 344 59.62 -40.33 -2.92
C LEU Q 344 60.71 -41.18 -3.42
N GLY Q 345 61.15 -42.11 -2.59
CA GLY Q 345 62.22 -43.02 -2.95
C GLY Q 345 63.48 -42.44 -3.54
N ALA Q 346 63.98 -43.08 -4.56
CA ALA Q 346 65.16 -42.66 -5.20
C ALA Q 346 64.82 -43.34 -6.47
N PRO Q 347 65.49 -43.02 -7.56
CA PRO Q 347 65.02 -43.68 -8.76
C PRO Q 347 65.85 -44.72 -9.55
N THR Q 348 65.94 -44.69 -10.89
CA THR Q 348 66.53 -45.71 -11.73
C THR Q 348 66.87 -45.11 -13.10
N PRO Q 349 67.87 -45.63 -13.82
CA PRO Q 349 68.17 -45.04 -15.15
C PRO Q 349 67.09 -45.30 -16.19
N GLU Q 350 66.41 -46.44 -16.12
CA GLU Q 350 65.44 -46.80 -17.17
C GLU Q 350 64.18 -45.94 -17.11
N GLU Q 351 63.70 -45.62 -15.91
CA GLU Q 351 62.48 -44.87 -15.73
C GLU Q 351 62.68 -43.35 -15.79
N LEU Q 352 63.92 -42.86 -15.70
CA LEU Q 352 64.23 -41.44 -15.74
C LEU Q 352 64.51 -41.02 -17.18
N GLY Q 353 64.00 -39.85 -17.55
CA GLY Q 353 64.16 -39.31 -18.88
C GLY Q 353 65.34 -38.37 -18.98
N LEU Q 354 65.39 -37.66 -20.11
CA LEU Q 354 66.45 -36.68 -20.40
C LEU Q 354 65.80 -35.38 -20.84
N VAL Q 355 66.36 -34.26 -20.37
CA VAL Q 355 65.93 -32.92 -20.78
C VAL Q 355 67.18 -32.09 -21.02
N GLU Q 356 67.21 -31.34 -22.12
CA GLU Q 356 68.41 -30.62 -22.50
C GLU Q 356 68.67 -29.44 -21.55
N THR Q 357 67.72 -28.53 -21.45
CA THR Q 357 67.90 -27.32 -20.64
C THR Q 357 66.55 -26.76 -20.24
N VAL Q 358 66.56 -25.97 -19.17
CA VAL Q 358 65.39 -25.26 -18.67
C VAL Q 358 65.84 -23.85 -18.32
N LYS Q 359 65.16 -22.85 -18.90
CA LYS Q 359 65.50 -21.43 -18.72
C LYS Q 359 64.24 -20.64 -18.40
N THR Q 360 64.43 -19.57 -17.64
CA THR Q 360 63.35 -18.76 -17.08
C THR Q 360 63.51 -17.32 -17.56
N MET Q 361 62.44 -16.77 -18.13
CA MET Q 361 62.39 -15.37 -18.53
C MET Q 361 60.94 -14.91 -18.52
N GLU Q 362 60.71 -13.70 -19.03
CA GLU Q 362 59.37 -13.14 -19.22
C GLU Q 362 59.13 -12.90 -20.70
N ILE Q 363 58.01 -13.42 -21.19
CA ILE Q 363 57.60 -13.27 -22.60
C ILE Q 363 56.64 -12.10 -22.77
N GLY Q 364 55.69 -11.97 -21.84
CA GLY Q 364 54.71 -10.89 -21.84
C GLY Q 364 54.64 -10.20 -20.49
N GLY Q 365 55.79 -10.07 -19.82
CA GLY Q 365 55.89 -9.43 -18.53
C GLY Q 365 55.84 -10.37 -17.35
N ASP Q 366 55.19 -11.52 -17.48
CA ASP Q 366 55.05 -12.51 -16.41
C ASP Q 366 56.16 -13.54 -16.52
N ARG Q 367 56.73 -13.90 -15.38
CA ARG Q 367 57.80 -14.89 -15.34
C ARG Q 367 57.21 -16.27 -15.60
N VAL Q 368 57.84 -17.03 -16.50
CA VAL Q 368 57.39 -18.35 -16.91
C VAL Q 368 58.59 -19.28 -17.00
N THR Q 369 58.30 -20.57 -17.01
CA THR Q 369 59.30 -21.64 -17.07
C THR Q 369 59.20 -22.32 -18.43
N VAL Q 370 60.29 -22.33 -19.18
CA VAL Q 370 60.34 -22.82 -20.56
C VAL Q 370 61.12 -24.13 -20.56
N PHE Q 371 60.50 -25.18 -21.10
CA PHE Q 371 61.09 -26.52 -21.20
C PHE Q 371 61.53 -26.84 -22.62
N LYS Q 372 62.04 -25.84 -23.35
CA LYS Q 372 62.53 -26.07 -24.69
C LYS Q 372 63.84 -26.86 -24.64
N GLN Q 373 63.96 -27.86 -25.51
CA GLN Q 373 65.14 -28.69 -25.62
C GLN Q 373 65.49 -28.90 -27.09
N GLU Q 374 66.79 -28.94 -27.38
CA GLU Q 374 67.34 -29.18 -28.71
C GLU Q 374 68.15 -30.47 -28.72
N GLN Q 375 68.05 -31.20 -29.83
CA GLN Q 375 68.72 -32.49 -30.07
C GLN Q 375 68.16 -33.63 -29.22
N GLY Q 376 67.06 -33.42 -28.48
CA GLY Q 376 66.46 -34.45 -27.68
C GLY Q 376 65.37 -35.21 -28.43
N GLU Q 377 65.00 -36.35 -27.86
CA GLU Q 377 63.96 -37.21 -28.42
C GLU Q 377 62.63 -36.85 -27.79
N ILE Q 378 61.64 -36.55 -28.63
CA ILE Q 378 60.28 -36.21 -28.21
C ILE Q 378 59.31 -37.16 -28.88
N SER Q 379 58.14 -37.33 -28.25
CA SER Q 379 57.11 -38.24 -28.75
C SER Q 379 55.75 -37.69 -28.34
N ARG Q 380 55.03 -37.13 -29.31
CA ARG Q 380 53.66 -36.64 -29.11
C ARG Q 380 53.60 -35.52 -28.07
N THR Q 381 54.28 -34.42 -28.37
CA THR Q 381 54.25 -33.24 -27.52
C THR Q 381 54.73 -32.03 -28.31
N SER Q 382 54.03 -30.91 -28.14
CA SER Q 382 54.37 -29.66 -28.82
C SER Q 382 53.49 -28.56 -28.25
N THR Q 383 53.93 -27.32 -28.45
CA THR Q 383 53.19 -26.14 -28.01
C THR Q 383 53.42 -24.99 -28.99
N ILE Q 384 52.46 -24.08 -29.02
CA ILE Q 384 52.48 -22.91 -29.90
C ILE Q 384 52.24 -21.69 -29.01
N ILE Q 385 53.26 -20.85 -28.88
CA ILE Q 385 53.19 -19.66 -28.04
C ILE Q 385 52.53 -18.55 -28.85
N LEU Q 386 51.30 -18.20 -28.48
CA LEU Q 386 50.53 -17.17 -29.16
C LEU Q 386 50.81 -15.81 -28.54
N ARG Q 387 51.14 -14.84 -29.38
CA ARG Q 387 51.29 -13.45 -28.99
C ARG Q 387 50.20 -12.64 -29.67
N GLY Q 388 49.47 -11.86 -28.89
CA GLY Q 388 48.33 -11.11 -29.41
C GLY Q 388 48.05 -9.90 -28.56
N ALA Q 389 47.28 -8.99 -29.16
CA ALA Q 389 46.98 -7.72 -28.50
C ALA Q 389 45.86 -7.86 -27.46
N THR Q 390 44.91 -8.77 -27.71
CA THR Q 390 43.75 -8.96 -26.85
C THR Q 390 43.56 -10.45 -26.55
N GLN Q 391 43.06 -10.73 -25.34
CA GLN Q 391 42.72 -12.10 -24.98
C GLN Q 391 41.52 -12.61 -25.78
N ASN Q 392 40.62 -11.71 -26.18
CA ASN Q 392 39.45 -12.11 -26.95
C ASN Q 392 39.83 -12.67 -28.32
N ASN Q 393 40.87 -12.12 -28.94
CA ASN Q 393 41.31 -12.61 -30.25
C ASN Q 393 42.09 -13.92 -30.13
N LEU Q 394 42.88 -14.07 -29.06
CA LEU Q 394 43.67 -15.28 -28.88
C LEU Q 394 42.80 -16.48 -28.60
N ASP Q 395 41.60 -16.29 -28.06
CA ASP Q 395 40.69 -17.41 -27.84
C ASP Q 395 40.24 -18.02 -29.15
N ASP Q 396 40.07 -17.20 -30.19
CA ASP Q 396 39.69 -17.71 -31.50
C ASP Q 396 40.86 -18.40 -32.19
N ILE Q 397 42.10 -17.95 -31.93
CA ILE Q 397 43.26 -18.61 -32.52
C ILE Q 397 43.43 -20.01 -31.93
N GLU Q 398 43.09 -20.17 -30.65
CA GLU Q 398 43.19 -21.49 -30.02
C GLU Q 398 42.22 -22.48 -30.64
N ARG Q 399 40.96 -22.08 -30.82
CA ARG Q 399 39.98 -22.97 -31.43
C ARG Q 399 40.29 -23.20 -32.91
N ALA Q 400 40.88 -22.22 -33.58
CA ALA Q 400 41.31 -22.43 -34.95
C ALA Q 400 42.44 -23.45 -35.02
N ILE Q 401 43.34 -23.44 -34.03
CA ILE Q 401 44.40 -24.44 -33.98
C ILE Q 401 43.84 -25.78 -33.55
N ASP Q 402 42.84 -25.78 -32.67
CA ASP Q 402 42.20 -27.03 -32.27
C ASP Q 402 41.47 -27.68 -33.44
N ASP Q 403 40.85 -26.86 -34.30
CA ASP Q 403 40.23 -27.39 -35.51
C ASP Q 403 41.28 -27.82 -36.52
N GLY Q 404 42.45 -27.16 -36.53
CA GLY Q 404 43.50 -27.56 -37.44
C GLY Q 404 44.11 -28.90 -37.08
N VAL Q 405 44.48 -29.07 -35.81
CA VAL Q 405 45.02 -30.36 -35.35
C VAL Q 405 43.95 -31.43 -35.29
N ALA Q 406 42.68 -31.05 -35.14
CA ALA Q 406 41.60 -32.04 -35.21
C ALA Q 406 41.49 -32.63 -36.61
N ALA Q 407 41.81 -31.86 -37.64
CA ALA Q 407 41.84 -32.40 -38.99
C ALA Q 407 42.96 -33.40 -39.16
N VAL Q 408 44.08 -33.22 -38.45
CA VAL Q 408 45.15 -34.20 -38.47
C VAL Q 408 44.69 -35.49 -37.82
N LYS Q 409 43.88 -35.40 -36.77
CA LYS Q 409 43.28 -36.59 -36.18
C LYS Q 409 42.30 -37.23 -37.17
N GLY Q 410 41.59 -36.42 -37.94
CA GLY Q 410 40.68 -36.93 -38.94
C GLY Q 410 41.34 -37.59 -40.14
N LEU Q 411 42.61 -37.30 -40.39
CA LEU Q 411 43.36 -37.91 -41.48
C LEU Q 411 44.04 -39.21 -41.06
N MET Q 412 44.84 -39.15 -40.00
CA MET Q 412 45.69 -40.27 -39.61
C MET Q 412 44.93 -41.39 -38.89
N LYS Q 413 43.77 -41.09 -38.29
CA LYS Q 413 43.00 -42.12 -37.60
C LYS Q 413 42.35 -43.07 -38.61
N PRO Q 414 41.63 -42.58 -39.67
CA PRO Q 414 41.17 -43.51 -40.72
C PRO Q 414 42.28 -43.84 -41.70
N SER Q 415 41.98 -44.73 -42.65
CA SER Q 415 42.98 -45.15 -43.63
C SER Q 415 43.22 -44.08 -44.70
N GLY Q 416 42.24 -43.21 -44.95
CA GLY Q 416 42.39 -42.17 -45.95
C GLY Q 416 41.52 -40.95 -45.70
N GLY Q 417 42.16 -39.77 -45.71
CA GLY Q 417 41.53 -38.48 -45.53
C GLY Q 417 41.71 -37.61 -46.75
N LYS Q 418 41.49 -38.19 -47.93
CA LYS Q 418 41.81 -37.64 -49.25
C LYS Q 418 41.14 -36.26 -49.43
N LEU Q 419 41.70 -35.43 -50.30
CA LEU Q 419 41.24 -34.07 -50.52
C LEU Q 419 40.10 -34.04 -51.52
N LEU Q 420 39.53 -32.85 -51.71
CA LEU Q 420 38.55 -32.59 -52.75
C LEU Q 420 38.72 -31.15 -53.22
N PRO Q 421 38.20 -30.80 -54.41
CA PRO Q 421 38.27 -29.39 -54.83
C PRO Q 421 37.35 -28.51 -54.00
N GLY Q 422 37.90 -27.42 -53.48
CA GLY Q 422 37.17 -26.47 -52.66
C GLY Q 422 36.79 -25.22 -53.42
N ALA Q 423 36.39 -24.20 -52.65
CA ALA Q 423 36.08 -22.87 -53.18
C ALA Q 423 34.89 -22.91 -54.13
N GLY Q 424 33.87 -23.68 -53.78
CA GLY Q 424 32.69 -23.80 -54.61
C GLY Q 424 32.98 -24.47 -55.94
N ALA Q 425 33.52 -25.69 -55.87
CA ALA Q 425 33.85 -26.49 -57.05
C ALA Q 425 33.11 -27.82 -57.05
N THR Q 426 33.20 -28.60 -55.99
CA THR Q 426 32.52 -29.89 -55.92
C THR Q 426 31.04 -29.76 -55.57
N GLU Q 427 30.63 -28.65 -54.94
CA GLU Q 427 29.23 -28.47 -54.59
C GLU Q 427 28.37 -28.29 -55.84
N ILE Q 428 28.84 -27.48 -56.79
CA ILE Q 428 28.11 -27.30 -58.03
C ILE Q 428 28.17 -28.57 -58.87
N GLU Q 429 29.23 -29.37 -58.72
CA GLU Q 429 29.29 -30.66 -59.42
C GLU Q 429 28.21 -31.61 -58.90
N LEU Q 430 27.98 -31.61 -57.57
CA LEU Q 430 26.94 -32.45 -57.01
C LEU Q 430 25.55 -32.04 -57.49
N ILE Q 431 25.36 -30.76 -57.82
CA ILE Q 431 24.08 -30.31 -58.36
C ILE Q 431 23.85 -30.93 -59.73
N SER Q 432 24.91 -31.06 -60.53
CA SER Q 432 24.78 -31.68 -61.84
C SER Q 432 24.60 -33.19 -61.73
N ARG Q 433 25.28 -33.83 -60.77
CA ARG Q 433 25.13 -35.26 -60.58
C ARG Q 433 23.72 -35.60 -60.10
N ILE Q 434 23.22 -34.86 -59.11
CA ILE Q 434 21.90 -35.17 -58.55
C ILE Q 434 20.81 -34.78 -59.55
N THR Q 435 21.03 -33.74 -60.36
CA THR Q 435 20.06 -33.38 -61.39
C THR Q 435 19.89 -34.49 -62.42
N LYS Q 436 21.00 -35.14 -62.81
CA LYS Q 436 20.91 -36.28 -63.70
C LYS Q 436 20.38 -37.52 -63.01
N TYR Q 437 20.57 -37.64 -61.69
CA TYR Q 437 20.11 -38.83 -60.99
C TYR Q 437 18.59 -38.82 -60.82
N GLY Q 438 17.98 -37.65 -60.71
CA GLY Q 438 16.54 -37.56 -60.51
C GLY Q 438 15.73 -38.04 -61.70
N GLU Q 439 16.25 -37.91 -62.91
CA GLU Q 439 15.55 -38.35 -64.11
C GLU Q 439 15.68 -39.85 -64.36
N ARG Q 440 16.60 -40.55 -63.68
CA ARG Q 440 16.78 -41.98 -63.90
C ARG Q 440 15.68 -42.81 -63.26
N THR Q 441 15.13 -42.33 -62.13
CA THR Q 441 14.12 -43.05 -61.35
C THR Q 441 12.78 -42.32 -61.45
N PRO Q 442 11.85 -42.72 -62.32
CA PRO Q 442 10.52 -42.11 -62.28
C PRO Q 442 9.78 -42.45 -60.99
N GLY Q 443 8.95 -41.51 -60.56
CA GLY Q 443 8.16 -41.67 -59.36
C GLY Q 443 7.82 -40.32 -58.77
N LEU Q 444 7.01 -40.34 -57.72
CA LEU Q 444 6.63 -39.13 -57.01
C LEU Q 444 7.77 -38.53 -56.18
N LEU Q 445 8.81 -39.32 -55.87
CA LEU Q 445 9.94 -38.84 -55.09
C LEU Q 445 10.94 -38.01 -55.91
N GLN Q 446 10.71 -37.83 -57.21
CA GLN Q 446 11.64 -37.06 -58.03
C GLN Q 446 11.70 -35.60 -57.60
N LEU Q 447 10.59 -35.05 -57.10
CA LEU Q 447 10.60 -33.67 -56.62
C LEU Q 447 11.51 -33.50 -55.42
N ALA Q 448 11.60 -34.52 -54.56
CA ALA Q 448 12.51 -34.44 -53.41
C ALA Q 448 13.97 -34.48 -53.86
N ILE Q 449 14.27 -35.22 -54.93
CA ILE Q 449 15.65 -35.32 -55.40
C ILE Q 449 16.11 -33.99 -55.97
N LYS Q 450 15.24 -33.28 -56.69
CA LYS Q 450 15.62 -32.00 -57.27
C LYS Q 450 15.83 -30.94 -56.18
N GLN Q 451 14.91 -30.86 -55.22
CA GLN Q 451 15.03 -29.89 -54.15
C GLN Q 451 16.19 -30.18 -53.20
N PHE Q 452 16.64 -31.43 -53.14
CA PHE Q 452 17.84 -31.75 -52.37
C PHE Q 452 19.08 -31.15 -53.03
N ALA Q 453 19.08 -31.05 -54.35
CA ALA Q 453 20.22 -30.45 -55.05
C ALA Q 453 20.23 -28.94 -54.90
N VAL Q 454 19.05 -28.32 -54.84
CA VAL Q 454 18.97 -26.86 -54.74
C VAL Q 454 19.52 -26.38 -53.40
N ALA Q 455 19.48 -27.21 -52.36
CA ALA Q 455 20.00 -26.83 -51.05
C ALA Q 455 21.51 -26.62 -51.04
N PHE Q 456 22.25 -27.21 -52.00
CA PHE Q 456 23.69 -27.02 -52.09
C PHE Q 456 24.09 -25.70 -52.75
N GLU Q 457 23.12 -24.85 -53.15
CA GLU Q 457 23.45 -23.61 -53.84
C GLU Q 457 24.05 -22.56 -52.91
N VAL Q 458 23.78 -22.64 -51.59
CA VAL Q 458 24.21 -21.57 -50.68
C VAL Q 458 25.73 -21.50 -50.53
N VAL Q 459 26.44 -22.58 -50.81
CA VAL Q 459 27.88 -22.63 -50.59
C VAL Q 459 28.60 -21.66 -51.53
N PRO Q 460 28.35 -21.65 -52.84
CA PRO Q 460 29.03 -20.63 -53.67
C PRO Q 460 28.57 -19.20 -53.41
N ARG Q 461 27.26 -18.95 -53.35
CA ARG Q 461 26.78 -17.58 -53.23
C ARG Q 461 27.08 -16.95 -51.87
N THR Q 462 27.20 -17.74 -50.81
CA THR Q 462 27.53 -17.19 -49.50
C THR Q 462 28.94 -16.60 -49.51
N LEU Q 463 29.86 -17.19 -50.27
CA LEU Q 463 31.16 -16.57 -50.49
C LEU Q 463 31.06 -15.30 -51.33
N ALA Q 464 30.08 -15.24 -52.25
CA ALA Q 464 29.90 -14.05 -53.06
C ALA Q 464 29.17 -12.94 -52.29
N GLU Q 465 28.23 -13.32 -51.42
CA GLU Q 465 27.53 -12.32 -50.63
C GLU Q 465 28.47 -11.62 -49.65
N THR Q 466 29.31 -12.38 -48.96
CA THR Q 466 30.32 -11.79 -48.09
C THR Q 466 31.37 -11.01 -48.87
N ALA Q 467 31.59 -11.34 -50.15
CA ALA Q 467 32.53 -10.62 -50.99
C ALA Q 467 31.96 -9.34 -51.60
N GLY Q 468 30.68 -9.04 -51.37
CA GLY Q 468 30.08 -7.84 -51.94
C GLY Q 468 29.87 -7.93 -53.43
N LEU Q 469 29.55 -9.12 -53.94
CA LEU Q 469 29.32 -9.38 -55.36
C LEU Q 469 27.86 -9.74 -55.59
N ASP Q 470 27.42 -9.58 -56.84
CA ASP Q 470 26.06 -9.91 -57.22
C ASP Q 470 25.93 -11.42 -57.41
N VAL Q 471 24.94 -12.01 -56.74
CA VAL Q 471 24.74 -13.45 -56.82
C VAL Q 471 24.23 -13.85 -58.20
N ASN Q 472 23.41 -12.99 -58.83
CA ASN Q 472 22.79 -13.32 -60.10
C ASN Q 472 23.72 -13.18 -61.30
N GLU Q 473 25.01 -12.84 -61.10
CA GLU Q 473 25.99 -12.69 -62.17
C GLU Q 473 27.05 -13.78 -62.11
N VAL Q 474 27.74 -13.92 -60.98
CA VAL Q 474 28.85 -14.87 -60.91
C VAL Q 474 28.36 -16.32 -60.78
N LEU Q 475 27.20 -16.54 -60.15
CA LEU Q 475 26.69 -17.88 -59.96
C LEU Q 475 26.21 -18.51 -61.27
N PRO Q 476 25.37 -17.84 -62.08
CA PRO Q 476 25.03 -18.45 -63.39
C PRO Q 476 26.19 -18.44 -64.36
N ASN Q 477 27.13 -17.50 -64.24
CA ASN Q 477 28.31 -17.52 -65.09
C ASN Q 477 29.20 -18.70 -64.76
N LEU Q 478 29.23 -19.12 -63.50
CA LEU Q 478 30.02 -20.27 -63.10
C LEU Q 478 29.51 -21.57 -63.69
N TYR Q 479 28.21 -21.68 -63.93
CA TYR Q 479 27.66 -22.88 -64.57
C TYR Q 479 28.16 -23.02 -66.00
N ALA Q 480 28.35 -21.92 -66.71
CA ALA Q 480 28.86 -21.99 -68.08
C ALA Q 480 30.30 -22.49 -68.13
N ALA Q 481 31.07 -22.30 -67.06
CA ALA Q 481 32.44 -22.81 -67.02
C ALA Q 481 32.51 -24.32 -66.88
N HIS Q 482 31.51 -24.96 -66.27
CA HIS Q 482 31.47 -26.41 -66.12
C HIS Q 482 31.02 -27.15 -67.37
N ASN Q 483 30.62 -26.44 -68.43
CA ASN Q 483 30.19 -27.10 -69.65
C ASN Q 483 31.38 -27.74 -70.35
N VAL Q 484 31.21 -28.97 -70.81
CA VAL Q 484 32.27 -29.70 -71.48
C VAL Q 484 31.71 -30.88 -72.26
N THR Q 492 40.97 -32.90 -65.24
CA THR Q 492 40.29 -32.09 -66.24
C THR Q 492 40.18 -30.64 -65.76
N ASP Q 493 39.83 -29.74 -66.70
CA ASP Q 493 39.77 -28.32 -66.41
C ASP Q 493 38.43 -27.86 -65.84
N HIS Q 494 37.32 -28.48 -66.25
CA HIS Q 494 36.01 -28.06 -65.77
C HIS Q 494 35.78 -28.37 -64.30
N LEU Q 495 36.52 -29.32 -63.72
CA LEU Q 495 36.34 -29.66 -62.31
C LEU Q 495 36.97 -28.64 -61.37
N TYR Q 496 38.04 -27.96 -61.79
CA TYR Q 496 38.76 -27.01 -60.95
C TYR Q 496 38.25 -25.58 -61.08
N LYS Q 497 36.98 -25.40 -61.43
CA LYS Q 497 36.35 -24.08 -61.44
C LYS Q 497 35.78 -23.79 -60.06
N GLY Q 498 36.02 -22.57 -59.57
CA GLY Q 498 35.61 -22.17 -58.24
C GLY Q 498 35.28 -20.69 -58.18
N VAL Q 499 34.93 -20.24 -56.98
CA VAL Q 499 34.50 -18.87 -56.74
C VAL Q 499 35.71 -18.04 -56.35
N ASP Q 500 35.94 -16.95 -57.09
CA ASP Q 500 37.04 -16.02 -56.81
C ASP Q 500 36.58 -14.97 -55.82
N ILE Q 501 37.49 -14.55 -54.96
CA ILE Q 501 37.24 -13.49 -53.97
C ILE Q 501 38.39 -12.48 -54.11
N ASP Q 502 38.18 -11.48 -54.95
CA ASP Q 502 39.18 -10.44 -55.19
C ASP Q 502 38.49 -9.31 -55.95
N GLY Q 503 39.18 -8.18 -56.03
CA GLY Q 503 38.68 -7.07 -56.82
C GLY Q 503 38.55 -7.35 -58.31
N GLU Q 504 39.32 -8.30 -58.83
CA GLU Q 504 39.23 -8.74 -60.22
C GLU Q 504 38.29 -9.94 -60.40
N SER Q 505 37.28 -10.08 -59.53
CA SER Q 505 36.35 -11.20 -59.58
C SER Q 505 35.17 -10.96 -60.52
N ASP Q 506 35.26 -9.97 -61.41
CA ASP Q 506 34.18 -9.75 -62.37
C ASP Q 506 34.05 -10.91 -63.35
N GLU Q 507 35.17 -11.56 -63.68
CA GLU Q 507 35.12 -12.73 -64.56
C GLU Q 507 34.49 -13.92 -63.84
N GLY Q 508 34.77 -14.07 -62.54
CA GLY Q 508 34.22 -15.16 -61.76
C GLY Q 508 34.89 -16.51 -61.95
N VAL Q 509 36.14 -16.53 -62.40
CA VAL Q 509 36.89 -17.77 -62.65
C VAL Q 509 38.29 -17.60 -62.07
N LYS Q 510 38.68 -18.53 -61.20
CA LYS Q 510 40.02 -18.57 -60.64
C LYS Q 510 40.43 -20.02 -60.44
N ASP Q 511 41.63 -20.36 -60.90
CA ASP Q 511 42.12 -21.73 -60.79
C ASP Q 511 42.44 -22.07 -59.34
N ILE Q 512 42.14 -23.32 -58.96
CA ILE Q 512 42.31 -23.74 -57.57
C ILE Q 512 43.78 -23.97 -57.24
N ARG Q 513 44.56 -24.48 -58.20
CA ARG Q 513 45.94 -24.85 -57.92
C ARG Q 513 46.87 -23.66 -57.73
N GLU Q 514 46.44 -22.44 -58.10
CA GLU Q 514 47.30 -21.28 -57.88
C GLU Q 514 47.49 -20.99 -56.40
N GLU Q 515 46.45 -21.22 -55.59
CA GLU Q 515 46.48 -21.02 -54.15
C GLU Q 515 46.23 -22.29 -53.34
N ASN Q 516 45.79 -23.38 -53.98
CA ASN Q 516 45.67 -24.70 -53.35
C ASN Q 516 44.67 -24.68 -52.20
N ILE Q 517 43.41 -24.37 -52.55
CA ILE Q 517 42.28 -24.48 -51.65
C ILE Q 517 41.68 -25.87 -51.84
N TYR Q 518 41.59 -26.64 -50.75
CA TYR Q 518 41.05 -27.99 -50.78
C TYR Q 518 40.29 -28.26 -49.49
N ASP Q 519 39.40 -29.27 -49.56
CA ASP Q 519 38.58 -29.71 -48.44
C ASP Q 519 38.76 -31.22 -48.27
N MET Q 520 38.36 -31.72 -47.10
CA MET Q 520 38.52 -33.13 -46.76
C MET Q 520 37.32 -33.93 -47.25
N LEU Q 521 37.56 -35.20 -47.57
CA LEU Q 521 36.48 -36.08 -48.00
C LEU Q 521 35.66 -36.54 -46.80
N ALA Q 522 36.32 -37.00 -45.74
CA ALA Q 522 35.61 -37.51 -44.57
C ALA Q 522 34.84 -36.42 -43.84
N THR Q 523 35.33 -35.18 -43.88
CA THR Q 523 34.64 -34.09 -43.21
C THR Q 523 33.30 -33.78 -43.87
N LYS Q 524 33.28 -33.76 -45.20
CA LYS Q 524 32.05 -33.46 -45.92
C LYS Q 524 31.06 -34.61 -45.87
N LYS Q 525 31.56 -35.85 -45.85
CA LYS Q 525 30.67 -37.00 -45.72
C LYS Q 525 29.97 -37.01 -44.37
N PHE Q 526 30.73 -36.78 -43.29
CA PHE Q 526 30.14 -36.73 -41.96
C PHE Q 526 29.23 -35.51 -41.81
N ALA Q 527 29.57 -34.41 -42.47
CA ALA Q 527 28.73 -33.22 -42.41
C ALA Q 527 27.42 -33.42 -43.17
N ILE Q 528 27.47 -34.08 -44.33
CA ILE Q 528 26.26 -34.32 -45.10
C ILE Q 528 25.36 -35.31 -44.39
N ASN Q 529 25.95 -36.29 -43.70
CA ASN Q 529 25.14 -37.28 -42.98
C ASN Q 529 24.46 -36.66 -41.77
N VAL Q 530 25.21 -35.91 -40.96
CA VAL Q 530 24.61 -35.27 -39.78
C VAL Q 530 23.63 -34.18 -40.20
N ALA Q 531 23.90 -33.51 -41.33
CA ALA Q 531 22.96 -32.52 -41.83
C ALA Q 531 21.66 -33.16 -42.31
N THR Q 532 21.76 -34.28 -43.02
CA THR Q 532 20.55 -34.97 -43.46
C THR Q 532 19.79 -35.58 -42.30
N GLU Q 533 20.51 -36.13 -41.32
CA GLU Q 533 19.86 -36.68 -40.13
C GLU Q 533 19.22 -35.58 -39.30
N ALA Q 534 19.80 -34.38 -39.29
CA ALA Q 534 19.19 -33.27 -38.59
C ALA Q 534 17.90 -32.82 -39.27
N ALA Q 535 17.93 -32.71 -40.60
CA ALA Q 535 16.72 -32.37 -41.34
C ALA Q 535 15.71 -33.50 -41.33
N THR Q 536 16.17 -34.75 -41.22
CA THR Q 536 15.26 -35.88 -41.15
C THR Q 536 14.43 -35.84 -39.88
N THR Q 537 15.03 -35.42 -38.77
CA THR Q 537 14.29 -35.39 -37.50
C THR Q 537 13.29 -34.25 -37.48
N VAL Q 538 13.66 -33.07 -37.99
CA VAL Q 538 12.78 -31.92 -37.93
C VAL Q 538 11.57 -32.12 -38.85
N LEU Q 539 11.76 -32.74 -40.02
CA LEU Q 539 10.66 -33.02 -40.92
C LEU Q 539 9.81 -34.20 -40.48
N SER Q 540 10.36 -35.11 -39.66
CA SER Q 540 9.61 -36.26 -39.17
C SER Q 540 8.68 -35.92 -38.01
N ILE Q 541 9.09 -35.02 -37.13
CA ILE Q 541 8.23 -34.60 -36.02
C ILE Q 541 7.02 -33.84 -36.57
N ASP Q 542 5.89 -33.95 -35.88
CA ASP Q 542 4.66 -33.23 -36.20
C ASP Q 542 4.12 -32.49 -34.98
N GLN Q 543 4.22 -33.10 -33.81
CA GLN Q 543 3.77 -32.52 -32.54
C GLN Q 543 4.97 -32.19 -31.68
N ILE Q 544 4.95 -31.01 -31.06
CA ILE Q 544 5.98 -30.55 -30.14
C ILE Q 544 5.28 -30.18 -28.83
N ILE Q 545 5.70 -30.80 -27.74
CA ILE Q 545 5.07 -30.64 -26.43
C ILE Q 545 6.06 -29.92 -25.53
N MET Q 546 5.66 -28.75 -25.03
CA MET Q 546 6.47 -27.93 -24.15
C MET Q 546 6.12 -28.25 -22.70
N ALA Q 547 6.67 -27.45 -21.77
CA ALA Q 547 6.34 -27.56 -20.36
C ALA Q 547 6.53 -26.18 -19.74
N LYS Q 548 6.13 -26.06 -18.47
CA LYS Q 548 6.28 -24.79 -17.77
C LYS Q 548 7.75 -24.51 -17.51
N LYS Q 549 8.15 -23.26 -17.75
CA LYS Q 549 9.54 -22.76 -17.68
C LYS Q 549 10.58 -23.70 -18.27
N SER R 2 -25.25 -31.78 -0.15
CA SER R 2 -25.16 -32.44 1.14
C SER R 2 -23.72 -32.47 1.65
N LEU R 3 -22.78 -32.63 0.73
CA LEU R 3 -21.36 -32.69 1.09
C LEU R 3 -20.84 -31.36 1.63
N GLN R 4 -21.45 -30.24 1.24
CA GLN R 4 -21.00 -28.94 1.74
C GLN R 4 -21.26 -28.77 3.22
N LEU R 5 -22.28 -29.43 3.77
CA LEU R 5 -22.53 -29.36 5.21
C LEU R 5 -21.42 -30.03 6.01
N LEU R 6 -20.85 -31.11 5.46
CA LEU R 6 -19.74 -31.78 6.14
C LEU R 6 -18.46 -30.96 6.01
N ASN R 7 -18.07 -30.64 4.77
CA ASN R 7 -16.88 -29.86 4.47
C ASN R 7 -17.29 -28.77 3.48
N PRO R 8 -17.38 -27.50 3.90
CA PRO R 8 -17.64 -26.43 2.91
C PRO R 8 -16.64 -26.35 1.77
N LYS R 9 -15.38 -26.73 2.01
CA LYS R 9 -14.34 -26.66 0.98
C LYS R 9 -14.35 -27.86 0.03
N ALA R 10 -15.33 -28.76 0.12
CA ALA R 10 -15.41 -29.94 -0.72
C ALA R 10 -16.27 -29.65 -1.95
N GLU R 11 -16.20 -30.57 -2.92
CA GLU R 11 -16.96 -30.49 -4.15
C GLU R 11 -17.47 -31.88 -4.51
N SER R 12 -18.45 -31.93 -5.41
CA SER R 12 -19.02 -33.21 -5.83
C SER R 12 -19.78 -33.04 -7.14
N LEU R 13 -19.47 -33.91 -8.09
CA LEU R 13 -20.19 -34.06 -9.35
C LEU R 13 -20.82 -35.44 -9.32
N ARG R 14 -22.15 -35.52 -9.55
CA ARG R 14 -22.91 -36.75 -9.33
C ARG R 14 -23.87 -37.04 -10.48
N ARG R 15 -23.64 -38.20 -11.12
CA ARG R 15 -24.58 -38.93 -11.97
C ARG R 15 -24.85 -38.34 -13.35
N ASP R 16 -24.44 -37.10 -13.62
CA ASP R 16 -24.36 -36.60 -14.99
C ASP R 16 -23.07 -35.84 -15.27
N ALA R 17 -22.55 -35.11 -14.28
CA ALA R 17 -21.32 -34.35 -14.48
C ALA R 17 -20.09 -35.23 -14.30
N ALA R 18 -20.19 -36.26 -13.45
CA ALA R 18 -19.10 -37.21 -13.31
C ALA R 18 -18.96 -38.13 -14.51
N LEU R 19 -20.07 -38.44 -15.19
CA LEU R 19 -20.01 -39.28 -16.38
C LEU R 19 -19.39 -38.52 -17.56
N LYS R 20 -19.75 -37.26 -17.72
CA LYS R 20 -19.16 -36.45 -18.79
C LYS R 20 -17.67 -36.22 -18.56
N VAL R 21 -17.27 -36.11 -17.28
CA VAL R 21 -15.86 -35.94 -16.97
C VAL R 21 -15.08 -37.20 -17.32
N ASN R 22 -15.64 -38.37 -17.03
CA ASN R 22 -14.94 -39.62 -17.30
C ASN R 22 -14.82 -39.88 -18.80
N VAL R 23 -15.88 -39.54 -19.56
CA VAL R 23 -15.87 -39.81 -21.00
C VAL R 23 -15.05 -38.75 -21.73
N THR R 24 -15.19 -37.48 -21.34
CA THR R 24 -14.45 -36.42 -22.01
C THR R 24 -12.96 -36.51 -21.71
N SER R 25 -12.59 -36.90 -20.50
CA SER R 25 -11.18 -37.08 -20.17
C SER R 25 -10.59 -38.28 -20.92
N ALA R 26 -11.39 -39.33 -21.12
CA ALA R 26 -10.92 -40.48 -21.89
C ALA R 26 -10.82 -40.13 -23.37
N GLU R 27 -11.81 -39.42 -23.91
CA GLU R 27 -11.75 -39.00 -25.30
C GLU R 27 -10.67 -37.94 -25.52
N GLY R 28 -10.47 -37.06 -24.54
CA GLY R 28 -9.38 -36.10 -24.64
C GLY R 28 -8.02 -36.75 -24.58
N LEU R 29 -7.85 -37.76 -23.73
CA LEU R 29 -6.62 -38.53 -23.71
C LEU R 29 -6.47 -39.35 -24.98
N GLN R 30 -7.60 -39.83 -25.53
CA GLN R 30 -7.54 -40.62 -26.76
C GLN R 30 -7.13 -39.75 -27.94
N SER R 31 -7.70 -38.56 -28.07
CA SER R 31 -7.44 -37.72 -29.24
C SER R 31 -5.99 -37.24 -29.31
N VAL R 32 -5.31 -37.11 -28.18
CA VAL R 32 -3.93 -36.64 -28.18
C VAL R 32 -2.97 -37.80 -28.45
N LEU R 33 -3.21 -38.94 -27.82
CA LEU R 33 -2.24 -40.04 -27.77
C LEU R 33 -2.48 -41.11 -28.85
N GLU R 34 -3.61 -41.08 -29.55
CA GLU R 34 -3.86 -42.08 -30.59
C GLU R 34 -3.01 -41.87 -31.83
N THR R 35 -2.45 -40.69 -32.05
CA THR R 35 -1.71 -40.39 -33.27
C THR R 35 -0.42 -41.21 -33.39
N ASN R 36 0.15 -41.67 -32.28
CA ASN R 36 1.37 -42.45 -32.31
C ASN R 36 1.17 -43.89 -32.78
N LEU R 37 -0.07 -44.33 -33.00
CA LEU R 37 -0.34 -45.72 -33.34
C LEU R 37 0.05 -45.97 -34.81
N GLY R 38 0.88 -46.99 -35.03
CA GLY R 38 1.26 -47.41 -36.36
C GLY R 38 2.59 -46.83 -36.80
N PRO R 39 3.06 -47.24 -37.99
CA PRO R 39 4.34 -46.73 -38.49
C PRO R 39 4.28 -45.30 -38.97
N LYS R 40 3.12 -44.82 -39.44
CA LYS R 40 2.96 -43.47 -39.94
C LYS R 40 2.67 -42.45 -38.82
N GLY R 41 2.78 -42.85 -37.55
CA GLY R 41 2.50 -41.94 -36.46
C GLY R 41 3.53 -40.83 -36.35
N THR R 42 3.16 -39.81 -35.58
CA THR R 42 3.95 -38.60 -35.41
C THR R 42 4.84 -38.68 -34.18
N LEU R 43 5.94 -37.91 -34.21
CA LEU R 43 6.91 -37.87 -33.13
C LEU R 43 6.60 -36.71 -32.20
N LYS R 44 6.72 -36.96 -30.89
CA LYS R 44 6.50 -35.97 -29.84
C LYS R 44 7.83 -35.56 -29.23
N MET R 45 7.93 -34.27 -28.88
CA MET R 45 9.11 -33.69 -28.25
C MET R 45 8.75 -33.29 -26.82
N LEU R 46 9.20 -34.10 -25.87
CA LEU R 46 8.98 -33.84 -24.44
C LEU R 46 10.00 -32.82 -23.98
N VAL R 47 9.65 -31.54 -24.06
CA VAL R 47 10.51 -30.43 -23.67
C VAL R 47 10.07 -29.99 -22.28
N ASP R 48 10.85 -30.34 -21.27
CA ASP R 48 10.59 -29.97 -19.89
C ASP R 48 11.14 -28.56 -19.64
N GLY R 49 11.05 -28.11 -18.38
CA GLY R 49 11.57 -26.80 -18.04
C GLY R 49 13.07 -26.68 -18.12
N ALA R 50 13.79 -27.79 -17.92
CA ALA R 50 15.25 -27.79 -18.01
C ALA R 50 15.77 -27.82 -19.44
N GLY R 51 14.90 -27.87 -20.45
CA GLY R 51 15.34 -27.90 -21.83
C GLY R 51 15.71 -29.27 -22.37
N ASN R 52 15.41 -30.35 -21.65
CA ASN R 52 15.74 -31.68 -22.11
C ASN R 52 14.79 -32.10 -23.23
N ILE R 53 15.36 -32.45 -24.38
CA ILE R 53 14.63 -32.84 -25.58
C ILE R 53 14.69 -34.36 -25.68
N LYS R 54 13.57 -34.97 -26.04
CA LYS R 54 13.48 -36.42 -26.17
C LYS R 54 12.38 -36.77 -27.15
N LEU R 55 12.71 -37.62 -28.13
CA LEU R 55 11.78 -38.12 -29.12
C LEU R 55 11.31 -39.51 -28.73
N THR R 56 10.01 -39.76 -28.85
CA THR R 56 9.44 -41.06 -28.55
C THR R 56 8.03 -41.13 -29.11
N LYS R 57 7.52 -42.37 -29.22
CA LYS R 57 6.16 -42.66 -29.61
C LYS R 57 5.41 -43.54 -28.61
N ASP R 58 6.09 -44.09 -27.60
CA ASP R 58 5.43 -44.94 -26.61
C ASP R 58 4.65 -44.09 -25.63
N GLY R 59 3.42 -44.53 -25.34
CA GLY R 59 2.56 -43.79 -24.42
C GLY R 59 3.01 -43.83 -22.98
N LYS R 60 3.88 -44.77 -22.61
CA LYS R 60 4.33 -44.86 -21.22
C LYS R 60 5.19 -43.66 -20.85
N VAL R 61 6.19 -43.35 -21.68
CA VAL R 61 7.14 -42.29 -21.32
C VAL R 61 6.53 -40.91 -21.56
N LEU R 62 5.56 -40.79 -22.47
CA LEU R 62 4.87 -39.52 -22.64
C LEU R 62 4.06 -39.15 -21.41
N LEU R 63 3.33 -40.11 -20.85
CA LEU R 63 2.52 -39.87 -19.65
C LEU R 63 3.35 -39.85 -18.37
N THR R 64 4.53 -40.46 -18.36
CA THR R 64 5.37 -40.44 -17.16
C THR R 64 5.97 -39.06 -16.94
N GLU R 65 6.51 -38.45 -18.00
CA GLU R 65 7.12 -37.13 -17.85
C GLU R 65 6.07 -36.04 -17.65
N MET R 66 4.96 -36.11 -18.39
CA MET R 66 3.88 -35.13 -18.30
C MET R 66 2.93 -35.56 -17.19
N GLN R 67 2.93 -34.81 -16.08
CA GLN R 67 2.03 -35.12 -14.98
C GLN R 67 0.58 -34.89 -15.39
N ILE R 68 -0.30 -35.77 -14.92
CA ILE R 68 -1.71 -35.79 -15.30
C ILE R 68 -2.49 -35.07 -14.22
N GLN R 69 -3.28 -34.08 -14.63
CA GLN R 69 -4.12 -33.31 -13.70
C GLN R 69 -5.49 -33.96 -13.50
N SER R 70 -6.07 -34.53 -14.54
CA SER R 70 -7.41 -35.10 -14.44
C SER R 70 -7.38 -36.39 -13.64
N PRO R 71 -8.40 -36.71 -12.83
CA PRO R 71 -8.35 -37.96 -12.07
C PRO R 71 -8.63 -39.19 -12.90
N THR R 72 -9.39 -39.07 -14.00
CA THR R 72 -9.70 -40.23 -14.81
C THR R 72 -8.49 -40.72 -15.58
N ALA R 73 -7.76 -39.80 -16.23
CA ALA R 73 -6.60 -40.17 -17.03
C ALA R 73 -5.44 -40.70 -16.20
N VAL R 74 -5.41 -40.41 -14.90
CA VAL R 74 -4.42 -41.03 -14.02
C VAL R 74 -4.64 -42.53 -13.96
N LEU R 75 -5.91 -42.95 -13.91
CA LEU R 75 -6.21 -44.38 -13.89
C LEU R 75 -5.83 -45.06 -15.20
N ILE R 76 -5.90 -44.32 -16.31
CA ILE R 76 -5.53 -44.88 -17.61
C ILE R 76 -4.00 -44.89 -17.73
N ALA R 77 -3.32 -43.87 -17.20
CA ALA R 77 -1.87 -43.85 -17.22
C ALA R 77 -1.29 -44.96 -16.35
N ARG R 78 -1.93 -45.25 -15.21
CA ARG R 78 -1.50 -46.35 -14.37
C ARG R 78 -1.70 -47.69 -15.06
N ALA R 79 -2.73 -47.80 -15.90
CA ALA R 79 -2.93 -49.02 -16.68
C ALA R 79 -1.85 -49.18 -17.72
N ALA R 80 -1.44 -48.09 -18.37
CA ALA R 80 -0.33 -48.15 -19.33
C ALA R 80 0.98 -48.48 -18.63
N ALA R 81 1.14 -48.08 -17.37
CA ALA R 81 2.34 -48.44 -16.62
C ALA R 81 2.40 -49.93 -16.36
N ALA R 82 1.30 -50.52 -15.89
CA ALA R 82 1.25 -51.97 -15.70
C ALA R 82 1.36 -52.73 -17.00
N GLN R 83 0.86 -52.17 -18.11
CA GLN R 83 1.03 -52.79 -19.41
C GLN R 83 2.49 -52.76 -19.85
N ASP R 84 3.11 -51.58 -19.77
CA ASP R 84 4.51 -51.45 -20.15
C ASP R 84 5.43 -52.19 -19.19
N GLU R 85 5.04 -52.32 -17.93
CA GLU R 85 5.89 -53.00 -16.94
C GLU R 85 6.04 -54.48 -17.27
N ILE R 86 4.93 -55.22 -17.33
CA ILE R 86 4.99 -56.66 -17.51
C ILE R 86 5.31 -57.04 -18.95
N THR R 87 4.78 -56.29 -19.92
CA THR R 87 4.88 -56.60 -21.34
C THR R 87 5.86 -55.70 -22.08
N GLY R 88 5.71 -54.38 -21.96
CA GLY R 88 6.55 -53.43 -22.67
C GLY R 88 6.07 -53.05 -24.06
N ASP R 89 4.82 -53.31 -24.39
CA ASP R 89 4.29 -52.97 -25.70
C ASP R 89 2.77 -52.97 -25.63
N GLY R 90 2.15 -52.13 -26.46
CA GLY R 90 0.71 -52.04 -26.56
C GLY R 90 0.05 -50.99 -25.69
N THR R 91 0.79 -49.98 -25.23
CA THR R 91 0.18 -48.95 -24.40
C THR R 91 -0.81 -48.09 -25.19
N THR R 92 -0.55 -47.88 -26.48
CA THR R 92 -1.44 -47.06 -27.29
C THR R 92 -2.76 -47.78 -27.56
N THR R 93 -2.76 -49.11 -27.56
CA THR R 93 -4.01 -49.86 -27.75
C THR R 93 -4.87 -49.82 -26.49
N VAL R 94 -4.25 -49.69 -25.30
CA VAL R 94 -5.01 -49.68 -24.06
C VAL R 94 -5.83 -48.39 -23.96
N VAL R 95 -5.19 -47.24 -24.22
CA VAL R 95 -5.89 -45.97 -24.08
C VAL R 95 -6.94 -45.80 -25.16
N CYS R 96 -6.73 -46.38 -26.34
CA CYS R 96 -7.74 -46.31 -27.40
C CYS R 96 -8.92 -47.22 -27.11
N LEU R 97 -8.68 -48.40 -26.52
CA LEU R 97 -9.78 -49.30 -26.19
C LEU R 97 -10.62 -48.75 -25.04
N VAL R 98 -9.97 -48.17 -24.03
CA VAL R 98 -10.71 -47.58 -22.91
C VAL R 98 -11.48 -46.36 -23.39
N GLY R 99 -10.88 -45.56 -24.28
CA GLY R 99 -11.58 -44.41 -24.81
C GLY R 99 -12.76 -44.79 -25.69
N GLU R 100 -12.60 -45.84 -26.51
CA GLU R 100 -13.68 -46.28 -27.37
C GLU R 100 -14.75 -47.05 -26.60
N LEU R 101 -14.35 -47.83 -25.61
CA LEU R 101 -15.33 -48.56 -24.80
C LEU R 101 -16.21 -47.59 -24.01
N LEU R 102 -15.61 -46.54 -23.44
CA LEU R 102 -16.39 -45.53 -22.75
C LEU R 102 -17.24 -44.72 -23.73
N ARG R 103 -16.76 -44.54 -24.96
CA ARG R 103 -17.54 -43.83 -25.96
C ARG R 103 -18.75 -44.66 -26.41
N GLN R 104 -18.50 -45.92 -26.80
CA GLN R 104 -19.59 -46.80 -27.21
C GLN R 104 -20.53 -47.14 -26.07
N ALA R 105 -20.03 -47.21 -24.84
CA ALA R 105 -20.91 -47.46 -23.70
C ALA R 105 -21.77 -46.24 -23.39
N HIS R 106 -21.15 -45.06 -23.36
CA HIS R 106 -21.89 -43.82 -23.08
C HIS R 106 -22.94 -43.52 -24.15
N ARG R 107 -22.76 -44.01 -25.36
CA ARG R 107 -23.81 -43.92 -26.38
C ARG R 107 -25.08 -44.62 -25.94
N PHE R 108 -24.96 -45.73 -25.20
CA PHE R 108 -26.09 -46.49 -24.70
C PHE R 108 -26.56 -46.03 -23.33
N ILE R 109 -25.68 -45.45 -22.50
CA ILE R 109 -26.12 -44.91 -21.22
C ILE R 109 -27.05 -43.73 -21.45
N GLN R 110 -26.80 -42.94 -22.50
CA GLN R 110 -27.70 -41.85 -22.85
C GLN R 110 -29.05 -42.35 -23.35
N GLU R 111 -29.11 -43.57 -23.87
CA GLU R 111 -30.38 -44.18 -24.28
C GLU R 111 -31.17 -44.77 -23.13
N GLY R 112 -30.73 -44.61 -21.88
CA GLY R 112 -31.47 -45.10 -20.73
C GLY R 112 -31.16 -46.52 -20.31
N VAL R 113 -29.90 -46.95 -20.39
CA VAL R 113 -29.46 -48.29 -20.01
C VAL R 113 -28.57 -48.15 -18.78
N HIS R 114 -28.70 -49.10 -17.85
CA HIS R 114 -27.93 -49.04 -16.62
C HIS R 114 -26.48 -49.44 -16.90
N PRO R 115 -25.49 -48.92 -16.15
CA PRO R 115 -24.10 -49.35 -16.40
C PRO R 115 -23.80 -50.79 -15.98
N ARG R 116 -24.64 -51.40 -15.13
CA ARG R 116 -24.31 -52.73 -14.61
C ARG R 116 -24.37 -53.79 -15.71
N ILE R 117 -25.50 -53.88 -16.42
CA ILE R 117 -25.62 -54.87 -17.49
C ILE R 117 -24.71 -54.56 -18.67
N ILE R 118 -24.30 -53.29 -18.84
CA ILE R 118 -23.34 -52.97 -19.90
C ILE R 118 -21.99 -53.60 -19.59
N THR R 119 -21.52 -53.46 -18.34
CA THR R 119 -20.25 -54.08 -17.96
C THR R 119 -20.36 -55.60 -17.89
N ASP R 120 -21.55 -56.13 -17.61
CA ASP R 120 -21.76 -57.57 -17.64
C ASP R 120 -21.55 -58.12 -19.05
N GLY R 121 -21.96 -57.35 -20.06
CA GLY R 121 -21.74 -57.77 -21.43
C GLY R 121 -20.29 -57.73 -21.86
N PHE R 122 -19.52 -56.80 -21.30
CA PHE R 122 -18.10 -56.73 -21.63
C PHE R 122 -17.36 -57.94 -21.09
N GLU R 123 -17.70 -58.38 -19.87
CA GLU R 123 -17.06 -59.54 -19.29
C GLU R 123 -17.41 -60.82 -20.04
N ILE R 124 -18.67 -60.98 -20.43
CA ILE R 124 -19.05 -62.13 -21.26
C ILE R 124 -18.40 -62.02 -22.63
N ALA R 125 -18.33 -60.81 -23.18
CA ALA R 125 -17.61 -60.60 -24.44
C ALA R 125 -16.11 -60.82 -24.25
N ARG R 126 -15.57 -60.47 -23.09
CA ARG R 126 -14.16 -60.72 -22.82
C ARG R 126 -13.88 -62.22 -22.73
N LYS R 127 -14.70 -62.95 -21.98
CA LYS R 127 -14.52 -64.40 -21.88
C LYS R 127 -14.76 -65.07 -23.23
N GLU R 128 -15.68 -64.53 -24.04
CA GLU R 128 -15.90 -65.07 -25.37
C GLU R 128 -14.70 -64.84 -26.28
N SER R 129 -13.95 -63.75 -26.06
CA SER R 129 -12.77 -63.49 -26.87
C SER R 129 -11.63 -64.45 -26.52
N MET R 130 -11.53 -64.86 -25.25
CA MET R 130 -10.52 -65.84 -24.87
C MET R 130 -10.81 -67.19 -25.50
N LYS R 131 -12.09 -67.56 -25.59
CA LYS R 131 -12.47 -68.77 -26.32
C LYS R 131 -12.31 -68.61 -27.82
N PHE R 132 -12.26 -67.37 -28.33
CA PHE R 132 -11.88 -67.10 -29.71
C PHE R 132 -10.38 -66.96 -29.89
N LEU R 133 -9.68 -66.45 -28.88
CA LEU R 133 -8.25 -66.21 -29.01
C LEU R 133 -7.46 -67.51 -28.99
N ASP R 134 -7.83 -68.45 -28.10
CA ASP R 134 -7.10 -69.70 -28.00
C ASP R 134 -7.27 -70.58 -29.23
N GLU R 135 -8.36 -70.41 -29.98
CA GLU R 135 -8.53 -71.06 -31.28
C GLU R 135 -7.90 -70.27 -32.42
N PHE R 136 -7.78 -68.95 -32.27
CA PHE R 136 -7.23 -68.11 -33.33
C PHE R 136 -5.70 -68.18 -33.40
N LYS R 137 -5.04 -68.46 -32.27
CA LYS R 137 -3.57 -68.52 -32.28
C LYS R 137 -3.09 -69.72 -33.08
N ILE R 138 -1.80 -69.70 -33.42
CA ILE R 138 -1.15 -70.76 -34.17
C ILE R 138 0.17 -71.10 -33.47
N SER R 139 0.53 -72.38 -33.53
CA SER R 139 1.70 -72.93 -32.87
C SER R 139 2.81 -73.13 -33.89
N LYS R 140 4.02 -72.73 -33.53
CA LYS R 140 5.22 -72.90 -34.35
C LYS R 140 6.33 -73.53 -33.52
N THR R 141 7.27 -74.16 -34.20
CA THR R 141 8.41 -74.82 -33.59
C THR R 141 9.60 -73.87 -33.59
N ASN R 142 10.01 -73.44 -32.41
CA ASN R 142 11.15 -72.54 -32.24
C ASN R 142 12.48 -73.29 -32.06
N LEU R 143 12.47 -74.62 -32.08
CA LEU R 143 13.71 -75.39 -31.92
C LEU R 143 14.66 -75.21 -33.09
N SER R 144 14.14 -74.90 -34.28
CA SER R 144 15.01 -74.69 -35.43
C SER R 144 15.84 -73.42 -35.31
N ASN R 145 15.32 -72.41 -34.61
CA ASN R 145 16.00 -71.12 -34.43
C ASN R 145 16.28 -70.45 -35.77
N ASP R 146 15.24 -70.33 -36.60
CA ASP R 146 15.38 -69.70 -37.89
C ASP R 146 15.46 -68.19 -37.73
N ARG R 147 16.30 -67.57 -38.57
CA ARG R 147 16.53 -66.13 -38.52
C ARG R 147 15.50 -65.33 -39.31
N GLU R 148 14.87 -65.93 -40.32
CA GLU R 148 13.93 -65.20 -41.16
C GLU R 148 12.67 -64.83 -40.38
N PHE R 149 12.16 -65.75 -39.55
CA PHE R 149 10.95 -65.47 -38.80
C PHE R 149 11.19 -64.41 -37.73
N LEU R 150 12.34 -64.47 -37.05
CA LEU R 150 12.65 -63.49 -36.01
C LEU R 150 12.88 -62.10 -36.59
N LEU R 151 13.41 -62.02 -37.81
CA LEU R 151 13.65 -60.72 -38.43
C LEU R 151 12.35 -60.02 -38.78
N GLN R 152 11.44 -60.72 -39.45
CA GLN R 152 10.16 -60.10 -39.82
C GLN R 152 9.28 -59.83 -38.61
N VAL R 153 9.41 -60.64 -37.55
CA VAL R 153 8.69 -60.36 -36.32
C VAL R 153 9.29 -59.15 -35.61
N ALA R 154 10.62 -59.02 -35.64
CA ALA R 154 11.27 -57.85 -35.08
C ALA R 154 11.02 -56.62 -35.93
N ARG R 155 10.92 -56.78 -37.25
CA ARG R 155 10.67 -55.64 -38.13
C ARG R 155 9.27 -55.07 -37.90
N SER R 156 8.30 -55.91 -37.52
CA SER R 156 6.96 -55.43 -37.25
C SER R 156 6.91 -54.54 -36.02
N SER R 157 7.75 -54.80 -35.02
CA SER R 157 7.75 -54.02 -33.79
C SER R 157 8.59 -52.75 -33.90
N LEU R 158 9.68 -52.78 -34.66
CA LEU R 158 10.60 -51.66 -34.77
C LEU R 158 10.18 -50.64 -35.83
N LEU R 159 9.30 -51.01 -36.76
CA LEU R 159 8.79 -50.05 -37.73
C LEU R 159 7.90 -48.98 -37.09
N THR R 160 7.31 -49.27 -35.93
CA THR R 160 6.46 -48.31 -35.22
C THR R 160 7.23 -47.32 -34.36
N LYS R 161 8.58 -47.30 -34.44
CA LYS R 161 9.43 -46.42 -33.67
C LYS R 161 10.23 -45.48 -34.54
N VAL R 162 10.83 -45.97 -35.62
CA VAL R 162 11.68 -45.20 -36.52
C VAL R 162 11.33 -45.53 -37.96
N ASP R 163 11.94 -44.80 -38.89
CA ASP R 163 11.63 -44.97 -40.32
C ASP R 163 12.28 -46.25 -40.85
N ALA R 164 12.14 -46.46 -42.16
CA ALA R 164 12.45 -47.77 -42.74
C ALA R 164 13.95 -48.04 -42.80
N ASP R 165 14.76 -47.06 -43.18
CA ASP R 165 16.18 -47.32 -43.41
C ASP R 165 16.92 -47.63 -42.11
N LEU R 166 16.52 -46.98 -41.00
CA LEU R 166 17.11 -47.28 -39.70
C LEU R 166 16.58 -48.59 -39.12
N THR R 167 15.35 -48.97 -39.48
CA THR R 167 14.79 -50.23 -39.00
C THR R 167 15.54 -51.42 -39.60
N GLU R 168 15.92 -51.33 -40.88
CA GLU R 168 16.65 -52.42 -41.52
C GLU R 168 18.04 -52.59 -40.93
N VAL R 169 18.66 -51.49 -40.48
CA VAL R 169 19.97 -51.58 -39.85
C VAL R 169 19.85 -52.14 -38.43
N LEU R 170 18.79 -51.75 -37.72
CA LEU R 170 18.64 -52.11 -36.31
C LEU R 170 17.93 -53.45 -36.12
N THR R 171 17.13 -53.91 -37.08
CA THR R 171 16.43 -55.18 -36.92
C THR R 171 17.33 -56.42 -36.86
N PRO R 172 18.55 -56.46 -37.43
CA PRO R 172 19.44 -57.58 -37.06
C PRO R 172 20.00 -57.47 -35.66
N ILE R 173 20.09 -56.26 -35.08
CA ILE R 173 20.61 -56.12 -33.73
C ILE R 173 19.67 -56.76 -32.72
N VAL R 174 18.36 -56.66 -32.96
CA VAL R 174 17.39 -57.26 -32.05
C VAL R 174 17.44 -58.78 -32.13
N THR R 175 17.53 -59.32 -33.34
CA THR R 175 17.60 -60.77 -33.51
C THR R 175 18.90 -61.35 -32.97
N ASP R 176 19.99 -60.60 -33.01
CA ASP R 176 21.26 -61.03 -32.45
C ASP R 176 21.31 -60.94 -30.92
N ALA R 177 20.28 -60.36 -30.28
CA ALA R 177 20.30 -60.21 -28.83
C ALA R 177 20.02 -61.51 -28.09
N VAL R 178 19.27 -62.43 -28.70
CA VAL R 178 18.77 -63.65 -28.04
C VAL R 178 19.32 -64.89 -28.74
N LEU R 179 20.54 -64.80 -29.26
CA LEU R 179 21.17 -65.94 -29.94
C LEU R 179 21.49 -67.06 -28.96
N SER R 180 22.36 -66.78 -27.99
CA SER R 180 22.85 -67.79 -27.06
C SER R 180 22.03 -67.89 -25.77
N VAL R 181 21.24 -66.86 -25.44
CA VAL R 181 20.45 -66.87 -24.22
C VAL R 181 19.23 -67.75 -24.45
N TYR R 182 19.32 -69.02 -24.02
CA TYR R 182 18.23 -69.96 -24.24
C TYR R 182 18.46 -71.17 -23.33
N ASP R 183 17.37 -71.70 -22.79
CA ASP R 183 17.41 -72.92 -21.97
C ASP R 183 16.12 -73.68 -22.24
N ALA R 184 16.26 -74.90 -22.80
CA ALA R 184 15.08 -75.66 -23.22
C ALA R 184 14.35 -76.27 -22.03
N GLN R 185 15.07 -76.85 -21.07
CA GLN R 185 14.44 -77.57 -19.97
C GLN R 185 13.91 -76.63 -18.90
N ALA R 186 14.78 -75.79 -18.33
CA ALA R 186 14.35 -74.88 -17.28
C ALA R 186 13.41 -73.79 -17.79
N ASP R 187 13.51 -73.42 -19.06
CA ASP R 187 12.67 -72.38 -19.67
C ASP R 187 12.88 -71.03 -18.98
N ASN R 188 14.16 -70.70 -18.77
CA ASN R 188 14.58 -69.45 -18.15
C ASN R 188 15.24 -68.59 -19.21
N LEU R 189 14.77 -67.34 -19.34
CA LEU R 189 15.28 -66.39 -20.32
C LEU R 189 15.27 -65.01 -19.70
N ASP R 190 16.46 -64.45 -19.49
CA ASP R 190 16.65 -63.17 -18.81
C ASP R 190 16.81 -62.07 -19.85
N LEU R 191 16.13 -60.94 -19.62
CA LEU R 191 16.19 -59.77 -20.48
C LEU R 191 17.21 -58.73 -20.03
N HIS R 192 17.55 -58.69 -18.74
CA HIS R 192 18.42 -57.66 -18.20
C HIS R 192 19.90 -57.93 -18.46
N MET R 193 20.28 -59.11 -18.94
CA MET R 193 21.69 -59.40 -19.20
C MET R 193 22.27 -58.57 -20.33
N VAL R 194 21.45 -58.12 -21.29
CA VAL R 194 21.94 -57.22 -22.32
C VAL R 194 22.16 -55.84 -21.71
N GLU R 195 23.26 -55.19 -22.14
CA GLU R 195 23.74 -53.94 -21.57
C GLU R 195 23.62 -52.84 -22.61
N ILE R 196 22.96 -51.75 -22.23
CA ILE R 196 22.70 -50.60 -23.09
C ILE R 196 23.64 -49.49 -22.66
N MET R 197 24.57 -49.13 -23.55
CA MET R 197 25.56 -48.08 -23.31
C MET R 197 25.19 -46.83 -24.10
N GLN R 198 25.23 -45.69 -23.41
CA GLN R 198 24.92 -44.39 -24.01
C GLN R 198 26.23 -43.71 -24.38
N MET R 199 26.41 -43.41 -25.66
CA MET R 199 27.63 -42.78 -26.15
C MET R 199 27.34 -42.10 -27.48
N GLN R 200 28.15 -41.09 -27.79
CA GLN R 200 28.04 -40.31 -29.02
C GLN R 200 29.13 -40.80 -29.97
N HIS R 201 28.73 -41.16 -31.19
CA HIS R 201 29.63 -41.72 -32.18
C HIS R 201 29.11 -41.32 -33.56
N LEU R 202 29.59 -42.01 -34.61
CA LEU R 202 29.38 -41.69 -36.03
C LEU R 202 27.96 -41.31 -36.41
N SER R 203 27.01 -42.20 -36.18
CA SER R 203 25.61 -41.94 -36.48
C SER R 203 24.74 -43.01 -35.85
N PRO R 204 23.42 -42.81 -35.78
CA PRO R 204 22.55 -43.90 -35.32
C PRO R 204 22.52 -45.07 -36.29
N LYS R 205 22.62 -44.81 -37.59
CA LYS R 205 22.58 -45.84 -38.62
C LYS R 205 23.89 -46.58 -38.81
N ASP R 206 24.92 -46.30 -38.00
CA ASP R 206 26.22 -46.96 -38.07
C ASP R 206 26.48 -47.88 -36.88
N THR R 207 25.44 -48.27 -36.14
CA THR R 207 25.62 -49.16 -35.01
C THR R 207 25.89 -50.58 -35.49
N THR R 208 26.31 -51.44 -34.56
CA THR R 208 26.62 -52.82 -34.87
C THR R 208 26.53 -53.65 -33.60
N PHE R 209 26.41 -54.96 -33.79
CA PHE R 209 26.30 -55.93 -32.69
C PHE R 209 27.68 -56.45 -32.32
N ILE R 210 27.92 -56.58 -31.01
CA ILE R 210 29.14 -57.15 -30.45
C ILE R 210 28.74 -58.42 -29.72
N LYS R 211 29.53 -59.48 -29.91
CA LYS R 211 29.22 -60.77 -29.28
C LYS R 211 29.40 -60.70 -27.77
N GLY R 212 30.53 -60.18 -27.31
CA GLY R 212 30.88 -60.20 -25.91
C GLY R 212 30.43 -58.94 -25.17
N LEU R 213 31.10 -58.69 -24.05
CA LEU R 213 30.74 -57.59 -23.15
C LEU R 213 31.54 -56.34 -23.50
N VAL R 214 30.95 -55.18 -23.22
CA VAL R 214 31.56 -53.88 -23.44
C VAL R 214 31.36 -53.05 -22.17
N LEU R 215 32.46 -52.66 -21.54
CA LEU R 215 32.46 -51.84 -20.34
C LEU R 215 32.82 -50.40 -20.69
N ASP R 216 32.34 -49.48 -19.85
CA ASP R 216 32.55 -48.04 -20.05
C ASP R 216 33.77 -47.50 -19.29
N HIS R 217 34.63 -48.37 -18.76
CA HIS R 217 35.82 -47.97 -18.02
C HIS R 217 37.07 -48.30 -18.81
N GLY R 218 38.04 -47.39 -18.76
CA GLY R 218 39.28 -47.50 -19.49
C GLY R 218 40.48 -47.69 -18.56
N GLY R 219 41.64 -47.84 -19.18
CA GLY R 219 42.88 -47.99 -18.44
C GLY R 219 43.37 -46.66 -17.92
N ARG R 220 43.69 -46.61 -16.63
CA ARG R 220 44.12 -45.36 -16.01
C ARG R 220 45.56 -45.00 -16.38
N HIS R 221 46.48 -45.99 -16.36
CA HIS R 221 47.88 -45.75 -16.65
C HIS R 221 48.13 -45.89 -18.15
N PRO R 222 49.02 -45.11 -18.78
CA PRO R 222 49.28 -45.34 -20.22
C PRO R 222 50.10 -46.58 -20.51
N ASP R 223 50.90 -47.06 -19.55
CA ASP R 223 51.85 -48.14 -19.82
C ASP R 223 51.18 -49.48 -20.10
N MET R 224 49.99 -49.72 -19.55
CA MET R 224 49.35 -51.01 -19.75
C MET R 224 48.89 -51.15 -21.21
N PRO R 225 48.94 -52.36 -21.79
CA PRO R 225 48.62 -52.48 -23.21
C PRO R 225 47.12 -52.55 -23.45
N THR R 226 46.66 -51.80 -24.44
CA THR R 226 45.24 -51.83 -24.80
C THR R 226 44.89 -53.13 -25.54
N ARG R 227 45.75 -53.54 -26.47
CA ARG R 227 45.55 -54.75 -27.25
C ARG R 227 46.01 -55.95 -26.42
N VAL R 228 45.12 -56.91 -26.21
CA VAL R 228 45.41 -58.16 -25.50
C VAL R 228 44.83 -59.30 -26.33
N LYS R 229 45.70 -60.23 -26.74
CA LYS R 229 45.27 -61.30 -27.63
C LYS R 229 44.60 -62.44 -26.88
N ASN R 230 45.03 -62.71 -25.65
CA ASN R 230 44.44 -63.73 -24.79
C ASN R 230 44.43 -63.22 -23.36
N ALA R 231 43.23 -63.08 -22.80
CA ALA R 231 43.02 -62.49 -21.48
C ALA R 231 42.29 -63.49 -20.58
N TYR R 232 42.79 -63.60 -19.34
CA TYR R 232 42.13 -64.36 -18.28
C TYR R 232 41.56 -63.36 -17.27
N VAL R 233 40.23 -63.27 -17.23
CA VAL R 233 39.59 -62.31 -16.35
C VAL R 233 39.70 -62.77 -14.90
N LEU R 234 39.62 -61.82 -13.98
CA LEU R 234 39.63 -62.08 -12.55
C LEU R 234 38.68 -61.09 -11.88
N ILE R 235 37.66 -61.61 -11.22
CA ILE R 235 36.61 -60.80 -10.61
C ILE R 235 37.04 -60.44 -9.19
N LEU R 236 37.07 -59.14 -8.89
CA LEU R 236 37.30 -58.62 -7.55
C LEU R 236 36.07 -57.82 -7.12
N ASN R 237 35.82 -57.80 -5.81
CA ASN R 237 34.75 -57.04 -5.21
C ASN R 237 35.18 -56.20 -4.01
N VAL R 238 36.19 -56.64 -3.26
CA VAL R 238 36.73 -55.84 -2.17
C VAL R 238 37.54 -54.68 -2.74
N SER R 239 37.54 -53.57 -2.01
CA SER R 239 38.22 -52.35 -2.45
C SER R 239 39.70 -52.45 -2.11
N LEU R 240 40.54 -52.22 -3.12
CA LEU R 240 41.98 -52.26 -2.92
C LEU R 240 42.54 -51.01 -2.24
N GLU R 241 41.83 -49.87 -2.28
CA GLU R 241 42.38 -48.71 -1.51
C GLU R 241 42.47 -48.69 0.03
N TYR R 242 42.81 -47.55 0.63
CA TYR R 242 42.88 -47.47 2.09
C TYR R 242 41.48 -47.52 2.70
N GLU R 243 41.25 -48.43 3.66
CA GLU R 243 39.99 -48.51 4.25
C GLU R 243 40.29 -48.24 5.65
N LYS R 244 39.66 -47.25 6.18
CA LYS R 244 39.98 -46.90 7.51
C LYS R 244 39.56 -48.07 8.31
N THR R 245 40.31 -48.38 9.34
CA THR R 245 39.95 -49.46 10.14
C THR R 245 38.66 -49.04 10.68
N GLU R 246 37.72 -49.95 10.73
CA GLU R 246 36.42 -49.55 11.16
C GLU R 246 36.50 -49.06 12.55
N VAL R 247 37.23 -49.74 13.40
CA VAL R 247 37.24 -49.32 14.75
C VAL R 247 38.13 -48.18 14.71
N ASN R 248 37.60 -47.03 15.01
CA ASN R 248 38.41 -45.81 15.05
C ASN R 248 39.80 -46.12 15.59
N SER R 249 40.81 -45.51 14.99
CA SER R 249 42.19 -45.74 15.38
C SER R 249 43.05 -44.61 14.85
N GLY R 250 44.27 -44.52 15.38
CA GLY R 250 45.22 -43.52 14.96
C GLY R 250 46.64 -43.95 15.26
N PHE R 251 47.55 -43.51 14.39
CA PHE R 251 48.97 -43.85 14.50
C PHE R 251 49.66 -42.77 15.32
N PHE R 252 49.95 -43.09 16.57
CA PHE R 252 50.70 -42.22 17.47
C PHE R 252 52.14 -42.74 17.53
N TYR R 253 53.03 -42.10 16.78
CA TYR R 253 54.42 -42.55 16.66
C TYR R 253 55.26 -41.95 17.79
N SER R 254 56.20 -42.75 18.29
CA SER R 254 57.04 -42.32 19.40
C SER R 254 58.15 -41.37 18.95
N SER R 255 58.67 -41.56 17.73
CA SER R 255 59.74 -40.73 17.21
C SER R 255 59.59 -40.63 15.69
N ALA R 256 60.40 -39.75 15.10
CA ALA R 256 60.35 -39.50 13.66
C ALA R 256 60.77 -40.71 12.83
N ASP R 257 61.60 -41.61 13.39
CA ASP R 257 62.03 -42.79 12.64
C ASP R 257 60.88 -43.75 12.37
N GLN R 258 59.88 -43.79 13.25
CA GLN R 258 58.73 -44.69 13.07
C GLN R 258 57.68 -44.15 12.11
N ARG R 259 57.86 -42.94 11.55
CA ARG R 259 56.85 -42.39 10.66
C ARG R 259 56.79 -43.14 9.34
N ASP R 260 57.94 -43.30 8.67
CA ASP R 260 57.97 -44.03 7.41
C ASP R 260 57.70 -45.51 7.59
N LYS R 261 58.02 -46.08 8.74
CA LYS R 261 57.72 -47.48 9.00
C LYS R 261 56.22 -47.71 9.13
N LEU R 262 55.52 -46.82 9.84
CA LEU R 262 54.07 -46.90 9.93
C LEU R 262 53.41 -46.58 8.60
N ALA R 263 54.06 -45.77 7.75
CA ALA R 263 53.58 -45.60 6.39
C ALA R 263 53.77 -46.89 5.59
N ALA R 264 54.85 -47.62 5.87
CA ALA R 264 55.07 -48.91 5.23
C ALA R 264 54.16 -50.00 5.77
N SER R 265 53.55 -49.81 6.94
CA SER R 265 52.60 -50.79 7.44
C SER R 265 51.37 -50.87 6.55
N GLU R 266 50.91 -49.73 6.02
CA GLU R 266 49.85 -49.74 5.03
C GLU R 266 50.29 -50.34 3.70
N ARG R 267 51.59 -50.22 3.37
CA ARG R 267 52.10 -50.82 2.15
C ARG R 267 52.13 -52.34 2.25
N LYS R 268 52.31 -52.88 3.46
CA LYS R 268 52.38 -54.33 3.62
C LYS R 268 51.05 -54.98 3.31
N PHE R 269 49.94 -54.40 3.80
CA PHE R 269 48.63 -54.98 3.54
C PHE R 269 48.24 -54.86 2.07
N VAL R 270 48.72 -53.82 1.38
CA VAL R 270 48.50 -53.72 -0.06
C VAL R 270 49.34 -54.76 -0.79
N ASP R 271 50.62 -54.90 -0.41
CA ASP R 271 51.47 -55.91 -1.03
C ASP R 271 51.04 -57.32 -0.64
N ALA R 272 50.39 -57.50 0.51
CA ALA R 272 49.98 -58.83 0.94
C ALA R 272 48.90 -59.41 0.03
N LYS R 273 47.88 -58.62 -0.30
CA LYS R 273 46.81 -59.08 -1.16
C LYS R 273 47.18 -59.04 -2.64
N LEU R 274 48.11 -58.16 -3.03
CA LEU R 274 48.56 -58.09 -4.42
C LEU R 274 49.62 -59.12 -4.77
N LYS R 275 50.36 -59.63 -3.77
CA LYS R 275 51.35 -60.67 -4.05
C LYS R 275 50.69 -61.94 -4.57
N LYS R 276 49.50 -62.28 -4.08
CA LYS R 276 48.79 -63.43 -4.61
C LYS R 276 48.32 -63.20 -6.03
N ILE R 277 48.06 -61.94 -6.41
CA ILE R 277 47.68 -61.64 -7.79
C ILE R 277 48.87 -61.84 -8.72
N ILE R 278 50.06 -61.42 -8.29
CA ILE R 278 51.25 -61.61 -9.11
C ILE R 278 51.60 -63.09 -9.19
N ASP R 279 51.43 -63.83 -8.09
CA ASP R 279 51.66 -65.27 -8.11
C ASP R 279 50.63 -65.98 -8.98
N LEU R 280 49.41 -65.44 -9.08
CA LEU R 280 48.40 -66.03 -9.96
C LEU R 280 48.78 -65.90 -11.43
N LYS R 281 49.52 -64.85 -11.79
CA LYS R 281 49.87 -64.63 -13.19
C LYS R 281 50.85 -65.68 -13.69
N ASN R 282 51.98 -65.83 -13.01
CA ASN R 282 53.03 -66.75 -13.43
C ASN R 282 52.74 -68.21 -13.06
N GLU R 283 51.61 -68.49 -12.40
CA GLU R 283 51.24 -69.88 -12.14
C GLU R 283 50.87 -70.61 -13.42
N VAL R 284 50.21 -69.92 -14.34
CA VAL R 284 49.81 -70.55 -15.61
C VAL R 284 51.02 -70.84 -16.47
N CYS R 285 51.77 -69.79 -16.83
CA CYS R 285 52.96 -69.94 -17.65
C CYS R 285 53.76 -68.65 -17.58
N GLY R 286 55.07 -68.79 -17.38
CA GLY R 286 55.98 -67.66 -17.28
C GLY R 286 56.65 -67.40 -18.61
N MET R 287 56.75 -66.13 -18.99
CA MET R 287 57.36 -65.69 -20.25
C MET R 287 56.59 -66.31 -21.44
N ASP R 288 55.32 -65.94 -21.49
CA ASP R 288 54.39 -66.38 -22.54
C ASP R 288 53.91 -65.15 -23.32
N PRO R 289 54.46 -64.84 -24.49
CA PRO R 289 53.97 -63.66 -25.22
C PRO R 289 52.56 -63.87 -25.77
N ASP R 290 51.90 -62.74 -26.03
CA ASP R 290 50.53 -62.72 -26.54
C ASP R 290 49.56 -63.40 -25.58
N LYS R 291 49.72 -63.14 -24.28
CA LYS R 291 48.82 -63.65 -23.25
C LYS R 291 48.82 -62.66 -22.10
N GLY R 292 47.77 -61.84 -22.02
CA GLY R 292 47.63 -60.84 -20.98
C GLY R 292 46.86 -61.38 -19.78
N PHE R 293 46.50 -60.45 -18.90
CA PHE R 293 45.75 -60.78 -17.69
C PHE R 293 45.04 -59.53 -17.21
N VAL R 294 43.71 -59.52 -17.30
CA VAL R 294 42.88 -58.37 -16.98
C VAL R 294 42.15 -58.65 -15.68
N ILE R 295 41.86 -57.56 -14.96
CA ILE R 295 41.18 -57.61 -13.66
C ILE R 295 40.00 -56.63 -13.72
N ILE R 296 38.82 -57.12 -13.33
CA ILE R 296 37.60 -56.32 -13.26
C ILE R 296 37.19 -56.25 -11.79
N ASN R 297 37.26 -55.04 -11.22
CA ASN R 297 36.93 -54.78 -9.83
C ASN R 297 35.72 -53.86 -9.76
N GLN R 298 34.80 -54.16 -8.83
CA GLN R 298 33.62 -53.34 -8.67
C GLN R 298 33.92 -52.05 -7.94
N LYS R 299 34.70 -52.12 -6.86
CA LYS R 299 35.04 -50.96 -6.05
C LYS R 299 36.29 -50.29 -6.61
N GLY R 300 36.71 -49.18 -5.97
CA GLY R 300 37.83 -48.42 -6.48
C GLY R 300 39.15 -49.14 -6.33
N ILE R 301 40.15 -48.62 -7.06
CA ILE R 301 41.52 -49.13 -7.05
C ILE R 301 42.43 -47.99 -6.60
N ASP R 302 43.43 -48.32 -5.80
CA ASP R 302 44.37 -47.32 -5.31
C ASP R 302 45.20 -46.79 -6.49
N PRO R 303 45.32 -45.46 -6.68
CA PRO R 303 46.27 -44.99 -7.70
C PRO R 303 47.72 -45.32 -7.38
N MET R 304 48.07 -45.50 -6.10
CA MET R 304 49.41 -45.96 -5.77
C MET R 304 49.66 -47.38 -6.27
N SER R 305 48.62 -48.21 -6.33
CA SER R 305 48.74 -49.59 -6.78
C SER R 305 48.71 -49.74 -8.29
N LEU R 306 48.34 -48.68 -9.04
CA LEU R 306 48.36 -48.77 -10.50
C LEU R 306 49.76 -48.96 -11.05
N ASP R 307 50.79 -48.49 -10.36
CA ASP R 307 52.15 -48.73 -10.81
C ASP R 307 52.51 -50.21 -10.72
N VAL R 308 51.96 -50.93 -9.74
CA VAL R 308 52.21 -52.37 -9.65
C VAL R 308 51.54 -53.10 -10.80
N PHE R 309 50.30 -52.71 -11.12
CA PHE R 309 49.61 -53.31 -12.26
C PHE R 309 50.23 -52.88 -13.58
N ALA R 310 50.80 -51.67 -13.64
CA ALA R 310 51.36 -51.16 -14.89
C ALA R 310 52.67 -51.83 -15.25
N LYS R 311 53.47 -52.23 -14.25
CA LYS R 311 54.75 -52.86 -14.54
C LYS R 311 54.58 -54.24 -15.14
N HIS R 312 53.63 -55.03 -14.64
CA HIS R 312 53.38 -56.38 -15.13
C HIS R 312 52.41 -56.42 -16.31
N ASN R 313 52.03 -55.27 -16.87
CA ASN R 313 51.11 -55.18 -18.01
C ASN R 313 49.76 -55.84 -17.66
N ILE R 314 49.09 -55.25 -16.67
CA ILE R 314 47.82 -55.74 -16.14
C ILE R 314 46.77 -54.65 -16.37
N LEU R 315 45.71 -55.00 -17.09
CA LEU R 315 44.59 -54.08 -17.29
C LEU R 315 43.70 -54.11 -16.06
N ALA R 316 43.46 -52.94 -15.48
CA ALA R 316 42.66 -52.78 -14.28
C ALA R 316 41.56 -51.74 -14.53
N LEU R 317 40.33 -52.12 -14.24
CA LEU R 317 39.16 -51.25 -14.34
C LEU R 317 38.47 -51.22 -12.99
N ARG R 318 37.73 -50.14 -12.73
CA ARG R 318 37.12 -49.88 -11.43
C ARG R 318 35.76 -49.21 -11.61
N ARG R 319 35.00 -49.19 -10.51
CA ARG R 319 33.67 -48.58 -10.45
C ARG R 319 32.72 -49.23 -11.45
N ALA R 320 32.74 -50.57 -11.49
CA ALA R 320 31.85 -51.33 -12.33
C ALA R 320 30.47 -51.43 -11.69
N LYS R 321 29.49 -51.84 -12.50
CA LYS R 321 28.10 -51.91 -12.07
C LYS R 321 27.83 -53.23 -11.33
N ARG R 322 26.70 -53.27 -10.63
CA ARG R 322 26.33 -54.45 -9.86
C ARG R 322 25.86 -55.57 -10.77
N ARG R 323 24.97 -55.26 -11.73
CA ARG R 323 24.44 -56.26 -12.65
C ARG R 323 25.48 -56.78 -13.63
N ASN R 324 26.60 -56.07 -13.81
CA ASN R 324 27.64 -56.55 -14.71
C ASN R 324 28.39 -57.76 -14.16
N MET R 325 28.42 -57.94 -12.83
CA MET R 325 29.10 -59.10 -12.25
C MET R 325 28.47 -60.41 -12.70
N GLU R 326 27.15 -60.43 -12.88
CA GLU R 326 26.49 -61.60 -13.45
C GLU R 326 26.80 -61.75 -14.94
N ARG R 327 27.05 -60.63 -15.64
CA ARG R 327 27.28 -60.68 -17.08
C ARG R 327 28.71 -61.12 -17.42
N LEU R 328 29.67 -60.95 -16.51
CA LEU R 328 31.04 -61.36 -16.79
C LEU R 328 31.15 -62.87 -16.92
N GLN R 329 30.61 -63.62 -15.96
CA GLN R 329 30.70 -65.07 -15.99
C GLN R 329 29.91 -65.70 -17.14
N LEU R 330 28.85 -65.03 -17.60
CA LEU R 330 28.08 -65.56 -18.72
C LEU R 330 28.80 -65.37 -20.05
N VAL R 331 29.51 -64.24 -20.21
CA VAL R 331 30.23 -63.98 -21.45
C VAL R 331 31.57 -64.72 -21.46
N THR R 332 32.43 -64.42 -20.48
CA THR R 332 33.78 -64.95 -20.45
C THR R 332 33.86 -66.38 -19.92
N GLY R 333 32.84 -66.86 -19.20
CA GLY R 333 32.88 -68.21 -18.66
C GLY R 333 33.71 -68.36 -17.40
N GLY R 334 33.93 -67.28 -16.66
CA GLY R 334 34.73 -67.30 -15.46
C GLY R 334 33.92 -67.64 -14.22
N GLU R 335 34.38 -67.14 -13.08
CA GLU R 335 33.73 -67.36 -11.80
C GLU R 335 33.97 -66.14 -10.91
N ALA R 336 32.91 -65.67 -10.26
CA ALA R 336 32.99 -64.46 -9.45
C ALA R 336 33.68 -64.77 -8.13
N GLN R 337 34.53 -63.83 -7.69
CA GLN R 337 35.24 -63.93 -6.42
C GLN R 337 35.30 -62.55 -5.76
N ASN R 338 35.26 -62.55 -4.43
CA ASN R 338 35.33 -61.33 -3.63
C ASN R 338 36.71 -61.11 -3.04
N SER R 339 37.21 -62.09 -2.29
CA SER R 339 38.51 -62.03 -1.64
C SER R 339 39.58 -62.61 -2.58
N VAL R 340 40.80 -62.71 -2.07
CA VAL R 340 41.94 -63.26 -2.78
C VAL R 340 42.63 -64.37 -1.99
N GLU R 341 41.91 -65.01 -1.06
CA GLU R 341 42.52 -66.05 -0.24
C GLU R 341 42.82 -67.31 -1.07
N ASP R 342 41.86 -67.72 -1.89
CA ASP R 342 41.97 -68.89 -2.75
C ASP R 342 41.93 -68.44 -4.21
N LEU R 343 42.89 -68.92 -5.01
CA LEU R 343 42.99 -68.60 -6.43
C LEU R 343 43.43 -69.85 -7.18
N SER R 344 43.04 -69.94 -8.44
CA SER R 344 43.35 -71.09 -9.26
C SER R 344 43.14 -70.71 -10.73
N PRO R 345 43.70 -71.47 -11.68
CA PRO R 345 43.41 -71.20 -13.09
C PRO R 345 42.04 -71.68 -13.56
N GLN R 346 41.38 -72.57 -12.81
CA GLN R 346 40.08 -73.07 -13.24
C GLN R 346 39.01 -71.99 -13.14
N ILE R 347 39.03 -71.20 -12.06
CA ILE R 347 38.05 -70.13 -11.88
C ILE R 347 38.18 -69.02 -12.91
N LEU R 348 39.34 -68.87 -13.55
CA LEU R 348 39.55 -67.81 -14.52
C LEU R 348 38.77 -68.10 -15.81
N GLY R 349 38.28 -67.04 -16.43
CA GLY R 349 37.59 -67.14 -17.70
C GLY R 349 38.56 -67.18 -18.87
N PHE R 350 38.06 -66.77 -20.02
CA PHE R 350 38.85 -66.74 -21.25
C PHE R 350 38.24 -65.74 -22.21
N SER R 351 39.10 -65.10 -23.00
CA SER R 351 38.67 -64.13 -24.00
C SER R 351 39.63 -64.18 -25.18
N GLY R 352 39.06 -64.08 -26.39
CA GLY R 352 39.84 -64.16 -27.61
C GLY R 352 40.39 -62.83 -28.08
N LEU R 353 39.77 -61.72 -27.66
CA LEU R 353 40.20 -60.40 -28.10
C LEU R 353 39.69 -59.37 -27.11
N VAL R 354 40.57 -58.47 -26.67
CA VAL R 354 40.21 -57.36 -25.78
C VAL R 354 40.95 -56.13 -26.30
N TYR R 355 40.22 -55.03 -26.48
CA TYR R 355 40.77 -53.80 -27.01
C TYR R 355 40.00 -52.61 -26.46
N GLN R 356 40.64 -51.44 -26.54
CA GLN R 356 40.07 -50.17 -26.10
C GLN R 356 40.15 -49.16 -27.23
N GLU R 357 39.27 -48.15 -27.15
CA GLU R 357 39.19 -47.07 -28.12
C GLU R 357 38.96 -45.76 -27.40
N THR R 358 39.73 -44.73 -27.78
CA THR R 358 39.64 -43.41 -27.17
C THR R 358 38.64 -42.58 -27.97
N ILE R 359 37.47 -42.37 -27.38
CA ILE R 359 36.38 -41.59 -27.98
C ILE R 359 36.11 -40.42 -27.04
N GLY R 360 36.58 -39.23 -27.43
CA GLY R 360 36.42 -38.05 -26.62
C GLY R 360 37.32 -38.06 -25.40
N GLU R 361 36.82 -37.53 -24.28
CA GLU R 361 37.56 -37.49 -23.03
C GLU R 361 37.46 -38.77 -22.20
N GLU R 362 36.92 -39.85 -22.78
CA GLU R 362 36.76 -41.13 -22.08
C GLU R 362 37.19 -42.27 -23.00
N LYS R 363 37.31 -43.45 -22.41
CA LYS R 363 37.73 -44.66 -23.11
C LYS R 363 36.80 -45.81 -22.75
N PHE R 364 36.43 -46.59 -23.77
CA PHE R 364 35.51 -47.72 -23.64
C PHE R 364 36.26 -49.02 -23.88
N THR R 365 36.06 -49.99 -22.98
CA THR R 365 36.71 -51.29 -23.05
C THR R 365 35.80 -52.27 -23.76
N TYR R 366 36.31 -52.92 -24.81
CA TYR R 366 35.58 -53.88 -25.63
C TYR R 366 36.20 -55.26 -25.42
N VAL R 367 35.38 -56.22 -25.01
CA VAL R 367 35.77 -57.61 -24.81
C VAL R 367 34.92 -58.45 -25.75
N THR R 368 35.57 -59.10 -26.72
CA THR R 368 34.91 -59.88 -27.76
C THR R 368 35.62 -61.23 -27.91
N GLU R 369 35.16 -62.03 -28.88
CA GLU R 369 35.75 -63.31 -29.26
C GLU R 369 35.74 -64.28 -28.07
N ASN R 370 34.52 -64.61 -27.64
CA ASN R 370 34.27 -65.61 -26.62
C ASN R 370 33.94 -66.95 -27.28
N THR R 371 34.19 -68.04 -26.53
CA THR R 371 33.97 -69.38 -27.07
C THR R 371 32.49 -69.74 -27.07
N ASP R 372 31.85 -69.69 -25.91
CA ASP R 372 30.43 -70.02 -25.75
C ASP R 372 29.82 -69.00 -24.80
N PRO R 373 29.70 -67.73 -25.22
CA PRO R 373 29.12 -66.72 -24.34
C PRO R 373 27.62 -66.87 -24.23
N LYS R 374 27.11 -66.76 -23.00
CA LYS R 374 25.68 -66.83 -22.71
C LYS R 374 25.06 -65.45 -22.54
N SER R 375 25.65 -64.42 -23.16
CA SER R 375 25.14 -63.06 -23.05
C SER R 375 25.86 -62.19 -24.08
N CYS R 376 25.36 -60.97 -24.25
CA CYS R 376 25.89 -60.05 -25.23
C CYS R 376 25.52 -58.63 -24.82
N THR R 377 25.76 -57.67 -25.71
CA THR R 377 25.46 -56.27 -25.46
C THR R 377 25.13 -55.58 -26.78
N ILE R 378 24.52 -54.40 -26.67
CA ILE R 378 24.09 -53.60 -27.81
C ILE R 378 24.56 -52.17 -27.57
N LEU R 379 25.40 -51.66 -28.47
CA LEU R 379 25.85 -50.27 -28.40
C LEU R 379 24.83 -49.36 -29.05
N ILE R 380 24.30 -48.42 -28.27
CA ILE R 380 23.34 -47.44 -28.75
C ILE R 380 24.13 -46.19 -29.15
N LYS R 381 24.57 -46.15 -30.40
CA LYS R 381 25.25 -44.99 -30.95
C LYS R 381 24.24 -44.01 -31.49
N GLY R 382 24.56 -42.72 -31.44
CA GLY R 382 23.64 -41.71 -31.94
C GLY R 382 24.33 -40.40 -32.19
N SER R 383 23.63 -39.54 -32.93
CA SER R 383 24.11 -38.21 -33.30
C SER R 383 23.66 -37.11 -32.36
N THR R 384 23.09 -37.44 -31.20
CA THR R 384 22.51 -36.44 -30.32
C THR R 384 22.17 -37.12 -28.99
N HIS R 385 21.49 -36.38 -28.11
CA HIS R 385 21.04 -36.93 -26.83
C HIS R 385 19.69 -37.62 -26.94
N TYR R 386 18.78 -37.10 -27.76
CA TYR R 386 17.44 -37.67 -27.86
C TYR R 386 17.39 -38.96 -28.69
N ALA R 387 18.33 -39.14 -29.62
CA ALA R 387 18.35 -40.38 -30.39
C ALA R 387 18.78 -41.57 -29.55
N LEU R 388 19.61 -41.34 -28.53
CA LEU R 388 19.97 -42.42 -27.62
C LEU R 388 18.74 -42.92 -26.86
N ALA R 389 17.95 -42.00 -26.31
CA ALA R 389 16.73 -42.39 -25.61
C ALA R 389 15.69 -42.96 -26.57
N GLN R 390 15.65 -42.43 -27.80
CA GLN R 390 14.71 -42.96 -28.80
C GLN R 390 15.08 -44.38 -29.18
N THR R 391 16.36 -44.63 -29.47
CA THR R 391 16.80 -45.98 -29.81
C THR R 391 16.78 -46.90 -28.59
N LYS R 392 17.00 -46.35 -27.39
CA LYS R 392 16.91 -47.16 -26.18
C LYS R 392 15.48 -47.64 -25.95
N ASP R 393 14.51 -46.75 -26.13
CA ASP R 393 13.11 -47.17 -26.02
C ASP R 393 12.73 -48.12 -27.14
N ALA R 394 13.33 -47.97 -28.33
CA ALA R 394 13.04 -48.87 -29.44
C ALA R 394 13.56 -50.28 -29.15
N VAL R 395 14.76 -50.39 -28.59
CA VAL R 395 15.32 -51.70 -28.27
C VAL R 395 14.58 -52.31 -27.07
N ARG R 396 14.33 -51.50 -26.04
CA ARG R 396 13.63 -52.00 -24.86
C ARG R 396 12.20 -52.42 -25.15
N ASP R 397 11.57 -51.83 -26.17
CA ASP R 397 10.26 -52.26 -26.64
C ASP R 397 10.34 -53.40 -27.66
N GLY R 398 11.44 -53.52 -28.38
CA GLY R 398 11.62 -54.58 -29.36
C GLY R 398 12.14 -55.88 -28.76
N LEU R 399 12.86 -55.78 -27.64
CA LEU R 399 13.36 -56.98 -26.99
C LEU R 399 12.22 -57.82 -26.42
N ARG R 400 11.16 -57.17 -25.94
CA ARG R 400 10.05 -57.90 -25.35
C ARG R 400 9.21 -58.60 -26.41
N ALA R 401 9.11 -58.02 -27.61
CA ALA R 401 8.31 -58.65 -28.66
C ALA R 401 8.93 -59.95 -29.16
N VAL R 402 10.24 -59.96 -29.35
CA VAL R 402 10.94 -61.18 -29.79
C VAL R 402 11.18 -62.15 -28.64
N ALA R 403 11.27 -61.67 -27.40
CA ALA R 403 11.48 -62.56 -26.26
C ALA R 403 10.23 -63.37 -25.93
N ASN R 404 9.05 -62.80 -26.16
CA ASN R 404 7.81 -63.52 -25.89
C ASN R 404 7.60 -64.69 -26.84
N VAL R 405 8.24 -64.68 -28.01
CA VAL R 405 8.13 -65.82 -28.93
C VAL R 405 8.76 -67.07 -28.31
N LEU R 406 9.84 -66.89 -27.55
CA LEU R 406 10.50 -68.00 -26.87
C LEU R 406 9.83 -68.36 -25.55
N LYS R 407 9.22 -67.40 -24.87
CA LYS R 407 8.53 -67.70 -23.62
C LYS R 407 7.29 -68.57 -23.87
N ASP R 408 6.54 -68.25 -24.94
CA ASP R 408 5.43 -69.06 -25.39
C ASP R 408 5.46 -69.12 -26.92
N LYS R 409 5.38 -70.34 -27.45
CA LYS R 409 5.53 -70.54 -28.89
C LYS R 409 4.40 -69.94 -29.70
N ASN R 410 3.23 -69.74 -29.11
CA ASN R 410 2.10 -69.18 -29.84
C ASN R 410 2.32 -67.71 -30.14
N ILE R 411 1.79 -67.26 -31.28
CA ILE R 411 1.91 -65.87 -31.71
C ILE R 411 0.71 -65.53 -32.58
N ILE R 412 0.19 -64.34 -32.40
CA ILE R 412 -1.03 -63.86 -33.06
C ILE R 412 -0.62 -63.04 -34.27
N PRO R 413 -1.26 -63.18 -35.44
CA PRO R 413 -0.99 -62.22 -36.52
C PRO R 413 -1.53 -60.84 -36.20
N GLY R 414 -0.78 -59.83 -36.61
CA GLY R 414 -1.09 -58.43 -36.38
C GLY R 414 -1.86 -57.80 -37.51
N ALA R 415 -1.60 -56.52 -37.74
CA ALA R 415 -2.26 -55.73 -38.79
C ALA R 415 -3.77 -55.68 -38.58
N GLY R 416 -4.19 -55.62 -37.32
CA GLY R 416 -5.60 -55.55 -37.01
C GLY R 416 -6.41 -56.77 -37.40
N ALA R 417 -5.76 -57.93 -37.54
CA ALA R 417 -6.48 -59.13 -37.97
C ALA R 417 -7.36 -59.67 -36.83
N PHE R 418 -6.85 -59.66 -35.60
CA PHE R 418 -7.62 -60.20 -34.49
C PHE R 418 -8.80 -59.30 -34.13
N TYR R 419 -8.62 -57.98 -34.24
CA TYR R 419 -9.72 -57.06 -33.93
C TYR R 419 -10.82 -57.12 -34.98
N ILE R 420 -10.45 -57.33 -36.25
CA ILE R 420 -11.46 -57.43 -37.30
C ILE R 420 -12.20 -58.76 -37.20
N ALA R 421 -11.47 -59.85 -36.98
CA ALA R 421 -12.08 -61.17 -36.86
C ALA R 421 -12.90 -61.32 -35.59
N LEU R 422 -12.50 -60.68 -34.50
CA LEU R 422 -13.25 -60.74 -33.25
C LEU R 422 -14.55 -59.95 -33.32
N SER R 423 -14.69 -59.01 -34.27
CA SER R 423 -15.91 -58.23 -34.37
C SER R 423 -17.09 -59.09 -34.78
N ARG R 424 -16.91 -59.95 -35.79
CA ARG R 424 -17.99 -60.82 -36.25
C ARG R 424 -18.39 -61.83 -35.19
N TYR R 425 -17.42 -62.39 -34.46
CA TYR R 425 -17.70 -63.43 -33.49
C TYR R 425 -18.53 -62.93 -32.32
N LEU R 426 -18.41 -61.64 -31.96
CA LEU R 426 -19.16 -61.02 -30.87
C LEU R 426 -20.44 -60.33 -31.35
N ARG R 427 -20.95 -60.70 -32.53
CA ARG R 427 -22.19 -60.10 -33.03
C ARG R 427 -23.41 -60.78 -32.42
N SER R 428 -23.52 -62.09 -32.59
CA SER R 428 -24.72 -62.87 -32.25
C SER R 428 -24.34 -64.04 -31.36
N ALA R 429 -24.46 -63.85 -30.05
CA ALA R 429 -24.38 -64.93 -29.07
C ALA R 429 -25.73 -65.62 -28.88
N ASN R 430 -25.96 -66.74 -29.56
CA ASN R 430 -27.31 -67.33 -29.73
C ASN R 430 -27.83 -67.81 -28.36
N MET R 431 -27.31 -68.91 -27.83
CA MET R 431 -27.66 -69.42 -26.51
C MET R 431 -26.43 -69.85 -25.71
N ASN R 432 -25.25 -69.33 -26.05
CA ASN R 432 -24.02 -69.76 -25.40
C ASN R 432 -23.91 -69.13 -24.01
N LYS R 433 -23.79 -67.80 -23.94
CA LYS R 433 -23.66 -67.08 -22.68
C LYS R 433 -24.42 -65.75 -22.81
N LEU R 434 -25.65 -65.72 -22.29
CA LEU R 434 -26.47 -64.51 -22.25
C LEU R 434 -26.70 -64.04 -20.82
N GLY R 435 -27.27 -64.89 -19.97
CA GLY R 435 -27.61 -64.55 -18.60
C GLY R 435 -28.99 -63.94 -18.40
N ALA R 436 -29.46 -63.15 -19.36
CA ALA R 436 -30.75 -62.50 -19.25
C ALA R 436 -31.25 -62.11 -20.63
N LYS R 437 -32.53 -61.75 -20.70
CA LYS R 437 -33.20 -61.40 -21.94
C LYS R 437 -33.17 -59.89 -22.14
N GLY R 438 -32.58 -59.45 -23.25
CA GLY R 438 -32.56 -58.05 -23.61
C GLY R 438 -31.69 -57.15 -22.76
N LYS R 439 -30.84 -57.73 -21.90
CA LYS R 439 -29.98 -56.99 -20.98
C LYS R 439 -28.51 -57.11 -21.32
N THR R 440 -27.99 -58.35 -21.42
CA THR R 440 -26.58 -58.55 -21.69
C THR R 440 -26.21 -58.21 -23.13
N LYS R 441 -27.15 -58.38 -24.06
CA LYS R 441 -26.87 -58.19 -25.48
C LYS R 441 -26.52 -56.76 -25.83
N THR R 442 -26.96 -55.78 -25.03
CA THR R 442 -26.58 -54.39 -25.27
C THR R 442 -25.08 -54.20 -25.09
N GLY R 443 -24.49 -54.88 -24.11
CA GLY R 443 -23.06 -54.79 -23.89
C GLY R 443 -22.26 -55.60 -24.91
N ILE R 444 -22.85 -56.68 -25.44
CA ILE R 444 -22.18 -57.46 -26.48
C ILE R 444 -22.02 -56.61 -27.74
N GLU R 445 -23.05 -55.83 -28.09
CA GLU R 445 -22.96 -54.97 -29.26
C GLU R 445 -21.97 -53.84 -29.05
N ALA R 446 -21.93 -53.28 -27.84
CA ALA R 446 -21.02 -52.17 -27.56
C ALA R 446 -19.57 -52.64 -27.58
N PHE R 447 -19.30 -53.85 -27.06
CA PHE R 447 -17.93 -54.36 -27.04
C PHE R 447 -17.44 -54.71 -28.43
N ALA R 448 -18.34 -55.23 -29.28
CA ALA R 448 -17.93 -55.60 -30.64
C ALA R 448 -17.58 -54.39 -31.48
N GLU R 449 -18.36 -53.31 -31.34
CA GLU R 449 -18.12 -52.09 -32.11
C GLU R 449 -16.92 -51.30 -31.61
N ALA R 450 -16.52 -51.46 -30.35
CA ALA R 450 -15.40 -50.70 -29.79
C ALA R 450 -14.04 -51.30 -30.14
N LEU R 451 -13.98 -52.56 -30.54
CA LEU R 451 -12.71 -53.20 -30.88
C LEU R 451 -12.18 -52.81 -32.26
N LEU R 452 -13.04 -52.34 -33.16
CA LEU R 452 -12.66 -52.04 -34.53
C LEU R 452 -12.04 -50.64 -34.68
N VAL R 453 -11.78 -49.92 -33.59
CA VAL R 453 -11.17 -48.60 -33.69
C VAL R 453 -9.66 -48.71 -33.97
N ILE R 454 -9.04 -49.85 -33.65
CA ILE R 454 -7.60 -50.00 -33.88
C ILE R 454 -7.25 -49.97 -35.37
N PRO R 455 -7.88 -50.76 -36.24
CA PRO R 455 -7.54 -50.65 -37.67
C PRO R 455 -7.98 -49.33 -38.29
N LYS R 456 -9.03 -48.70 -37.76
CA LYS R 456 -9.44 -47.39 -38.27
C LYS R 456 -8.45 -46.30 -37.88
N THR R 457 -7.85 -46.41 -36.69
CA THR R 457 -6.88 -45.41 -36.26
C THR R 457 -5.60 -45.48 -37.10
N LEU R 458 -5.21 -46.69 -37.52
CA LEU R 458 -4.05 -46.83 -38.40
C LEU R 458 -4.30 -46.18 -39.75
N VAL R 459 -5.54 -46.29 -40.26
CA VAL R 459 -5.87 -45.69 -41.55
C VAL R 459 -5.92 -44.18 -41.45
N LYS R 460 -6.36 -43.64 -40.30
CA LYS R 460 -6.41 -42.19 -40.12
C LYS R 460 -5.02 -41.58 -40.10
N ASN R 461 -4.02 -42.32 -39.60
CA ASN R 461 -2.65 -41.83 -39.61
C ASN R 461 -2.03 -41.90 -41.01
N SER R 462 -2.42 -42.90 -41.81
CA SER R 462 -1.88 -43.04 -43.16
C SER R 462 -2.47 -42.04 -44.13
N GLY R 463 -3.69 -41.55 -43.87
CA GLY R 463 -4.30 -40.53 -44.70
C GLY R 463 -5.25 -41.04 -45.76
N PHE R 464 -5.97 -42.14 -45.49
CA PHE R 464 -7.00 -42.69 -46.35
C PHE R 464 -8.31 -42.77 -45.57
N ASP R 465 -9.38 -43.16 -46.27
CA ASP R 465 -10.70 -43.25 -45.66
C ASP R 465 -10.82 -44.58 -44.93
N PRO R 466 -11.27 -44.64 -43.67
CA PRO R 466 -11.30 -45.95 -43.00
C PRO R 466 -12.47 -46.82 -43.44
N LEU R 467 -13.61 -46.22 -43.79
CA LEU R 467 -14.78 -47.01 -44.15
C LEU R 467 -14.61 -47.65 -45.52
N ASP R 468 -13.93 -46.97 -46.45
CA ASP R 468 -13.75 -47.53 -47.78
C ASP R 468 -12.80 -48.73 -47.77
N VAL R 469 -11.66 -48.61 -47.08
CA VAL R 469 -10.69 -49.70 -47.06
C VAL R 469 -11.16 -50.88 -46.21
N LEU R 470 -12.06 -50.67 -45.26
CA LEU R 470 -12.66 -51.76 -44.50
C LEU R 470 -13.83 -52.42 -45.22
N ALA R 471 -14.43 -51.76 -46.21
CA ALA R 471 -15.53 -52.37 -46.94
C ALA R 471 -15.07 -53.57 -47.74
N MET R 472 -13.93 -53.46 -48.43
CA MET R 472 -13.37 -54.60 -49.13
C MET R 472 -12.88 -55.67 -48.16
N VAL R 473 -12.51 -55.21 -46.94
CA VAL R 473 -11.97 -56.09 -45.89
C VAL R 473 -12.97 -56.95 -45.20
N GLU R 474 -14.10 -56.39 -44.83
CA GLU R 474 -15.14 -57.23 -44.29
C GLU R 474 -15.49 -58.12 -45.43
N ASP R 475 -15.48 -57.56 -46.61
CA ASP R 475 -15.76 -58.35 -47.77
C ASP R 475 -14.80 -59.44 -48.04
N GLU R 476 -13.52 -59.19 -47.91
CA GLU R 476 -12.62 -60.26 -48.09
C GLU R 476 -12.87 -61.33 -47.08
N LEU R 477 -13.09 -60.97 -45.84
CA LEU R 477 -13.26 -62.03 -44.89
C LEU R 477 -14.51 -62.84 -45.23
N ASP R 478 -15.58 -62.20 -45.68
CA ASP R 478 -16.76 -62.94 -46.06
C ASP R 478 -16.59 -63.86 -47.25
N ASP R 479 -15.87 -63.40 -48.24
CA ASP R 479 -15.61 -64.29 -49.34
C ASP R 479 -14.78 -65.45 -48.88
N ALA R 480 -13.89 -65.21 -47.93
CA ALA R 480 -13.08 -66.30 -47.39
C ALA R 480 -13.96 -67.31 -46.70
N GLN R 481 -14.93 -66.80 -46.00
CA GLN R 481 -15.83 -67.68 -45.35
C GLN R 481 -16.55 -68.52 -46.38
N ASP R 482 -16.93 -67.94 -47.52
CA ASP R 482 -17.55 -68.78 -48.59
C ASP R 482 -16.72 -69.96 -49.12
N SER R 483 -15.68 -70.37 -48.42
CA SER R 483 -14.72 -71.38 -48.82
C SER R 483 -14.33 -72.18 -47.62
N ASP R 484 -14.85 -71.80 -46.46
CA ASP R 484 -14.48 -72.48 -45.22
C ASP R 484 -12.96 -72.53 -44.99
N GLU R 485 -12.26 -71.41 -45.22
CA GLU R 485 -10.81 -71.40 -45.09
C GLU R 485 -10.31 -70.26 -44.19
N THR R 486 -9.19 -70.46 -43.48
CA THR R 486 -8.65 -69.43 -42.62
C THR R 486 -7.78 -68.50 -43.37
N ARG R 487 -8.39 -67.50 -43.98
CA ARG R 487 -7.63 -66.52 -44.70
C ARG R 487 -7.65 -65.34 -43.81
N TYR R 488 -6.54 -65.07 -43.16
CA TYR R 488 -6.40 -63.92 -42.27
C TYR R 488 -6.09 -62.69 -43.13
N VAL R 489 -6.85 -61.61 -42.91
CA VAL R 489 -6.72 -60.37 -43.67
C VAL R 489 -6.20 -59.28 -42.73
N GLY R 490 -5.50 -58.31 -43.33
CA GLY R 490 -4.89 -57.21 -42.61
C GLY R 490 -5.24 -55.86 -43.22
N VAL R 491 -4.44 -54.84 -42.91
CA VAL R 491 -4.64 -53.48 -43.38
C VAL R 491 -3.29 -52.94 -43.84
N ASP R 492 -3.13 -52.77 -45.15
CA ASP R 492 -1.91 -52.22 -45.74
C ASP R 492 -2.07 -50.71 -45.88
N LEU R 493 -1.14 -49.97 -45.27
CA LEU R 493 -1.19 -48.52 -45.24
C LEU R 493 -0.48 -47.85 -46.41
N ASN R 494 0.16 -48.61 -47.29
CA ASN R 494 0.86 -48.02 -48.44
C ASN R 494 -0.11 -47.66 -49.56
N ILE R 495 -0.99 -48.58 -49.92
CA ILE R 495 -1.95 -48.41 -51.01
C ILE R 495 -3.40 -48.30 -50.53
N GLY R 496 -3.70 -48.66 -49.28
CA GLY R 496 -5.06 -48.62 -48.80
C GLY R 496 -5.88 -49.79 -49.28
N ASP R 497 -5.41 -51.00 -48.98
CA ASP R 497 -6.08 -52.23 -49.41
C ASP R 497 -5.74 -53.34 -48.43
N SER R 498 -6.56 -54.39 -48.46
CA SER R 498 -6.34 -55.53 -47.59
C SER R 498 -5.06 -56.27 -47.97
N CYS R 499 -4.53 -57.03 -47.02
CA CYS R 499 -3.32 -57.80 -47.24
C CYS R 499 -3.28 -58.94 -46.23
N ASP R 500 -2.41 -59.90 -46.40
CA ASP R 500 -2.40 -60.96 -45.44
C ASP R 500 -1.45 -60.58 -44.39
N PRO R 501 -1.89 -60.65 -43.15
CA PRO R 501 -0.88 -60.34 -42.18
C PRO R 501 0.22 -61.35 -42.24
N THR R 502 -0.11 -62.63 -42.35
CA THR R 502 0.95 -63.61 -42.27
C THR R 502 1.96 -63.61 -43.37
N ILE R 503 1.50 -63.55 -44.59
CA ILE R 503 2.40 -63.57 -45.71
C ILE R 503 3.29 -62.36 -45.76
N GLU R 504 2.71 -61.20 -45.57
CA GLU R 504 3.46 -59.98 -45.65
C GLU R 504 4.48 -59.76 -44.59
N GLY R 505 4.21 -60.13 -43.35
CA GLY R 505 5.20 -59.83 -42.36
C GLY R 505 4.87 -58.90 -41.22
N ILE R 506 3.84 -59.19 -40.45
CA ILE R 506 3.35 -58.40 -39.31
C ILE R 506 2.77 -59.39 -38.31
N TRP R 507 3.23 -59.28 -37.06
CA TRP R 507 2.78 -60.14 -35.97
C TRP R 507 2.67 -59.32 -34.68
N ASP R 508 1.90 -59.87 -33.74
CA ASP R 508 1.73 -59.31 -32.41
C ASP R 508 1.96 -60.40 -31.37
N SER R 509 2.46 -60.00 -30.21
CA SER R 509 2.72 -60.95 -29.13
C SER R 509 1.40 -61.37 -28.48
N TYR R 510 1.41 -62.59 -27.94
CA TYR R 510 0.20 -63.14 -27.33
C TYR R 510 -0.14 -62.42 -26.03
N ARG R 511 0.87 -62.04 -25.25
CA ARG R 511 0.63 -61.40 -23.96
C ARG R 511 0.23 -59.94 -24.10
N VAL R 512 0.49 -59.30 -25.24
CA VAL R 512 0.07 -57.91 -25.44
C VAL R 512 -1.45 -57.83 -25.48
N LEU R 513 -2.08 -58.66 -26.34
CA LEU R 513 -3.53 -58.61 -26.48
C LEU R 513 -4.23 -59.13 -25.23
N ARG R 514 -3.59 -60.03 -24.48
CA ARG R 514 -4.18 -60.54 -23.24
C ARG R 514 -4.31 -59.44 -22.21
N ASN R 515 -3.20 -58.82 -21.83
CA ASN R 515 -3.23 -57.79 -20.80
C ASN R 515 -3.92 -56.51 -21.28
N ALA R 516 -3.89 -56.24 -22.58
CA ALA R 516 -4.54 -55.04 -23.10
C ALA R 516 -6.05 -55.15 -23.01
N ILE R 517 -6.61 -56.27 -23.45
CA ILE R 517 -8.07 -56.46 -23.39
C ILE R 517 -8.51 -56.63 -21.94
N THR R 518 -7.72 -57.33 -21.14
CA THR R 518 -8.07 -57.53 -19.74
C THR R 518 -7.95 -56.22 -18.95
N GLY R 519 -6.89 -55.46 -19.20
CA GLY R 519 -6.71 -54.21 -18.49
C GLY R 519 -7.69 -53.14 -18.95
N ALA R 520 -7.98 -53.11 -20.25
CA ALA R 520 -8.91 -52.10 -20.77
C ALA R 520 -10.34 -52.40 -20.34
N THR R 521 -10.73 -53.68 -20.31
CA THR R 521 -12.08 -54.04 -19.90
C THR R 521 -12.30 -53.75 -18.43
N GLY R 522 -11.27 -53.96 -17.59
CA GLY R 522 -11.42 -53.68 -16.18
C GLY R 522 -11.51 -52.20 -15.88
N ILE R 523 -10.66 -51.40 -16.53
CA ILE R 523 -10.70 -49.96 -16.31
C ILE R 523 -11.95 -49.35 -16.93
N ALA R 524 -12.37 -49.86 -18.09
CA ALA R 524 -13.59 -49.39 -18.72
C ALA R 524 -14.82 -49.76 -17.89
N SER R 525 -14.77 -50.90 -17.20
CA SER R 525 -15.90 -51.30 -16.37
C SER R 525 -15.99 -50.45 -15.11
N ASN R 526 -14.87 -50.27 -14.40
CA ASN R 526 -14.88 -49.53 -13.15
C ASN R 526 -15.18 -48.06 -13.34
N LEU R 527 -14.78 -47.46 -14.47
CA LEU R 527 -15.10 -46.06 -14.73
C LEU R 527 -16.58 -45.87 -15.09
N LEU R 528 -17.21 -46.86 -15.70
CA LEU R 528 -18.66 -46.78 -15.93
C LEU R 528 -19.42 -46.93 -14.62
N LEU R 529 -18.95 -47.82 -13.74
CA LEU R 529 -19.55 -47.97 -12.41
C LEU R 529 -19.37 -46.72 -11.56
N CYS R 530 -18.35 -45.92 -11.81
CA CYS R 530 -18.17 -44.69 -11.05
C CYS R 530 -19.27 -43.69 -11.39
N ASP R 531 -20.06 -43.32 -10.38
CA ASP R 531 -21.16 -42.37 -10.51
C ASP R 531 -20.92 -41.03 -9.85
N GLU R 532 -19.86 -40.89 -9.04
CA GLU R 532 -19.61 -39.63 -8.33
C GLU R 532 -18.12 -39.49 -8.05
N LEU R 533 -17.59 -38.30 -8.30
CA LEU R 533 -16.23 -37.91 -7.96
C LEU R 533 -16.26 -37.00 -6.74
N LEU R 534 -15.31 -37.17 -5.83
CA LEU R 534 -15.21 -36.40 -4.61
C LEU R 534 -13.76 -36.03 -4.34
N ARG R 535 -13.56 -34.98 -3.55
CA ARG R 535 -12.26 -34.57 -3.05
C ARG R 535 -12.39 -34.13 -1.60
N ALA R 536 -11.38 -34.43 -0.79
CA ALA R 536 -11.39 -34.05 0.61
C ALA R 536 -9.98 -34.19 1.16
N GLY R 537 -9.67 -33.37 2.15
CA GLY R 537 -8.35 -33.39 2.77
C GLY R 537 -8.12 -32.13 3.57
N ARG R 538 -6.93 -32.08 4.18
CA ARG R 538 -6.49 -30.97 5.02
C ARG R 538 -5.26 -30.35 4.37
N SER R 539 -5.39 -29.09 3.95
CA SER R 539 -4.29 -28.37 3.32
C SER R 539 -3.22 -28.01 4.35
PB ADP S . 12.86 14.53 -52.47
O1B ADP S . 12.08 13.41 -51.84
O2B ADP S . 14.32 14.56 -52.09
O3B ADP S . 12.18 15.88 -52.38
PA ADP S . 12.97 12.77 -54.73
O1A ADP S . 11.91 12.69 -55.81
O2A ADP S . 13.01 11.69 -53.67
O3A ADP S . 12.87 14.24 -54.06
O5' ADP S . 14.40 12.80 -55.47
C5' ADP S . 15.59 13.01 -54.71
C4' ADP S . 16.81 12.90 -55.63
O4' ADP S . 16.76 11.68 -56.39
C3' ADP S . 16.87 14.04 -56.63
O3' ADP S . 17.89 14.97 -56.27
C2' ADP S . 17.16 13.40 -57.98
O2' ADP S . 18.39 13.90 -58.53
C1' ADP S . 17.26 11.90 -57.71
N9 ADP S . 16.47 11.13 -58.69
C8 ADP S . 15.13 10.96 -58.66
N7 ADP S . 14.73 10.19 -59.72
C5 ADP S . 15.82 9.87 -60.44
C6 ADP S . 16.10 9.09 -61.67
N6 ADP S . 15.10 8.48 -62.36
N1 ADP S . 17.38 9.00 -62.07
C2 ADP S . 18.39 9.60 -61.40
N3 ADP S . 18.20 10.31 -60.28
C4 ADP S . 16.96 10.49 -59.76
MG MG T . 10.92 14.55 -54.73
AL AF3 U . 9.82 14.47 -51.05
F1 AF3 U . 9.83 13.22 -52.20
F2 AF3 U . 8.70 15.77 -51.20
F3 AF3 U . 10.90 14.43 -49.72
PB ADP V . 15.46 55.45 11.24
O1B ADP V . 16.08 54.76 10.04
O2B ADP V . 14.52 56.58 10.89
O3B ADP V . 14.95 54.51 12.29
PA ADP V . 17.84 56.88 11.02
O1A ADP V . 18.63 55.78 10.37
O2A ADP V . 17.19 57.95 10.17
O3A ADP V . 16.71 56.18 11.94
O5' ADP V . 18.80 57.59 12.10
C5' ADP V . 20.10 58.00 11.70
C4' ADP V . 20.84 58.68 12.85
O4' ADP V . 22.22 58.80 12.53
C3' ADP V . 20.31 60.09 13.14
O3' ADP V . 19.74 60.14 14.45
C2' ADP V . 21.51 61.01 13.03
O2' ADP V . 21.66 61.79 14.22
C1' ADP V . 22.71 60.10 12.81
N9 ADP V . 23.52 60.60 11.67
C8 ADP V . 23.27 60.36 10.37
N7 ADP V . 24.19 60.96 9.58
C5 ADP V . 25.05 61.62 10.37
C6 ADP V . 26.25 62.47 10.19
N6 ADP V . 26.73 62.73 8.96
N1 ADP V . 26.85 62.96 11.30
C2 ADP V . 26.39 62.70 12.53
N3 ADP V . 25.30 61.94 12.78
C4 ADP V . 24.60 61.38 11.76
MG MG W . 15.60 57.05 9.15
AL AF3 X . 13.42 54.70 8.51
F1 AF3 X . 15.06 54.84 8.06
F2 AF3 X . 12.20 55.16 7.41
F3 AF3 X . 13.01 53.83 9.92
PB ADP Y . 25.86 43.61 -27.39
O1B ADP Y . 25.63 42.38 -28.22
O2B ADP Y . 25.34 44.88 -28.01
O3B ADP Y . 25.52 43.47 -25.92
PA ADP Y . 28.24 43.41 -28.76
O1A ADP Y . 28.23 41.92 -28.91
O2A ADP Y . 27.70 44.28 -29.88
O3A ADP Y . 27.46 43.78 -27.40
O5' ADP Y . 29.75 43.87 -28.46
C5' ADP Y . 30.74 43.48 -29.40
C4' ADP Y . 32.12 43.99 -29.02
O4' ADP Y . 33.07 43.44 -29.94
C3' ADP Y . 32.24 45.50 -29.09
O3' ADP Y . 32.37 46.04 -27.77
C2' ADP Y . 33.46 45.78 -29.94
O2' ADP Y . 34.52 46.32 -29.14
C1' ADP Y . 33.87 44.44 -30.54
N9 ADP Y . 33.69 44.37 -32.02
C8 ADP Y . 32.53 44.56 -32.69
N7 ADP Y . 32.71 44.41 -34.02
C5 ADP Y . 34.01 44.10 -34.23
C6 ADP Y . 34.86 43.81 -35.40
N6 ADP Y . 34.35 43.80 -36.65
N1 ADP Y . 36.16 43.53 -35.17
C2 ADP Y . 36.68 43.53 -33.93
N3 ADP Y . 35.96 43.78 -32.82
C4 ADP Y . 34.65 44.07 -32.90
MG MG Z . 25.92 45.31 -30.24
AL AF3 AA . 24.04 41.37 -26.50
F1 AF3 AA . 24.92 40.35 -27.55
F2 AF3 AA . 22.89 42.45 -27.16
F3 AF3 AA . 24.66 41.68 -24.94
PB ADP BA . -11.44 42.54 37.46
O1B ADP BA . -11.63 41.31 38.31
O2B ADP BA . -12.73 43.24 37.12
O3B ADP BA . -10.49 42.36 36.30
PA ADP BA . -9.28 43.24 39.14
O1A ADP BA . -9.07 41.74 39.08
O2A ADP BA . -8.22 44.14 38.56
O3A ADP BA . -10.69 43.59 38.44
O5' ADP BA . -9.53 43.64 40.67
C5' ADP BA . -9.17 42.71 41.70
C4' ADP BA . -9.10 43.38 43.07
O4' ADP BA . -8.05 44.35 43.09
C3' ADP BA . -10.39 44.11 43.46
O3' ADP BA . -11.03 43.44 44.54
C2' ADP BA . -9.95 45.51 43.87
O2' ADP BA . -10.48 45.83 45.16
C1' ADP BA . -8.43 45.47 43.88
N9 ADP BA . -7.81 46.72 43.35
C8 ADP BA . -7.81 47.14 42.08
N7 ADP BA . -7.16 48.33 41.96
C5 ADP BA . -6.72 48.67 43.18
C6 ADP BA . -5.95 49.80 43.77
N6 ADP BA . -5.51 50.82 43.01
N1 ADP BA . -5.71 49.77 45.11
C2 ADP BA . -6.14 48.76 45.88
N3 ADP BA . -6.84 47.71 45.41
C4 ADP BA . -7.15 47.61 44.10
MG MG CA . -11.71 45.35 37.36
AL AF3 DA . -11.33 43.19 33.98
F1 AF3 DA . -10.02 44.10 34.63
F2 AF3 DA . -12.52 43.96 33.03
F3 AF3 DA . -11.50 41.55 34.41
PB ADP EA . -15.85 -16.29 -52.77
O1B ADP EA . -16.75 -17.03 -51.81
O2B ADP EA . -14.40 -16.72 -52.73
O3B ADP EA . -16.04 -14.79 -52.74
PA ADP EA . -16.85 -18.16 -54.69
O1A ADP EA . -18.15 -17.98 -55.44
O2A ADP EA . -16.79 -19.11 -53.51
O3A ADP EA . -16.33 -16.69 -54.26
O5' ADP EA . -15.74 -18.63 -55.76
C5' ADP EA . -14.35 -18.44 -55.48
C4' ADP EA . -13.51 -19.40 -56.33
O4' ADP EA . -13.93 -20.74 -56.08
C3' ADP EA . -13.64 -19.14 -57.81
O3' ADP EA . -12.45 -18.52 -58.32
C2' ADP EA . -13.84 -20.51 -58.45
O2' ADP EA . -12.76 -20.84 -59.32
C1' ADP EA . -13.93 -21.50 -57.29
N9 ADP EA . -15.17 -22.33 -57.38
C8 ADP EA . -16.41 -21.91 -57.11
N7 ADP EA . -17.31 -22.92 -57.28
C5 ADP EA . -16.62 -24.02 -57.64
C6 ADP EA . -16.94 -25.42 -57.98
N6 ADP EA . -18.22 -25.87 -57.95
N1 ADP EA . -15.93 -26.24 -58.31
C2 ADP EA . -14.65 -25.82 -58.35
N3 ADP EA . -14.29 -24.56 -58.06
C4 ADP EA . -15.20 -23.61 -57.71
MG MG FA . -18.33 -16.17 -54.35
AL AF3 GA . -18.01 -14.67 -51.05
F1 AF3 GA . -18.02 -16.02 -49.99
F2 AF3 GA . -19.16 -14.58 -52.31
F3 AF3 GA . -16.70 -13.58 -51.02
PB ADP HA . -38.04 12.38 39.68
O1B ADP HA . -38.84 11.10 39.77
O2B ADP HA . -37.72 12.81 38.28
O3B ADP HA . -36.87 12.43 40.62
PA ADP HA . -39.15 14.14 41.69
O1A ADP HA . -40.11 15.29 41.63
O2A ADP HA . -37.77 14.39 42.22
O3A ADP HA . -39.06 13.53 40.19
O5' ADP HA . -39.85 13.00 42.60
C5' ADP HA . -39.25 11.73 42.87
C4' ADP HA . -39.57 11.26 44.28
O4' ADP HA . -39.07 12.19 45.25
C3' ADP HA . -41.07 11.12 44.55
O3' ADP HA . -41.43 9.74 44.57
C2' ADP HA . -41.31 11.77 45.89
O2' ADP HA . -41.92 10.86 46.81
C1' ADP HA . -39.94 12.21 46.38
N9 ADP HA . -39.98 13.58 46.98
C8 ADP HA . -40.03 14.74 46.30
N7 ADP HA . -40.05 15.80 47.15
C5 ADP HA . -40.02 15.31 48.41
C6 ADP HA . -40.02 15.87 49.78
N6 ADP HA . -40.06 17.22 49.98
N1 ADP HA . -39.98 15.02 50.82
C2 ADP HA . -39.94 13.69 50.63
N3 ADP HA . -39.93 13.11 49.42
C4 ADP HA . -39.97 13.85 48.28
MG MG IA . -39.25 15.33 39.23
AL AF3 JA . -38.22 14.74 36.36
F1 AF3 JA . -36.99 15.42 37.33
F2 AF3 JA . -39.39 15.75 35.65
F3 AF3 JA . -38.20 13.06 36.00
MG MG KA . -57.97 -14.22 14.68
PB ADP LA . -55.30 -14.49 13.85
O1B ADP LA . -55.58 -14.83 12.41
O2B ADP LA . -53.82 -14.42 14.18
O3B ADP LA . -56.12 -13.34 14.40
PA ADP LA . -54.80 -16.98 15.03
O1A ADP LA . -54.34 -17.62 13.75
O2A ADP LA . -53.80 -16.44 16.02
O3A ADP LA . -55.81 -15.77 14.67
O5' ADP LA . -55.77 -17.99 15.81
C5' ADP LA . -55.41 -18.48 17.10
C4' ADP LA . -56.40 -19.55 17.57
O4' ADP LA . -56.32 -19.69 18.99
C3' ADP LA . -57.84 -19.21 17.24
O3' ADP LA . -58.26 -19.92 16.07
C2' ADP LA . -58.64 -19.62 18.48
O2' ADP LA . -59.47 -20.75 18.21
C1' ADP LA . -57.60 -19.95 19.55
N9 ADP LA . -57.80 -19.13 20.78
C8 ADP LA . -57.57 -17.81 20.90
N7 ADP LA . -57.84 -17.39 22.15
C5 ADP LA . -58.26 -18.46 22.87
C6 ADP LA . -58.70 -18.70 24.26
N6 ADP LA . -58.76 -17.70 25.16
N1 ADP LA . -59.04 -19.97 24.59
C2 ADP LA . -58.98 -20.98 23.70
N3 ADP LA . -58.58 -20.82 22.43
C4 ADP LA . -58.22 -19.60 21.95
PG GTP MA . -26.38 -2.39 -21.87
O1G GTP MA . -25.56 -2.46 -23.14
O2G GTP MA . -26.16 -3.57 -20.95
O3G GTP MA . -27.81 -2.03 -22.06
O3B GTP MA . -25.78 -1.15 -21.07
PB GTP MA . -26.10 0.33 -21.60
O1B GTP MA . -27.31 0.82 -20.90
O2B GTP MA . -26.05 0.30 -23.10
O3A GTP MA . -24.85 1.16 -21.07
PA GTP MA . -24.79 2.75 -21.20
O1A GTP MA . -25.85 3.38 -20.36
O2A GTP MA . -24.66 3.14 -22.64
O5' GTP MA . -23.38 3.02 -20.51
C5' GTP MA . -22.30 3.52 -21.28
C4' GTP MA . -22.17 4.97 -20.88
O4' GTP MA . -22.64 5.08 -19.55
C3' GTP MA . -20.76 5.48 -20.87
O3' GTP MA . -20.62 6.48 -21.88
C2' GTP MA . -20.58 6.15 -19.53
O2' GTP MA . -20.12 7.48 -19.73
C1' GTP MA . -21.98 6.18 -18.97
N9 GTP MA . -22.04 6.05 -17.51
C8 GTP MA . -22.12 4.92 -16.80
N7 GTP MA . -22.18 5.19 -15.48
C5 GTP MA . -22.15 6.52 -15.35
C6 GTP MA . -22.18 7.48 -14.23
O6 GTP MA . -22.26 7.09 -13.06
N1 GTP MA . -22.13 8.78 -14.53
C2 GTP MA . -22.05 9.23 -15.78
N2 GTP MA . -22.01 10.57 -15.99
N3 GTP MA . -22.02 8.41 -16.85
C4 GTP MA . -22.06 7.08 -16.68
PB ADP NA . -42.70 -27.72 -26.65
O1B ADP NA . -41.78 -27.70 -27.84
O2B ADP NA . -42.93 -26.36 -26.03
O3B ADP NA . -42.39 -28.82 -25.67
PA ADP NA . -45.34 -28.63 -26.34
O1A ADP NA . -46.62 -28.05 -26.88
O2A ADP NA . -44.97 -28.36 -24.90
O3A ADP NA . -44.14 -28.10 -27.28
O5' ADP NA . -45.38 -30.22 -26.59
C5' ADP NA . -44.23 -30.99 -26.93
C4' ADP NA . -44.62 -32.42 -27.31
O4' ADP NA . -45.16 -33.11 -26.18
C3' ADP NA . -45.67 -32.49 -28.42
O3' ADP NA . -45.10 -33.08 -29.60
C2' ADP NA . -46.78 -33.35 -27.87
O2' ADP NA . -47.15 -34.37 -28.81
C1' ADP NA . -46.22 -33.96 -26.59
N9 ADP NA . -47.26 -34.03 -25.53
C8 ADP NA . -47.66 -33.02 -24.74
N7 ADP NA . -48.62 -33.43 -23.87
C5 ADP NA . -48.87 -34.74 -24.12
C6 ADP NA . -49.76 -35.77 -23.57
N6 ADP NA . -50.63 -35.50 -22.57
N1 ADP NA . -49.70 -37.01 -24.12
C2 ADP NA . -48.85 -37.30 -25.12
N3 ADP NA . -48.00 -36.40 -25.66
C4 ADP NA . -47.97 -35.13 -25.21
MG MG OA . -46.01 -26.19 -26.17
AL AF3 PA . -43.41 -24.45 -24.35
F1 AF3 PA . -43.81 -26.07 -23.99
F2 AF3 PA . -44.62 -23.39 -24.93
F3 AF3 PA . -41.76 -23.99 -24.50
PB ADP QA . -22.17 -35.32 37.52
O1B ADP QA . -21.78 -36.78 37.43
O2B ADP QA . -22.48 -34.66 36.19
O3B ADP QA . -21.27 -34.50 38.42
PA ADP QA . -23.71 -35.95 39.77
O1A ADP QA . -23.74 -37.45 39.66
O2A ADP QA . -22.67 -35.26 40.63
O3A ADP QA . -23.58 -35.34 38.28
O5' ADP QA . -25.19 -35.44 40.20
C5' ADP QA . -25.38 -34.22 40.91
C4' ADP QA . -26.79 -34.18 41.52
O4' ADP QA . -27.72 -34.89 40.70
C3' ADP QA . -26.84 -34.84 42.90
O3' ADP QA . -26.82 -33.83 43.91
C2' ADP QA . -28.15 -35.62 42.92
O2' ADP QA . -29.04 -35.11 43.91
C1' ADP QA . -28.74 -35.47 41.53
N9 ADP QA . -29.16 -36.80 41.01
C8 ADP QA . -28.35 -37.71 40.42
N7 ADP QA . -29.05 -38.81 40.06
C5 ADP QA . -30.34 -38.62 40.41
C6 ADP QA . -31.60 -39.39 40.32
N6 ADP QA . -31.62 -40.62 39.76
N1 ADP QA . -32.72 -38.82 40.82
C2 ADP QA . -32.71 -37.59 41.38
N3 ADP QA . -31.60 -36.85 41.49
C4 ADP QA . -30.40 -37.30 41.04
MG MG RA . -21.38 -37.33 39.96
AL AF3 SA . -18.32 -35.25 38.38
F1 AF3 SA . -19.14 -36.75 38.21
F2 AF3 SA . -16.66 -35.24 38.79
F3 AF3 SA . -19.14 -33.79 38.09
PB ADP TA . 27.98 21.80 46.56
O1B ADP TA . 26.54 21.60 46.14
O2B ADP TA . 28.82 22.55 45.54
O3B ADP TA . 28.65 20.56 47.11
PA ADP TA . 29.21 23.16 48.66
O1A ADP TA . 30.36 23.24 47.69
O2A ADP TA . 29.28 22.26 49.86
O3A ADP TA . 27.90 22.80 47.81
O5' ADP TA . 28.85 24.66 49.17
C5' ADP TA . 28.93 25.77 48.27
C4' ADP TA . 28.90 27.08 49.04
O4' ADP TA . 27.93 27.05 50.09
C3' ADP TA . 30.24 27.36 49.70
O3' ADP TA . 30.98 28.31 48.93
C2' ADP TA . 29.91 27.89 51.09
O2' ADP TA . 30.41 29.22 51.26
C1' ADP TA . 28.39 27.86 51.18
N9 ADP TA . 27.94 27.30 52.48
C8 ADP TA . 27.90 25.98 52.80
N7 ADP TA . 27.44 25.83 54.07
C5 ADP TA . 27.17 27.04 54.57
C6 ADP TA . 26.65 27.58 55.85
N6 ADP TA . 26.32 26.76 56.87
N1 ADP TA . 26.52 28.92 55.96
C2 ADP TA . 26.84 29.75 54.95
N3 ADP TA . 27.31 29.32 53.77
C4 ADP TA . 27.49 28.01 53.52
MG MG UA . 29.05 20.27 49.15
AL AF3 VA . 28.62 18.29 45.81
F1 AF3 VA . 29.28 17.60 47.23
F2 AF3 VA . 29.57 18.38 44.38
F3 AF3 VA . 27.00 18.82 45.80
PB ADP WA . -2.04 -3.32 58.51
O1B ADP WA . -3.04 -4.22 57.81
O2B ADP WA . -1.19 -4.02 59.54
O3B ADP WA . -1.28 -2.41 57.58
PA ADP WA . -4.45 -2.78 59.79
O1A ADP WA . -5.34 -2.62 58.58
O2A ADP WA . -4.39 -4.13 60.46
O3A ADP WA . -2.96 -2.33 59.36
O5' ADP WA . -4.85 -1.68 60.90
C5' ADP WA . -5.30 -0.38 60.55
C4' ADP WA . -6.08 0.25 61.70
O4' ADP WA . -7.22 -0.55 62.01
C3' ADP WA . -5.27 0.38 62.99
O3' ADP WA . -4.88 1.74 63.19
C2' ADP WA . -6.20 -0.09 64.10
O2' ADP WA . -6.40 0.94 65.06
C1' ADP WA . -7.50 -0.47 63.41
N9 ADP WA . -8.09 -1.75 63.90
C8 ADP WA . -7.58 -2.99 63.74
N7 ADP WA . -8.38 -3.92 64.31
C5 ADP WA . -9.44 -3.28 64.84
C6 ADP WA . -10.67 -3.66 65.57
N6 ADP WA . -10.92 -4.95 65.87
N1 ADP WA . -11.51 -2.68 65.93
C2 ADP WA . -11.27 -1.38 65.65
N3 ADP WA . -10.18 -0.96 64.98
C4 ADP WA . -9.24 -1.85 64.56
MG MG XA . -2.44 -5.24 60.80
AL AF3 YA . -1.25 -4.56 55.90
F1 AF3 YA . -2.90 -5.02 55.75
F2 AF3 YA . -0.23 -5.45 56.94
F3 AF3 YA . -0.75 -3.04 55.31
PB ADP ZA . 50.35 25.61 12.65
O1B ADP ZA . 50.92 24.37 11.99
O2B ADP ZA . 49.35 25.33 13.75
O3B ADP ZA . 49.93 26.68 11.68
PA ADP ZA . 51.37 27.60 14.27
O1A ADP ZA . 49.94 28.01 14.11
O2A ADP ZA . 51.91 27.35 15.66
O3A ADP ZA . 51.61 26.26 13.40
O5' ADP ZA . 52.28 28.70 13.53
C5' ADP ZA . 51.97 30.07 13.80
C4' ADP ZA . 52.99 31.02 13.19
O4' ADP ZA . 52.85 32.29 13.83
C3' ADP ZA . 54.43 30.58 13.36
O3' ADP ZA . 54.95 30.07 12.14
C2' ADP ZA . 55.18 31.82 13.82
O2' ADP ZA . 56.04 32.32 12.79
C1' ADP ZA . 54.11 32.85 14.16
N9 ADP ZA . 54.16 33.17 15.61
C8 ADP ZA . 53.70 32.38 16.60
N7 ADP ZA . 53.89 32.96 17.82
C5 ADP ZA . 54.49 34.15 17.61
C6 ADP ZA . 54.98 35.26 18.46
N6 ADP ZA . 54.85 35.22 19.80
N1 ADP ZA . 55.54 36.32 17.84
C2 ADP ZA . 55.68 36.38 16.50
N3 ADP ZA . 55.26 35.41 15.68
C4 ADP ZA . 54.67 34.28 16.15
MG MG AB . 52.47 25.21 15.23
AL AF3 BB . 49.60 22.96 14.73
F1 AF3 BB . 48.59 24.12 15.45
F2 AF3 BB . 51.00 22.42 15.56
F3 AF3 BB . 49.39 22.56 13.08
PB ADP CB . -22.73 -53.60 3.40
O1B ADP CB . -24.05 -54.16 3.89
O2B ADP CB . -22.76 -53.05 1.99
O3B ADP CB . -22.02 -52.71 4.39
PA ADP CB . -22.06 -56.04 2.20
O1A ADP CB . -21.96 -55.44 0.82
O2A ADP CB . -21.21 -57.23 2.54
O3A ADP CB . -21.78 -54.89 3.29
O5' ADP CB . -23.59 -56.45 2.46
C5' ADP CB . -24.61 -56.04 1.53
C4' ADP CB . -25.97 -56.60 1.91
O4' ADP CB . -26.84 -56.53 0.76
C3' ADP CB . -25.94 -58.06 2.36
O3' ADP CB . -26.14 -58.16 3.77
C2' ADP CB . -27.06 -58.75 1.60
O2' ADP CB . -28.10 -59.18 2.48
C1' ADP CB . -27.59 -57.73 0.61
N9 ADP CB . -27.44 -58.26 -0.77
C8 ADP CB . -26.32 -58.21 -1.50
N7 ADP CB . -26.50 -58.79 -2.72
C5 ADP CB . -27.77 -59.22 -2.77
C6 ADP CB . -28.62 -59.90 -3.77
N6 ADP CB . -28.13 -60.26 -4.98
N1 ADP CB . -29.91 -60.17 -3.43
C2 ADP CB . -30.41 -59.82 -2.23
N3 ADP CB . -29.69 -59.19 -1.28
C4 ADP CB . -28.39 -58.86 -1.48
MG MG DB . -19.82 -55.59 3.09
AL AF3 EB . -19.29 -53.33 3.09
F1 AF3 EB . -19.83 -53.78 1.53
F2 AF3 EB . -18.30 -54.39 3.99
F3 AF3 EB . -19.57 -51.75 3.65
PB ADP FB . 52.08 8.05 -22.74
O1B ADP FB . 51.90 8.00 -24.22
O2B ADP FB . 50.83 8.19 -21.91
O3B ADP FB . 53.04 7.08 -22.15
PA ADP FB . 52.20 10.66 -23.31
O1A ADP FB . 50.73 10.46 -23.51
O2A ADP FB . 52.68 11.87 -22.60
O3A ADP FB . 52.84 9.41 -22.59
O5' ADP FB . 52.89 10.64 -24.73
C5' ADP FB . 53.49 11.88 -25.02
C4' ADP FB . 53.54 12.07 -26.51
O4' ADP FB . 54.14 13.34 -26.73
C3' ADP FB . 54.45 11.02 -27.08
O3' ADP FB . 53.91 10.51 -28.29
C2' ADP FB . 55.71 11.74 -27.43
O2' ADP FB . 55.97 11.51 -28.80
C1' ADP FB . 55.45 13.20 -27.23
N9 ADP FB . 56.42 13.81 -26.29
C8 ADP FB . 56.75 13.36 -25.09
N7 ADP FB . 57.66 14.19 -24.51
C5 ADP FB . 57.90 15.18 -25.37
C6 ADP FB . 58.75 16.38 -25.38
N6 ADP FB . 59.54 16.68 -24.33
N1 ADP FB . 58.70 17.16 -26.47
C2 ADP FB . 57.93 16.86 -27.51
N3 ADP FB . 57.13 15.78 -27.56
C4 ADP FB . 57.08 14.93 -26.53
MG MG GB . 54.87 8.02 -21.22
AL AF3 HB . 52.07 6.28 -19.58
F1 AF3 HB . 52.47 7.75 -18.81
F2 AF3 HB . 53.11 4.93 -19.39
F3 AF3 HB . 50.85 6.23 -20.77
PB ADP IB . 34.36 -26.19 -42.86
O1B ADP IB . 34.81 -27.56 -43.30
O2B ADP IB . 32.87 -26.00 -42.96
O3B ADP IB . 34.98 -25.69 -41.58
PA ADP IB . 34.67 -23.63 -43.97
O1A ADP IB . 33.22 -23.37 -43.58
O2A ADP IB . 35.77 -22.98 -43.18
O3A ADP IB . 34.95 -25.21 -43.99
O5' ADP IB . 34.83 -23.27 -45.53
C5' ADP IB . 35.28 -21.99 -45.96
C4' ADP IB . 35.46 -22.06 -47.47
O4' ADP IB . 36.14 -20.90 -47.99
C3' ADP IB . 36.29 -23.26 -47.88
O3' ADP IB . 35.45 -24.29 -48.40
C2' ADP IB . 37.27 -22.75 -48.93
O2' ADP IB . 37.13 -23.51 -50.13
C1' ADP IB . 36.91 -21.28 -49.13
N9 ADP IB . 38.13 -20.44 -49.27
C8 ADP IB . 38.93 -20.04 -48.26
N7 ADP IB . 39.96 -19.29 -48.74
C5 ADP IB . 39.82 -19.20 -50.08
C6 ADP IB . 40.55 -18.55 -51.19
N6 ADP IB . 41.68 -17.83 -50.97
N1 ADP IB . 40.06 -18.71 -52.44
C2 ADP IB . 38.95 -19.42 -52.69
N3 ADP IB . 38.23 -20.03 -51.72
C4 ADP IB . 38.61 -19.96 -50.42
MG MG JB . 37.05 -25.24 -41.39
PB ADP KB . 2.33 -49.52 -29.60
O1B ADP KB . 1.07 -49.01 -30.25
O2B ADP KB . 2.16 -49.89 -28.14
O3B ADP KB . 3.55 -48.67 -29.88
PA ADP KB . 2.96 -50.96 -31.91
O1A ADP KB . 4.27 -51.69 -32.10
O2A ADP KB . 2.82 -49.56 -32.45
O3A ADP KB . 2.65 -50.92 -30.33
O5' ADP KB . 1.79 -51.89 -32.53
C5' ADP KB . 0.42 -51.70 -32.18
C4' ADP KB . -0.48 -52.17 -33.31
O4' ADP KB . -0.05 -51.60 -34.55
C3' ADP KB . -0.46 -53.68 -33.49
O3' ADP KB . -1.65 -54.27 -32.94
C2' ADP KB . -0.36 -53.92 -34.98
O2' ADP KB . -1.53 -54.59 -35.48
C1' ADP KB . -0.23 -52.54 -35.61
N9 ADP KB . 0.92 -52.49 -36.56
C8 ADP KB . 2.21 -52.37 -36.22
N7 ADP KB . 3.00 -52.36 -37.33
C5 ADP KB . 2.19 -52.49 -38.40
C6 ADP KB . 2.37 -52.54 -39.88
N6 ADP KB . 3.59 -52.47 -40.44
N1 ADP KB . 1.25 -52.67 -40.63
C2 ADP KB . 0.02 -52.75 -40.09
N3 ADP KB . -0.21 -52.70 -38.77
C4 ADP KB . 0.81 -52.58 -37.89
MG MG LB . 4.88 -51.76 -30.12
AL AF3 MB . 4.99 -49.15 -27.32
F1 AF3 MB . 5.47 -49.42 -28.94
F2 AF3 MB . 5.92 -49.82 -26.04
F3 AF3 MB . 3.68 -48.11 -26.98
#